data_6J3Q
#
_entry.id   6J3Q
#
loop_
_entity.id
_entity.type
_entity.pdbx_description
1 polymer 'major capsid protein'
2 polymer 'cement protein'
#
loop_
_entity_poly.entity_id
_entity_poly.type
_entity_poly.pdbx_seq_one_letter_code
_entity_poly.pdbx_strand_id
1 'polypeptide(L)'
;MAKLNLAVLNNVFSELLTQEINRSATFLGLLSKYPERKSNIQWGVGMGGTTATGVAITGSAPAASMDATLPAQLPISAAS
VQSTFTLNLKEIEESKEQVTNEELRNLLEAQMRNAVEEIATTLNKKLYDGSGAIADGGLIGLSIAASGQDYAGISSATYP
LWNVSEVDAWDANATGTDKRQALKTDFMLELDRKIRYRPGAYDLILTTPKVVEQYKKVFEANRSYQIMTFDGQRVPLIDL
GFNVAGYMGRPIIDDVFCSRTRTAAESAITTALGTAVDEGVMYFLKKDDLRFYSTPVVGAFSANGVYTLMRQLAQTSLYV
DNFVVGCIPQLQLTTRKNVGVIKNIKVG
;
A,B,C,D,E,F,U,V,W,X,Y,Z,a
2 'polypeptide(L)'
;MPLVYTPAVRGGANPASGSYLLDPQYVNSGVDILQATYGYNINGTANADQLLQRDAILAILEYALKDTAFVNAIQAVAAG
SGVTTPASFVSACVTKLTA
;
0,3,1,4,2,6,5,7,b,8,c,9,d
#
# COMPACT_ATOMS: atom_id res chain seq x y z
N ALA A 2 40.56 -88.50 -69.16
CA ALA A 2 39.20 -88.85 -68.78
C ALA A 2 39.11 -89.14 -67.29
N LYS A 3 38.80 -88.12 -66.50
CA LYS A 3 38.80 -88.22 -65.06
C LYS A 3 37.41 -88.53 -64.54
N LEU A 4 37.29 -89.60 -63.75
CA LEU A 4 36.04 -89.90 -63.08
C LEU A 4 35.88 -88.99 -61.87
N ASN A 5 34.70 -89.07 -61.23
CA ASN A 5 34.29 -88.21 -60.12
C ASN A 5 34.37 -86.73 -60.51
N LEU A 6 34.10 -86.46 -61.78
CA LEU A 6 34.12 -85.12 -62.34
C LEU A 6 32.88 -85.03 -63.20
N ALA A 7 32.23 -83.86 -63.17
CA ALA A 7 30.93 -83.58 -63.78
C ALA A 7 29.81 -84.47 -63.23
N VAL A 8 30.04 -85.15 -62.11
CA VAL A 8 29.01 -85.90 -61.40
C VAL A 8 29.07 -85.31 -59.98
N LEU A 9 29.52 -84.06 -59.89
CA LEU A 9 29.64 -83.42 -58.59
C LEU A 9 28.27 -82.99 -58.06
N ASN A 10 28.13 -83.01 -56.75
CA ASN A 10 26.95 -82.48 -56.08
C ASN A 10 27.24 -81.03 -55.71
N ASN A 11 26.56 -80.11 -56.37
CA ASN A 11 26.68 -78.69 -56.05
C ASN A 11 25.59 -78.33 -55.06
N VAL A 12 25.93 -78.24 -53.78
CA VAL A 12 24.94 -78.00 -52.74
C VAL A 12 25.37 -76.78 -51.93
N PHE A 13 24.40 -75.97 -51.52
CA PHE A 13 24.64 -74.79 -50.70
C PHE A 13 24.67 -75.21 -49.23
N SER A 14 24.67 -74.23 -48.34
CA SER A 14 24.75 -74.50 -46.92
C SER A 14 23.66 -73.71 -46.19
N GLU A 15 23.26 -74.24 -45.03
CA GLU A 15 22.19 -73.64 -44.23
C GLU A 15 22.76 -72.43 -43.51
N LEU A 16 22.78 -71.29 -44.22
CA LEU A 16 23.41 -70.13 -43.64
C LEU A 16 22.66 -68.82 -43.82
N LEU A 17 21.65 -68.75 -44.70
CA LEU A 17 21.01 -67.56 -45.29
C LEU A 17 20.83 -66.40 -44.33
N THR A 18 21.39 -65.25 -44.69
CA THR A 18 21.46 -64.10 -43.81
C THR A 18 20.58 -62.98 -44.35
N GLN A 19 19.74 -62.44 -43.47
CA GLN A 19 18.96 -61.26 -43.81
C GLN A 19 19.88 -60.06 -43.95
N GLU A 20 19.55 -59.18 -44.89
CA GLU A 20 20.42 -58.09 -45.27
C GLU A 20 19.72 -56.74 -45.29
N ILE A 21 18.42 -56.70 -45.50
CA ILE A 21 17.65 -55.47 -45.62
C ILE A 21 17.10 -55.10 -44.24
N ASN A 22 17.07 -53.81 -43.96
CA ASN A 22 16.64 -53.30 -42.64
C ASN A 22 15.17 -52.90 -42.73
N ARG A 23 14.29 -53.86 -42.47
CA ARG A 23 12.86 -53.60 -42.44
C ARG A 23 12.40 -53.55 -40.98
N SER A 24 12.73 -52.44 -40.32
CA SER A 24 12.43 -52.26 -38.91
C SER A 24 11.27 -51.30 -38.74
N ALA A 25 10.34 -51.67 -37.88
CA ALA A 25 9.10 -50.94 -37.68
C ALA A 25 9.06 -50.48 -36.23
N THR A 26 9.62 -49.29 -35.97
CA THR A 26 9.78 -48.84 -34.59
C THR A 26 8.72 -47.84 -34.17
N PHE A 27 8.45 -46.82 -34.99
CA PHE A 27 7.55 -45.75 -34.54
C PHE A 27 6.09 -46.18 -34.53
N LEU A 28 5.67 -47.03 -35.45
CA LEU A 28 4.31 -47.53 -35.30
C LEU A 28 4.22 -48.71 -34.34
N GLY A 29 5.35 -49.14 -33.79
CA GLY A 29 5.33 -50.17 -32.77
C GLY A 29 5.02 -49.69 -31.37
N LEU A 30 4.67 -48.42 -31.19
CA LEU A 30 4.32 -47.93 -29.86
C LEU A 30 3.18 -46.92 -29.87
N LEU A 31 2.43 -46.79 -30.95
CA LEU A 31 1.47 -45.70 -31.09
C LEU A 31 0.11 -45.97 -30.45
N SER A 32 -0.10 -47.14 -29.83
CA SER A 32 -1.39 -47.56 -29.25
C SER A 32 -2.49 -47.56 -30.32
N LYS A 33 -2.37 -48.52 -31.22
CA LYS A 33 -3.24 -48.65 -32.40
C LYS A 33 -4.71 -48.80 -32.00
N TYR A 34 -5.60 -48.27 -32.83
CA TYR A 34 -7.03 -48.29 -32.62
C TYR A 34 -7.78 -48.69 -33.88
N PRO A 35 -9.00 -49.22 -33.75
CA PRO A 35 -9.85 -49.42 -34.93
C PRO A 35 -10.78 -48.24 -35.20
N GLU A 36 -11.15 -48.10 -36.46
CA GLU A 36 -12.03 -47.02 -36.89
C GLU A 36 -12.96 -47.53 -37.99
N ARG A 37 -14.25 -47.24 -37.86
CA ARG A 37 -15.22 -47.72 -38.83
C ARG A 37 -15.81 -46.62 -39.69
N LYS A 38 -15.84 -45.38 -39.21
CA LYS A 38 -16.43 -44.26 -39.93
C LYS A 38 -15.50 -43.81 -41.06
N SER A 39 -15.94 -42.83 -41.83
CA SER A 39 -15.11 -42.35 -42.92
C SER A 39 -14.11 -41.31 -42.49
N ASN A 40 -14.48 -40.42 -41.56
CA ASN A 40 -13.61 -39.33 -41.19
C ASN A 40 -13.53 -39.26 -39.67
N ILE A 41 -12.32 -39.17 -39.13
CA ILE A 41 -12.17 -38.75 -37.75
C ILE A 41 -12.54 -37.28 -37.69
N GLN A 42 -13.23 -36.86 -36.64
CA GLN A 42 -13.78 -35.51 -36.64
C GLN A 42 -14.01 -35.08 -35.21
N TRP A 43 -13.22 -34.12 -34.72
CA TRP A 43 -13.29 -33.71 -33.32
C TRP A 43 -13.37 -32.19 -33.20
N GLY A 44 -13.25 -31.67 -31.98
CA GLY A 44 -13.44 -30.25 -31.77
C GLY A 44 -12.31 -29.55 -31.03
N VAL A 45 -11.71 -28.56 -31.69
CA VAL A 45 -10.63 -27.76 -31.11
C VAL A 45 -11.21 -26.45 -30.62
N GLY A 46 -10.96 -26.11 -29.37
CA GLY A 46 -11.53 -24.92 -28.77
C GLY A 46 -10.57 -23.79 -28.54
N MET A 47 -10.69 -22.73 -29.31
CA MET A 47 -9.85 -21.55 -29.16
C MET A 47 -10.37 -20.68 -28.01
N GLY A 48 -9.90 -19.45 -27.96
CA GLY A 48 -10.40 -18.47 -27.00
C GLY A 48 -11.49 -17.62 -27.60
N GLY A 49 -11.65 -16.41 -27.07
CA GLY A 49 -12.57 -15.48 -27.66
C GLY A 49 -13.34 -14.58 -26.71
N THR A 50 -13.44 -14.95 -25.43
CA THR A 50 -14.10 -14.09 -24.47
C THR A 50 -13.11 -13.09 -23.89
N THR A 51 -13.63 -11.92 -23.51
CA THR A 51 -12.81 -10.83 -23.01
C THR A 51 -13.33 -10.36 -21.67
N ALA A 52 -12.55 -9.52 -21.00
CA ALA A 52 -12.92 -8.98 -19.69
C ALA A 52 -12.24 -7.62 -19.54
N THR A 53 -12.98 -6.56 -19.78
CA THR A 53 -12.46 -5.21 -19.71
C THR A 53 -12.74 -4.59 -18.35
N GLY A 54 -12.02 -3.51 -18.05
CA GLY A 54 -12.25 -2.79 -16.83
C GLY A 54 -13.04 -1.52 -17.05
N VAL A 55 -14.28 -1.48 -16.55
CA VAL A 55 -15.13 -0.33 -16.72
C VAL A 55 -15.32 0.36 -15.39
N ALA A 56 -15.96 1.52 -15.41
CA ALA A 56 -16.18 2.31 -14.22
C ALA A 56 -17.22 1.64 -13.33
N ILE A 57 -17.27 2.09 -12.08
CA ILE A 57 -18.17 1.47 -11.12
C ILE A 57 -19.61 1.88 -11.40
N THR A 58 -19.83 3.12 -11.83
CA THR A 58 -21.13 3.54 -12.36
C THR A 58 -21.09 3.60 -13.87
N GLY A 59 -20.91 2.43 -14.49
CA GLY A 59 -20.67 2.37 -15.92
C GLY A 59 -21.83 1.86 -16.72
N SER A 60 -21.55 1.01 -17.70
CA SER A 60 -22.57 0.45 -18.58
C SER A 60 -22.17 -0.98 -18.94
N ALA A 61 -22.88 -1.56 -19.89
CA ALA A 61 -22.64 -2.95 -20.27
C ALA A 61 -21.45 -3.05 -21.21
N PRO A 62 -20.40 -3.80 -20.85
CA PRO A 62 -19.15 -3.83 -21.64
C PRO A 62 -18.99 -4.84 -22.77
N ALA A 63 -19.56 -4.54 -23.95
CA ALA A 63 -19.06 -5.03 -25.24
C ALA A 63 -19.03 -6.54 -25.43
N ALA A 64 -20.20 -7.16 -25.64
CA ALA A 64 -20.44 -8.61 -25.61
C ALA A 64 -19.44 -9.43 -26.41
N SER A 65 -19.17 -10.64 -25.92
CA SER A 65 -18.21 -11.56 -26.52
C SER A 65 -18.52 -12.97 -26.04
N MET A 66 -17.95 -13.95 -26.73
CA MET A 66 -18.21 -15.36 -26.47
C MET A 66 -17.08 -16.16 -27.09
N ASP A 67 -16.87 -17.38 -26.58
CA ASP A 67 -15.80 -18.23 -27.06
C ASP A 67 -16.06 -18.76 -28.47
N ALA A 68 -15.10 -19.51 -28.99
CA ALA A 68 -15.20 -20.10 -30.32
C ALA A 68 -14.61 -21.49 -30.28
N THR A 69 -15.31 -22.45 -30.88
CA THR A 69 -14.78 -23.79 -31.08
C THR A 69 -14.67 -24.05 -32.57
N LEU A 70 -13.78 -24.96 -32.93
CA LEU A 70 -13.46 -25.18 -34.34
C LEU A 70 -13.54 -26.66 -34.68
N PRO A 71 -13.90 -27.00 -35.91
CA PRO A 71 -14.02 -28.40 -36.31
C PRO A 71 -12.66 -29.02 -36.63
N ALA A 72 -12.70 -30.28 -37.07
CA ALA A 72 -11.49 -31.00 -37.43
C ALA A 72 -11.77 -31.93 -38.59
N GLN A 73 -10.73 -32.65 -39.00
CA GLN A 73 -10.63 -33.39 -40.25
C GLN A 73 -9.74 -34.60 -40.02
N LEU A 74 -8.92 -34.98 -41.04
CA LEU A 74 -8.14 -36.19 -41.30
C LEU A 74 -9.01 -37.36 -41.77
N PRO A 75 -9.37 -37.37 -43.06
CA PRO A 75 -10.15 -38.48 -43.61
C PRO A 75 -9.38 -39.79 -43.60
N ILE A 76 -10.14 -40.87 -43.47
CA ILE A 76 -9.66 -42.21 -43.80
C ILE A 76 -10.71 -42.85 -44.71
N SER A 77 -10.62 -42.58 -46.01
CA SER A 77 -11.55 -43.19 -46.96
C SER A 77 -10.98 -43.46 -48.33
N ALA A 78 -9.72 -43.15 -48.62
CA ALA A 78 -9.31 -43.01 -50.01
C ALA A 78 -8.26 -44.02 -50.45
N ALA A 79 -7.16 -44.14 -49.73
CA ALA A 79 -6.02 -44.91 -50.22
C ALA A 79 -5.81 -46.14 -49.36
N SER A 80 -4.82 -46.93 -49.77
CA SER A 80 -4.46 -48.19 -49.12
C SER A 80 -3.02 -48.50 -49.46
N VAL A 81 -2.55 -49.67 -49.03
CA VAL A 81 -1.18 -50.10 -49.27
C VAL A 81 -1.13 -51.62 -49.38
N GLN A 82 -0.63 -52.15 -50.49
CA GLN A 82 -0.87 -53.55 -50.85
C GLN A 82 0.38 -54.21 -51.45
N SER A 83 0.34 -55.54 -51.57
CA SER A 83 1.44 -56.33 -52.11
C SER A 83 0.91 -57.66 -52.64
N THR A 84 1.57 -58.20 -53.69
CA THR A 84 1.12 -59.43 -54.37
C THR A 84 2.28 -60.42 -54.52
N PHE A 85 1.94 -61.68 -54.83
CA PHE A 85 2.93 -62.76 -54.86
C PHE A 85 3.13 -63.32 -56.27
N THR A 86 2.07 -63.89 -56.85
CA THR A 86 2.03 -64.63 -58.12
C THR A 86 3.08 -65.75 -58.16
N LEU A 87 2.84 -66.78 -57.33
CA LEU A 87 3.70 -67.95 -57.35
C LEU A 87 2.93 -69.17 -57.87
N ASN A 88 3.67 -70.08 -58.51
CA ASN A 88 3.09 -71.24 -59.18
C ASN A 88 2.72 -72.32 -58.17
N LEU A 89 2.34 -73.48 -58.69
CA LEU A 89 2.07 -74.65 -57.86
C LEU A 89 3.15 -75.70 -58.02
N LYS A 90 3.93 -75.62 -59.09
CA LYS A 90 5.12 -76.47 -59.23
C LYS A 90 6.28 -75.92 -58.42
N GLU A 91 6.38 -74.59 -58.30
CA GLU A 91 7.49 -73.96 -57.58
C GLU A 91 7.41 -74.26 -56.10
N ILE A 92 6.21 -74.27 -55.54
CA ILE A 92 6.03 -74.54 -54.12
C ILE A 92 6.26 -76.01 -53.81
N GLU A 93 6.26 -76.87 -54.83
CA GLU A 93 6.47 -78.30 -54.63
C GLU A 93 7.94 -78.68 -54.72
N GLU A 94 8.62 -78.31 -55.81
CA GLU A 94 10.00 -78.74 -55.99
C GLU A 94 11.00 -77.94 -55.17
N SER A 95 10.55 -76.92 -54.44
CA SER A 95 11.40 -76.25 -53.49
C SER A 95 11.31 -76.86 -52.11
N LYS A 96 10.70 -78.03 -51.98
CA LYS A 96 10.72 -78.80 -50.75
C LYS A 96 11.82 -79.85 -50.76
N GLU A 97 12.45 -80.07 -51.90
CA GLU A 97 13.51 -81.05 -52.06
C GLU A 97 14.85 -80.42 -52.45
N GLN A 98 14.82 -79.36 -53.25
CA GLN A 98 16.07 -78.80 -53.78
C GLN A 98 16.73 -77.81 -52.82
N VAL A 99 15.98 -76.85 -52.29
CA VAL A 99 16.59 -75.80 -51.48
C VAL A 99 16.94 -76.37 -50.10
N THR A 100 17.87 -75.70 -49.41
CA THR A 100 18.54 -76.26 -48.24
C THR A 100 18.08 -75.66 -46.93
N ASN A 101 17.95 -74.34 -46.84
CA ASN A 101 17.55 -73.72 -45.59
C ASN A 101 16.07 -73.95 -45.32
N GLU A 102 15.72 -74.10 -44.05
CA GLU A 102 14.34 -74.43 -43.70
C GLU A 102 13.40 -73.25 -43.86
N GLU A 103 13.92 -72.03 -43.91
CA GLU A 103 13.08 -70.85 -44.12
C GLU A 103 12.95 -70.46 -45.58
N LEU A 104 13.35 -71.34 -46.49
CA LEU A 104 13.09 -71.14 -47.91
C LEU A 104 12.32 -72.29 -48.53
N ARG A 105 12.03 -73.35 -47.78
CA ARG A 105 11.34 -74.49 -48.35
C ARG A 105 9.87 -74.20 -48.59
N ASN A 106 9.21 -73.56 -47.63
CA ASN A 106 7.81 -73.19 -47.78
C ASN A 106 7.72 -71.78 -48.33
N LEU A 107 7.35 -71.63 -49.60
CA LEU A 107 7.31 -70.31 -50.20
C LEU A 107 6.09 -69.52 -49.75
N LEU A 108 4.97 -70.20 -49.51
CA LEU A 108 3.76 -69.47 -49.14
C LEU A 108 3.83 -68.98 -47.70
N GLU A 109 4.42 -69.78 -46.81
CA GLU A 109 4.59 -69.36 -45.42
C GLU A 109 5.62 -68.23 -45.31
N ALA A 110 6.68 -68.29 -46.12
CA ALA A 110 7.74 -67.30 -46.02
C ALA A 110 7.32 -65.96 -46.62
N GLN A 111 6.79 -65.99 -47.84
CA GLN A 111 6.48 -64.75 -48.55
C GLN A 111 5.30 -64.00 -47.93
N MET A 112 4.38 -64.70 -47.26
CA MET A 112 3.30 -64.01 -46.57
C MET A 112 3.83 -63.26 -45.36
N ARG A 113 4.79 -63.86 -44.64
CA ARG A 113 5.49 -63.12 -43.61
C ARG A 113 6.36 -62.02 -44.20
N ASN A 114 6.91 -62.27 -45.38
CA ASN A 114 7.77 -61.31 -46.06
C ASN A 114 6.99 -60.15 -46.65
N ALA A 115 5.67 -60.28 -46.78
CA ALA A 115 4.85 -59.20 -47.31
C ALA A 115 4.11 -58.43 -46.24
N VAL A 116 3.77 -59.06 -45.12
CA VAL A 116 3.23 -58.31 -43.98
C VAL A 116 4.31 -57.40 -43.38
N GLU A 117 5.52 -57.93 -43.24
CA GLU A 117 6.62 -57.13 -42.70
C GLU A 117 7.16 -56.09 -43.67
N GLU A 118 6.71 -56.12 -44.93
CA GLU A 118 7.01 -55.01 -45.84
C GLU A 118 5.98 -53.90 -45.70
N ILE A 119 4.73 -54.25 -45.37
CA ILE A 119 3.72 -53.24 -45.08
C ILE A 119 4.09 -52.48 -43.81
N ALA A 120 4.69 -53.14 -42.84
CA ALA A 120 5.06 -52.48 -41.59
C ALA A 120 6.23 -51.53 -41.77
N THR A 121 7.16 -51.82 -42.67
CA THR A 121 8.33 -50.97 -42.84
C THR A 121 8.15 -49.91 -43.90
N THR A 122 7.10 -49.99 -44.72
CA THR A 122 6.81 -48.91 -45.65
C THR A 122 5.86 -47.90 -45.04
N LEU A 123 5.41 -48.15 -43.82
CA LEU A 123 4.35 -47.39 -43.19
C LEU A 123 4.89 -46.34 -42.23
N ASN A 124 5.83 -46.71 -41.36
CA ASN A 124 6.48 -45.69 -40.55
C ASN A 124 7.49 -44.88 -41.35
N LYS A 125 7.90 -45.38 -42.52
CA LYS A 125 8.64 -44.55 -43.45
C LYS A 125 7.76 -43.41 -43.95
N LYS A 126 6.46 -43.66 -44.06
CA LYS A 126 5.49 -42.66 -44.47
C LYS A 126 4.76 -42.01 -43.30
N LEU A 127 5.16 -42.31 -42.07
CA LEU A 127 4.68 -41.53 -40.94
C LEU A 127 5.48 -40.26 -40.74
N TYR A 128 6.66 -40.17 -41.35
CA TYR A 128 7.43 -38.94 -41.38
C TYR A 128 7.33 -38.25 -42.73
N ASP A 129 6.54 -38.80 -43.64
CA ASP A 129 6.37 -38.30 -44.99
C ASP A 129 4.89 -38.39 -45.28
N GLY A 130 4.50 -38.34 -46.54
CA GLY A 130 3.11 -38.52 -46.85
C GLY A 130 2.32 -37.24 -46.92
N SER A 131 2.93 -36.20 -47.48
CA SER A 131 2.25 -34.93 -47.68
C SER A 131 1.26 -34.97 -48.83
N GLY A 132 1.14 -36.11 -49.51
CA GLY A 132 0.30 -36.19 -50.68
C GLY A 132 -0.84 -37.17 -50.59
N ALA A 133 -0.72 -38.26 -51.34
CA ALA A 133 -1.88 -38.87 -51.97
C ALA A 133 -1.70 -40.37 -52.01
N ILE A 134 -2.37 -40.99 -52.98
CA ILE A 134 -2.44 -42.45 -53.18
C ILE A 134 -1.05 -43.07 -53.21
N ALA A 135 -0.08 -42.36 -53.78
CA ALA A 135 1.29 -42.87 -53.86
C ALA A 135 1.94 -43.00 -52.50
N ASP A 136 1.60 -42.12 -51.56
CA ASP A 136 2.16 -42.23 -50.22
C ASP A 136 1.42 -43.24 -49.37
N GLY A 137 0.14 -43.46 -49.65
CA GLY A 137 -0.61 -44.46 -48.92
C GLY A 137 -1.78 -43.88 -48.17
N GLY A 138 -2.06 -42.60 -48.38
CA GLY A 138 -3.13 -41.94 -47.69
C GLY A 138 -2.79 -41.44 -46.29
N LEU A 139 -1.57 -41.64 -45.83
CA LEU A 139 -1.17 -41.11 -44.55
C LEU A 139 -0.94 -39.62 -44.64
N ILE A 140 -0.77 -39.00 -43.47
CA ILE A 140 -0.57 -37.55 -43.37
C ILE A 140 0.87 -37.24 -42.97
N GLY A 141 1.28 -37.67 -41.80
CA GLY A 141 2.71 -37.64 -41.55
C GLY A 141 3.08 -36.65 -40.49
N LEU A 142 4.13 -36.98 -39.74
CA LEU A 142 4.60 -36.15 -38.66
C LEU A 142 5.39 -34.95 -39.15
N SER A 143 5.74 -34.90 -40.44
CA SER A 143 6.45 -33.75 -40.97
C SER A 143 5.55 -32.54 -41.12
N ILE A 144 4.27 -32.74 -41.41
CA ILE A 144 3.35 -31.63 -41.53
C ILE A 144 2.47 -31.48 -40.31
N ALA A 145 2.32 -32.52 -39.50
CA ALA A 145 1.53 -32.46 -38.28
C ALA A 145 2.27 -31.83 -37.11
N ALA A 146 3.48 -31.34 -37.33
CA ALA A 146 4.29 -30.75 -36.28
C ALA A 146 4.98 -29.51 -36.80
N SER A 147 4.23 -28.64 -37.46
CA SER A 147 4.80 -27.48 -38.13
C SER A 147 3.77 -26.36 -38.12
N GLY A 148 3.96 -25.37 -38.96
CA GLY A 148 3.01 -24.29 -39.11
C GLY A 148 2.01 -24.50 -40.23
N GLN A 149 1.89 -25.71 -40.77
CA GLN A 149 1.00 -25.98 -41.88
C GLN A 149 -0.39 -26.29 -41.33
N ASP A 150 -1.31 -26.70 -42.22
CA ASP A 150 -2.73 -26.67 -41.86
C ASP A 150 -3.15 -27.90 -41.06
N TYR A 151 -3.06 -29.07 -41.67
CA TYR A 151 -3.20 -30.42 -41.10
C TYR A 151 -4.61 -30.81 -40.66
N ALA A 152 -5.53 -29.85 -40.46
CA ALA A 152 -6.89 -30.26 -40.17
C ALA A 152 -7.92 -29.28 -40.74
N GLY A 153 -7.53 -28.39 -41.65
CA GLY A 153 -8.36 -27.28 -42.05
C GLY A 153 -8.13 -26.04 -41.21
N ILE A 154 -7.60 -26.20 -40.01
CA ILE A 154 -7.28 -25.07 -39.14
C ILE A 154 -5.90 -24.56 -39.50
N SER A 155 -5.82 -23.30 -39.91
CA SER A 155 -4.55 -22.74 -40.36
C SER A 155 -3.76 -22.20 -39.18
N SER A 156 -2.58 -21.65 -39.48
CA SER A 156 -1.77 -20.98 -38.49
C SER A 156 -1.59 -19.50 -38.74
N ALA A 157 -1.89 -19.01 -39.94
CA ALA A 157 -1.88 -17.57 -40.18
C ALA A 157 -3.12 -16.92 -39.55
N THR A 158 -4.27 -17.58 -39.67
CA THR A 158 -5.48 -17.04 -39.07
C THR A 158 -5.48 -17.22 -37.57
N TYR A 159 -5.17 -18.43 -37.11
CA TYR A 159 -5.11 -18.73 -35.69
C TYR A 159 -3.68 -19.02 -35.30
N PRO A 160 -3.00 -18.11 -34.60
CA PRO A 160 -1.58 -18.35 -34.26
C PRO A 160 -1.38 -19.32 -33.12
N LEU A 161 -2.44 -19.88 -32.56
CA LEU A 161 -2.37 -20.79 -31.43
C LEU A 161 -2.44 -22.24 -31.89
N TRP A 162 -2.32 -22.50 -33.18
CA TRP A 162 -2.34 -23.83 -33.75
C TRP A 162 -0.98 -24.13 -34.38
N ASN A 163 0.08 -23.79 -33.67
CA ASN A 163 1.45 -23.97 -34.14
C ASN A 163 2.25 -24.62 -33.03
N VAL A 164 3.45 -25.09 -33.35
CA VAL A 164 4.26 -25.83 -32.39
C VAL A 164 5.50 -25.03 -32.03
N SER A 165 6.29 -25.56 -31.10
CA SER A 165 7.42 -24.84 -30.53
C SER A 165 8.69 -25.17 -31.31
N GLU A 166 9.37 -24.14 -31.82
CA GLU A 166 10.44 -24.34 -32.78
C GLU A 166 11.72 -23.67 -32.31
N VAL A 167 12.83 -24.39 -32.43
CA VAL A 167 14.17 -23.90 -32.10
C VAL A 167 15.00 -24.06 -33.37
N ASP A 168 14.42 -23.64 -34.50
CA ASP A 168 15.08 -23.63 -35.80
C ASP A 168 16.47 -23.03 -35.72
N ALA A 169 17.48 -23.85 -36.03
CA ALA A 169 18.88 -23.54 -35.80
C ALA A 169 19.63 -23.32 -37.11
N TRP A 170 18.97 -22.72 -38.09
CA TRP A 170 19.68 -22.29 -39.29
C TRP A 170 20.58 -21.10 -39.00
N ASP A 171 20.03 -20.07 -38.35
CA ASP A 171 20.74 -18.90 -37.82
C ASP A 171 21.51 -18.16 -38.91
N ALA A 172 20.74 -17.53 -39.80
CA ALA A 172 21.28 -16.95 -41.02
C ALA A 172 22.07 -15.67 -40.79
N ASN A 173 23.19 -15.78 -40.07
CA ASN A 173 24.12 -14.66 -39.91
C ASN A 173 25.58 -15.08 -40.04
N ALA A 174 25.90 -16.37 -40.04
CA ALA A 174 27.27 -16.85 -40.10
C ALA A 174 27.77 -16.92 -41.53
N THR A 175 28.88 -17.63 -41.73
CA THR A 175 29.47 -17.79 -43.06
C THR A 175 28.57 -18.61 -43.98
N GLY A 176 28.85 -18.53 -45.27
CA GLY A 176 27.88 -18.95 -46.27
C GLY A 176 27.86 -20.44 -46.52
N THR A 177 26.69 -20.92 -46.97
CA THR A 177 26.41 -22.27 -47.47
C THR A 177 26.71 -23.37 -46.46
N ASP A 178 26.75 -23.05 -45.17
CA ASP A 178 27.15 -24.02 -44.17
C ASP A 178 26.33 -23.96 -42.89
N LYS A 179 25.50 -22.93 -42.70
CA LYS A 179 25.27 -22.24 -41.43
C LYS A 179 24.96 -23.12 -40.23
N ARG A 180 23.79 -23.77 -40.20
CA ARG A 180 23.46 -25.01 -39.49
C ARG A 180 24.18 -25.28 -38.17
N GLN A 181 24.00 -24.42 -37.18
CA GLN A 181 24.77 -24.51 -35.96
C GLN A 181 24.42 -25.77 -35.17
N ALA A 182 25.43 -26.34 -34.53
CA ALA A 182 25.31 -27.65 -33.90
C ALA A 182 24.46 -27.56 -32.63
N LEU A 183 24.00 -28.71 -32.18
CA LEU A 183 23.19 -28.82 -30.96
C LEU A 183 24.11 -28.53 -29.79
N LYS A 184 24.02 -27.33 -29.22
CA LYS A 184 25.03 -27.02 -28.23
C LYS A 184 24.68 -27.58 -26.86
N THR A 185 23.85 -26.87 -26.09
CA THR A 185 23.00 -27.46 -25.07
C THR A 185 21.77 -26.58 -24.91
N ASP A 186 21.87 -25.35 -25.40
CA ASP A 186 20.90 -24.31 -25.14
C ASP A 186 19.89 -24.17 -26.27
N PHE A 187 19.81 -25.17 -27.13
CA PHE A 187 18.67 -25.34 -28.02
C PHE A 187 17.61 -26.24 -27.39
N MET A 188 17.85 -26.72 -26.20
CA MET A 188 17.08 -27.82 -25.66
C MET A 188 16.47 -27.53 -24.30
N LEU A 189 17.15 -26.79 -23.44
CA LEU A 189 16.48 -26.20 -22.29
C LEU A 189 15.84 -24.87 -22.64
N GLU A 190 16.01 -24.40 -23.86
CA GLU A 190 15.27 -23.28 -24.40
C GLU A 190 13.99 -23.72 -25.08
N LEU A 191 13.97 -24.94 -25.60
CA LEU A 191 12.71 -25.53 -26.07
C LEU A 191 11.79 -25.80 -24.89
N ASP A 192 12.35 -26.23 -23.76
CA ASP A 192 11.54 -26.51 -22.58
C ASP A 192 10.92 -25.25 -22.00
N ARG A 193 11.50 -24.08 -22.28
CA ARG A 193 10.84 -22.84 -21.93
C ARG A 193 9.60 -22.60 -22.77
N LYS A 194 9.64 -22.97 -24.05
CA LYS A 194 8.52 -22.72 -24.94
C LYS A 194 7.40 -23.72 -24.76
N ILE A 195 7.66 -24.88 -24.15
CA ILE A 195 6.57 -25.79 -23.81
C ILE A 195 5.85 -25.32 -22.56
N ARG A 196 6.45 -24.44 -21.78
CA ARG A 196 5.83 -24.02 -20.52
C ARG A 196 4.86 -22.86 -20.69
N TYR A 197 5.15 -21.92 -21.59
CA TYR A 197 4.20 -20.84 -21.90
C TYR A 197 2.90 -21.37 -22.47
N ARG A 198 2.98 -22.43 -23.25
CA ARG A 198 1.82 -23.10 -23.83
C ARG A 198 1.69 -24.41 -23.05
N PRO A 199 1.03 -24.40 -21.89
CA PRO A 199 1.44 -25.26 -20.77
C PRO A 199 1.25 -26.75 -20.98
N GLY A 200 2.18 -27.36 -21.73
CA GLY A 200 2.13 -28.77 -22.02
C GLY A 200 3.33 -29.53 -21.50
N ALA A 201 3.31 -30.84 -21.74
CA ALA A 201 4.38 -31.73 -21.32
C ALA A 201 4.71 -32.66 -22.48
N TYR A 202 5.64 -33.58 -22.25
CA TYR A 202 6.04 -34.52 -23.28
C TYR A 202 6.58 -35.79 -22.65
N ASP A 203 6.64 -36.84 -23.45
CA ASP A 203 7.00 -38.17 -22.99
C ASP A 203 8.05 -38.89 -23.82
N LEU A 204 8.39 -38.38 -25.00
CA LEU A 204 9.07 -39.22 -25.98
C LEU A 204 9.83 -38.32 -26.93
N ILE A 205 11.03 -38.74 -27.33
CA ILE A 205 11.86 -37.97 -28.25
C ILE A 205 12.22 -38.88 -29.42
N LEU A 206 12.27 -38.33 -30.63
CA LEU A 206 12.29 -39.17 -31.83
C LEU A 206 13.67 -39.41 -32.43
N THR A 207 14.45 -38.36 -32.73
CA THR A 207 15.91 -38.43 -32.87
C THR A 207 16.49 -39.44 -33.87
N THR A 208 16.50 -39.13 -35.17
CA THR A 208 17.35 -39.79 -36.15
C THR A 208 18.75 -40.02 -35.57
N PRO A 209 19.32 -41.23 -35.68
CA PRO A 209 20.58 -41.52 -34.97
C PRO A 209 21.81 -40.74 -35.42
N LYS A 210 21.68 -39.82 -36.37
CA LYS A 210 22.73 -38.82 -36.57
C LYS A 210 22.71 -37.78 -35.46
N VAL A 211 21.51 -37.42 -34.97
CA VAL A 211 21.43 -36.35 -33.98
C VAL A 211 21.66 -36.88 -32.57
N VAL A 212 21.55 -38.19 -32.35
CA VAL A 212 22.04 -38.78 -31.11
C VAL A 212 23.55 -38.68 -31.06
N GLU A 213 24.20 -38.87 -32.22
CA GLU A 213 25.65 -38.73 -32.33
C GLU A 213 26.09 -37.29 -32.14
N GLN A 214 25.23 -36.32 -32.43
CA GLN A 214 25.54 -34.94 -32.05
C GLN A 214 25.16 -34.66 -30.60
N TYR A 215 24.13 -35.34 -30.09
CA TYR A 215 23.81 -35.23 -28.66
C TYR A 215 24.88 -35.89 -27.80
N LYS A 216 25.53 -36.92 -28.31
CA LYS A 216 26.55 -37.63 -27.57
C LYS A 216 27.87 -36.86 -27.53
N LYS A 217 28.13 -36.04 -28.55
CA LYS A 217 29.30 -35.16 -28.58
C LYS A 217 29.14 -33.92 -27.71
N VAL A 218 27.93 -33.65 -27.21
CA VAL A 218 27.75 -32.60 -26.21
C VAL A 218 28.43 -33.00 -24.91
N PHE A 219 28.36 -34.29 -24.58
CA PHE A 219 28.97 -34.80 -23.35
C PHE A 219 30.48 -34.73 -23.39
N GLU A 220 31.08 -35.03 -24.54
CA GLU A 220 32.54 -35.09 -24.62
C GLU A 220 33.17 -33.72 -24.65
N ALA A 221 32.39 -32.65 -24.78
CA ALA A 221 32.89 -31.32 -24.52
C ALA A 221 32.66 -30.89 -23.08
N ASN A 222 32.12 -31.77 -22.24
CA ASN A 222 31.80 -31.43 -20.86
C ASN A 222 32.17 -32.53 -19.89
N ARG A 223 33.16 -33.36 -20.21
CA ARG A 223 33.58 -34.42 -19.32
C ARG A 223 35.10 -34.41 -19.18
N SER A 224 35.56 -35.03 -18.10
CA SER A 224 36.99 -35.19 -17.83
C SER A 224 37.12 -36.33 -16.82
N TYR A 225 38.05 -37.23 -17.08
CA TYR A 225 38.21 -38.41 -16.24
C TYR A 225 38.98 -38.04 -14.97
N GLN A 226 38.71 -38.79 -13.92
CA GLN A 226 39.34 -38.50 -12.60
C GLN A 226 39.71 -39.82 -11.92
N ILE A 227 40.77 -39.78 -11.12
CA ILE A 227 41.26 -40.95 -10.42
C ILE A 227 41.29 -40.65 -8.92
N MET A 228 40.75 -41.58 -8.15
CA MET A 228 40.70 -41.44 -6.68
C MET A 228 40.86 -42.82 -6.05
N THR A 229 41.19 -42.85 -4.76
CA THR A 229 41.37 -44.05 -3.94
C THR A 229 42.51 -44.91 -4.50
N PHE A 230 43.69 -44.33 -4.41
CA PHE A 230 44.90 -44.88 -5.02
C PHE A 230 45.94 -45.13 -3.94
N ASP A 231 46.04 -46.38 -3.46
CA ASP A 231 47.15 -46.75 -2.60
C ASP A 231 48.03 -47.83 -3.21
N GLY A 232 47.56 -49.07 -3.26
CA GLY A 232 48.48 -50.14 -3.63
C GLY A 232 47.79 -51.24 -4.39
N GLN A 233 46.55 -50.97 -4.73
CA GLN A 233 45.68 -51.96 -5.34
C GLN A 233 45.90 -51.94 -6.85
N ARG A 234 44.95 -52.49 -7.60
CA ARG A 234 45.05 -52.66 -9.04
C ARG A 234 45.26 -51.33 -9.77
N VAL A 235 45.94 -51.43 -10.90
CA VAL A 235 46.26 -50.34 -11.81
C VAL A 235 44.94 -49.80 -12.37
N PRO A 236 44.80 -48.49 -12.59
CA PRO A 236 43.60 -47.98 -13.25
C PRO A 236 43.44 -48.56 -14.65
N LEU A 237 42.19 -48.55 -15.12
CA LEU A 237 41.82 -49.38 -16.26
C LEU A 237 40.79 -48.63 -17.09
N ILE A 238 41.28 -47.97 -18.14
CA ILE A 238 40.51 -47.08 -19.00
C ILE A 238 39.46 -47.85 -19.78
N ASP A 239 38.26 -47.28 -19.91
CA ASP A 239 37.27 -47.74 -20.86
C ASP A 239 37.03 -46.76 -21.99
N LEU A 240 36.69 -45.50 -21.67
CA LEU A 240 36.50 -44.39 -22.60
C LEU A 240 35.37 -44.71 -23.60
N GLY A 241 34.17 -44.83 -23.07
CA GLY A 241 32.98 -45.12 -23.85
C GLY A 241 31.76 -45.07 -22.95
N PHE A 242 30.59 -44.78 -23.51
CA PHE A 242 29.43 -44.46 -22.68
C PHE A 242 28.15 -44.48 -23.50
N ASN A 243 27.05 -44.83 -22.85
CA ASN A 243 25.75 -44.95 -23.46
C ASN A 243 24.87 -43.76 -23.06
N VAL A 244 23.60 -43.78 -23.46
CA VAL A 244 22.71 -42.63 -23.31
C VAL A 244 21.51 -43.04 -22.49
N ALA A 245 21.34 -42.38 -21.32
CA ALA A 245 20.15 -42.62 -20.50
C ALA A 245 18.93 -41.92 -21.06
N GLY A 246 19.09 -40.76 -21.68
CA GLY A 246 17.99 -40.18 -22.41
C GLY A 246 17.25 -39.00 -21.83
N TYR A 247 17.98 -37.99 -21.35
CA TYR A 247 17.47 -36.62 -21.10
C TYR A 247 16.32 -36.60 -20.08
N MET A 248 16.72 -36.84 -18.82
CA MET A 248 15.90 -36.67 -17.61
C MET A 248 14.63 -37.52 -17.63
N GLY A 249 14.85 -38.84 -17.71
CA GLY A 249 13.80 -39.81 -17.50
C GLY A 249 12.79 -39.93 -18.62
N ARG A 250 13.03 -39.28 -19.76
CA ARG A 250 12.10 -39.25 -20.87
C ARG A 250 12.84 -39.83 -22.06
N PRO A 251 12.79 -41.15 -22.24
CA PRO A 251 13.88 -41.84 -22.96
C PRO A 251 13.92 -41.55 -24.45
N ILE A 252 15.12 -41.66 -25.00
CA ILE A 252 15.39 -41.27 -26.38
C ILE A 252 15.32 -42.52 -27.24
N ILE A 253 14.18 -42.72 -27.89
CA ILE A 253 14.08 -43.69 -28.96
C ILE A 253 14.74 -43.09 -30.21
N ASP A 254 15.25 -43.95 -31.08
CA ASP A 254 15.89 -43.49 -32.31
C ASP A 254 15.41 -44.30 -33.51
N ASP A 255 14.85 -43.62 -34.50
CA ASP A 255 14.31 -44.25 -35.69
C ASP A 255 15.26 -44.06 -36.86
N VAL A 256 15.59 -45.15 -37.53
CA VAL A 256 16.47 -45.10 -38.69
C VAL A 256 15.79 -44.33 -39.83
N PHE A 257 14.47 -44.48 -39.98
CA PHE A 257 13.74 -43.90 -41.09
C PHE A 257 13.12 -42.55 -40.75
N CYS A 258 13.66 -41.82 -39.80
CA CYS A 258 13.08 -40.55 -39.39
C CYS A 258 13.70 -39.41 -40.19
N SER A 259 12.85 -38.48 -40.62
CA SER A 259 13.27 -37.32 -41.40
C SER A 259 12.16 -36.29 -41.33
N ARG A 260 12.38 -35.15 -42.00
CA ARG A 260 11.39 -34.09 -42.06
C ARG A 260 11.60 -33.33 -43.37
N THR A 261 10.61 -33.38 -44.25
CA THR A 261 10.71 -32.65 -45.51
C THR A 261 10.57 -31.16 -45.25
N ARG A 262 11.57 -30.38 -45.69
CA ARG A 262 11.55 -28.94 -45.50
C ARG A 262 10.42 -28.31 -46.29
N THR A 263 9.90 -27.20 -45.77
CA THR A 263 8.75 -26.56 -46.38
C THR A 263 9.17 -25.77 -47.62
N ALA A 264 8.19 -25.18 -48.29
CA ALA A 264 8.49 -24.27 -49.38
C ALA A 264 8.84 -22.87 -48.88
N ALA A 265 8.58 -22.57 -47.62
CA ALA A 265 9.05 -21.32 -47.03
C ALA A 265 10.54 -21.36 -46.74
N GLU A 266 11.11 -22.55 -46.61
CA GLU A 266 12.56 -22.72 -46.44
C GLU A 266 13.21 -22.98 -47.80
N SER A 267 13.01 -22.01 -48.69
CA SER A 267 13.50 -22.17 -50.05
C SER A 267 15.01 -21.98 -50.13
N ALA A 268 15.54 -20.97 -49.44
CA ALA A 268 16.97 -20.72 -49.49
C ALA A 268 17.78 -21.73 -48.69
N ILE A 269 17.15 -22.51 -47.82
CA ILE A 269 17.87 -23.54 -47.09
C ILE A 269 18.10 -24.77 -47.98
N THR A 270 17.03 -25.26 -48.59
CA THR A 270 17.13 -26.49 -49.36
C THR A 270 17.78 -26.30 -50.72
N THR A 271 17.90 -25.07 -51.21
CA THR A 271 18.67 -24.81 -52.42
C THR A 271 20.14 -24.54 -52.13
N ALA A 272 20.50 -24.40 -50.87
CA ALA A 272 21.90 -24.27 -50.46
C ALA A 272 22.48 -25.55 -49.91
N LEU A 273 21.64 -26.59 -49.71
CA LEU A 273 22.10 -27.87 -49.24
C LEU A 273 21.88 -29.00 -50.23
N GLY A 274 21.06 -28.79 -51.27
CA GLY A 274 20.83 -29.77 -52.28
C GLY A 274 19.65 -30.69 -52.02
N THR A 275 19.34 -30.98 -50.76
CA THR A 275 18.27 -31.90 -50.41
C THR A 275 17.27 -31.23 -49.49
N ALA A 276 16.08 -31.83 -49.40
CA ALA A 276 15.11 -31.48 -48.37
C ALA A 276 14.64 -32.77 -47.69
N VAL A 277 15.48 -33.27 -46.77
CA VAL A 277 15.07 -34.30 -45.83
C VAL A 277 15.45 -33.96 -44.39
N ASP A 278 16.45 -33.11 -44.19
CA ASP A 278 16.81 -32.37 -42.98
C ASP A 278 17.40 -33.20 -41.85
N GLU A 279 17.11 -34.50 -41.79
CA GLU A 279 17.83 -35.55 -41.06
C GLU A 279 18.29 -35.25 -39.63
N GLY A 280 17.68 -34.26 -38.97
CA GLY A 280 18.23 -33.74 -37.73
C GLY A 280 17.18 -33.28 -36.74
N VAL A 281 16.00 -33.85 -36.82
CA VAL A 281 14.88 -33.41 -35.99
C VAL A 281 14.87 -34.11 -34.63
N MET A 282 14.07 -33.59 -33.71
CA MET A 282 13.99 -34.15 -32.37
C MET A 282 12.61 -34.67 -32.01
N TYR A 283 11.56 -33.87 -32.21
CA TYR A 283 10.15 -34.23 -31.98
C TYR A 283 9.89 -34.66 -30.52
N PHE A 284 9.96 -33.68 -29.63
CA PHE A 284 9.49 -33.89 -28.26
C PHE A 284 7.99 -34.09 -28.30
N LEU A 285 7.53 -35.32 -28.06
CA LEU A 285 6.11 -35.62 -28.21
C LEU A 285 5.54 -36.22 -26.95
N LYS A 286 4.22 -36.31 -26.92
CA LYS A 286 3.48 -37.00 -25.88
C LYS A 286 2.84 -38.24 -26.47
N LYS A 287 3.05 -39.38 -25.82
CA LYS A 287 2.70 -40.66 -26.42
C LYS A 287 1.20 -40.89 -26.39
N ASP A 288 0.53 -40.44 -25.34
CA ASP A 288 -0.91 -40.64 -25.17
C ASP A 288 -1.73 -39.57 -25.88
N ASP A 289 -1.14 -38.89 -26.85
CA ASP A 289 -1.78 -37.78 -27.55
C ASP A 289 -1.63 -37.96 -29.06
N LEU A 290 -1.36 -39.19 -29.49
CA LEU A 290 -0.90 -39.44 -30.84
C LEU A 290 -1.24 -40.90 -31.14
N ARG A 291 -2.34 -41.13 -31.85
CA ARG A 291 -2.89 -42.46 -32.01
C ARG A 291 -3.00 -42.82 -33.49
N PHE A 292 -3.18 -44.12 -33.73
CA PHE A 292 -3.10 -44.69 -35.07
C PHE A 292 -4.37 -45.47 -35.38
N TYR A 293 -4.91 -45.28 -36.57
CA TYR A 293 -6.18 -45.89 -36.95
C TYR A 293 -6.04 -46.78 -38.17
N SER A 294 -6.89 -47.80 -38.22
CA SER A 294 -7.04 -48.65 -39.39
C SER A 294 -8.43 -49.26 -39.35
N THR A 295 -8.97 -49.63 -40.54
CA THR A 295 -10.37 -50.05 -40.46
C THR A 295 -10.48 -51.56 -40.40
N PRO A 296 -11.26 -52.09 -39.49
CA PRO A 296 -11.51 -53.55 -39.45
C PRO A 296 -12.59 -54.00 -40.44
N VAL A 297 -12.18 -54.23 -41.68
CA VAL A 297 -13.08 -54.83 -42.66
C VAL A 297 -13.34 -56.28 -42.27
N VAL A 298 -14.43 -56.83 -42.80
CA VAL A 298 -14.87 -58.15 -42.38
C VAL A 298 -13.93 -59.21 -42.96
N GLY A 299 -13.44 -60.09 -42.09
CA GLY A 299 -12.47 -61.09 -42.47
C GLY A 299 -11.03 -60.72 -42.17
N ALA A 300 -10.76 -59.48 -41.78
CA ALA A 300 -9.40 -59.03 -41.56
C ALA A 300 -8.86 -59.51 -40.22
N PHE A 301 -7.57 -59.77 -40.18
CA PHE A 301 -6.88 -60.17 -38.96
C PHE A 301 -5.93 -59.06 -38.52
N SER A 302 -5.61 -59.06 -37.24
CA SER A 302 -4.73 -58.04 -36.66
C SER A 302 -3.29 -58.54 -36.72
N ALA A 303 -2.43 -57.77 -37.40
CA ALA A 303 -1.01 -58.10 -37.53
C ALA A 303 -0.22 -57.01 -36.82
N ASN A 304 0.09 -57.26 -35.54
CA ASN A 304 0.75 -56.30 -34.65
C ASN A 304 -0.01 -54.98 -34.57
N GLY A 305 -1.31 -55.09 -34.38
CA GLY A 305 -2.18 -53.94 -34.25
C GLY A 305 -2.82 -53.45 -35.52
N VAL A 306 -2.13 -53.60 -36.64
CA VAL A 306 -2.67 -53.13 -37.92
C VAL A 306 -3.52 -54.22 -38.54
N TYR A 307 -4.77 -53.89 -38.85
CA TYR A 307 -5.71 -54.87 -39.41
C TYR A 307 -5.43 -55.04 -40.90
N THR A 308 -5.12 -56.26 -41.33
CA THR A 308 -4.85 -56.56 -42.72
C THR A 308 -5.77 -57.66 -43.23
N LEU A 309 -5.99 -57.68 -44.54
CA LEU A 309 -6.96 -58.57 -45.18
C LEU A 309 -6.26 -59.33 -46.29
N MET A 310 -6.44 -60.66 -46.32
CA MET A 310 -5.65 -61.50 -47.21
C MET A 310 -6.25 -61.62 -48.62
N ARG A 311 -7.37 -62.33 -48.77
CA ARG A 311 -8.09 -62.50 -50.04
C ARG A 311 -7.25 -63.04 -51.20
N GLN A 312 -7.00 -64.35 -51.22
CA GLN A 312 -6.52 -65.01 -52.44
C GLN A 312 -7.46 -64.76 -53.61
N LEU A 313 -6.90 -64.37 -54.76
CA LEU A 313 -7.69 -63.98 -55.92
C LEU A 313 -8.29 -65.20 -56.62
N ALA A 314 -8.91 -64.95 -57.77
CA ALA A 314 -9.54 -66.02 -58.55
C ALA A 314 -8.52 -66.74 -59.41
N GLN A 315 -8.79 -68.01 -59.68
CA GLN A 315 -7.92 -68.84 -60.49
C GLN A 315 -8.40 -68.85 -61.93
N THR A 316 -7.48 -68.68 -62.86
CA THR A 316 -7.79 -68.68 -64.29
C THR A 316 -7.44 -70.01 -64.95
N SER A 317 -6.28 -70.58 -64.61
CA SER A 317 -5.83 -71.86 -65.13
C SER A 317 -5.46 -72.76 -63.96
N LEU A 318 -4.86 -73.90 -64.28
CA LEU A 318 -4.20 -74.67 -63.24
C LEU A 318 -2.81 -74.11 -62.98
N TYR A 319 -2.31 -74.43 -61.78
CA TYR A 319 -0.92 -74.20 -61.37
C TYR A 319 -0.56 -72.71 -61.35
N VAL A 320 -1.45 -71.91 -60.75
CA VAL A 320 -1.19 -70.48 -60.56
C VAL A 320 -2.05 -70.00 -59.40
N ASP A 321 -1.56 -68.99 -58.67
CA ASP A 321 -2.22 -68.58 -57.44
C ASP A 321 -2.70 -67.13 -57.36
N ASN A 322 -1.79 -66.17 -57.58
CA ASN A 322 -2.06 -64.72 -57.55
C ASN A 322 -2.62 -64.20 -56.21
N PHE A 323 -1.81 -64.16 -55.15
CA PHE A 323 -2.26 -63.64 -53.86
C PHE A 323 -2.17 -62.12 -53.79
N VAL A 324 -2.75 -61.57 -52.71
CA VAL A 324 -2.68 -60.15 -52.39
C VAL A 324 -2.75 -60.05 -50.86
N VAL A 325 -2.43 -58.86 -50.33
CA VAL A 325 -2.53 -58.52 -48.90
C VAL A 325 -2.47 -57.01 -48.78
N GLY A 326 -3.30 -56.44 -47.90
CA GLY A 326 -3.31 -54.99 -47.79
C GLY A 326 -4.08 -54.47 -46.59
N CYS A 327 -3.91 -53.18 -46.33
CA CYS A 327 -4.56 -52.50 -45.20
C CYS A 327 -4.80 -51.04 -45.55
N ILE A 328 -5.33 -50.29 -44.59
CA ILE A 328 -5.69 -48.87 -44.78
C ILE A 328 -5.42 -48.06 -43.51
N PRO A 329 -4.37 -47.25 -43.49
CA PRO A 329 -3.97 -46.56 -42.25
C PRO A 329 -4.44 -45.12 -42.17
N GLN A 330 -4.32 -44.51 -40.98
CA GLN A 330 -4.47 -43.08 -40.76
C GLN A 330 -3.92 -42.70 -39.39
N LEU A 331 -3.23 -41.56 -39.30
CA LEU A 331 -2.57 -41.08 -38.10
C LEU A 331 -3.25 -39.80 -37.60
N GLN A 332 -3.21 -39.57 -36.28
CA GLN A 332 -3.89 -38.43 -35.67
C GLN A 332 -2.98 -37.75 -34.65
N LEU A 333 -2.98 -36.41 -34.66
CA LEU A 333 -2.15 -35.57 -33.77
C LEU A 333 -3.04 -34.46 -33.21
N THR A 334 -4.02 -34.84 -32.39
CA THR A 334 -4.71 -33.89 -31.51
C THR A 334 -3.71 -33.01 -30.77
N THR A 335 -4.08 -31.74 -30.57
CA THR A 335 -3.41 -30.81 -29.65
C THR A 335 -1.94 -30.57 -29.94
N ARG A 336 -1.61 -29.71 -30.90
CA ARG A 336 -0.24 -29.28 -31.14
C ARG A 336 0.51 -28.61 -29.97
N LYS A 337 -0.12 -28.50 -28.79
CA LYS A 337 0.56 -28.03 -27.59
C LYS A 337 1.76 -28.88 -27.25
N ASN A 338 1.60 -30.21 -27.18
CA ASN A 338 2.61 -31.09 -26.63
C ASN A 338 3.65 -31.51 -27.66
N VAL A 339 4.19 -30.56 -28.43
CA VAL A 339 5.05 -30.86 -29.57
C VAL A 339 6.21 -29.86 -29.55
N GLY A 340 7.44 -30.36 -29.72
CA GLY A 340 8.57 -29.48 -29.88
C GLY A 340 9.60 -29.99 -30.87
N VAL A 341 10.07 -29.14 -31.77
CA VAL A 341 10.99 -29.55 -32.82
C VAL A 341 12.24 -28.66 -32.78
N ILE A 342 13.38 -29.27 -33.11
CA ILE A 342 14.69 -28.61 -33.08
C ILE A 342 15.30 -28.75 -34.47
N LYS A 343 14.55 -28.33 -35.49
CA LYS A 343 14.95 -28.27 -36.90
C LYS A 343 16.38 -27.79 -37.17
N ASN A 344 17.01 -28.33 -38.22
CA ASN A 344 18.27 -27.86 -38.80
C ASN A 344 19.44 -27.94 -37.80
N ILE A 345 19.80 -29.17 -37.46
CA ILE A 345 21.01 -29.44 -36.69
C ILE A 345 22.16 -29.69 -37.67
N LYS A 346 23.40 -29.47 -37.22
CA LYS A 346 24.60 -29.61 -38.05
C LYS A 346 24.75 -31.00 -38.64
N VAL A 347 24.33 -32.03 -37.91
CA VAL A 347 24.19 -33.43 -38.33
C VAL A 347 25.53 -34.01 -38.78
N ALA B 2 -25.30 -43.41 -58.33
CA ALA B 2 -26.53 -43.56 -57.59
C ALA B 2 -26.36 -44.52 -56.43
N LYS B 3 -25.64 -44.11 -55.39
CA LYS B 3 -25.42 -44.98 -54.26
C LYS B 3 -26.58 -44.88 -53.29
N LEU B 4 -26.89 -46.01 -52.64
CA LEU B 4 -28.12 -46.17 -51.86
C LEU B 4 -28.16 -45.22 -50.67
N ASN B 5 -27.05 -45.08 -49.96
CA ASN B 5 -26.90 -44.10 -48.89
C ASN B 5 -25.66 -43.26 -49.18
N LEU B 6 -25.85 -42.16 -49.87
CA LEU B 6 -24.77 -41.26 -50.23
C LEU B 6 -25.02 -39.84 -49.76
N ALA B 7 -26.25 -39.35 -49.93
CA ALA B 7 -26.63 -38.03 -49.45
C ALA B 7 -27.36 -38.09 -48.12
N VAL B 8 -27.54 -39.29 -47.58
CA VAL B 8 -28.30 -39.48 -46.35
C VAL B 8 -27.27 -39.89 -45.30
N LEU B 9 -26.04 -39.42 -45.46
CA LEU B 9 -25.03 -39.53 -44.41
C LEU B 9 -25.22 -38.39 -43.41
N ASN B 10 -24.85 -38.66 -42.17
CA ASN B 10 -24.93 -37.67 -41.11
C ASN B 10 -23.58 -37.50 -40.43
N ASN B 11 -23.17 -36.24 -40.26
CA ASN B 11 -21.85 -35.89 -39.74
C ASN B 11 -21.96 -35.73 -38.22
N VAL B 12 -21.37 -36.66 -37.48
CA VAL B 12 -21.44 -36.65 -36.03
C VAL B 12 -20.03 -36.46 -35.49
N PHE B 13 -19.84 -35.38 -34.73
CA PHE B 13 -18.59 -35.11 -34.05
C PHE B 13 -18.43 -36.05 -32.85
N SER B 14 -17.22 -36.14 -32.34
CA SER B 14 -16.92 -37.03 -31.22
C SER B 14 -16.64 -36.22 -29.96
N GLU B 15 -16.56 -36.94 -28.84
CA GLU B 15 -16.35 -36.32 -27.53
C GLU B 15 -14.85 -36.11 -27.34
N LEU B 16 -14.31 -35.12 -28.05
CA LEU B 16 -12.88 -34.86 -28.00
C LEU B 16 -12.65 -33.35 -28.03
N LEU B 17 -13.32 -32.62 -27.15
CA LEU B 17 -13.03 -31.20 -26.99
C LEU B 17 -11.64 -31.02 -26.40
N THR B 18 -10.81 -30.25 -27.08
CA THR B 18 -9.45 -29.96 -26.62
C THR B 18 -9.33 -28.46 -26.42
N GLN B 19 -9.55 -28.00 -25.20
CA GLN B 19 -9.38 -26.58 -24.90
C GLN B 19 -7.90 -26.24 -24.91
N GLU B 20 -7.53 -25.27 -25.74
CA GLU B 20 -6.14 -25.03 -26.08
C GLU B 20 -5.68 -23.65 -25.66
N ILE B 21 -6.54 -22.89 -24.98
CA ILE B 21 -6.22 -21.55 -24.50
C ILE B 21 -5.57 -21.69 -23.13
N ASN B 22 -4.83 -20.66 -22.72
CA ASN B 22 -4.11 -20.64 -21.44
C ASN B 22 -4.77 -19.61 -20.52
N ARG B 23 -5.69 -20.08 -19.68
CA ARG B 23 -6.26 -19.25 -18.63
C ARG B 23 -5.75 -19.74 -17.27
N SER B 24 -4.57 -19.27 -16.90
CA SER B 24 -3.90 -19.69 -15.68
C SER B 24 -3.88 -18.54 -14.69
N ALA B 25 -4.45 -18.75 -13.52
CA ALA B 25 -4.38 -17.82 -12.41
C ALA B 25 -3.55 -18.47 -11.32
N THR B 26 -2.23 -18.28 -11.40
CA THR B 26 -1.33 -18.91 -10.43
C THR B 26 -1.01 -18.00 -9.26
N PHE B 27 -0.68 -16.73 -9.52
CA PHE B 27 -0.35 -15.82 -8.42
C PHE B 27 -1.58 -15.41 -7.64
N LEU B 28 -2.75 -15.40 -8.29
CA LEU B 28 -3.98 -15.08 -7.59
C LEU B 28 -4.38 -16.21 -6.64
N GLY B 29 -3.93 -17.43 -6.91
CA GLY B 29 -4.33 -18.57 -6.13
C GLY B 29 -3.65 -18.77 -4.81
N LEU B 30 -2.82 -17.83 -4.35
CA LEU B 30 -2.14 -18.02 -3.08
C LEU B 30 -2.02 -16.73 -2.27
N LEU B 31 -2.96 -15.81 -2.43
CA LEU B 31 -2.85 -14.51 -1.78
C LEU B 31 -3.67 -14.36 -0.51
N SER B 32 -4.43 -15.37 -0.09
CA SER B 32 -5.29 -15.33 1.11
C SER B 32 -6.31 -14.19 1.01
N LYS B 33 -7.29 -14.42 0.14
CA LYS B 33 -8.35 -13.46 -0.17
C LYS B 33 -9.12 -13.01 1.08
N TYR B 34 -9.46 -11.72 1.10
CA TYR B 34 -10.21 -11.10 2.18
C TYR B 34 -11.37 -10.28 1.61
N PRO B 35 -12.42 -10.05 2.39
CA PRO B 35 -13.45 -9.10 1.99
C PRO B 35 -13.13 -7.70 2.47
N GLU B 36 -13.74 -6.71 1.80
CA GLU B 36 -13.55 -5.31 2.21
C GLU B 36 -14.80 -4.52 1.84
N ARG B 37 -15.68 -4.33 2.80
CA ARG B 37 -16.86 -3.49 2.64
C ARG B 37 -16.64 -2.13 3.30
N LYS B 38 -15.72 -1.38 2.69
CA LYS B 38 -15.31 -0.08 3.20
C LYS B 38 -14.79 0.71 2.01
N SER B 39 -14.53 2.01 2.22
CA SER B 39 -14.10 2.86 1.12
C SER B 39 -12.65 2.59 0.74
N ASN B 40 -11.75 2.56 1.72
CA ASN B 40 -10.33 2.38 1.48
C ASN B 40 -9.62 1.90 2.74
N ILE B 41 -8.54 1.14 2.56
CA ILE B 41 -7.80 0.58 3.67
C ILE B 41 -6.75 1.58 4.15
N GLN B 42 -6.75 1.86 5.44
CA GLN B 42 -5.80 2.79 6.03
C GLN B 42 -5.09 2.07 7.18
N TRP B 43 -3.76 2.09 7.19
CA TRP B 43 -3.00 1.48 8.27
C TRP B 43 -1.82 2.37 8.62
N GLY B 44 -1.15 2.04 9.71
CA GLY B 44 -0.10 2.89 10.27
C GLY B 44 1.28 2.33 10.02
N VAL B 45 2.21 3.21 9.66
CA VAL B 45 3.61 2.87 9.38
C VAL B 45 4.49 3.71 10.29
N GLY B 46 5.32 3.05 11.09
CA GLY B 46 6.13 3.71 12.10
C GLY B 46 7.54 4.01 11.61
N MET B 47 8.00 5.22 11.87
CA MET B 47 9.33 5.68 11.55
C MET B 47 10.12 5.96 12.82
N GLY B 48 11.31 6.50 12.67
CA GLY B 48 12.17 6.83 13.80
C GLY B 48 11.84 8.20 14.36
N GLY B 49 12.79 8.75 15.10
CA GLY B 49 12.60 10.08 15.65
C GLY B 49 13.16 10.29 17.05
N THR B 50 13.31 9.24 17.83
CA THR B 50 13.87 9.37 19.17
C THR B 50 15.38 9.42 19.10
N THR B 51 15.97 10.43 19.72
CA THR B 51 17.41 10.56 19.81
C THR B 51 17.86 10.31 21.23
N ALA B 52 19.07 9.76 21.37
CA ALA B 52 19.66 9.45 22.67
C ALA B 52 21.09 9.95 22.67
N THR B 53 21.30 11.17 23.12
CA THR B 53 22.62 11.77 23.20
C THR B 53 23.17 11.65 24.61
N GLY B 54 24.48 11.87 24.72
CA GLY B 54 25.19 11.65 25.98
C GLY B 54 25.51 12.96 26.67
N VAL B 55 25.25 13.00 27.98
CA VAL B 55 25.51 14.18 28.80
C VAL B 55 26.27 13.76 30.05
N ALA B 56 26.69 14.76 30.82
CA ALA B 56 27.47 14.52 32.03
C ALA B 56 26.57 14.00 33.15
N ILE B 57 27.20 13.55 34.24
CA ILE B 57 26.45 13.05 35.37
C ILE B 57 25.69 14.17 36.05
N THR B 58 26.30 15.35 36.13
CA THR B 58 25.64 16.55 36.61
C THR B 58 25.10 17.38 35.44
N GLY B 59 24.60 16.70 34.41
CA GLY B 59 24.16 17.33 33.19
C GLY B 59 22.83 18.05 33.31
N SER B 60 22.20 18.27 32.16
CA SER B 60 21.11 19.23 32.11
C SER B 60 19.95 18.80 31.22
N ALA B 61 19.67 17.48 31.14
CA ALA B 61 18.40 16.93 30.63
C ALA B 61 18.07 17.33 29.19
N PRO B 62 18.67 16.69 28.17
CA PRO B 62 18.69 17.25 26.80
C PRO B 62 17.34 17.36 26.10
N ALA B 63 17.35 17.81 24.85
CA ALA B 63 16.16 18.24 24.13
C ALA B 63 15.21 17.08 23.85
N ALA B 64 14.02 17.42 23.38
CA ALA B 64 12.92 16.47 23.28
C ALA B 64 13.11 15.51 22.11
N SER B 65 12.38 14.39 22.17
CA SER B 65 12.49 13.34 21.17
C SER B 65 11.29 12.42 21.29
N MET B 66 10.72 12.04 20.15
CA MET B 66 9.53 11.20 20.08
C MET B 66 9.43 10.67 18.66
N ASP B 67 8.90 9.45 18.50
CA ASP B 67 8.76 8.85 17.18
C ASP B 67 7.63 9.48 16.37
N ALA B 68 7.43 8.95 15.17
CA ALA B 68 6.41 9.48 14.26
C ALA B 68 5.83 8.33 13.45
N THR B 69 4.50 8.33 13.32
CA THR B 69 3.79 7.33 12.53
C THR B 69 3.03 8.00 11.40
N LEU B 70 2.74 7.22 10.37
CA LEU B 70 2.29 7.72 9.07
C LEU B 70 1.12 6.90 8.55
N PRO B 71 0.30 7.48 7.64
CA PRO B 71 -0.84 6.72 7.09
C PRO B 71 -0.50 5.91 5.84
N ALA B 72 -1.48 5.23 5.20
CA ALA B 72 -1.22 4.66 3.88
C ALA B 72 -2.32 4.91 2.84
N GLN B 73 -3.59 4.83 3.24
CA GLN B 73 -4.79 5.39 2.61
C GLN B 73 -5.34 4.73 1.33
N LEU B 74 -4.54 3.94 0.59
CA LEU B 74 -4.83 2.79 -0.30
C LEU B 74 -6.25 2.68 -0.88
N PRO B 75 -6.65 3.51 -1.85
CA PRO B 75 -8.06 3.54 -2.27
C PRO B 75 -8.47 2.32 -3.10
N ILE B 76 -9.72 1.88 -2.91
CA ILE B 76 -10.23 0.74 -3.66
C ILE B 76 -11.49 1.05 -4.48
N SER B 77 -12.23 2.11 -4.18
CA SER B 77 -13.62 2.23 -4.65
C SER B 77 -13.69 3.10 -5.90
N ALA B 78 -13.11 2.62 -6.98
CA ALA B 78 -13.23 3.39 -8.20
C ALA B 78 -13.64 2.57 -9.42
N ALA B 79 -13.17 1.34 -9.54
CA ALA B 79 -13.24 0.61 -10.79
C ALA B 79 -13.73 -0.82 -10.55
N SER B 80 -13.84 -1.57 -11.64
CA SER B 80 -14.41 -2.91 -11.63
C SER B 80 -14.01 -3.61 -12.92
N VAL B 81 -14.13 -4.94 -12.94
CA VAL B 81 -13.77 -5.78 -14.08
C VAL B 81 -14.99 -6.62 -14.45
N GLN B 82 -15.47 -6.48 -15.69
CA GLN B 82 -16.77 -7.04 -16.07
C GLN B 82 -16.71 -7.80 -17.39
N SER B 83 -17.80 -8.50 -17.72
CA SER B 83 -17.96 -9.31 -18.93
C SER B 83 -19.43 -9.56 -19.20
N THR B 84 -19.77 -9.90 -20.46
CA THR B 84 -21.16 -10.05 -20.91
C THR B 84 -21.33 -11.23 -21.86
N PHE B 85 -22.58 -11.67 -22.06
CA PHE B 85 -22.89 -12.87 -22.86
C PHE B 85 -23.68 -12.58 -24.13
N THR B 86 -24.91 -12.06 -24.00
CA THR B 86 -25.90 -11.87 -25.07
C THR B 86 -26.15 -13.14 -25.90
N LEU B 87 -26.79 -14.12 -25.28
CA LEU B 87 -27.24 -15.30 -26.00
C LEU B 87 -28.75 -15.31 -26.17
N ASN B 88 -29.21 -15.91 -27.26
CA ASN B 88 -30.64 -15.97 -27.58
C ASN B 88 -31.34 -17.00 -26.70
N LEU B 89 -32.66 -17.09 -26.88
CA LEU B 89 -33.46 -18.07 -26.18
C LEU B 89 -33.71 -19.32 -27.04
N LYS B 90 -33.50 -19.22 -28.34
CA LYS B 90 -33.61 -20.38 -29.22
C LYS B 90 -32.29 -21.10 -29.39
N GLU B 91 -31.15 -20.41 -29.16
CA GLU B 91 -29.85 -21.06 -29.24
C GLU B 91 -29.64 -22.08 -28.13
N ILE B 92 -30.36 -21.97 -27.01
CA ILE B 92 -30.22 -22.91 -25.91
C ILE B 92 -31.20 -24.05 -26.08
N GLU B 93 -31.83 -24.13 -27.25
CA GLU B 93 -32.71 -25.25 -27.58
C GLU B 93 -32.13 -26.13 -28.67
N GLU B 94 -31.65 -25.57 -29.77
CA GLU B 94 -30.91 -26.35 -30.75
C GLU B 94 -29.41 -26.35 -30.46
N SER B 95 -29.09 -26.62 -29.20
CA SER B 95 -27.74 -26.98 -28.79
C SER B 95 -27.76 -28.09 -27.77
N LYS B 96 -28.94 -28.55 -27.37
CA LYS B 96 -29.07 -29.74 -26.54
C LYS B 96 -29.29 -30.99 -27.37
N GLU B 97 -29.53 -30.84 -28.68
CA GLU B 97 -29.67 -31.97 -29.58
C GLU B 97 -28.81 -31.83 -30.82
N GLN B 98 -28.08 -30.73 -30.96
CA GLN B 98 -27.28 -30.46 -32.15
C GLN B 98 -25.79 -30.59 -31.89
N VAL B 99 -25.38 -31.15 -30.76
CA VAL B 99 -23.96 -31.32 -30.45
C VAL B 99 -23.82 -32.51 -29.51
N THR B 100 -22.66 -33.17 -29.57
CA THR B 100 -22.45 -34.43 -28.86
C THR B 100 -21.64 -34.26 -27.57
N ASN B 101 -20.89 -33.18 -27.44
CA ASN B 101 -20.08 -32.99 -26.24
C ASN B 101 -20.98 -32.64 -25.05
N GLU B 102 -20.57 -33.12 -23.88
CA GLU B 102 -21.32 -32.87 -22.66
C GLU B 102 -20.98 -31.53 -22.02
N GLU B 103 -20.11 -30.74 -22.64
CA GLU B 103 -19.74 -29.44 -22.12
C GLU B 103 -20.27 -28.29 -22.97
N LEU B 104 -20.32 -28.45 -24.29
CA LEU B 104 -20.92 -27.47 -25.18
C LEU B 104 -22.42 -27.65 -25.31
N ARG B 105 -22.99 -28.67 -24.68
CA ARG B 105 -24.42 -28.93 -24.79
C ARG B 105 -25.23 -27.89 -24.02
N ASN B 106 -24.84 -27.62 -22.78
CA ASN B 106 -25.53 -26.60 -22.00
C ASN B 106 -24.90 -25.23 -22.27
N LEU B 107 -25.58 -24.39 -23.04
CA LEU B 107 -24.91 -23.23 -23.63
C LEU B 107 -24.82 -22.07 -22.66
N LEU B 108 -25.73 -21.99 -21.68
CA LEU B 108 -25.64 -20.92 -20.69
C LEU B 108 -24.59 -21.24 -19.64
N GLU B 109 -24.64 -22.44 -19.07
CA GLU B 109 -23.79 -22.80 -17.95
C GLU B 109 -22.33 -22.91 -18.34
N ALA B 110 -22.07 -23.28 -19.59
CA ALA B 110 -20.68 -23.38 -20.06
C ALA B 110 -20.07 -22.00 -20.21
N GLN B 111 -20.81 -21.06 -20.81
CA GLN B 111 -20.32 -19.69 -20.96
C GLN B 111 -20.25 -18.95 -19.63
N MET B 112 -20.94 -19.46 -18.60
CA MET B 112 -20.84 -18.84 -17.28
C MET B 112 -19.46 -19.04 -16.67
N ARG B 113 -18.92 -20.26 -16.72
CA ARG B 113 -17.59 -20.44 -16.15
C ARG B 113 -16.48 -20.13 -17.13
N ASN B 114 -16.79 -19.83 -18.38
CA ASN B 114 -15.79 -19.23 -19.25
C ASN B 114 -15.70 -17.73 -19.07
N ALA B 115 -16.57 -17.15 -18.25
CA ALA B 115 -16.47 -15.74 -17.91
C ALA B 115 -15.88 -15.51 -16.53
N VAL B 116 -16.26 -16.34 -15.55
CA VAL B 116 -15.67 -16.26 -14.22
C VAL B 116 -14.20 -16.60 -14.26
N GLU B 117 -13.83 -17.63 -15.02
CA GLU B 117 -12.42 -17.96 -15.20
C GLU B 117 -11.70 -16.99 -16.14
N GLU B 118 -12.42 -16.11 -16.81
CA GLU B 118 -11.79 -15.05 -17.58
C GLU B 118 -11.59 -13.80 -16.74
N ILE B 119 -12.48 -13.55 -15.79
CA ILE B 119 -12.25 -12.50 -14.81
C ILE B 119 -11.00 -12.81 -13.99
N ALA B 120 -10.78 -14.07 -13.66
CA ALA B 120 -9.63 -14.44 -12.84
C ALA B 120 -8.32 -14.40 -13.62
N THR B 121 -8.31 -14.86 -14.87
CA THR B 121 -7.06 -14.90 -15.61
C THR B 121 -6.64 -13.55 -16.17
N THR B 122 -7.50 -12.54 -16.09
CA THR B 122 -7.08 -11.18 -16.36
C THR B 122 -6.81 -10.42 -15.08
N LEU B 123 -7.02 -11.06 -13.94
CA LEU B 123 -6.89 -10.39 -12.66
C LEU B 123 -5.47 -10.50 -12.11
N ASN B 124 -4.83 -11.67 -12.25
CA ASN B 124 -3.42 -11.72 -11.88
C ASN B 124 -2.53 -11.11 -12.95
N LYS B 125 -3.02 -11.02 -14.18
CA LYS B 125 -2.29 -10.30 -15.23
C LYS B 125 -2.19 -8.82 -14.88
N LYS B 126 -3.18 -8.27 -14.19
CA LYS B 126 -3.14 -6.91 -13.70
C LYS B 126 -2.70 -6.82 -12.26
N LEU B 127 -2.26 -7.93 -11.66
CA LEU B 127 -1.51 -7.88 -10.41
C LEU B 127 -0.05 -7.56 -10.64
N TYR B 128 0.38 -7.40 -11.89
CA TYR B 128 1.73 -6.96 -12.20
C TYR B 128 1.76 -5.64 -12.97
N ASP B 129 0.61 -5.15 -13.45
CA ASP B 129 0.58 -4.05 -14.40
C ASP B 129 -0.53 -3.04 -14.09
N GLY B 130 -0.86 -2.86 -12.82
CA GLY B 130 -2.07 -2.12 -12.49
C GLY B 130 -2.03 -0.63 -12.76
N SER B 131 -1.27 0.12 -11.95
CA SER B 131 -1.06 1.57 -12.09
C SER B 131 -2.37 2.36 -12.10
N GLY B 132 -3.34 1.91 -11.31
CA GLY B 132 -4.62 2.60 -11.26
C GLY B 132 -5.39 2.41 -12.55
N ALA B 133 -5.55 3.52 -13.28
CA ALA B 133 -5.79 3.50 -14.73
C ALA B 133 -7.02 2.72 -15.17
N ILE B 134 -8.23 3.26 -14.93
CA ILE B 134 -9.52 2.59 -14.87
C ILE B 134 -9.82 1.58 -15.99
N ALA B 135 -9.09 1.67 -17.10
CA ALA B 135 -9.18 0.69 -18.18
C ALA B 135 -8.58 -0.66 -17.86
N ASP B 136 -8.03 -0.88 -16.66
CA ASP B 136 -7.60 -2.23 -16.31
C ASP B 136 -7.97 -2.66 -14.90
N GLY B 137 -9.09 -2.21 -14.36
CA GLY B 137 -9.59 -2.71 -13.09
C GLY B 137 -9.32 -1.82 -11.91
N GLY B 138 -8.50 -0.79 -12.07
CA GLY B 138 -8.17 0.05 -10.94
C GLY B 138 -7.25 -0.58 -9.92
N LEU B 139 -6.54 -1.64 -10.29
CA LEU B 139 -5.60 -2.24 -9.35
C LEU B 139 -4.30 -1.45 -9.37
N ILE B 140 -3.37 -1.87 -8.52
CA ILE B 140 -2.08 -1.23 -8.37
C ILE B 140 -0.97 -2.12 -8.88
N GLY B 141 -0.88 -3.34 -8.36
CA GLY B 141 0.04 -4.32 -8.90
C GLY B 141 1.48 -4.09 -8.48
N LEU B 142 2.31 -5.09 -8.75
CA LEU B 142 3.67 -5.12 -8.26
C LEU B 142 4.66 -4.37 -9.15
N SER B 143 4.17 -3.60 -10.12
CA SER B 143 5.11 -2.77 -10.86
C SER B 143 5.53 -1.54 -10.06
N ILE B 144 4.64 -1.02 -9.23
CA ILE B 144 4.93 0.13 -8.39
C ILE B 144 4.81 -0.19 -6.91
N ALA B 145 4.34 -1.37 -6.55
CA ALA B 145 4.29 -1.78 -5.16
C ALA B 145 5.58 -2.40 -4.68
N ALA B 146 6.48 -2.74 -5.59
CA ALA B 146 7.75 -3.35 -5.26
C ALA B 146 8.89 -2.60 -5.92
N SER B 147 8.81 -1.27 -5.92
CA SER B 147 9.84 -0.46 -6.55
C SER B 147 9.99 0.83 -5.77
N GLY B 148 10.65 1.81 -6.39
CA GLY B 148 10.88 3.08 -5.73
C GLY B 148 9.82 4.12 -5.99
N GLN B 149 8.61 3.69 -6.31
CA GLN B 149 7.51 4.60 -6.56
C GLN B 149 6.87 4.98 -5.23
N ASP B 150 5.72 5.66 -5.26
CA ASP B 150 5.16 6.21 -4.03
C ASP B 150 4.24 5.22 -3.31
N TYR B 151 3.17 4.80 -3.98
CA TYR B 151 2.31 3.67 -3.65
C TYR B 151 1.43 3.83 -2.42
N ALA B 152 1.72 4.78 -1.54
CA ALA B 152 0.77 5.01 -0.44
C ALA B 152 0.70 6.48 -0.02
N GLY B 153 1.22 7.40 -0.82
CA GLY B 153 1.36 8.76 -0.39
C GLY B 153 2.67 9.07 0.29
N ILE B 154 3.41 8.04 0.70
CA ILE B 154 4.76 8.24 1.22
C ILE B 154 5.71 8.22 0.03
N SER B 155 6.45 9.32 -0.16
CA SER B 155 7.41 9.35 -1.23
C SER B 155 8.62 8.50 -0.87
N SER B 156 9.35 8.09 -1.89
CA SER B 156 10.61 7.37 -1.69
C SER B 156 11.76 8.32 -1.40
N ALA B 157 11.55 9.63 -1.51
CA ALA B 157 12.58 10.63 -1.27
C ALA B 157 12.55 11.18 0.14
N THR B 158 11.36 11.49 0.67
CA THR B 158 11.27 12.04 2.02
C THR B 158 11.41 10.97 3.10
N TYR B 159 11.28 9.70 2.74
CA TYR B 159 11.42 8.60 3.70
C TYR B 159 12.08 7.42 2.99
N PRO B 160 13.38 7.24 3.14
CA PRO B 160 14.07 6.14 2.45
C PRO B 160 13.89 4.77 3.07
N LEU B 161 12.98 4.60 4.03
CA LEU B 161 12.67 3.28 4.57
C LEU B 161 11.71 2.51 3.69
N TRP B 162 11.25 3.12 2.60
CA TRP B 162 10.51 2.53 1.50
C TRP B 162 11.55 2.10 0.46
N ASN B 163 11.17 2.01 -0.81
CA ASN B 163 12.02 1.89 -2.01
C ASN B 163 13.05 0.75 -1.90
N VAL B 164 12.50 -0.47 -2.00
CA VAL B 164 13.17 -1.74 -1.73
C VAL B 164 14.40 -2.00 -2.56
N SER B 165 15.17 -3.00 -2.16
CA SER B 165 16.51 -3.27 -2.66
C SER B 165 16.47 -3.65 -4.13
N GLU B 166 16.92 -2.76 -5.00
CA GLU B 166 17.12 -3.11 -6.40
C GLU B 166 18.57 -3.52 -6.62
N VAL B 167 18.76 -4.51 -7.47
CA VAL B 167 20.08 -4.89 -7.96
C VAL B 167 20.06 -4.84 -9.48
N ASP B 168 19.34 -3.84 -10.02
CA ASP B 168 19.18 -3.53 -11.44
C ASP B 168 20.45 -3.72 -12.24
N ALA B 169 20.32 -4.45 -13.35
CA ALA B 169 21.46 -4.91 -14.13
C ALA B 169 21.50 -4.30 -15.53
N TRP B 170 21.24 -3.00 -15.63
CA TRP B 170 21.43 -2.33 -16.90
C TRP B 170 22.91 -2.03 -17.15
N ASP B 171 23.65 -1.74 -16.07
CA ASP B 171 25.10 -1.61 -15.92
C ASP B 171 25.65 -0.32 -16.55
N ALA B 172 24.88 0.34 -17.40
CA ALA B 172 25.00 1.75 -17.79
C ALA B 172 26.31 2.18 -18.45
N ASN B 173 27.30 1.28 -18.56
CA ASN B 173 28.57 1.68 -19.17
C ASN B 173 29.20 0.54 -19.99
N ALA B 174 28.40 -0.41 -20.46
CA ALA B 174 28.92 -1.50 -21.27
C ALA B 174 28.99 -1.05 -22.72
N THR B 175 29.23 -1.99 -23.63
CA THR B 175 29.23 -1.69 -25.04
C THR B 175 27.96 -2.22 -25.70
N GLY B 176 27.69 -1.72 -26.89
CA GLY B 176 26.53 -2.14 -27.65
C GLY B 176 25.27 -1.41 -27.25
N THR B 177 24.19 -1.78 -27.92
CA THR B 177 22.89 -1.17 -27.73
C THR B 177 22.09 -1.86 -26.63
N ASP B 178 22.35 -3.14 -26.40
CA ASP B 178 21.50 -3.99 -25.58
C ASP B 178 22.28 -4.46 -24.36
N LYS B 179 22.94 -3.52 -23.69
CA LYS B 179 23.65 -3.80 -22.44
C LYS B 179 22.69 -4.24 -21.33
N ARG B 180 22.69 -5.53 -21.00
CA ARG B 180 21.69 -5.97 -20.02
C ARG B 180 22.22 -6.98 -19.00
N GLN B 181 23.48 -7.42 -19.09
CA GLN B 181 24.23 -8.00 -17.97
C GLN B 181 23.60 -9.28 -17.39
N ALA B 182 23.75 -10.41 -18.09
CA ALA B 182 23.14 -11.70 -17.76
C ALA B 182 23.33 -12.17 -16.32
N LEU B 183 22.44 -13.05 -15.85
CA LEU B 183 22.29 -13.37 -14.44
C LEU B 183 23.51 -14.12 -13.94
N LYS B 184 24.24 -13.51 -13.02
CA LYS B 184 25.35 -14.14 -12.33
C LYS B 184 24.88 -14.58 -10.94
N THR B 185 25.79 -15.23 -10.22
CA THR B 185 25.50 -15.58 -8.84
C THR B 185 25.65 -14.37 -7.92
N ASP B 186 26.35 -13.33 -8.41
CA ASP B 186 26.61 -12.15 -7.60
C ASP B 186 25.36 -11.33 -7.34
N PHE B 187 24.37 -11.41 -8.24
CA PHE B 187 23.16 -10.61 -8.07
C PHE B 187 22.31 -11.11 -6.92
N MET B 188 22.37 -12.40 -6.62
CA MET B 188 21.59 -12.98 -5.54
C MET B 188 22.34 -12.95 -4.22
N LEU B 189 23.50 -12.31 -4.16
CA LEU B 189 24.21 -12.02 -2.92
C LEU B 189 24.20 -10.55 -2.56
N GLU B 190 24.29 -9.68 -3.56
CA GLU B 190 24.09 -8.25 -3.30
C GLU B 190 22.66 -7.97 -2.88
N LEU B 191 21.71 -8.71 -3.43
CA LEU B 191 20.33 -8.58 -2.99
C LEU B 191 20.14 -9.19 -1.61
N ASP B 192 20.90 -10.23 -1.29
CA ASP B 192 20.77 -10.88 0.00
C ASP B 192 21.48 -10.10 1.10
N ARG B 193 22.33 -9.13 0.73
CA ARG B 193 22.99 -8.25 1.68
C ARG B 193 22.14 -7.03 2.00
N LYS B 194 21.47 -6.44 1.00
CA LYS B 194 20.64 -5.27 1.20
C LYS B 194 19.29 -5.58 1.80
N ILE B 195 18.99 -6.86 1.99
CA ILE B 195 17.77 -7.30 2.63
C ILE B 195 17.99 -7.69 4.09
N ARG B 196 19.23 -7.71 4.54
CA ARG B 196 19.58 -8.02 5.93
C ARG B 196 19.69 -6.78 6.80
N TYR B 197 20.10 -5.65 6.23
CA TYR B 197 20.16 -4.40 6.98
C TYR B 197 18.78 -3.94 7.43
N ARG B 198 17.79 -4.07 6.56
CA ARG B 198 16.41 -3.91 6.98
C ARG B 198 15.87 -5.30 7.25
N PRO B 199 15.83 -5.76 8.50
CA PRO B 199 15.88 -7.19 8.80
C PRO B 199 14.64 -7.98 8.40
N GLY B 200 14.56 -8.31 7.10
CA GLY B 200 13.42 -9.05 6.58
C GLY B 200 13.81 -10.39 6.00
N ALA B 201 12.83 -11.27 5.81
CA ALA B 201 13.06 -12.62 5.30
C ALA B 201 11.98 -12.97 4.32
N TYR B 202 12.37 -13.29 3.09
CA TYR B 202 11.41 -13.58 2.03
C TYR B 202 10.95 -15.04 2.09
N ASP B 203 9.89 -15.33 1.32
CA ASP B 203 9.36 -16.70 1.24
C ASP B 203 9.16 -17.16 -0.20
N LEU B 204 8.81 -16.24 -1.10
CA LEU B 204 8.43 -16.59 -2.46
C LEU B 204 9.39 -15.96 -3.46
N ILE B 205 9.51 -16.61 -4.62
CA ILE B 205 10.23 -16.05 -5.77
C ILE B 205 9.33 -16.27 -6.97
N LEU B 206 9.20 -15.27 -7.84
CA LEU B 206 8.06 -15.25 -8.78
C LEU B 206 8.41 -15.59 -10.22
N THR B 207 9.43 -14.98 -10.84
CA THR B 207 10.17 -15.57 -11.97
C THR B 207 9.40 -16.02 -13.22
N THR B 208 9.06 -15.11 -14.13
CA THR B 208 8.75 -15.47 -15.52
C THR B 208 9.70 -16.55 -16.00
N PRO B 209 9.22 -17.70 -16.50
CA PRO B 209 10.13 -18.83 -16.77
C PRO B 209 11.09 -18.62 -17.93
N LYS B 210 11.12 -17.45 -18.55
CA LYS B 210 12.27 -17.04 -19.33
C LYS B 210 13.48 -16.77 -18.46
N VAL B 211 13.29 -16.48 -17.17
CA VAL B 211 14.43 -16.22 -16.29
C VAL B 211 14.78 -17.46 -15.47
N VAL B 212 13.86 -18.41 -15.33
CA VAL B 212 14.22 -19.71 -14.78
C VAL B 212 15.14 -20.43 -15.75
N GLU B 213 14.92 -20.24 -17.05
CA GLU B 213 15.81 -20.77 -18.07
C GLU B 213 17.17 -20.07 -18.06
N GLN B 214 17.24 -18.84 -17.55
CA GLN B 214 18.52 -18.21 -17.31
C GLN B 214 19.14 -18.63 -15.98
N TYR B 215 18.30 -18.94 -14.98
CA TYR B 215 18.81 -19.52 -13.74
C TYR B 215 19.29 -20.94 -13.95
N LYS B 216 18.66 -21.66 -14.87
CA LYS B 216 19.10 -23.01 -15.21
C LYS B 216 20.34 -22.98 -16.08
N LYS B 217 20.60 -21.87 -16.77
CA LYS B 217 21.76 -21.77 -17.65
C LYS B 217 23.01 -21.40 -16.87
N VAL B 218 22.88 -20.72 -15.73
CA VAL B 218 24.07 -20.39 -14.94
C VAL B 218 24.59 -21.61 -14.21
N PHE B 219 23.78 -22.67 -14.07
CA PHE B 219 24.31 -23.91 -13.54
C PHE B 219 25.19 -24.62 -14.57
N GLU B 220 24.89 -24.48 -15.84
CA GLU B 220 25.69 -25.13 -16.87
C GLU B 220 26.98 -24.39 -17.18
N ALA B 221 27.21 -23.23 -16.58
CA ALA B 221 28.52 -22.62 -16.60
C ALA B 221 29.38 -23.09 -15.44
N ASN B 222 28.86 -23.98 -14.59
CA ASN B 222 29.61 -24.46 -13.44
C ASN B 222 29.46 -25.95 -13.20
N ARG B 223 28.91 -26.72 -14.14
CA ARG B 223 28.85 -28.16 -13.99
C ARG B 223 29.88 -28.82 -14.89
N SER B 224 30.28 -30.03 -14.49
CA SER B 224 31.26 -30.80 -15.24
C SER B 224 31.10 -32.26 -14.83
N TYR B 225 30.78 -33.12 -15.78
CA TYR B 225 30.61 -34.54 -15.49
C TYR B 225 31.98 -35.18 -15.34
N GLN B 226 32.23 -35.71 -14.15
CA GLN B 226 33.52 -36.40 -13.82
C GLN B 226 33.23 -37.88 -13.62
N ILE B 227 34.21 -38.74 -13.94
CA ILE B 227 34.02 -40.18 -13.80
C ILE B 227 35.17 -40.73 -12.96
N MET B 228 34.86 -41.59 -11.98
CA MET B 228 35.93 -42.12 -11.09
C MET B 228 35.81 -43.64 -10.83
N THR B 229 35.19 -44.40 -11.74
CA THR B 229 35.09 -45.84 -11.57
C THR B 229 35.78 -46.52 -12.75
N PHE B 230 36.96 -47.08 -12.50
CA PHE B 230 37.81 -47.65 -13.55
C PHE B 230 38.04 -49.13 -13.27
N ASP B 231 37.09 -49.97 -13.66
CA ASP B 231 37.26 -51.41 -13.48
C ASP B 231 36.60 -52.26 -14.57
N GLY B 232 36.25 -51.70 -15.71
CA GLY B 232 35.28 -52.38 -16.57
C GLY B 232 33.91 -52.17 -15.98
N GLN B 233 33.08 -53.23 -15.99
CA GLN B 233 31.92 -53.35 -15.09
C GLN B 233 30.87 -52.25 -15.20
N ARG B 234 30.00 -52.34 -16.22
CA ARG B 234 28.88 -51.42 -16.44
C ARG B 234 29.33 -50.02 -16.80
N VAL B 235 29.81 -49.88 -18.04
CA VAL B 235 29.99 -48.65 -18.80
C VAL B 235 28.89 -47.62 -18.51
N PRO B 236 29.25 -46.38 -18.19
CA PRO B 236 28.25 -45.40 -17.73
C PRO B 236 27.30 -44.97 -18.84
N LEU B 237 26.19 -44.38 -18.42
CA LEU B 237 25.15 -43.96 -19.33
C LEU B 237 24.59 -42.61 -18.88
N ILE B 238 24.26 -41.78 -19.86
CA ILE B 238 24.36 -40.33 -19.76
C ILE B 238 23.01 -39.67 -19.96
N ASP B 239 22.69 -38.67 -19.12
CA ASP B 239 21.41 -37.98 -19.15
C ASP B 239 21.45 -36.58 -19.75
N LEU B 240 22.35 -35.69 -19.28
CA LEU B 240 22.44 -34.27 -19.71
C LEU B 240 21.14 -33.50 -19.49
N GLY B 241 20.58 -33.60 -18.30
CA GLY B 241 19.38 -32.87 -17.97
C GLY B 241 19.17 -32.83 -16.48
N PHE B 242 18.50 -31.77 -16.00
CA PHE B 242 18.43 -31.52 -14.57
C PHE B 242 17.29 -30.57 -14.25
N ASN B 243 16.71 -30.75 -13.06
CA ASN B 243 15.60 -29.94 -12.59
C ASN B 243 16.09 -28.92 -11.56
N VAL B 244 15.17 -28.04 -11.16
CA VAL B 244 15.47 -26.94 -10.25
C VAL B 244 14.65 -27.11 -8.99
N ALA B 245 15.32 -27.13 -7.83
CA ALA B 245 14.67 -27.25 -6.54
C ALA B 245 14.76 -25.96 -5.73
N GLY B 246 14.77 -24.81 -6.39
CA GLY B 246 14.67 -23.53 -5.70
C GLY B 246 16.02 -22.95 -5.36
N TYR B 247 15.96 -21.85 -4.61
CA TYR B 247 17.13 -21.10 -4.16
C TYR B 247 17.13 -21.09 -2.64
N MET B 248 18.19 -21.66 -2.05
CA MET B 248 18.38 -21.78 -0.59
C MET B 248 17.21 -22.50 0.09
N GLY B 249 16.57 -23.43 -0.61
CA GLY B 249 15.46 -24.14 -0.01
C GLY B 249 14.10 -23.61 -0.41
N ARG B 250 13.96 -22.29 -0.52
CA ARG B 250 12.68 -21.73 -0.93
C ARG B 250 12.42 -22.00 -2.41
N PRO B 251 11.26 -22.54 -2.77
CA PRO B 251 11.02 -22.96 -4.14
C PRO B 251 10.78 -21.76 -5.06
N ILE B 252 10.85 -22.01 -6.35
CA ILE B 252 10.73 -20.99 -7.37
C ILE B 252 9.43 -21.23 -8.12
N ILE B 253 8.42 -20.40 -7.84
CA ILE B 253 7.19 -20.42 -8.62
C ILE B 253 7.47 -19.76 -9.95
N ASP B 254 6.69 -20.09 -10.98
CA ASP B 254 6.88 -19.45 -12.29
C ASP B 254 5.54 -19.13 -12.95
N ASP B 255 5.21 -17.84 -12.99
CA ASP B 255 3.99 -17.40 -13.64
C ASP B 255 4.26 -17.11 -15.10
N VAL B 256 3.32 -17.48 -15.96
CA VAL B 256 3.43 -17.12 -17.36
C VAL B 256 3.23 -15.62 -17.54
N PHE B 257 2.28 -15.03 -16.80
CA PHE B 257 1.86 -13.67 -17.01
C PHE B 257 2.58 -12.67 -16.11
N CYS B 258 3.79 -12.98 -15.66
CA CYS B 258 4.55 -12.05 -14.81
C CYS B 258 5.36 -11.10 -15.68
N SER B 259 5.47 -9.85 -15.21
CA SER B 259 6.12 -8.77 -15.95
C SER B 259 6.35 -7.61 -15.00
N ARG B 260 6.92 -6.52 -15.55
CA ARG B 260 7.16 -5.30 -14.77
C ARG B 260 7.25 -4.13 -15.73
N THR B 261 6.22 -3.28 -15.77
CA THR B 261 6.28 -2.11 -16.63
C THR B 261 7.28 -1.09 -16.10
N ARG B 262 8.03 -0.48 -17.01
CA ARG B 262 9.13 0.39 -16.65
C ARG B 262 8.63 1.81 -16.41
N THR B 263 9.38 2.55 -15.60
CA THR B 263 8.98 3.90 -15.22
C THR B 263 9.38 4.89 -16.30
N ALA B 264 9.28 6.18 -15.99
CA ALA B 264 9.78 7.20 -16.89
C ALA B 264 11.25 7.50 -16.64
N ALA B 265 11.77 7.13 -15.49
CA ALA B 265 13.21 7.27 -15.23
C ALA B 265 14.01 6.30 -16.08
N GLU B 266 13.42 5.16 -16.43
CA GLU B 266 14.05 4.17 -17.29
C GLU B 266 13.68 4.35 -18.75
N SER B 267 13.44 5.59 -19.19
CA SER B 267 13.07 5.84 -20.57
C SER B 267 14.25 5.64 -21.51
N ALA B 268 15.48 5.86 -21.02
CA ALA B 268 16.65 5.56 -21.83
C ALA B 268 16.82 4.06 -22.02
N ILE B 269 16.42 3.27 -21.03
CA ILE B 269 16.39 1.82 -21.18
C ILE B 269 15.30 1.41 -22.15
N THR B 270 14.17 2.11 -22.12
CA THR B 270 12.98 1.69 -22.86
C THR B 270 13.14 1.90 -24.36
N THR B 271 13.66 3.07 -24.76
CA THR B 271 13.78 3.38 -26.18
C THR B 271 14.87 2.57 -26.87
N ALA B 272 15.81 2.02 -26.11
CA ALA B 272 16.83 1.15 -26.69
C ALA B 272 16.37 -0.29 -26.82
N LEU B 273 15.23 -0.65 -26.24
CA LEU B 273 14.69 -2.00 -26.37
C LEU B 273 13.35 -2.07 -27.04
N GLY B 274 12.63 -0.94 -27.15
CA GLY B 274 11.36 -0.91 -27.84
C GLY B 274 10.16 -1.35 -27.03
N THR B 275 10.37 -2.04 -25.91
CA THR B 275 9.27 -2.50 -25.06
C THR B 275 9.40 -1.88 -23.69
N ALA B 276 8.30 -1.95 -22.93
CA ALA B 276 8.25 -1.52 -21.54
C ALA B 276 7.58 -2.59 -20.71
N VAL B 277 8.01 -3.85 -20.89
CA VAL B 277 7.40 -4.99 -20.24
C VAL B 277 8.38 -5.71 -19.31
N ASP B 278 9.62 -5.89 -19.77
CA ASP B 278 10.84 -6.14 -19.00
C ASP B 278 10.94 -7.55 -18.41
N GLU B 279 9.84 -8.32 -18.41
CA GLU B 279 9.77 -9.74 -18.73
C GLU B 279 10.92 -10.59 -18.17
N GLY B 280 10.95 -10.83 -16.86
CA GLY B 280 12.13 -11.45 -16.29
C GLY B 280 12.70 -10.82 -15.03
N VAL B 281 11.85 -10.22 -14.22
CA VAL B 281 12.19 -9.83 -12.86
C VAL B 281 12.05 -11.03 -11.93
N MET B 282 12.51 -10.92 -10.68
CA MET B 282 12.56 -12.04 -9.76
C MET B 282 11.51 -12.01 -8.65
N TYR B 283 11.30 -10.85 -8.00
CA TYR B 283 10.24 -10.62 -7.01
C TYR B 283 10.35 -11.57 -5.81
N PHE B 284 11.37 -11.34 -5.00
CA PHE B 284 11.42 -11.95 -3.67
C PHE B 284 10.35 -11.34 -2.78
N LEU B 285 9.45 -12.15 -2.25
CA LEU B 285 8.30 -11.65 -1.51
C LEU B 285 8.10 -12.45 -0.23
N LYS B 286 7.17 -11.98 0.60
CA LYS B 286 6.73 -12.69 1.79
C LYS B 286 5.23 -12.90 1.70
N LYS B 287 4.78 -14.14 1.88
CA LYS B 287 3.39 -14.48 1.61
C LYS B 287 2.46 -13.96 2.70
N ASP B 288 2.97 -13.76 3.91
CA ASP B 288 2.18 -13.22 5.00
C ASP B 288 2.13 -11.69 4.99
N ASP B 289 2.42 -11.07 3.84
CA ASP B 289 2.50 -9.64 3.73
C ASP B 289 1.60 -9.08 2.64
N LEU B 290 1.15 -9.90 1.70
CA LEU B 290 0.27 -9.48 0.63
C LEU B 290 -1.17 -9.83 0.99
N ARG B 291 -2.11 -8.97 0.62
CA ARG B 291 -3.52 -9.20 0.85
C ARG B 291 -4.31 -8.82 -0.40
N PHE B 292 -5.37 -9.59 -0.68
CA PHE B 292 -6.26 -9.33 -1.80
C PHE B 292 -7.65 -9.06 -1.26
N TYR B 293 -8.23 -7.92 -1.63
CA TYR B 293 -9.53 -7.49 -1.13
C TYR B 293 -10.54 -7.41 -2.26
N SER B 294 -11.82 -7.54 -1.90
CA SER B 294 -12.94 -7.48 -2.83
C SER B 294 -14.21 -7.21 -2.04
N THR B 295 -15.16 -6.51 -2.67
CA THR B 295 -16.24 -6.11 -1.78
C THR B 295 -17.35 -7.16 -1.77
N PRO B 296 -17.94 -7.43 -0.62
CA PRO B 296 -18.91 -8.52 -0.51
C PRO B 296 -20.34 -8.16 -0.85
N VAL B 297 -20.59 -7.16 -1.70
CA VAL B 297 -21.89 -6.54 -2.00
C VAL B 297 -22.99 -7.56 -2.27
N VAL B 298 -24.23 -7.20 -1.89
CA VAL B 298 -25.27 -8.19 -1.62
C VAL B 298 -25.70 -8.91 -2.89
N GLY B 299 -25.82 -10.24 -2.79
CA GLY B 299 -26.14 -11.06 -3.92
C GLY B 299 -24.95 -11.63 -4.66
N ALA B 300 -23.75 -11.48 -4.13
CA ALA B 300 -22.54 -11.95 -4.79
C ALA B 300 -22.07 -13.25 -4.15
N PHE B 301 -21.77 -14.24 -4.99
CA PHE B 301 -21.23 -15.50 -4.52
C PHE B 301 -19.71 -15.39 -4.41
N SER B 302 -19.05 -16.50 -4.12
CA SER B 302 -17.67 -16.48 -3.64
C SER B 302 -16.80 -17.44 -4.43
N ALA B 303 -16.80 -17.29 -5.76
CA ALA B 303 -16.00 -18.14 -6.64
C ALA B 303 -14.50 -17.96 -6.39
N ASN B 304 -13.89 -18.96 -5.74
CA ASN B 304 -12.48 -18.97 -5.34
C ASN B 304 -12.11 -17.78 -4.46
N GLY B 305 -13.04 -17.34 -3.61
CA GLY B 305 -12.77 -16.25 -2.70
C GLY B 305 -12.91 -14.87 -3.29
N VAL B 306 -13.11 -14.75 -4.60
CA VAL B 306 -13.31 -13.47 -5.25
C VAL B 306 -14.81 -13.30 -5.46
N TYR B 307 -15.37 -12.21 -4.94
CA TYR B 307 -16.81 -12.01 -4.95
C TYR B 307 -17.25 -11.43 -6.28
N THR B 308 -18.11 -12.16 -7.01
CA THR B 308 -18.63 -11.72 -8.30
C THR B 308 -20.15 -11.68 -8.27
N LEU B 309 -20.73 -10.81 -9.10
CA LEU B 309 -22.16 -10.52 -9.07
C LEU B 309 -22.80 -10.90 -10.40
N MET B 310 -23.98 -11.52 -10.35
CA MET B 310 -24.57 -12.12 -11.55
C MET B 310 -25.34 -11.11 -12.41
N ARG B 311 -26.50 -10.62 -11.92
CA ARG B 311 -27.29 -9.53 -12.51
C ARG B 311 -27.71 -9.83 -13.96
N GLN B 312 -28.67 -10.73 -14.11
CA GLN B 312 -29.36 -10.83 -15.39
C GLN B 312 -30.05 -9.51 -15.73
N LEU B 313 -29.74 -8.95 -16.90
CA LEU B 313 -30.29 -7.64 -17.23
C LEU B 313 -31.74 -7.76 -17.67
N ALA B 314 -32.40 -6.61 -17.78
CA ALA B 314 -33.77 -6.57 -18.25
C ALA B 314 -33.81 -6.78 -19.76
N GLN B 315 -34.87 -7.43 -20.22
CA GLN B 315 -35.00 -7.79 -21.62
C GLN B 315 -36.03 -6.91 -22.31
N THR B 316 -35.79 -6.64 -23.59
CA THR B 316 -36.67 -5.81 -24.40
C THR B 316 -37.40 -6.61 -25.47
N SER B 317 -36.66 -7.33 -26.32
CA SER B 317 -37.30 -8.20 -27.30
C SER B 317 -37.75 -9.51 -26.62
N LEU B 318 -38.33 -10.41 -27.39
CA LEU B 318 -38.92 -11.56 -26.75
C LEU B 318 -37.88 -12.66 -26.55
N TYR B 319 -37.07 -12.94 -27.59
CA TYR B 319 -36.08 -13.99 -27.55
C TYR B 319 -34.68 -13.39 -27.38
N VAL B 320 -34.36 -12.95 -26.17
CA VAL B 320 -33.02 -12.48 -25.83
C VAL B 320 -32.87 -12.56 -24.32
N ASP B 321 -31.62 -12.66 -23.85
CA ASP B 321 -31.37 -12.75 -22.41
C ASP B 321 -30.41 -11.70 -21.87
N ASN B 322 -29.22 -11.55 -22.47
CA ASN B 322 -28.29 -10.43 -22.26
C ASN B 322 -27.79 -10.34 -20.81
N PHE B 323 -26.96 -11.31 -20.42
CA PHE B 323 -26.40 -11.36 -19.07
C PHE B 323 -25.16 -10.47 -18.92
N VAL B 324 -24.59 -10.46 -17.70
CA VAL B 324 -23.36 -9.75 -17.35
C VAL B 324 -22.72 -10.55 -16.22
N VAL B 325 -21.45 -10.25 -15.91
CA VAL B 325 -20.80 -10.75 -14.70
C VAL B 325 -19.64 -9.79 -14.40
N GLY B 326 -19.29 -9.64 -13.13
CA GLY B 326 -18.21 -8.73 -12.77
C GLY B 326 -17.87 -8.77 -11.30
N CYS B 327 -16.67 -8.24 -10.98
CA CYS B 327 -16.18 -8.15 -9.61
C CYS B 327 -15.54 -6.78 -9.40
N ILE B 328 -14.88 -6.61 -8.25
CA ILE B 328 -14.28 -5.33 -7.85
C ILE B 328 -13.07 -5.56 -6.94
N PRO B 329 -11.85 -5.53 -7.48
CA PRO B 329 -10.66 -5.96 -6.72
C PRO B 329 -9.82 -4.83 -6.15
N GLN B 330 -8.83 -5.20 -5.34
CA GLN B 330 -7.68 -4.36 -4.95
C GLN B 330 -6.64 -5.22 -4.25
N LEU B 331 -5.37 -5.03 -4.61
CA LEU B 331 -4.22 -5.63 -3.95
C LEU B 331 -3.65 -4.66 -2.92
N GLN B 332 -2.96 -5.20 -1.92
CA GLN B 332 -2.59 -4.39 -0.76
C GLN B 332 -1.34 -4.96 -0.12
N LEU B 333 -0.21 -4.28 -0.28
CA LEU B 333 1.07 -4.67 0.29
C LEU B 333 1.45 -3.71 1.39
N THR B 334 1.63 -4.24 2.60
CA THR B 334 2.17 -3.48 3.70
C THR B 334 3.68 -3.68 3.73
N THR B 335 4.39 -2.65 4.22
CA THR B 335 5.72 -2.79 4.83
C THR B 335 6.74 -3.40 3.86
N ARG B 336 7.10 -2.61 2.85
CA ARG B 336 8.03 -3.09 1.83
C ARG B 336 9.44 -3.20 2.43
N LYS B 337 9.63 -4.26 3.20
CA LYS B 337 10.86 -4.49 3.95
C LYS B 337 11.37 -5.87 3.60
N ASN B 338 10.44 -6.77 3.30
CA ASN B 338 10.72 -8.15 2.98
C ASN B 338 10.86 -8.37 1.48
N VAL B 339 11.03 -7.31 0.70
CA VAL B 339 10.82 -7.34 -0.74
C VAL B 339 12.15 -7.07 -1.44
N GLY B 340 12.46 -7.89 -2.44
CA GLY B 340 13.64 -7.68 -3.27
C GLY B 340 13.39 -7.92 -4.74
N VAL B 341 14.01 -7.12 -5.61
CA VAL B 341 13.83 -7.24 -7.06
C VAL B 341 15.18 -7.29 -7.75
N ILE B 342 15.24 -8.03 -8.86
CA ILE B 342 16.44 -8.20 -9.68
C ILE B 342 16.12 -7.75 -11.11
N LYS B 343 15.62 -6.51 -11.25
CA LYS B 343 15.33 -5.86 -12.53
C LYS B 343 16.36 -6.12 -13.62
N ASN B 344 15.86 -6.23 -14.86
CA ASN B 344 16.65 -6.16 -16.10
C ASN B 344 17.67 -7.30 -16.23
N ILE B 345 17.18 -8.52 -16.31
CA ILE B 345 18.01 -9.67 -16.61
C ILE B 345 17.95 -9.93 -18.11
N LYS B 346 19.01 -10.59 -18.65
CA LYS B 346 19.32 -10.62 -20.08
C LYS B 346 18.18 -11.17 -20.95
N VAL B 347 17.41 -12.12 -20.42
CA VAL B 347 16.19 -12.73 -21.02
C VAL B 347 16.24 -13.04 -22.52
N ALA C 2 -27.19 16.47 -4.56
CA ALA C 2 -26.97 16.34 -3.12
C ALA C 2 -26.84 14.87 -2.74
N LYS C 3 -25.70 14.49 -2.16
CA LYS C 3 -25.49 13.14 -1.68
C LYS C 3 -25.76 13.09 -0.19
N LEU C 4 -26.34 12.00 0.28
CA LEU C 4 -26.97 11.98 1.60
C LEU C 4 -25.94 11.91 2.72
N ASN C 5 -25.19 10.82 2.84
CA ASN C 5 -24.10 10.75 3.81
C ASN C 5 -22.73 10.89 3.14
N LEU C 6 -22.51 12.06 2.53
CA LEU C 6 -21.26 12.31 1.84
C LEU C 6 -20.22 12.91 2.77
N ALA C 7 -20.50 14.10 3.29
CA ALA C 7 -19.56 14.83 4.11
C ALA C 7 -19.58 14.39 5.56
N VAL C 8 -20.41 13.41 5.91
CA VAL C 8 -20.52 12.94 7.28
C VAL C 8 -19.89 11.56 7.45
N LEU C 9 -19.21 11.05 6.41
CA LEU C 9 -18.47 9.81 6.53
C LEU C 9 -17.28 9.97 7.46
N ASN C 10 -17.09 8.98 8.31
CA ASN C 10 -15.92 8.93 9.19
C ASN C 10 -14.91 7.93 8.66
N ASN C 11 -13.63 8.25 8.86
CA ASN C 11 -12.55 7.35 8.51
C ASN C 11 -11.91 6.79 9.76
N VAL C 12 -11.60 5.49 9.72
CA VAL C 12 -11.07 4.77 10.87
C VAL C 12 -9.81 4.05 10.44
N PHE C 13 -8.68 4.40 11.05
CA PHE C 13 -7.45 3.66 10.83
C PHE C 13 -7.53 2.30 11.47
N SER C 14 -6.97 1.30 10.81
CA SER C 14 -7.06 -0.08 11.27
C SER C 14 -5.97 -0.37 12.30
N GLU C 15 -5.97 -1.60 12.81
CA GLU C 15 -5.05 -2.00 13.87
C GLU C 15 -3.82 -2.68 13.28
N LEU C 16 -3.08 -1.95 12.45
CA LEU C 16 -2.01 -2.55 11.66
C LEU C 16 -0.77 -1.65 11.69
N LEU C 17 -0.33 -1.26 12.88
CA LEU C 17 0.95 -0.57 12.99
C LEU C 17 2.09 -1.53 12.67
N THR C 18 2.97 -1.12 11.75
CA THR C 18 4.16 -1.88 11.41
C THR C 18 5.39 -1.01 11.64
N GLN C 19 6.24 -1.43 12.57
CA GLN C 19 7.48 -0.73 12.84
C GLN C 19 8.48 -1.03 11.73
N GLU C 20 9.06 0.03 11.16
CA GLU C 20 9.86 -0.12 9.95
C GLU C 20 11.20 0.60 10.11
N ILE C 21 11.90 0.28 11.19
CA ILE C 21 13.25 0.75 11.46
C ILE C 21 14.07 -0.41 12.00
N ASN C 22 15.38 -0.20 12.08
CA ASN C 22 16.31 -1.17 12.64
C ASN C 22 16.82 -0.63 13.96
N ARG C 23 16.31 -1.16 15.06
CA ARG C 23 16.92 -0.95 16.37
C ARG C 23 17.14 -2.33 17.00
N SER C 24 18.40 -2.61 17.34
CA SER C 24 18.77 -3.93 17.83
C SER C 24 20.12 -3.80 18.54
N ALA C 25 20.20 -4.35 19.74
CA ALA C 25 21.45 -4.43 20.48
C ALA C 25 21.95 -5.87 20.35
N THR C 26 22.62 -6.16 19.24
CA THR C 26 23.15 -7.50 19.03
C THR C 26 24.40 -7.74 19.86
N PHE C 27 25.37 -6.84 19.77
CA PHE C 27 26.62 -7.01 20.49
C PHE C 27 26.45 -6.76 21.98
N LEU C 28 25.56 -5.85 22.36
CA LEU C 28 25.27 -5.62 23.76
C LEU C 28 24.53 -6.80 24.39
N GLY C 29 23.85 -7.61 23.58
CA GLY C 29 23.09 -8.71 24.09
C GLY C 29 23.87 -9.96 24.46
N LEU C 30 25.20 -9.93 24.41
CA LEU C 30 25.96 -11.12 24.79
C LEU C 30 27.22 -10.81 25.58
N LEU C 31 27.38 -9.60 26.12
CA LEU C 31 28.62 -9.23 26.76
C LEU C 31 28.73 -9.60 28.23
N SER C 32 27.74 -10.30 28.80
CA SER C 32 27.74 -10.76 30.21
C SER C 32 27.86 -9.57 31.16
N LYS C 33 26.78 -8.81 31.24
CA LYS C 33 26.73 -7.56 31.99
C LYS C 33 26.96 -7.77 33.49
N TYR C 34 27.69 -6.83 34.10
CA TYR C 34 27.96 -6.80 35.53
C TYR C 34 27.62 -5.44 36.10
N PRO C 35 27.21 -5.37 37.36
CA PRO C 35 27.08 -4.08 38.04
C PRO C 35 28.34 -3.70 38.81
N GLU C 36 28.58 -2.39 38.90
CA GLU C 36 29.76 -1.90 39.59
C GLU C 36 29.47 -0.53 40.18
N ARG C 37 29.35 -0.45 41.49
CA ARG C 37 29.12 0.81 42.20
C ARG C 37 30.42 1.44 42.69
N LYS C 38 31.43 1.51 41.84
CA LYS C 38 32.72 2.03 42.22
C LYS C 38 33.16 3.05 41.17
N SER C 39 34.18 3.84 41.49
CA SER C 39 34.53 4.96 40.62
C SER C 39 35.31 4.50 39.39
N ASN C 40 36.23 3.55 39.52
CA ASN C 40 36.98 3.08 38.37
C ASN C 40 37.41 1.64 38.56
N ILE C 41 37.90 1.04 37.48
CA ILE C 41 38.07 -0.40 37.35
C ILE C 41 39.55 -0.71 37.32
N GLN C 42 40.07 -1.29 38.38
CA GLN C 42 41.51 -1.47 38.57
C GLN C 42 41.86 -2.94 38.59
N TRP C 43 42.82 -3.34 37.74
CA TRP C 43 43.30 -4.71 37.78
C TRP C 43 44.77 -4.71 37.44
N GLY C 44 45.39 -5.88 37.57
CA GLY C 44 46.83 -6.04 37.41
C GLY C 44 47.16 -6.70 36.08
N VAL C 45 48.19 -6.19 35.41
CA VAL C 45 48.64 -6.71 34.13
C VAL C 45 50.09 -7.15 34.30
N GLY C 46 50.34 -8.44 34.13
CA GLY C 46 51.66 -8.97 34.41
C GLY C 46 52.57 -9.08 33.22
N MET C 47 53.55 -8.18 33.12
CA MET C 47 54.57 -8.25 32.08
C MET C 47 55.69 -9.20 32.53
N GLY C 48 56.81 -9.17 31.81
CA GLY C 48 57.96 -9.97 32.15
C GLY C 48 58.98 -9.17 32.95
N GLY C 49 60.21 -9.66 32.94
CA GLY C 49 61.27 -8.90 33.57
C GLY C 49 62.35 -9.70 34.26
N THR C 50 62.09 -10.97 34.55
CA THR C 50 63.14 -11.79 35.14
C THR C 50 64.15 -12.21 34.07
N THR C 51 65.39 -12.37 34.49
CA THR C 51 66.49 -12.70 33.60
C THR C 51 67.14 -14.00 34.04
N ALA C 52 67.87 -14.61 33.12
CA ALA C 52 68.62 -15.83 33.42
C ALA C 52 69.80 -15.88 32.46
N THR C 53 70.98 -15.54 32.96
CA THR C 53 72.19 -15.41 32.16
C THR C 53 73.13 -16.56 32.45
N GLY C 54 74.27 -16.55 31.76
CA GLY C 54 75.25 -17.60 31.88
C GLY C 54 76.43 -17.15 32.72
N VAL C 55 76.76 -17.96 33.74
CA VAL C 55 77.92 -17.73 34.60
C VAL C 55 78.63 -19.05 34.80
N ALA C 56 79.95 -18.97 35.00
CA ALA C 56 80.76 -20.15 35.22
C ALA C 56 80.44 -20.78 36.58
N ILE C 57 80.81 -22.04 36.74
CA ILE C 57 80.36 -22.78 37.91
C ILE C 57 81.15 -22.39 39.15
N THR C 58 82.44 -22.12 39.01
CA THR C 58 83.23 -21.55 40.10
C THR C 58 83.36 -20.03 39.92
N GLY C 59 82.21 -19.38 39.84
CA GLY C 59 82.17 -17.96 39.62
C GLY C 59 81.53 -17.20 40.76
N SER C 60 80.33 -16.69 40.53
CA SER C 60 79.63 -15.91 41.54
C SER C 60 78.13 -16.10 41.32
N ALA C 61 77.34 -15.21 41.85
CA ALA C 61 75.92 -15.18 41.59
C ALA C 61 75.57 -13.95 40.76
N PRO C 62 74.69 -14.08 39.77
CA PRO C 62 74.29 -12.91 38.96
C PRO C 62 73.45 -11.88 39.71
N ALA C 63 73.09 -10.81 39.02
CA ALA C 63 72.37 -9.70 39.63
C ALA C 63 70.91 -10.08 39.89
N ALA C 64 70.19 -9.17 40.53
CA ALA C 64 68.81 -9.43 40.89
C ALA C 64 67.90 -9.34 39.68
N SER C 65 66.74 -10.00 39.79
CA SER C 65 65.74 -10.00 38.73
C SER C 65 64.40 -10.42 39.31
N MET C 66 63.34 -9.75 38.89
CA MET C 66 62.00 -10.04 39.38
C MET C 66 60.98 -9.47 38.39
N ASP C 67 59.90 -10.20 38.15
CA ASP C 67 58.88 -9.74 37.22
C ASP C 67 58.03 -8.62 37.83
N ALA C 68 57.22 -8.00 36.98
CA ALA C 68 56.49 -6.79 37.36
C ALA C 68 55.04 -6.88 36.92
N THR C 69 54.18 -6.20 37.69
CA THR C 69 52.76 -6.06 37.38
C THR C 69 52.43 -4.58 37.20
N LEU C 70 51.38 -4.30 36.45
CA LEU C 70 51.02 -2.94 36.06
C LEU C 70 49.52 -2.73 36.26
N PRO C 71 49.07 -1.49 36.45
CA PRO C 71 47.64 -1.21 36.60
C PRO C 71 46.99 -0.83 35.27
N ALA C 72 45.63 -0.72 35.29
CA ALA C 72 44.91 -0.40 34.04
C ALA C 72 43.87 0.71 34.14
N GLN C 73 43.11 0.78 35.23
CA GLN C 73 42.40 1.93 35.79
C GLN C 73 41.12 2.47 35.13
N LEU C 74 40.79 2.20 33.83
CA LEU C 74 39.45 2.25 33.17
C LEU C 74 38.31 3.04 33.80
N PRO C 75 38.30 4.38 33.73
CA PRO C 75 37.37 5.17 34.55
C PRO C 75 35.91 5.05 34.13
N ILE C 76 35.03 5.00 35.14
CA ILE C 76 33.58 5.15 34.94
C ILE C 76 33.08 6.19 35.95
N SER C 77 33.16 7.47 35.57
CA SER C 77 32.68 8.51 36.47
C SER C 77 32.06 9.74 35.81
N ALA C 78 32.05 9.86 34.49
CA ALA C 78 31.93 11.18 33.87
C ALA C 78 30.65 11.39 33.09
N ALA C 79 30.30 10.50 32.16
CA ALA C 79 29.24 10.77 31.21
C ALA C 79 28.13 9.73 31.31
N SER C 80 27.04 10.01 30.61
CA SER C 80 25.81 9.23 30.75
C SER C 80 24.92 9.48 29.54
N VAL C 81 24.22 8.44 29.09
CA VAL C 81 23.38 8.49 27.89
C VAL C 81 21.93 8.64 28.30
N GLN C 82 21.23 9.64 27.75
CA GLN C 82 19.91 10.01 28.24
C GLN C 82 18.94 10.32 27.09
N SER C 83 17.66 10.46 27.45
CA SER C 83 16.58 10.84 26.54
C SER C 83 15.41 11.39 27.35
N THR C 84 14.52 12.14 26.67
CA THR C 84 13.35 12.77 27.30
C THR C 84 12.07 12.46 26.51
N PHE C 85 10.93 12.88 27.07
CA PHE C 85 9.62 12.66 26.44
C PHE C 85 8.96 13.97 26.02
N THR C 86 8.67 14.85 26.99
CA THR C 86 7.90 16.09 26.86
C THR C 86 6.53 15.86 26.22
N LEU C 87 5.68 15.15 26.96
CA LEU C 87 4.29 14.98 26.55
C LEU C 87 3.37 15.84 27.42
N ASN C 88 2.30 16.33 26.80
CA ASN C 88 1.34 17.18 27.50
C ASN C 88 0.39 16.34 28.34
N LEU C 89 -0.67 16.96 28.82
CA LEU C 89 -1.68 16.27 29.60
C LEU C 89 -3.04 16.26 28.92
N LYS C 90 -3.22 17.09 27.89
CA LYS C 90 -4.33 17.00 26.96
C LYS C 90 -4.05 16.02 25.83
N GLU C 91 -2.78 15.90 25.42
CA GLU C 91 -2.38 14.91 24.42
C GLU C 91 -2.62 13.49 24.88
N ILE C 92 -2.51 13.23 26.17
CA ILE C 92 -2.61 11.86 26.67
C ILE C 92 -4.03 11.58 27.12
N GLU C 93 -4.96 12.44 26.76
CA GLU C 93 -6.36 12.20 27.04
C GLU C 93 -7.21 12.11 25.78
N GLU C 94 -6.98 12.99 24.81
CA GLU C 94 -7.70 12.94 23.55
C GLU C 94 -7.12 11.93 22.58
N SER C 95 -6.02 11.27 22.93
CA SER C 95 -5.49 10.15 22.17
C SER C 95 -5.75 8.83 22.87
N LYS C 96 -6.75 8.79 23.74
CA LYS C 96 -7.20 7.58 24.39
C LYS C 96 -8.63 7.24 24.01
N GLU C 97 -9.42 8.23 23.61
CA GLU C 97 -10.75 8.00 23.08
C GLU C 97 -10.80 8.01 21.56
N GLN C 98 -9.68 8.29 20.90
CA GLN C 98 -9.68 8.37 19.45
C GLN C 98 -8.92 7.23 18.78
N VAL C 99 -7.64 7.05 19.08
CA VAL C 99 -6.75 6.21 18.28
C VAL C 99 -7.12 4.73 18.47
N THR C 100 -6.88 3.93 17.44
CA THR C 100 -7.42 2.58 17.32
C THR C 100 -6.47 1.52 17.87
N ASN C 101 -5.17 1.69 17.65
CA ASN C 101 -4.19 0.70 18.06
C ASN C 101 -4.05 0.68 19.58
N GLU C 102 -3.61 -0.46 20.11
CA GLU C 102 -3.50 -0.61 21.56
C GLU C 102 -2.22 0.01 22.10
N GLU C 103 -1.14 -0.04 21.32
CA GLU C 103 0.11 0.55 21.78
C GLU C 103 0.07 2.07 21.73
N LEU C 104 -0.52 2.63 20.68
CA LEU C 104 -0.62 4.08 20.54
C LEU C 104 -1.73 4.65 21.40
N ARG C 105 -2.50 3.77 22.04
CA ARG C 105 -3.56 4.19 22.95
C ARG C 105 -2.99 4.88 24.18
N ASN C 106 -2.20 4.15 24.96
CA ASN C 106 -1.54 4.69 26.15
C ASN C 106 -0.24 5.33 25.70
N LEU C 107 -0.18 6.67 25.76
CA LEU C 107 0.90 7.40 25.13
C LEU C 107 2.16 7.48 26.00
N LEU C 108 2.03 7.40 27.33
CA LEU C 108 3.22 7.36 28.16
C LEU C 108 3.89 6.00 28.13
N GLU C 109 3.09 4.93 28.24
CA GLU C 109 3.64 3.58 28.29
C GLU C 109 4.27 3.18 26.97
N ALA C 110 3.79 3.73 25.86
CA ALA C 110 4.40 3.45 24.57
C ALA C 110 5.76 4.11 24.44
N GLN C 111 5.86 5.39 24.81
CA GLN C 111 7.12 6.09 24.71
C GLN C 111 8.09 5.69 25.83
N MET C 112 7.58 5.06 26.88
CA MET C 112 8.45 4.52 27.92
C MET C 112 9.30 3.37 27.39
N ARG C 113 8.67 2.41 26.71
CA ARG C 113 9.42 1.32 26.11
C ARG C 113 10.10 1.71 24.81
N ASN C 114 9.81 2.88 24.27
CA ASN C 114 10.39 3.32 23.02
C ASN C 114 11.68 4.10 23.23
N ALA C 115 11.89 4.64 24.44
CA ALA C 115 13.12 5.33 24.76
C ALA C 115 14.17 4.42 25.36
N VAL C 116 13.77 3.40 26.11
CA VAL C 116 14.71 2.41 26.63
C VAL C 116 15.34 1.63 25.48
N GLU C 117 14.56 1.31 24.45
CA GLU C 117 15.09 0.61 23.29
C GLU C 117 15.91 1.51 22.38
N GLU C 118 15.85 2.83 22.55
CA GLU C 118 16.78 3.71 21.85
C GLU C 118 18.07 3.89 22.62
N ILE C 119 18.01 3.90 23.96
CA ILE C 119 19.22 3.83 24.79
C ILE C 119 19.98 2.54 24.50
N ALA C 120 19.25 1.44 24.31
CA ALA C 120 19.90 0.15 24.09
C ALA C 120 20.55 0.05 22.71
N THR C 121 19.98 0.69 21.69
CA THR C 121 20.57 0.59 20.36
C THR C 121 21.55 1.71 20.07
N THR C 122 21.58 2.77 20.85
CA THR C 122 22.64 3.75 20.70
C THR C 122 23.87 3.39 21.52
N LEU C 123 23.75 2.36 22.35
CA LEU C 123 24.84 2.02 23.25
C LEU C 123 25.80 1.04 22.60
N ASN C 124 25.30 0.05 21.85
CA ASN C 124 26.20 -0.82 21.11
C ASN C 124 26.79 -0.13 19.89
N LYS C 125 26.10 0.87 19.36
CA LYS C 125 26.66 1.68 18.30
C LYS C 125 27.87 2.47 18.80
N LYS C 126 27.89 2.80 20.09
CA LYS C 126 29.05 3.40 20.73
C LYS C 126 30.05 2.37 21.26
N LEU C 127 29.69 1.09 21.30
CA LEU C 127 30.68 0.09 21.65
C LEU C 127 31.68 -0.15 20.53
N TYR C 128 31.35 0.27 19.30
CA TYR C 128 32.29 0.22 18.20
C TYR C 128 32.91 1.55 17.86
N ASP C 129 32.32 2.65 18.33
CA ASP C 129 32.81 3.99 18.01
C ASP C 129 33.08 4.82 19.26
N GLY C 130 33.39 4.17 20.38
CA GLY C 130 33.60 4.90 21.61
C GLY C 130 34.89 5.69 21.59
N SER C 131 34.85 6.87 22.21
CA SER C 131 36.04 7.71 22.28
C SER C 131 36.20 8.37 23.63
N GLY C 132 35.36 8.04 24.61
CA GLY C 132 35.49 8.58 25.94
C GLY C 132 34.94 9.98 26.15
N ALA C 133 34.58 10.69 25.08
CA ALA C 133 34.04 12.02 25.24
C ALA C 133 32.62 11.95 25.79
N ILE C 134 32.14 13.11 26.26
CA ILE C 134 30.80 13.16 26.85
C ILE C 134 29.74 12.97 25.77
N ALA C 135 29.99 13.46 24.56
CA ALA C 135 29.09 13.26 23.45
C ALA C 135 29.05 11.80 22.99
N ASP C 136 30.08 11.03 23.29
CA ASP C 136 30.09 9.60 23.02
C ASP C 136 29.67 8.77 24.23
N GLY C 137 29.11 9.41 25.26
CA GLY C 137 28.52 8.70 26.37
C GLY C 137 29.49 8.20 27.42
N GLY C 138 30.78 8.49 27.29
CA GLY C 138 31.77 8.02 28.22
C GLY C 138 32.32 6.64 27.94
N LEU C 139 31.74 5.90 27.00
CA LEU C 139 32.26 4.60 26.62
C LEU C 139 33.61 4.72 25.92
N ILE C 140 34.37 3.64 26.02
CA ILE C 140 35.69 3.58 25.42
C ILE C 140 35.67 2.83 24.09
N GLY C 141 34.99 1.70 24.04
CA GLY C 141 34.66 1.05 22.79
C GLY C 141 35.83 0.36 22.12
N LEU C 142 35.49 -0.41 21.10
CA LEU C 142 36.47 -1.27 20.43
C LEU C 142 37.24 -0.55 19.33
N SER C 143 36.99 0.74 19.09
CA SER C 143 37.75 1.43 18.06
C SER C 143 39.19 1.66 18.48
N ILE C 144 39.43 1.81 19.78
CA ILE C 144 40.79 1.92 20.28
C ILE C 144 41.15 0.85 21.30
N ALA C 145 40.21 -0.03 21.67
CA ALA C 145 40.55 -1.16 22.51
C ALA C 145 41.12 -2.32 21.70
N ALA C 146 40.79 -2.40 20.42
CA ALA C 146 41.34 -3.39 19.52
C ALA C 146 42.42 -2.82 18.62
N SER C 147 43.21 -1.90 19.16
CA SER C 147 44.40 -1.35 18.51
C SER C 147 45.24 -0.73 19.61
N GLY C 148 46.51 -0.51 19.33
CA GLY C 148 47.33 0.06 20.37
C GLY C 148 47.36 1.57 20.36
N GLN C 149 46.47 2.21 21.12
CA GLN C 149 46.67 3.59 21.52
C GLN C 149 46.42 3.72 23.02
N ASP C 150 47.33 3.17 23.79
CA ASP C 150 47.56 3.31 25.22
C ASP C 150 46.43 2.83 26.13
N TYR C 151 45.16 3.02 25.73
CA TYR C 151 43.93 2.39 26.19
C TYR C 151 43.67 2.26 27.70
N ALA C 152 44.71 2.12 28.51
CA ALA C 152 44.52 1.83 29.92
C ALA C 152 45.70 2.30 30.75
N GLY C 153 46.35 3.39 30.38
CA GLY C 153 47.65 3.53 31.00
C GLY C 153 48.73 3.00 30.08
N ILE C 154 48.98 1.68 30.14
CA ILE C 154 50.08 0.97 29.48
C ILE C 154 50.16 1.32 28.01
N SER C 155 51.26 1.93 27.61
CA SER C 155 51.42 2.40 26.24
C SER C 155 52.12 1.34 25.40
N SER C 156 51.78 1.33 24.11
CA SER C 156 52.46 0.43 23.19
C SER C 156 53.89 0.87 22.88
N ALA C 157 54.24 2.11 23.20
CA ALA C 157 55.62 2.56 23.00
C ALA C 157 56.55 1.98 24.04
N THR C 158 56.17 2.09 25.32
CA THR C 158 57.02 1.58 26.39
C THR C 158 56.97 0.06 26.47
N TYR C 159 55.76 -0.51 26.52
CA TYR C 159 55.61 -1.95 26.61
C TYR C 159 54.96 -2.46 25.34
N PRO C 160 55.73 -2.95 24.37
CA PRO C 160 55.15 -3.35 23.08
C PRO C 160 54.41 -4.68 23.09
N LEU C 161 54.26 -5.32 24.24
CA LEU C 161 53.42 -6.51 24.33
C LEU C 161 51.94 -6.17 24.40
N TRP C 162 51.60 -4.90 24.53
CA TRP C 162 50.23 -4.44 24.71
C TRP C 162 49.72 -3.99 23.34
N ASN C 163 49.53 -4.96 22.44
CA ASN C 163 49.06 -4.70 21.10
C ASN C 163 48.12 -5.81 20.66
N VAL C 164 47.36 -5.52 19.61
CA VAL C 164 46.54 -6.51 18.97
C VAL C 164 47.27 -7.00 17.73
N SER C 165 46.79 -8.09 17.17
CA SER C 165 47.30 -8.62 15.92
C SER C 165 46.50 -8.00 14.79
N GLU C 166 47.12 -7.10 14.04
CA GLU C 166 46.39 -6.32 13.05
C GLU C 166 46.95 -6.59 11.66
N VAL C 167 46.05 -6.83 10.71
CA VAL C 167 46.41 -7.15 9.34
C VAL C 167 45.81 -6.06 8.46
N ASP C 168 46.61 -5.08 8.09
CA ASP C 168 46.12 -3.98 7.28
C ASP C 168 46.04 -4.44 5.83
N ALA C 169 44.94 -4.12 5.16
CA ALA C 169 44.74 -4.51 3.78
C ALA C 169 44.85 -3.35 2.81
N TRP C 170 45.18 -2.15 3.30
CA TRP C 170 45.53 -1.04 2.42
C TRP C 170 46.85 -1.36 1.72
N ASP C 171 46.80 -1.47 0.39
CA ASP C 171 47.95 -2.02 -0.33
C ASP C 171 49.10 -1.03 -0.43
N ALA C 172 48.79 0.27 -0.53
CA ALA C 172 49.71 1.40 -0.40
C ALA C 172 50.81 1.49 -1.45
N ASN C 173 50.86 0.56 -2.40
CA ASN C 173 51.68 0.70 -3.59
C ASN C 173 50.89 0.21 -4.80
N ALA C 174 49.63 0.62 -4.89
CA ALA C 174 48.74 0.28 -5.97
C ALA C 174 48.35 1.54 -6.74
N THR C 175 47.38 1.39 -7.64
CA THR C 175 47.09 2.36 -8.69
C THR C 175 46.65 3.73 -8.21
N GLY C 176 45.50 3.83 -7.55
CA GLY C 176 45.11 5.13 -7.04
C GLY C 176 43.77 5.29 -6.35
N THR C 177 43.81 5.94 -5.19
CA THR C 177 42.72 6.59 -4.45
C THR C 177 41.64 5.65 -3.88
N ASP C 178 41.66 4.38 -4.27
CA ASP C 178 40.82 3.37 -3.64
C ASP C 178 41.61 2.07 -3.57
N LYS C 179 42.87 2.16 -3.17
CA LYS C 179 43.79 1.05 -3.30
C LYS C 179 43.70 0.04 -2.16
N ARG C 180 42.61 0.05 -1.41
CA ARG C 180 42.32 -1.05 -0.50
C ARG C 180 41.75 -2.21 -1.29
N GLN C 181 42.15 -3.42 -0.92
CA GLN C 181 41.93 -4.59 -1.74
C GLN C 181 40.95 -5.55 -1.09
N ALA C 182 40.51 -6.53 -1.87
CA ALA C 182 39.37 -7.36 -1.50
C ALA C 182 39.75 -8.36 -0.42
N LEU C 183 38.73 -8.93 0.21
CA LEU C 183 38.92 -9.96 1.21
C LEU C 183 39.30 -11.25 0.52
N LYS C 184 40.46 -11.79 0.87
CA LYS C 184 40.92 -13.06 0.37
C LYS C 184 41.37 -13.91 1.55
N THR C 185 41.73 -15.16 1.27
CA THR C 185 42.04 -16.10 2.34
C THR C 185 43.39 -15.79 2.99
N ASP C 186 44.27 -15.09 2.27
CA ASP C 186 45.62 -14.78 2.76
C ASP C 186 45.60 -13.88 3.98
N PHE C 187 44.56 -13.09 4.17
CA PHE C 187 44.46 -12.20 5.32
C PHE C 187 44.13 -12.97 6.59
N MET C 188 43.37 -14.05 6.46
CA MET C 188 43.01 -14.83 7.63
C MET C 188 44.03 -15.91 7.93
N LEU C 189 44.93 -16.20 6.99
CA LEU C 189 46.11 -17.01 7.31
C LEU C 189 47.17 -16.19 8.00
N GLU C 190 47.35 -14.93 7.57
CA GLU C 190 48.37 -14.06 8.12
C GLU C 190 47.93 -13.42 9.43
N LEU C 191 46.66 -13.58 9.80
CA LEU C 191 46.23 -13.14 11.12
C LEU C 191 46.50 -14.20 12.17
N ASP C 192 46.25 -15.46 11.83
CA ASP C 192 46.48 -16.55 12.79
C ASP C 192 47.97 -16.81 13.00
N ARG C 193 48.82 -16.32 12.09
CA ARG C 193 50.25 -16.37 12.32
C ARG C 193 50.67 -15.45 13.45
N LYS C 194 49.93 -14.36 13.66
CA LYS C 194 50.24 -13.42 14.72
C LYS C 194 49.59 -13.77 16.05
N ILE C 195 48.41 -14.39 16.01
CA ILE C 195 47.81 -14.95 17.22
C ILE C 195 48.61 -16.15 17.73
N ARG C 196 49.37 -16.81 16.85
CA ARG C 196 50.13 -18.00 17.25
C ARG C 196 51.28 -17.65 18.18
N TYR C 197 51.90 -16.48 18.01
CA TYR C 197 53.02 -16.10 18.85
C TYR C 197 52.58 -15.78 20.27
N ARG C 198 51.69 -14.80 20.41
CA ARG C 198 51.07 -14.52 21.69
C ARG C 198 49.87 -15.44 21.83
N PRO C 199 50.00 -16.58 22.54
CA PRO C 199 49.17 -17.76 22.24
C PRO C 199 47.69 -17.57 22.55
N GLY C 200 47.01 -16.83 21.68
CA GLY C 200 45.64 -16.47 21.92
C GLY C 200 44.65 -17.43 21.32
N ALA C 201 43.45 -17.45 21.89
CA ALA C 201 42.37 -18.33 21.47
C ALA C 201 41.13 -17.47 21.27
N TYR C 202 40.97 -16.91 20.07
CA TYR C 202 39.77 -16.17 19.78
C TYR C 202 38.58 -17.12 19.66
N ASP C 203 37.38 -16.58 19.91
CA ASP C 203 36.17 -17.38 19.88
C ASP C 203 35.06 -16.81 19.03
N LEU C 204 35.13 -15.56 18.62
CA LEU C 204 33.96 -14.94 18.02
C LEU C 204 34.43 -13.85 17.07
N ILE C 205 33.69 -13.68 15.98
CA ILE C 205 34.01 -12.74 14.91
C ILE C 205 32.87 -11.74 14.81
N LEU C 206 33.21 -10.46 14.61
CA LEU C 206 32.19 -9.41 14.63
C LEU C 206 32.09 -8.64 13.33
N THR C 207 31.97 -9.32 12.19
CA THR C 207 31.93 -8.65 10.90
C THR C 207 30.64 -7.84 10.73
N THR C 208 30.64 -7.01 9.70
CA THR C 208 29.42 -6.45 9.14
C THR C 208 28.84 -7.43 8.14
N PRO C 209 27.55 -7.32 7.80
CA PRO C 209 27.01 -8.17 6.73
C PRO C 209 27.53 -7.86 5.33
N LYS C 210 28.24 -6.74 5.14
CA LYS C 210 28.92 -6.53 3.86
C LYS C 210 30.15 -7.41 3.74
N VAL C 211 30.75 -7.80 4.87
CA VAL C 211 31.91 -8.68 4.83
C VAL C 211 31.48 -10.12 4.62
N VAL C 212 30.33 -10.51 5.16
CA VAL C 212 29.80 -11.86 4.97
C VAL C 212 29.43 -12.06 3.50
N GLU C 213 29.04 -11.00 2.79
CA GLU C 213 28.96 -11.04 1.34
C GLU C 213 30.34 -11.30 0.74
N GLN C 214 31.34 -10.51 1.15
CA GLN C 214 32.70 -10.68 0.65
C GLN C 214 33.36 -11.96 1.13
N TYR C 215 32.84 -12.56 2.21
CA TYR C 215 33.32 -13.87 2.61
C TYR C 215 32.73 -14.97 1.75
N LYS C 216 31.54 -14.75 1.19
CA LYS C 216 30.99 -15.73 0.26
C LYS C 216 31.57 -15.59 -1.14
N LYS C 217 32.08 -14.41 -1.50
CA LYS C 217 32.74 -14.24 -2.79
C LYS C 217 34.03 -15.03 -2.88
N VAL C 218 34.67 -15.33 -1.75
CA VAL C 218 35.86 -16.18 -1.76
C VAL C 218 35.47 -17.60 -2.11
N PHE C 219 34.27 -18.03 -1.71
CA PHE C 219 33.84 -19.38 -1.99
C PHE C 219 33.44 -19.55 -3.46
N GLU C 220 32.82 -18.53 -4.06
CA GLU C 220 32.30 -18.67 -5.41
C GLU C 220 33.42 -18.70 -6.44
N ALA C 221 34.56 -18.09 -6.15
CA ALA C 221 35.70 -18.17 -7.05
C ALA C 221 36.45 -19.49 -6.92
N ASN C 222 36.06 -20.35 -5.98
CA ASN C 222 36.72 -21.62 -5.77
C ASN C 222 35.69 -22.73 -5.62
N ARG C 223 34.67 -22.74 -6.47
CA ARG C 223 33.69 -23.81 -6.42
C ARG C 223 33.24 -24.16 -7.83
N SER C 224 32.81 -25.41 -7.97
CA SER C 224 32.20 -25.90 -9.20
C SER C 224 31.37 -27.12 -8.82
N TYR C 225 30.29 -27.33 -9.55
CA TYR C 225 29.37 -28.43 -9.27
C TYR C 225 29.72 -29.61 -10.15
N GLN C 226 29.59 -30.82 -9.59
CA GLN C 226 29.97 -32.02 -10.34
C GLN C 226 28.96 -33.13 -10.14
N ILE C 227 28.81 -33.94 -11.17
CA ILE C 227 27.85 -35.04 -11.23
C ILE C 227 28.64 -36.30 -11.52
N MET C 228 28.51 -37.32 -10.66
CA MET C 228 29.35 -38.53 -10.88
C MET C 228 28.50 -39.80 -11.05
N THR C 229 27.39 -39.93 -10.34
CA THR C 229 26.60 -41.15 -10.43
C THR C 229 25.94 -41.24 -11.80
N PHE C 230 26.22 -42.32 -12.51
CA PHE C 230 25.83 -42.49 -13.90
C PHE C 230 25.04 -43.77 -14.07
N ASP C 231 24.04 -43.96 -13.21
CA ASP C 231 23.12 -45.08 -13.34
C ASP C 231 21.94 -44.76 -14.23
N GLY C 232 21.72 -43.48 -14.57
CA GLY C 232 20.52 -43.06 -15.27
C GLY C 232 19.26 -43.33 -14.50
N GLN C 233 19.33 -43.28 -13.17
CA GLN C 233 18.24 -43.69 -12.30
C GLN C 233 17.43 -42.52 -11.79
N ARG C 234 18.10 -41.45 -11.37
CA ARG C 234 17.45 -40.23 -10.90
C ARG C 234 17.90 -39.07 -11.79
N VAL C 235 17.50 -37.87 -11.37
CA VAL C 235 17.86 -36.64 -12.06
C VAL C 235 18.21 -35.63 -10.96
N PRO C 236 19.23 -34.80 -11.11
CA PRO C 236 19.59 -33.89 -10.01
C PRO C 236 18.58 -32.76 -9.81
N LEU C 237 18.69 -32.14 -8.64
CA LEU C 237 17.70 -31.23 -8.07
C LEU C 237 18.38 -29.97 -7.55
N ILE C 238 19.11 -29.28 -8.44
CA ILE C 238 20.05 -28.21 -8.10
C ILE C 238 19.46 -27.10 -7.23
N ASP C 239 20.30 -26.47 -6.42
CA ASP C 239 19.88 -25.40 -5.53
C ASP C 239 20.63 -24.11 -5.76
N LEU C 240 21.96 -24.18 -5.85
CA LEU C 240 22.85 -23.05 -6.14
C LEU C 240 22.68 -21.93 -5.11
N GLY C 241 23.00 -22.27 -3.86
CA GLY C 241 22.84 -21.33 -2.76
C GLY C 241 23.26 -21.97 -1.45
N PHE C 242 24.05 -21.26 -0.65
CA PHE C 242 24.75 -21.86 0.47
C PHE C 242 24.69 -20.95 1.68
N ASN C 243 25.05 -21.51 2.83
CA ASN C 243 25.16 -20.78 4.10
C ASN C 243 26.61 -20.72 4.53
N VAL C 244 26.84 -20.10 5.69
CA VAL C 244 28.18 -19.90 6.22
C VAL C 244 28.25 -20.53 7.61
N ALA C 245 29.13 -21.51 7.77
CA ALA C 245 29.37 -22.09 9.09
C ALA C 245 30.42 -21.30 9.86
N GLY C 246 31.31 -20.60 9.16
CA GLY C 246 32.10 -19.59 9.81
C GLY C 246 33.48 -19.93 10.33
N TYR C 247 34.38 -20.40 9.47
CA TYR C 247 35.83 -20.30 9.66
C TYR C 247 36.37 -20.97 10.92
N MET C 248 36.49 -22.30 10.87
CA MET C 248 37.10 -23.14 11.92
C MET C 248 36.24 -23.16 13.19
N GLY C 249 34.95 -23.46 13.00
CA GLY C 249 34.06 -23.75 14.12
C GLY C 249 33.76 -22.58 15.04
N ARG C 250 33.95 -21.35 14.56
CA ARG C 250 33.77 -20.16 15.40
C ARG C 250 32.83 -19.21 14.67
N PRO C 251 31.53 -19.28 14.97
CA PRO C 251 30.51 -18.76 14.04
C PRO C 251 30.53 -17.24 13.92
N ILE C 252 30.46 -16.78 12.67
CA ILE C 252 30.51 -15.35 12.36
C ILE C 252 29.20 -14.72 12.78
N ILE C 253 29.27 -13.78 13.71
CA ILE C 253 28.10 -13.03 14.15
C ILE C 253 28.16 -11.65 13.53
N ASP C 254 27.22 -11.35 12.65
CA ASP C 254 27.22 -10.10 11.90
C ASP C 254 26.43 -9.03 12.63
N ASP C 255 26.95 -7.81 12.61
CA ASP C 255 26.32 -6.66 13.22
C ASP C 255 26.13 -5.57 12.18
N VAL C 256 24.93 -5.00 12.14
CA VAL C 256 24.65 -3.91 11.21
C VAL C 256 25.45 -2.68 11.59
N PHE C 257 25.72 -2.49 12.88
CA PHE C 257 26.27 -1.24 13.39
C PHE C 257 27.76 -1.32 13.66
N CYS C 258 28.44 -2.35 13.18
CA CYS C 258 29.86 -2.48 13.44
C CYS C 258 30.67 -1.55 12.55
N SER C 259 31.70 -0.94 13.13
CA SER C 259 32.51 0.04 12.41
C SER C 259 33.86 0.19 13.09
N ARG C 260 34.61 1.20 12.67
CA ARG C 260 35.96 1.48 13.17
C ARG C 260 36.27 2.93 12.83
N THR C 261 36.42 3.79 13.82
CA THR C 261 36.90 5.13 13.52
C THR C 261 38.37 5.06 13.16
N ARG C 262 38.73 5.64 12.02
CA ARG C 262 40.13 5.74 11.62
C ARG C 262 40.92 6.59 12.60
N THR C 263 42.18 6.22 12.79
CA THR C 263 43.06 6.91 13.71
C THR C 263 43.57 8.20 13.07
N ALA C 264 44.31 8.99 13.85
CA ALA C 264 44.93 10.19 13.29
C ALA C 264 46.14 9.86 12.42
N ALA C 265 46.74 8.68 12.59
CA ALA C 265 47.84 8.28 11.72
C ALA C 265 47.34 7.91 10.34
N GLU C 266 46.10 7.47 10.22
CA GLU C 266 45.52 7.11 8.92
C GLU C 266 44.81 8.33 8.32
N SER C 267 45.62 9.35 8.04
CA SER C 267 45.12 10.58 7.44
C SER C 267 45.09 10.51 5.91
N ALA C 268 46.04 9.79 5.31
CA ALA C 268 46.05 9.64 3.86
C ALA C 268 44.91 8.76 3.37
N ILE C 269 44.37 7.89 4.21
CA ILE C 269 43.26 7.04 3.80
C ILE C 269 41.96 7.82 3.82
N THR C 270 41.64 8.45 4.96
CA THR C 270 40.32 9.04 5.15
C THR C 270 40.14 10.34 4.36
N THR C 271 41.21 10.96 3.90
CA THR C 271 41.09 12.10 2.99
C THR C 271 41.08 11.66 1.53
N ALA C 272 41.25 10.37 1.26
CA ALA C 272 41.14 9.83 -0.09
C ALA C 272 39.79 9.18 -0.33
N LEU C 273 39.30 8.41 0.63
CA LEU C 273 38.00 7.76 0.52
C LEU C 273 36.86 8.73 0.82
N GLY C 274 36.93 9.42 1.95
CA GLY C 274 35.97 10.46 2.24
C GLY C 274 35.46 10.48 3.67
N THR C 275 35.33 9.30 4.28
CA THR C 275 34.86 9.20 5.65
C THR C 275 35.87 8.46 6.49
N ALA C 276 35.58 8.35 7.79
CA ALA C 276 36.33 7.49 8.70
C ALA C 276 35.31 6.67 9.48
N VAL C 277 34.82 5.59 8.87
CA VAL C 277 33.92 4.67 9.57
C VAL C 277 34.39 3.23 9.38
N ASP C 278 35.11 2.97 8.28
CA ASP C 278 35.81 1.71 8.00
C ASP C 278 34.91 0.49 8.13
N GLU C 279 33.87 0.43 7.30
CA GLU C 279 33.06 -0.77 7.24
C GLU C 279 33.88 -1.85 6.55
N GLY C 280 34.03 -3.01 7.17
CA GLY C 280 35.02 -3.94 6.69
C GLY C 280 35.98 -4.47 7.74
N VAL C 281 35.56 -4.48 8.99
CA VAL C 281 36.39 -4.97 10.07
C VAL C 281 35.95 -6.38 10.46
N MET C 282 36.79 -7.07 11.23
CA MET C 282 36.54 -8.45 11.61
C MET C 282 36.36 -8.66 13.10
N TYR C 283 37.31 -8.19 13.92
CA TYR C 283 37.29 -8.26 15.38
C TYR C 283 37.19 -9.72 15.89
N PHE C 284 38.26 -10.47 15.68
CA PHE C 284 38.40 -11.77 16.31
C PHE C 284 38.57 -11.56 17.82
N LEU C 285 37.54 -11.85 18.59
CA LEU C 285 37.55 -11.58 20.02
C LEU C 285 37.37 -12.87 20.83
N LYS C 286 37.23 -12.70 22.13
CA LYS C 286 36.94 -13.79 23.05
C LYS C 286 35.74 -13.41 23.91
N LYS C 287 34.82 -14.35 24.11
CA LYS C 287 33.56 -14.02 24.77
C LYS C 287 33.76 -13.79 26.27
N ASP C 288 34.60 -14.60 26.92
CA ASP C 288 34.87 -14.41 28.34
C ASP C 288 36.03 -13.45 28.57
N ASP C 289 36.00 -12.33 27.88
CA ASP C 289 37.05 -11.35 27.99
C ASP C 289 36.52 -9.93 27.89
N LEU C 290 35.22 -9.75 27.73
CA LEU C 290 34.59 -8.46 27.58
C LEU C 290 33.51 -8.37 28.64
N ARG C 291 33.51 -7.27 29.38
CA ARG C 291 32.53 -7.08 30.45
C ARG C 291 31.87 -5.72 30.28
N PHE C 292 30.61 -5.62 30.67
CA PHE C 292 29.86 -4.38 30.56
C PHE C 292 29.43 -3.95 31.95
N TYR C 293 30.02 -2.88 32.46
CA TYR C 293 29.72 -2.41 33.80
C TYR C 293 28.77 -1.22 33.76
N SER C 294 27.84 -1.19 34.71
CA SER C 294 26.88 -0.11 34.82
C SER C 294 26.49 0.06 36.27
N THR C 295 26.50 1.29 36.77
CA THR C 295 26.35 1.52 38.20
C THR C 295 24.89 1.40 38.59
N PRO C 296 24.56 0.58 39.59
CA PRO C 296 23.18 0.51 40.06
C PRO C 296 22.82 1.62 41.04
N VAL C 297 22.40 2.78 40.54
CA VAL C 297 21.87 3.82 41.41
C VAL C 297 20.53 3.38 41.98
N VAL C 298 20.11 4.03 43.05
CA VAL C 298 18.92 3.61 43.78
C VAL C 298 17.67 3.98 42.99
N GLY C 299 16.68 3.10 43.00
CA GLY C 299 15.48 3.28 42.23
C GLY C 299 15.59 2.88 40.77
N ALA C 300 16.73 2.39 40.33
CA ALA C 300 16.94 2.04 38.93
C ALA C 300 16.59 0.57 38.69
N PHE C 301 15.82 0.32 37.64
CA PHE C 301 15.47 -1.04 37.28
C PHE C 301 16.55 -1.62 36.37
N SER C 302 16.27 -2.78 35.77
CA SER C 302 17.29 -3.65 35.19
C SER C 302 16.89 -4.11 33.80
N ALA C 303 16.58 -3.17 32.90
CA ALA C 303 16.13 -3.49 31.56
C ALA C 303 17.24 -4.16 30.75
N ASN C 304 17.16 -5.50 30.65
CA ASN C 304 18.10 -6.36 29.94
C ASN C 304 19.53 -6.17 30.43
N GLY C 305 19.70 -6.22 31.75
CA GLY C 305 21.01 -6.17 32.34
C GLY C 305 21.67 -4.80 32.42
N VAL C 306 21.05 -3.77 31.85
CA VAL C 306 21.56 -2.41 31.91
C VAL C 306 20.68 -1.62 32.87
N TYR C 307 21.30 -0.93 33.82
CA TYR C 307 20.58 -0.24 34.87
C TYR C 307 20.19 1.16 34.42
N THR C 308 18.88 1.44 34.37
CA THR C 308 18.36 2.72 33.93
C THR C 308 17.41 3.30 34.99
N LEU C 309 17.37 4.63 35.07
CA LEU C 309 16.70 5.36 36.14
C LEU C 309 15.75 6.38 35.53
N MET C 310 14.51 6.46 36.05
CA MET C 310 13.45 7.24 35.39
C MET C 310 13.42 8.72 35.79
N ARG C 311 13.03 9.02 37.03
CA ARG C 311 12.99 10.38 37.59
C ARG C 311 12.22 11.41 36.77
N GLN C 312 10.88 11.38 36.83
CA GLN C 312 10.05 12.48 36.30
C GLN C 312 10.51 13.83 36.84
N LEU C 313 10.70 14.79 35.94
CA LEU C 313 11.32 16.07 36.29
C LEU C 313 10.33 17.00 36.97
N ALA C 314 10.74 18.27 37.10
CA ALA C 314 9.99 19.29 37.82
C ALA C 314 8.86 19.84 36.97
N GLN C 315 8.06 20.71 37.59
CA GLN C 315 6.83 21.23 36.99
C GLN C 315 6.84 22.74 37.06
N THR C 316 6.61 23.38 35.93
CA THR C 316 6.61 24.83 35.83
C THR C 316 5.28 25.37 35.31
N SER C 317 4.78 24.79 34.23
CA SER C 317 3.46 25.13 33.74
C SER C 317 2.44 24.17 34.36
N LEU C 318 1.24 24.14 33.79
CA LEU C 318 0.14 23.39 34.37
C LEU C 318 -0.12 22.07 33.67
N TYR C 319 0.40 21.87 32.46
CA TYR C 319 0.13 20.69 31.63
C TYR C 319 1.40 20.21 30.93
N VAL C 320 2.50 20.06 31.65
CA VAL C 320 3.79 20.10 30.95
C VAL C 320 4.75 18.97 31.34
N ASP C 321 4.23 17.79 31.71
CA ASP C 321 4.91 16.71 32.44
C ASP C 321 6.40 16.40 32.25
N ASN C 322 6.92 16.41 31.01
CA ASN C 322 8.34 16.38 30.58
C ASN C 322 9.32 15.44 31.31
N PHE C 323 9.16 14.14 31.11
CA PHE C 323 9.98 13.10 31.73
C PHE C 323 11.41 13.08 31.19
N VAL C 324 12.22 12.16 31.74
CA VAL C 324 13.60 11.92 31.32
C VAL C 324 13.90 10.45 31.60
N VAL C 325 15.01 9.93 31.05
CA VAL C 325 15.48 8.56 31.32
C VAL C 325 16.97 8.56 31.02
N GLY C 326 17.72 7.66 31.66
CA GLY C 326 19.16 7.62 31.42
C GLY C 326 19.83 6.40 32.02
N CYS C 327 21.08 6.18 31.60
CA CYS C 327 21.89 5.04 32.04
C CYS C 327 23.33 5.50 32.24
N ILE C 328 24.24 4.53 32.40
CA ILE C 328 25.62 4.79 32.80
C ILE C 328 26.55 3.64 32.38
N PRO C 329 27.18 3.72 31.21
CA PRO C 329 27.93 2.55 30.69
C PRO C 329 29.44 2.59 30.93
N GLN C 330 30.10 1.43 30.76
CA GLN C 330 31.55 1.30 30.61
C GLN C 330 31.88 -0.10 30.10
N LEU C 331 32.90 -0.21 29.24
CA LEU C 331 33.29 -1.45 28.58
C LEU C 331 34.75 -1.79 28.90
N GLN C 332 35.02 -3.06 29.23
CA GLN C 332 36.32 -3.53 29.67
C GLN C 332 36.87 -4.56 28.71
N LEU C 333 38.17 -4.49 28.41
CA LEU C 333 38.84 -5.40 27.47
C LEU C 333 40.17 -5.86 28.04
N THR C 334 40.13 -6.59 29.15
CA THR C 334 41.29 -7.28 29.70
C THR C 334 41.98 -8.17 28.66
N THR C 335 43.27 -8.44 28.91
CA THR C 335 44.10 -9.42 28.19
C THR C 335 44.12 -9.16 26.68
N ARG C 336 44.77 -8.09 26.29
CA ARG C 336 44.99 -7.82 24.87
C ARG C 336 46.03 -8.81 24.34
N LYS C 337 45.58 -10.04 24.12
CA LYS C 337 46.26 -11.16 23.49
C LYS C 337 45.40 -11.82 22.43
N ASN C 338 44.11 -11.94 22.68
CA ASN C 338 43.22 -12.78 21.90
C ASN C 338 42.55 -12.01 20.78
N VAL C 339 42.98 -10.79 20.54
CA VAL C 339 42.24 -9.85 19.72
C VAL C 339 42.93 -9.71 18.36
N GLY C 340 42.15 -9.81 17.30
CA GLY C 340 42.68 -9.64 15.96
C GLY C 340 41.75 -8.86 15.05
N VAL C 341 42.30 -7.98 14.23
CA VAL C 341 41.53 -7.16 13.31
C VAL C 341 42.16 -7.24 11.91
N ILE C 342 41.32 -7.18 10.89
CA ILE C 342 41.72 -7.24 9.48
C ILE C 342 41.21 -5.98 8.79
N LYS C 343 41.52 -4.83 9.40
CA LYS C 343 41.06 -3.50 9.02
C LYS C 343 41.21 -3.21 7.52
N ASN C 344 40.31 -2.36 7.02
CA ASN C 344 40.30 -1.80 5.65
C ASN C 344 40.14 -2.86 4.56
N ILE C 345 39.03 -3.55 4.60
CA ILE C 345 38.62 -4.44 3.52
C ILE C 345 37.87 -3.60 2.48
N LYS C 346 37.92 -4.06 1.21
CA LYS C 346 37.40 -3.31 0.05
C LYS C 346 35.93 -2.92 0.19
N VAL C 347 35.11 -3.82 0.76
CA VAL C 347 33.70 -3.63 1.13
C VAL C 347 32.85 -3.04 -0.01
N ALA D 2 34.02 20.78 49.13
CA ALA D 2 34.59 20.06 50.26
C ALA D 2 33.77 18.82 50.56
N LYS D 3 33.77 17.86 49.63
CA LYS D 3 33.13 16.57 49.86
C LYS D 3 33.83 15.86 51.01
N LEU D 4 33.02 15.27 51.89
CA LEU D 4 33.52 14.84 53.19
C LEU D 4 34.32 13.55 53.12
N ASN D 5 34.40 12.89 51.97
CA ASN D 5 35.26 11.71 51.89
C ASN D 5 35.99 11.58 50.56
N LEU D 6 36.26 12.69 49.86
CA LEU D 6 37.01 12.56 48.62
C LEU D 6 38.48 12.27 48.87
N ALA D 7 38.98 12.61 50.06
CA ALA D 7 40.38 12.40 50.40
C ALA D 7 40.60 11.14 51.23
N VAL D 8 39.53 10.45 51.63
CA VAL D 8 39.65 9.25 52.46
C VAL D 8 39.13 8.10 51.60
N LEU D 9 39.27 8.22 50.29
CA LEU D 9 38.92 7.13 49.39
C LEU D 9 40.09 6.17 49.26
N ASN D 10 39.85 4.91 49.58
CA ASN D 10 40.85 3.87 49.39
C ASN D 10 40.64 3.18 48.06
N ASN D 11 41.74 2.85 47.40
CA ASN D 11 41.72 2.19 46.10
C ASN D 11 42.19 0.75 46.24
N VAL D 12 41.34 -0.19 45.85
CA VAL D 12 41.63 -1.61 45.93
C VAL D 12 41.54 -2.20 44.53
N PHE D 13 42.43 -3.13 44.24
CA PHE D 13 42.48 -3.76 42.93
C PHE D 13 41.59 -5.00 42.91
N SER D 14 40.97 -5.23 41.75
CA SER D 14 40.19 -6.45 41.59
C SER D 14 41.12 -7.63 41.33
N GLU D 15 40.73 -8.79 41.86
CA GLU D 15 41.56 -9.98 41.77
C GLU D 15 41.52 -10.53 40.35
N LEU D 16 42.39 -10.03 39.47
CA LEU D 16 42.21 -10.32 38.06
C LEU D 16 43.49 -10.65 37.30
N LEU D 17 44.68 -10.57 37.93
CA LEU D 17 46.02 -10.54 37.33
C LEU D 17 46.23 -11.49 36.16
N THR D 18 46.66 -10.93 35.03
CA THR D 18 46.78 -11.62 33.76
C THR D 18 48.24 -11.73 33.36
N GLN D 19 48.63 -12.88 32.83
CA GLN D 19 50.00 -13.08 32.37
C GLN D 19 50.10 -12.75 30.89
N GLU D 20 51.04 -11.87 30.55
CA GLU D 20 51.14 -11.29 29.22
C GLU D 20 52.49 -11.60 28.57
N ILE D 21 52.99 -12.83 28.76
CA ILE D 21 54.32 -13.18 28.30
C ILE D 21 54.24 -14.58 27.66
N ASN D 22 55.20 -14.87 26.79
CA ASN D 22 55.27 -16.14 26.07
C ASN D 22 56.32 -17.06 26.66
N ARG D 23 56.38 -17.12 27.99
CA ARG D 23 57.36 -17.94 28.68
C ARG D 23 56.99 -19.41 28.55
N SER D 24 57.44 -20.06 27.48
CA SER D 24 57.10 -21.45 27.20
C SER D 24 58.18 -22.08 26.36
N ALA D 25 58.56 -23.30 26.73
CA ALA D 25 59.57 -24.07 26.03
C ALA D 25 58.92 -25.25 25.33
N THR D 26 59.20 -25.42 24.04
CA THR D 26 58.63 -26.50 23.26
C THR D 26 59.64 -27.39 22.58
N PHE D 27 60.82 -26.88 22.24
CA PHE D 27 61.85 -27.76 21.71
C PHE D 27 62.58 -28.49 22.82
N LEU D 28 62.66 -27.90 24.00
CA LEU D 28 63.25 -28.61 25.15
C LEU D 28 62.33 -29.72 25.63
N GLY D 29 61.03 -29.59 25.40
CA GLY D 29 60.07 -30.54 25.91
C GLY D 29 59.93 -31.83 25.14
N LEU D 30 60.84 -32.15 24.21
CA LEU D 30 60.76 -33.44 23.54
C LEU D 30 62.11 -34.08 23.27
N LEU D 31 63.20 -33.55 23.82
CA LEU D 31 64.53 -33.99 23.42
C LEU D 31 65.02 -35.25 24.13
N SER D 32 64.20 -35.90 24.97
CA SER D 32 64.57 -37.11 25.73
C SER D 32 65.80 -36.84 26.62
N LYS D 33 65.56 -36.04 27.65
CA LYS D 33 66.60 -35.58 28.56
C LYS D 33 67.29 -36.73 29.29
N TYR D 34 68.60 -36.60 29.49
CA TYR D 34 69.43 -37.58 30.16
C TYR D 34 70.29 -36.92 31.23
N PRO D 35 70.74 -37.68 32.23
CA PRO D 35 71.77 -37.15 33.14
C PRO D 35 73.18 -37.46 32.68
N GLU D 36 74.10 -36.58 33.04
CA GLU D 36 75.49 -36.69 32.59
C GLU D 36 76.42 -36.44 33.77
N ARG D 37 76.89 -37.51 34.39
CA ARG D 37 77.78 -37.42 35.53
C ARG D 37 79.24 -37.59 35.08
N LYS D 38 79.65 -36.74 34.16
CA LYS D 38 80.99 -36.80 33.59
C LYS D 38 81.44 -35.38 33.28
N SER D 39 82.47 -35.26 32.44
CA SER D 39 83.03 -33.96 32.09
C SER D 39 82.87 -33.60 30.62
N ASN D 40 82.86 -34.59 29.73
CA ASN D 40 82.62 -34.35 28.31
C ASN D 40 82.19 -35.65 27.63
N ILE D 41 81.23 -35.54 26.73
CA ILE D 41 80.67 -36.69 26.06
C ILE D 41 81.54 -37.05 24.87
N GLN D 42 81.99 -38.29 24.81
CA GLN D 42 82.90 -38.75 23.76
C GLN D 42 82.29 -39.91 23.00
N TRP D 43 82.30 -39.82 21.68
CA TRP D 43 81.84 -40.91 20.84
C TRP D 43 82.72 -40.97 19.60
N GLY D 44 82.55 -42.03 18.81
CA GLY D 44 83.43 -42.30 17.69
C GLY D 44 82.69 -42.21 16.37
N VAL D 45 83.22 -41.41 15.46
CA VAL D 45 82.63 -41.18 14.15
C VAL D 45 83.45 -41.95 13.13
N GLY D 46 82.80 -42.86 12.41
CA GLY D 46 83.51 -43.73 11.49
C GLY D 46 83.47 -43.25 10.06
N MET D 47 84.57 -42.67 9.58
CA MET D 47 84.67 -42.25 8.20
C MET D 47 85.11 -43.43 7.34
N GLY D 48 85.36 -43.16 6.06
CA GLY D 48 85.82 -44.17 5.14
C GLY D 48 87.32 -44.14 4.96
N GLY D 49 87.77 -44.70 3.84
CA GLY D 49 89.20 -44.66 3.54
C GLY D 49 89.73 -45.88 2.83
N THR D 50 89.03 -47.02 2.90
CA THR D 50 89.49 -48.19 2.19
C THR D 50 89.18 -48.07 0.70
N THR D 51 90.06 -48.64 -0.12
CA THR D 51 89.91 -48.58 -1.57
C THR D 51 89.82 -49.99 -2.12
N ALA D 52 89.30 -50.09 -3.33
CA ALA D 52 89.17 -51.37 -4.03
C ALA D 52 89.42 -51.11 -5.51
N THR D 53 90.68 -51.27 -5.92
CA THR D 53 91.09 -50.97 -7.28
C THR D 53 91.14 -52.26 -8.11
N GLY D 54 91.08 -52.08 -9.43
CA GLY D 54 91.06 -53.20 -10.35
C GLY D 54 92.41 -53.35 -11.04
N VAL D 55 92.94 -54.56 -10.98
CA VAL D 55 94.23 -54.89 -11.58
C VAL D 55 94.05 -56.11 -12.48
N ALA D 56 95.14 -56.50 -13.14
CA ALA D 56 95.14 -57.73 -13.90
C ALA D 56 95.31 -58.91 -12.97
N ILE D 57 95.17 -60.12 -13.53
CA ILE D 57 95.38 -61.33 -12.73
C ILE D 57 96.86 -61.47 -12.36
N THR D 58 97.75 -61.22 -13.32
CA THR D 58 99.18 -61.33 -13.10
C THR D 58 99.78 -60.05 -12.50
N GLY D 59 98.94 -59.08 -12.13
CA GLY D 59 99.43 -57.89 -11.45
C GLY D 59 99.82 -58.18 -10.01
N SER D 60 100.53 -57.24 -9.40
CA SER D 60 101.16 -57.54 -8.12
C SER D 60 100.19 -57.43 -6.95
N ALA D 61 99.79 -56.20 -6.59
CA ALA D 61 98.98 -55.91 -5.41
C ALA D 61 98.60 -54.43 -5.37
N PRO D 62 97.50 -54.08 -4.71
CA PRO D 62 97.24 -52.67 -4.41
C PRO D 62 97.96 -52.19 -3.16
N ALA D 63 97.68 -50.96 -2.74
CA ALA D 63 98.29 -50.36 -1.56
C ALA D 63 97.54 -50.80 -0.30
N ALA D 64 97.78 -50.11 0.82
CA ALA D 64 97.35 -50.60 2.13
C ALA D 64 95.84 -50.54 2.30
N SER D 65 95.27 -49.32 2.31
CA SER D 65 93.83 -49.05 2.26
C SER D 65 93.07 -49.67 3.45
N MET D 66 93.27 -49.08 4.61
CA MET D 66 92.49 -49.40 5.80
C MET D 66 91.64 -48.19 6.18
N ASP D 67 90.44 -48.44 6.72
CA ASP D 67 89.54 -47.36 7.10
C ASP D 67 89.98 -46.67 8.39
N ALA D 68 89.23 -45.64 8.77
CA ALA D 68 89.56 -44.84 9.93
C ALA D 68 88.29 -44.42 10.64
N THR D 69 88.36 -44.35 11.97
CA THR D 69 87.31 -43.76 12.78
C THR D 69 87.90 -42.59 13.56
N LEU D 70 87.12 -41.54 13.73
CA LEU D 70 87.61 -40.32 14.31
C LEU D 70 86.98 -40.05 15.66
N PRO D 71 87.69 -39.37 16.56
CA PRO D 71 87.08 -39.03 17.85
C PRO D 71 86.22 -37.79 17.74
N ALA D 72 85.11 -37.79 18.48
CA ALA D 72 84.22 -36.65 18.55
C ALA D 72 83.91 -36.37 20.02
N GLN D 73 83.82 -35.09 20.37
CA GLN D 73 83.71 -34.74 21.78
C GLN D 73 83.05 -33.38 21.96
N LEU D 74 82.22 -33.27 23.01
CA LEU D 74 81.52 -32.06 23.38
C LEU D 74 81.70 -31.82 24.87
N PRO D 75 82.15 -30.63 25.29
CA PRO D 75 82.45 -30.42 26.70
C PRO D 75 81.21 -30.12 27.51
N ILE D 76 81.15 -30.71 28.71
CA ILE D 76 80.22 -30.22 29.71
C ILE D 76 80.99 -30.00 31.02
N SER D 77 81.67 -28.87 31.08
CA SER D 77 82.30 -28.40 32.31
C SER D 77 82.29 -26.89 32.38
N ALA D 78 81.70 -26.22 31.40
CA ALA D 78 81.63 -24.77 31.27
C ALA D 78 80.50 -24.22 32.13
N ALA D 79 80.05 -23.02 31.76
CA ALA D 79 79.07 -22.22 32.50
C ALA D 79 77.78 -22.90 32.89
N SER D 80 77.09 -22.28 33.84
CA SER D 80 75.75 -22.63 34.28
C SER D 80 74.80 -21.52 33.86
N VAL D 81 73.53 -21.62 34.27
CA VAL D 81 72.50 -20.63 33.95
C VAL D 81 71.73 -20.33 35.23
N GLN D 82 71.85 -19.10 35.76
CA GLN D 82 71.43 -18.79 37.12
C GLN D 82 70.56 -17.53 37.18
N SER D 83 69.81 -17.35 38.28
CA SER D 83 68.72 -16.36 38.35
C SER D 83 68.85 -15.29 39.43
N THR D 84 68.95 -15.65 40.72
CA THR D 84 69.18 -14.73 41.88
C THR D 84 68.07 -13.67 42.05
N PHE D 85 66.93 -14.06 42.62
CA PHE D 85 65.85 -13.09 42.76
C PHE D 85 65.95 -12.20 44.02
N THR D 86 66.32 -12.73 45.18
CA THR D 86 66.84 -11.97 46.35
C THR D 86 65.84 -10.96 46.94
N LEU D 87 64.81 -11.47 47.60
CA LEU D 87 63.79 -10.66 48.29
C LEU D 87 64.12 -10.44 49.78
N ASN D 88 63.51 -9.39 50.36
CA ASN D 88 63.72 -8.98 51.75
C ASN D 88 62.79 -9.71 52.72
N LEU D 89 62.70 -9.21 53.96
CA LEU D 89 61.74 -9.67 54.96
C LEU D 89 60.66 -8.68 55.32
N LYS D 90 60.94 -7.38 55.30
CA LYS D 90 59.88 -6.42 55.55
C LYS D 90 58.96 -6.28 54.34
N GLU D 91 59.52 -6.44 53.14
CA GLU D 91 58.74 -6.37 51.91
C GLU D 91 57.74 -7.51 51.83
N ILE D 92 58.14 -8.71 52.25
CA ILE D 92 57.26 -9.87 52.17
C ILE D 92 56.34 -9.99 53.36
N GLU D 93 56.39 -9.06 54.30
CA GLU D 93 55.50 -9.07 55.45
C GLU D 93 54.28 -8.19 55.24
N GLU D 94 54.47 -7.01 54.68
CA GLU D 94 53.33 -6.18 54.28
C GLU D 94 52.77 -6.58 52.94
N SER D 95 53.40 -7.49 52.22
CA SER D 95 52.81 -8.06 51.02
C SER D 95 51.69 -9.06 51.33
N LYS D 96 51.52 -9.44 52.59
CA LYS D 96 50.39 -10.27 52.99
C LYS D 96 49.12 -9.47 53.23
N GLU D 97 49.19 -8.15 53.24
CA GLU D 97 48.05 -7.36 53.66
C GLU D 97 47.76 -6.24 52.67
N GLN D 98 48.78 -5.79 51.94
CA GLN D 98 48.57 -4.72 50.97
C GLN D 98 48.01 -5.22 49.66
N VAL D 99 48.32 -6.46 49.27
CA VAL D 99 48.08 -6.95 47.91
C VAL D 99 46.83 -7.83 47.92
N THR D 100 46.02 -7.72 46.86
CA THR D 100 44.72 -8.37 46.79
C THR D 100 44.79 -9.80 46.26
N ASN D 101 45.50 -10.03 45.16
CA ASN D 101 45.48 -11.34 44.50
C ASN D 101 46.21 -12.38 45.34
N GLU D 102 45.62 -13.59 45.38
CA GLU D 102 46.13 -14.68 46.21
C GLU D 102 47.52 -15.13 45.79
N GLU D 103 47.87 -14.98 44.52
CA GLU D 103 49.17 -15.44 44.05
C GLU D 103 50.28 -14.48 44.42
N LEU D 104 49.98 -13.20 44.57
CA LEU D 104 51.00 -12.22 44.89
C LEU D 104 51.15 -11.95 46.39
N ARG D 105 50.38 -12.63 47.24
CA ARG D 105 50.69 -12.62 48.67
C ARG D 105 51.99 -13.36 48.93
N ASN D 106 52.04 -14.65 48.61
CA ASN D 106 53.22 -15.45 48.87
C ASN D 106 54.30 -15.06 47.87
N LEU D 107 55.10 -14.07 48.23
CA LEU D 107 56.03 -13.46 47.30
C LEU D 107 57.25 -14.34 47.04
N LEU D 108 57.50 -15.33 47.89
CA LEU D 108 58.59 -16.27 47.62
C LEU D 108 58.18 -17.33 46.62
N GLU D 109 57.03 -17.98 46.85
CA GLU D 109 56.59 -19.08 45.98
C GLU D 109 56.21 -18.59 44.59
N ALA D 110 55.67 -17.38 44.50
CA ALA D 110 55.34 -16.81 43.20
C ALA D 110 56.56 -16.39 42.39
N GLN D 111 57.72 -16.32 43.02
CA GLN D 111 58.95 -15.96 42.33
C GLN D 111 59.90 -17.14 42.16
N MET D 112 59.89 -18.10 43.09
CA MET D 112 60.68 -19.30 42.89
C MET D 112 60.13 -20.13 41.74
N ARG D 113 58.81 -20.18 41.59
CA ARG D 113 58.21 -20.82 40.42
C ARG D 113 58.48 -20.00 39.16
N ASN D 114 58.70 -18.71 39.32
CA ASN D 114 58.89 -17.82 38.18
C ASN D 114 60.35 -17.77 37.74
N ALA D 115 61.27 -18.15 38.61
CA ALA D 115 62.69 -18.16 38.28
C ALA D 115 63.17 -19.51 37.76
N VAL D 116 62.35 -20.54 37.85
CA VAL D 116 62.64 -21.82 37.21
C VAL D 116 62.11 -21.85 35.79
N GLU D 117 60.94 -21.26 35.57
CA GLU D 117 60.36 -21.22 34.23
C GLU D 117 61.12 -20.29 33.30
N GLU D 118 61.88 -19.34 33.84
CA GLU D 118 62.73 -18.52 32.99
C GLU D 118 64.01 -19.26 32.62
N ILE D 119 64.47 -20.17 33.47
CA ILE D 119 65.58 -21.06 33.12
C ILE D 119 65.22 -21.90 31.91
N ALA D 120 64.04 -22.53 31.93
CA ALA D 120 63.66 -23.44 30.86
C ALA D 120 63.35 -22.71 29.55
N THR D 121 62.95 -21.44 29.61
CA THR D 121 62.65 -20.71 28.39
C THR D 121 63.81 -19.89 27.86
N THR D 122 64.87 -19.69 28.65
CA THR D 122 66.11 -19.21 28.06
C THR D 122 67.02 -20.34 27.69
N LEU D 123 66.71 -21.56 28.12
CA LEU D 123 67.44 -22.73 27.67
C LEU D 123 66.93 -23.20 26.33
N ASN D 124 65.68 -22.88 26.01
CA ASN D 124 65.13 -23.22 24.70
C ASN D 124 65.76 -22.35 23.61
N LYS D 125 65.73 -21.04 23.80
CA LYS D 125 66.23 -20.15 22.75
C LYS D 125 67.75 -20.06 22.70
N LYS D 126 68.48 -20.74 23.57
CA LYS D 126 69.91 -20.94 23.36
C LYS D 126 70.23 -22.23 22.65
N LEU D 127 69.24 -23.10 22.42
CA LEU D 127 69.45 -24.26 21.57
C LEU D 127 69.44 -23.92 20.09
N TYR D 128 69.14 -22.67 19.75
CA TYR D 128 69.28 -22.16 18.39
C TYR D 128 70.37 -21.11 18.29
N ASP D 129 71.07 -20.83 19.39
CA ASP D 129 72.12 -19.82 19.40
C ASP D 129 73.09 -20.23 20.51
N GLY D 130 74.16 -20.92 20.15
CA GLY D 130 75.03 -21.49 21.15
C GLY D 130 76.50 -21.22 20.93
N SER D 131 76.84 -20.00 20.51
CA SER D 131 78.22 -19.67 20.17
C SER D 131 79.16 -19.74 21.37
N GLY D 132 78.99 -18.83 22.31
CA GLY D 132 79.94 -18.66 23.39
C GLY D 132 79.79 -19.69 24.48
N ALA D 133 80.55 -19.47 25.55
CA ALA D 133 80.42 -20.31 26.74
C ALA D 133 79.90 -19.52 27.94
N ILE D 134 80.62 -18.51 28.41
CA ILE D 134 80.03 -17.69 29.46
C ILE D 134 79.39 -16.45 28.83
N ALA D 135 78.34 -16.68 28.05
CA ALA D 135 77.32 -15.67 27.76
C ALA D 135 76.02 -16.42 27.59
N ASP D 136 76.14 -17.73 27.39
CA ASP D 136 75.03 -18.58 26.97
C ASP D 136 74.83 -19.80 27.86
N GLY D 137 75.85 -20.25 28.57
CA GLY D 137 75.72 -21.39 29.44
C GLY D 137 76.43 -22.64 28.96
N GLY D 138 77.17 -22.55 27.87
CA GLY D 138 77.88 -23.70 27.37
C GLY D 138 77.11 -24.53 26.36
N LEU D 139 75.88 -24.17 26.04
CA LEU D 139 75.17 -24.82 24.95
C LEU D 139 75.83 -24.50 23.63
N ILE D 140 75.69 -25.44 22.69
CA ILE D 140 76.29 -25.31 21.38
C ILE D 140 75.24 -25.06 20.31
N GLY D 141 74.10 -25.71 20.39
CA GLY D 141 72.91 -25.29 19.68
C GLY D 141 72.90 -25.70 18.21
N LEU D 142 71.70 -25.68 17.64
CA LEU D 142 71.44 -26.14 16.27
C LEU D 142 71.92 -25.18 15.20
N SER D 143 72.41 -23.99 15.54
CA SER D 143 72.77 -23.05 14.48
C SER D 143 74.12 -23.37 13.88
N ILE D 144 74.99 -24.08 14.60
CA ILE D 144 76.23 -24.59 14.04
C ILE D 144 76.38 -26.09 14.25
N ALA D 145 75.33 -26.75 14.72
CA ALA D 145 75.23 -28.20 14.67
C ALA D 145 74.41 -28.68 13.49
N ALA D 146 74.06 -27.78 12.58
CA ALA D 146 73.32 -28.11 11.38
C ALA D 146 73.86 -27.34 10.18
N SER D 147 75.17 -27.10 10.15
CA SER D 147 75.80 -26.46 9.01
C SER D 147 77.17 -27.07 8.76
N GLY D 148 77.98 -26.41 7.94
CA GLY D 148 79.31 -26.91 7.63
C GLY D 148 80.39 -26.46 8.60
N GLN D 149 80.02 -26.28 9.86
CA GLN D 149 80.97 -25.90 10.89
C GLN D 149 81.63 -27.14 11.47
N ASP D 150 82.32 -26.98 12.60
CA ASP D 150 83.17 -28.05 13.10
C ASP D 150 82.46 -28.92 14.14
N TYR D 151 82.06 -28.31 15.25
CA TYR D 151 81.13 -28.79 16.25
C TYR D 151 81.57 -29.95 17.14
N ALA D 152 82.52 -30.79 16.73
CA ALA D 152 83.05 -31.68 17.76
C ALA D 152 84.56 -31.63 17.84
N GLY D 153 85.23 -32.15 16.82
CA GLY D 153 86.61 -31.85 16.56
C GLY D 153 86.86 -31.97 15.08
N ILE D 154 85.81 -32.35 14.35
CA ILE D 154 85.93 -32.75 12.95
C ILE D 154 85.54 -31.55 12.09
N SER D 155 86.48 -31.06 11.31
CA SER D 155 86.17 -29.99 10.37
C SER D 155 85.40 -30.54 9.18
N SER D 156 84.73 -29.66 8.47
CA SER D 156 84.01 -30.04 7.26
C SER D 156 84.82 -29.81 6.00
N ALA D 157 86.06 -29.34 6.13
CA ALA D 157 86.94 -29.15 4.99
C ALA D 157 87.90 -30.32 4.79
N THR D 158 88.42 -30.89 5.87
CA THR D 158 89.26 -32.06 5.75
C THR D 158 88.44 -33.35 5.63
N TYR D 159 87.16 -33.30 5.96
CA TYR D 159 86.27 -34.45 5.87
C TYR D 159 84.92 -33.97 5.37
N PRO D 160 84.66 -34.05 4.07
CA PRO D 160 83.42 -33.50 3.51
C PRO D 160 82.18 -34.36 3.72
N LEU D 161 82.23 -35.39 4.57
CA LEU D 161 81.06 -36.14 4.97
C LEU D 161 80.43 -35.57 6.22
N TRP D 162 80.55 -34.27 6.44
CA TRP D 162 80.15 -33.65 7.67
C TRP D 162 79.38 -32.35 7.41
N ASN D 163 79.05 -32.05 6.16
CA ASN D 163 78.07 -31.04 5.81
C ASN D 163 76.67 -31.62 5.97
N VAL D 164 75.63 -30.86 5.62
CA VAL D 164 74.31 -31.39 5.92
C VAL D 164 73.47 -31.66 4.68
N SER D 165 72.77 -30.63 4.16
CA SER D 165 71.88 -30.84 3.02
C SER D 165 71.43 -29.57 2.29
N GLU D 166 72.24 -28.52 2.23
CA GLU D 166 71.76 -27.13 2.09
C GLU D 166 70.90 -26.87 0.85
N VAL D 167 69.70 -26.31 1.07
CA VAL D 167 68.72 -25.96 0.03
C VAL D 167 68.46 -24.46 0.15
N ASP D 168 69.54 -23.69 0.27
CA ASP D 168 69.47 -22.24 0.29
C ASP D 168 68.65 -21.69 -0.88
N ALA D 169 67.61 -20.94 -0.55
CA ALA D 169 66.72 -20.35 -1.56
C ALA D 169 66.92 -18.84 -1.60
N TRP D 170 67.95 -18.42 -2.33
CA TRP D 170 68.29 -17.01 -2.49
C TRP D 170 68.54 -16.66 -3.96
N ASP D 171 68.95 -17.63 -4.77
CA ASP D 171 68.85 -17.66 -6.23
C ASP D 171 69.76 -16.68 -6.98
N ALA D 172 70.30 -15.67 -6.30
CA ALA D 172 71.24 -14.67 -6.81
C ALA D 172 70.83 -13.96 -8.11
N ASN D 173 69.56 -14.05 -8.51
CA ASN D 173 69.15 -13.65 -9.85
C ASN D 173 67.80 -12.94 -9.89
N ALA D 174 67.29 -12.48 -8.76
CA ALA D 174 65.99 -11.82 -8.73
C ALA D 174 66.14 -10.36 -9.17
N THR D 175 65.10 -9.56 -8.94
CA THR D 175 65.10 -8.18 -9.43
C THR D 175 66.04 -7.30 -8.61
N GLY D 176 65.79 -7.17 -7.32
CA GLY D 176 66.66 -6.33 -6.53
C GLY D 176 66.41 -6.28 -5.03
N THR D 177 67.50 -6.40 -4.26
CA THR D 177 67.65 -6.12 -2.84
C THR D 177 66.89 -7.07 -1.91
N ASP D 178 66.05 -7.95 -2.44
CA ASP D 178 65.46 -9.02 -1.64
C ASP D 178 65.27 -10.19 -2.59
N LYS D 179 66.27 -11.05 -2.66
CA LYS D 179 66.32 -12.11 -3.64
C LYS D 179 65.69 -13.40 -3.15
N ARG D 180 64.93 -13.36 -2.07
CA ARG D 180 64.34 -14.56 -1.49
C ARG D 180 63.29 -15.17 -2.43
N GLN D 181 62.92 -16.41 -2.11
CA GLN D 181 62.01 -17.15 -2.95
C GLN D 181 60.95 -17.77 -2.05
N ALA D 182 59.70 -17.78 -2.53
CA ALA D 182 58.61 -18.29 -1.72
C ALA D 182 58.68 -19.80 -1.60
N LEU D 183 58.21 -20.31 -0.46
CA LEU D 183 58.23 -21.74 -0.18
C LEU D 183 57.24 -22.43 -1.10
N LYS D 184 57.75 -23.07 -2.13
CA LYS D 184 56.95 -23.92 -3.01
C LYS D 184 57.37 -25.36 -2.81
N THR D 185 56.55 -26.26 -3.34
CA THR D 185 56.80 -27.69 -3.17
C THR D 185 57.92 -28.20 -4.07
N ASP D 186 58.51 -27.36 -4.91
CA ASP D 186 59.67 -27.73 -5.72
C ASP D 186 60.85 -28.09 -4.83
N PHE D 187 61.35 -27.13 -4.05
CA PHE D 187 62.47 -27.42 -3.15
C PHE D 187 62.02 -27.89 -1.78
N MET D 188 60.85 -28.50 -1.71
CA MET D 188 60.40 -29.26 -0.56
C MET D 188 60.72 -30.74 -0.69
N LEU D 189 60.64 -31.29 -1.92
CA LEU D 189 61.07 -32.65 -2.18
C LEU D 189 62.41 -32.71 -2.89
N GLU D 190 62.93 -31.58 -3.34
CA GLU D 190 64.29 -31.53 -3.84
C GLU D 190 65.29 -31.74 -2.72
N LEU D 191 64.91 -31.37 -1.49
CA LEU D 191 65.68 -31.75 -0.31
C LEU D 191 65.69 -33.26 -0.12
N ASP D 192 64.59 -33.93 -0.45
CA ASP D 192 64.43 -35.34 -0.13
C ASP D 192 65.34 -36.24 -0.96
N ARG D 193 65.77 -35.79 -2.13
CA ARG D 193 66.75 -36.55 -2.89
C ARG D 193 68.17 -36.24 -2.49
N LYS D 194 68.39 -35.25 -1.62
CA LYS D 194 69.70 -35.07 -1.05
C LYS D 194 69.92 -35.93 0.18
N ILE D 195 68.84 -36.41 0.80
CA ILE D 195 68.97 -37.34 1.91
C ILE D 195 69.00 -38.79 1.41
N ARG D 196 68.60 -39.03 0.16
CA ARG D 196 68.69 -40.41 -0.34
C ARG D 196 70.09 -40.76 -0.80
N TYR D 197 70.87 -39.78 -1.24
CA TYR D 197 72.28 -40.03 -1.55
C TYR D 197 73.10 -40.33 -0.31
N ARG D 198 72.73 -39.77 0.82
CA ARG D 198 73.43 -39.93 2.08
C ARG D 198 72.39 -40.51 3.03
N PRO D 199 72.28 -41.85 3.09
CA PRO D 199 70.99 -42.49 3.40
C PRO D 199 70.45 -42.26 4.80
N GLY D 200 69.92 -41.06 5.01
CA GLY D 200 69.35 -40.68 6.28
C GLY D 200 67.83 -40.76 6.27
N ALA D 201 67.24 -40.37 7.40
CA ALA D 201 65.80 -40.41 7.56
C ALA D 201 65.41 -39.42 8.65
N TYR D 202 64.39 -38.62 8.39
CA TYR D 202 63.87 -37.68 9.37
C TYR D 202 62.48 -38.08 9.83
N ASP D 203 62.10 -37.61 11.02
CA ASP D 203 60.75 -37.81 11.52
C ASP D 203 60.24 -36.61 12.32
N LEU D 204 60.77 -35.43 12.04
CA LEU D 204 60.56 -34.26 12.89
C LEU D 204 60.97 -33.00 12.15
N ILE D 205 60.09 -31.99 12.09
CA ILE D 205 60.34 -30.77 11.33
C ILE D 205 60.08 -29.58 12.26
N LEU D 206 60.98 -28.59 12.25
CA LEU D 206 60.87 -27.51 13.24
C LEU D 206 59.92 -26.37 12.84
N THR D 207 60.24 -25.62 11.77
CA THR D 207 59.33 -24.63 11.16
C THR D 207 58.81 -23.53 12.06
N THR D 208 59.56 -22.44 12.29
CA THR D 208 59.01 -21.19 12.83
C THR D 208 57.65 -20.87 12.21
N PRO D 209 56.65 -20.44 13.00
CA PRO D 209 55.26 -20.41 12.51
C PRO D 209 54.99 -19.43 11.38
N LYS D 210 55.95 -18.55 11.05
CA LYS D 210 55.86 -17.81 9.81
C LYS D 210 55.95 -18.73 8.59
N VAL D 211 56.68 -19.84 8.71
CA VAL D 211 56.84 -20.75 7.57
C VAL D 211 55.57 -21.59 7.37
N VAL D 212 54.88 -21.93 8.46
CA VAL D 212 53.66 -22.73 8.38
C VAL D 212 52.56 -21.97 7.63
N GLU D 213 52.54 -20.65 7.75
CA GLU D 213 51.69 -19.84 6.89
C GLU D 213 52.08 -19.98 5.42
N GLN D 214 53.38 -19.91 5.13
CA GLN D 214 53.85 -20.10 3.76
C GLN D 214 53.60 -21.52 3.28
N TYR D 215 53.62 -22.49 4.19
CA TYR D 215 53.28 -23.85 3.86
C TYR D 215 51.79 -24.00 3.56
N LYS D 216 50.94 -23.23 4.25
CA LYS D 216 49.50 -23.32 4.03
C LYS D 216 49.03 -22.54 2.82
N LYS D 217 49.80 -21.57 2.36
CA LYS D 217 49.47 -20.90 1.10
C LYS D 217 49.85 -21.73 -0.12
N VAL D 218 50.49 -22.88 0.07
CA VAL D 218 50.68 -23.82 -1.02
C VAL D 218 49.43 -24.65 -1.23
N PHE D 219 48.82 -25.13 -0.14
CA PHE D 219 47.58 -25.88 -0.23
C PHE D 219 46.42 -25.01 -0.68
N GLU D 220 46.43 -23.74 -0.29
CA GLU D 220 45.40 -22.79 -0.75
C GLU D 220 45.42 -22.64 -2.26
N ALA D 221 46.60 -22.61 -2.86
CA ALA D 221 46.72 -22.44 -4.30
C ALA D 221 46.50 -23.73 -5.08
N ASN D 222 46.17 -24.84 -4.42
CA ASN D 222 45.95 -26.10 -5.12
C ASN D 222 44.73 -26.82 -4.57
N ARG D 223 43.67 -26.09 -4.25
CA ARG D 223 42.45 -26.70 -3.75
C ARG D 223 41.25 -26.07 -4.42
N SER D 224 40.10 -26.71 -4.23
CA SER D 224 38.82 -26.18 -4.65
C SER D 224 37.75 -26.84 -3.80
N TYR D 225 36.52 -26.37 -3.96
CA TYR D 225 35.41 -26.80 -3.12
C TYR D 225 34.30 -27.30 -4.05
N GLN D 226 34.31 -28.61 -4.30
CA GLN D 226 33.34 -29.22 -5.25
C GLN D 226 32.14 -29.80 -4.49
N ILE D 227 30.97 -29.79 -5.13
CA ILE D 227 29.75 -30.31 -4.54
C ILE D 227 29.26 -31.47 -5.39
N MET D 228 28.91 -32.60 -4.75
CA MET D 228 28.47 -33.77 -5.50
C MET D 228 27.10 -34.31 -5.11
N THR D 229 26.39 -33.67 -4.19
CA THR D 229 25.25 -34.36 -3.55
C THR D 229 24.00 -34.35 -4.42
N PHE D 230 23.46 -33.16 -4.70
CA PHE D 230 22.36 -32.92 -5.64
C PHE D 230 21.09 -33.70 -5.27
N ASP D 231 20.52 -33.32 -4.14
CA ASP D 231 19.27 -33.89 -3.68
C ASP D 231 18.21 -32.85 -3.36
N GLY D 232 18.60 -31.59 -3.17
CA GLY D 232 17.65 -30.55 -2.85
C GLY D 232 17.15 -30.56 -1.43
N GLN D 233 17.78 -31.33 -0.55
CA GLN D 233 17.35 -31.43 0.85
C GLN D 233 18.08 -30.42 1.73
N ARG D 234 19.41 -30.42 1.67
CA ARG D 234 20.21 -29.61 2.56
C ARG D 234 20.88 -28.48 1.80
N VAL D 235 21.71 -27.74 2.53
CA VAL D 235 22.41 -26.55 2.07
C VAL D 235 23.89 -26.80 2.39
N PRO D 236 24.83 -26.38 1.53
CA PRO D 236 26.25 -26.73 1.76
C PRO D 236 26.88 -26.25 3.06
N LEU D 237 26.65 -25.00 3.50
CA LEU D 237 27.03 -24.52 4.84
C LEU D 237 28.56 -24.57 5.06
N ILE D 238 29.25 -23.67 4.34
CA ILE D 238 30.69 -23.75 4.11
C ILE D 238 31.48 -23.24 5.31
N ASP D 239 32.68 -23.82 5.51
CA ASP D 239 33.48 -23.62 6.71
C ASP D 239 34.99 -23.58 6.40
N LEU D 240 35.43 -22.66 5.52
CA LEU D 240 36.66 -22.74 4.69
C LEU D 240 37.92 -23.33 5.34
N GLY D 241 38.51 -22.63 6.31
CA GLY D 241 39.05 -23.22 7.52
C GLY D 241 39.81 -24.53 7.56
N PHE D 242 41.05 -24.64 7.07
CA PHE D 242 41.78 -25.90 7.18
C PHE D 242 42.90 -25.83 8.22
N ASN D 243 43.45 -27.01 8.55
CA ASN D 243 44.59 -27.17 9.45
C ASN D 243 45.72 -27.98 8.83
N VAL D 244 46.73 -28.32 9.64
CA VAL D 244 47.95 -28.99 9.17
C VAL D 244 48.16 -30.27 9.97
N ALA D 245 48.33 -31.38 9.26
CA ALA D 245 48.73 -32.63 9.89
C ALA D 245 50.24 -32.84 9.88
N GLY D 246 50.90 -32.55 8.77
CA GLY D 246 52.34 -32.68 8.70
C GLY D 246 52.78 -32.68 7.24
N TYR D 247 54.00 -33.18 7.03
CA TYR D 247 54.55 -33.36 5.70
C TYR D 247 54.92 -34.83 5.54
N MET D 248 54.20 -35.52 4.65
CA MET D 248 54.46 -36.92 4.27
C MET D 248 54.33 -37.85 5.48
N GLY D 249 53.38 -37.54 6.35
CA GLY D 249 53.20 -38.28 7.58
C GLY D 249 54.11 -37.88 8.71
N ARG D 250 55.08 -37.01 8.48
CA ARG D 250 56.01 -36.58 9.50
C ARG D 250 55.49 -35.30 10.13
N PRO D 251 55.23 -35.25 11.44
CA PRO D 251 54.52 -34.11 12.02
C PRO D 251 55.36 -32.85 12.08
N ILE D 252 54.66 -31.71 12.06
CA ILE D 252 55.27 -30.39 12.05
C ILE D 252 55.04 -29.74 13.40
N ILE D 253 56.11 -29.46 14.14
CA ILE D 253 56.04 -29.00 15.52
C ILE D 253 56.67 -27.62 15.58
N ASP D 254 55.84 -26.58 15.45
CA ASP D 254 56.35 -25.22 15.32
C ASP D 254 56.85 -24.65 16.65
N ASP D 255 57.91 -23.85 16.58
CA ASP D 255 58.47 -23.16 17.74
C ASP D 255 58.50 -21.67 17.46
N VAL D 256 58.04 -20.89 18.44
CA VAL D 256 58.08 -19.44 18.33
C VAL D 256 59.53 -18.94 18.31
N PHE D 257 60.39 -19.58 19.10
CA PHE D 257 61.72 -19.08 19.37
C PHE D 257 62.77 -19.61 18.40
N CYS D 258 62.37 -20.36 17.37
CA CYS D 258 63.31 -20.94 16.44
C CYS D 258 63.86 -19.89 15.49
N SER D 259 65.16 -19.98 15.22
CA SER D 259 65.86 -19.03 14.36
C SER D 259 67.15 -19.69 13.89
N ARG D 260 68.00 -18.93 13.21
CA ARG D 260 69.25 -19.45 12.69
C ARG D 260 70.18 -18.29 12.43
N THR D 261 71.30 -18.22 13.12
CA THR D 261 72.26 -17.17 12.87
C THR D 261 73.01 -17.45 11.57
N ARG D 262 73.12 -16.42 10.73
CA ARG D 262 73.86 -16.56 9.47
C ARG D 262 75.35 -16.76 9.74
N THR D 263 76.03 -17.31 8.75
CA THR D 263 77.45 -17.61 8.87
C THR D 263 78.27 -16.45 8.33
N ALA D 264 79.58 -16.66 8.19
CA ALA D 264 80.43 -15.62 7.62
C ALA D 264 80.37 -15.60 6.10
N ALA D 265 80.07 -16.74 5.48
CA ALA D 265 79.97 -16.80 4.03
C ALA D 265 78.70 -16.15 3.50
N GLU D 266 77.66 -16.06 4.32
CA GLU D 266 76.43 -15.38 3.93
C GLU D 266 76.46 -13.93 4.40
N SER D 267 77.51 -13.21 3.98
CA SER D 267 77.60 -11.79 4.29
C SER D 267 76.82 -10.94 3.31
N ALA D 268 76.59 -11.43 2.09
CA ALA D 268 75.84 -10.67 1.12
C ALA D 268 74.34 -10.64 1.44
N ILE D 269 73.85 -11.70 2.09
CA ILE D 269 72.44 -11.75 2.43
C ILE D 269 72.14 -10.82 3.62
N THR D 270 72.91 -10.96 4.70
CA THR D 270 72.62 -10.23 5.93
C THR D 270 72.95 -8.76 5.86
N THR D 271 73.67 -8.31 4.83
CA THR D 271 73.86 -6.89 4.58
C THR D 271 72.92 -6.36 3.51
N ALA D 272 72.03 -7.20 2.99
CA ALA D 272 70.93 -6.76 2.14
C ALA D 272 69.59 -6.82 2.85
N LEU D 273 69.48 -7.61 3.92
CA LEU D 273 68.27 -7.67 4.72
C LEU D 273 68.40 -6.97 6.06
N GLY D 274 69.62 -6.71 6.51
CA GLY D 274 69.87 -6.01 7.75
C GLY D 274 70.06 -6.89 8.97
N THR D 275 69.23 -7.92 9.10
CA THR D 275 69.25 -8.80 10.25
C THR D 275 69.77 -10.17 9.87
N ALA D 276 70.29 -10.90 10.86
CA ALA D 276 70.69 -12.30 10.66
C ALA D 276 70.10 -13.15 11.76
N VAL D 277 68.81 -13.49 11.63
CA VAL D 277 68.22 -14.62 12.35
C VAL D 277 67.40 -15.46 11.35
N ASP D 278 66.93 -14.80 10.30
CA ASP D 278 66.25 -15.32 9.11
C ASP D 278 64.86 -15.91 9.34
N GLU D 279 64.58 -16.42 10.55
CA GLU D 279 63.27 -16.90 11.02
C GLU D 279 62.54 -17.84 10.05
N GLY D 280 63.23 -18.45 9.10
CA GLY D 280 62.61 -19.12 7.99
C GLY D 280 63.21 -20.48 7.69
N VAL D 281 63.53 -21.24 8.73
CA VAL D 281 64.21 -22.52 8.56
C VAL D 281 63.22 -23.65 8.78
N MET D 282 63.65 -24.87 8.46
CA MET D 282 62.80 -26.05 8.55
C MET D 282 63.31 -27.09 9.53
N TYR D 283 64.58 -27.49 9.43
CA TYR D 283 65.24 -28.45 10.32
C TYR D 283 64.52 -29.81 10.34
N PHE D 284 64.63 -30.52 9.22
CA PHE D 284 64.27 -31.93 9.21
C PHE D 284 65.23 -32.72 10.10
N LEU D 285 64.74 -33.30 11.20
CA LEU D 285 65.61 -33.92 12.19
C LEU D 285 65.21 -35.35 12.49
N LYS D 286 66.08 -36.02 13.23
CA LYS D 286 65.87 -37.37 13.74
C LYS D 286 65.76 -37.28 15.25
N LYS D 287 64.62 -37.72 15.81
CA LYS D 287 64.37 -37.50 17.22
C LYS D 287 65.23 -38.41 18.10
N ASP D 288 65.48 -39.64 17.65
CA ASP D 288 66.25 -40.60 18.42
C ASP D 288 67.76 -40.43 18.28
N ASP D 289 68.20 -39.26 17.84
CA ASP D 289 69.58 -39.03 17.49
C ASP D 289 70.01 -37.63 17.94
N LEU D 290 69.33 -37.11 18.96
CA LEU D 290 69.49 -35.72 19.37
C LEU D 290 69.04 -35.65 20.82
N ARG D 291 69.97 -35.69 21.76
CA ARG D 291 69.66 -35.88 23.16
C ARG D 291 70.23 -34.74 24.00
N PHE D 292 69.62 -34.54 25.17
CA PHE D 292 69.91 -33.38 26.01
C PHE D 292 70.44 -33.84 27.36
N TYR D 293 71.47 -33.16 27.85
CA TYR D 293 72.14 -33.57 29.07
C TYR D 293 72.10 -32.49 30.15
N SER D 294 72.34 -32.93 31.38
CA SER D 294 72.36 -32.10 32.57
C SER D 294 73.04 -32.90 33.68
N THR D 295 73.58 -32.19 34.68
CA THR D 295 74.28 -33.03 35.64
C THR D 295 73.42 -33.29 36.87
N PRO D 296 73.42 -34.51 37.39
CA PRO D 296 72.49 -34.89 38.47
C PRO D 296 72.92 -34.51 39.87
N VAL D 297 73.74 -33.46 40.06
CA VAL D 297 74.45 -33.08 41.29
C VAL D 297 73.60 -33.15 42.55
N VAL D 298 74.23 -33.48 43.68
CA VAL D 298 73.51 -33.96 44.86
C VAL D 298 72.73 -32.83 45.50
N GLY D 299 71.45 -33.08 45.76
CA GLY D 299 70.54 -32.08 46.26
C GLY D 299 69.70 -31.38 45.22
N ALA D 300 69.76 -31.81 43.97
CA ALA D 300 69.04 -31.15 42.89
C ALA D 300 67.74 -31.88 42.59
N PHE D 301 66.68 -31.11 42.38
CA PHE D 301 65.42 -31.68 41.96
C PHE D 301 65.33 -31.67 40.44
N SER D 302 64.26 -32.22 39.90
CA SER D 302 64.23 -32.63 38.50
C SER D 302 63.09 -31.99 37.73
N ALA D 303 62.99 -30.67 37.76
CA ALA D 303 61.91 -29.95 37.08
C ALA D 303 61.97 -30.11 35.56
N ASN D 304 61.06 -30.94 35.03
CA ASN D 304 60.93 -31.25 33.60
C ASN D 304 62.23 -31.80 33.01
N GLY D 305 62.76 -32.84 33.63
CA GLY D 305 63.95 -33.51 33.17
C GLY D 305 65.27 -32.83 33.50
N VAL D 306 65.25 -31.54 33.80
CA VAL D 306 66.47 -30.77 34.03
C VAL D 306 66.73 -30.73 35.53
N TYR D 307 68.00 -30.85 35.92
CA TYR D 307 68.37 -30.91 37.33
C TYR D 307 68.81 -29.52 37.80
N THR D 308 68.13 -28.99 38.82
CA THR D 308 68.30 -27.63 39.31
C THR D 308 68.45 -27.60 40.83
N LEU D 309 69.21 -26.62 41.33
CA LEU D 309 69.48 -26.45 42.76
C LEU D 309 68.80 -25.21 43.33
N MET D 310 68.55 -25.22 44.65
CA MET D 310 68.09 -24.03 45.35
C MET D 310 69.23 -23.25 46.00
N ARG D 311 69.81 -23.80 47.07
CA ARG D 311 70.92 -23.19 47.84
C ARG D 311 70.66 -21.72 48.19
N GLN D 312 69.76 -21.49 49.14
CA GLN D 312 69.68 -20.18 49.78
C GLN D 312 71.03 -19.79 50.35
N LEU D 313 71.52 -18.61 49.95
CA LEU D 313 72.91 -18.23 50.21
C LEU D 313 73.09 -17.76 51.66
N ALA D 314 74.24 -17.17 51.94
CA ALA D 314 74.58 -16.73 53.28
C ALA D 314 73.73 -15.53 53.68
N GLN D 315 73.39 -15.48 54.97
CA GLN D 315 72.57 -14.41 55.51
C GLN D 315 73.49 -13.49 56.30
N THR D 316 73.83 -12.34 55.69
CA THR D 316 74.78 -11.42 56.31
C THR D 316 74.12 -10.53 57.36
N SER D 317 73.15 -9.72 56.94
CA SER D 317 72.44 -8.82 57.85
C SER D 317 71.17 -9.50 58.36
N LEU D 318 70.28 -8.72 58.95
CA LEU D 318 69.00 -9.28 59.38
C LEU D 318 68.08 -9.58 58.20
N TYR D 319 67.89 -8.61 57.31
CA TYR D 319 66.84 -8.71 56.29
C TYR D 319 67.48 -8.66 54.91
N VAL D 320 67.97 -9.81 54.42
CA VAL D 320 68.49 -9.82 53.05
C VAL D 320 68.02 -11.00 52.19
N ASP D 321 68.30 -12.23 52.64
CA ASP D 321 67.79 -13.53 52.16
C ASP D 321 68.21 -14.01 50.77
N ASN D 322 68.74 -13.13 49.91
CA ASN D 322 69.69 -13.37 48.81
C ASN D 322 69.74 -14.73 48.10
N PHE D 323 68.65 -15.18 47.47
CA PHE D 323 68.54 -16.53 46.91
C PHE D 323 69.24 -16.68 45.56
N VAL D 324 69.22 -17.91 45.04
CA VAL D 324 69.80 -18.26 43.74
C VAL D 324 69.09 -19.53 43.28
N VAL D 325 69.19 -19.85 41.98
CA VAL D 325 68.76 -21.12 41.39
C VAL D 325 69.46 -21.30 40.04
N GLY D 326 69.99 -22.50 39.78
CA GLY D 326 70.72 -22.74 38.54
C GLY D 326 70.71 -24.17 38.04
N CYS D 327 71.10 -24.35 36.77
CA CYS D 327 71.30 -25.66 36.17
C CYS D 327 72.46 -25.60 35.18
N ILE D 328 72.74 -26.73 34.53
CA ILE D 328 73.94 -26.87 33.69
C ILE D 328 73.70 -27.78 32.48
N PRO D 329 73.55 -27.21 31.28
CA PRO D 329 73.08 -27.98 30.11
C PRO D 329 74.17 -28.45 29.16
N GLN D 330 73.79 -29.26 28.16
CA GLN D 330 74.56 -29.56 26.95
C GLN D 330 73.68 -30.32 25.97
N LEU D 331 73.87 -30.07 24.67
CA LEU D 331 73.10 -30.69 23.58
C LEU D 331 74.04 -31.44 22.64
N GLN D 332 73.61 -32.61 22.17
CA GLN D 332 74.46 -33.52 21.39
C GLN D 332 73.78 -33.90 20.08
N LEU D 333 74.55 -33.88 18.98
CA LEU D 333 74.04 -34.12 17.62
C LEU D 333 74.96 -35.08 16.86
N THR D 334 75.06 -36.31 17.35
CA THR D 334 75.70 -37.40 16.59
C THR D 334 75.10 -37.55 15.19
N THR D 335 75.92 -38.08 14.27
CA THR D 335 75.51 -38.50 12.92
C THR D 335 74.87 -37.40 12.11
N ARG D 336 75.65 -36.50 11.52
CA ARG D 336 75.06 -35.39 10.78
C ARG D 336 74.55 -35.81 9.39
N LYS D 337 74.29 -37.10 9.16
CA LYS D 337 73.57 -37.54 7.97
C LYS D 337 72.13 -37.06 8.00
N ASN D 338 71.43 -37.30 9.11
CA ASN D 338 69.98 -37.27 9.17
C ASN D 338 69.39 -35.87 9.08
N VAL D 339 70.18 -34.83 9.26
CA VAL D 339 69.67 -33.47 9.41
C VAL D 339 69.40 -32.87 8.03
N GLY D 340 68.46 -31.92 7.95
CA GLY D 340 68.17 -31.23 6.71
C GLY D 340 67.60 -29.83 6.85
N VAL D 341 68.10 -28.85 6.10
CA VAL D 341 67.66 -27.46 6.21
C VAL D 341 67.18 -26.93 4.86
N ILE D 342 66.24 -25.99 4.91
CA ILE D 342 65.70 -25.28 3.75
C ILE D 342 65.89 -23.77 3.98
N LYS D 343 67.14 -23.38 4.24
CA LYS D 343 67.59 -22.00 4.46
C LYS D 343 66.91 -20.97 3.57
N ASN D 344 66.64 -19.79 4.16
CA ASN D 344 66.25 -18.56 3.45
C ASN D 344 64.93 -18.70 2.70
N ILE D 345 63.87 -18.98 3.45
CA ILE D 345 62.52 -18.91 2.91
C ILE D 345 62.09 -17.45 2.90
N LYS D 346 61.21 -17.09 1.95
CA LYS D 346 60.73 -15.71 1.79
C LYS D 346 60.12 -15.15 3.08
N VAL D 347 59.40 -15.98 3.81
CA VAL D 347 58.98 -15.81 5.22
C VAL D 347 58.28 -14.49 5.51
N ALA E 2 98.05 -30.42 44.90
CA ALA E 2 97.05 -29.79 44.04
C ALA E 2 95.69 -30.44 44.21
N LYS E 3 95.25 -31.19 43.21
CA LYS E 3 93.99 -31.91 43.26
C LYS E 3 94.26 -33.41 43.18
N LEU E 4 93.40 -34.19 43.82
CA LEU E 4 93.55 -35.64 43.83
C LEU E 4 93.30 -36.23 42.44
N ASN E 5 92.09 -36.07 41.92
CA ASN E 5 91.67 -36.70 40.68
C ASN E 5 92.00 -35.89 39.45
N LEU E 6 93.00 -35.01 39.50
CA LEU E 6 93.27 -34.14 38.37
C LEU E 6 94.06 -34.87 37.30
N ALA E 7 94.91 -35.81 37.69
CA ALA E 7 95.82 -36.50 36.78
C ALA E 7 95.48 -37.96 36.57
N VAL E 8 94.78 -38.59 37.52
CA VAL E 8 94.41 -39.98 37.39
C VAL E 8 93.10 -40.13 36.62
N LEU E 9 92.43 -39.02 36.33
CA LEU E 9 91.14 -39.02 35.64
C LEU E 9 91.28 -39.52 34.21
N ASN E 10 90.54 -40.57 33.88
CA ASN E 10 90.66 -41.26 32.61
C ASN E 10 89.52 -40.89 31.65
N ASN E 11 89.74 -41.19 30.37
CA ASN E 11 88.78 -40.89 29.32
C ASN E 11 88.36 -42.19 28.62
N VAL E 12 87.08 -42.52 28.72
CA VAL E 12 86.51 -43.73 28.16
C VAL E 12 85.41 -43.35 27.19
N PHE E 13 85.55 -43.79 25.95
CA PHE E 13 84.54 -43.52 24.92
C PHE E 13 83.27 -44.33 25.20
N SER E 14 82.20 -43.98 24.50
CA SER E 14 80.95 -44.71 24.59
C SER E 14 80.71 -45.48 23.30
N GLU E 15 79.82 -46.46 23.37
CA GLU E 15 79.57 -47.37 22.24
C GLU E 15 78.62 -46.71 21.24
N LEU E 16 79.15 -45.74 20.52
CA LEU E 16 78.35 -44.95 19.61
C LEU E 16 79.11 -44.78 18.29
N LEU E 17 79.56 -45.90 17.73
CA LEU E 17 80.18 -45.86 16.41
C LEU E 17 79.16 -45.53 15.34
N THR E 18 79.42 -44.49 14.57
CA THR E 18 78.47 -43.97 13.58
C THR E 18 78.98 -44.30 12.19
N GLN E 19 78.32 -45.24 11.52
CA GLN E 19 78.63 -45.51 10.12
C GLN E 19 78.17 -44.34 9.28
N GLU E 20 79.10 -43.69 8.58
CA GLU E 20 78.80 -42.48 7.85
C GLU E 20 79.41 -42.55 6.45
N ILE E 21 79.14 -43.66 5.76
CA ILE E 21 79.60 -43.86 4.39
C ILE E 21 78.55 -44.70 3.68
N ASN E 22 78.36 -44.42 2.39
CA ASN E 22 77.28 -45.03 1.61
C ASN E 22 77.83 -46.19 0.81
N ARG E 23 77.95 -47.33 1.46
CA ARG E 23 78.31 -48.58 0.79
C ARG E 23 77.09 -49.45 0.48
N SER E 24 76.14 -48.87 -0.22
CA SER E 24 74.96 -49.61 -0.63
C SER E 24 75.26 -50.43 -1.87
N ALA E 25 74.63 -51.61 -1.96
CA ALA E 25 74.68 -52.45 -3.15
C ALA E 25 73.24 -52.86 -3.45
N THR E 26 72.53 -52.01 -4.18
CA THR E 26 71.11 -52.24 -4.44
C THR E 26 70.84 -52.67 -5.86
N PHE E 27 71.87 -53.03 -6.62
CA PHE E 27 71.67 -53.61 -7.94
C PHE E 27 72.20 -55.02 -8.07
N LEU E 28 73.35 -55.33 -7.50
CA LEU E 28 73.83 -56.70 -7.48
C LEU E 28 73.29 -57.49 -6.30
N GLY E 29 72.38 -56.90 -5.53
CA GLY E 29 71.65 -57.65 -4.55
C GLY E 29 70.45 -58.40 -5.09
N LEU E 30 70.21 -58.32 -6.40
CA LEU E 30 69.05 -58.97 -7.00
C LEU E 30 69.36 -59.54 -8.39
N LEU E 31 70.62 -59.86 -8.67
CA LEU E 31 71.00 -60.27 -10.02
C LEU E 31 70.99 -61.77 -10.26
N SER E 32 70.81 -62.60 -9.23
CA SER E 32 70.83 -64.07 -9.31
C SER E 32 72.17 -64.55 -9.86
N LYS E 33 73.20 -64.40 -9.03
CA LYS E 33 74.59 -64.65 -9.39
C LYS E 33 74.84 -66.12 -9.74
N TYR E 34 75.77 -66.35 -10.65
CA TYR E 34 76.16 -67.67 -11.12
C TYR E 34 77.67 -67.82 -11.05
N PRO E 35 78.16 -69.05 -10.98
CA PRO E 35 79.59 -69.31 -11.16
C PRO E 35 79.94 -69.64 -12.61
N GLU E 36 81.19 -69.37 -12.96
CA GLU E 36 81.69 -69.69 -14.30
C GLU E 36 83.18 -69.91 -14.22
N ARG E 37 83.64 -71.07 -14.70
CA ARG E 37 85.05 -71.41 -14.66
C ARG E 37 85.68 -71.52 -16.04
N LYS E 38 84.97 -71.10 -17.09
CA LYS E 38 85.53 -71.09 -18.42
C LYS E 38 86.26 -69.77 -18.65
N SER E 39 86.74 -69.54 -19.86
CA SER E 39 87.42 -68.29 -20.15
C SER E 39 86.47 -67.21 -20.61
N ASN E 40 85.40 -67.57 -21.32
CA ASN E 40 84.44 -66.60 -21.80
C ASN E 40 83.07 -67.22 -22.01
N ILE E 41 82.04 -66.47 -21.64
CA ILE E 41 80.66 -66.90 -21.84
C ILE E 41 80.35 -66.83 -23.32
N GLN E 42 79.71 -67.88 -23.84
CA GLN E 42 79.29 -67.89 -25.24
C GLN E 42 77.91 -68.52 -25.33
N TRP E 43 77.01 -67.87 -26.07
CA TRP E 43 75.65 -68.37 -26.25
C TRP E 43 75.21 -68.08 -27.66
N GLY E 44 74.00 -68.54 -27.99
CA GLY E 44 73.48 -68.51 -29.36
C GLY E 44 72.30 -67.58 -29.48
N VAL E 45 72.26 -66.83 -30.58
CA VAL E 45 71.22 -65.84 -30.84
C VAL E 45 70.63 -66.13 -32.20
N GLY E 46 69.32 -66.40 -32.25
CA GLY E 46 68.66 -66.73 -33.51
C GLY E 46 68.08 -65.51 -34.18
N MET E 47 68.33 -65.37 -35.48
CA MET E 47 67.91 -64.19 -36.23
C MET E 47 66.92 -64.51 -37.34
N GLY E 48 66.39 -65.72 -37.40
CA GLY E 48 65.41 -66.06 -38.41
C GLY E 48 65.99 -66.13 -39.81
N GLY E 49 65.09 -66.12 -40.78
CA GLY E 49 65.49 -66.20 -42.18
C GLY E 49 64.86 -67.36 -42.91
N THR E 50 63.72 -67.84 -42.41
CA THR E 50 62.98 -68.93 -43.04
C THR E 50 61.85 -68.34 -43.86
N THR E 51 61.80 -68.66 -45.15
CA THR E 51 60.76 -68.16 -46.02
C THR E 51 59.64 -69.20 -46.13
N ALA E 52 58.43 -68.71 -46.40
CA ALA E 52 57.27 -69.58 -46.58
C ALA E 52 56.37 -68.93 -47.63
N THR E 53 56.60 -69.28 -48.88
CA THR E 53 55.89 -68.65 -49.99
C THR E 53 54.77 -69.54 -50.49
N GLY E 54 53.86 -68.94 -51.23
CA GLY E 54 52.73 -69.65 -51.79
C GLY E 54 53.08 -70.29 -53.11
N VAL E 55 52.61 -71.52 -53.30
CA VAL E 55 52.81 -72.23 -54.55
C VAL E 55 51.45 -72.75 -55.03
N ALA E 56 51.42 -73.14 -56.29
CA ALA E 56 50.26 -73.88 -56.79
C ALA E 56 50.23 -75.26 -56.15
N ILE E 57 49.04 -75.83 -56.08
CA ILE E 57 48.84 -77.07 -55.34
C ILE E 57 49.49 -78.25 -56.07
N THR E 58 49.55 -78.22 -57.39
CA THR E 58 50.07 -79.33 -58.18
C THR E 58 51.32 -78.88 -58.89
N GLY E 59 52.46 -79.48 -58.54
CA GLY E 59 53.66 -79.33 -59.32
C GLY E 59 54.58 -78.20 -58.90
N SER E 60 55.00 -78.18 -57.64
CA SER E 60 55.97 -77.19 -57.20
C SER E 60 56.68 -77.69 -55.96
N ALA E 61 57.82 -77.07 -55.68
CA ALA E 61 58.57 -77.17 -54.44
C ALA E 61 59.46 -75.94 -54.35
N PRO E 62 59.36 -75.15 -53.30
CA PRO E 62 60.11 -73.89 -53.21
C PRO E 62 61.58 -74.14 -52.89
N ALA E 63 62.32 -73.04 -52.74
CA ALA E 63 63.76 -73.10 -52.54
C ALA E 63 64.09 -73.36 -51.07
N ALA E 64 65.38 -73.47 -50.79
CA ALA E 64 65.85 -73.79 -49.44
C ALA E 64 65.72 -72.59 -48.52
N SER E 65 65.30 -72.84 -47.28
CA SER E 65 64.96 -71.76 -46.36
C SER E 65 65.38 -72.07 -44.93
N MET E 66 66.63 -72.49 -44.71
CA MET E 66 67.09 -72.58 -43.33
C MET E 66 67.31 -71.19 -42.73
N ASP E 67 67.35 -71.14 -41.41
CA ASP E 67 67.57 -69.91 -40.67
C ASP E 67 68.84 -70.00 -39.84
N ALA E 68 69.38 -68.84 -39.48
CA ALA E 68 70.71 -68.75 -38.90
C ALA E 68 70.66 -68.44 -37.42
N THR E 69 71.64 -68.98 -36.69
CA THR E 69 71.91 -68.63 -35.31
C THR E 69 73.29 -67.99 -35.25
N LEU E 70 73.50 -67.14 -34.25
CA LEU E 70 74.72 -66.37 -34.22
C LEU E 70 75.49 -66.61 -32.93
N PRO E 71 76.82 -66.40 -32.93
CA PRO E 71 77.58 -66.58 -31.69
C PRO E 71 77.49 -65.39 -30.75
N ALA E 72 78.24 -65.44 -29.65
CA ALA E 72 78.29 -64.33 -28.71
C ALA E 72 79.66 -64.30 -28.04
N GLN E 73 79.79 -63.38 -27.08
CA GLN E 73 81.06 -62.92 -26.52
C GLN E 73 80.80 -62.56 -25.06
N LEU E 74 81.49 -61.51 -24.54
CA LEU E 74 81.75 -61.09 -23.16
C LEU E 74 82.79 -61.94 -22.45
N PRO E 75 84.07 -61.72 -22.75
CA PRO E 75 85.12 -62.46 -22.07
C PRO E 75 85.24 -62.14 -20.60
N ILE E 76 85.65 -63.15 -19.82
CA ILE E 76 86.06 -62.98 -18.43
C ILE E 76 87.44 -63.63 -18.31
N SER E 77 88.49 -62.88 -18.65
CA SER E 77 89.83 -63.43 -18.53
C SER E 77 90.91 -62.40 -18.20
N ALA E 78 90.59 -61.13 -17.99
CA ALA E 78 91.59 -60.07 -18.06
C ALA E 78 91.79 -59.34 -16.74
N ALA E 79 90.74 -58.93 -16.06
CA ALA E 79 90.87 -58.00 -14.94
C ALA E 79 90.29 -58.59 -13.66
N SER E 80 90.57 -57.90 -12.55
CA SER E 80 90.13 -58.32 -11.24
C SER E 80 90.25 -57.16 -10.26
N VAL E 81 89.23 -56.98 -9.43
CA VAL E 81 89.26 -55.94 -8.40
C VAL E 81 89.85 -56.52 -7.12
N GLN E 82 90.68 -55.74 -6.43
CA GLN E 82 91.40 -56.24 -5.26
C GLN E 82 91.49 -55.21 -4.13
N SER E 83 91.92 -55.65 -2.93
CA SER E 83 92.08 -54.81 -1.76
C SER E 83 93.01 -55.47 -0.75
N THR E 84 93.92 -54.72 -0.14
CA THR E 84 94.85 -55.31 0.83
C THR E 84 94.52 -54.83 2.24
N PHE E 85 95.24 -55.41 3.20
CA PHE E 85 94.83 -55.40 4.60
C PHE E 85 95.90 -54.83 5.52
N THR E 86 97.08 -55.44 5.56
CA THR E 86 98.35 -54.96 6.15
C THR E 86 98.22 -54.48 7.60
N LEU E 87 98.02 -55.42 8.52
CA LEU E 87 98.09 -55.10 9.94
C LEU E 87 98.75 -56.23 10.72
N ASN E 88 99.59 -55.86 11.70
CA ASN E 88 100.41 -56.82 12.42
C ASN E 88 99.63 -57.46 13.56
N LEU E 89 100.32 -58.15 14.46
CA LEU E 89 99.68 -59.03 15.41
C LEU E 89 99.57 -58.45 16.82
N LYS E 90 100.44 -57.51 17.19
CA LYS E 90 100.27 -56.82 18.47
C LYS E 90 99.04 -55.91 18.45
N GLU E 91 98.78 -55.29 17.29
CA GLU E 91 97.63 -54.40 17.15
C GLU E 91 96.32 -55.16 17.26
N ILE E 92 96.33 -56.45 16.90
CA ILE E 92 95.14 -57.29 17.06
C ILE E 92 94.86 -57.53 18.54
N GLU E 93 95.91 -57.76 19.32
CA GLU E 93 95.73 -58.23 20.68
C GLU E 93 95.27 -57.11 21.61
N GLU E 94 95.88 -55.92 21.49
CA GLU E 94 95.58 -54.85 22.43
C GLU E 94 94.22 -54.22 22.20
N SER E 95 93.58 -54.47 21.05
CA SER E 95 92.26 -53.91 20.80
C SER E 95 91.15 -54.71 21.45
N LYS E 96 91.42 -55.89 21.98
CA LYS E 96 90.40 -56.58 22.75
C LYS E 96 90.30 -56.06 24.17
N GLU E 97 91.21 -55.18 24.58
CA GLU E 97 91.24 -54.62 25.92
C GLU E 97 90.66 -53.21 25.98
N GLN E 98 91.01 -52.34 25.01
CA GLN E 98 90.63 -50.93 25.05
C GLN E 98 90.05 -50.42 23.73
N VAL E 99 88.76 -50.72 23.47
CA VAL E 99 88.06 -50.15 22.34
C VAL E 99 86.68 -49.64 22.77
N THR E 100 86.11 -50.29 23.78
CA THR E 100 84.82 -50.03 24.44
C THR E 100 83.59 -50.20 23.54
N ASN E 101 83.73 -50.73 22.32
CA ASN E 101 82.56 -51.26 21.63
C ASN E 101 82.97 -52.48 20.81
N GLU E 102 82.02 -53.39 20.62
CA GLU E 102 82.33 -54.71 20.09
C GLU E 102 82.58 -54.72 18.59
N GLU E 103 82.21 -53.65 17.87
CA GLU E 103 82.36 -53.66 16.42
C GLU E 103 83.81 -53.49 15.99
N LEU E 104 84.67 -52.93 16.85
CA LEU E 104 86.06 -52.68 16.52
C LEU E 104 87.01 -53.49 17.39
N ARG E 105 86.50 -54.32 18.29
CA ARG E 105 87.37 -55.18 19.09
C ARG E 105 87.99 -56.28 18.25
N ASN E 106 87.16 -57.04 17.53
CA ASN E 106 87.68 -58.09 16.67
C ASN E 106 88.28 -57.44 15.43
N LEU E 107 89.55 -57.04 15.53
CA LEU E 107 90.14 -56.09 14.59
C LEU E 107 90.42 -56.70 13.22
N LEU E 108 90.63 -58.02 13.14
CA LEU E 108 90.79 -58.63 11.83
C LEU E 108 89.45 -58.85 11.15
N GLU E 109 88.45 -59.32 11.90
CA GLU E 109 87.15 -59.60 11.31
C GLU E 109 86.39 -58.32 11.01
N ALA E 110 86.68 -57.24 11.73
CA ALA E 110 86.03 -55.96 11.44
C ALA E 110 86.52 -55.36 10.13
N GLN E 111 87.78 -55.60 9.78
CA GLN E 111 88.30 -55.15 8.50
C GLN E 111 88.12 -56.20 7.41
N MET E 112 87.74 -57.42 7.79
CA MET E 112 87.33 -58.42 6.81
C MET E 112 86.06 -57.96 6.09
N ARG E 113 84.98 -57.75 6.85
CA ARG E 113 83.73 -57.30 6.27
C ARG E 113 83.80 -55.86 5.78
N ASN E 114 84.80 -55.10 6.21
CA ASN E 114 85.04 -53.75 5.71
C ASN E 114 85.71 -53.78 4.36
N ALA E 115 86.34 -54.90 4.00
CA ALA E 115 86.97 -55.04 2.70
C ALA E 115 86.11 -55.81 1.71
N VAL E 116 85.29 -56.74 2.19
CA VAL E 116 84.38 -57.46 1.30
C VAL E 116 83.26 -56.53 0.84
N GLU E 117 82.75 -55.69 1.73
CA GLU E 117 81.71 -54.75 1.34
C GLU E 117 82.24 -53.64 0.44
N GLU E 118 83.54 -53.33 0.55
CA GLU E 118 84.10 -52.31 -0.33
C GLU E 118 84.31 -52.86 -1.74
N ILE E 119 84.58 -54.17 -1.85
CA ILE E 119 84.57 -54.83 -3.16
C ILE E 119 83.18 -54.76 -3.77
N ALA E 120 82.14 -54.92 -2.95
CA ALA E 120 80.77 -54.95 -3.49
C ALA E 120 80.29 -53.56 -3.89
N THR E 121 80.62 -52.54 -3.10
CA THR E 121 80.11 -51.20 -3.41
C THR E 121 80.89 -50.51 -4.52
N THR E 122 82.04 -51.03 -4.93
CA THR E 122 82.69 -50.58 -6.15
C THR E 122 82.35 -51.47 -7.32
N LEU E 123 81.52 -52.49 -7.11
CA LEU E 123 81.25 -53.46 -8.16
C LEU E 123 79.99 -53.09 -8.93
N ASN E 124 78.91 -52.71 -8.23
CA ASN E 124 77.74 -52.22 -8.94
C ASN E 124 77.96 -50.81 -9.47
N LYS E 125 78.91 -50.08 -8.91
CA LYS E 125 79.28 -48.79 -9.46
C LYS E 125 79.86 -48.94 -10.86
N LYS E 126 80.51 -50.06 -11.13
CA LYS E 126 81.02 -50.37 -12.46
C LYS E 126 80.01 -51.12 -13.32
N LEU E 127 78.91 -51.61 -12.75
CA LEU E 127 77.87 -52.25 -13.55
C LEU E 127 77.04 -51.24 -14.34
N TYR E 128 77.21 -49.94 -14.08
CA TYR E 128 76.64 -48.90 -14.92
C TYR E 128 77.70 -48.11 -15.67
N ASP E 129 78.86 -47.92 -15.06
CA ASP E 129 79.89 -47.02 -15.56
C ASP E 129 80.98 -47.75 -16.33
N GLY E 130 81.36 -48.94 -15.87
CA GLY E 130 82.54 -49.64 -16.33
C GLY E 130 82.55 -49.99 -17.80
N SER E 131 83.62 -49.63 -18.50
CA SER E 131 83.70 -49.87 -19.93
C SER E 131 84.20 -51.27 -20.23
N GLY E 132 85.27 -51.69 -19.56
CA GLY E 132 85.92 -52.94 -19.90
C GLY E 132 87.41 -52.85 -19.75
N ALA E 133 87.91 -51.68 -19.35
CA ALA E 133 89.33 -51.49 -19.16
C ALA E 133 89.80 -52.19 -17.89
N ILE E 134 91.11 -52.11 -17.64
CA ILE E 134 91.72 -52.82 -16.53
C ILE E 134 91.40 -52.16 -15.20
N ALA E 135 90.99 -50.89 -15.22
CA ALA E 135 90.65 -50.16 -14.00
C ALA E 135 89.18 -50.25 -13.65
N ASP E 136 88.35 -50.83 -14.52
CA ASP E 136 86.94 -51.03 -14.25
C ASP E 136 86.62 -52.44 -13.84
N GLY E 137 87.64 -53.26 -13.56
CA GLY E 137 87.42 -54.62 -13.16
C GLY E 137 87.02 -55.57 -14.26
N GLY E 138 87.07 -55.14 -15.51
CA GLY E 138 86.69 -55.98 -16.63
C GLY E 138 85.21 -56.02 -16.92
N LEU E 139 84.39 -55.36 -16.11
CA LEU E 139 82.95 -55.36 -16.33
C LEU E 139 82.60 -54.56 -17.58
N ILE E 140 81.43 -54.87 -18.14
CA ILE E 140 80.98 -54.30 -19.39
C ILE E 140 79.89 -53.25 -19.17
N GLY E 141 79.00 -53.49 -18.24
CA GLY E 141 78.14 -52.45 -17.72
C GLY E 141 76.99 -52.09 -18.63
N LEU E 142 75.95 -51.52 -18.02
CA LEU E 142 74.74 -51.18 -18.76
C LEU E 142 74.85 -49.87 -19.54
N SER E 143 76.01 -49.22 -19.55
CA SER E 143 76.16 -48.05 -20.41
C SER E 143 76.17 -48.45 -21.88
N ILE E 144 76.78 -49.58 -22.20
CA ILE E 144 76.81 -50.07 -23.57
C ILE E 144 76.14 -51.41 -23.74
N ALA E 145 75.54 -51.95 -22.68
CA ALA E 145 74.71 -53.15 -22.79
C ALA E 145 73.26 -52.82 -23.07
N ALA E 146 72.86 -51.56 -22.90
CA ALA E 146 71.48 -51.12 -23.05
C ALA E 146 71.42 -49.93 -23.97
N SER E 147 72.08 -50.04 -25.12
CA SER E 147 72.13 -48.97 -26.10
C SER E 147 72.40 -49.58 -27.46
N GLY E 148 72.70 -48.73 -28.44
CA GLY E 148 72.99 -49.20 -29.78
C GLY E 148 74.46 -49.49 -30.01
N GLN E 149 75.16 -49.88 -28.97
CA GLN E 149 76.57 -50.26 -29.06
C GLN E 149 76.66 -51.73 -29.48
N ASP E 150 77.85 -52.32 -29.37
CA ASP E 150 78.07 -53.64 -29.94
C ASP E 150 77.78 -54.77 -28.97
N TYR E 151 78.53 -54.84 -27.86
CA TYR E 151 78.33 -55.69 -26.68
C TYR E 151 78.56 -57.18 -26.94
N ALA E 152 78.74 -57.57 -28.18
CA ALA E 152 79.00 -58.95 -28.55
C ALA E 152 79.64 -58.93 -29.93
N GLY E 153 79.62 -60.06 -30.63
CA GLY E 153 79.94 -60.04 -32.03
C GLY E 153 78.93 -59.28 -32.85
N ILE E 154 77.67 -59.28 -32.41
CA ILE E 154 76.58 -58.70 -33.19
C ILE E 154 76.60 -57.19 -33.01
N SER E 155 76.61 -56.47 -34.13
CA SER E 155 76.55 -55.02 -34.12
C SER E 155 75.18 -54.55 -34.58
N SER E 156 74.73 -53.42 -34.03
CA SER E 156 73.41 -52.88 -34.34
C SER E 156 73.33 -52.23 -35.71
N ALA E 157 74.46 -52.08 -36.41
CA ALA E 157 74.40 -51.56 -37.77
C ALA E 157 74.01 -52.65 -38.76
N THR E 158 74.65 -53.82 -38.66
CA THR E 158 74.36 -54.90 -39.59
C THR E 158 73.02 -55.54 -39.30
N TYR E 159 72.75 -55.83 -38.03
CA TYR E 159 71.56 -56.56 -37.60
C TYR E 159 70.75 -55.70 -36.66
N PRO E 160 69.70 -55.02 -37.15
CA PRO E 160 68.92 -54.12 -36.30
C PRO E 160 67.99 -54.82 -35.30
N LEU E 161 68.04 -56.14 -35.18
CA LEU E 161 67.29 -56.87 -34.17
C LEU E 161 68.06 -57.01 -32.86
N TRP E 162 69.12 -56.23 -32.69
CA TRP E 162 70.01 -56.29 -31.53
C TRP E 162 70.18 -54.88 -30.96
N ASN E 163 69.05 -54.20 -30.80
CA ASN E 163 69.01 -52.82 -30.34
C ASN E 163 67.95 -52.72 -29.25
N VAL E 164 68.08 -51.69 -28.43
CA VAL E 164 67.14 -51.44 -27.35
C VAL E 164 66.09 -50.46 -27.84
N SER E 165 64.99 -50.38 -27.10
CA SER E 165 64.00 -49.34 -27.32
C SER E 165 64.44 -48.13 -26.54
N GLU E 166 64.73 -47.03 -27.23
CA GLU E 166 65.20 -45.82 -26.57
C GLU E 166 64.31 -44.64 -26.93
N VAL E 167 64.22 -43.70 -25.99
CA VAL E 167 63.50 -42.44 -26.19
C VAL E 167 64.46 -41.34 -25.79
N ASP E 168 65.09 -40.69 -26.75
CA ASP E 168 66.10 -39.68 -26.45
C ASP E 168 65.40 -38.37 -26.14
N ALA E 169 65.52 -37.90 -24.91
CA ALA E 169 64.86 -36.66 -24.50
C ALA E 169 65.80 -35.46 -24.63
N TRP E 170 66.42 -35.31 -25.78
CA TRP E 170 67.27 -34.16 -26.09
C TRP E 170 66.80 -33.64 -27.45
N ASP E 171 65.97 -32.59 -27.43
CA ASP E 171 65.42 -32.09 -28.66
C ASP E 171 66.48 -31.35 -29.48
N ALA E 172 66.42 -31.51 -30.80
CA ALA E 172 67.49 -31.02 -31.65
C ALA E 172 67.43 -29.50 -31.80
N ASN E 173 66.24 -28.94 -31.92
CA ASN E 173 66.07 -27.49 -32.07
C ASN E 173 64.90 -27.04 -31.21
N ALA E 174 65.18 -26.71 -29.94
CA ALA E 174 64.16 -26.11 -29.09
C ALA E 174 64.54 -24.71 -28.65
N THR E 175 65.64 -24.55 -27.93
CA THR E 175 66.06 -23.24 -27.44
C THR E 175 67.53 -22.95 -27.70
N GLY E 176 68.39 -23.94 -27.57
CA GLY E 176 69.81 -23.71 -27.41
C GLY E 176 70.19 -23.71 -25.95
N THR E 177 71.42 -24.14 -25.67
CA THR E 177 72.04 -24.18 -24.33
C THR E 177 71.23 -25.06 -23.38
N ASP E 178 71.42 -26.39 -23.48
CA ASP E 178 70.76 -27.42 -22.67
C ASP E 178 69.26 -27.47 -22.91
N LYS E 179 68.86 -27.97 -24.09
CA LYS E 179 67.47 -28.12 -24.49
C LYS E 179 66.65 -28.95 -23.51
N ARG E 180 66.91 -30.26 -23.46
CA ARG E 180 66.61 -31.15 -22.33
C ARG E 180 65.12 -31.19 -21.98
N GLN E 181 64.34 -31.84 -22.84
CA GLN E 181 62.92 -32.07 -22.55
C GLN E 181 62.76 -32.91 -21.28
N ALA E 182 61.89 -32.48 -20.38
CA ALA E 182 61.90 -32.92 -18.99
C ALA E 182 60.67 -33.76 -18.63
N LEU E 183 60.79 -35.06 -18.89
CA LEU E 183 59.86 -36.14 -18.49
C LEU E 183 58.41 -35.80 -18.83
N LYS E 184 58.14 -35.70 -20.12
CA LYS E 184 56.75 -35.71 -20.54
C LYS E 184 56.14 -37.06 -20.19
N THR E 185 54.86 -37.05 -19.85
CA THR E 185 54.20 -38.28 -19.44
C THR E 185 53.98 -39.27 -20.57
N ASP E 186 54.13 -38.84 -21.82
CA ASP E 186 53.97 -39.75 -22.94
C ASP E 186 55.29 -40.33 -23.44
N PHE E 187 56.41 -40.05 -22.76
CA PHE E 187 57.64 -40.78 -23.05
C PHE E 187 57.48 -42.25 -22.70
N MET E 188 56.77 -42.55 -21.62
CA MET E 188 56.73 -43.91 -21.11
C MET E 188 55.74 -44.79 -21.86
N LEU E 189 54.78 -44.21 -22.57
CA LEU E 189 53.93 -44.96 -23.48
C LEU E 189 54.27 -44.74 -24.95
N GLU E 190 55.34 -44.00 -25.24
CA GLU E 190 56.00 -44.07 -26.53
C GLU E 190 57.21 -44.98 -26.46
N LEU E 191 57.66 -45.31 -25.26
CA LEU E 191 58.58 -46.41 -25.04
C LEU E 191 57.87 -47.74 -24.94
N ASP E 192 56.64 -47.74 -24.42
CA ASP E 192 55.89 -48.98 -24.25
C ASP E 192 55.39 -49.52 -25.59
N ARG E 193 55.27 -48.65 -26.60
CA ARG E 193 54.89 -49.11 -27.93
C ARG E 193 56.02 -49.87 -28.58
N LYS E 194 57.26 -49.47 -28.33
CA LYS E 194 58.40 -50.13 -28.95
C LYS E 194 58.70 -51.46 -28.29
N ILE E 195 58.38 -51.60 -27.01
CA ILE E 195 58.56 -52.87 -26.32
C ILE E 195 57.47 -53.85 -26.76
N ARG E 196 56.33 -53.36 -27.23
CA ARG E 196 55.25 -54.27 -27.57
C ARG E 196 55.48 -54.96 -28.91
N TYR E 197 56.26 -54.35 -29.80
CA TYR E 197 56.57 -54.97 -31.08
C TYR E 197 57.49 -56.18 -30.91
N ARG E 198 58.68 -55.97 -30.37
CA ARG E 198 59.56 -57.07 -30.03
C ARG E 198 58.98 -57.74 -28.80
N PRO E 199 58.31 -58.89 -28.95
CA PRO E 199 57.26 -59.28 -27.98
C PRO E 199 57.77 -59.62 -26.60
N GLY E 200 58.24 -58.60 -25.87
CA GLY E 200 58.84 -58.80 -24.57
C GLY E 200 58.19 -57.93 -23.52
N ALA E 201 58.40 -58.32 -22.28
CA ALA E 201 57.85 -57.61 -21.13
C ALA E 201 58.97 -57.28 -20.16
N TYR E 202 58.75 -56.23 -19.37
CA TYR E 202 59.73 -55.75 -18.41
C TYR E 202 59.18 -55.87 -17.00
N ASP E 203 60.10 -55.86 -16.03
CA ASP E 203 59.74 -56.05 -14.63
C ASP E 203 60.38 -55.06 -13.68
N LEU E 204 61.34 -54.27 -14.12
CA LEU E 204 62.21 -53.61 -13.14
C LEU E 204 62.77 -52.33 -13.74
N ILE E 205 62.67 -51.22 -13.00
CA ILE E 205 63.10 -49.91 -13.46
C ILE E 205 64.20 -49.43 -12.50
N LEU E 206 65.20 -48.72 -13.02
CA LEU E 206 66.42 -48.47 -12.25
C LEU E 206 66.48 -47.09 -11.60
N THR E 207 66.38 -46.00 -12.38
CA THR E 207 65.99 -44.67 -11.89
C THR E 207 66.81 -44.08 -10.74
N THR E 208 68.02 -43.55 -11.02
CA THR E 208 68.77 -42.67 -10.12
C THR E 208 67.82 -41.67 -9.46
N PRO E 209 67.84 -41.50 -8.14
CA PRO E 209 66.75 -40.80 -7.45
C PRO E 209 66.62 -39.31 -7.75
N LYS E 210 67.43 -38.75 -8.65
CA LYS E 210 67.11 -37.45 -9.23
C LYS E 210 65.93 -37.55 -10.19
N VAL E 211 65.77 -38.67 -10.89
CA VAL E 211 64.66 -38.79 -11.84
C VAL E 211 63.41 -39.33 -11.15
N VAL E 212 63.55 -39.92 -9.97
CA VAL E 212 62.38 -40.24 -9.15
C VAL E 212 61.77 -38.94 -8.64
N GLU E 213 62.60 -37.93 -8.41
CA GLU E 213 62.10 -36.58 -8.15
C GLU E 213 61.33 -36.03 -9.34
N GLN E 214 61.85 -36.25 -10.55
CA GLN E 214 61.19 -35.73 -11.74
C GLN E 214 59.93 -36.50 -12.06
N TYR E 215 59.87 -37.77 -11.66
CA TYR E 215 58.64 -38.55 -11.80
C TYR E 215 57.56 -38.08 -10.83
N LYS E 216 57.96 -37.46 -9.73
CA LYS E 216 57.01 -36.93 -8.76
C LYS E 216 56.56 -35.52 -9.09
N LYS E 217 57.30 -34.78 -9.92
CA LYS E 217 56.80 -33.50 -10.40
C LYS E 217 55.74 -33.66 -11.48
N VAL E 218 55.77 -34.77 -12.22
CA VAL E 218 54.75 -35.04 -13.22
C VAL E 218 53.43 -35.32 -12.54
N PHE E 219 53.46 -35.92 -11.35
CA PHE E 219 52.24 -36.07 -10.58
C PHE E 219 51.74 -34.72 -10.08
N GLU E 220 52.65 -33.80 -9.73
CA GLU E 220 52.23 -32.54 -9.12
C GLU E 220 51.55 -31.62 -10.12
N ALA E 221 51.99 -31.62 -11.36
CA ALA E 221 51.38 -30.77 -12.37
C ALA E 221 50.05 -31.31 -12.89
N ASN E 222 49.61 -32.47 -12.40
CA ASN E 222 48.38 -33.10 -12.84
C ASN E 222 47.54 -33.52 -11.64
N ARG E 223 47.55 -32.73 -10.57
CA ARG E 223 46.72 -33.02 -9.43
C ARG E 223 46.09 -31.74 -8.91
N SER E 224 45.15 -31.93 -7.98
CA SER E 224 44.55 -30.86 -7.21
C SER E 224 43.98 -31.48 -5.95
N TYR E 225 43.49 -30.63 -5.06
CA TYR E 225 42.77 -31.09 -3.88
C TYR E 225 41.32 -30.66 -4.00
N GLN E 226 40.41 -31.57 -3.62
CA GLN E 226 38.95 -31.30 -3.76
C GLN E 226 38.25 -31.57 -2.44
N ILE E 227 37.99 -30.50 -1.68
CA ILE E 227 37.29 -30.63 -0.41
C ILE E 227 35.82 -30.95 -0.68
N MET E 228 35.27 -31.97 -0.01
CA MET E 228 33.89 -32.37 -0.41
C MET E 228 32.88 -32.33 0.76
N THR E 229 33.28 -32.68 1.99
CA THR E 229 32.27 -32.73 3.04
C THR E 229 31.79 -31.32 3.36
N PHE E 230 30.53 -31.03 3.03
CA PHE E 230 29.92 -29.73 3.28
C PHE E 230 28.80 -29.87 4.31
N ASP E 231 29.20 -29.86 5.58
CA ASP E 231 28.38 -29.59 6.76
C ASP E 231 29.32 -29.42 7.95
N GLY E 232 29.12 -28.39 8.76
CA GLY E 232 30.12 -28.08 9.76
C GLY E 232 30.18 -29.06 10.90
N GLN E 233 31.17 -29.95 10.83
CA GLN E 233 31.53 -30.81 11.94
C GLN E 233 33.04 -30.99 12.08
N ARG E 234 33.83 -30.69 11.06
CA ARG E 234 35.21 -31.15 11.03
C ARG E 234 36.04 -30.25 10.14
N VAL E 235 37.29 -30.05 10.53
CA VAL E 235 38.27 -29.28 9.78
C VAL E 235 39.19 -30.25 9.05
N PRO E 236 39.43 -30.08 7.75
CA PRO E 236 40.35 -30.97 7.03
C PRO E 236 41.80 -30.75 7.45
N LEU E 237 42.66 -31.67 7.01
CA LEU E 237 44.06 -31.69 7.42
C LEU E 237 44.96 -31.80 6.20
N ILE E 238 45.83 -30.81 6.02
CA ILE E 238 46.82 -30.81 4.95
C ILE E 238 47.82 -31.94 5.13
N ASP E 239 48.21 -32.59 4.02
CA ASP E 239 49.36 -33.48 4.05
C ASP E 239 50.48 -33.01 3.13
N LEU E 240 50.18 -32.74 1.85
CA LEU E 240 51.12 -32.21 0.84
C LEU E 240 52.33 -33.13 0.61
N GLY E 241 52.18 -34.43 0.86
CA GLY E 241 53.26 -35.36 0.62
C GLY E 241 52.73 -36.67 0.09
N PHE E 242 53.58 -37.38 -0.64
CA PHE E 242 53.18 -38.63 -1.26
C PHE E 242 54.40 -39.47 -1.59
N ASN E 243 54.25 -40.79 -1.43
CA ASN E 243 55.29 -41.74 -1.77
C ASN E 243 54.94 -42.41 -3.09
N VAL E 244 55.83 -43.22 -3.64
CA VAL E 244 55.71 -43.72 -5.01
C VAL E 244 55.39 -45.21 -4.97
N ALA E 245 54.37 -45.62 -5.72
CA ALA E 245 54.04 -47.04 -5.83
C ALA E 245 54.66 -47.71 -7.05
N GLY E 246 54.80 -47.00 -8.17
CA GLY E 246 55.73 -47.50 -9.17
C GLY E 246 55.38 -47.83 -10.61
N TYR E 247 54.46 -47.10 -11.24
CA TYR E 247 54.20 -47.19 -12.69
C TYR E 247 53.76 -48.57 -13.18
N MET E 248 52.46 -48.86 -13.02
CA MET E 248 51.77 -50.08 -13.48
C MET E 248 52.19 -51.30 -12.67
N GLY E 249 52.05 -51.20 -11.35
CA GLY E 249 52.17 -52.35 -10.47
C GLY E 249 53.56 -52.92 -10.34
N ARG E 250 54.56 -52.21 -10.81
CA ARG E 250 55.95 -52.63 -10.76
C ARG E 250 56.69 -51.83 -9.71
N PRO E 251 57.83 -52.30 -9.24
CA PRO E 251 58.61 -51.48 -8.30
C PRO E 251 59.56 -50.55 -9.05
N ILE E 252 59.57 -49.28 -8.66
CA ILE E 252 60.59 -48.35 -9.09
C ILE E 252 61.69 -48.38 -8.03
N ILE E 253 62.78 -49.07 -8.34
CA ILE E 253 63.95 -49.06 -7.49
C ILE E 253 64.68 -47.73 -7.72
N ASP E 254 65.50 -47.33 -6.76
CA ASP E 254 66.39 -46.18 -6.93
C ASP E 254 67.79 -46.54 -6.44
N ASP E 255 68.69 -46.81 -7.38
CA ASP E 255 70.07 -47.08 -7.04
C ASP E 255 70.83 -45.75 -7.01
N VAL E 256 71.62 -45.56 -5.97
CA VAL E 256 72.32 -44.30 -5.78
C VAL E 256 73.46 -44.17 -6.79
N PHE E 257 74.18 -45.26 -7.02
CA PHE E 257 75.35 -45.27 -7.90
C PHE E 257 75.00 -45.56 -9.34
N CYS E 258 73.75 -45.33 -9.75
CA CYS E 258 73.35 -45.54 -11.12
C CYS E 258 73.68 -44.31 -11.96
N SER E 259 74.16 -44.55 -13.18
CA SER E 259 74.57 -43.49 -14.09
C SER E 259 74.63 -44.06 -15.50
N ARG E 260 75.15 -43.27 -16.43
CA ARG E 260 75.35 -43.71 -17.81
C ARG E 260 76.39 -42.79 -18.44
N THR E 261 77.26 -43.34 -19.28
CA THR E 261 78.17 -42.50 -20.04
C THR E 261 77.57 -42.17 -21.40
N ARG E 262 77.97 -41.03 -21.95
CA ARG E 262 77.54 -40.63 -23.29
C ARG E 262 78.44 -41.25 -24.35
N THR E 263 77.85 -41.54 -25.50
CA THR E 263 78.58 -42.14 -26.60
C THR E 263 79.43 -41.09 -27.31
N ALA E 264 80.27 -41.55 -28.22
CA ALA E 264 81.07 -40.64 -29.03
C ALA E 264 80.24 -39.94 -30.10
N ALA E 265 79.12 -40.55 -30.50
CA ALA E 265 78.22 -39.87 -31.43
C ALA E 265 77.42 -38.76 -30.76
N GLU E 266 77.28 -38.81 -29.44
CA GLU E 266 76.67 -37.73 -28.67
C GLU E 266 77.73 -36.73 -28.19
N SER E 267 78.56 -36.25 -29.12
CA SER E 267 79.64 -35.36 -28.75
C SER E 267 79.17 -33.94 -28.52
N ALA E 268 78.17 -33.48 -29.29
CA ALA E 268 77.68 -32.13 -29.10
C ALA E 268 76.85 -31.99 -27.83
N ILE E 269 76.33 -33.09 -27.31
CA ILE E 269 75.61 -33.04 -26.04
C ILE E 269 76.59 -32.86 -24.89
N THR E 270 77.68 -33.62 -24.89
CA THR E 270 78.60 -33.63 -23.77
C THR E 270 79.57 -32.46 -23.78
N THR E 271 79.49 -31.56 -24.76
CA THR E 271 80.27 -30.32 -24.72
C THR E 271 79.43 -29.10 -24.38
N ALA E 272 78.12 -29.17 -24.58
CA ALA E 272 77.23 -28.13 -24.10
C ALA E 272 76.80 -28.35 -22.66
N LEU E 273 77.34 -29.38 -22.00
CA LEU E 273 77.00 -29.68 -20.62
C LEU E 273 78.21 -29.81 -19.70
N GLY E 274 79.39 -30.01 -20.24
CA GLY E 274 80.61 -30.12 -19.45
C GLY E 274 80.94 -31.53 -19.00
N THR E 275 79.91 -32.33 -18.72
CA THR E 275 80.09 -33.66 -18.17
C THR E 275 79.74 -34.72 -19.20
N ALA E 276 80.36 -35.88 -19.05
CA ALA E 276 80.03 -37.05 -19.86
C ALA E 276 79.42 -38.12 -18.98
N VAL E 277 78.79 -37.70 -17.89
CA VAL E 277 78.13 -38.60 -16.94
C VAL E 277 76.66 -38.26 -16.96
N ASP E 278 75.83 -39.21 -17.39
CA ASP E 278 74.40 -38.99 -17.46
C ASP E 278 73.71 -39.58 -16.24
N GLU E 279 73.18 -38.72 -15.37
CA GLU E 279 72.50 -39.15 -14.16
C GLU E 279 70.99 -39.15 -14.32
N GLY E 280 70.51 -39.24 -15.55
CA GLY E 280 69.10 -39.08 -15.88
C GLY E 280 68.53 -40.26 -16.64
N VAL E 281 68.77 -41.49 -16.18
CA VAL E 281 68.39 -42.68 -16.91
C VAL E 281 67.27 -43.43 -16.18
N MET E 282 66.61 -44.33 -16.91
CA MET E 282 65.48 -45.09 -16.39
C MET E 282 65.74 -46.59 -16.35
N TYR E 283 66.13 -47.20 -17.47
CA TYR E 283 66.46 -48.63 -17.60
C TYR E 283 65.28 -49.53 -17.22
N PHE E 284 64.25 -49.51 -18.06
CA PHE E 284 63.19 -50.50 -17.97
C PHE E 284 63.72 -51.89 -18.29
N LEU E 285 63.86 -52.75 -17.29
CA LEU E 285 64.50 -54.06 -17.49
C LEU E 285 63.58 -55.20 -17.06
N LYS E 286 64.05 -56.41 -17.35
CA LYS E 286 63.47 -57.65 -16.84
C LYS E 286 64.47 -58.28 -15.88
N LYS E 287 63.96 -58.81 -14.77
CA LYS E 287 64.83 -59.28 -13.70
C LYS E 287 65.59 -60.54 -14.10
N ASP E 288 64.88 -61.56 -14.58
CA ASP E 288 65.49 -62.86 -14.88
C ASP E 288 66.04 -62.89 -16.30
N ASP E 289 66.81 -61.86 -16.65
CA ASP E 289 67.29 -61.67 -18.00
C ASP E 289 68.73 -61.20 -17.97
N LEU E 290 69.35 -61.21 -16.80
CA LEU E 290 70.49 -60.35 -16.52
C LEU E 290 71.20 -60.99 -15.34
N ARG E 291 72.37 -61.59 -15.58
CA ARG E 291 73.00 -62.44 -14.59
C ARG E 291 74.48 -62.08 -14.45
N PHE E 292 75.06 -62.53 -13.34
CA PHE E 292 76.37 -62.09 -12.88
C PHE E 292 77.26 -63.30 -12.65
N TYR E 293 78.55 -63.16 -12.94
CA TYR E 293 79.46 -64.29 -12.87
C TYR E 293 80.70 -63.94 -12.06
N SER E 294 81.32 -64.98 -11.50
CA SER E 294 82.64 -64.90 -10.90
C SER E 294 83.25 -66.30 -10.91
N THR E 295 84.59 -66.35 -10.84
CA THR E 295 85.08 -67.71 -10.98
C THR E 295 85.21 -68.38 -9.61
N PRO E 296 84.81 -69.64 -9.51
CA PRO E 296 84.80 -70.33 -8.22
C PRO E 296 86.13 -70.92 -7.76
N VAL E 297 87.28 -70.37 -8.21
CA VAL E 297 88.64 -70.86 -7.98
C VAL E 297 88.91 -71.26 -6.53
N VAL E 298 89.78 -72.26 -6.36
CA VAL E 298 89.77 -73.10 -5.15
C VAL E 298 90.23 -72.31 -3.93
N GLY E 299 89.47 -72.42 -2.85
CA GLY E 299 89.74 -71.67 -1.65
C GLY E 299 88.97 -70.38 -1.52
N ALA E 300 87.91 -70.19 -2.30
CA ALA E 300 87.15 -68.94 -2.31
C ALA E 300 85.75 -69.20 -1.80
N PHE E 301 85.38 -68.50 -0.73
CA PHE E 301 84.02 -68.50 -0.23
C PHE E 301 83.12 -67.67 -1.13
N SER E 302 81.83 -67.72 -0.86
CA SER E 302 80.86 -67.13 -1.76
C SER E 302 79.98 -66.12 -1.03
N ALA E 303 80.61 -65.16 -0.36
CA ALA E 303 79.91 -64.09 0.34
C ALA E 303 79.03 -63.29 -0.61
N ASN E 304 77.71 -63.42 -0.44
CA ASN E 304 76.68 -62.85 -1.31
C ASN E 304 76.87 -63.25 -2.76
N GLY E 305 77.12 -64.54 -2.99
CA GLY E 305 77.18 -65.09 -4.33
C GLY E 305 78.43 -64.81 -5.12
N VAL E 306 79.27 -63.88 -4.69
CA VAL E 306 80.49 -63.51 -5.38
C VAL E 306 81.64 -64.30 -4.77
N TYR E 307 82.39 -65.03 -5.60
CA TYR E 307 83.46 -65.90 -5.14
C TYR E 307 84.73 -65.08 -4.98
N THR E 308 85.21 -64.94 -3.74
CA THR E 308 86.37 -64.13 -3.41
C THR E 308 87.41 -64.96 -2.66
N LEU E 309 88.66 -64.88 -3.10
CA LEU E 309 89.76 -65.51 -2.38
C LEU E 309 90.18 -64.67 -1.18
N MET E 310 91.02 -65.24 -0.33
CA MET E 310 91.65 -64.48 0.74
C MET E 310 93.17 -64.41 0.56
N ARG E 311 93.87 -65.55 0.57
CA ARG E 311 95.28 -65.69 0.16
C ARG E 311 96.19 -64.77 0.97
N GLN E 312 96.36 -65.12 2.24
CA GLN E 312 97.32 -64.44 3.10
C GLN E 312 98.74 -64.57 2.53
N LEU E 313 99.45 -63.45 2.46
CA LEU E 313 100.75 -63.42 1.82
C LEU E 313 101.82 -64.04 2.72
N ALA E 314 103.06 -64.00 2.26
CA ALA E 314 104.16 -64.62 2.96
C ALA E 314 104.69 -63.69 4.05
N GLN E 315 104.82 -64.22 5.26
CA GLN E 315 105.33 -63.45 6.38
C GLN E 315 106.84 -63.52 6.45
N THR E 316 107.44 -62.53 7.12
CA THR E 316 108.89 -62.50 7.26
C THR E 316 109.33 -62.31 8.72
N SER E 317 108.61 -61.49 9.49
CA SER E 317 109.20 -60.94 10.70
C SER E 317 108.34 -61.16 11.95
N LEU E 318 107.63 -62.29 12.02
CA LEU E 318 106.91 -62.80 13.19
C LEU E 318 105.68 -62.00 13.63
N TYR E 319 105.52 -60.76 13.15
CA TYR E 319 104.28 -60.03 13.38
C TYR E 319 104.11 -59.12 12.16
N VAL E 320 103.53 -59.66 11.10
CA VAL E 320 103.24 -58.80 9.96
C VAL E 320 101.84 -59.03 9.41
N ASP E 321 101.53 -60.27 9.00
CA ASP E 321 100.22 -60.74 8.56
C ASP E 321 99.62 -59.87 7.45
N ASN E 322 100.26 -59.90 6.29
CA ASN E 322 99.71 -59.22 5.12
C ASN E 322 98.63 -60.09 4.49
N PHE E 323 97.43 -59.55 4.36
CA PHE E 323 96.35 -60.21 3.65
C PHE E 323 96.02 -59.42 2.40
N VAL E 324 95.21 -60.02 1.54
CA VAL E 324 94.66 -59.39 0.35
C VAL E 324 93.24 -59.94 0.23
N VAL E 325 92.45 -59.42 -0.72
CA VAL E 325 91.13 -59.97 -1.04
C VAL E 325 90.80 -59.52 -2.45
N GLY E 326 90.07 -60.36 -3.18
CA GLY E 326 89.74 -60.00 -4.54
C GLY E 326 88.81 -61.01 -5.19
N CYS E 327 88.22 -60.58 -6.31
CA CYS E 327 87.32 -61.40 -7.10
C CYS E 327 87.48 -61.05 -8.56
N ILE E 328 86.71 -61.72 -9.41
CA ILE E 328 86.84 -61.55 -10.86
C ILE E 328 85.46 -61.59 -11.53
N PRO E 329 84.88 -60.43 -11.85
CA PRO E 329 83.47 -60.37 -12.21
C PRO E 329 83.20 -60.37 -13.71
N GLN E 330 81.93 -60.55 -14.11
CA GLN E 330 81.43 -60.34 -15.46
C GLN E 330 79.90 -60.28 -15.43
N LEU E 331 79.32 -59.42 -16.27
CA LEU E 331 77.88 -59.20 -16.34
C LEU E 331 77.36 -59.57 -17.72
N GLN E 332 76.13 -60.09 -17.77
CA GLN E 332 75.55 -60.63 -19.00
C GLN E 332 74.14 -60.12 -19.20
N LEU E 333 73.79 -59.81 -20.46
CA LEU E 333 72.50 -59.24 -20.84
C LEU E 333 71.98 -59.99 -22.07
N THR E 334 71.72 -61.28 -21.89
CA THR E 334 70.98 -62.08 -22.87
C THR E 334 69.68 -61.39 -23.28
N THR E 335 69.28 -61.61 -24.55
CA THR E 335 68.00 -61.18 -25.11
C THR E 335 67.76 -59.68 -24.98
N ARG E 336 68.40 -58.89 -25.81
CA ARG E 336 68.22 -57.45 -25.77
C ARG E 336 66.66 -56.95 -26.18
N LYS E 337 65.66 -57.85 -26.29
CA LYS E 337 64.28 -57.46 -26.56
C LYS E 337 63.69 -56.66 -25.40
N ASN E 338 63.88 -57.12 -24.16
CA ASN E 338 63.15 -56.60 -23.03
C ASN E 338 63.60 -55.22 -22.57
N VAL E 339 64.76 -54.75 -23.02
CA VAL E 339 65.40 -53.57 -22.45
C VAL E 339 64.79 -52.31 -23.04
N GLY E 340 64.41 -51.37 -22.19
CA GLY E 340 64.02 -50.05 -22.65
C GLY E 340 64.68 -48.99 -21.80
N VAL E 341 65.16 -47.94 -22.47
CA VAL E 341 65.82 -46.83 -21.78
C VAL E 341 65.18 -45.51 -22.18
N ILE E 342 65.18 -44.56 -21.24
CA ILE E 342 64.94 -43.15 -21.51
C ILE E 342 66.25 -42.44 -21.23
N LYS E 343 66.76 -41.69 -22.21
CA LYS E 343 68.19 -41.39 -22.24
C LYS E 343 68.60 -40.35 -21.20
N ASN E 344 68.13 -39.11 -21.35
CA ASN E 344 68.58 -38.04 -20.45
C ASN E 344 67.42 -37.09 -20.19
N ILE E 345 66.85 -37.16 -18.99
CA ILE E 345 65.58 -36.48 -18.79
C ILE E 345 65.77 -35.03 -18.37
N LYS E 346 66.24 -34.76 -17.14
CA LYS E 346 66.51 -33.36 -16.82
C LYS E 346 67.73 -33.21 -15.94
N VAL E 347 67.87 -34.10 -14.96
CA VAL E 347 68.84 -33.89 -13.90
C VAL E 347 69.17 -35.21 -13.23
N ALA F 2 104.80 -69.49 -23.35
CA ALA F 2 104.62 -70.78 -23.99
C ALA F 2 103.84 -71.73 -23.10
N LYS F 3 102.53 -71.54 -23.00
CA LYS F 3 101.72 -72.47 -22.22
C LYS F 3 101.59 -73.79 -22.95
N LEU F 4 101.50 -74.87 -22.20
CA LEU F 4 101.39 -76.19 -22.79
C LEU F 4 99.97 -76.54 -23.18
N ASN F 5 99.00 -75.66 -22.94
CA ASN F 5 97.64 -75.95 -23.38
C ASN F 5 96.88 -74.73 -23.89
N LEU F 6 97.55 -73.65 -24.29
CA LEU F 6 96.81 -72.53 -24.86
C LEU F 6 96.37 -72.83 -26.27
N ALA F 7 97.19 -73.58 -27.02
CA ALA F 7 96.88 -73.86 -28.41
C ALA F 7 95.73 -74.85 -28.53
N VAL F 8 95.74 -75.90 -27.71
CA VAL F 8 94.67 -76.90 -27.72
C VAL F 8 93.67 -76.51 -26.63
N LEU F 9 92.68 -75.72 -27.03
CA LEU F 9 91.51 -75.43 -26.23
C LEU F 9 90.29 -75.54 -27.12
N ASN F 10 89.18 -75.95 -26.54
CA ASN F 10 87.93 -76.07 -27.28
C ASN F 10 86.91 -75.07 -26.76
N ASN F 11 86.40 -74.24 -27.67
CA ASN F 11 85.34 -73.30 -27.31
C ASN F 11 84.01 -74.02 -27.23
N VAL F 12 83.43 -74.05 -26.03
CA VAL F 12 82.17 -74.72 -25.78
C VAL F 12 81.14 -73.67 -25.39
N PHE F 13 79.97 -73.74 -26.00
CA PHE F 13 78.90 -72.79 -25.77
C PHE F 13 78.11 -73.18 -24.52
N SER F 14 77.15 -72.35 -24.17
CA SER F 14 76.20 -72.68 -23.13
C SER F 14 74.86 -73.01 -23.76
N GLU F 15 74.04 -73.75 -23.01
CA GLU F 15 72.74 -74.21 -23.50
C GLU F 15 71.70 -73.08 -23.40
N LEU F 16 71.94 -72.04 -24.19
CA LEU F 16 71.16 -70.82 -24.09
C LEU F 16 70.96 -70.27 -25.50
N LEU F 17 69.73 -70.31 -25.98
CA LEU F 17 69.37 -69.82 -27.31
C LEU F 17 68.31 -68.75 -27.16
N THR F 18 68.48 -67.64 -27.88
CA THR F 18 67.59 -66.50 -27.76
C THR F 18 66.85 -66.30 -29.07
N GLN F 19 65.52 -66.27 -29.01
CA GLN F 19 64.69 -65.99 -30.16
C GLN F 19 64.52 -64.49 -30.30
N GLU F 20 64.74 -63.97 -31.51
CA GLU F 20 64.70 -62.54 -31.76
C GLU F 20 63.69 -62.17 -32.84
N ILE F 21 62.74 -63.05 -33.14
CA ILE F 21 61.83 -62.87 -34.26
C ILE F 21 60.40 -62.86 -33.71
N ASN F 22 59.60 -61.92 -34.22
CA ASN F 22 58.17 -61.86 -33.87
C ASN F 22 57.41 -62.87 -34.73
N ARG F 23 57.46 -64.13 -34.30
CA ARG F 23 56.62 -65.16 -34.90
C ARG F 23 55.40 -65.40 -34.04
N SER F 24 54.53 -64.40 -34.01
CA SER F 24 53.29 -64.45 -33.24
C SER F 24 52.12 -64.47 -34.19
N ALA F 25 51.19 -65.39 -33.95
CA ALA F 25 49.96 -65.51 -34.72
C ALA F 25 48.81 -65.17 -33.79
N THR F 26 48.47 -63.89 -33.71
CA THR F 26 47.41 -63.46 -32.79
C THR F 26 46.04 -63.61 -33.43
N PHE F 27 45.85 -63.01 -34.61
CA PHE F 27 44.54 -63.03 -35.25
C PHE F 27 44.17 -64.40 -35.77
N LEU F 28 45.18 -65.22 -36.11
CA LEU F 28 44.89 -66.62 -36.39
C LEU F 28 44.51 -67.37 -35.14
N GLY F 29 44.91 -66.88 -33.97
CA GLY F 29 44.59 -67.53 -32.71
C GLY F 29 43.13 -67.45 -32.30
N LEU F 30 42.33 -66.56 -32.92
CA LEU F 30 40.90 -66.48 -32.59
C LEU F 30 40.09 -66.38 -33.90
N LEU F 31 39.84 -67.53 -34.53
CA LEU F 31 39.02 -67.55 -35.73
C LEU F 31 38.07 -68.73 -35.88
N SER F 32 37.99 -69.63 -34.90
CA SER F 32 37.14 -70.82 -34.94
C SER F 32 37.49 -71.70 -36.16
N LYS F 33 38.69 -72.26 -36.11
CA LYS F 33 39.23 -73.06 -37.20
C LYS F 33 38.37 -74.29 -37.48
N TYR F 34 37.96 -74.44 -38.74
CA TYR F 34 37.03 -75.48 -39.18
C TYR F 34 37.64 -76.31 -40.31
N PRO F 35 37.37 -77.61 -40.36
CA PRO F 35 37.87 -78.48 -41.44
C PRO F 35 36.98 -78.65 -42.68
N GLU F 36 37.03 -77.69 -43.59
CA GLU F 36 36.26 -77.80 -44.82
C GLU F 36 36.99 -78.67 -45.83
N ARG F 37 36.27 -79.58 -46.48
CA ARG F 37 36.88 -80.48 -47.44
C ARG F 37 36.26 -80.40 -48.83
N LYS F 38 35.36 -79.46 -49.08
CA LYS F 38 34.71 -79.31 -50.37
C LYS F 38 35.63 -78.57 -51.34
N SER F 39 35.07 -78.13 -52.46
CA SER F 39 35.84 -77.44 -53.50
C SER F 39 35.70 -75.93 -53.46
N ASN F 40 34.65 -75.40 -52.82
CA ASN F 40 34.45 -73.97 -52.55
C ASN F 40 33.29 -73.79 -51.58
N ILE F 41 33.38 -72.76 -50.74
CA ILE F 41 32.35 -72.48 -49.75
C ILE F 41 31.21 -71.72 -50.40
N GLN F 42 29.98 -72.19 -50.19
CA GLN F 42 28.80 -71.53 -50.76
C GLN F 42 27.79 -71.28 -49.64
N TRP F 43 27.26 -70.06 -49.59
CA TRP F 43 26.14 -69.77 -48.70
C TRP F 43 25.15 -68.88 -49.42
N GLY F 44 24.19 -68.31 -48.69
CA GLY F 44 23.17 -67.50 -49.34
C GLY F 44 23.01 -66.12 -48.74
N VAL F 45 23.05 -65.09 -49.57
CA VAL F 45 22.85 -63.71 -49.14
C VAL F 45 21.49 -63.26 -49.66
N GLY F 46 20.63 -62.83 -48.73
CA GLY F 46 19.27 -62.47 -49.11
C GLY F 46 19.00 -60.99 -49.15
N MET F 47 18.91 -60.44 -50.36
CA MET F 47 18.60 -59.03 -50.55
C MET F 47 17.09 -58.82 -50.45
N GLY F 48 16.63 -57.64 -50.86
CA GLY F 48 15.23 -57.32 -50.82
C GLY F 48 14.60 -57.26 -52.20
N GLY F 49 13.43 -56.64 -52.27
CA GLY F 49 12.73 -56.50 -53.53
C GLY F 49 11.22 -56.50 -53.48
N THR F 50 10.64 -56.77 -52.32
CA THR F 50 9.19 -56.73 -52.19
C THR F 50 8.70 -55.29 -52.11
N THR F 51 7.83 -54.92 -53.04
CA THR F 51 7.27 -53.58 -53.10
C THR F 51 5.94 -53.54 -52.35
N ALA F 52 5.65 -52.38 -51.77
CA ALA F 52 4.41 -52.17 -51.01
C ALA F 52 3.82 -50.83 -51.39
N THR F 53 3.62 -50.61 -52.68
CA THR F 53 3.09 -49.35 -53.20
C THR F 53 1.65 -49.13 -52.75
N GLY F 54 1.21 -47.88 -52.90
CA GLY F 54 -0.08 -47.44 -52.41
C GLY F 54 -1.09 -47.31 -53.53
N VAL F 55 -2.23 -47.98 -53.35
CA VAL F 55 -3.31 -47.98 -54.34
C VAL F 55 -4.59 -47.48 -53.66
N ALA F 56 -5.61 -47.25 -54.47
CA ALA F 56 -6.89 -46.78 -53.99
C ALA F 56 -7.68 -47.92 -53.35
N ILE F 57 -8.87 -47.62 -52.84
CA ILE F 57 -9.71 -48.67 -52.29
C ILE F 57 -10.33 -49.50 -53.40
N THR F 58 -10.85 -48.85 -54.43
CA THR F 58 -11.28 -49.55 -55.64
C THR F 58 -10.08 -49.74 -56.58
N GLY F 59 -9.10 -50.48 -56.08
CA GLY F 59 -7.79 -50.55 -56.70
C GLY F 59 -7.72 -51.60 -57.78
N SER F 60 -6.49 -52.04 -58.07
CA SER F 60 -6.29 -52.99 -59.14
C SER F 60 -5.27 -54.08 -58.80
N ALA F 61 -4.92 -54.25 -57.51
CA ALA F 61 -4.01 -55.28 -57.00
C ALA F 61 -2.66 -55.26 -57.71
N PRO F 62 -1.73 -54.36 -57.33
CA PRO F 62 -0.59 -54.02 -58.19
C PRO F 62 0.42 -55.13 -58.45
N ALA F 63 1.48 -54.79 -59.20
CA ALA F 63 2.38 -55.76 -59.82
C ALA F 63 3.14 -56.58 -58.78
N ALA F 64 3.63 -57.73 -59.23
CA ALA F 64 4.20 -58.72 -58.34
C ALA F 64 5.58 -58.33 -57.86
N SER F 65 5.98 -58.90 -56.73
CA SER F 65 7.27 -58.63 -56.12
C SER F 65 7.63 -59.76 -55.18
N MET F 66 8.91 -60.05 -55.08
CA MET F 66 9.39 -61.16 -54.27
C MET F 66 10.87 -60.92 -53.98
N ASP F 67 11.31 -61.29 -52.77
CA ASP F 67 12.70 -61.07 -52.41
C ASP F 67 13.61 -62.09 -53.06
N ALA F 68 14.79 -61.62 -53.46
CA ALA F 68 15.78 -62.45 -54.12
C ALA F 68 16.90 -62.82 -53.17
N THR F 69 17.44 -64.02 -53.33
CA THR F 69 18.60 -64.49 -52.60
C THR F 69 19.70 -64.81 -53.60
N LEU F 70 20.94 -64.60 -53.19
CA LEU F 70 22.09 -64.65 -54.08
C LEU F 70 23.14 -65.61 -53.53
N PRO F 71 24.04 -66.11 -54.39
CA PRO F 71 25.11 -67.00 -53.90
C PRO F 71 26.36 -66.26 -53.44
N ALA F 72 27.40 -66.99 -53.03
CA ALA F 72 28.66 -66.32 -52.71
C ALA F 72 29.90 -66.97 -53.30
N GLN F 73 29.99 -68.31 -53.28
CA GLN F 73 30.87 -69.17 -54.07
C GLN F 73 32.36 -69.20 -53.73
N LEU F 74 32.91 -68.22 -53.00
CA LEU F 74 34.06 -68.21 -52.07
C LEU F 74 35.08 -69.34 -52.23
N PRO F 75 35.89 -69.35 -53.27
CA PRO F 75 36.72 -70.53 -53.60
C PRO F 75 37.84 -70.83 -52.61
N ILE F 76 38.23 -72.11 -52.58
CA ILE F 76 39.23 -72.60 -51.61
C ILE F 76 40.42 -73.33 -52.26
N SER F 77 40.24 -73.95 -53.43
CA SER F 77 41.17 -75.00 -53.85
C SER F 77 41.88 -74.67 -55.14
N ALA F 78 42.94 -73.86 -55.05
CA ALA F 78 44.00 -73.89 -56.04
C ALA F 78 45.40 -73.68 -55.50
N ALA F 79 45.56 -73.23 -54.26
CA ALA F 79 46.85 -72.75 -53.79
C ALA F 79 47.18 -73.35 -52.43
N SER F 80 48.39 -73.04 -51.97
CA SER F 80 48.97 -73.57 -50.75
C SER F 80 50.23 -72.79 -50.43
N VAL F 81 50.53 -72.65 -49.14
CA VAL F 81 51.81 -72.10 -48.67
C VAL F 81 52.72 -73.26 -48.30
N GLN F 82 54.01 -73.15 -48.62
CA GLN F 82 54.94 -74.26 -48.41
C GLN F 82 56.32 -73.75 -48.02
N SER F 83 57.18 -74.69 -47.60
CA SER F 83 58.57 -74.44 -47.22
C SER F 83 59.37 -75.72 -47.36
N THR F 84 60.68 -75.60 -47.62
CA THR F 84 61.57 -76.74 -47.76
C THR F 84 62.76 -76.62 -46.82
N PHE F 85 63.54 -77.70 -46.69
CA PHE F 85 64.69 -77.74 -45.79
C PHE F 85 66.01 -77.89 -46.54
N THR F 86 66.15 -78.97 -47.32
CA THR F 86 67.38 -79.40 -48.01
C THR F 86 68.56 -79.51 -47.06
N LEU F 87 68.45 -80.42 -46.09
CA LEU F 87 69.53 -80.68 -45.16
C LEU F 87 70.23 -81.98 -45.52
N ASN F 88 71.54 -82.03 -45.26
CA ASN F 88 72.34 -83.18 -45.61
C ASN F 88 72.14 -84.32 -44.62
N LEU F 89 72.88 -85.39 -44.83
CA LEU F 89 72.87 -86.54 -43.94
C LEU F 89 74.15 -86.62 -43.12
N LYS F 90 75.15 -85.82 -43.47
CA LYS F 90 76.38 -85.67 -42.69
C LYS F 90 76.33 -84.49 -41.75
N GLU F 91 75.54 -83.46 -42.07
CA GLU F 91 75.37 -82.33 -41.16
C GLU F 91 74.64 -82.75 -39.90
N ILE F 92 73.59 -83.56 -40.04
CA ILE F 92 72.83 -84.02 -38.88
C ILE F 92 73.59 -85.05 -38.07
N GLU F 93 74.71 -85.55 -38.58
CA GLU F 93 75.54 -86.48 -37.83
C GLU F 93 76.62 -85.77 -37.03
N GLU F 94 77.24 -84.74 -37.60
CA GLU F 94 78.29 -84.01 -36.91
C GLU F 94 77.76 -82.89 -36.04
N SER F 95 76.44 -82.70 -36.00
CA SER F 95 75.84 -81.71 -35.11
C SER F 95 75.22 -82.35 -33.88
N LYS F 96 75.82 -83.43 -33.38
CA LYS F 96 75.39 -84.00 -32.11
C LYS F 96 76.54 -84.33 -31.18
N GLU F 97 77.79 -84.23 -31.66
CA GLU F 97 78.94 -84.18 -30.78
C GLU F 97 79.58 -82.80 -30.76
N GLN F 98 79.00 -81.84 -31.48
CA GLN F 98 79.74 -80.61 -31.73
C GLN F 98 78.83 -79.39 -31.57
N VAL F 99 77.72 -79.54 -30.86
CA VAL F 99 76.89 -78.42 -30.42
C VAL F 99 76.25 -78.82 -29.10
N THR F 100 76.07 -77.84 -28.21
CA THR F 100 75.68 -78.12 -26.83
C THR F 100 74.23 -77.83 -26.52
N ASN F 101 73.49 -77.23 -27.43
CA ASN F 101 72.11 -76.88 -27.15
C ASN F 101 71.22 -78.10 -27.35
N GLU F 102 70.11 -78.14 -26.62
CA GLU F 102 69.14 -79.21 -26.79
C GLU F 102 68.00 -78.84 -27.72
N GLU F 103 67.75 -77.54 -27.95
CA GLU F 103 66.80 -77.13 -28.98
C GLU F 103 67.36 -77.48 -30.35
N LEU F 104 68.66 -77.28 -30.54
CA LEU F 104 69.44 -77.86 -31.64
C LEU F 104 69.79 -79.30 -31.28
N ARG F 105 70.78 -79.87 -31.96
CA ARG F 105 71.34 -81.22 -31.86
C ARG F 105 70.39 -82.26 -32.50
N ASN F 106 69.15 -81.89 -32.82
CA ASN F 106 68.25 -82.73 -33.59
C ASN F 106 67.83 -81.84 -34.75
N LEU F 107 68.66 -81.83 -35.80
CA LEU F 107 68.57 -80.79 -36.81
C LEU F 107 67.36 -80.94 -37.71
N LEU F 108 66.77 -82.14 -37.77
CA LEU F 108 65.47 -82.29 -38.41
C LEU F 108 64.36 -81.64 -37.58
N GLU F 109 64.32 -81.96 -36.29
CA GLU F 109 63.24 -81.45 -35.44
C GLU F 109 63.42 -79.96 -35.14
N ALA F 110 64.67 -79.48 -35.12
CA ALA F 110 64.92 -78.07 -34.85
C ALA F 110 64.49 -77.17 -36.00
N GLN F 111 64.32 -77.71 -37.20
CA GLN F 111 63.84 -76.96 -38.35
C GLN F 111 62.39 -77.28 -38.68
N MET F 112 61.89 -78.42 -38.20
CA MET F 112 60.51 -78.82 -38.48
C MET F 112 59.52 -77.88 -37.84
N ARG F 113 59.57 -77.73 -36.51
CA ARG F 113 58.72 -76.77 -35.84
C ARG F 113 59.14 -75.33 -36.08
N ASN F 114 60.34 -75.11 -36.61
CA ASN F 114 60.78 -73.79 -36.99
C ASN F 114 60.25 -73.39 -38.35
N ALA F 115 59.61 -74.31 -39.07
CA ALA F 115 58.93 -74.01 -40.32
C ALA F 115 57.42 -74.08 -40.20
N VAL F 116 56.89 -74.93 -39.31
CA VAL F 116 55.46 -74.96 -39.04
C VAL F 116 55.01 -73.65 -38.43
N GLU F 117 55.81 -73.11 -37.50
CA GLU F 117 55.50 -71.82 -36.92
C GLU F 117 55.71 -70.70 -37.93
N GLU F 118 56.59 -70.90 -38.91
CA GLU F 118 56.76 -69.93 -39.98
C GLU F 118 55.55 -69.92 -40.92
N ILE F 119 54.91 -71.07 -41.12
CA ILE F 119 53.67 -71.12 -41.89
C ILE F 119 52.59 -70.31 -41.20
N ALA F 120 52.50 -70.39 -39.88
CA ALA F 120 51.47 -69.65 -39.15
C ALA F 120 51.76 -68.15 -39.07
N THR F 121 53.02 -67.74 -39.09
CA THR F 121 53.30 -66.31 -38.99
C THR F 121 53.31 -65.60 -40.34
N THR F 122 53.29 -66.34 -41.44
CA THR F 122 53.04 -65.76 -42.74
C THR F 122 51.60 -65.96 -43.17
N LEU F 123 50.80 -66.63 -42.35
CA LEU F 123 49.42 -66.87 -42.68
C LEU F 123 48.54 -65.71 -42.25
N ASN F 124 48.71 -65.22 -41.02
CA ASN F 124 47.98 -64.01 -40.66
C ASN F 124 48.68 -62.75 -41.14
N LYS F 125 49.83 -62.85 -41.77
CA LYS F 125 50.32 -61.73 -42.54
C LYS F 125 49.54 -61.61 -43.85
N LYS F 126 48.97 -62.73 -44.32
CA LYS F 126 48.11 -62.75 -45.50
C LYS F 126 46.63 -62.70 -45.17
N LEU F 127 46.25 -62.83 -43.89
CA LEU F 127 44.87 -62.59 -43.50
C LEU F 127 44.49 -61.12 -43.58
N TYR F 128 45.45 -60.21 -43.74
CA TYR F 128 45.16 -58.82 -44.01
C TYR F 128 45.50 -58.40 -45.44
N ASP F 129 46.28 -59.19 -46.17
CA ASP F 129 46.86 -58.75 -47.43
C ASP F 129 46.74 -59.85 -48.49
N GLY F 130 45.60 -60.54 -48.53
CA GLY F 130 45.47 -61.71 -49.37
C GLY F 130 45.46 -61.47 -50.86
N SER F 131 44.39 -60.83 -51.36
CA SER F 131 44.22 -60.40 -52.75
C SER F 131 44.32 -61.56 -53.74
N GLY F 132 43.68 -62.68 -53.41
CA GLY F 132 43.62 -63.80 -54.33
C GLY F 132 44.97 -64.47 -54.50
N ALA F 133 45.61 -64.22 -55.65
CA ALA F 133 47.06 -64.29 -55.78
C ALA F 133 47.67 -65.67 -55.52
N ILE F 134 47.60 -66.57 -56.52
CA ILE F 134 48.30 -67.86 -56.54
C ILE F 134 49.76 -67.79 -56.09
N ALA F 135 50.41 -66.64 -56.27
CA ALA F 135 51.79 -66.46 -55.85
C ALA F 135 51.95 -66.45 -54.33
N ASP F 136 50.99 -65.88 -53.59
CA ASP F 136 51.27 -65.66 -52.17
C ASP F 136 50.57 -66.65 -51.24
N GLY F 137 49.66 -67.47 -51.73
CA GLY F 137 49.05 -68.47 -50.87
C GLY F 137 47.59 -68.76 -51.14
N GLY F 138 46.90 -67.85 -51.82
CA GLY F 138 45.54 -68.12 -52.20
C GLY F 138 44.47 -67.64 -51.24
N LEU F 139 44.80 -66.77 -50.30
CA LEU F 139 43.79 -66.26 -49.39
C LEU F 139 43.14 -65.02 -49.97
N ILE F 140 42.26 -64.41 -49.20
CA ILE F 140 41.53 -63.24 -49.67
C ILE F 140 41.86 -62.06 -48.77
N GLY F 141 41.70 -62.24 -47.46
CA GLY F 141 42.14 -61.25 -46.51
C GLY F 141 41.14 -60.11 -46.33
N LEU F 142 41.33 -59.38 -45.23
CA LEU F 142 40.41 -58.31 -44.86
C LEU F 142 40.61 -57.03 -45.64
N SER F 143 41.61 -56.94 -46.53
CA SER F 143 41.78 -55.74 -47.31
C SER F 143 40.74 -55.62 -48.41
N ILE F 144 40.13 -56.72 -48.81
CA ILE F 144 39.09 -56.72 -49.84
C ILE F 144 37.86 -57.43 -49.32
N ALA F 145 37.90 -57.88 -48.07
CA ALA F 145 36.70 -58.35 -47.40
C ALA F 145 36.05 -57.28 -46.54
N ALA F 146 36.71 -56.14 -46.35
CA ALA F 146 36.19 -55.03 -45.59
C ALA F 146 36.24 -53.75 -46.39
N SER F 147 35.94 -53.82 -47.69
CA SER F 147 35.99 -52.65 -48.55
C SER F 147 34.89 -52.70 -49.59
N GLY F 148 34.97 -51.86 -50.61
CA GLY F 148 34.02 -51.86 -51.69
C GLY F 148 34.29 -52.86 -52.78
N GLN F 149 35.30 -53.72 -52.61
CA GLN F 149 35.63 -54.73 -53.59
C GLN F 149 34.60 -55.86 -53.50
N ASP F 150 34.60 -56.74 -54.51
CA ASP F 150 33.46 -57.61 -54.77
C ASP F 150 33.37 -58.74 -53.76
N TYR F 151 34.43 -59.55 -53.67
CA TYR F 151 34.77 -60.54 -52.65
C TYR F 151 33.98 -61.84 -52.65
N ALA F 152 32.76 -61.88 -53.17
CA ALA F 152 32.10 -63.18 -53.29
C ALA F 152 31.66 -63.47 -54.72
N GLY F 153 30.65 -62.78 -55.21
CA GLY F 153 30.40 -62.71 -56.63
C GLY F 153 29.72 -61.39 -56.92
N ILE F 154 29.46 -60.63 -55.85
CA ILE F 154 28.56 -59.50 -55.90
C ILE F 154 29.37 -58.22 -55.95
N SER F 155 29.25 -57.48 -57.04
CA SER F 155 29.81 -56.14 -57.09
C SER F 155 28.94 -55.20 -56.27
N SER F 156 29.60 -54.29 -55.56
CA SER F 156 28.87 -53.35 -54.72
C SER F 156 28.12 -52.29 -55.52
N ALA F 157 28.44 -52.14 -56.80
CA ALA F 157 27.77 -51.12 -57.60
C ALA F 157 26.35 -51.54 -57.97
N THR F 158 26.12 -52.83 -58.15
CA THR F 158 24.79 -53.30 -58.49
C THR F 158 23.95 -53.65 -57.28
N TYR F 159 24.57 -53.94 -56.13
CA TYR F 159 23.87 -54.20 -54.89
C TYR F 159 24.57 -53.43 -53.78
N PRO F 160 24.03 -52.30 -53.35
CA PRO F 160 24.75 -51.45 -52.38
C PRO F 160 24.64 -51.89 -50.94
N LEU F 161 24.21 -53.12 -50.67
CA LEU F 161 24.14 -53.62 -49.31
C LEU F 161 25.41 -54.35 -48.89
N TRP F 162 26.43 -54.30 -49.74
CA TRP F 162 27.82 -54.64 -49.44
C TRP F 162 28.52 -53.36 -48.98
N ASN F 163 29.84 -53.27 -49.21
CA ASN F 163 30.73 -52.12 -49.00
C ASN F 163 30.62 -51.47 -47.61
N VAL F 164 31.30 -52.12 -46.66
CA VAL F 164 31.44 -51.85 -45.22
C VAL F 164 31.49 -50.37 -44.87
N SER F 165 30.76 -49.98 -43.82
CA SER F 165 30.71 -48.61 -43.32
C SER F 165 32.10 -48.13 -42.93
N GLU F 166 32.63 -47.18 -43.69
CA GLU F 166 33.99 -46.70 -43.49
C GLU F 166 33.98 -45.31 -42.89
N VAL F 167 35.03 -45.02 -42.12
CA VAL F 167 35.32 -43.67 -41.67
C VAL F 167 36.73 -43.33 -42.10
N ASP F 168 36.87 -42.30 -42.93
CA ASP F 168 38.18 -41.89 -43.41
C ASP F 168 38.68 -40.73 -42.55
N ALA F 169 40.00 -40.59 -42.50
CA ALA F 169 40.65 -39.59 -41.66
C ALA F 169 41.70 -38.83 -42.45
N TRP F 170 41.30 -38.31 -43.61
CA TRP F 170 42.21 -37.62 -44.52
C TRP F 170 41.88 -36.15 -44.69
N ASP F 171 40.59 -35.82 -44.81
CA ASP F 171 39.95 -34.49 -44.90
C ASP F 171 40.20 -33.73 -46.20
N ALA F 172 41.22 -34.11 -46.97
CA ALA F 172 41.55 -33.64 -48.31
C ALA F 172 41.73 -32.12 -48.43
N ASN F 173 41.71 -31.35 -47.34
CA ASN F 173 41.81 -29.91 -47.46
C ASN F 173 42.62 -29.22 -46.37
N ALA F 174 43.23 -29.96 -45.45
CA ALA F 174 44.15 -29.31 -44.53
C ALA F 174 45.48 -29.06 -45.22
N THR F 175 46.28 -28.16 -44.66
CA THR F 175 47.50 -27.78 -45.32
C THR F 175 48.61 -28.81 -45.05
N GLY F 176 49.65 -28.74 -45.87
CA GLY F 176 50.75 -29.67 -45.77
C GLY F 176 50.63 -30.80 -46.76
N THR F 177 51.49 -31.80 -46.56
CA THR F 177 51.50 -32.99 -47.38
C THR F 177 51.07 -34.25 -46.63
N ASP F 178 50.84 -34.14 -45.33
CA ASP F 178 50.43 -35.26 -44.49
C ASP F 178 49.18 -34.82 -43.73
N LYS F 179 48.02 -35.23 -44.20
CA LYS F 179 46.74 -34.80 -43.63
C LYS F 179 46.08 -36.02 -43.03
N ARG F 180 46.39 -36.33 -41.77
CA ARG F 180 45.91 -37.58 -41.20
C ARG F 180 44.99 -37.45 -40.00
N GLN F 181 44.89 -36.27 -39.37
CA GLN F 181 43.84 -35.92 -38.40
C GLN F 181 43.83 -36.89 -37.20
N ALA F 182 44.83 -36.68 -36.33
CA ALA F 182 45.52 -37.70 -35.54
C ALA F 182 44.67 -38.81 -34.92
N LEU F 183 43.87 -38.50 -33.90
CA LEU F 183 42.81 -39.40 -33.43
C LEU F 183 41.92 -38.60 -32.52
N LYS F 184 40.66 -38.43 -32.90
CA LYS F 184 39.67 -37.83 -32.03
C LYS F 184 38.76 -38.91 -31.50
N THR F 185 37.96 -38.56 -30.49
CA THR F 185 36.95 -39.49 -30.02
C THR F 185 35.76 -39.53 -30.96
N ASP F 186 35.63 -38.52 -31.82
CA ASP F 186 34.53 -38.41 -32.77
C ASP F 186 34.56 -39.51 -33.81
N PHE F 187 35.71 -40.11 -34.07
CA PHE F 187 35.81 -41.18 -35.06
C PHE F 187 35.09 -42.43 -34.58
N MET F 188 35.24 -42.78 -33.30
CA MET F 188 34.53 -43.93 -32.75
C MET F 188 33.06 -43.66 -32.53
N LEU F 189 32.62 -42.41 -32.61
CA LEU F 189 31.20 -42.09 -32.60
C LEU F 189 30.61 -42.00 -33.99
N GLU F 190 31.40 -41.55 -34.97
CA GLU F 190 30.91 -41.50 -36.34
C GLU F 190 30.80 -42.89 -36.94
N LEU F 191 31.71 -43.80 -36.57
CA LEU F 191 31.61 -45.16 -37.07
C LEU F 191 30.45 -45.90 -36.42
N ASP F 192 30.16 -45.58 -35.16
CA ASP F 192 29.04 -46.23 -34.49
C ASP F 192 27.71 -45.71 -35.02
N ARG F 193 27.70 -44.54 -35.64
CA ARG F 193 26.49 -44.06 -36.27
C ARG F 193 26.20 -44.79 -37.58
N LYS F 194 27.20 -44.93 -38.43
CA LYS F 194 27.02 -45.59 -39.72
C LYS F 194 26.92 -47.10 -39.61
N ILE F 195 27.23 -47.68 -38.46
CA ILE F 195 27.01 -49.10 -38.22
C ILE F 195 25.69 -49.35 -37.52
N ARG F 196 25.00 -48.28 -37.11
CA ARG F 196 23.69 -48.40 -36.48
C ARG F 196 22.56 -48.47 -37.49
N TYR F 197 22.74 -47.85 -38.66
CA TYR F 197 21.72 -47.87 -39.70
C TYR F 197 21.53 -49.24 -40.33
N ARG F 198 22.45 -50.16 -40.12
CA ARG F 198 22.30 -51.57 -40.48
C ARG F 198 22.56 -52.33 -39.20
N PRO F 199 21.52 -52.79 -38.50
CA PRO F 199 21.66 -53.13 -37.08
C PRO F 199 22.53 -54.33 -36.80
N GLY F 200 23.83 -54.14 -36.90
CA GLY F 200 24.80 -55.16 -36.54
C GLY F 200 25.71 -54.62 -35.44
N ALA F 201 26.12 -55.51 -34.55
CA ALA F 201 26.89 -55.13 -33.38
C ALA F 201 28.20 -55.88 -33.36
N TYR F 202 29.30 -55.13 -33.29
CA TYR F 202 30.63 -55.72 -33.32
C TYR F 202 31.00 -56.33 -31.97
N ASP F 203 32.14 -57.03 -31.95
CA ASP F 203 32.70 -57.60 -30.73
C ASP F 203 34.15 -57.21 -30.54
N LEU F 204 34.92 -57.15 -31.62
CA LEU F 204 36.36 -56.97 -31.56
C LEU F 204 36.75 -55.62 -32.13
N ILE F 205 37.95 -55.18 -31.79
CA ILE F 205 38.64 -54.10 -32.48
C ILE F 205 40.08 -54.56 -32.67
N LEU F 206 40.66 -54.34 -33.86
CA LEU F 206 41.87 -55.07 -34.23
C LEU F 206 43.17 -54.28 -34.19
N THR F 207 43.14 -52.94 -34.27
CA THR F 207 44.10 -52.03 -33.62
C THR F 207 45.60 -52.35 -33.64
N THR F 208 46.29 -52.13 -34.75
CA THR F 208 47.76 -52.14 -34.75
C THR F 208 48.27 -51.29 -33.59
N PRO F 209 49.17 -51.81 -32.74
CA PRO F 209 49.37 -51.21 -31.41
C PRO F 209 50.03 -49.83 -31.37
N LYS F 210 50.28 -49.23 -32.53
CA LYS F 210 50.52 -47.80 -32.57
C LYS F 210 49.23 -47.02 -32.38
N VAL F 211 48.10 -47.58 -32.78
CA VAL F 211 46.84 -46.86 -32.59
C VAL F 211 46.29 -47.11 -31.19
N VAL F 212 46.78 -48.13 -30.49
CA VAL F 212 46.45 -48.29 -29.09
C VAL F 212 47.15 -47.20 -28.28
N GLU F 213 48.34 -46.80 -28.72
CA GLU F 213 49.02 -45.65 -28.12
C GLU F 213 48.25 -44.36 -28.35
N GLN F 214 47.66 -44.19 -29.54
CA GLN F 214 46.87 -43.01 -29.81
C GLN F 214 45.55 -43.04 -29.05
N TYR F 215 44.99 -44.22 -28.84
CA TYR F 215 43.83 -44.36 -27.97
C TYR F 215 44.20 -44.11 -26.52
N LYS F 216 45.45 -44.39 -26.14
CA LYS F 216 45.88 -44.19 -24.77
C LYS F 216 46.27 -42.74 -24.50
N LYS F 217 46.78 -42.04 -25.51
CA LYS F 217 47.10 -40.63 -25.40
C LYS F 217 45.88 -39.71 -25.40
N VAL F 218 44.70 -40.25 -25.66
CA VAL F 218 43.47 -39.46 -25.51
C VAL F 218 43.11 -39.33 -24.04
N PHE F 219 43.36 -40.38 -23.26
CA PHE F 219 43.15 -40.33 -21.82
C PHE F 219 44.06 -39.30 -21.17
N GLU F 220 45.31 -39.21 -21.65
CA GLU F 220 46.27 -38.26 -21.10
C GLU F 220 45.90 -36.81 -21.38
N ALA F 221 45.05 -36.55 -22.35
CA ALA F 221 44.62 -35.17 -22.60
C ALA F 221 43.66 -34.71 -21.52
N ASN F 222 42.76 -35.59 -21.06
CA ASN F 222 41.74 -35.23 -20.08
C ASN F 222 41.71 -36.25 -18.94
N ARG F 223 42.62 -36.09 -18.00
CA ARG F 223 42.62 -36.85 -16.76
C ARG F 223 43.33 -36.04 -15.70
N SER F 224 42.95 -36.26 -14.45
CA SER F 224 43.57 -35.57 -13.34
C SER F 224 43.45 -36.45 -12.10
N TYR F 225 44.07 -35.99 -11.01
CA TYR F 225 44.12 -36.74 -9.77
C TYR F 225 43.61 -35.85 -8.65
N GLN F 226 42.58 -36.32 -7.95
CA GLN F 226 41.97 -35.56 -6.82
C GLN F 226 42.07 -36.39 -5.54
N ILE F 227 42.52 -35.77 -4.45
CA ILE F 227 42.65 -36.43 -3.15
C ILE F 227 41.47 -35.94 -2.33
N MET F 228 40.37 -36.71 -2.37
CA MET F 228 39.14 -36.32 -1.65
C MET F 228 39.06 -37.07 -0.31
N THR F 229 40.13 -37.01 0.50
CA THR F 229 40.13 -37.67 1.80
C THR F 229 41.12 -36.95 2.69
N PHE F 230 40.61 -36.22 3.68
CA PHE F 230 41.42 -35.37 4.54
C PHE F 230 41.23 -35.79 6.00
N ASP F 231 42.01 -36.76 6.44
CA ASP F 231 42.05 -37.09 7.86
C ASP F 231 43.44 -37.43 8.37
N GLY F 232 44.41 -37.69 7.51
CA GLY F 232 45.69 -38.21 7.95
C GLY F 232 45.77 -39.71 7.76
N GLN F 233 46.61 -40.36 8.56
CA GLN F 233 46.71 -41.81 8.77
C GLN F 233 47.28 -42.59 7.59
N ARG F 234 47.47 -41.94 6.45
CA ARG F 234 48.08 -42.57 5.28
C ARG F 234 48.47 -41.47 4.30
N VAL F 235 49.34 -41.83 3.37
CA VAL F 235 49.82 -40.92 2.34
C VAL F 235 49.45 -41.49 0.98
N PRO F 236 49.22 -40.65 -0.03
CA PRO F 236 48.90 -41.18 -1.36
C PRO F 236 50.10 -41.84 -2.00
N LEU F 237 49.82 -42.71 -2.97
CA LEU F 237 50.85 -43.47 -3.67
C LEU F 237 50.59 -43.37 -5.17
N ILE F 238 51.57 -42.82 -5.91
CA ILE F 238 51.43 -42.54 -7.34
C ILE F 238 51.34 -43.84 -8.13
N ASP F 239 50.37 -43.94 -9.03
CA ASP F 239 50.41 -45.00 -10.03
C ASP F 239 50.97 -44.47 -11.34
N LEU F 240 50.31 -43.45 -11.92
CA LEU F 240 50.69 -42.84 -13.22
C LEU F 240 50.81 -43.86 -14.34
N GLY F 241 49.95 -44.87 -14.31
CA GLY F 241 49.93 -45.87 -15.35
C GLY F 241 48.57 -46.51 -15.40
N PHE F 242 48.22 -46.99 -16.58
CA PHE F 242 46.89 -47.54 -16.82
C PHE F 242 46.92 -48.34 -18.12
N ASN F 243 46.08 -49.36 -18.16
CA ASN F 243 46.02 -50.26 -19.30
C ASN F 243 44.58 -50.42 -19.78
N VAL F 244 44.42 -50.81 -21.03
CA VAL F 244 43.18 -50.60 -21.76
C VAL F 244 42.25 -51.79 -21.58
N ALA F 245 40.98 -51.50 -21.25
CA ALA F 245 39.92 -52.50 -21.27
C ALA F 245 39.26 -52.63 -22.63
N GLY F 246 38.99 -51.53 -23.30
CA GLY F 246 38.32 -51.55 -24.59
C GLY F 246 37.17 -50.56 -24.66
N TYR F 247 36.65 -50.42 -25.87
CA TYR F 247 35.64 -49.42 -26.17
C TYR F 247 34.26 -50.03 -25.97
N MET F 248 33.49 -49.47 -25.01
CA MET F 248 32.13 -49.90 -24.68
C MET F 248 32.03 -51.37 -24.31
N GLY F 249 33.00 -51.84 -23.52
CA GLY F 249 33.04 -53.23 -23.09
C GLY F 249 33.65 -54.19 -24.09
N ARG F 250 33.68 -53.81 -25.36
CA ARG F 250 34.23 -54.66 -26.40
C ARG F 250 35.75 -54.63 -26.30
N PRO F 251 36.42 -55.78 -26.22
CA PRO F 251 37.85 -55.77 -25.96
C PRO F 251 38.66 -55.32 -27.17
N ILE F 252 39.77 -54.65 -26.90
CA ILE F 252 40.70 -54.21 -27.93
C ILE F 252 41.86 -55.20 -27.98
N ILE F 253 42.04 -55.83 -29.13
CA ILE F 253 43.08 -56.83 -29.36
C ILE F 253 44.03 -56.29 -30.41
N ASP F 254 45.32 -56.30 -30.11
CA ASP F 254 46.34 -55.70 -30.95
C ASP F 254 47.16 -56.75 -31.68
N ASP F 255 47.12 -56.72 -33.01
CA ASP F 255 47.99 -57.52 -33.83
C ASP F 255 49.11 -56.66 -34.37
N VAL F 256 50.33 -57.21 -34.36
CA VAL F 256 51.48 -56.46 -34.84
C VAL F 256 51.44 -56.31 -36.35
N PHE F 257 51.15 -57.40 -37.05
CA PHE F 257 51.23 -57.45 -38.50
C PHE F 257 49.97 -56.96 -39.19
N CYS F 258 49.07 -56.29 -38.47
CA CYS F 258 47.84 -55.80 -39.07
C CYS F 258 48.12 -54.58 -39.92
N SER F 259 47.47 -54.52 -41.08
CA SER F 259 47.69 -53.47 -42.06
C SER F 259 46.50 -53.45 -43.00
N ARG F 260 46.61 -52.65 -44.07
CA ARG F 260 45.54 -52.53 -45.05
C ARG F 260 46.14 -52.00 -46.33
N THR F 261 46.08 -52.78 -47.40
CA THR F 261 46.54 -52.27 -48.69
C THR F 261 45.55 -51.26 -49.24
N ARG F 262 46.04 -50.06 -49.56
CA ARG F 262 45.19 -49.01 -50.09
C ARG F 262 44.71 -49.37 -51.49
N THR F 263 43.55 -48.83 -51.87
CA THR F 263 42.93 -49.16 -53.14
C THR F 263 43.50 -48.28 -54.25
N ALA F 264 42.87 -48.31 -55.42
CA ALA F 264 43.28 -47.48 -56.53
C ALA F 264 42.68 -46.09 -56.49
N ALA F 265 41.54 -45.92 -55.84
CA ALA F 265 40.95 -44.60 -55.66
C ALA F 265 41.70 -43.77 -54.62
N GLU F 266 42.56 -44.40 -53.82
CA GLU F 266 43.40 -43.71 -52.85
C GLU F 266 44.80 -43.51 -53.40
N SER F 267 44.92 -43.25 -54.71
CA SER F 267 46.24 -43.10 -55.31
C SER F 267 46.87 -41.77 -54.97
N ALA F 268 46.07 -40.74 -54.67
CA ALA F 268 46.64 -39.50 -54.19
C ALA F 268 47.19 -39.64 -52.78
N ILE F 269 46.58 -40.52 -51.98
CA ILE F 269 47.10 -40.78 -50.64
C ILE F 269 48.38 -41.58 -50.71
N THR F 270 48.49 -42.48 -51.68
CA THR F 270 49.65 -43.36 -51.79
C THR F 270 50.87 -42.59 -52.27
N THR F 271 50.70 -41.69 -53.25
CA THR F 271 51.83 -40.91 -53.73
C THR F 271 52.28 -39.87 -52.73
N ALA F 272 51.36 -39.37 -51.90
CA ALA F 272 51.73 -38.38 -50.89
C ALA F 272 52.47 -38.99 -49.71
N LEU F 273 52.37 -40.30 -49.53
CA LEU F 273 53.02 -40.98 -48.41
C LEU F 273 54.08 -41.98 -48.82
N GLY F 274 54.11 -42.40 -50.10
CA GLY F 274 55.12 -43.30 -50.58
C GLY F 274 54.82 -44.77 -50.36
N THR F 275 53.95 -45.11 -49.43
CA THR F 275 53.61 -46.49 -49.13
C THR F 275 52.11 -46.70 -49.33
N ALA F 276 51.72 -47.98 -49.30
CA ALA F 276 50.32 -48.37 -49.41
C ALA F 276 50.01 -49.47 -48.41
N VAL F 277 50.52 -49.33 -47.19
CA VAL F 277 50.37 -50.34 -46.15
C VAL F 277 49.48 -49.84 -45.02
N ASP F 278 49.60 -48.55 -44.70
CA ASP F 278 48.68 -47.69 -43.93
C ASP F 278 48.67 -47.95 -42.42
N GLU F 279 49.07 -49.15 -41.97
CA GLU F 279 49.57 -49.45 -40.63
C GLU F 279 48.66 -49.03 -39.45
N GLY F 280 47.46 -48.53 -39.72
CA GLY F 280 46.71 -47.75 -38.76
C GLY F 280 45.21 -47.98 -38.70
N VAL F 281 44.75 -49.21 -38.86
CA VAL F 281 43.34 -49.48 -39.03
C VAL F 281 42.74 -50.01 -37.73
N MET F 282 41.41 -50.09 -37.69
CA MET F 282 40.69 -50.45 -36.47
C MET F 282 39.95 -51.78 -36.56
N TYR F 283 39.16 -51.99 -37.63
CA TYR F 283 38.48 -53.26 -37.93
C TYR F 283 37.50 -53.67 -36.82
N PHE F 284 36.42 -52.91 -36.71
CA PHE F 284 35.28 -53.32 -35.91
C PHE F 284 34.58 -54.49 -36.59
N LEU F 285 34.47 -55.62 -35.91
CA LEU F 285 33.93 -56.83 -36.54
C LEU F 285 33.42 -57.80 -35.47
N LYS F 286 32.70 -58.83 -35.93
CA LYS F 286 32.20 -59.90 -35.07
C LYS F 286 33.12 -61.11 -35.12
N LYS F 287 33.31 -61.76 -33.98
CA LYS F 287 34.13 -62.96 -33.93
C LYS F 287 33.42 -64.15 -34.57
N ASP F 288 32.10 -64.26 -34.36
CA ASP F 288 31.35 -65.38 -34.90
C ASP F 288 31.02 -65.23 -36.37
N ASP F 289 31.42 -64.14 -37.00
CA ASP F 289 31.09 -63.89 -38.39
C ASP F 289 32.22 -64.26 -39.34
N LEU F 290 33.45 -64.26 -38.87
CA LEU F 290 34.60 -64.71 -39.65
C LEU F 290 34.88 -66.17 -39.33
N ARG F 291 35.21 -66.94 -40.36
CA ARG F 291 35.59 -68.33 -40.19
C ARG F 291 36.88 -68.61 -40.92
N PHE F 292 37.53 -69.70 -40.55
CA PHE F 292 38.81 -70.08 -41.14
C PHE F 292 38.77 -71.57 -41.47
N TYR F 293 39.04 -71.90 -42.74
CA TYR F 293 38.92 -73.27 -43.20
C TYR F 293 40.26 -73.78 -43.72
N SER F 294 40.48 -75.08 -43.57
CA SER F 294 41.67 -75.75 -44.10
C SER F 294 41.35 -77.23 -44.28
N THR F 295 41.90 -77.84 -45.35
CA THR F 295 41.40 -79.16 -45.72
C THR F 295 42.20 -80.25 -45.01
N PRO F 296 41.55 -81.18 -44.33
CA PRO F 296 42.26 -82.29 -43.67
C PRO F 296 42.60 -83.42 -44.64
N VAL F 297 43.71 -83.26 -45.35
CA VAL F 297 44.17 -84.31 -46.24
C VAL F 297 44.70 -85.49 -45.43
N VAL F 298 44.81 -86.64 -46.07
CA VAL F 298 45.15 -87.87 -45.36
C VAL F 298 46.64 -87.87 -45.01
N GLY F 299 46.92 -88.12 -43.73
CA GLY F 299 48.27 -88.03 -43.20
C GLY F 299 48.60 -86.72 -42.53
N ALA F 300 47.72 -85.72 -42.62
CA ALA F 300 48.00 -84.41 -42.05
C ALA F 300 47.73 -84.38 -40.56
N PHE F 301 48.37 -83.44 -39.88
CA PHE F 301 48.27 -83.31 -38.43
C PHE F 301 47.87 -81.89 -38.07
N SER F 302 47.00 -81.77 -37.08
CA SER F 302 46.42 -80.48 -36.70
C SER F 302 47.43 -79.73 -35.84
N ALA F 303 48.26 -78.93 -36.49
CA ALA F 303 49.28 -78.13 -35.81
C ALA F 303 48.68 -76.76 -35.53
N ASN F 304 48.10 -76.61 -34.33
CA ASN F 304 47.47 -75.37 -33.85
C ASN F 304 46.34 -74.93 -34.78
N GLY F 305 45.37 -75.82 -34.96
CA GLY F 305 44.20 -75.54 -35.78
C GLY F 305 44.32 -75.87 -37.25
N VAL F 306 45.41 -75.49 -37.89
CA VAL F 306 45.60 -75.74 -39.31
C VAL F 306 46.16 -77.14 -39.50
N TYR F 307 46.02 -77.66 -40.71
CA TYR F 307 46.41 -79.04 -41.04
C TYR F 307 47.56 -79.01 -42.05
N THR F 308 48.71 -79.54 -41.66
CA THR F 308 49.91 -79.54 -42.49
C THR F 308 50.39 -80.97 -42.74
N LEU F 309 51.14 -81.16 -43.84
CA LEU F 309 51.75 -82.44 -44.19
C LEU F 309 53.26 -82.40 -43.97
N MET F 310 53.89 -83.55 -44.24
CA MET F 310 55.34 -83.67 -44.22
C MET F 310 55.89 -83.98 -45.60
N ARG F 311 55.58 -85.16 -46.16
CA ARG F 311 55.91 -85.60 -47.52
C ARG F 311 57.38 -85.36 -47.87
N GLN F 312 58.25 -86.15 -47.25
CA GLN F 312 59.66 -86.17 -47.64
C GLN F 312 59.80 -86.57 -49.11
N LEU F 313 60.43 -85.70 -49.90
CA LEU F 313 60.49 -85.86 -51.34
C LEU F 313 61.42 -87.01 -51.74
N ALA F 314 61.47 -87.25 -53.05
CA ALA F 314 62.35 -88.28 -53.59
C ALA F 314 63.80 -87.86 -53.46
N GLN F 315 64.69 -88.85 -53.56
CA GLN F 315 66.10 -88.65 -53.29
C GLN F 315 66.94 -89.11 -54.47
N THR F 316 67.83 -88.23 -54.93
CA THR F 316 68.62 -88.45 -56.13
C THR F 316 70.03 -88.91 -55.80
N SER F 317 70.76 -88.15 -55.00
CA SER F 317 72.12 -88.51 -54.64
C SER F 317 72.11 -89.34 -53.37
N LEU F 318 73.28 -89.58 -52.79
CA LEU F 318 73.38 -90.49 -51.66
C LEU F 318 73.16 -89.77 -50.33
N TYR F 319 73.58 -88.52 -50.23
CA TYR F 319 73.55 -87.73 -48.99
C TYR F 319 72.79 -86.44 -49.24
N VAL F 320 71.46 -86.52 -49.18
CA VAL F 320 70.56 -85.36 -49.32
C VAL F 320 69.17 -85.83 -48.90
N ASP F 321 68.32 -84.91 -48.45
CA ASP F 321 66.98 -85.29 -48.04
C ASP F 321 65.86 -84.56 -48.76
N ASN F 322 65.91 -83.22 -48.81
CA ASN F 322 64.96 -82.34 -49.51
C ASN F 322 63.54 -82.52 -48.99
N PHE F 323 63.32 -82.10 -47.74
CA PHE F 323 61.99 -82.18 -47.15
C PHE F 323 61.08 -81.07 -47.67
N VAL F 324 59.82 -81.08 -47.24
CA VAL F 324 58.87 -80.02 -47.51
C VAL F 324 57.88 -79.99 -46.34
N VAL F 325 57.06 -78.95 -46.27
CA VAL F 325 55.97 -78.83 -45.30
C VAL F 325 55.03 -77.75 -45.83
N GLY F 326 53.73 -77.89 -45.58
CA GLY F 326 52.80 -76.88 -46.05
C GLY F 326 51.35 -77.21 -45.76
N CYS F 327 50.50 -76.19 -45.92
CA CYS F 327 49.07 -76.30 -45.67
C CYS F 327 48.30 -75.54 -46.74
N ILE F 328 46.98 -75.52 -46.59
CA ILE F 328 46.07 -75.06 -47.65
C ILE F 328 44.85 -74.36 -47.03
N PRO F 329 44.92 -73.03 -46.84
CA PRO F 329 43.89 -72.33 -46.07
C PRO F 329 42.82 -71.62 -46.88
N GLN F 330 41.82 -71.06 -46.20
CA GLN F 330 40.89 -70.08 -46.78
C GLN F 330 40.20 -69.29 -45.66
N LEU F 331 40.14 -67.97 -45.83
CA LEU F 331 39.39 -67.09 -44.95
C LEU F 331 38.00 -66.82 -45.53
N GLN F 332 37.04 -66.57 -44.66
CA GLN F 332 35.64 -66.58 -45.09
C GLN F 332 34.83 -65.66 -44.18
N LEU F 333 34.34 -64.55 -44.74
CA LEU F 333 33.55 -63.57 -44.01
C LEU F 333 32.17 -63.49 -44.63
N THR F 334 31.14 -63.87 -43.87
CA THR F 334 29.77 -63.71 -44.30
C THR F 334 29.30 -62.31 -43.97
N THR F 335 28.47 -61.74 -44.85
CA THR F 335 27.49 -60.72 -44.49
C THR F 335 28.11 -59.46 -43.89
N ARG F 336 28.72 -58.60 -44.72
CA ARG F 336 29.38 -57.42 -44.17
C ARG F 336 28.42 -56.30 -43.74
N LYS F 337 27.43 -56.67 -42.93
CA LYS F 337 26.54 -55.76 -42.25
C LYS F 337 27.07 -55.37 -40.88
N ASN F 338 27.90 -56.23 -40.31
CA ASN F 338 28.39 -56.10 -38.95
C ASN F 338 29.75 -55.41 -38.87
N VAL F 339 30.38 -55.15 -40.00
CA VAL F 339 31.78 -54.75 -40.06
C VAL F 339 31.86 -53.23 -40.18
N GLY F 340 32.89 -52.64 -39.56
CA GLY F 340 33.18 -51.24 -39.75
C GLY F 340 34.67 -50.96 -39.63
N VAL F 341 35.20 -50.07 -40.47
CA VAL F 341 36.62 -49.76 -40.39
C VAL F 341 36.78 -48.27 -40.13
N ILE F 342 37.94 -47.91 -39.57
CA ILE F 342 38.41 -46.53 -39.51
C ILE F 342 39.81 -46.54 -40.09
N LYS F 343 40.07 -45.66 -41.05
CA LYS F 343 41.30 -45.76 -41.82
C LYS F 343 42.05 -44.43 -41.81
N ASN F 344 43.35 -44.52 -42.13
CA ASN F 344 44.27 -43.39 -42.26
C ASN F 344 44.43 -42.60 -40.96
N ILE F 345 44.62 -43.32 -39.87
CA ILE F 345 45.02 -42.69 -38.61
C ILE F 345 46.48 -42.25 -38.71
N LYS F 346 46.88 -41.28 -37.86
CA LYS F 346 48.20 -40.65 -37.95
C LYS F 346 49.34 -41.64 -37.77
N VAL F 347 49.16 -42.62 -36.88
CA VAL F 347 49.99 -43.83 -36.67
C VAL F 347 51.50 -43.60 -36.63
N ALA G 2 -120.85 38.54 -11.55
CA ALA G 2 -122.16 38.10 -11.14
C ALA G 2 -123.21 39.14 -11.49
N LYS G 3 -123.96 38.90 -12.57
CA LYS G 3 -124.99 39.85 -12.97
C LYS G 3 -126.16 39.86 -12.01
N LEU G 4 -126.42 38.74 -11.35
CA LEU G 4 -127.30 38.75 -10.20
C LEU G 4 -126.46 39.05 -8.97
N ASN G 5 -127.14 39.53 -7.92
CA ASN G 5 -126.67 40.01 -6.63
C ASN G 5 -125.32 40.76 -6.63
N LEU G 6 -125.10 41.64 -7.60
CA LEU G 6 -123.98 42.56 -7.48
C LEU G 6 -124.44 43.97 -7.13
N ALA G 7 -125.74 44.24 -7.20
CA ALA G 7 -126.29 45.52 -6.82
C ALA G 7 -127.03 45.46 -5.50
N VAL G 8 -126.91 44.37 -4.76
CA VAL G 8 -127.72 44.20 -3.55
C VAL G 8 -126.84 43.67 -2.41
N LEU G 9 -125.53 43.92 -2.50
CA LEU G 9 -124.65 43.50 -1.42
C LEU G 9 -124.83 44.35 -0.17
N ASN G 10 -124.25 43.85 0.92
CA ASN G 10 -124.18 44.56 2.18
C ASN G 10 -122.79 45.13 2.39
N ASN G 11 -122.70 46.19 3.19
CA ASN G 11 -121.45 46.91 3.42
C ASN G 11 -121.17 47.01 4.90
N VAL G 12 -121.19 45.88 5.60
CA VAL G 12 -120.94 45.90 7.03
C VAL G 12 -119.45 46.14 7.30
N PHE G 13 -119.18 46.84 8.39
CA PHE G 13 -117.82 47.08 8.87
C PHE G 13 -117.42 45.97 9.84
N SER G 14 -116.32 46.18 10.55
CA SER G 14 -115.89 45.26 11.60
C SER G 14 -115.72 46.03 12.90
N GLU G 15 -115.48 45.30 13.98
CA GLU G 15 -115.43 45.89 15.32
C GLU G 15 -114.01 46.38 15.64
N LEU G 16 -113.54 47.32 14.84
CA LEU G 16 -112.12 47.66 14.86
C LEU G 16 -111.94 49.18 14.82
N LEU G 17 -112.58 49.89 15.74
CA LEU G 17 -112.25 51.31 15.90
C LEU G 17 -110.91 51.43 16.60
N THR G 18 -110.05 52.29 16.06
CA THR G 18 -108.69 52.50 16.56
C THR G 18 -108.54 53.96 16.96
N GLN G 19 -108.21 54.19 18.22
CA GLN G 19 -108.08 55.54 18.73
C GLN G 19 -106.77 56.15 18.23
N GLU G 20 -106.86 57.34 17.64
CA GLU G 20 -105.71 57.96 16.99
C GLU G 20 -105.31 59.29 17.60
N ILE G 21 -105.95 59.70 18.70
CA ILE G 21 -105.72 61.02 19.26
C ILE G 21 -104.99 60.85 20.59
N ASN G 22 -104.19 61.86 20.95
CA ASN G 22 -103.47 61.86 22.21
C ASN G 22 -104.25 62.72 23.18
N ARG G 23 -105.07 62.08 24.00
CA ARG G 23 -105.94 62.76 24.95
C ARG G 23 -105.55 62.27 26.34
N SER G 24 -104.57 62.93 26.95
CA SER G 24 -103.98 62.48 28.19
C SER G 24 -103.82 63.65 29.15
N ALA G 25 -103.84 63.34 30.45
CA ALA G 25 -103.73 64.35 31.51
C ALA G 25 -102.75 63.82 32.55
N THR G 26 -101.45 64.10 32.36
CA THR G 26 -100.44 63.61 33.27
C THR G 26 -100.15 64.59 34.40
N PHE G 27 -99.91 65.85 34.08
CA PHE G 27 -99.60 66.83 35.10
C PHE G 27 -100.81 67.21 35.92
N LEU G 28 -102.00 67.17 35.32
CA LEU G 28 -103.23 67.37 36.08
C LEU G 28 -103.50 66.22 37.02
N GLY G 29 -103.00 65.03 36.69
CA GLY G 29 -103.28 63.84 37.46
C GLY G 29 -102.53 63.70 38.76
N LEU G 30 -101.80 64.72 39.23
CA LEU G 30 -101.11 64.58 40.49
C LEU G 30 -101.08 65.87 41.32
N LEU G 31 -101.92 66.85 41.02
CA LEU G 31 -101.82 68.15 41.69
C LEU G 31 -102.55 68.25 43.01
N SER G 32 -103.12 67.15 43.51
CA SER G 32 -103.85 67.10 44.80
C SER G 32 -105.00 68.09 44.82
N LYS G 33 -106.01 67.78 44.00
CA LYS G 33 -107.14 68.68 43.74
C LYS G 33 -107.93 69.02 45.00
N TYR G 34 -108.20 70.31 45.18
CA TYR G 34 -108.87 70.88 46.34
C TYR G 34 -110.11 71.66 45.91
N PRO G 35 -111.17 71.68 46.72
CA PRO G 35 -112.33 72.51 46.42
C PRO G 35 -112.20 73.91 47.02
N GLU G 36 -113.04 74.82 46.51
CA GLU G 36 -112.95 76.22 46.92
C GLU G 36 -114.29 76.91 46.69
N ARG G 37 -114.84 77.54 47.73
CA ARG G 37 -116.08 78.28 47.60
C ARG G 37 -115.83 79.70 48.07
N LYS G 38 -115.25 80.52 47.20
CA LYS G 38 -114.82 81.88 47.53
C LYS G 38 -114.40 82.54 46.23
N SER G 39 -114.31 83.87 46.26
CA SER G 39 -113.98 84.61 45.05
C SER G 39 -112.53 84.47 44.66
N ASN G 40 -111.62 84.39 45.64
CA ASN G 40 -110.19 84.30 45.37
C ASN G 40 -109.43 83.77 46.58
N ILE G 41 -108.53 82.82 46.32
CA ILE G 41 -107.61 82.35 47.35
C ILE G 41 -106.66 83.47 47.71
N GLN G 42 -106.42 83.66 49.01
CA GLN G 42 -105.69 84.84 49.43
C GLN G 42 -104.92 84.51 50.70
N TRP G 43 -103.60 84.64 50.65
CA TRP G 43 -102.72 84.25 51.75
C TRP G 43 -101.66 85.33 51.90
N GLY G 44 -100.72 85.12 52.82
CA GLY G 44 -99.73 86.12 53.16
C GLY G 44 -98.31 85.64 52.92
N VAL G 45 -97.48 86.53 52.37
CA VAL G 45 -96.09 86.21 52.02
C VAL G 45 -95.18 87.12 52.83
N GLY G 46 -94.23 86.52 53.54
CA GLY G 46 -93.35 87.26 54.43
C GLY G 46 -92.01 87.56 53.79
N MET G 47 -91.50 88.75 54.05
CA MET G 47 -90.19 89.22 53.60
C MET G 47 -89.34 89.46 54.83
N GLY G 48 -88.21 90.14 54.64
CA GLY G 48 -87.34 90.51 55.73
C GLY G 48 -87.56 91.94 56.18
N GLY G 49 -86.55 92.51 56.82
CA GLY G 49 -86.64 93.90 57.22
C GLY G 49 -85.96 94.27 58.52
N THR G 50 -85.81 93.33 59.45
CA THR G 50 -85.21 93.63 60.74
C THR G 50 -83.70 93.77 60.59
N THR G 51 -83.15 94.84 61.14
CA THR G 51 -81.72 95.08 61.11
C THR G 51 -81.13 94.88 62.51
N ALA G 52 -79.86 94.52 62.54
CA ALA G 52 -79.14 94.33 63.80
C ALA G 52 -77.73 94.86 63.63
N THR G 53 -77.36 95.82 64.45
CA THR G 53 -76.09 96.50 64.30
C THR G 53 -75.38 96.57 65.64
N GLY G 54 -74.08 96.80 65.58
CA GLY G 54 -73.25 96.95 66.77
C GLY G 54 -72.97 98.41 67.03
N VAL G 55 -73.09 98.83 68.29
CA VAL G 55 -73.04 100.25 68.59
C VAL G 55 -71.89 100.64 69.52
N ALA G 56 -71.93 100.21 70.78
CA ALA G 56 -70.96 100.46 71.85
C ALA G 56 -71.50 99.76 73.08
N ILE G 57 -70.66 99.67 74.12
CA ILE G 57 -71.15 99.19 75.40
C ILE G 57 -72.04 100.24 76.03
N THR G 58 -71.56 101.47 76.13
CA THR G 58 -72.36 102.60 76.58
C THR G 58 -72.97 103.34 75.39
N GLY G 59 -73.63 102.58 74.51
CA GLY G 59 -74.26 103.14 73.34
C GLY G 59 -75.60 103.78 73.65
N SER G 60 -76.29 104.18 72.60
CA SER G 60 -77.51 104.97 72.76
C SER G 60 -78.62 104.48 71.84
N ALA G 61 -78.92 103.17 71.88
CA ALA G 61 -80.19 102.60 71.43
C ALA G 61 -80.50 102.82 69.95
N PRO G 62 -79.94 102.03 69.04
CA PRO G 62 -80.02 102.32 67.58
C PRO G 62 -81.44 102.32 67.03
N ALA G 63 -81.52 102.74 65.77
CA ALA G 63 -82.80 103.03 65.12
C ALA G 63 -83.64 101.77 64.92
N ALA G 64 -84.95 101.97 64.81
CA ALA G 64 -85.91 100.88 64.83
C ALA G 64 -85.94 100.14 63.49
N SER G 65 -86.44 98.90 63.55
CA SER G 65 -86.62 98.08 62.37
C SER G 65 -87.65 97.00 62.69
N MET G 66 -88.53 96.72 61.74
CA MET G 66 -89.60 95.76 61.94
C MET G 66 -89.81 94.98 60.65
N ASP G 67 -90.22 93.72 60.80
CA ASP G 67 -90.41 92.80 59.70
C ASP G 67 -91.70 93.14 58.93
N ALA G 68 -91.86 92.56 57.74
CA ALA G 68 -92.97 92.91 56.86
C ALA G 68 -93.60 91.68 56.25
N THR G 69 -94.89 91.78 55.92
CA THR G 69 -95.66 90.75 55.22
C THR G 69 -96.40 91.37 54.04
N LEU G 70 -96.82 90.53 53.09
CA LEU G 70 -97.36 90.98 51.81
C LEU G 70 -98.52 90.09 51.38
N PRO G 71 -99.46 90.61 50.55
CA PRO G 71 -100.63 89.81 50.14
C PRO G 71 -100.39 88.95 48.91
N ALA G 72 -101.43 88.23 48.42
CA ALA G 72 -101.23 87.43 47.21
C ALA G 72 -102.33 87.53 46.15
N GLN G 73 -103.59 87.58 46.55
CA GLN G 73 -104.77 88.06 45.82
C GLN G 73 -105.35 87.23 44.66
N LEU G 74 -104.57 86.33 44.02
CA LEU G 74 -104.88 85.09 43.28
C LEU G 74 -106.34 84.91 42.81
N PRO G 75 -106.82 85.66 41.80
CA PRO G 75 -108.25 85.60 41.46
C PRO G 75 -108.65 84.32 40.76
N ILE G 76 -109.86 83.83 41.06
CA ILE G 76 -110.36 82.63 40.41
C ILE G 76 -111.70 82.82 39.68
N SER G 77 -112.52 83.79 40.06
CA SER G 77 -113.94 83.79 39.69
C SER G 77 -114.16 84.64 38.43
N ALA G 78 -113.58 84.21 37.35
CA ALA G 78 -113.73 85.02 36.14
C ALA G 78 -114.15 84.21 34.92
N ALA G 79 -113.69 82.97 34.79
CA ALA G 79 -113.85 82.22 33.55
C ALA G 79 -114.25 80.79 33.85
N SER G 80 -114.46 80.02 32.78
CA SER G 80 -114.82 78.62 32.87
C SER G 80 -114.45 77.95 31.55
N VAL G 81 -114.47 76.63 31.55
CA VAL G 81 -114.11 75.82 30.38
C VAL G 81 -115.28 74.89 30.10
N GLN G 82 -115.96 75.09 28.97
CA GLN G 82 -117.23 74.42 28.69
C GLN G 82 -117.23 73.75 27.32
N SER G 83 -118.19 72.86 27.11
CA SER G 83 -118.37 72.14 25.85
C SER G 83 -119.83 71.75 25.67
N THR G 84 -120.30 71.76 24.42
CA THR G 84 -121.65 71.31 24.05
C THR G 84 -121.54 70.30 22.93
N PHE G 85 -122.57 69.46 22.76
CA PHE G 85 -122.54 68.57 21.60
C PHE G 85 -123.83 68.44 20.78
N THR G 86 -125.02 68.64 21.37
CA THR G 86 -126.31 68.83 20.66
C THR G 86 -126.67 67.65 19.76
N LEU G 87 -126.89 66.50 20.36
CA LEU G 87 -127.33 65.36 19.57
C LEU G 87 -128.86 65.37 19.40
N ASN G 88 -129.34 64.49 18.54
CA ASN G 88 -130.71 64.49 18.05
C ASN G 88 -131.50 63.41 18.78
N LEU G 89 -132.79 63.28 18.47
CA LEU G 89 -133.64 62.26 19.07
C LEU G 89 -133.91 61.09 18.15
N LYS G 90 -133.82 61.28 16.83
CA LYS G 90 -133.95 60.17 15.89
C LYS G 90 -132.61 59.51 15.60
N GLU G 91 -131.51 60.24 15.77
CA GLU G 91 -130.20 59.68 15.50
C GLU G 91 -129.76 58.72 16.59
N ILE G 92 -130.25 58.87 17.81
CA ILE G 92 -129.91 57.92 18.86
C ILE G 92 -130.65 56.60 18.65
N GLU G 93 -131.79 56.64 17.96
CA GLU G 93 -132.58 55.44 17.76
C GLU G 93 -132.15 54.65 16.54
N GLU G 94 -131.82 55.33 15.44
CA GLU G 94 -131.40 54.62 14.25
C GLU G 94 -130.00 54.05 14.39
N SER G 95 -129.17 54.58 15.29
CA SER G 95 -127.80 54.13 15.47
C SER G 95 -127.67 52.90 16.33
N LYS G 96 -128.75 52.17 16.57
CA LYS G 96 -128.69 50.91 17.29
C LYS G 96 -128.73 49.71 16.37
N GLU G 97 -129.27 49.87 15.17
CA GLU G 97 -129.24 48.82 14.15
C GLU G 97 -128.31 49.14 13.00
N GLN G 98 -127.88 50.39 12.86
CA GLN G 98 -127.19 50.84 11.67
C GLN G 98 -125.67 50.63 11.76
N VAL G 99 -125.15 50.28 12.94
CA VAL G 99 -123.71 50.24 13.12
C VAL G 99 -123.35 49.02 13.95
N THR G 100 -122.14 48.51 13.73
CA THR G 100 -121.53 47.49 14.57
C THR G 100 -120.82 48.18 15.74
N ASN G 101 -119.93 47.47 16.44
CA ASN G 101 -118.97 48.06 17.37
C ASN G 101 -119.63 48.79 18.55
N GLU G 102 -120.10 48.02 19.53
CA GLU G 102 -120.98 48.47 20.63
C GLU G 102 -120.58 49.75 21.35
N GLU G 103 -119.33 50.21 21.20
CA GLU G 103 -118.94 51.51 21.72
C GLU G 103 -119.71 52.65 21.05
N LEU G 104 -120.13 52.48 19.80
CA LEU G 104 -120.81 53.55 19.07
C LEU G 104 -122.32 53.39 19.03
N ARG G 105 -122.88 52.38 19.69
CA ARG G 105 -124.32 52.22 19.73
C ARG G 105 -124.96 53.32 20.58
N ASN G 106 -124.59 53.38 21.85
CA ASN G 106 -125.19 54.34 22.78
C ASN G 106 -124.53 55.69 22.53
N LEU G 107 -125.15 56.47 21.63
CA LEU G 107 -124.55 57.70 21.14
C LEU G 107 -124.60 58.82 22.17
N LEU G 108 -125.52 58.76 23.13
CA LEU G 108 -125.50 59.72 24.21
C LEU G 108 -124.35 59.45 25.17
N GLU G 109 -124.15 58.19 25.55
CA GLU G 109 -123.12 57.84 26.51
C GLU G 109 -121.72 57.99 25.94
N ALA G 110 -121.55 57.72 24.65
CA ALA G 110 -120.22 57.75 24.03
C ALA G 110 -119.70 59.17 23.93
N GLN G 111 -120.55 60.11 23.52
CA GLN G 111 -120.10 61.49 23.37
C GLN G 111 -119.90 62.17 24.73
N MET G 112 -120.48 61.63 25.79
CA MET G 112 -120.36 62.26 27.11
C MET G 112 -118.92 62.18 27.63
N ARG G 113 -118.33 60.99 27.61
CA ARG G 113 -116.97 60.90 28.12
C ARG G 113 -115.93 61.38 27.11
N ASN G 114 -116.32 61.67 25.87
CA ASN G 114 -115.43 62.44 25.01
C ASN G 114 -115.47 63.92 25.33
N ALA G 115 -116.49 64.38 26.04
CA ALA G 115 -116.59 65.79 26.42
C ALA G 115 -115.90 66.05 27.75
N VAL G 116 -116.02 65.13 28.69
CA VAL G 116 -115.31 65.27 29.96
C VAL G 116 -113.81 65.12 29.76
N GLU G 117 -113.39 64.13 28.99
CA GLU G 117 -111.97 63.93 28.75
C GLU G 117 -111.35 64.97 27.83
N GLU G 118 -112.17 65.76 27.13
CA GLU G 118 -111.62 66.90 26.41
C GLU G 118 -111.40 68.09 27.35
N ILE G 119 -112.23 68.21 28.39
CA ILE G 119 -111.98 69.19 29.44
C ILE G 119 -110.68 68.88 30.15
N ALA G 120 -110.40 67.60 30.39
CA ALA G 120 -109.20 67.22 31.14
C ALA G 120 -107.93 67.44 30.34
N THR G 121 -107.98 67.21 29.03
CA THR G 121 -106.78 67.33 28.22
C THR G 121 -106.54 68.73 27.68
N THR G 122 -107.52 69.63 27.77
CA THR G 122 -107.27 71.03 27.48
C THR G 122 -106.88 71.79 28.72
N LEU G 123 -106.89 71.14 29.87
CA LEU G 123 -106.69 71.81 31.13
C LEU G 123 -105.21 71.80 31.53
N ASN G 124 -104.55 70.65 31.44
CA ASN G 124 -103.10 70.65 31.64
C ASN G 124 -102.36 71.27 30.48
N LYS G 125 -102.99 71.33 29.30
CA LYS G 125 -102.44 72.11 28.20
C LYS G 125 -102.41 73.59 28.55
N LYS G 126 -103.37 74.05 29.36
CA LYS G 126 -103.40 75.42 29.85
C LYS G 126 -102.81 75.57 31.24
N LEU G 127 -102.37 74.48 31.87
CA LEU G 127 -101.52 74.60 33.05
C LEU G 127 -100.09 74.99 32.71
N TYR G 128 -99.75 75.02 31.42
CA TYR G 128 -98.50 75.59 30.96
C TYR G 128 -98.68 76.86 30.16
N ASP G 129 -99.89 77.17 29.71
CA ASP G 129 -100.11 78.29 28.81
C ASP G 129 -101.33 79.10 29.23
N GLY G 130 -101.46 79.35 30.53
CA GLY G 130 -102.63 80.07 31.01
C GLY G 130 -102.65 81.53 30.62
N SER G 131 -101.79 82.32 31.27
CA SER G 131 -101.62 83.75 31.03
C SER G 131 -102.93 84.52 31.15
N GLY G 132 -103.65 84.27 32.24
CA GLY G 132 -104.89 84.98 32.50
C GLY G 132 -105.96 84.62 31.50
N ALA G 133 -106.28 85.56 30.61
CA ALA G 133 -106.88 85.27 29.31
C ALA G 133 -108.25 84.60 29.37
N ILE G 134 -109.32 85.39 29.57
CA ILE G 134 -110.73 84.98 29.52
C ILE G 134 -111.08 84.03 28.36
N ALA G 135 -110.33 84.09 27.26
CA ALA G 135 -110.56 83.19 26.14
C ALA G 135 -110.15 81.75 26.43
N ASP G 136 -109.15 81.53 27.30
CA ASP G 136 -108.63 80.16 27.43
C ASP G 136 -108.81 79.54 28.82
N GLY G 137 -109.75 80.01 29.61
CA GLY G 137 -110.07 79.29 30.83
C GLY G 137 -109.83 80.07 32.10
N GLY G 138 -109.13 81.19 31.99
CA GLY G 138 -108.86 82.00 33.15
C GLY G 138 -107.79 81.48 34.06
N LEU G 139 -106.98 80.53 33.62
CA LEU G 139 -105.93 79.98 34.46
C LEU G 139 -104.70 80.88 34.42
N ILE G 140 -103.65 80.45 35.10
CA ILE G 140 -102.41 81.23 35.16
C ILE G 140 -101.27 80.43 34.53
N GLY G 141 -100.99 79.26 35.08
CA GLY G 141 -100.08 78.34 34.43
C GLY G 141 -98.62 78.60 34.75
N LEU G 142 -97.81 77.57 34.53
CA LEU G 142 -96.41 77.57 34.92
C LEU G 142 -95.51 78.34 33.97
N SER G 143 -96.05 78.95 32.91
CA SER G 143 -95.20 79.81 32.10
C SER G 143 -94.88 81.09 32.82
N ILE G 144 -95.78 81.59 33.65
CA ILE G 144 -95.51 82.79 34.43
C ILE G 144 -95.41 82.50 35.92
N ALA G 145 -95.93 81.37 36.40
CA ALA G 145 -95.83 81.03 37.81
C ALA G 145 -94.45 80.57 38.21
N ALA G 146 -93.64 80.12 37.25
CA ALA G 146 -92.26 79.75 37.51
C ALA G 146 -91.29 80.66 36.78
N SER G 147 -91.77 81.83 36.35
CA SER G 147 -90.94 82.81 35.68
C SER G 147 -90.50 83.87 36.69
N GLY G 148 -89.94 84.96 36.18
CA GLY G 148 -89.64 86.09 37.02
C GLY G 148 -90.66 87.19 36.95
N GLN G 149 -91.89 86.85 36.57
CA GLN G 149 -92.92 87.85 36.40
C GLN G 149 -93.72 87.99 37.70
N ASP G 150 -94.86 88.67 37.64
CA ASP G 150 -95.50 89.21 38.84
C ASP G 150 -96.24 88.14 39.62
N TYR G 151 -97.28 87.57 39.01
CA TYR G 151 -98.03 86.37 39.43
C TYR G 151 -98.88 86.53 40.69
N ALA G 152 -98.62 87.51 41.54
CA ALA G 152 -99.49 87.69 42.70
C ALA G 152 -99.64 89.14 43.10
N GLY G 153 -99.26 90.09 42.25
CA GLY G 153 -99.15 91.46 42.62
C GLY G 153 -97.74 91.85 43.04
N ILE G 154 -96.96 90.91 43.54
CA ILE G 154 -95.58 91.19 43.92
C ILE G 154 -94.74 91.21 42.65
N SER G 155 -94.16 92.36 42.34
CA SER G 155 -93.23 92.45 41.23
C SER G 155 -91.87 91.91 41.65
N SER G 156 -91.02 91.68 40.66
CA SER G 156 -89.66 91.22 40.91
C SER G 156 -88.65 92.37 40.90
N ALA G 157 -89.09 93.59 40.62
CA ALA G 157 -88.21 94.74 40.73
C ALA G 157 -88.20 95.33 42.13
N THR G 158 -89.28 95.18 42.88
CA THR G 158 -89.34 95.69 44.25
C THR G 158 -88.91 94.68 45.28
N TYR G 159 -89.00 93.38 44.99
CA TYR G 159 -88.63 92.33 45.93
C TYR G 159 -87.91 91.23 45.16
N PRO G 160 -86.58 91.25 45.13
CA PRO G 160 -85.84 90.20 44.41
C PRO G 160 -85.78 88.85 45.13
N LEU G 161 -86.48 88.71 46.25
CA LEU G 161 -86.67 87.41 46.90
C LEU G 161 -87.72 86.55 46.20
N TRP G 162 -88.31 87.08 45.14
CA TRP G 162 -89.24 86.43 44.23
C TRP G 162 -88.37 85.76 43.14
N ASN G 163 -88.91 85.55 41.94
CA ASN G 163 -88.19 85.34 40.66
C ASN G 163 -87.14 84.22 40.71
N VAL G 164 -87.68 82.99 40.74
CA VAL G 164 -86.94 81.74 40.91
C VAL G 164 -85.76 81.53 39.99
N SER G 165 -84.84 80.66 40.42
CA SER G 165 -83.52 80.53 39.82
C SER G 165 -83.61 79.82 38.47
N GLU G 166 -83.06 80.45 37.45
CA GLU G 166 -82.99 79.84 36.13
C GLU G 166 -81.53 79.73 35.71
N VAL G 167 -81.30 78.95 34.67
CA VAL G 167 -80.02 78.92 33.98
C VAL G 167 -80.32 79.05 32.48
N ASP G 168 -80.26 80.28 31.99
CA ASP G 168 -80.58 80.54 30.60
C ASP G 168 -79.45 80.02 29.72
N ALA G 169 -79.79 79.19 28.74
CA ALA G 169 -78.80 78.59 27.86
C ALA G 169 -78.81 79.23 26.48
N TRP G 170 -79.11 80.53 26.40
CA TRP G 170 -79.10 81.19 25.10
C TRP G 170 -77.70 81.63 24.71
N ASP G 171 -76.93 82.13 25.70
CA ASP G 171 -75.50 82.44 25.68
C ASP G 171 -75.16 83.69 24.85
N ALA G 172 -76.08 84.14 24.00
CA ALA G 172 -76.19 85.49 23.46
C ALA G 172 -75.02 86.00 22.61
N ASN G 173 -73.90 85.26 22.52
CA ASN G 173 -72.78 85.77 21.75
C ASN G 173 -71.96 84.71 21.03
N ALA G 174 -72.45 83.49 20.83
CA ALA G 174 -71.57 82.42 20.37
C ALA G 174 -71.23 82.56 18.89
N THR G 175 -72.23 82.35 18.03
CA THR G 175 -72.18 82.45 16.57
C THR G 175 -73.56 82.11 16.04
N GLY G 176 -73.74 82.30 14.74
CA GLY G 176 -74.90 81.80 14.04
C GLY G 176 -76.18 82.53 14.40
N THR G 177 -77.29 81.82 14.19
CA THR G 177 -78.61 82.31 14.55
C THR G 177 -79.34 81.39 15.51
N ASP G 178 -78.77 80.24 15.84
CA ASP G 178 -79.39 79.24 16.70
C ASP G 178 -78.47 78.90 17.85
N LYS G 179 -77.95 79.93 18.50
CA LYS G 179 -77.09 79.76 19.67
C LYS G 179 -77.94 79.30 20.84
N ARG G 180 -77.94 78.01 21.14
CA ARG G 180 -78.84 77.54 22.17
C ARG G 180 -78.23 76.51 23.11
N GLN G 181 -76.95 76.13 22.93
CA GLN G 181 -76.10 75.60 23.99
C GLN G 181 -76.61 74.31 24.63
N ALA G 182 -76.49 73.18 23.93
CA ALA G 182 -77.06 71.88 24.30
C ALA G 182 -76.78 71.42 25.72
N LEU G 183 -77.62 70.52 26.24
CA LEU G 183 -77.64 70.17 27.65
C LEU G 183 -76.37 69.42 28.05
N LYS G 184 -75.75 69.86 29.13
CA LYS G 184 -74.59 69.21 29.71
C LYS G 184 -74.80 69.13 31.22
N THR G 185 -73.83 68.53 31.92
CA THR G 185 -74.00 68.30 33.34
C THR G 185 -73.80 69.59 34.13
N ASP G 186 -73.06 70.55 33.58
CA ASP G 186 -72.77 71.81 34.26
C ASP G 186 -74.00 72.69 34.46
N PHE G 187 -75.09 72.44 33.74
CA PHE G 187 -76.33 73.17 34.00
C PHE G 187 -77.00 72.70 35.28
N MET G 188 -77.14 71.39 35.45
CA MET G 188 -77.86 70.86 36.59
C MET G 188 -77.04 70.87 37.88
N LEU G 189 -75.77 71.23 37.81
CA LEU G 189 -75.02 71.55 39.02
C LEU G 189 -75.14 73.02 39.39
N GLU G 190 -75.22 73.89 38.38
CA GLU G 190 -75.40 75.32 38.64
C GLU G 190 -76.79 75.60 39.18
N LEU G 191 -77.80 74.90 38.67
CA LEU G 191 -79.15 75.11 39.14
C LEU G 191 -79.35 74.50 40.53
N ASP G 192 -78.62 73.44 40.84
CA ASP G 192 -78.65 72.90 42.20
C ASP G 192 -77.80 73.75 43.14
N ARG G 193 -76.92 74.58 42.62
CA ARG G 193 -76.22 75.54 43.46
C ARG G 193 -77.14 76.68 43.87
N LYS G 194 -77.93 77.20 42.92
CA LYS G 194 -78.86 78.30 43.23
C LYS G 194 -80.21 77.79 43.70
N ILE G 195 -80.23 76.81 44.59
CA ILE G 195 -81.48 76.33 45.16
C ILE G 195 -81.16 76.13 46.63
N ARG G 196 -79.88 76.29 46.96
CA ARG G 196 -79.36 76.17 48.31
C ARG G 196 -79.24 77.51 49.01
N TYR G 197 -79.01 78.58 48.25
CA TYR G 197 -79.02 79.93 48.81
C TYR G 197 -80.40 80.31 49.34
N ARG G 198 -81.45 79.93 48.60
CA ARG G 198 -82.82 80.01 49.10
C ARG G 198 -83.22 78.59 49.44
N PRO G 199 -83.00 78.15 50.68
CA PRO G 199 -82.80 76.72 50.96
C PRO G 199 -84.05 75.87 50.83
N GLY G 200 -84.39 75.50 49.60
CA GLY G 200 -85.53 74.63 49.37
C GLY G 200 -85.16 73.48 48.46
N ALA G 201 -85.85 72.36 48.68
CA ALA G 201 -85.62 71.14 47.93
C ALA G 201 -86.71 70.96 46.89
N TYR G 202 -86.46 70.07 45.94
CA TYR G 202 -87.42 69.81 44.87
C TYR G 202 -87.76 68.33 44.80
N ASP G 203 -88.90 68.04 44.16
CA ASP G 203 -89.44 66.68 44.09
C ASP G 203 -89.83 66.23 42.70
N LEU G 204 -90.10 67.14 41.77
CA LEU G 204 -90.53 66.77 40.43
C LEU G 204 -89.65 67.44 39.39
N ILE G 205 -89.59 66.80 38.22
CA ILE G 205 -88.98 67.37 37.02
C ILE G 205 -89.95 67.09 35.88
N LEU G 206 -90.16 68.06 34.98
CA LEU G 206 -91.32 67.99 34.08
C LEU G 206 -91.01 67.64 32.64
N THR G 207 -89.99 68.23 32.00
CA THR G 207 -89.26 67.62 30.87
C THR G 207 -90.03 67.06 29.68
N THR G 208 -90.49 67.89 28.74
CA THR G 208 -90.92 67.43 27.40
C THR G 208 -89.98 66.37 26.85
N PRO G 209 -90.47 65.28 26.24
CA PRO G 209 -89.58 64.19 25.85
C PRO G 209 -88.62 64.50 24.71
N LYS G 210 -88.64 65.72 24.17
CA LYS G 210 -87.51 66.20 23.38
C LYS G 210 -86.28 66.44 24.25
N VAL G 211 -86.47 66.74 25.54
CA VAL G 211 -85.35 67.08 26.40
C VAL G 211 -84.97 65.94 27.34
N VAL G 212 -85.83 64.93 27.49
CA VAL G 212 -85.36 63.65 28.04
C VAL G 212 -84.40 63.00 27.06
N GLU G 213 -84.69 63.15 25.77
CA GLU G 213 -83.83 62.62 24.71
C GLU G 213 -82.50 63.36 24.64
N GLN G 214 -82.46 64.61 25.10
CA GLN G 214 -81.17 65.29 25.27
C GLN G 214 -80.43 64.78 26.50
N TYR G 215 -81.17 64.54 27.60
CA TYR G 215 -80.58 63.95 28.79
C TYR G 215 -80.10 62.53 28.54
N LYS G 216 -80.81 61.79 27.69
CA LYS G 216 -80.36 60.46 27.30
C LYS G 216 -79.13 60.55 26.41
N LYS G 217 -78.97 61.65 25.68
CA LYS G 217 -77.86 61.79 24.74
C LYS G 217 -76.58 62.23 25.42
N VAL G 218 -76.67 62.93 26.56
CA VAL G 218 -75.46 63.33 27.27
C VAL G 218 -74.85 62.16 28.02
N PHE G 219 -75.57 61.05 28.15
CA PHE G 219 -74.97 59.82 28.63
C PHE G 219 -74.11 59.17 27.56
N GLU G 220 -74.46 59.34 26.29
CA GLU G 220 -73.71 58.68 25.23
C GLU G 220 -72.36 59.32 24.97
N ALA G 221 -72.17 60.55 25.40
CA ALA G 221 -70.84 61.16 25.36
C ALA G 221 -69.98 60.72 26.52
N ASN G 222 -70.47 59.84 27.40
CA ASN G 222 -69.71 59.40 28.56
C ASN G 222 -69.83 57.90 28.81
N ARG G 223 -70.35 57.13 27.88
CA ARG G 223 -70.37 55.68 28.02
C ARG G 223 -69.36 55.05 27.08
N SER G 224 -68.92 53.85 27.46
CA SER G 224 -68.03 53.05 26.62
C SER G 224 -68.20 51.60 27.05
N TYR G 225 -68.56 50.74 26.11
CA TYR G 225 -68.87 49.35 26.40
C TYR G 225 -67.59 48.53 26.47
N GLN G 226 -67.07 48.27 27.67
CA GLN G 226 -65.80 47.58 27.81
C GLN G 226 -66.01 46.12 28.21
N ILE G 227 -64.95 45.32 28.03
CA ILE G 227 -65.03 43.86 28.11
C ILE G 227 -63.98 43.37 29.09
N MET G 228 -64.36 42.46 30.00
CA MET G 228 -63.39 42.02 31.04
C MET G 228 -63.01 40.53 31.00
N THR G 229 -63.93 39.63 30.63
CA THR G 229 -63.60 38.22 30.69
C THR G 229 -63.52 37.67 29.28
N PHE G 230 -62.39 37.05 28.94
CA PHE G 230 -62.19 36.52 27.60
C PHE G 230 -61.26 35.31 27.68
N ASP G 231 -61.86 34.12 27.56
CA ASP G 231 -61.19 32.83 27.56
C ASP G 231 -61.81 31.90 26.53
N GLY G 232 -62.11 32.42 25.35
CA GLY G 232 -63.02 31.71 24.46
C GLY G 232 -64.41 31.85 25.05
N GLN G 233 -65.06 30.70 25.30
CA GLN G 233 -66.16 30.51 26.26
C GLN G 233 -67.31 31.52 26.16
N ARG G 234 -68.19 31.30 25.19
CA ARG G 234 -69.48 32.02 25.08
C ARG G 234 -69.31 33.51 24.78
N VAL G 235 -68.98 33.77 23.52
CA VAL G 235 -68.94 35.05 22.81
C VAL G 235 -70.05 36.01 23.25
N PRO G 236 -69.76 37.28 23.53
CA PRO G 236 -70.76 38.16 24.13
C PRO G 236 -71.84 38.61 23.16
N LEU G 237 -72.83 39.30 23.72
CA LEU G 237 -74.01 39.78 23.01
C LEU G 237 -74.21 41.25 23.33
N ILE G 238 -74.40 42.08 22.30
CA ILE G 238 -74.47 43.52 22.47
C ILE G 238 -75.94 43.96 22.42
N ASP G 239 -76.21 45.13 23.00
CA ASP G 239 -77.60 45.58 22.99
C ASP G 239 -77.77 47.04 22.57
N LEU G 240 -76.86 47.94 22.97
CA LEU G 240 -76.81 49.35 22.55
C LEU G 240 -78.06 50.15 22.94
N GLY G 241 -78.83 49.70 23.90
CA GLY G 241 -80.03 50.42 24.30
C GLY G 241 -80.13 50.50 25.81
N PHE G 242 -80.71 51.60 26.28
CA PHE G 242 -80.68 51.88 27.71
C PHE G 242 -81.81 52.83 28.07
N ASN G 243 -82.23 52.77 29.33
CA ASN G 243 -83.34 53.55 29.84
C ASN G 243 -82.82 54.70 30.70
N VAL G 244 -83.76 55.48 31.23
CA VAL G 244 -83.46 56.64 32.07
C VAL G 244 -84.17 56.44 33.40
N ALA G 245 -83.41 56.45 34.50
CA ALA G 245 -83.96 56.20 35.82
C ALA G 245 -84.33 57.47 36.58
N GLY G 246 -83.69 58.59 36.29
CA GLY G 246 -84.00 59.82 36.97
C GLY G 246 -82.76 60.67 37.14
N TYR G 247 -82.76 61.46 38.20
CA TYR G 247 -81.66 62.36 38.54
C TYR G 247 -81.57 62.47 40.04
N MET G 248 -80.47 61.97 40.62
CA MET G 248 -80.24 61.91 42.07
C MET G 248 -81.37 61.20 42.81
N GLY G 249 -81.92 60.16 42.20
CA GLY G 249 -83.02 59.42 42.77
C GLY G 249 -84.39 59.92 42.38
N ARG G 250 -84.56 61.23 42.20
CA ARG G 250 -85.85 61.76 41.80
C ARG G 250 -86.16 61.38 40.36
N PRO G 251 -87.31 60.79 40.09
CA PRO G 251 -87.62 60.34 38.73
C PRO G 251 -87.96 61.51 37.82
N ILE G 252 -87.82 61.28 36.53
CA ILE G 252 -88.05 62.30 35.51
C ILE G 252 -89.39 61.98 34.85
N ILE G 253 -90.43 62.71 35.24
CA ILE G 253 -91.73 62.61 34.60
C ILE G 253 -91.69 63.43 33.32
N ASP G 254 -92.42 63.00 32.29
CA ASP G 254 -92.46 63.73 31.02
C ASP G 254 -93.89 64.03 30.60
N ASP G 255 -94.09 65.20 29.99
CA ASP G 255 -95.36 65.58 29.43
C ASP G 255 -95.18 65.93 27.96
N VAL G 256 -96.14 65.50 27.15
CA VAL G 256 -96.17 65.92 25.76
C VAL G 256 -96.53 67.40 25.66
N PHE G 257 -97.43 67.86 26.51
CA PHE G 257 -98.00 69.19 26.38
C PHE G 257 -97.25 70.26 27.14
N CYS G 258 -96.07 69.96 27.68
CA CYS G 258 -95.31 70.94 28.44
C CYS G 258 -94.62 71.93 27.50
N SER G 259 -94.51 73.17 27.94
CA SER G 259 -93.97 74.28 27.15
C SER G 259 -93.71 75.46 28.09
N ARG G 260 -93.31 76.58 27.50
CA ARG G 260 -93.08 77.83 28.24
C ARG G 260 -93.12 78.97 27.23
N THR G 261 -94.13 79.82 27.29
CA THR G 261 -94.17 80.95 26.37
C THR G 261 -93.10 81.97 26.75
N ARG G 262 -92.28 82.35 25.78
CA ARG G 262 -91.18 83.27 26.02
C ARG G 262 -91.70 84.67 26.34
N THR G 263 -90.93 85.40 27.13
CA THR G 263 -91.35 86.69 27.65
C THR G 263 -91.14 87.78 26.61
N ALA G 264 -91.40 89.01 27.01
CA ALA G 264 -91.13 90.16 26.15
C ALA G 264 -89.67 90.60 26.23
N ALA G 265 -88.98 90.28 27.32
CA ALA G 265 -87.56 90.56 27.39
C ALA G 265 -86.76 89.65 26.47
N GLU G 266 -87.27 88.47 26.19
CA GLU G 266 -86.66 87.56 25.21
C GLU G 266 -87.24 87.78 23.82
N SER G 267 -87.22 89.03 23.37
CA SER G 267 -87.79 89.36 22.08
C SER G 267 -86.84 89.01 20.94
N ALA G 268 -85.53 89.09 21.18
CA ALA G 268 -84.57 88.74 20.13
C ALA G 268 -84.56 87.25 19.86
N ILE G 269 -84.91 86.44 20.86
CA ILE G 269 -84.95 85.00 20.69
C ILE G 269 -86.14 84.59 19.83
N THR G 270 -87.28 85.26 20.03
CA THR G 270 -88.50 84.90 19.32
C THR G 270 -88.39 85.26 17.84
N THR G 271 -87.70 86.35 17.52
CA THR G 271 -87.45 86.67 16.13
C THR G 271 -86.40 85.74 15.52
N ALA G 272 -85.44 85.30 16.33
CA ALA G 272 -84.39 84.44 15.81
C ALA G 272 -84.85 83.00 15.59
N LEU G 273 -85.95 82.60 16.20
CA LEU G 273 -86.44 81.23 16.07
C LEU G 273 -87.82 81.12 15.44
N GLY G 274 -88.62 82.17 15.47
CA GLY G 274 -89.93 82.15 14.88
C GLY G 274 -91.04 81.64 15.78
N THR G 275 -90.70 80.95 16.87
CA THR G 275 -91.69 80.38 17.77
C THR G 275 -91.56 81.01 19.15
N ALA G 276 -92.59 80.81 19.96
CA ALA G 276 -92.60 81.23 21.35
C ALA G 276 -93.20 80.13 22.21
N VAL G 277 -92.78 78.90 21.99
CA VAL G 277 -93.29 77.75 22.72
C VAL G 277 -92.23 77.16 23.64
N ASP G 278 -90.99 77.02 23.14
CA ASP G 278 -89.73 76.84 23.85
C ASP G 278 -89.53 75.44 24.44
N GLU G 279 -90.59 74.64 24.49
CA GLU G 279 -90.64 73.20 24.22
C GLU G 279 -89.40 72.41 24.64
N GLY G 280 -89.16 72.26 25.94
CA GLY G 280 -87.85 71.82 26.38
C GLY G 280 -87.25 72.53 27.58
N VAL G 281 -88.10 73.10 28.43
CA VAL G 281 -87.73 73.53 29.77
C VAL G 281 -87.79 72.36 30.73
N MET G 282 -87.29 72.52 31.96
CA MET G 282 -87.11 71.41 32.89
C MET G 282 -88.07 71.40 34.08
N TYR G 283 -88.29 72.54 34.74
CA TYR G 283 -89.27 72.73 35.83
C TYR G 283 -88.99 71.80 37.01
N PHE G 284 -87.89 72.07 37.72
CA PHE G 284 -87.63 71.42 39.00
C PHE G 284 -88.59 71.97 40.05
N LEU G 285 -89.55 71.17 40.48
CA LEU G 285 -90.64 71.66 41.31
C LEU G 285 -90.71 70.89 42.62
N LYS G 286 -91.53 71.40 43.54
CA LYS G 286 -91.88 70.69 44.76
C LYS G 286 -93.35 70.31 44.72
N LYS G 287 -93.65 69.04 45.02
CA LYS G 287 -94.98 68.51 44.78
C LYS G 287 -96.00 68.98 45.79
N ASP G 288 -95.61 69.23 47.04
CA ASP G 288 -96.52 69.69 48.08
C ASP G 288 -96.70 71.20 48.08
N ASP G 289 -96.45 71.85 46.96
CA ASP G 289 -96.52 73.29 46.85
C ASP G 289 -97.49 73.72 45.76
N LEU G 290 -97.97 72.80 44.94
CA LEU G 290 -98.90 73.07 43.85
C LEU G 290 -100.28 72.59 44.27
N ARG G 291 -101.29 73.43 44.07
CA ARG G 291 -102.66 73.11 44.45
C ARG G 291 -103.58 73.44 43.28
N PHE G 292 -104.62 72.63 43.11
CA PHE G 292 -105.59 72.82 42.03
C PHE G 292 -106.95 73.09 42.65
N TYR G 293 -107.47 74.29 42.46
CA TYR G 293 -108.74 74.68 43.04
C TYR G 293 -109.83 74.76 42.00
N SER G 294 -111.06 74.43 42.42
CA SER G 294 -112.23 74.40 41.57
C SER G 294 -113.47 74.51 42.44
N THR G 295 -114.56 75.04 41.87
CA THR G 295 -115.64 75.21 42.84
C THR G 295 -116.60 74.03 42.82
N PRO G 296 -117.07 73.61 43.99
CA PRO G 296 -117.93 72.43 44.07
C PRO G 296 -119.42 72.68 43.89
N VAL G 297 -119.80 73.73 43.14
CA VAL G 297 -121.16 74.26 43.00
C VAL G 297 -122.23 73.18 42.81
N VAL G 298 -123.43 73.44 43.36
CA VAL G 298 -124.39 72.38 43.66
C VAL G 298 -124.91 71.74 42.39
N GLY G 299 -124.82 70.40 42.34
CA GLY G 299 -125.15 69.65 41.15
C GLY G 299 -123.96 69.09 40.41
N ALA G 300 -122.75 69.36 40.86
CA ALA G 300 -121.55 68.95 40.15
C ALA G 300 -121.03 67.63 40.69
N PHE G 301 -120.57 66.78 39.80
CA PHE G 301 -119.91 65.54 40.16
C PHE G 301 -118.40 65.74 40.11
N SER G 302 -117.66 64.68 40.42
CA SER G 302 -116.26 64.79 40.82
C SER G 302 -115.40 63.89 39.95
N ALA G 303 -115.50 64.07 38.64
CA ALA G 303 -114.71 63.30 37.68
C ALA G 303 -113.23 63.56 37.83
N ASN G 304 -112.50 62.60 38.41
CA ASN G 304 -111.07 62.65 38.72
C ASN G 304 -110.69 63.89 39.54
N GLY G 305 -111.52 64.22 40.52
CA GLY G 305 -111.22 65.31 41.43
C GLY G 305 -111.47 66.70 40.88
N VAL G 306 -111.97 66.82 39.65
CA VAL G 306 -112.31 68.11 39.06
C VAL G 306 -113.82 68.21 39.03
N TYR G 307 -114.37 69.24 39.67
CA TYR G 307 -115.82 69.38 39.82
C TYR G 307 -116.42 69.91 38.53
N THR G 308 -117.18 69.06 37.83
CA THR G 308 -117.83 69.40 36.57
C THR G 308 -119.33 69.22 36.68
N LEU G 309 -120.09 70.00 35.90
CA LEU G 309 -121.52 70.20 36.07
C LEU G 309 -122.26 69.86 34.78
N MET G 310 -123.41 69.18 34.89
CA MET G 310 -124.08 68.60 33.72
C MET G 310 -125.02 69.57 32.99
N ARG G 311 -126.15 69.92 33.60
CA ARG G 311 -127.12 70.90 33.09
C ARG G 311 -127.64 70.62 31.67
N GLN G 312 -128.55 69.67 31.51
CA GLN G 312 -129.28 69.59 30.25
C GLN G 312 -130.10 70.87 30.02
N LEU G 313 -129.97 71.46 28.83
CA LEU G 313 -130.57 72.76 28.56
C LEU G 313 -132.07 72.65 28.26
N ALA G 314 -132.64 73.73 27.74
CA ALA G 314 -134.06 73.82 27.49
C ALA G 314 -134.44 73.04 26.23
N GLN G 315 -135.74 72.99 25.95
CA GLN G 315 -136.28 72.27 24.79
C GLN G 315 -137.25 73.18 24.06
N THR G 316 -136.82 73.73 22.93
CA THR G 316 -137.71 74.54 22.10
C THR G 316 -138.49 73.68 21.12
N SER G 317 -137.79 72.95 20.26
CA SER G 317 -138.43 72.06 19.32
C SER G 317 -138.67 70.71 19.99
N LEU G 318 -139.14 69.72 19.23
CA LEU G 318 -139.54 68.45 19.80
C LEU G 318 -138.39 67.44 19.78
N TYR G 319 -137.68 67.34 18.67
CA TYR G 319 -136.62 66.37 18.46
C TYR G 319 -135.24 67.01 18.65
N VAL G 320 -134.91 67.42 19.87
CA VAL G 320 -133.61 68.04 20.15
C VAL G 320 -133.33 67.86 21.63
N ASP G 321 -132.04 67.80 21.97
CA ASP G 321 -131.64 67.68 23.37
C ASP G 321 -130.71 68.79 23.84
N ASN G 322 -129.62 69.05 23.11
CA ASN G 322 -128.80 70.27 23.22
C ASN G 322 -128.15 70.42 24.61
N PHE G 323 -127.20 69.53 24.89
CA PHE G 323 -126.52 69.45 26.18
C PHE G 323 -125.41 70.48 26.34
N VAL G 324 -124.77 70.46 27.52
CA VAL G 324 -123.59 71.25 27.86
C VAL G 324 -122.85 70.47 28.94
N VAL G 325 -121.58 70.83 29.19
CA VAL G 325 -120.82 70.37 30.35
C VAL G 325 -119.68 71.36 30.54
N GLY G 326 -119.22 71.53 31.77
CA GLY G 326 -118.18 72.53 32.03
C GLY G 326 -117.70 72.50 33.47
N CYS G 327 -116.63 73.25 33.70
CA CYS G 327 -116.03 73.39 35.02
C CYS G 327 -115.33 74.75 35.12
N ILE G 328 -114.84 75.05 36.32
CA ILE G 328 -114.18 76.32 36.62
C ILE G 328 -112.89 76.08 37.42
N PRO G 329 -111.73 76.18 36.77
CA PRO G 329 -110.46 75.84 37.43
C PRO G 329 -109.64 77.02 37.94
N GLN G 330 -108.58 76.74 38.70
CA GLN G 330 -107.50 77.68 39.01
C GLN G 330 -106.31 76.93 39.57
N LEU G 331 -105.10 77.27 39.11
CA LEU G 331 -103.85 76.75 39.64
C LEU G 331 -103.25 77.75 40.62
N GLN G 332 -102.47 77.25 41.58
CA GLN G 332 -102.08 78.06 42.73
C GLN G 332 -100.75 77.56 43.27
N LEU G 333 -99.68 78.32 43.01
CA LEU G 333 -98.33 78.01 43.48
C LEU G 333 -97.93 79.01 44.56
N THR G 334 -97.88 78.54 45.80
CA THR G 334 -97.31 79.33 46.88
C THR G 334 -95.80 79.26 46.78
N THR G 335 -95.14 80.30 47.32
CA THR G 335 -93.75 80.24 47.80
C THR G 335 -92.78 79.83 46.67
N ARG G 336 -92.60 80.73 45.72
CA ARG G 336 -91.66 80.42 44.64
C ARG G 336 -90.21 80.53 45.17
N LYS G 337 -89.83 79.51 45.92
CA LYS G 337 -88.51 79.32 46.53
C LYS G 337 -87.97 77.94 46.21
N ASN G 338 -88.84 76.93 46.20
CA ASN G 338 -88.47 75.56 45.91
C ASN G 338 -88.34 75.28 44.42
N VAL G 339 -88.60 76.28 43.58
CA VAL G 339 -88.78 76.09 42.14
C VAL G 339 -87.49 76.49 41.45
N GLY G 340 -87.04 75.65 40.52
CA GLY G 340 -85.95 76.00 39.64
C GLY G 340 -86.29 75.61 38.22
N VAL G 341 -86.07 76.49 37.26
CA VAL G 341 -86.34 76.17 35.87
C VAL G 341 -85.03 76.18 35.11
N ILE G 342 -85.02 75.51 33.97
CA ILE G 342 -83.94 75.64 33.00
C ILE G 342 -84.57 76.14 31.71
N LYS G 343 -83.99 77.18 31.13
CA LYS G 343 -84.53 77.81 29.93
C LYS G 343 -84.18 77.00 28.69
N ASN G 344 -84.32 77.62 27.53
CA ASN G 344 -84.17 77.01 26.20
C ASN G 344 -82.93 76.14 25.96
N ILE G 345 -83.17 74.85 25.74
CA ILE G 345 -82.16 73.85 25.47
C ILE G 345 -82.27 73.52 23.98
N LYS G 346 -81.21 72.89 23.43
CA LYS G 346 -80.98 72.83 21.98
C LYS G 346 -82.13 72.19 21.22
N VAL G 347 -82.56 71.00 21.65
CA VAL G 347 -83.84 70.41 21.25
C VAL G 347 -84.05 70.20 19.74
N ALA H 2 -129.50 96.79 41.25
CA ALA H 2 -128.75 96.67 42.49
C ALA H 2 -128.43 95.21 42.80
N LYS H 3 -127.34 94.98 43.52
CA LYS H 3 -126.91 93.64 43.92
C LYS H 3 -127.10 93.48 45.42
N LEU H 4 -127.56 92.30 45.83
CA LEU H 4 -127.99 92.07 47.20
C LEU H 4 -126.81 92.06 48.15
N ASN H 5 -125.74 91.36 47.79
CA ASN H 5 -124.55 91.22 48.62
C ASN H 5 -123.34 91.48 47.72
N LEU H 6 -122.99 92.75 47.53
CA LEU H 6 -121.87 93.10 46.67
C LEU H 6 -120.78 93.86 47.40
N ALA H 7 -121.14 94.89 48.15
CA ALA H 7 -120.18 95.73 48.84
C ALA H 7 -120.10 95.40 50.32
N VAL H 8 -120.76 94.34 50.77
CA VAL H 8 -120.79 93.97 52.17
C VAL H 8 -120.04 92.64 52.25
N LEU H 9 -119.05 92.48 51.38
CA LEU H 9 -118.17 91.32 51.41
C LEU H 9 -117.00 91.57 52.34
N ASN H 10 -116.51 90.50 52.96
CA ASN H 10 -115.38 90.58 53.87
C ASN H 10 -114.21 89.74 53.40
N ASN H 11 -113.00 90.20 53.73
CA ASN H 11 -111.76 89.56 53.30
C ASN H 11 -111.15 88.76 54.44
N VAL H 12 -110.75 87.53 54.15
CA VAL H 12 -110.10 86.66 55.12
C VAL H 12 -108.84 86.09 54.49
N PHE H 13 -107.70 86.46 55.03
CA PHE H 13 -106.42 85.85 54.65
C PHE H 13 -106.30 84.50 55.34
N SER H 14 -105.96 83.47 54.59
CA SER H 14 -105.85 82.15 55.16
C SER H 14 -104.54 82.01 55.94
N GLU H 15 -104.43 80.93 56.71
CA GLU H 15 -103.28 80.71 57.59
C GLU H 15 -102.16 80.08 56.76
N LEU H 16 -101.53 80.90 55.93
CA LEU H 16 -100.47 80.41 55.06
C LEU H 16 -99.35 81.44 54.98
N LEU H 17 -98.88 81.91 56.12
CA LEU H 17 -97.70 82.77 56.13
C LEU H 17 -96.46 81.95 55.80
N THR H 18 -95.68 82.41 54.83
CA THR H 18 -94.49 81.71 54.37
C THR H 18 -93.28 82.59 54.57
N GLN H 19 -92.32 82.12 55.37
CA GLN H 19 -91.05 82.82 55.51
C GLN H 19 -90.24 82.65 54.25
N GLU H 20 -89.73 83.76 53.72
CA GLU H 20 -88.98 83.74 52.47
C GLU H 20 -87.71 84.56 52.62
N ILE H 21 -86.97 84.30 53.70
CA ILE H 21 -85.73 85.00 54.01
C ILE H 21 -84.77 83.98 54.62
N ASN H 22 -83.48 84.19 54.38
CA ASN H 22 -82.46 83.23 54.77
C ASN H 22 -81.84 83.67 56.10
N ARG H 23 -82.55 83.39 57.18
CA ARG H 23 -82.02 83.62 58.52
C ARG H 23 -81.48 82.31 59.09
N SER H 24 -80.38 81.87 58.48
CA SER H 24 -79.69 80.64 58.85
C SER H 24 -78.46 80.96 59.67
N ALA H 25 -78.24 80.19 60.73
CA ALA H 25 -77.08 80.35 61.61
C ALA H 25 -76.47 78.97 61.77
N THR H 26 -75.56 78.59 60.87
CA THR H 26 -74.99 77.25 60.91
C THR H 26 -73.68 77.20 61.69
N PHE H 27 -72.73 78.07 61.35
CA PHE H 27 -71.42 78.00 62.00
C PHE H 27 -71.47 78.48 63.44
N LEU H 28 -72.43 79.34 63.77
CA LEU H 28 -72.69 79.65 65.17
C LEU H 28 -73.31 78.46 65.88
N GLY H 29 -73.97 77.58 65.14
CA GLY H 29 -74.59 76.41 65.73
C GLY H 29 -73.64 75.33 66.18
N LEU H 30 -72.36 75.39 65.79
CA LEU H 30 -71.39 74.41 66.26
C LEU H 30 -70.07 75.13 66.60
N LEU H 31 -69.99 75.62 67.84
CA LEU H 31 -68.74 76.16 68.34
C LEU H 31 -68.45 75.83 69.79
N SER H 32 -69.36 75.15 70.50
CA SER H 32 -69.29 74.90 71.94
C SER H 32 -69.16 76.22 72.71
N LYS H 33 -70.27 76.96 72.71
CA LYS H 33 -70.37 78.26 73.37
C LYS H 33 -70.04 78.19 74.86
N TYR H 34 -69.37 79.22 75.36
CA TYR H 34 -68.96 79.33 76.75
C TYR H 34 -69.30 80.70 77.29
N PRO H 35 -69.46 80.83 78.62
CA PRO H 35 -69.56 82.15 79.23
C PRO H 35 -68.22 82.66 79.71
N GLU H 36 -68.06 83.98 79.67
CA GLU H 36 -66.85 84.62 80.16
C GLU H 36 -67.18 86.03 80.63
N ARG H 37 -66.92 86.33 81.89
CA ARG H 37 -67.29 87.62 82.44
C ARG H 37 -66.08 88.48 82.82
N LYS H 38 -64.88 88.09 82.42
CA LYS H 38 -63.71 88.89 82.74
C LYS H 38 -63.59 90.06 81.76
N SER H 39 -62.50 90.81 81.89
CA SER H 39 -62.28 91.93 80.98
C SER H 39 -61.83 91.44 79.62
N ASN H 40 -60.89 90.51 79.59
CA ASN H 40 -60.41 89.95 78.34
C ASN H 40 -59.86 88.55 78.54
N ILE H 41 -60.24 87.65 77.63
CA ILE H 41 -59.69 86.31 77.58
C ILE H 41 -58.20 86.37 77.26
N GLN H 42 -57.44 85.47 77.88
CA GLN H 42 -56.02 85.68 77.99
C GLN H 42 -55.35 84.37 78.34
N TRP H 43 -54.54 83.83 77.44
CA TRP H 43 -53.87 82.55 77.66
C TRP H 43 -52.40 82.70 77.28
N GLY H 44 -51.66 81.62 77.41
CA GLY H 44 -50.23 81.61 77.13
C GLY H 44 -49.91 80.66 76.00
N VAL H 45 -48.97 81.08 75.13
CA VAL H 45 -48.54 80.25 74.02
C VAL H 45 -47.01 80.13 74.07
N GLY H 46 -46.51 78.94 73.75
CA GLY H 46 -45.11 78.64 74.02
C GLY H 46 -44.22 78.34 72.83
N MET H 47 -43.26 79.22 72.58
CA MET H 47 -42.31 79.05 71.49
C MET H 47 -41.13 78.21 71.98
N GLY H 48 -40.03 78.24 71.23
CA GLY H 48 -38.83 77.51 71.59
C GLY H 48 -37.70 78.42 72.05
N GLY H 49 -36.49 77.88 72.02
CA GLY H 49 -35.33 78.66 72.40
C GLY H 49 -34.20 77.92 73.07
N THR H 50 -34.39 76.65 73.41
CA THR H 50 -33.31 75.84 73.95
C THR H 50 -32.37 75.43 72.83
N THR H 51 -31.08 75.65 73.02
CA THR H 51 -30.08 75.25 72.05
C THR H 51 -29.23 74.12 72.61
N ALA H 52 -28.81 73.22 71.71
CA ALA H 52 -27.95 72.09 72.06
C ALA H 52 -26.79 72.06 71.09
N THR H 53 -25.73 72.80 71.41
CA THR H 53 -24.58 72.90 70.54
C THR H 53 -23.62 71.75 70.79
N GLY H 54 -22.54 71.72 70.00
CA GLY H 54 -21.55 70.67 70.08
C GLY H 54 -20.25 71.19 70.69
N VAL H 55 -19.79 70.49 71.73
CA VAL H 55 -18.56 70.85 72.42
C VAL H 55 -17.69 69.60 72.55
N ALA H 56 -16.40 69.83 72.78
CA ALA H 56 -15.45 68.76 72.97
C ALA H 56 -15.66 68.10 74.34
N ILE H 57 -15.01 66.95 74.52
CA ILE H 57 -15.16 66.22 75.78
C ILE H 57 -14.49 66.96 76.92
N THR H 58 -13.22 67.30 76.75
CA THR H 58 -12.49 68.10 77.73
C THR H 58 -12.66 69.59 77.47
N GLY H 59 -13.91 70.04 77.38
CA GLY H 59 -14.22 71.42 77.11
C GLY H 59 -15.14 71.99 78.18
N SER H 60 -15.30 73.30 78.16
CA SER H 60 -16.12 73.97 79.15
C SER H 60 -17.60 73.81 78.82
N ALA H 61 -18.43 74.28 79.74
CA ALA H 61 -19.86 74.21 79.55
C ALA H 61 -20.29 75.26 78.53
N PRO H 62 -21.35 74.99 77.75
CA PRO H 62 -21.80 75.97 76.75
C PRO H 62 -22.58 77.12 77.36
N ALA H 63 -23.17 77.96 76.51
CA ALA H 63 -23.92 79.09 77.01
C ALA H 63 -25.29 78.65 77.53
N ALA H 64 -26.01 79.59 78.11
CA ALA H 64 -27.31 79.30 78.71
C ALA H 64 -28.40 79.26 77.65
N SER H 65 -29.47 78.53 77.95
CA SER H 65 -30.57 78.34 77.02
C SER H 65 -31.81 77.90 77.79
N MET H 66 -32.96 78.44 77.40
CA MET H 66 -34.22 78.13 78.07
C MET H 66 -35.35 78.53 77.13
N ASP H 67 -36.48 77.84 77.23
CA ASP H 67 -37.62 78.14 76.37
C ASP H 67 -38.30 79.45 76.77
N ALA H 68 -39.34 79.79 76.02
CA ALA H 68 -40.07 81.04 76.22
C ALA H 68 -41.55 80.81 75.95
N THR H 69 -42.38 81.48 76.74
CA THR H 69 -43.82 81.45 76.58
C THR H 69 -44.34 82.87 76.40
N LEU H 70 -45.43 83.01 75.64
CA LEU H 70 -45.93 84.32 75.21
C LEU H 70 -47.43 84.45 75.47
N PRO H 71 -47.97 85.66 75.73
CA PRO H 71 -49.40 85.82 76.04
C PRO H 71 -50.30 86.05 74.82
N ALA H 72 -51.62 86.32 75.03
CA ALA H 72 -52.52 86.53 73.88
C ALA H 72 -53.38 87.80 73.93
N GLN H 73 -54.00 88.14 75.06
CA GLN H 73 -54.62 89.41 75.47
C GLN H 73 -55.96 89.83 74.85
N LEU H 74 -56.32 89.38 73.63
CA LEU H 74 -57.63 89.14 72.98
C LEU H 74 -58.85 89.84 73.59
N PRO H 75 -59.04 91.15 73.43
CA PRO H 75 -59.97 91.91 74.29
C PRO H 75 -61.45 91.59 74.09
N ILE H 76 -62.22 91.53 75.20
CA ILE H 76 -63.67 91.49 75.08
C ILE H 76 -64.37 92.59 75.91
N SER H 77 -64.21 93.85 75.51
CA SER H 77 -65.11 94.92 75.94
C SER H 77 -64.96 96.08 74.96
N ALA H 78 -65.71 96.04 73.86
CA ALA H 78 -65.69 97.20 72.98
C ALA H 78 -67.08 97.57 72.48
N ALA H 79 -67.88 96.58 72.12
CA ALA H 79 -69.05 96.82 71.29
C ALA H 79 -70.15 95.85 71.67
N SER H 80 -71.30 96.01 71.02
CA SER H 80 -72.53 95.33 71.42
C SER H 80 -73.50 95.31 70.26
N VAL H 81 -73.84 94.12 69.77
CA VAL H 81 -74.80 93.97 68.68
C VAL H 81 -76.21 94.13 69.24
N GLN H 82 -76.98 95.07 68.70
CA GLN H 82 -78.28 95.43 69.28
C GLN H 82 -79.33 95.60 68.20
N SER H 83 -80.59 95.75 68.64
CA SER H 83 -81.75 95.96 67.78
C SER H 83 -82.87 96.62 68.59
N THR H 84 -83.75 97.35 67.90
CA THR H 84 -84.91 98.00 68.51
C THR H 84 -86.11 97.87 67.57
N PHE H 85 -87.33 97.86 68.12
CA PHE H 85 -88.48 97.75 67.22
C PHE H 85 -89.68 98.67 67.50
N THR H 86 -89.94 99.12 68.74
CA THR H 86 -90.81 100.27 69.08
C THR H 86 -92.26 100.12 68.57
N LEU H 87 -92.97 99.16 69.15
CA LEU H 87 -94.39 99.00 68.82
C LEU H 87 -95.27 99.91 69.68
N ASN H 88 -96.45 100.24 69.14
CA ASN H 88 -97.41 101.10 69.83
C ASN H 88 -98.14 100.32 70.92
N LEU H 89 -99.20 100.93 71.45
CA LEU H 89 -100.01 100.31 72.48
C LEU H 89 -101.42 99.97 72.01
N LYS H 90 -101.92 100.65 70.98
CA LYS H 90 -103.18 100.25 70.36
C LYS H 90 -102.98 99.09 69.40
N GLU H 91 -101.84 99.04 68.71
CA GLU H 91 -101.60 98.01 67.68
C GLU H 91 -101.55 96.61 68.28
N ILE H 92 -101.04 96.46 69.50
CA ILE H 92 -101.01 95.15 70.12
C ILE H 92 -102.38 94.69 70.57
N GLU H 93 -103.35 95.59 70.63
CA GLU H 93 -104.71 95.24 70.99
C GLU H 93 -105.60 95.02 69.78
N GLU H 94 -105.49 95.85 68.74
CA GLU H 94 -106.35 95.69 67.59
C GLU H 94 -105.92 94.56 66.68
N SER H 95 -104.64 94.17 66.70
CA SER H 95 -104.17 93.09 65.85
C SER H 95 -104.36 91.72 66.49
N LYS H 96 -105.15 91.62 67.55
CA LYS H 96 -105.58 90.34 68.07
C LYS H 96 -106.92 89.91 67.51
N GLU H 97 -107.56 90.74 66.69
CA GLU H 97 -108.83 90.41 66.08
C GLU H 97 -108.76 90.61 64.57
N GLN H 98 -107.94 91.57 64.13
CA GLN H 98 -107.81 91.90 62.72
C GLN H 98 -106.91 90.94 61.96
N VAL H 99 -106.31 89.95 62.61
CA VAL H 99 -105.35 89.05 61.96
C VAL H 99 -105.81 87.62 62.14
N THR H 100 -105.95 86.89 61.04
CA THR H 100 -106.43 85.51 61.07
C THR H 100 -105.33 84.50 61.33
N ASN H 101 -104.10 84.79 60.92
CA ASN H 101 -102.97 83.90 61.16
C ASN H 101 -102.66 83.87 62.65
N GLU H 102 -102.67 82.68 63.24
CA GLU H 102 -102.44 82.54 64.66
C GLU H 102 -100.96 82.50 65.00
N GLU H 103 -100.19 83.45 64.47
CA GLU H 103 -98.79 83.62 64.80
C GLU H 103 -98.51 85.11 64.91
N LEU H 104 -99.32 85.92 64.23
CA LEU H 104 -99.14 87.35 64.17
C LEU H 104 -100.11 88.11 65.06
N ARG H 105 -100.85 87.41 65.92
CA ARG H 105 -101.67 88.11 66.91
C ARG H 105 -100.80 88.78 67.95
N ASN H 106 -100.04 87.99 68.69
CA ASN H 106 -99.19 88.56 69.74
C ASN H 106 -98.00 89.20 69.05
N LEU H 107 -98.10 90.50 68.79
CA LEU H 107 -97.10 91.19 67.98
C LEU H 107 -95.82 91.47 68.75
N LEU H 108 -95.87 91.50 70.08
CA LEU H 108 -94.65 91.60 70.88
C LEU H 108 -93.83 90.33 70.78
N GLU H 109 -94.47 89.17 70.99
CA GLU H 109 -93.74 87.91 71.03
C GLU H 109 -93.22 87.51 69.65
N ALA H 110 -93.94 87.86 68.58
CA ALA H 110 -93.50 87.51 67.24
C ALA H 110 -92.31 88.35 66.81
N GLN H 111 -92.34 89.65 67.11
CA GLN H 111 -91.23 90.52 66.73
C GLN H 111 -90.01 90.31 67.62
N MET H 112 -90.22 89.87 68.86
CA MET H 112 -89.10 89.51 69.72
C MET H 112 -88.37 88.30 69.18
N ARG H 113 -89.09 87.34 68.61
CA ARG H 113 -88.43 86.18 68.02
C ARG H 113 -87.72 86.52 66.72
N ASN H 114 -88.24 87.48 65.96
CA ASN H 114 -87.48 87.94 64.80
C ASN H 114 -86.29 88.78 65.20
N ALA H 115 -86.36 89.44 66.36
CA ALA H 115 -85.26 90.29 66.78
C ALA H 115 -84.08 89.44 67.27
N VAL H 116 -84.36 88.35 67.99
CA VAL H 116 -83.30 87.48 68.47
C VAL H 116 -82.68 86.72 67.31
N GLU H 117 -83.50 86.21 66.39
CA GLU H 117 -82.99 85.47 65.25
C GLU H 117 -82.37 86.36 64.19
N GLU H 118 -82.44 87.69 64.33
CA GLU H 118 -81.65 88.56 63.49
C GLU H 118 -80.32 88.92 64.15
N ILE H 119 -80.28 88.94 65.49
CA ILE H 119 -79.00 89.01 66.19
C ILE H 119 -78.14 87.81 65.84
N ALA H 120 -78.76 86.62 65.77
CA ALA H 120 -78.00 85.39 65.54
C ALA H 120 -77.47 85.31 64.12
N THR H 121 -78.29 85.68 63.13
CA THR H 121 -77.86 85.51 61.75
C THR H 121 -76.99 86.66 61.25
N THR H 122 -76.86 87.74 62.02
CA THR H 122 -75.81 88.71 61.75
C THR H 122 -74.59 88.46 62.63
N LEU H 123 -74.69 87.54 63.58
CA LEU H 123 -73.55 87.25 64.44
C LEU H 123 -72.55 86.38 63.71
N ASN H 124 -73.03 85.29 63.07
CA ASN H 124 -72.10 84.53 62.25
C ASN H 124 -71.88 85.14 60.87
N LYS H 125 -72.69 86.12 60.49
CA LYS H 125 -72.40 86.84 59.25
C LYS H 125 -71.14 87.67 59.42
N LYS H 126 -71.01 88.38 60.54
CA LYS H 126 -69.83 89.18 60.84
C LYS H 126 -68.84 88.42 61.71
N LEU H 127 -68.86 87.09 61.63
CA LEU H 127 -67.89 86.25 62.31
C LEU H 127 -66.81 85.75 61.38
N TYR H 128 -67.09 85.65 60.09
CA TYR H 128 -66.06 85.40 59.10
C TYR H 128 -65.23 86.64 58.82
N ASP H 129 -65.68 87.83 59.24
CA ASP H 129 -64.95 89.07 59.04
C ASP H 129 -65.27 90.03 60.18
N GLY H 130 -64.42 90.04 61.21
CA GLY H 130 -64.67 90.89 62.35
C GLY H 130 -63.96 92.23 62.30
N SER H 131 -62.63 92.18 62.14
CA SER H 131 -61.74 93.35 61.98
C SER H 131 -61.82 94.32 63.14
N GLY H 132 -62.11 93.85 64.35
CA GLY H 132 -62.20 94.76 65.48
C GLY H 132 -63.46 95.58 65.39
N ALA H 133 -63.31 96.86 65.01
CA ALA H 133 -64.35 97.61 64.31
C ALA H 133 -65.65 97.79 65.07
N ILE H 134 -65.70 98.79 65.97
CA ILE H 134 -66.85 99.17 66.79
C ILE H 134 -68.21 99.11 66.08
N ALA H 135 -68.24 99.43 64.79
CA ALA H 135 -69.46 99.29 64.01
C ALA H 135 -69.78 97.86 63.62
N ASP H 136 -68.83 96.94 63.76
CA ASP H 136 -69.02 95.59 63.23
C ASP H 136 -69.42 94.60 64.31
N GLY H 137 -69.43 95.02 65.56
CA GLY H 137 -69.95 94.16 66.61
C GLY H 137 -68.92 93.86 67.67
N GLY H 138 -67.68 94.22 67.41
CA GLY H 138 -66.60 94.00 68.35
C GLY H 138 -65.83 92.72 68.17
N LEU H 139 -66.18 91.90 67.19
CA LEU H 139 -65.42 90.67 67.00
C LEU H 139 -64.14 90.95 66.22
N ILE H 140 -63.17 90.06 66.38
CA ILE H 140 -62.00 90.04 65.51
C ILE H 140 -62.23 89.09 64.35
N GLY H 141 -62.91 87.97 64.60
CA GLY H 141 -63.46 87.22 63.49
C GLY H 141 -62.60 86.09 62.99
N LEU H 142 -62.62 85.86 61.68
CA LEU H 142 -61.89 84.77 61.07
C LEU H 142 -61.19 85.14 59.78
N SER H 143 -61.48 86.31 59.20
CA SER H 143 -60.72 86.76 58.04
C SER H 143 -59.29 87.12 58.39
N ILE H 144 -59.03 87.48 59.64
CA ILE H 144 -57.67 87.75 60.09
C ILE H 144 -57.23 86.80 61.20
N ALA H 145 -58.08 85.88 61.62
CA ALA H 145 -57.65 84.86 62.57
C ALA H 145 -57.07 83.64 61.87
N ALA H 146 -57.15 83.56 60.56
CA ALA H 146 -56.62 82.45 59.79
C ALA H 146 -55.83 82.97 58.60
N SER H 147 -54.89 83.88 58.87
CA SER H 147 -54.08 84.48 57.83
C SER H 147 -52.73 84.83 58.45
N GLY H 148 -51.97 85.69 57.77
CA GLY H 148 -50.68 86.11 58.27
C GLY H 148 -50.74 87.38 59.08
N GLN H 149 -51.94 87.77 59.51
CA GLN H 149 -52.12 88.97 60.31
C GLN H 149 -51.68 88.71 61.75
N ASP H 150 -51.81 89.73 62.60
CA ASP H 150 -51.29 89.66 63.95
C ASP H 150 -52.23 88.90 64.88
N TYR H 151 -53.44 89.42 65.04
CA TYR H 151 -54.63 88.83 65.65
C TYR H 151 -54.64 88.66 67.15
N ALA H 152 -53.49 88.46 67.81
CA ALA H 152 -53.45 88.49 69.27
C ALA H 152 -52.01 88.75 69.68
N GLY H 153 -51.63 90.01 69.79
CA GLY H 153 -50.28 90.30 70.26
C GLY H 153 -49.16 89.92 69.32
N ILE H 154 -48.98 88.62 69.11
CA ILE H 154 -47.86 88.04 68.37
C ILE H 154 -47.97 88.44 66.90
N SER H 155 -46.91 89.04 66.36
CA SER H 155 -46.85 89.36 64.95
C SER H 155 -46.45 88.13 64.15
N SER H 156 -46.40 88.27 62.83
CA SER H 156 -45.96 87.17 61.98
C SER H 156 -44.53 87.32 61.51
N ALA H 157 -43.90 88.47 61.73
CA ALA H 157 -42.52 88.68 61.33
C ALA H 157 -41.55 88.25 62.42
N THR H 158 -41.82 88.66 63.66
CA THR H 158 -40.95 88.32 64.76
C THR H 158 -41.08 86.87 65.19
N TYR H 159 -42.20 86.21 64.88
CA TYR H 159 -42.43 84.81 65.24
C TYR H 159 -43.04 84.09 64.05
N PRO H 160 -42.23 83.41 63.25
CA PRO H 160 -42.75 82.72 62.06
C PRO H 160 -43.44 81.39 62.34
N LEU H 161 -43.75 81.07 63.60
CA LEU H 161 -44.59 79.92 63.93
C LEU H 161 -46.07 80.24 63.83
N TRP H 162 -46.39 81.45 63.39
CA TRP H 162 -47.70 82.04 63.21
C TRP H 162 -48.10 81.73 61.77
N ASN H 163 -48.90 82.59 61.14
CA ASN H 163 -49.11 82.71 59.67
C ASN H 163 -49.44 81.41 58.94
N VAL H 164 -50.72 81.00 59.05
CA VAL H 164 -51.28 79.69 58.69
C VAL H 164 -51.04 79.27 57.26
N SER H 165 -51.24 77.98 56.98
CA SER H 165 -51.00 77.37 55.68
C SER H 165 -51.85 77.99 54.57
N GLU H 166 -51.21 78.73 53.67
CA GLU H 166 -51.90 79.48 52.63
C GLU H 166 -51.50 78.94 51.26
N VAL H 167 -52.48 78.68 50.41
CA VAL H 167 -52.24 78.37 49.00
C VAL H 167 -53.11 79.31 48.18
N ASP H 168 -52.53 80.42 47.75
CA ASP H 168 -53.22 81.35 46.88
C ASP H 168 -53.32 80.76 45.48
N ALA H 169 -54.37 81.14 44.77
CA ALA H 169 -54.54 80.70 43.40
C ALA H 169 -54.74 81.89 42.47
N TRP H 170 -54.00 82.97 42.69
CA TRP H 170 -54.06 84.10 41.78
C TRP H 170 -53.04 83.96 40.65
N ASP H 171 -51.90 83.36 40.96
CA ASP H 171 -50.78 82.94 40.10
C ASP H 171 -49.93 84.08 39.53
N ALA H 172 -50.46 85.31 39.53
CA ALA H 172 -49.75 86.55 39.22
C ALA H 172 -49.04 86.60 37.86
N ASN H 173 -49.17 85.58 37.01
CA ASN H 173 -48.43 85.60 35.75
C ASN H 173 -49.24 85.02 34.59
N ALA H 174 -50.56 84.95 34.71
CA ALA H 174 -51.40 84.52 33.61
C ALA H 174 -51.68 85.73 32.71
N THR H 175 -52.60 85.58 31.77
CA THR H 175 -52.94 86.67 30.88
C THR H 175 -54.38 87.10 31.11
N GLY H 176 -54.67 88.35 30.80
CA GLY H 176 -56.00 88.88 31.01
C GLY H 176 -56.14 89.69 32.28
N THR H 177 -57.29 89.56 32.95
CA THR H 177 -57.60 90.36 34.11
C THR H 177 -58.16 89.53 35.27
N ASP H 178 -58.71 88.35 35.00
CA ASP H 178 -59.38 87.55 36.01
C ASP H 178 -58.63 86.24 36.22
N LYS H 179 -57.32 86.33 36.41
CA LYS H 179 -56.48 85.16 36.65
C LYS H 179 -56.78 84.56 38.02
N ARG H 180 -57.63 83.53 38.06
CA ARG H 180 -58.00 82.98 39.35
C ARG H 180 -57.91 81.47 39.51
N GLN H 181 -57.55 80.70 38.48
CA GLN H 181 -57.05 79.33 38.62
C GLN H 181 -58.01 78.37 39.32
N ALA H 182 -59.07 77.93 38.62
CA ALA H 182 -60.13 77.11 39.19
C ALA H 182 -59.63 75.87 39.92
N LEU H 183 -60.43 75.40 40.87
CA LEU H 183 -59.98 74.48 41.92
C LEU H 183 -59.61 73.12 41.32
N LYS H 184 -58.32 72.80 41.37
CA LYS H 184 -57.82 71.50 40.97
C LYS H 184 -57.79 70.59 42.18
N THR H 185 -57.22 69.40 42.03
CA THR H 185 -56.97 68.53 43.16
C THR H 185 -55.62 68.82 43.80
N ASP H 186 -54.71 69.44 43.04
CA ASP H 186 -53.36 69.70 43.49
C ASP H 186 -53.29 70.73 44.61
N PHE H 187 -54.31 71.57 44.75
CA PHE H 187 -54.35 72.51 45.86
C PHE H 187 -54.56 71.80 47.18
N MET H 188 -55.39 70.77 47.18
CA MET H 188 -55.66 70.02 48.39
C MET H 188 -54.58 69.00 48.70
N LEU H 189 -53.71 68.69 47.73
CA LEU H 189 -52.49 67.94 48.04
C LEU H 189 -51.42 68.84 48.62
N GLU H 190 -51.35 70.09 48.15
CA GLU H 190 -50.35 71.02 48.67
C GLU H 190 -50.73 71.52 50.05
N LEU H 191 -52.01 71.73 50.29
CA LEU H 191 -52.44 72.25 51.58
C LEU H 191 -52.40 71.16 52.64
N ASP H 192 -52.62 69.90 52.25
CA ASP H 192 -52.46 68.80 53.20
C ASP H 192 -51.00 68.53 53.50
N ARG H 193 -50.09 69.04 52.67
CA ARG H 193 -48.67 68.91 52.93
C ARG H 193 -48.17 69.94 53.93
N LYS H 194 -48.67 71.17 53.87
CA LYS H 194 -48.16 72.20 54.75
C LYS H 194 -48.77 72.15 56.14
N ILE H 195 -49.68 71.21 56.40
CA ILE H 195 -50.09 70.90 57.76
C ILE H 195 -49.37 69.65 58.25
N ARG H 196 -48.23 69.32 57.64
CA ARG H 196 -47.46 68.17 58.06
C ARG H 196 -46.09 68.54 58.59
N TYR H 197 -45.50 69.63 58.09
CA TYR H 197 -44.26 70.14 58.68
C TYR H 197 -44.47 70.63 60.10
N ARG H 198 -45.60 71.20 60.39
CA ARG H 198 -46.03 71.21 61.77
C ARG H 198 -47.07 70.11 61.96
N PRO H 199 -47.03 69.38 63.07
CA PRO H 199 -47.92 68.24 63.23
C PRO H 199 -49.37 68.63 63.46
N GLY H 200 -50.06 69.07 62.41
CA GLY H 200 -51.40 69.61 62.52
C GLY H 200 -52.43 68.71 61.85
N ALA H 201 -53.60 68.60 62.47
CA ALA H 201 -54.68 67.78 61.95
C ALA H 201 -55.99 68.53 62.08
N TYR H 202 -56.80 68.49 61.02
CA TYR H 202 -58.04 69.25 60.93
C TYR H 202 -59.25 68.35 60.92
N ASP H 203 -60.42 68.95 61.15
CA ASP H 203 -61.67 68.21 61.21
C ASP H 203 -62.76 68.79 60.30
N LEU H 204 -62.80 70.11 60.15
CA LEU H 204 -63.86 70.78 59.41
C LEU H 204 -63.36 71.31 58.08
N ILE H 205 -64.29 71.46 57.15
CA ILE H 205 -64.09 72.23 55.93
C ILE H 205 -65.33 73.12 55.77
N LEU H 206 -65.14 74.40 55.45
CA LEU H 206 -66.21 75.37 55.65
C LEU H 206 -66.93 75.85 54.38
N THR H 207 -66.25 76.03 53.24
CA THR H 207 -66.84 75.90 51.89
C THR H 207 -68.15 76.61 51.57
N THR H 208 -68.14 77.91 51.26
CA THR H 208 -69.27 78.54 50.56
C THR H 208 -69.77 77.65 49.44
N PRO H 209 -71.07 77.34 49.34
CA PRO H 209 -71.53 76.25 48.46
C PRO H 209 -71.38 76.50 46.96
N LYS H 210 -70.81 77.63 46.55
CA LYS H 210 -70.27 77.72 45.20
C LYS H 210 -69.05 76.82 45.04
N VAL H 211 -68.19 76.76 46.06
CA VAL H 211 -66.95 76.00 45.90
C VAL H 211 -67.20 74.51 46.16
N VAL H 212 -68.32 74.16 46.78
CA VAL H 212 -68.74 72.76 46.79
C VAL H 212 -69.09 72.33 45.37
N GLU H 213 -69.72 73.22 44.61
CA GLU H 213 -70.06 72.95 43.23
C GLU H 213 -68.82 72.91 42.34
N GLN H 214 -67.78 73.68 42.68
CA GLN H 214 -66.51 73.54 41.97
C GLN H 214 -65.81 72.26 42.35
N TYR H 215 -65.96 71.82 43.60
CA TYR H 215 -65.44 70.53 44.01
C TYR H 215 -66.24 69.39 43.39
N LYS H 216 -67.53 69.60 43.17
CA LYS H 216 -68.36 68.60 42.52
C LYS H 216 -68.08 68.53 41.03
N LYS H 217 -67.62 69.64 40.44
CA LYS H 217 -67.39 69.70 39.00
C LYS H 217 -66.09 69.02 38.59
N VAL H 218 -65.10 68.93 39.50
CA VAL H 218 -63.85 68.29 39.14
C VAL H 218 -64.01 66.77 39.08
N PHE H 219 -65.11 66.25 39.61
CA PHE H 219 -65.54 64.87 39.35
C PHE H 219 -66.42 64.83 38.10
N GLU H 220 -65.98 65.48 37.02
CA GLU H 220 -66.65 65.29 35.74
C GLU H 220 -65.61 65.07 34.66
N ALA H 221 -64.46 65.71 34.80
CA ALA H 221 -63.37 65.46 33.88
C ALA H 221 -62.63 64.18 34.19
N ASN H 222 -62.89 63.59 35.36
CA ASN H 222 -62.16 62.43 35.84
C ASN H 222 -63.07 61.23 36.09
N ARG H 223 -64.28 61.24 35.55
CA ARG H 223 -65.19 60.10 35.67
C ARG H 223 -65.73 59.73 34.30
N SER H 224 -66.19 58.49 34.19
CA SER H 224 -66.81 57.98 32.98
C SER H 224 -67.63 56.75 33.33
N TYR H 225 -68.72 56.57 32.61
CA TYR H 225 -69.63 55.44 32.82
C TYR H 225 -69.24 54.32 31.88
N GLN H 226 -69.21 53.08 32.38
CA GLN H 226 -68.83 51.93 31.56
C GLN H 226 -69.73 50.74 31.85
N ILE H 227 -70.18 50.12 30.77
CA ILE H 227 -71.22 49.08 30.81
C ILE H 227 -70.57 47.74 30.50
N MET H 228 -70.65 46.81 31.45
CA MET H 228 -70.09 45.43 31.28
C MET H 228 -71.14 44.41 31.72
N THR H 229 -72.13 44.17 30.86
CA THR H 229 -73.25 43.26 31.15
C THR H 229 -73.65 42.49 29.90
N PHE H 230 -72.66 41.94 29.20
CA PHE H 230 -72.84 41.49 27.82
C PHE H 230 -73.50 40.10 27.74
N ASP H 231 -74.76 40.07 28.18
CA ASP H 231 -75.61 38.90 27.95
C ASP H 231 -77.07 39.27 27.70
N GLY H 232 -77.34 40.47 27.19
CA GLY H 232 -78.73 40.93 27.09
C GLY H 232 -79.28 41.18 28.48
N GLN H 233 -80.56 40.80 28.68
CA GLN H 233 -81.21 40.60 29.99
C GLN H 233 -81.17 41.81 30.92
N ARG H 234 -82.16 42.71 30.76
CA ARG H 234 -82.37 43.92 31.55
C ARG H 234 -81.33 45.01 31.30
N VAL H 235 -81.53 45.72 30.20
CA VAL H 235 -80.88 46.98 29.81
C VAL H 235 -80.65 47.94 30.98
N PRO H 236 -79.54 48.68 30.97
CA PRO H 236 -79.17 49.46 32.16
C PRO H 236 -80.06 50.69 32.37
N LEU H 237 -80.05 51.17 33.61
CA LEU H 237 -80.74 52.38 34.02
C LEU H 237 -79.69 53.45 34.32
N ILE H 238 -80.03 54.70 34.05
CA ILE H 238 -79.05 55.79 33.97
C ILE H 238 -79.49 56.92 34.90
N ASP H 239 -78.54 57.44 35.68
CA ASP H 239 -78.85 58.44 36.69
C ASP H 239 -78.16 59.79 36.47
N LEU H 240 -76.85 59.80 36.18
CA LEU H 240 -76.03 61.01 35.97
C LEU H 240 -75.98 61.95 37.19
N GLY H 241 -76.37 61.50 38.37
CA GLY H 241 -76.31 62.34 39.55
C GLY H 241 -75.45 61.67 40.60
N PHE H 242 -74.88 62.49 41.48
CA PHE H 242 -73.92 62.00 42.46
C PHE H 242 -73.74 63.01 43.59
N ASN H 243 -73.72 62.50 44.82
CA ASN H 243 -73.57 63.31 46.01
C ASN H 243 -72.10 63.46 46.37
N VAL H 244 -71.83 64.19 47.45
CA VAL H 244 -70.47 64.47 47.91
C VAL H 244 -70.34 63.98 49.34
N ALA H 245 -69.33 63.14 49.60
CA ALA H 245 -69.08 62.64 50.94
C ALA H 245 -68.16 63.55 51.73
N GLY H 246 -67.11 64.06 51.11
CA GLY H 246 -66.17 64.92 51.81
C GLY H 246 -64.73 64.52 51.55
N TYR H 247 -63.81 65.46 51.72
CA TYR H 247 -62.40 65.22 51.39
C TYR H 247 -61.76 64.37 52.47
N MET H 248 -61.33 63.16 52.10
CA MET H 248 -60.60 62.22 52.96
C MET H 248 -61.35 61.88 54.24
N GLY H 249 -62.66 61.68 54.13
CA GLY H 249 -63.46 61.26 55.24
C GLY H 249 -64.04 62.38 56.08
N ARG H 250 -63.33 63.49 56.20
CA ARG H 250 -63.87 64.64 56.91
C ARG H 250 -64.98 65.27 56.09
N PRO H 251 -66.10 65.63 56.69
CA PRO H 251 -67.25 66.09 55.91
C PRO H 251 -67.07 67.53 55.44
N ILE H 252 -67.77 67.85 54.36
CA ILE H 252 -67.76 69.20 53.80
C ILE H 252 -69.03 69.89 54.28
N ILE H 253 -68.87 70.76 55.27
CA ILE H 253 -69.97 71.60 55.74
C ILE H 253 -70.00 72.86 54.90
N ASP H 254 -71.20 73.35 54.57
CA ASP H 254 -71.34 74.49 53.67
C ASP H 254 -72.25 75.57 54.26
N ASP H 255 -71.63 76.53 54.94
CA ASP H 255 -72.34 77.71 55.38
C ASP H 255 -72.56 78.65 54.22
N VAL H 256 -73.72 79.30 54.20
CA VAL H 256 -74.05 80.20 53.09
C VAL H 256 -73.27 81.51 53.21
N PHE H 257 -73.17 82.05 54.42
CA PHE H 257 -72.66 83.41 54.60
C PHE H 257 -71.16 83.48 54.78
N CYS H 258 -70.42 82.44 54.41
CA CYS H 258 -68.97 82.47 54.55
C CYS H 258 -68.35 83.37 53.50
N SER H 259 -67.30 84.09 53.89
CA SER H 259 -66.58 85.00 53.01
C SER H 259 -65.21 85.28 53.64
N ARG H 260 -64.46 86.17 53.02
CA ARG H 260 -63.13 86.52 53.52
C ARG H 260 -62.76 87.89 52.97
N THR H 261 -62.66 88.89 53.84
CA THR H 261 -62.23 90.20 53.38
C THR H 261 -60.73 90.18 53.11
N ARG H 262 -60.36 90.64 51.93
CA ARG H 262 -58.99 90.59 51.45
C ARG H 262 -58.16 91.66 52.10
N THR H 263 -56.89 91.34 52.36
CA THR H 263 -55.98 92.22 53.06
C THR H 263 -55.53 93.37 52.15
N ALA H 264 -54.78 94.30 52.71
CA ALA H 264 -54.26 95.41 51.94
C ALA H 264 -53.11 95.01 51.04
N ALA H 265 -52.46 93.88 51.31
CA ALA H 265 -51.44 93.37 50.41
C ALA H 265 -52.03 92.76 49.15
N GLU H 266 -53.32 92.46 49.16
CA GLU H 266 -54.04 91.97 47.99
C GLU H 266 -54.81 93.07 47.30
N SER H 267 -54.23 94.28 47.26
CA SER H 267 -54.94 95.42 46.69
C SER H 267 -55.04 95.33 45.18
N ALA H 268 -54.03 94.73 44.52
CA ALA H 268 -54.12 94.52 43.08
C ALA H 268 -55.14 93.44 42.74
N ILE H 269 -55.40 92.53 43.67
CA ILE H 269 -56.46 91.55 43.48
C ILE H 269 -57.82 92.23 43.61
N THR H 270 -57.95 93.17 44.55
CA THR H 270 -59.22 93.82 44.82
C THR H 270 -59.60 94.77 43.68
N THR H 271 -58.66 95.57 43.20
CA THR H 271 -58.97 96.52 42.15
C THR H 271 -59.05 95.88 40.77
N ALA H 272 -58.73 94.60 40.63
CA ALA H 272 -58.91 93.90 39.37
C ALA H 272 -60.24 93.19 39.27
N LEU H 273 -60.91 92.98 40.39
CA LEU H 273 -62.21 92.33 40.40
C LEU H 273 -63.34 93.26 40.83
N GLY H 274 -63.08 94.21 41.72
CA GLY H 274 -64.06 95.17 42.15
C GLY H 274 -64.68 94.90 43.50
N THR H 275 -64.45 93.73 44.09
CA THR H 275 -64.98 93.40 45.40
C THR H 275 -63.85 92.92 46.30
N ALA H 276 -64.14 92.82 47.58
CA ALA H 276 -63.21 92.28 48.58
C ALA H 276 -63.94 91.32 49.49
N VAL H 277 -64.68 90.39 48.90
CA VAL H 277 -65.52 89.46 49.64
C VAL H 277 -64.99 88.03 49.53
N ASP H 278 -64.57 87.63 48.34
CA ASP H 278 -63.73 86.48 47.98
C ASP H 278 -64.42 85.12 48.08
N GLU H 279 -65.59 85.06 48.73
CA GLU H 279 -66.76 84.24 48.40
C GLU H 279 -66.46 82.88 47.78
N GLY H 280 -65.92 81.94 48.55
CA GLY H 280 -65.22 80.84 47.92
C GLY H 280 -63.88 80.46 48.53
N VAL H 281 -63.77 80.61 49.84
CA VAL H 281 -62.65 80.10 50.59
C VAL H 281 -63.03 78.76 51.21
N MET H 282 -62.03 78.06 51.77
CA MET H 282 -62.22 76.69 52.23
C MET H 282 -62.25 76.55 53.74
N TYR H 283 -61.26 77.10 54.46
CA TYR H 283 -61.17 77.09 55.92
C TYR H 283 -61.15 75.66 56.49
N PHE H 284 -60.05 74.95 56.21
CA PHE H 284 -59.77 73.68 56.88
C PHE H 284 -59.51 73.98 58.34
N LEU H 285 -60.42 73.58 59.23
CA LEU H 285 -60.35 73.98 60.63
C LEU H 285 -60.33 72.76 61.55
N LYS H 286 -60.12 73.03 62.84
CA LYS H 286 -60.32 72.05 63.90
C LYS H 286 -61.40 72.58 64.84
N LYS H 287 -62.35 71.72 65.21
CA LYS H 287 -63.53 72.18 65.93
C LYS H 287 -63.21 72.50 67.38
N ASP H 288 -62.35 71.70 68.02
CA ASP H 288 -62.01 71.89 69.42
C ASP H 288 -61.09 73.08 69.68
N ASP H 289 -60.71 73.80 68.62
CA ASP H 289 -59.78 74.91 68.73
C ASP H 289 -60.49 76.26 68.72
N LEU H 290 -61.75 76.30 68.34
CA LEU H 290 -62.54 77.52 68.29
C LEU H 290 -63.48 77.58 69.49
N ARG H 291 -63.57 78.75 70.12
CA ARG H 291 -64.49 78.97 71.20
C ARG H 291 -65.24 80.28 71.00
N PHE H 292 -66.45 80.36 71.56
CA PHE H 292 -67.28 81.55 71.43
C PHE H 292 -67.65 82.02 72.83
N TYR H 293 -67.32 83.27 73.15
CA TYR H 293 -67.52 83.81 74.48
C TYR H 293 -68.49 84.97 74.47
N SER H 294 -69.37 85.01 75.48
CA SER H 294 -70.27 86.12 75.71
C SER H 294 -70.52 86.23 77.20
N THR H 295 -70.78 87.46 77.68
CA THR H 295 -70.80 87.62 79.13
C THR H 295 -72.20 87.38 79.67
N PRO H 296 -72.31 86.70 80.81
CA PRO H 296 -73.61 86.53 81.46
C PRO H 296 -73.97 87.67 82.41
N VAL H 297 -74.41 88.79 81.83
CA VAL H 297 -74.91 89.89 82.65
C VAL H 297 -76.23 89.50 83.28
N VAL H 298 -76.58 90.20 84.36
CA VAL H 298 -77.71 89.78 85.19
C VAL H 298 -79.02 90.09 84.47
N GLY H 299 -79.78 89.03 84.18
CA GLY H 299 -80.99 89.12 83.40
C GLY H 299 -80.91 88.48 82.02
N ALA H 300 -79.70 88.22 81.52
CA ALA H 300 -79.52 87.66 80.19
C ALA H 300 -79.87 86.18 80.21
N PHE H 301 -80.86 85.77 79.42
CA PHE H 301 -81.52 84.51 79.72
C PHE H 301 -80.89 83.25 79.13
N SER H 302 -81.10 82.94 77.85
CA SER H 302 -80.75 81.58 77.40
C SER H 302 -80.53 81.42 75.90
N ALA H 303 -80.37 82.48 75.11
CA ALA H 303 -80.72 82.44 73.69
C ALA H 303 -79.74 81.59 72.87
N ASN H 304 -79.95 80.26 72.94
CA ASN H 304 -79.16 79.25 72.24
C ASN H 304 -77.67 79.34 72.56
N GLY H 305 -77.36 79.35 73.85
CA GLY H 305 -75.99 79.51 74.29
C GLY H 305 -75.46 80.92 74.25
N VAL H 306 -76.22 81.87 73.77
CA VAL H 306 -75.82 83.27 73.70
C VAL H 306 -76.67 84.05 74.70
N TYR H 307 -76.03 84.92 75.47
CA TYR H 307 -76.69 85.64 76.55
C TYR H 307 -77.17 86.99 76.05
N THR H 308 -78.48 87.21 76.06
CA THR H 308 -79.09 88.43 75.53
C THR H 308 -80.05 89.03 76.56
N LEU H 309 -80.08 90.36 76.63
CA LEU H 309 -80.99 91.10 77.51
C LEU H 309 -82.18 91.66 76.73
N MET H 310 -83.26 91.93 77.46
CA MET H 310 -84.31 92.77 76.88
C MET H 310 -84.23 94.23 77.30
N ARG H 311 -84.50 94.54 78.57
CA ARG H 311 -84.49 95.91 79.11
C ARG H 311 -85.38 96.86 78.30
N GLN H 312 -86.69 96.69 78.46
CA GLN H 312 -87.67 97.67 78.00
C GLN H 312 -87.32 99.08 78.46
N LEU H 313 -87.17 99.99 77.50
CA LEU H 313 -86.72 101.33 77.81
C LEU H 313 -87.84 102.13 78.46
N ALA H 314 -87.47 103.25 79.08
CA ALA H 314 -88.43 104.07 79.79
C ALA H 314 -89.24 104.91 78.81
N GLN H 315 -90.53 105.04 79.10
CA GLN H 315 -91.48 105.66 78.19
C GLN H 315 -91.66 107.13 78.49
N THR H 316 -91.95 107.90 77.45
CA THR H 316 -92.12 109.35 77.56
C THR H 316 -93.54 109.78 77.25
N SER H 317 -94.06 109.45 76.08
CA SER H 317 -95.46 109.70 75.77
C SER H 317 -96.31 108.56 76.32
N LEU H 318 -97.61 108.60 76.07
CA LEU H 318 -98.46 107.62 76.71
C LEU H 318 -98.50 106.32 75.91
N TYR H 319 -98.64 106.43 74.59
CA TYR H 319 -98.79 105.28 73.70
C TYR H 319 -97.49 105.03 72.92
N VAL H 320 -96.51 104.46 73.62
CA VAL H 320 -95.26 104.02 73.00
C VAL H 320 -94.60 103.04 73.97
N ASP H 321 -93.79 102.12 73.44
CA ASP H 321 -93.11 101.16 74.29
C ASP H 321 -91.59 101.16 74.12
N ASN H 322 -91.08 101.10 72.89
CA ASN H 322 -89.67 101.37 72.55
C ASN H 322 -88.70 100.39 73.22
N PHE H 323 -88.76 99.13 72.77
CA PHE H 323 -87.92 98.07 73.30
C PHE H 323 -86.52 98.06 72.68
N VAL H 324 -85.66 97.16 73.18
CA VAL H 324 -84.30 96.95 72.70
C VAL H 324 -83.93 95.50 73.05
N VAL H 325 -82.90 94.96 72.40
CA VAL H 325 -82.35 93.64 72.69
C VAL H 325 -80.91 93.59 72.20
N GLY H 326 -80.00 93.06 73.02
CA GLY H 326 -78.59 93.10 72.69
C GLY H 326 -77.74 92.04 73.36
N CYS H 327 -76.54 91.84 72.84
CA CYS H 327 -75.56 90.92 73.39
C CYS H 327 -74.15 91.38 73.04
N ILE H 328 -73.16 90.82 73.72
CA ILE H 328 -71.76 91.18 73.54
C ILE H 328 -70.92 89.92 73.29
N PRO H 329 -70.50 89.69 72.05
CA PRO H 329 -69.85 88.43 71.66
C PRO H 329 -68.34 88.47 71.58
N GLN H 330 -67.73 87.31 71.29
CA GLN H 330 -66.35 87.18 70.80
C GLN H 330 -66.11 85.76 70.29
N LEU H 331 -65.42 85.65 69.15
CA LEU H 331 -64.87 84.41 68.64
C LEU H 331 -63.41 84.31 69.07
N GLN H 332 -62.98 83.09 69.43
CA GLN H 332 -61.67 82.91 70.06
C GLN H 332 -60.98 81.69 69.49
N LEU H 333 -59.85 81.89 68.84
CA LEU H 333 -59.08 80.83 68.21
C LEU H 333 -57.69 80.78 68.80
N THR H 334 -57.36 79.66 69.44
CA THR H 334 -56.01 79.42 69.88
C THR H 334 -55.25 78.78 68.75
N THR H 335 -53.91 78.89 68.79
CA THR H 335 -52.98 77.90 68.24
C THR H 335 -53.19 77.69 66.74
N ARG H 336 -52.78 78.67 65.96
CA ARG H 336 -52.95 78.53 64.51
C ARG H 336 -51.99 77.52 63.87
N LYS H 337 -52.11 76.26 64.28
CA LYS H 337 -51.49 75.11 63.65
C LYS H 337 -52.48 74.24 62.91
N ASN H 338 -53.62 73.95 63.54
CA ASN H 338 -54.65 73.10 62.96
C ASN H 338 -55.58 73.89 62.07
N VAL H 339 -55.05 74.69 61.16
CA VAL H 339 -55.84 75.56 60.30
C VAL H 339 -55.23 75.60 58.92
N GLY H 340 -56.08 75.61 57.91
CA GLY H 340 -55.61 75.67 56.54
C GLY H 340 -56.59 76.45 55.69
N VAL H 341 -56.09 77.42 54.94
CA VAL H 341 -56.95 78.25 54.11
C VAL H 341 -56.55 78.05 52.65
N ILE H 342 -57.52 78.30 51.78
CA ILE H 342 -57.30 78.40 50.34
C ILE H 342 -57.89 79.73 49.91
N LYS H 343 -57.10 80.54 49.21
CA LYS H 343 -57.47 81.89 48.81
C LYS H 343 -58.38 81.86 47.58
N ASN H 344 -58.38 82.97 46.83
CA ASN H 344 -59.13 83.25 45.61
C ASN H 344 -59.27 82.05 44.68
N ILE H 345 -60.51 81.67 44.39
CA ILE H 345 -60.82 80.58 43.47
C ILE H 345 -61.71 81.18 42.39
N LYS H 346 -61.70 80.57 41.18
CA LYS H 346 -62.37 81.12 40.00
C LYS H 346 -63.86 81.31 40.21
N VAL H 347 -64.50 80.39 40.93
CA VAL H 347 -65.87 80.46 41.49
C VAL H 347 -66.94 80.89 40.49
N ALA I 2 -65.75 102.17 85.94
CA ALA I 2 -65.31 101.77 87.26
C ALA I 2 -64.07 102.53 87.66
N LYS I 3 -64.23 103.57 88.47
CA LYS I 3 -63.08 104.32 88.97
C LYS I 3 -62.50 103.69 90.22
N LEU I 4 -63.30 102.97 90.99
CA LEU I 4 -62.79 102.23 92.13
C LEU I 4 -61.90 101.09 91.69
N ASN I 5 -62.49 100.10 91.01
CA ASN I 5 -61.74 98.97 90.46
C ASN I 5 -61.15 99.41 89.12
N LEU I 6 -60.08 100.17 89.20
CA LEU I 6 -59.45 100.70 87.99
C LEU I 6 -57.97 100.39 87.95
N ALA I 7 -57.30 100.44 89.10
CA ALA I 7 -55.88 100.09 89.21
C ALA I 7 -55.64 98.96 90.19
N VAL I 8 -56.69 98.28 90.64
CA VAL I 8 -56.57 97.20 91.62
C VAL I 8 -57.01 95.94 90.87
N LEU I 9 -56.75 95.91 89.57
CA LEU I 9 -57.08 94.74 88.76
C LEU I 9 -55.88 93.81 88.65
N ASN I 10 -56.17 92.54 88.50
CA ASN I 10 -55.15 91.50 88.46
C ASN I 10 -55.32 90.62 87.22
N ASN I 11 -54.20 90.06 86.76
CA ASN I 11 -54.15 89.30 85.52
C ASN I 11 -54.06 87.81 85.86
N VAL I 12 -55.06 87.05 85.43
CA VAL I 12 -55.36 85.72 85.95
C VAL I 12 -55.34 84.73 84.79
N PHE I 13 -54.24 84.72 84.01
CA PHE I 13 -53.97 83.80 82.89
C PHE I 13 -54.57 82.40 83.01
N SER I 14 -55.27 81.96 81.96
CA SER I 14 -55.95 80.67 82.03
C SER I 14 -54.97 79.52 81.88
N GLU I 15 -55.43 78.32 82.24
CA GLU I 15 -54.60 77.12 82.15
C GLU I 15 -54.66 76.55 80.73
N LEU I 16 -54.14 77.32 79.79
CA LEU I 16 -54.27 77.00 78.38
C LEU I 16 -52.93 77.23 77.69
N LEU I 17 -51.87 76.65 78.24
CA LEU I 17 -50.58 76.70 77.57
C LEU I 17 -50.59 75.74 76.40
N THR I 18 -50.25 76.25 75.22
CA THR I 18 -50.25 75.46 73.99
C THR I 18 -48.83 75.40 73.44
N GLN I 19 -48.37 74.19 73.14
CA GLN I 19 -47.04 73.98 72.61
C GLN I 19 -47.10 74.11 71.10
N GLU I 20 -46.18 74.89 70.53
CA GLU I 20 -46.23 75.24 69.12
C GLU I 20 -44.85 75.08 68.49
N ILE I 21 -44.21 73.93 68.74
CA ILE I 21 -42.88 73.66 68.22
C ILE I 21 -42.82 72.19 67.82
N ASN I 22 -41.97 71.89 66.84
CA ASN I 22 -41.86 70.55 66.27
C ASN I 22 -40.53 69.95 66.73
N ARG I 23 -40.55 69.32 67.90
CA ARG I 23 -39.40 68.58 68.41
C ARG I 23 -39.65 67.08 68.21
N SER I 24 -39.47 66.63 66.98
CA SER I 24 -39.71 65.25 66.61
C SER I 24 -38.41 64.63 66.11
N ALA I 25 -37.96 63.57 66.79
CA ALA I 25 -36.82 62.79 66.37
C ALA I 25 -37.37 61.49 65.77
N THR I 26 -37.73 61.53 64.50
CA THR I 26 -38.35 60.38 63.87
C THR I 26 -37.32 59.39 63.36
N PHE I 27 -36.27 59.88 62.70
CA PHE I 27 -35.27 58.99 62.12
C PHE I 27 -34.37 58.39 63.19
N LEU I 28 -34.22 59.07 64.32
CA LEU I 28 -33.44 58.50 65.41
C LEU I 28 -34.19 57.36 66.10
N GLY I 29 -35.51 57.35 66.01
CA GLY I 29 -36.31 56.35 66.68
C GLY I 29 -36.42 55.01 65.98
N LEU I 30 -35.61 54.74 64.95
CA LEU I 30 -35.65 53.42 64.34
C LEU I 30 -34.26 52.94 63.91
N LEU I 31 -33.19 53.49 64.46
CA LEU I 31 -31.84 53.14 64.00
C LEU I 31 -31.21 51.96 64.72
N SER I 32 -31.90 51.32 65.67
CA SER I 32 -31.43 50.15 66.42
C SER I 32 -30.11 50.47 67.16
N LYS I 33 -30.27 51.29 68.20
CA LYS I 33 -29.15 51.87 68.96
C LYS I 33 -28.29 50.79 69.61
N TYR I 34 -27.04 51.14 69.88
CA TYR I 34 -26.05 50.26 70.50
C TYR I 34 -25.13 51.07 71.40
N PRO I 35 -24.56 50.45 72.44
CA PRO I 35 -23.50 51.10 73.20
C PRO I 35 -22.14 50.78 72.63
N GLU I 36 -21.20 51.70 72.84
CA GLU I 36 -19.84 51.52 72.34
C GLU I 36 -18.88 52.24 73.26
N ARG I 37 -18.24 51.48 74.15
CA ARG I 37 -17.18 52.03 75.00
C ARG I 37 -15.83 51.64 74.41
N LYS I 38 -15.44 52.38 73.39
CA LYS I 38 -14.18 52.17 72.67
C LYS I 38 -13.88 53.49 71.96
N SER I 39 -12.65 53.61 71.45
CA SER I 39 -12.25 54.88 70.85
C SER I 39 -12.87 55.06 69.47
N ASN I 40 -12.90 54.00 68.66
CA ASN I 40 -13.37 54.07 67.28
C ASN I 40 -13.65 52.69 66.74
N ILE I 41 -14.71 52.59 65.91
CA ILE I 41 -15.11 51.31 65.35
C ILE I 41 -14.25 51.01 64.12
N GLN I 42 -13.68 49.80 64.08
CA GLN I 42 -12.82 49.40 62.97
C GLN I 42 -13.39 48.09 62.42
N TRP I 43 -13.92 48.16 61.20
CA TRP I 43 -14.34 46.96 60.49
C TRP I 43 -13.60 46.89 59.17
N GLY I 44 -13.73 45.76 58.47
CA GLY I 44 -12.96 45.57 57.26
C GLY I 44 -13.81 45.31 56.04
N VAL I 45 -13.66 46.12 55.02
CA VAL I 45 -14.41 45.98 53.78
C VAL I 45 -13.52 45.25 52.77
N GLY I 46 -14.11 44.30 52.06
CA GLY I 46 -13.36 43.50 51.13
C GLY I 46 -13.66 43.85 49.69
N MET I 47 -12.64 44.25 48.94
CA MET I 47 -12.86 44.69 47.56
C MET I 47 -12.75 43.54 46.57
N GLY I 48 -11.57 42.95 46.47
CA GLY I 48 -11.28 41.97 45.44
C GLY I 48 -10.13 42.43 44.57
N GLY I 49 -9.90 41.68 43.50
CA GLY I 49 -8.78 42.00 42.64
C GLY I 49 -8.07 40.78 42.05
N THR I 50 -8.56 39.59 42.36
CA THR I 50 -8.00 38.39 41.75
C THR I 50 -8.32 38.33 40.26
N THR I 51 -7.36 37.81 39.49
CA THR I 51 -7.46 37.78 38.04
C THR I 51 -7.48 36.33 37.57
N ALA I 52 -8.30 36.06 36.55
CA ALA I 52 -8.42 34.74 35.96
C ALA I 52 -8.33 34.92 34.45
N THR I 53 -7.12 34.95 33.93
CA THR I 53 -6.89 35.21 32.52
C THR I 53 -6.82 33.91 31.74
N GLY I 54 -6.84 34.04 30.42
CA GLY I 54 -6.74 32.89 29.53
C GLY I 54 -5.45 32.90 28.75
N VAL I 55 -4.71 31.80 28.74
CA VAL I 55 -3.42 31.81 28.05
C VAL I 55 -3.30 30.75 26.95
N ALA I 56 -3.25 29.48 27.33
CA ALA I 56 -3.05 28.34 26.44
C ALA I 56 -3.27 27.09 27.27
N ILE I 57 -3.02 25.92 26.69
CA ILE I 57 -2.90 24.71 27.48
C ILE I 57 -1.49 24.14 27.42
N THR I 58 -0.65 24.60 26.51
CA THR I 58 0.80 24.52 26.69
C THR I 58 1.32 25.83 27.28
N GLY I 59 0.73 26.23 28.40
CA GLY I 59 0.82 27.59 28.89
C GLY I 59 2.08 27.89 29.65
N SER I 60 2.03 28.95 30.45
CA SER I 60 3.22 29.42 31.14
C SER I 60 2.95 29.90 32.57
N ALA I 61 1.81 29.51 33.18
CA ALA I 61 1.46 29.77 34.58
C ALA I 61 1.49 31.25 34.97
N PRO I 62 0.44 32.03 34.68
CA PRO I 62 0.49 33.49 34.76
C PRO I 62 0.72 34.09 36.15
N ALA I 63 0.70 35.41 36.23
CA ALA I 63 1.09 36.14 37.44
C ALA I 63 0.05 35.96 38.55
N ALA I 64 0.48 36.30 39.77
CA ALA I 64 -0.31 36.08 40.97
C ALA I 64 -1.45 37.10 41.08
N SER I 65 -2.39 36.81 41.98
CA SER I 65 -3.63 37.58 42.04
C SER I 65 -3.80 38.34 43.35
N MET I 66 -3.96 37.66 44.49
CA MET I 66 -4.00 38.22 45.85
C MET I 66 -5.00 39.37 46.02
N ASP I 67 -6.28 39.03 45.99
CA ASP I 67 -7.33 40.02 46.26
C ASP I 67 -7.24 40.54 47.70
N ALA I 68 -7.67 41.79 47.89
CA ALA I 68 -7.32 42.57 49.08
C ALA I 68 -8.54 42.99 49.88
N THR I 69 -8.31 43.26 51.17
CA THR I 69 -9.30 43.85 52.07
C THR I 69 -8.73 45.14 52.64
N LEU I 70 -9.63 46.02 53.07
CA LEU I 70 -9.30 47.39 53.44
C LEU I 70 -9.93 47.76 54.77
N PRO I 71 -9.38 48.75 55.49
CA PRO I 71 -9.98 49.18 56.77
C PRO I 71 -10.90 50.40 56.65
N ALA I 72 -11.67 50.74 57.72
CA ALA I 72 -12.65 51.84 57.69
C ALA I 72 -12.48 52.89 58.80
N GLN I 73 -12.26 52.46 60.04
CA GLN I 73 -11.65 53.19 61.16
C GLN I 73 -12.42 54.30 61.87
N LEU I 74 -13.50 54.86 61.28
CA LEU I 74 -14.71 55.51 61.85
C LEU I 74 -14.58 56.13 63.26
N PRO I 75 -13.93 57.28 63.43
CA PRO I 75 -13.67 57.80 64.79
C PRO I 75 -14.92 58.31 65.50
N ILE I 76 -14.97 58.11 66.83
CA ILE I 76 -16.13 58.59 67.59
C ILE I 76 -15.77 59.48 68.77
N SER I 77 -14.54 59.39 69.28
CA SER I 77 -14.24 59.91 70.62
C SER I 77 -13.64 61.31 70.53
N ALA I 78 -14.42 62.25 70.02
CA ALA I 78 -13.91 63.62 70.03
C ALA I 78 -14.91 64.65 70.53
N ALA I 79 -16.18 64.52 70.18
CA ALA I 79 -17.14 65.60 70.38
C ALA I 79 -18.31 65.11 71.21
N SER I 80 -19.17 66.07 71.59
CA SER I 80 -20.33 65.80 72.41
C SER I 80 -21.33 66.93 72.21
N VAL I 81 -22.59 66.65 72.51
CA VAL I 81 -23.68 67.62 72.37
C VAL I 81 -24.25 67.87 73.76
N GLN I 82 -24.20 69.12 74.22
CA GLN I 82 -24.55 69.46 75.59
C GLN I 82 -25.54 70.63 75.64
N SER I 83 -26.13 70.84 76.82
CA SER I 83 -27.08 71.93 77.07
C SER I 83 -27.07 72.29 78.55
N THR I 84 -27.28 73.58 78.86
CA THR I 84 -27.21 74.11 80.22
C THR I 84 -28.52 74.80 80.61
N PHE I 85 -28.69 75.08 81.90
CA PHE I 85 -29.89 75.74 82.42
C PHE I 85 -29.58 77.13 82.98
N THR I 86 -28.74 77.20 84.01
CA THR I 86 -28.39 78.39 84.80
C THR I 86 -29.65 79.10 85.35
N LEU I 87 -30.32 78.42 86.27
CA LEU I 87 -31.48 78.99 86.94
C LEU I 87 -31.18 79.26 88.41
N ASN I 88 -31.76 80.33 88.94
CA ASN I 88 -31.45 80.81 90.28
C ASN I 88 -32.18 79.97 91.34
N LEU I 89 -32.17 80.45 92.57
CA LEU I 89 -32.87 79.79 93.66
C LEU I 89 -34.06 80.60 94.15
N LYS I 90 -34.09 81.91 93.90
CA LYS I 90 -35.23 82.71 94.29
C LYS I 90 -36.34 82.64 93.25
N GLU I 91 -35.99 82.53 91.97
CA GLU I 91 -37.00 82.54 90.92
C GLU I 91 -37.80 81.25 90.86
N ILE I 92 -37.27 80.15 91.41
CA ILE I 92 -38.03 78.90 91.42
C ILE I 92 -38.99 78.84 92.59
N GLU I 93 -38.92 79.81 93.49
CA GLU I 93 -39.83 79.87 94.63
C GLU I 93 -41.05 80.73 94.33
N GLU I 94 -40.85 81.86 93.66
CA GLU I 94 -41.96 82.67 93.22
C GLU I 94 -42.64 82.12 91.98
N SER I 95 -42.06 81.14 91.31
CA SER I 95 -42.70 80.48 90.18
C SER I 95 -43.73 79.45 90.61
N LYS I 96 -43.93 79.26 91.90
CA LYS I 96 -45.06 78.51 92.41
C LYS I 96 -46.19 79.43 92.85
N GLU I 97 -46.08 80.72 92.56
CA GLU I 97 -47.07 81.71 92.94
C GLU I 97 -47.68 82.43 91.74
N GLN I 98 -46.86 83.08 90.91
CA GLN I 98 -47.37 83.86 89.79
C GLN I 98 -47.48 83.07 88.50
N VAL I 99 -47.70 81.76 88.57
CA VAL I 99 -47.95 80.95 87.38
C VAL I 99 -49.17 80.10 87.66
N THR I 100 -50.18 80.20 86.78
CA THR I 100 -51.44 79.51 86.99
C THR I 100 -51.45 78.09 86.46
N ASN I 101 -50.66 77.81 85.42
CA ASN I 101 -50.66 76.47 84.85
C ASN I 101 -49.86 75.53 85.73
N GLU I 102 -50.42 74.34 85.97
CA GLU I 102 -49.82 73.36 86.87
C GLU I 102 -48.52 72.80 86.31
N GLU I 103 -48.37 72.75 84.99
CA GLU I 103 -47.16 72.23 84.37
C GLU I 103 -45.97 73.17 84.53
N LEU I 104 -46.18 74.48 84.41
CA LEU I 104 -45.08 75.42 84.28
C LEU I 104 -44.73 76.01 85.64
N ARG I 105 -44.61 75.15 86.65
CA ARG I 105 -44.31 75.66 87.98
C ARG I 105 -42.99 75.13 88.50
N ASN I 106 -42.80 73.81 88.44
CA ASN I 106 -41.55 73.21 88.87
C ASN I 106 -40.57 73.38 87.71
N LEU I 107 -39.76 74.44 87.80
CA LEU I 107 -38.88 74.81 86.70
C LEU I 107 -37.76 73.81 86.48
N LEU I 108 -37.36 73.10 87.54
CA LEU I 108 -36.24 72.19 87.41
C LEU I 108 -36.64 70.93 86.66
N GLU I 109 -37.90 70.50 86.79
CA GLU I 109 -38.37 69.36 86.01
C GLU I 109 -38.97 69.75 84.67
N ALA I 110 -39.44 71.00 84.52
CA ALA I 110 -39.99 71.41 83.24
C ALA I 110 -38.87 71.62 82.22
N GLN I 111 -37.81 72.32 82.61
CA GLN I 111 -36.70 72.56 81.71
C GLN I 111 -35.85 71.32 81.49
N MET I 112 -35.89 70.35 82.41
CA MET I 112 -35.12 69.12 82.24
C MET I 112 -35.68 68.27 81.10
N ARG I 113 -36.99 68.25 80.91
CA ARG I 113 -37.54 67.54 79.76
C ARG I 113 -37.55 68.37 78.50
N ASN I 114 -37.40 69.69 78.59
CA ASN I 114 -37.13 70.49 77.41
C ASN I 114 -35.68 70.44 76.99
N ALA I 115 -34.81 69.82 77.79
CA ALA I 115 -33.40 69.66 77.45
C ALA I 115 -33.09 68.32 76.83
N VAL I 116 -33.62 67.23 77.41
CA VAL I 116 -33.42 65.91 76.84
C VAL I 116 -34.13 65.79 75.49
N GLU I 117 -35.33 66.36 75.38
CA GLU I 117 -36.01 66.38 74.09
C GLU I 117 -35.34 67.31 73.10
N GLU I 118 -34.60 68.32 73.55
CA GLU I 118 -33.86 69.14 72.62
C GLU I 118 -32.61 68.43 72.12
N ILE I 119 -32.03 67.57 72.95
CA ILE I 119 -30.87 66.77 72.53
C ILE I 119 -31.26 65.85 71.39
N ALA I 120 -32.38 65.14 71.54
CA ALA I 120 -32.78 64.18 70.52
C ALA I 120 -33.28 64.85 69.25
N THR I 121 -33.91 66.02 69.35
CA THR I 121 -34.44 66.63 68.14
C THR I 121 -33.39 67.40 67.35
N THR I 122 -32.23 67.69 67.94
CA THR I 122 -31.13 68.27 67.18
C THR I 122 -30.08 67.24 66.83
N LEU I 123 -30.16 66.04 67.40
CA LEU I 123 -29.31 64.95 66.98
C LEU I 123 -29.90 64.24 65.78
N ASN I 124 -31.22 64.33 65.61
CA ASN I 124 -31.85 63.84 64.39
C ASN I 124 -31.44 64.69 63.20
N LYS I 125 -31.50 66.00 63.33
CA LYS I 125 -31.22 66.86 62.19
C LYS I 125 -29.73 67.07 61.96
N LYS I 126 -28.86 66.39 62.69
CA LYS I 126 -27.46 66.29 62.29
C LYS I 126 -27.13 64.94 61.68
N LEU I 127 -28.09 64.00 61.67
CA LEU I 127 -27.93 62.75 60.95
C LEU I 127 -28.08 62.92 59.45
N TYR I 128 -28.51 64.10 58.99
CA TYR I 128 -28.58 64.39 57.57
C TYR I 128 -27.49 65.35 57.12
N ASP I 129 -26.83 66.04 58.05
CA ASP I 129 -25.63 66.81 57.73
C ASP I 129 -24.74 66.86 58.97
N GLY I 130 -23.72 66.01 58.97
CA GLY I 130 -22.75 65.89 60.03
C GLY I 130 -21.47 66.61 59.65
N SER I 131 -20.54 65.86 59.05
CA SER I 131 -19.29 66.35 58.48
C SER I 131 -18.36 66.88 59.56
N GLY I 132 -18.16 66.04 60.58
CA GLY I 132 -17.16 66.28 61.60
C GLY I 132 -17.47 67.50 62.42
N ALA I 133 -16.70 68.57 62.21
CA ALA I 133 -17.05 69.94 62.55
C ALA I 133 -17.34 70.10 64.05
N ILE I 134 -16.26 70.02 64.84
CA ILE I 134 -16.22 69.84 66.29
C ILE I 134 -17.22 70.71 67.08
N ALA I 135 -17.64 71.83 66.49
CA ALA I 135 -18.69 72.67 67.04
C ALA I 135 -20.05 72.40 66.39
N ASP I 136 -20.35 71.17 66.01
CA ASP I 136 -21.75 70.84 65.74
C ASP I 136 -22.21 69.50 66.28
N GLY I 137 -21.32 68.66 66.81
CA GLY I 137 -21.73 67.39 67.36
C GLY I 137 -20.76 66.26 67.09
N GLY I 138 -20.02 66.37 66.01
CA GLY I 138 -19.02 65.36 65.69
C GLY I 138 -19.54 64.14 64.96
N LEU I 139 -20.77 64.15 64.46
CA LEU I 139 -21.26 63.02 63.69
C LEU I 139 -20.84 63.15 62.23
N ILE I 140 -21.39 62.28 61.39
CA ILE I 140 -21.01 62.18 59.99
C ILE I 140 -22.20 62.45 59.08
N GLY I 141 -23.32 61.78 59.32
CA GLY I 141 -24.55 62.08 58.62
C GLY I 141 -24.61 61.52 57.22
N LEU I 142 -25.82 61.46 56.69
CA LEU I 142 -26.06 60.87 55.38
C LEU I 142 -25.95 61.86 54.24
N SER I 143 -25.40 63.05 54.49
CA SER I 143 -25.00 63.90 53.39
C SER I 143 -23.81 63.30 52.67
N ILE I 144 -22.89 62.68 53.42
CA ILE I 144 -21.68 62.11 52.85
C ILE I 144 -21.60 60.60 53.04
N ALA I 145 -22.49 60.01 53.81
CA ALA I 145 -22.56 58.56 53.92
C ALA I 145 -23.38 57.93 52.81
N ALA I 146 -24.02 58.74 51.97
CA ALA I 146 -24.73 58.26 50.81
C ALA I 146 -24.34 59.00 49.55
N SER I 147 -23.19 59.68 49.55
CA SER I 147 -22.73 60.42 48.40
C SER I 147 -21.61 59.66 47.72
N GLY I 148 -20.96 60.31 46.77
CA GLY I 148 -19.81 59.73 46.11
C GLY I 148 -18.51 60.13 46.79
N GLN I 149 -18.59 60.57 48.03
CA GLN I 149 -17.41 60.99 48.76
C GLN I 149 -16.82 59.77 49.48
N ASP I 150 -15.88 60.01 50.38
CA ASP I 150 -14.96 58.96 50.81
C ASP I 150 -15.36 58.27 52.13
N TYR I 151 -15.62 59.06 53.18
CA TYR I 151 -16.37 58.66 54.37
C TYR I 151 -15.71 57.64 55.32
N ALA I 152 -14.71 56.88 54.87
CA ALA I 152 -14.03 56.02 55.82
C ALA I 152 -12.54 55.88 55.52
N GLY I 153 -11.94 56.83 54.82
CA GLY I 153 -10.61 56.64 54.31
C GLY I 153 -10.54 55.93 52.98
N ILE I 154 -11.61 55.25 52.57
CA ILE I 154 -11.67 54.66 51.24
C ILE I 154 -12.18 55.73 50.28
N SER I 155 -11.32 56.20 49.39
CA SER I 155 -11.75 57.16 48.39
C SER I 155 -12.50 56.46 47.27
N SER I 156 -13.47 57.16 46.70
CA SER I 156 -14.27 56.59 45.64
C SER I 156 -13.63 56.70 44.27
N ALA I 157 -12.57 57.51 44.15
CA ALA I 157 -11.87 57.61 42.88
C ALA I 157 -10.97 56.41 42.65
N THR I 158 -10.33 55.91 43.71
CA THR I 158 -9.43 54.77 43.59
C THR I 158 -10.12 53.43 43.80
N TYR I 159 -11.33 53.42 44.34
CA TYR I 159 -12.09 52.19 44.53
C TYR I 159 -13.54 52.44 44.15
N PRO I 160 -13.91 52.17 42.90
CA PRO I 160 -15.29 52.43 42.46
C PRO I 160 -16.31 51.41 42.93
N LEU I 161 -15.98 50.52 43.86
CA LEU I 161 -17.01 49.71 44.51
C LEU I 161 -17.65 50.43 45.68
N TRP I 162 -17.27 51.67 45.90
CA TRP I 162 -17.83 52.62 46.86
C TRP I 162 -18.97 53.34 46.12
N ASN I 163 -19.33 54.56 46.54
CA ASN I 163 -20.04 55.61 45.77
C ASN I 163 -21.36 55.11 45.13
N VAL I 164 -22.36 54.98 46.01
CA VAL I 164 -23.65 54.33 45.77
C VAL I 164 -24.42 54.77 44.53
N SER I 165 -25.35 53.91 44.12
CA SER I 165 -26.19 54.11 42.94
C SER I 165 -27.06 55.34 43.10
N GLU I 166 -26.91 56.29 42.18
CA GLU I 166 -27.56 57.58 42.30
C GLU I 166 -28.14 58.01 40.96
N VAL I 167 -29.29 58.68 40.99
CA VAL I 167 -29.98 59.13 39.80
C VAL I 167 -30.26 60.62 39.92
N ASP I 168 -29.42 61.44 39.30
CA ASP I 168 -29.57 62.88 39.35
C ASP I 168 -30.72 63.30 38.44
N ALA I 169 -31.46 64.31 38.89
CA ALA I 169 -32.63 64.79 38.16
C ALA I 169 -32.50 66.29 37.88
N TRP I 170 -31.33 66.68 37.39
CA TRP I 170 -31.07 68.05 36.95
C TRP I 170 -30.91 68.14 35.44
N ASP I 171 -30.14 67.22 34.85
CA ASP I 171 -30.08 66.89 33.43
C ASP I 171 -29.41 67.93 32.52
N ALA I 172 -29.17 69.14 33.04
CA ALA I 172 -28.26 70.15 32.49
C ALA I 172 -28.43 70.52 31.01
N ASN I 173 -29.56 70.16 30.39
CA ASN I 173 -29.73 70.40 28.98
C ASN I 173 -31.06 71.06 28.62
N ALA I 174 -31.95 71.28 29.59
CA ALA I 174 -33.18 72.01 29.33
C ALA I 174 -32.89 73.50 29.38
N THR I 175 -33.94 74.31 29.37
CA THR I 175 -33.79 75.76 29.38
C THR I 175 -34.32 76.34 30.68
N GLY I 176 -34.00 77.60 30.92
CA GLY I 176 -34.42 78.28 32.13
C GLY I 176 -33.35 78.27 33.20
N THR I 177 -33.79 78.24 34.45
CA THR I 177 -32.86 78.21 35.57
C THR I 177 -33.23 77.24 36.68
N ASP I 178 -34.39 76.59 36.62
CA ASP I 178 -34.88 75.71 37.67
C ASP I 178 -35.20 74.35 37.08
N LYS I 179 -34.23 73.80 36.35
CA LYS I 179 -34.42 72.55 35.61
C LYS I 179 -34.29 71.32 36.53
N ARG I 180 -35.17 71.25 37.53
CA ARG I 180 -35.09 70.20 38.51
C ARG I 180 -35.98 68.99 38.22
N GLN I 181 -36.69 68.98 37.07
CA GLN I 181 -37.15 67.74 36.44
C GLN I 181 -38.07 66.88 37.30
N ALA I 182 -39.33 67.31 37.44
CA ALA I 182 -40.29 66.77 38.42
C ALA I 182 -40.42 65.25 38.36
N LEU I 183 -40.81 64.68 39.50
CA LEU I 183 -40.69 63.25 39.78
C LEU I 183 -41.65 62.46 38.88
N LYS I 184 -41.08 61.72 37.95
CA LYS I 184 -41.84 60.82 37.11
C LYS I 184 -41.86 59.45 37.77
N THR I 185 -42.32 58.43 37.04
CA THR I 185 -42.20 57.07 37.53
C THR I 185 -40.91 56.43 37.06
N ASP I 186 -40.34 56.94 35.96
CA ASP I 186 -39.17 56.33 35.33
C ASP I 186 -37.90 56.51 36.15
N PHE I 187 -37.87 57.45 37.11
CA PHE I 187 -36.72 57.57 37.98
C PHE I 187 -36.64 56.42 38.97
N MET I 188 -37.78 56.03 39.54
CA MET I 188 -37.79 54.96 40.52
C MET I 188 -37.63 53.59 39.88
N LEU I 189 -37.84 53.47 38.58
CA LEU I 189 -37.46 52.27 37.84
C LEU I 189 -35.99 52.27 37.47
N GLU I 190 -35.42 53.44 37.22
CA GLU I 190 -34.00 53.53 36.91
C GLU I 190 -33.15 53.21 38.13
N LEU I 191 -33.61 53.62 39.31
CA LEU I 191 -32.80 53.42 40.51
C LEU I 191 -32.88 51.97 40.97
N ASP I 192 -33.99 51.28 40.69
CA ASP I 192 -34.07 49.85 40.98
C ASP I 192 -33.22 49.05 40.01
N ARG I 193 -32.92 49.60 38.84
CA ARG I 193 -32.03 48.94 37.91
C ARG I 193 -30.59 48.99 38.40
N LYS I 194 -30.18 50.11 38.99
CA LYS I 194 -28.79 50.28 39.38
C LYS I 194 -28.44 49.53 40.66
N ILE I 195 -29.41 49.21 41.51
CA ILE I 195 -29.13 48.35 42.65
C ILE I 195 -29.01 46.90 42.22
N ARG I 196 -29.56 46.53 41.06
CA ARG I 196 -29.48 45.15 40.62
C ARG I 196 -28.07 44.79 40.16
N TYR I 197 -27.30 45.78 39.70
CA TYR I 197 -25.93 45.51 39.28
C TYR I 197 -25.03 45.20 40.47
N ARG I 198 -25.13 45.99 41.54
CA ARG I 198 -24.41 45.74 42.79
C ARG I 198 -25.44 45.22 43.77
N PRO I 199 -25.68 43.89 43.83
CA PRO I 199 -26.97 43.37 44.30
C PRO I 199 -27.27 43.62 45.77
N GLY I 200 -28.21 44.54 45.99
CA GLY I 200 -28.65 44.86 47.33
C GLY I 200 -30.17 44.94 47.37
N ALA I 201 -30.69 45.07 48.59
CA ALA I 201 -32.13 45.05 48.79
C ALA I 201 -32.49 46.13 49.80
N TYR I 202 -33.10 47.21 49.33
CA TYR I 202 -33.52 48.28 50.23
C TYR I 202 -34.76 47.90 51.00
N ASP I 203 -34.92 48.51 52.18
CA ASP I 203 -36.05 48.26 53.06
C ASP I 203 -36.74 49.51 53.54
N LEU I 204 -36.20 50.70 53.26
CA LEU I 204 -36.56 51.90 53.98
C LEU I 204 -36.35 53.10 53.07
N ILE I 205 -37.30 54.04 53.09
CA ILE I 205 -37.27 55.23 52.26
C ILE I 205 -37.52 56.43 53.16
N LEU I 206 -36.82 57.55 52.94
CA LEU I 206 -36.80 58.62 53.94
C LEU I 206 -37.64 59.86 53.62
N THR I 207 -37.54 60.46 52.43
CA THR I 207 -38.60 61.27 51.82
C THR I 207 -39.19 62.43 52.61
N THR I 208 -38.55 63.60 52.63
CA THR I 208 -39.20 64.87 53.02
C THR I 208 -40.63 64.95 52.47
N PRO I 209 -41.62 65.36 53.27
CA PRO I 209 -43.01 65.30 52.78
C PRO I 209 -43.35 66.26 51.64
N LYS I 210 -42.42 67.08 51.17
CA LYS I 210 -42.56 67.76 49.89
C LYS I 210 -42.25 66.86 48.70
N VAL I 211 -41.84 65.61 48.93
CA VAL I 211 -41.69 64.65 47.85
C VAL I 211 -42.67 63.49 48.00
N VAL I 212 -43.27 63.30 49.18
CA VAL I 212 -44.43 62.42 49.29
C VAL I 212 -45.62 63.04 48.59
N GLU I 213 -45.69 64.38 48.57
CA GLU I 213 -46.64 65.09 47.73
C GLU I 213 -46.42 64.78 46.27
N GLN I 214 -45.17 64.82 45.81
CA GLN I 214 -44.87 64.58 44.40
C GLN I 214 -45.12 63.13 44.01
N TYR I 215 -44.93 62.20 44.94
CA TYR I 215 -45.29 60.81 44.69
C TYR I 215 -46.81 60.63 44.69
N LYS I 216 -47.51 61.42 45.49
CA LYS I 216 -48.96 61.40 45.50
C LYS I 216 -49.55 62.07 44.27
N LYS I 217 -48.80 62.97 43.63
CA LYS I 217 -49.30 63.70 42.48
C LYS I 217 -49.24 62.87 41.20
N VAL I 218 -48.30 61.93 41.11
CA VAL I 218 -48.18 61.13 39.89
C VAL I 218 -49.30 60.07 39.84
N PHE I 219 -49.92 59.75 40.97
CA PHE I 219 -51.11 58.92 40.93
C PHE I 219 -52.32 59.71 40.44
N GLU I 220 -52.33 61.02 40.69
CA GLU I 220 -53.47 61.85 40.33
C GLU I 220 -53.60 62.04 38.83
N ALA I 221 -52.50 61.88 38.08
CA ALA I 221 -52.59 61.94 36.63
C ALA I 221 -53.29 60.70 36.07
N ASN I 222 -52.95 59.53 36.60
CA ASN I 222 -53.48 58.26 36.11
C ASN I 222 -54.59 57.74 37.02
N ARG I 223 -55.63 58.54 37.22
CA ARG I 223 -56.51 58.31 38.36
C ARG I 223 -57.93 57.91 37.97
N SER I 224 -58.65 58.73 37.20
CA SER I 224 -59.69 58.33 36.23
C SER I 224 -60.76 57.39 36.80
N TYR I 225 -61.65 57.95 37.64
CA TYR I 225 -62.77 57.23 38.24
C TYR I 225 -63.68 56.51 37.23
N GLN I 226 -64.43 55.51 37.71
CA GLN I 226 -65.20 54.62 36.85
C GLN I 226 -66.45 54.17 37.58
N ILE I 227 -67.58 54.13 36.86
CA ILE I 227 -68.87 53.75 37.43
C ILE I 227 -69.46 52.61 36.61
N MET I 228 -69.77 51.49 37.26
CA MET I 228 -70.32 50.31 36.55
C MET I 228 -71.35 49.64 37.45
N THR I 229 -72.36 50.40 37.89
CA THR I 229 -73.37 49.86 38.79
C THR I 229 -74.75 50.37 38.39
N PHE I 230 -75.12 50.15 37.13
CA PHE I 230 -76.33 50.71 36.54
C PHE I 230 -77.56 49.92 36.97
N ASP I 231 -78.11 50.26 38.15
CA ASP I 231 -79.42 49.72 38.53
C ASP I 231 -80.28 50.70 39.31
N GLY I 232 -79.98 52.00 39.25
CA GLY I 232 -80.60 52.92 40.20
C GLY I 232 -80.04 52.64 41.58
N GLN I 233 -80.88 52.87 42.61
CA GLN I 233 -80.74 52.32 43.97
C GLN I 233 -79.39 52.60 44.65
N ARG I 234 -79.28 53.77 45.30
CA ARG I 234 -78.10 54.39 45.91
C ARG I 234 -77.12 54.96 44.90
N VAL I 235 -77.52 56.08 44.32
CA VAL I 235 -76.68 57.13 43.75
C VAL I 235 -75.37 57.28 44.52
N PRO I 236 -74.21 57.28 43.85
CA PRO I 236 -72.93 57.23 44.56
C PRO I 236 -72.57 58.54 45.25
N LEU I 237 -71.78 58.42 46.31
CA LEU I 237 -71.24 59.55 47.05
C LEU I 237 -69.72 59.45 47.07
N ILE I 238 -69.06 60.59 46.90
CA ILE I 238 -67.73 60.67 46.29
C ILE I 238 -66.82 61.54 47.16
N ASP I 239 -65.59 61.07 47.42
CA ASP I 239 -64.69 61.68 48.39
C ASP I 239 -63.50 62.44 47.80
N LEU I 240 -62.88 61.94 46.72
CA LEU I 240 -61.62 62.45 46.16
C LEU I 240 -60.49 62.57 47.18
N GLY I 241 -60.11 61.44 47.73
CA GLY I 241 -58.98 61.41 48.64
C GLY I 241 -58.37 60.03 48.63
N PHE I 242 -57.06 59.95 48.85
CA PHE I 242 -56.35 58.69 48.79
C PHE I 242 -55.06 58.78 49.57
N ASN I 243 -54.71 57.69 50.25
CA ASN I 243 -53.51 57.61 51.06
C ASN I 243 -52.43 56.82 50.33
N VAL I 244 -51.22 56.87 50.89
CA VAL I 244 -50.05 56.25 50.27
C VAL I 244 -49.61 55.09 51.15
N ALA I 245 -49.54 53.91 50.56
CA ALA I 245 -49.11 52.70 51.26
C ALA I 245 -47.62 52.41 51.11
N GLY I 246 -46.95 53.04 50.15
CA GLY I 246 -45.52 52.87 50.02
C GLY I 246 -45.05 52.66 48.60
N TYR I 247 -44.19 51.66 48.39
CA TYR I 247 -43.71 51.31 47.05
C TYR I 247 -43.24 49.87 47.09
N MET I 248 -43.97 49.00 46.38
CA MET I 248 -43.69 47.56 46.28
C MET I 248 -43.63 46.89 47.65
N GLY I 249 -44.53 47.31 48.55
CA GLY I 249 -44.59 46.75 49.88
C GLY I 249 -43.75 47.50 50.91
N ARG I 250 -42.64 48.10 50.49
CA ARG I 250 -41.85 48.91 51.40
C ARG I 250 -42.56 50.21 51.72
N PRO I 251 -42.83 50.50 52.98
CA PRO I 251 -43.55 51.74 53.30
C PRO I 251 -42.64 52.96 53.21
N ILE I 252 -43.26 54.09 52.89
CA ILE I 252 -42.55 55.35 52.77
C ILE I 252 -42.68 56.08 54.09
N ILE I 253 -41.56 56.17 54.82
CA ILE I 253 -41.49 57.02 56.00
C ILE I 253 -41.16 58.44 55.57
N ASP I 254 -41.58 59.43 56.37
CA ASP I 254 -41.25 60.83 56.08
C ASP I 254 -40.65 61.50 57.29
N ASP I 255 -39.73 62.43 57.05
CA ASP I 255 -39.10 63.22 58.09
C ASP I 255 -39.23 64.70 57.77
N VAL I 256 -39.52 65.48 58.81
CA VAL I 256 -39.62 66.93 58.65
C VAL I 256 -38.25 67.52 58.34
N PHE I 257 -37.20 67.00 58.99
CA PHE I 257 -35.87 67.60 58.92
C PHE I 257 -34.92 66.82 58.03
N CYS I 258 -35.40 66.22 56.95
CA CYS I 258 -34.54 65.49 56.03
C CYS I 258 -34.02 66.43 54.95
N SER I 259 -32.77 66.25 54.57
CA SER I 259 -32.10 67.14 53.62
C SER I 259 -30.84 66.45 53.08
N ARG I 260 -30.10 67.18 52.26
CA ARG I 260 -28.85 66.67 51.69
C ARG I 260 -28.01 67.86 51.24
N THR I 261 -26.90 68.12 51.92
CA THR I 261 -26.05 69.23 51.50
C THR I 261 -25.30 68.89 50.22
N ARG I 262 -25.33 69.83 49.28
CA ARG I 262 -24.79 69.60 47.94
C ARG I 262 -23.28 69.73 47.92
N THR I 263 -22.64 68.92 47.07
CA THR I 263 -21.19 68.83 47.03
C THR I 263 -20.60 70.04 46.32
N ALA I 264 -19.26 70.09 46.28
CA ALA I 264 -18.59 71.17 45.56
C ALA I 264 -18.68 71.00 44.05
N ALA I 265 -18.88 69.77 43.57
CA ALA I 265 -19.05 69.54 42.15
C ALA I 265 -20.40 70.01 41.62
N GLU I 266 -21.36 70.23 42.51
CA GLU I 266 -22.68 70.76 42.15
C GLU I 266 -22.79 72.25 42.40
N SER I 267 -21.71 72.99 42.09
CA SER I 267 -21.71 74.42 42.32
C SER I 267 -22.63 75.16 41.36
N ALA I 268 -22.87 74.61 40.16
CA ALA I 268 -23.74 75.28 39.20
C ALA I 268 -25.20 75.20 39.62
N ILE I 269 -25.56 74.15 40.36
CA ILE I 269 -26.93 74.03 40.85
C ILE I 269 -27.15 74.95 42.04
N THR I 270 -26.13 75.13 42.88
CA THR I 270 -26.27 75.95 44.08
C THR I 270 -26.39 77.43 43.74
N THR I 271 -25.60 77.90 42.78
CA THR I 271 -25.71 79.31 42.37
C THR I 271 -27.02 79.59 41.66
N ALA I 272 -27.54 78.65 40.90
CA ALA I 272 -28.80 78.84 40.20
C ALA I 272 -30.01 78.66 41.12
N LEU I 273 -29.81 78.17 42.34
CA LEU I 273 -30.92 77.97 43.27
C LEU I 273 -30.75 78.67 44.60
N GLY I 274 -29.55 79.11 44.95
CA GLY I 274 -29.33 79.89 46.15
C GLY I 274 -29.08 79.09 47.42
N THR I 275 -29.56 77.85 47.49
CA THR I 275 -29.43 77.05 48.70
C THR I 275 -28.63 75.79 48.41
N ALA I 276 -28.30 75.09 49.49
CA ALA I 276 -27.56 73.84 49.44
C ALA I 276 -28.20 72.83 50.37
N VAL I 277 -29.51 72.65 50.24
CA VAL I 277 -30.30 71.84 51.15
C VAL I 277 -30.89 70.61 50.44
N ASP I 278 -31.43 70.81 49.24
CA ASP I 278 -31.84 69.82 48.24
C ASP I 278 -33.11 69.04 48.63
N GLU I 279 -33.50 69.10 49.91
CA GLU I 279 -34.86 69.24 50.44
C GLU I 279 -35.93 68.47 49.65
N GLY I 280 -35.87 67.14 49.65
CA GLY I 280 -36.50 66.41 48.57
C GLY I 280 -35.66 65.30 47.96
N VAL I 281 -34.83 64.66 48.78
CA VAL I 281 -34.15 63.45 48.41
C VAL I 281 -34.94 62.25 48.93
N MET I 282 -34.60 61.06 48.44
CA MET I 282 -35.38 59.85 48.71
C MET I 282 -34.75 58.92 49.74
N TYR I 283 -33.46 58.58 49.59
CA TYR I 283 -32.69 57.75 50.53
C TYR I 283 -33.28 56.35 50.68
N PHE I 284 -33.18 55.58 49.61
CA PHE I 284 -33.40 54.13 49.71
C PHE I 284 -32.29 53.51 50.57
N LEU I 285 -32.66 52.85 51.65
CA LEU I 285 -31.70 52.33 52.61
C LEU I 285 -32.06 50.91 53.01
N LYS I 286 -31.13 50.26 53.70
CA LYS I 286 -31.40 48.99 54.36
C LYS I 286 -31.37 49.21 55.86
N LYS I 287 -32.44 48.79 56.54
CA LYS I 287 -32.61 49.10 57.95
C LYS I 287 -31.66 48.28 58.81
N ASP I 288 -31.25 47.10 58.37
CA ASP I 288 -30.33 46.25 59.09
C ASP I 288 -28.88 46.64 58.87
N ASP I 289 -28.62 47.84 58.38
CA ASP I 289 -27.29 48.28 58.02
C ASP I 289 -26.85 49.51 58.79
N LEU I 290 -27.77 50.41 59.12
CA LEU I 290 -27.44 51.60 59.89
C LEU I 290 -27.37 51.25 61.37
N ARG I 291 -26.27 51.59 62.01
CA ARG I 291 -26.12 51.41 63.44
C ARG I 291 -25.83 52.74 64.11
N PHE I 292 -26.16 52.83 65.39
CA PHE I 292 -25.99 54.05 66.16
C PHE I 292 -25.22 53.70 67.42
N TYR I 293 -24.18 54.47 67.74
CA TYR I 293 -23.32 54.18 68.87
C TYR I 293 -23.24 55.39 69.79
N SER I 294 -23.18 55.13 71.09
CA SER I 294 -22.99 56.16 72.10
C SER I 294 -22.41 55.51 73.35
N THR I 295 -21.57 56.27 74.07
CA THR I 295 -20.78 55.61 75.11
C THR I 295 -21.61 55.42 76.39
N PRO I 296 -21.45 54.29 77.06
CA PRO I 296 -22.26 53.99 78.25
C PRO I 296 -21.72 54.53 79.57
N VAL I 297 -20.96 55.63 79.56
CA VAL I 297 -20.21 56.19 80.68
C VAL I 297 -20.96 56.23 82.01
N VAL I 298 -20.21 56.07 83.11
CA VAL I 298 -20.78 55.65 84.38
C VAL I 298 -21.65 56.75 84.98
N GLY I 299 -22.88 56.37 85.34
CA GLY I 299 -23.85 57.31 85.86
C GLY I 299 -24.81 57.88 84.85
N ALA I 300 -24.81 57.37 83.62
CA ALA I 300 -25.65 57.91 82.55
C ALA I 300 -26.86 57.02 82.35
N PHE I 301 -28.05 57.63 82.40
CA PHE I 301 -29.26 56.90 82.08
C PHE I 301 -29.43 56.82 80.57
N SER I 302 -30.47 56.10 80.14
CA SER I 302 -30.56 55.68 78.75
C SER I 302 -31.87 56.13 78.13
N ALA I 303 -32.18 57.43 78.23
CA ALA I 303 -33.40 58.00 77.69
C ALA I 303 -33.50 57.82 76.18
N ASN I 304 -34.42 56.94 75.75
CA ASN I 304 -34.64 56.56 74.35
C ASN I 304 -33.38 55.99 73.70
N GLY I 305 -32.60 55.23 74.48
CA GLY I 305 -31.44 54.54 73.96
C GLY I 305 -30.17 55.36 73.87
N VAL I 306 -30.24 56.66 74.13
CA VAL I 306 -29.07 57.53 74.11
C VAL I 306 -28.62 57.74 75.55
N TYR I 307 -27.31 57.67 75.79
CA TYR I 307 -26.77 57.71 77.14
C TYR I 307 -26.37 59.14 77.51
N THR I 308 -27.06 59.72 78.50
CA THR I 308 -26.92 61.12 78.87
C THR I 308 -26.63 61.25 80.37
N LEU I 309 -25.85 62.28 80.72
CA LEU I 309 -25.45 62.56 82.11
C LEU I 309 -26.07 63.85 82.62
N MET I 310 -26.59 63.82 83.85
CA MET I 310 -26.95 65.06 84.54
C MET I 310 -25.74 65.91 84.89
N ARG I 311 -25.00 65.49 85.93
CA ARG I 311 -23.84 66.21 86.49
C ARG I 311 -24.14 67.70 86.72
N GLN I 312 -24.93 67.97 87.76
CA GLN I 312 -25.02 69.33 88.28
C GLN I 312 -23.64 69.90 88.61
N LEU I 313 -23.34 71.07 88.05
CA LEU I 313 -22.03 71.67 88.21
C LEU I 313 -21.83 72.18 89.63
N ALA I 314 -20.61 72.63 89.91
CA ALA I 314 -20.29 73.19 91.21
C ALA I 314 -20.95 74.55 91.37
N GLN I 315 -21.13 74.95 92.63
CA GLN I 315 -21.75 76.21 92.97
C GLN I 315 -20.73 77.17 93.57
N THR I 316 -20.85 78.44 93.22
CA THR I 316 -19.92 79.48 93.64
C THR I 316 -20.58 80.52 94.51
N SER I 317 -21.69 81.09 94.06
CA SER I 317 -22.46 82.03 94.88
C SER I 317 -23.38 81.26 95.81
N LEU I 318 -24.31 81.95 96.45
CA LEU I 318 -25.25 81.27 97.32
C LEU I 318 -26.55 80.94 96.62
N TYR I 319 -26.92 81.73 95.61
CA TYR I 319 -28.19 81.63 94.90
C TYR I 319 -27.90 81.39 93.43
N VAL I 320 -27.60 80.14 93.07
CA VAL I 320 -27.37 79.74 91.68
C VAL I 320 -27.39 78.21 91.66
N ASP I 321 -27.76 77.62 90.53
CA ASP I 321 -27.69 76.17 90.38
C ASP I 321 -26.78 75.74 89.24
N ASN I 322 -27.04 76.21 88.02
CA ASN I 322 -26.16 76.05 86.84
C ASN I 322 -25.95 74.57 86.47
N PHE I 323 -27.03 73.94 86.03
CA PHE I 323 -27.02 72.55 85.60
C PHE I 323 -26.43 72.40 84.19
N VAL I 324 -26.31 71.14 83.75
CA VAL I 324 -25.90 70.78 82.40
C VAL I 324 -26.56 69.43 82.10
N VAL I 325 -26.59 69.05 80.82
CA VAL I 325 -26.94 67.70 80.37
C VAL I 325 -26.36 67.51 78.98
N GLY I 326 -25.86 66.31 78.69
CA GLY I 326 -25.19 66.10 77.42
C GLY I 326 -24.96 64.63 77.10
N CYS I 327 -24.57 64.38 75.86
CA CYS I 327 -24.30 63.03 75.40
C CYS I 327 -23.28 63.06 74.27
N ILE I 328 -22.88 61.87 73.83
CA ILE I 328 -21.82 61.69 72.83
C ILE I 328 -22.23 60.65 71.79
N PRO I 329 -22.73 61.09 70.64
CA PRO I 329 -23.24 60.15 69.62
C PRO I 329 -22.28 59.87 68.48
N GLN I 330 -22.58 58.85 67.66
CA GLN I 330 -21.94 58.62 66.38
C GLN I 330 -22.78 57.66 65.54
N LEU I 331 -22.98 58.00 64.27
CA LEU I 331 -23.67 57.17 63.30
C LEU I 331 -22.65 56.38 62.50
N GLN I 332 -23.06 55.20 62.03
CA GLN I 332 -22.09 54.24 61.49
C GLN I 332 -22.79 53.39 60.43
N LEU I 333 -22.40 53.57 59.18
CA LEU I 333 -22.98 52.86 58.04
C LEU I 333 -21.93 51.96 57.41
N THR I 334 -22.17 50.66 57.45
CA THR I 334 -21.36 49.70 56.74
C THR I 334 -21.89 49.56 55.32
N THR I 335 -20.99 49.20 54.40
CA THR I 335 -21.32 48.53 53.14
C THR I 335 -22.28 49.37 52.28
N ARG I 336 -21.76 50.48 51.76
CA ARG I 336 -22.60 51.37 50.95
C ARG I 336 -22.85 50.71 49.58
N LYS I 337 -23.73 49.72 49.59
CA LYS I 337 -24.07 48.93 48.42
C LYS I 337 -25.58 48.86 48.30
N ASN I 338 -26.26 48.89 49.44
CA ASN I 338 -27.70 48.81 49.52
C ASN I 338 -28.37 50.16 49.33
N VAL I 339 -27.61 51.22 49.15
CA VAL I 339 -28.08 52.59 49.31
C VAL I 339 -28.31 53.23 47.95
N GLY I 340 -29.44 53.93 47.80
CA GLY I 340 -29.73 54.64 46.57
C GLY I 340 -30.39 55.98 46.79
N VAL I 341 -29.95 57.02 46.08
CA VAL I 341 -30.47 58.37 46.26
C VAL I 341 -31.01 58.90 44.93
N ILE I 342 -32.03 59.74 45.02
CA ILE I 342 -32.70 60.34 43.86
C ILE I 342 -32.64 61.86 43.99
N LYS I 343 -31.43 62.38 44.16
CA LYS I 343 -31.09 63.80 44.24
C LYS I 343 -31.84 64.73 43.28
N ASN I 344 -32.13 65.96 43.73
CA ASN I 344 -32.56 67.08 42.89
C ASN I 344 -33.92 66.85 42.22
N ILE I 345 -34.90 66.46 43.02
CA ILE I 345 -36.29 66.43 42.59
C ILE I 345 -36.82 67.86 42.65
N LYS I 346 -37.90 68.14 41.90
CA LYS I 346 -38.47 69.48 41.73
C LYS I 346 -38.83 70.18 43.03
N VAL I 347 -39.82 69.66 43.76
CA VAL I 347 -40.26 70.18 45.06
C VAL I 347 -40.60 71.68 45.07
N ALA J 2 1.96 62.83 80.00
CA ALA J 2 2.25 61.64 80.78
C ALA J 2 0.97 60.89 81.10
N LYS J 3 0.57 60.01 80.20
CA LYS J 3 -0.63 59.20 80.34
C LYS J 3 -0.23 57.73 80.39
N LEU J 4 -0.97 56.95 81.17
CA LEU J 4 -0.59 55.56 81.44
C LEU J 4 -0.75 54.70 80.20
N ASN J 5 -1.98 54.44 79.80
CA ASN J 5 -2.26 53.76 78.55
C ASN J 5 -2.61 54.72 77.43
N LEU J 6 -1.61 55.47 76.97
CA LEU J 6 -1.73 56.25 75.75
C LEU J 6 -0.87 55.66 74.65
N ALA J 7 0.24 55.04 75.02
CA ALA J 7 1.10 54.39 74.05
C ALA J 7 0.76 52.92 73.89
N VAL J 8 0.34 52.27 74.97
CA VAL J 8 0.04 50.82 74.93
C VAL J 8 -1.45 50.72 74.62
N LEU J 9 -1.77 50.74 73.33
CA LEU J 9 -3.14 50.52 72.87
C LEU J 9 -3.13 49.45 71.80
N ASN J 10 -4.04 48.51 71.91
CA ASN J 10 -4.26 47.52 70.88
C ASN J 10 -5.46 47.93 70.03
N ASN J 11 -5.26 48.03 68.72
CA ASN J 11 -6.31 48.41 67.80
C ASN J 11 -6.88 47.16 67.14
N VAL J 12 -7.77 46.51 67.85
CA VAL J 12 -8.39 45.27 67.41
C VAL J 12 -9.56 45.59 66.48
N PHE J 13 -9.73 44.78 65.44
CA PHE J 13 -10.84 44.91 64.51
C PHE J 13 -12.05 44.13 65.03
N SER J 14 -13.04 43.95 64.17
CA SER J 14 -14.28 43.27 64.53
C SER J 14 -14.62 42.24 63.47
N GLU J 15 -15.60 41.38 63.76
CA GLU J 15 -16.01 40.32 62.84
C GLU J 15 -17.04 40.86 61.86
N LEU J 16 -16.58 41.79 61.02
CA LEU J 16 -17.48 42.51 60.14
C LEU J 16 -16.86 42.63 58.75
N LEU J 17 -16.44 41.51 58.18
CA LEU J 17 -15.99 41.53 56.79
C LEU J 17 -17.21 41.52 55.88
N THR J 18 -17.29 42.50 54.99
CA THR J 18 -18.43 42.69 54.12
C THR J 18 -17.95 42.69 52.67
N GLN J 19 -18.39 41.71 51.90
CA GLN J 19 -17.93 41.58 50.53
C GLN J 19 -18.72 42.52 49.64
N GLU J 20 -18.03 43.24 48.76
CA GLU J 20 -18.64 44.20 47.86
C GLU J 20 -18.25 43.91 46.42
N ILE J 21 -18.37 42.65 46.01
CA ILE J 21 -18.02 42.25 44.66
C ILE J 21 -19.19 41.44 44.11
N ASN J 22 -19.24 41.34 42.78
CA ASN J 22 -20.32 40.61 42.09
C ASN J 22 -19.69 39.45 41.33
N ARG J 23 -19.44 38.35 42.03
CA ARG J 23 -18.95 37.12 41.41
C ARG J 23 -20.13 36.16 41.29
N SER J 24 -20.99 36.42 40.32
CA SER J 24 -22.19 35.62 40.12
C SER J 24 -22.05 34.81 38.84
N ALA J 25 -22.63 33.60 38.86
CA ALA J 25 -22.66 32.71 37.71
C ALA J 25 -24.09 32.27 37.51
N THR J 26 -24.87 33.04 36.75
CA THR J 26 -26.26 32.71 36.53
C THR J 26 -26.45 31.87 35.28
N PHE J 27 -25.99 32.37 34.12
CA PHE J 27 -26.18 31.65 32.86
C PHE J 27 -25.32 30.40 32.79
N LEU J 28 -24.18 30.38 33.47
CA LEU J 28 -23.37 29.16 33.51
C LEU J 28 -24.03 28.07 34.33
N GLY J 29 -24.69 28.45 35.42
CA GLY J 29 -25.20 27.50 36.38
C GLY J 29 -26.45 26.74 35.99
N LEU J 30 -26.88 26.76 34.73
CA LEU J 30 -28.08 26.01 34.36
C LEU J 30 -27.96 25.37 32.98
N LEU J 31 -26.76 25.19 32.46
CA LEU J 31 -26.56 24.70 31.11
C LEU J 31 -26.47 23.18 30.99
N SER J 32 -26.59 22.43 32.09
CA SER J 32 -26.50 20.97 32.13
C SER J 32 -25.15 20.49 31.58
N LYS J 33 -24.10 20.75 32.38
CA LYS J 33 -22.72 20.56 31.97
C LYS J 33 -22.40 19.09 31.69
N TYR J 34 -21.49 18.87 30.73
CA TYR J 34 -21.09 17.55 30.27
C TYR J 34 -19.57 17.42 30.23
N PRO J 35 -19.02 16.27 30.57
CA PRO J 35 -17.61 15.99 30.27
C PRO J 35 -17.44 15.29 28.93
N GLU J 36 -16.31 15.56 28.29
CA GLU J 36 -15.96 14.88 27.05
C GLU J 36 -14.44 14.89 26.88
N ARG J 37 -13.94 13.83 26.27
CA ARG J 37 -12.49 13.58 26.14
C ARG J 37 -12.20 13.38 24.66
N LYS J 38 -12.00 14.47 23.94
CA LYS J 38 -11.85 14.39 22.49
C LYS J 38 -11.27 15.71 22.02
N SER J 39 -10.82 15.74 20.77
CA SER J 39 -10.28 16.99 20.21
C SER J 39 -11.38 17.99 19.96
N ASN J 40 -12.45 17.56 19.29
CA ASN J 40 -13.50 18.47 18.85
C ASN J 40 -14.80 17.73 18.62
N ILE J 41 -15.91 18.40 18.93
CA ILE J 41 -17.22 17.80 18.76
C ILE J 41 -17.64 17.93 17.30
N GLN J 42 -18.08 16.81 16.71
CA GLN J 42 -18.52 16.82 15.33
C GLN J 42 -19.91 16.19 15.28
N TRP J 43 -20.87 16.91 14.72
CA TRP J 43 -22.20 16.38 14.52
C TRP J 43 -22.67 16.74 13.12
N GLY J 44 -23.85 16.25 12.75
CA GLY J 44 -24.33 16.42 11.39
C GLY J 44 -25.63 17.20 11.30
N VAL J 45 -25.66 18.21 10.44
CA VAL J 45 -26.84 19.04 10.23
C VAL J 45 -27.45 18.65 8.89
N GLY J 46 -28.70 18.24 8.89
CA GLY J 46 -29.33 17.75 7.67
C GLY J 46 -30.23 18.80 7.03
N MET J 47 -29.88 19.17 5.80
CA MET J 47 -30.61 20.13 5.01
C MET J 47 -31.58 19.40 4.08
N GLY J 48 -32.18 20.13 3.16
CA GLY J 48 -33.11 19.56 2.20
C GLY J 48 -32.45 19.22 0.89
N GLY J 49 -33.28 19.01 -0.13
CA GLY J 49 -32.75 18.74 -1.45
C GLY J 49 -33.53 17.78 -2.32
N THR J 50 -34.40 16.97 -1.72
CA THR J 50 -35.24 16.08 -2.51
C THR J 50 -36.35 16.88 -3.17
N THR J 51 -36.59 16.61 -4.45
CA THR J 51 -37.60 17.30 -5.22
C THR J 51 -38.73 16.35 -5.59
N ALA J 52 -39.85 16.94 -6.00
CA ALA J 52 -41.02 16.14 -6.40
C ALA J 52 -41.82 16.97 -7.42
N THR J 53 -41.59 16.68 -8.70
CA THR J 53 -42.23 17.39 -9.79
C THR J 53 -43.34 16.56 -10.41
N GLY J 54 -44.10 17.19 -11.29
CA GLY J 54 -45.26 16.54 -11.86
C GLY J 54 -45.14 16.21 -13.34
N VAL J 55 -45.31 14.93 -13.69
CA VAL J 55 -45.21 14.48 -15.07
C VAL J 55 -46.54 13.82 -15.45
N ALA J 56 -46.64 13.46 -16.73
CA ALA J 56 -47.84 12.83 -17.24
C ALA J 56 -47.94 11.39 -16.76
N ILE J 57 -49.12 10.79 -16.97
CA ILE J 57 -49.33 9.41 -16.55
C ILE J 57 -48.49 8.46 -17.40
N THR J 58 -48.46 8.71 -18.71
CA THR J 58 -47.49 8.07 -19.60
C THR J 58 -46.25 8.93 -19.74
N GLY J 59 -45.69 9.32 -18.60
CA GLY J 59 -44.49 10.14 -18.56
C GLY J 59 -43.24 9.31 -18.66
N SER J 60 -42.11 9.92 -18.31
CA SER J 60 -40.82 9.29 -18.53
C SER J 60 -39.87 9.55 -17.36
N ALA J 61 -40.35 9.34 -16.12
CA ALA J 61 -39.52 9.15 -14.92
C ALA J 61 -38.54 10.28 -14.62
N PRO J 62 -38.96 11.37 -13.95
CA PRO J 62 -38.15 12.61 -13.87
C PRO J 62 -36.78 12.49 -13.21
N ALA J 63 -36.02 13.58 -13.25
CA ALA J 63 -34.59 13.57 -12.93
C ALA J 63 -34.33 13.26 -11.47
N ALA J 64 -33.09 12.86 -11.18
CA ALA J 64 -32.73 12.33 -9.88
C ALA J 64 -32.45 13.45 -8.88
N SER J 65 -32.70 13.14 -7.61
CA SER J 65 -32.49 14.07 -6.51
C SER J 65 -32.47 13.33 -5.18
N MET J 66 -31.42 13.48 -4.38
CA MET J 66 -31.38 12.96 -3.02
C MET J 66 -31.26 14.10 -2.03
N ASP J 67 -31.14 13.74 -0.77
CA ASP J 67 -31.13 14.69 0.33
C ASP J 67 -29.67 15.00 0.68
N ALA J 68 -29.44 15.76 1.75
CA ALA J 68 -28.07 16.16 2.07
C ALA J 68 -27.90 16.34 3.57
N THR J 69 -26.66 16.18 4.04
CA THR J 69 -26.25 16.51 5.40
C THR J 69 -24.96 17.32 5.34
N LEU J 70 -24.62 17.95 6.46
CA LEU J 70 -23.47 18.85 6.56
C LEU J 70 -22.76 18.67 7.90
N PRO J 71 -21.44 18.94 7.96
CA PRO J 71 -20.70 18.76 9.22
C PRO J 71 -20.78 19.95 10.16
N ALA J 72 -20.17 19.88 11.36
CA ALA J 72 -20.07 21.10 12.18
C ALA J 72 -18.70 21.38 12.77
N GLN J 73 -18.00 20.35 13.24
CA GLN J 73 -16.55 20.26 13.49
C GLN J 73 -15.98 21.06 14.68
N LEU J 74 -16.69 22.09 15.20
CA LEU J 74 -16.72 22.70 16.54
C LEU J 74 -15.47 22.50 17.41
N PRO J 75 -14.33 23.14 17.11
CA PRO J 75 -13.09 22.82 17.81
C PRO J 75 -13.04 23.35 19.23
N ILE J 76 -12.30 22.64 20.11
CA ILE J 76 -12.18 23.13 21.50
C ILE J 76 -10.74 23.31 21.99
N SER J 77 -9.77 22.60 21.41
CA SER J 77 -8.56 22.23 22.15
C SER J 77 -7.40 23.18 21.88
N ALA J 78 -7.55 24.43 22.31
CA ALA J 78 -6.38 25.31 22.32
C ALA J 78 -6.08 25.90 23.68
N ALA J 79 -7.09 26.49 24.31
CA ALA J 79 -6.86 27.46 25.38
C ALA J 79 -7.48 26.97 26.69
N SER J 80 -7.18 27.72 27.74
CA SER J 80 -7.62 27.40 29.09
C SER J 80 -7.75 28.69 29.86
N VAL J 81 -8.43 28.61 31.00
CA VAL J 81 -8.60 29.74 31.92
C VAL J 81 -7.92 29.38 33.22
N GLN J 82 -6.88 30.12 33.59
CA GLN J 82 -5.99 29.73 34.68
C GLN J 82 -5.83 30.87 35.68
N SER J 83 -5.27 30.53 36.85
CA SER J 83 -4.99 31.50 37.90
C SER J 83 -3.91 30.94 38.82
N THR J 84 -3.10 31.85 39.40
CA THR J 84 -2.12 31.52 40.43
C THR J 84 -2.32 32.46 41.61
N PHE J 85 -1.75 32.11 42.77
CA PHE J 85 -1.76 33.10 43.85
C PHE J 85 -0.50 33.21 44.70
N THR J 86 0.37 32.19 44.79
CA THR J 86 1.75 32.26 45.28
C THR J 86 1.86 32.78 46.72
N LEU J 87 1.29 32.02 47.65
CA LEU J 87 1.34 32.49 49.03
C LEU J 87 2.56 31.91 49.75
N ASN J 88 2.95 32.58 50.83
CA ASN J 88 4.17 32.31 51.56
C ASN J 88 3.91 31.20 52.58
N LEU J 89 4.96 30.69 53.21
CA LEU J 89 4.88 29.67 54.24
C LEU J 89 4.93 30.23 55.65
N LYS J 90 5.37 31.48 55.82
CA LYS J 90 5.36 32.11 57.13
C LYS J 90 4.08 32.90 57.37
N GLU J 91 3.37 33.29 56.30
CA GLU J 91 2.12 34.02 56.45
C GLU J 91 1.02 33.16 57.05
N ILE J 92 1.08 31.83 56.85
CA ILE J 92 0.03 30.96 57.34
C ILE J 92 0.16 30.66 58.82
N GLU J 93 1.16 31.21 59.50
CA GLU J 93 1.23 31.14 60.95
C GLU J 93 0.88 32.48 61.62
N GLU J 94 1.38 33.59 61.08
CA GLU J 94 0.95 34.90 61.57
C GLU J 94 -0.28 35.42 60.83
N SER J 95 -1.26 34.55 60.72
CA SER J 95 -2.61 34.95 60.37
C SER J 95 -3.62 34.15 61.18
N LYS J 96 -3.16 33.33 62.10
CA LYS J 96 -4.03 32.62 63.03
C LYS J 96 -4.12 33.30 64.38
N GLU J 97 -3.13 34.13 64.72
CA GLU J 97 -3.16 34.94 65.93
C GLU J 97 -2.99 36.41 65.59
N GLN J 98 -3.49 36.83 64.43
CA GLN J 98 -3.41 38.24 64.05
C GLN J 98 -4.77 38.77 63.67
N VAL J 99 -5.56 37.95 62.98
CA VAL J 99 -6.80 38.39 62.35
C VAL J 99 -7.96 37.86 63.17
N THR J 100 -8.92 38.74 63.48
CA THR J 100 -10.00 38.41 64.39
C THR J 100 -11.15 37.69 63.70
N ASN J 101 -11.35 37.94 62.41
CA ASN J 101 -12.41 37.27 61.67
C ASN J 101 -12.05 35.81 61.47
N GLU J 102 -13.04 34.93 61.55
CA GLU J 102 -12.79 33.51 61.31
C GLU J 102 -13.07 33.21 59.85
N GLU J 103 -12.49 34.02 58.97
CA GLU J 103 -12.51 33.77 57.53
C GLU J 103 -11.18 34.08 56.87
N LEU J 104 -10.36 34.96 57.45
CA LEU J 104 -9.03 35.25 56.95
C LEU J 104 -7.95 34.58 57.78
N ARG J 105 -8.32 33.55 58.55
CA ARG J 105 -7.37 32.82 59.36
C ARG J 105 -6.48 31.96 58.49
N ASN J 106 -7.07 30.98 57.81
CA ASN J 106 -6.31 30.18 56.88
C ASN J 106 -6.26 30.86 55.52
N LEU J 107 -5.06 31.26 55.12
CA LEU J 107 -4.90 32.08 53.93
C LEU J 107 -4.92 31.24 52.67
N LEU J 108 -4.59 29.95 52.77
CA LEU J 108 -4.63 29.05 51.62
C LEU J 108 -6.05 28.68 51.22
N GLU J 109 -6.89 28.36 52.20
CA GLU J 109 -8.22 27.85 51.90
C GLU J 109 -9.13 28.94 51.37
N ALA J 110 -9.03 30.14 51.94
CA ALA J 110 -9.87 31.25 51.49
C ALA J 110 -9.52 31.68 50.07
N GLN J 111 -8.24 31.68 49.73
CA GLN J 111 -7.82 32.04 48.39
C GLN J 111 -8.13 30.93 47.39
N MET J 112 -8.36 29.71 47.86
CA MET J 112 -8.79 28.63 46.97
C MET J 112 -10.19 28.88 46.44
N ARG J 113 -11.15 29.19 47.30
CA ARG J 113 -12.48 29.48 46.78
C ARG J 113 -12.63 30.92 46.32
N ASN J 114 -11.64 31.77 46.52
CA ASN J 114 -11.57 33.03 45.79
C ASN J 114 -10.90 32.88 44.43
N ALA J 115 -10.38 31.69 44.11
CA ALA J 115 -9.81 31.44 42.79
C ALA J 115 -10.68 30.55 41.93
N VAL J 116 -11.37 29.58 42.53
CA VAL J 116 -12.32 28.77 41.77
C VAL J 116 -13.51 29.61 41.35
N GLU J 117 -14.03 30.43 42.26
CA GLU J 117 -15.18 31.27 41.93
C GLU J 117 -14.82 32.42 41.01
N GLU J 118 -13.53 32.73 40.86
CA GLU J 118 -13.16 33.72 39.86
C GLU J 118 -13.08 33.11 38.47
N ILE J 119 -12.76 31.82 38.38
CA ILE J 119 -12.86 31.11 37.12
C ILE J 119 -14.32 31.06 36.65
N ALA J 120 -15.22 30.74 37.56
CA ALA J 120 -16.63 30.56 37.21
C ALA J 120 -17.36 31.87 36.95
N THR J 121 -16.75 33.02 37.25
CA THR J 121 -17.38 34.29 36.93
C THR J 121 -16.67 35.06 35.84
N THR J 122 -15.48 34.64 35.42
CA THR J 122 -14.91 35.11 34.17
C THR J 122 -15.31 34.23 33.01
N LEU J 123 -16.13 33.21 33.27
CA LEU J 123 -16.51 32.23 32.27
C LEU J 123 -17.88 32.53 31.67
N ASN J 124 -18.89 32.81 32.50
CA ASN J 124 -20.15 33.26 31.94
C ASN J 124 -20.05 34.66 31.36
N LYS J 125 -19.07 35.44 31.82
CA LYS J 125 -18.74 36.69 31.16
C LYS J 125 -18.22 36.45 29.75
N LYS J 126 -17.61 35.29 29.51
CA LYS J 126 -17.15 34.91 28.19
C LYS J 126 -18.08 33.92 27.50
N LEU J 127 -19.18 33.52 28.15
CA LEU J 127 -20.22 32.79 27.43
C LEU J 127 -21.06 33.70 26.55
N TYR J 128 -20.80 35.01 26.55
CA TYR J 128 -21.44 35.93 25.62
C TYR J 128 -20.45 36.56 24.66
N ASP J 129 -19.16 36.55 24.97
CA ASP J 129 -18.13 37.24 24.19
C ASP J 129 -16.93 36.35 23.96
N GLY J 130 -17.16 35.12 23.49
CA GLY J 130 -16.06 34.20 23.28
C GLY J 130 -15.17 34.56 22.10
N SER J 131 -15.71 34.39 20.89
CA SER J 131 -15.06 34.77 19.62
C SER J 131 -13.70 34.11 19.43
N GLY J 132 -13.57 32.86 19.87
CA GLY J 132 -12.30 32.16 19.73
C GLY J 132 -11.26 32.75 20.65
N ALA J 133 -10.33 33.51 20.07
CA ALA J 133 -9.57 34.54 20.79
C ALA J 133 -8.73 34.01 21.94
N ILE J 134 -7.59 33.38 21.64
CA ILE J 134 -6.70 32.63 22.53
C ILE J 134 -6.44 33.29 23.89
N ALA J 135 -6.62 34.61 23.99
CA ALA J 135 -6.50 35.35 25.23
C ALA J 135 -7.82 35.51 25.97
N ASP J 136 -8.84 34.68 25.69
CA ASP J 136 -9.98 34.68 26.61
C ASP J 136 -10.57 33.29 26.82
N GLY J 137 -9.73 32.26 26.82
CA GLY J 137 -10.16 30.93 27.19
C GLY J 137 -10.60 30.07 26.03
N GLY J 138 -10.62 30.60 24.81
CA GLY J 138 -10.95 29.80 23.68
C GLY J 138 -12.42 29.46 23.53
N LEU J 139 -13.30 30.24 24.13
CA LEU J 139 -14.72 29.94 23.99
C LEU J 139 -15.26 30.58 22.73
N ILE J 140 -16.53 30.30 22.45
CA ILE J 140 -17.24 30.85 21.31
C ILE J 140 -18.30 31.85 21.75
N GLY J 141 -19.14 31.45 22.69
CA GLY J 141 -20.10 32.38 23.27
C GLY J 141 -21.41 32.43 22.54
N LEU J 142 -22.17 33.51 22.72
CA LEU J 142 -23.43 33.70 22.03
C LEU J 142 -23.48 34.97 21.19
N SER J 143 -22.38 35.70 21.08
CA SER J 143 -22.39 36.85 20.18
C SER J 143 -22.36 36.40 18.73
N ILE J 144 -21.78 35.23 18.46
CA ILE J 144 -21.73 34.70 17.12
C ILE J 144 -22.49 33.39 16.98
N ALA J 145 -22.82 32.69 18.07
CA ALA J 145 -23.67 31.52 17.96
C ALA J 145 -25.13 31.88 17.78
N ALA J 146 -25.50 33.13 18.06
CA ALA J 146 -26.88 33.60 17.90
C ALA J 146 -26.95 34.77 16.93
N SER J 147 -26.28 34.65 15.79
CA SER J 147 -26.27 35.72 14.80
C SER J 147 -26.13 35.08 13.42
N GLY J 148 -25.77 35.90 12.43
CA GLY J 148 -25.59 35.41 11.09
C GLY J 148 -24.17 34.99 10.78
N GLN J 149 -23.36 34.81 11.81
CA GLN J 149 -21.97 34.40 11.63
C GLN J 149 -21.91 32.91 11.31
N ASP J 150 -20.70 32.38 11.15
CA ASP J 150 -20.55 31.03 10.60
C ASP J 150 -20.77 29.96 11.66
N TYR J 151 -19.91 29.95 12.69
CA TYR J 151 -20.01 29.22 13.95
C TYR J 151 -19.82 27.69 13.84
N ALA J 152 -19.98 27.11 12.67
CA ALA J 152 -19.62 25.70 12.54
C ALA J 152 -19.08 25.36 11.17
N GLY J 153 -18.52 26.33 10.45
CA GLY J 153 -18.19 26.15 9.06
C GLY J 153 -19.31 26.47 8.11
N ILE J 154 -20.56 26.34 8.55
CA ILE J 154 -21.70 26.63 7.69
C ILE J 154 -21.90 28.13 7.65
N SER J 155 -21.79 28.70 6.46
CA SER J 155 -22.11 30.11 6.31
C SER J 155 -23.61 30.28 6.13
N SER J 156 -24.08 31.51 6.36
CA SER J 156 -25.47 31.84 6.06
C SER J 156 -25.66 32.29 4.62
N ALA J 157 -24.58 32.67 3.94
CA ALA J 157 -24.69 33.06 2.54
C ALA J 157 -24.88 31.86 1.64
N THR J 158 -24.37 30.70 2.02
CA THR J 158 -24.55 29.48 1.24
C THR J 158 -25.69 28.61 1.75
N TYR J 159 -26.18 28.85 2.96
CA TYR J 159 -27.31 28.10 3.51
C TYR J 159 -28.17 29.06 4.33
N PRO J 160 -29.28 29.54 3.76
CA PRO J 160 -30.13 30.49 4.50
C PRO J 160 -30.88 29.87 5.67
N LEU J 161 -30.90 28.55 5.80
CA LEU J 161 -31.55 27.90 6.94
C LEU J 161 -30.77 28.08 8.22
N TRP J 162 -29.46 28.30 8.11
CA TRP J 162 -28.57 28.32 9.28
C TRP J 162 -28.33 29.77 9.70
N ASN J 163 -29.40 30.40 10.17
CA ASN J 163 -29.29 31.71 10.82
C ASN J 163 -30.41 31.87 11.84
N VAL J 164 -30.34 32.98 12.57
CA VAL J 164 -31.23 33.25 13.70
C VAL J 164 -32.18 34.36 13.27
N SER J 165 -33.42 34.29 13.75
CA SER J 165 -34.42 35.33 13.48
C SER J 165 -34.04 36.62 14.19
N GLU J 166 -33.55 37.60 13.44
CA GLU J 166 -33.26 38.92 14.00
C GLU J 166 -34.46 39.84 13.78
N VAL J 167 -34.70 40.72 14.75
CA VAL J 167 -35.72 41.75 14.66
C VAL J 167 -35.13 43.11 15.00
N ASP J 168 -33.90 43.35 14.57
CA ASP J 168 -33.09 44.57 14.74
C ASP J 168 -33.90 45.86 14.69
N ALA J 169 -33.64 46.74 15.64
CA ALA J 169 -34.38 47.98 15.81
C ALA J 169 -33.48 49.19 15.62
N TRP J 170 -32.63 49.17 14.60
CA TRP J 170 -31.85 50.36 14.29
C TRP J 170 -32.60 51.31 13.38
N ASP J 171 -33.30 50.75 12.38
CA ASP J 171 -34.30 51.34 11.49
C ASP J 171 -33.68 52.29 10.44
N ALA J 172 -32.43 52.72 10.64
CA ALA J 172 -31.53 53.30 9.65
C ALA J 172 -32.05 54.54 8.93
N ASN J 173 -33.20 55.10 9.31
CA ASN J 173 -33.73 56.24 8.58
C ASN J 173 -34.39 57.31 9.44
N ALA J 174 -34.35 57.17 10.77
CA ALA J 174 -34.89 58.20 11.63
C ALA J 174 -33.89 59.34 11.74
N THR J 175 -34.33 60.46 12.31
CA THR J 175 -33.44 61.59 12.50
C THR J 175 -32.55 61.35 13.72
N GLY J 176 -31.54 62.20 13.87
CA GLY J 176 -30.64 62.10 15.00
C GLY J 176 -29.53 61.08 14.77
N THR J 177 -28.49 61.21 15.58
CA THR J 177 -27.33 60.35 15.48
C THR J 177 -27.52 59.05 16.27
N ASP J 178 -28.52 58.99 17.14
CA ASP J 178 -28.68 57.88 18.06
C ASP J 178 -30.05 57.23 17.89
N LYS J 179 -30.39 56.88 16.65
CA LYS J 179 -31.62 56.17 16.31
C LYS J 179 -31.68 54.78 16.95
N ARG J 180 -32.63 54.55 17.85
CA ARG J 180 -32.56 53.32 18.63
C ARG J 180 -33.87 52.55 18.71
N GLN J 181 -35.01 53.23 18.56
CA GLN J 181 -36.32 52.61 18.34
C GLN J 181 -36.71 51.67 19.50
N ALA J 182 -37.06 52.30 20.63
CA ALA J 182 -37.36 51.67 21.91
C ALA J 182 -38.34 50.50 21.86
N LEU J 183 -38.30 49.64 22.87
CA LEU J 183 -38.94 48.33 22.83
C LEU J 183 -40.45 48.48 22.88
N LYS J 184 -41.10 48.26 21.75
CA LYS J 184 -42.55 48.17 21.68
C LYS J 184 -42.95 46.71 21.84
N THR J 185 -44.26 46.47 21.95
CA THR J 185 -44.75 45.10 22.00
C THR J 185 -44.67 44.45 20.62
N ASP J 186 -44.69 45.25 19.56
CA ASP J 186 -44.74 44.73 18.20
C ASP J 186 -43.44 44.08 17.77
N PHE J 187 -42.35 44.31 18.49
CA PHE J 187 -41.12 43.58 18.21
C PHE J 187 -41.24 42.11 18.63
N MET J 188 -41.88 41.86 19.76
CA MET J 188 -42.00 40.50 20.26
C MET J 188 -43.07 39.69 19.54
N LEU J 189 -43.86 40.33 18.69
CA LEU J 189 -44.78 39.65 17.78
C LEU J 189 -44.14 39.38 16.42
N GLU J 190 -43.33 40.32 15.94
CA GLU J 190 -42.57 40.09 14.73
C GLU J 190 -41.52 39.01 14.93
N LEU J 191 -40.98 38.90 16.15
CA LEU J 191 -40.08 37.80 16.46
C LEU J 191 -40.84 36.49 16.64
N ASP J 192 -42.07 36.55 17.14
CA ASP J 192 -42.87 35.34 17.28
C ASP J 192 -43.38 34.85 15.93
N ARG J 193 -43.48 35.76 14.94
CA ARG J 193 -43.85 35.34 13.60
C ARG J 193 -42.73 34.55 12.94
N LYS J 194 -41.48 34.98 13.13
CA LYS J 194 -40.35 34.31 12.52
C LYS J 194 -39.75 33.27 13.45
N ILE J 195 -40.59 32.47 14.10
CA ILE J 195 -40.11 31.32 14.84
C ILE J 195 -41.11 30.21 14.52
N ARG J 196 -42.17 30.58 13.82
CA ARG J 196 -43.20 29.64 13.41
C ARG J 196 -42.96 29.11 12.01
N TYR J 197 -42.24 29.88 11.18
CA TYR J 197 -41.81 29.38 9.88
C TYR J 197 -40.79 28.25 10.01
N ARG J 198 -39.79 28.44 10.86
CA ARG J 198 -38.90 27.35 11.25
C ARG J 198 -39.39 26.85 12.60
N PRO J 199 -40.24 25.83 12.63
CA PRO J 199 -41.21 25.67 13.74
C PRO J 199 -40.60 25.29 15.08
N GLY J 200 -39.85 26.20 15.68
CA GLY J 200 -39.20 25.96 16.94
C GLY J 200 -40.01 26.48 18.12
N ALA J 201 -39.41 26.37 19.29
CA ALA J 201 -40.04 26.86 20.52
C ALA J 201 -38.94 27.18 21.52
N TYR J 202 -39.03 28.36 22.12
CA TYR J 202 -38.04 28.81 23.09
C TYR J 202 -38.51 28.54 24.51
N ASP J 203 -37.55 28.54 25.43
CA ASP J 203 -37.81 28.31 26.84
C ASP J 203 -37.25 29.37 27.76
N LEU J 204 -36.24 30.13 27.36
CA LEU J 204 -35.61 31.12 28.21
C LEU J 204 -35.53 32.45 27.50
N ILE J 205 -35.38 33.51 28.30
CA ILE J 205 -35.05 34.85 27.82
C ILE J 205 -33.92 35.34 28.72
N LEU J 206 -32.97 36.09 28.15
CA LEU J 206 -31.72 36.34 28.88
C LEU J 206 -31.52 37.76 29.40
N THR J 207 -31.90 38.80 28.64
CA THR J 207 -32.27 40.14 29.17
C THR J 207 -31.30 40.83 30.12
N THR J 208 -30.23 41.46 29.61
CA THR J 208 -29.48 42.47 30.36
C THR J 208 -30.43 43.35 31.14
N PRO J 209 -30.35 43.42 32.48
CA PRO J 209 -31.48 43.93 33.28
C PRO J 209 -31.79 45.40 33.12
N LYS J 210 -31.06 46.12 32.26
CA LYS J 210 -31.57 47.38 31.74
C LYS J 210 -32.82 47.16 30.91
N VAL J 211 -32.88 46.06 30.15
CA VAL J 211 -34.01 45.87 29.25
C VAL J 211 -35.20 45.25 29.95
N VAL J 212 -35.01 44.66 31.13
CA VAL J 212 -36.15 44.33 31.98
C VAL J 212 -36.80 45.62 32.45
N GLU J 213 -35.99 46.64 32.74
CA GLU J 213 -36.49 47.95 33.09
C GLU J 213 -37.14 48.65 31.88
N GLN J 214 -36.75 48.27 30.66
CA GLN J 214 -37.45 48.76 29.48
C GLN J 214 -38.75 48.02 29.23
N TYR J 215 -38.76 46.71 29.44
CA TYR J 215 -39.99 45.94 29.36
C TYR J 215 -40.95 46.31 30.49
N LYS J 216 -40.42 46.70 31.64
CA LYS J 216 -41.27 47.21 32.69
C LYS J 216 -41.80 48.60 32.33
N LYS J 217 -41.06 49.34 31.51
CA LYS J 217 -41.47 50.70 31.16
C LYS J 217 -42.55 50.72 30.08
N VAL J 218 -42.64 49.67 29.27
CA VAL J 218 -43.68 49.63 28.23
C VAL J 218 -45.03 49.28 28.83
N PHE J 219 -45.06 48.76 30.07
CA PHE J 219 -46.32 48.56 30.74
C PHE J 219 -46.96 49.88 31.16
N GLU J 220 -46.14 50.88 31.48
CA GLU J 220 -46.68 52.11 32.05
C GLU J 220 -47.37 52.98 31.02
N ALA J 221 -47.06 52.82 29.74
CA ALA J 221 -47.79 53.52 28.70
C ALA J 221 -49.04 52.78 28.27
N ASN J 222 -49.38 51.69 28.95
CA ASN J 222 -50.56 50.90 28.61
C ASN J 222 -51.33 50.54 29.87
N ARG J 223 -51.19 51.35 30.92
CA ARG J 223 -51.92 51.07 32.15
C ARG J 223 -52.51 52.37 32.66
N SER J 224 -53.57 52.26 33.47
CA SER J 224 -54.16 53.41 34.14
C SER J 224 -54.90 52.88 35.36
N TYR J 225 -54.55 53.40 36.53
CA TYR J 225 -55.25 53.05 37.76
C TYR J 225 -56.66 53.60 37.74
N GLN J 226 -57.64 52.77 38.10
CA GLN J 226 -59.04 53.19 38.09
C GLN J 226 -59.74 52.70 39.35
N ILE J 227 -60.79 53.40 39.74
CA ILE J 227 -61.48 53.18 41.01
C ILE J 227 -62.92 52.77 40.72
N MET J 228 -63.47 51.82 41.50
CA MET J 228 -64.82 51.32 41.12
C MET J 228 -65.91 51.52 42.19
N THR J 229 -65.58 51.50 43.48
CA THR J 229 -66.65 51.59 44.47
C THR J 229 -66.71 52.98 45.10
N PHE J 230 -67.91 53.35 45.56
CA PHE J 230 -68.17 54.66 46.15
C PHE J 230 -69.16 54.49 47.29
N ASP J 231 -68.67 54.44 48.52
CA ASP J 231 -69.57 54.28 49.66
C ASP J 231 -69.19 55.08 50.89
N GLY J 232 -68.16 55.91 50.84
CA GLY J 232 -67.82 56.74 51.99
C GLY J 232 -67.05 56.04 53.08
N GLN J 233 -66.23 55.05 52.75
CA GLN J 233 -65.41 54.35 53.72
C GLN J 233 -64.21 53.75 53.01
N ARG J 234 -63.12 53.58 53.77
CA ARG J 234 -61.85 53.01 53.31
C ARG J 234 -61.29 53.80 52.12
N VAL J 235 -60.85 55.01 52.46
CA VAL J 235 -60.07 55.90 51.59
C VAL J 235 -58.92 55.09 50.98
N PRO J 236 -58.76 55.07 49.66
CA PRO J 236 -57.90 54.07 49.02
C PRO J 236 -56.41 54.29 49.27
N LEU J 237 -55.66 53.23 49.00
CA LEU J 237 -54.22 53.16 49.25
C LEU J 237 -53.53 52.84 47.93
N ILE J 238 -52.45 53.57 47.65
CA ILE J 238 -51.80 53.48 46.36
C ILE J 238 -50.41 52.89 46.55
N ASP J 239 -49.90 52.28 45.47
CA ASP J 239 -48.57 51.70 45.57
C ASP J 239 -47.63 52.08 44.44
N LEU J 240 -48.14 52.22 43.21
CA LEU J 240 -47.39 52.61 42.02
C LEU J 240 -46.24 51.67 41.67
N GLY J 241 -46.22 50.45 42.20
CA GLY J 241 -45.16 49.52 41.92
C GLY J 241 -45.71 48.19 41.46
N PHE J 242 -44.94 47.51 40.62
CA PHE J 242 -45.42 46.27 40.01
C PHE J 242 -44.23 45.41 39.57
N ASN J 243 -44.34 44.12 39.79
CA ASN J 243 -43.30 43.14 39.48
C ASN J 243 -43.58 42.47 38.14
N VAL J 244 -42.55 41.83 37.59
CA VAL J 244 -42.59 41.25 36.25
C VAL J 244 -42.62 39.74 36.37
N ALA J 245 -43.60 39.11 35.72
CA ALA J 245 -43.77 37.66 35.75
C ALA J 245 -43.40 36.98 34.44
N GLY J 246 -42.67 37.68 33.58
CA GLY J 246 -42.19 37.07 32.35
C GLY J 246 -42.94 37.48 31.10
N TYR J 247 -43.16 36.52 30.21
CA TYR J 247 -43.78 36.78 28.91
C TYR J 247 -44.37 35.49 28.41
N MET J 248 -45.70 35.44 28.26
CA MET J 248 -46.46 34.27 27.80
C MET J 248 -46.21 33.03 28.66
N GLY J 249 -45.94 33.21 29.96
CA GLY J 249 -45.68 32.11 30.84
C GLY J 249 -44.22 31.80 31.03
N ARG J 250 -43.38 32.06 30.04
CA ARG J 250 -41.95 31.86 30.20
C ARG J 250 -41.36 32.97 31.06
N PRO J 251 -40.70 32.66 32.17
CA PRO J 251 -40.18 33.70 33.05
C PRO J 251 -38.91 34.34 32.50
N ILE J 252 -38.80 35.64 32.71
CA ILE J 252 -37.64 36.40 32.27
C ILE J 252 -36.52 36.25 33.29
N ILE J 253 -35.40 35.67 32.85
CA ILE J 253 -34.18 35.61 33.63
C ILE J 253 -33.30 36.76 33.19
N ASP J 254 -32.64 37.42 34.14
CA ASP J 254 -31.78 38.55 33.83
C ASP J 254 -30.35 38.30 34.30
N ASP J 255 -29.41 38.32 33.37
CA ASP J 255 -28.00 38.11 33.65
C ASP J 255 -27.30 39.46 33.64
N VAL J 256 -26.50 39.73 34.67
CA VAL J 256 -25.82 41.01 34.79
C VAL J 256 -24.76 41.15 33.71
N PHE J 257 -24.04 40.07 33.41
CA PHE J 257 -22.91 40.11 32.48
C PHE J 257 -23.31 39.76 31.06
N CYS J 258 -24.54 40.04 30.66
CA CYS J 258 -24.98 39.74 29.30
C CYS J 258 -24.69 40.90 28.37
N SER J 259 -24.19 40.59 27.18
CA SER J 259 -23.86 41.60 26.17
C SER J 259 -23.76 40.90 24.82
N ARG J 260 -23.44 41.68 23.79
CA ARG J 260 -23.35 41.15 22.43
C ARG J 260 -22.47 42.06 21.62
N THR J 261 -21.25 41.62 21.28
CA THR J 261 -20.36 42.46 20.49
C THR J 261 -20.87 42.62 19.07
N ARG J 262 -20.89 43.86 18.61
CA ARG J 262 -21.43 44.20 17.31
C ARG J 262 -20.44 43.79 16.23
N THR J 263 -20.95 43.16 15.17
CA THR J 263 -20.11 42.64 14.11
C THR J 263 -19.60 43.77 13.23
N ALA J 264 -18.79 43.42 12.23
CA ALA J 264 -18.24 44.42 11.34
C ALA J 264 -19.26 44.97 10.36
N ALA J 265 -20.37 44.25 10.14
CA ALA J 265 -21.43 44.77 9.27
C ALA J 265 -22.20 45.89 9.92
N GLU J 266 -22.14 46.00 11.24
CA GLU J 266 -22.76 47.08 12.00
C GLU J 266 -21.75 48.17 12.35
N SER J 267 -20.83 48.47 11.43
CA SER J 267 -19.75 49.40 11.73
C SER J 267 -20.24 50.84 11.80
N ALA J 268 -21.30 51.17 11.05
CA ALA J 268 -21.86 52.52 11.16
C ALA J 268 -22.68 52.68 12.43
N ILE J 269 -23.11 51.59 13.05
CA ILE J 269 -23.78 51.66 14.34
C ILE J 269 -22.76 51.93 15.44
N THR J 270 -21.57 51.32 15.33
CA THR J 270 -20.57 51.46 16.38
C THR J 270 -19.97 52.85 16.41
N THR J 271 -19.55 53.37 15.26
CA THR J 271 -19.06 54.75 15.23
C THR J 271 -20.16 55.75 14.92
N ALA J 272 -21.30 55.55 15.58
CA ALA J 272 -22.30 56.58 15.82
C ALA J 272 -22.87 56.50 17.22
N LEU J 273 -22.73 55.37 17.89
CA LEU J 273 -23.18 55.18 19.26
C LEU J 273 -22.03 55.21 20.24
N GLY J 274 -20.80 54.93 19.79
CA GLY J 274 -19.63 55.14 20.61
C GLY J 274 -18.92 53.88 21.04
N THR J 275 -19.68 52.87 21.47
CA THR J 275 -19.11 51.62 21.94
C THR J 275 -19.61 50.48 21.08
N ALA J 276 -19.01 49.32 21.26
CA ALA J 276 -19.52 48.06 20.72
C ALA J 276 -19.58 47.08 21.88
N VAL J 277 -20.61 47.21 22.68
CA VAL J 277 -20.89 46.28 23.78
C VAL J 277 -22.32 45.80 23.61
N ASP J 278 -23.23 46.75 23.36
CA ASP J 278 -24.66 46.48 23.09
C ASP J 278 -25.32 45.73 24.24
N GLU J 279 -25.49 46.39 25.37
CA GLU J 279 -26.10 45.76 26.53
C GLU J 279 -27.62 45.86 26.44
N GLY J 280 -28.20 45.43 25.31
CA GLY J 280 -29.60 45.59 25.02
C GLY J 280 -30.23 44.43 24.27
N VAL J 281 -29.82 43.20 24.55
CA VAL J 281 -30.27 42.06 23.80
C VAL J 281 -31.25 41.24 24.64
N MET J 282 -31.93 40.28 24.01
CA MET J 282 -32.98 39.51 24.64
C MET J 282 -32.70 38.02 24.72
N TYR J 283 -32.28 37.40 23.61
CA TYR J 283 -31.84 35.99 23.52
C TYR J 283 -32.96 35.02 23.93
N PHE J 284 -33.99 34.95 23.10
CA PHE J 284 -34.99 33.89 23.22
C PHE J 284 -34.35 32.56 22.85
N LEU J 285 -34.25 31.64 23.81
CA LEU J 285 -33.48 30.42 23.62
C LEU J 285 -34.26 29.21 24.12
N LYS J 286 -33.82 28.03 23.67
CA LYS J 286 -34.22 26.76 24.25
C LYS J 286 -33.05 26.22 25.06
N LYS J 287 -33.34 25.64 26.23
CA LYS J 287 -32.28 25.18 27.11
C LYS J 287 -31.60 23.92 26.58
N ASP J 288 -32.35 23.08 25.85
CA ASP J 288 -31.83 21.78 25.44
C ASP J 288 -30.90 21.85 24.24
N ASP J 289 -30.79 22.99 23.58
CA ASP J 289 -29.83 23.14 22.50
C ASP J 289 -28.49 23.67 22.97
N LEU J 290 -28.38 24.05 24.24
CA LEU J 290 -27.15 24.60 24.79
C LEU J 290 -26.44 23.52 25.61
N ARG J 291 -25.18 23.25 25.28
CA ARG J 291 -24.38 22.31 26.03
C ARG J 291 -23.04 22.93 26.35
N PHE J 292 -22.52 22.64 27.54
CA PHE J 292 -21.24 23.17 28.01
C PHE J 292 -20.31 22.02 28.30
N TYR J 293 -19.19 21.95 27.58
CA TYR J 293 -18.24 20.86 27.72
C TYR J 293 -16.97 21.33 28.40
N SER J 294 -16.34 20.41 29.13
CA SER J 294 -15.03 20.63 29.73
C SER J 294 -14.38 19.27 29.93
N THR J 295 -13.05 19.26 30.03
CA THR J 295 -12.50 17.92 29.90
C THR J 295 -12.04 17.38 31.26
N PRO J 296 -12.37 16.12 31.54
CA PRO J 296 -12.12 15.54 32.87
C PRO J 296 -10.72 15.04 33.12
N VAL J 297 -9.70 15.62 32.46
CA VAL J 297 -8.29 15.21 32.49
C VAL J 297 -7.76 14.92 33.89
N VAL J 298 -6.82 13.98 33.97
CA VAL J 298 -6.60 13.17 35.17
C VAL J 298 -6.15 14.01 36.36
N GLY J 299 -6.79 13.79 37.50
CA GLY J 299 -6.53 14.54 38.70
C GLY J 299 -7.49 15.66 38.99
N ALA J 300 -8.41 15.96 38.08
CA ALA J 300 -9.28 17.12 38.21
C ALA J 300 -10.55 16.76 38.96
N PHE J 301 -11.04 17.70 39.76
CA PHE J 301 -12.30 17.56 40.46
C PHE J 301 -13.38 18.33 39.73
N SER J 302 -14.59 18.31 40.29
CA SER J 302 -15.82 18.61 39.56
C SER J 302 -16.59 19.71 40.25
N ALA J 303 -15.94 20.84 40.50
CA ALA J 303 -16.57 21.97 41.18
C ALA J 303 -17.63 22.58 40.27
N ASN J 304 -18.90 22.19 40.52
CA ASN J 304 -20.08 22.60 39.76
C ASN J 304 -19.94 22.30 38.26
N GLY J 305 -19.63 21.05 37.95
CA GLY J 305 -19.59 20.57 36.59
C GLY J 305 -18.40 21.04 35.76
N VAL J 306 -17.57 21.94 36.27
CA VAL J 306 -16.41 22.45 35.56
C VAL J 306 -15.18 21.77 36.15
N TYR J 307 -14.35 21.20 35.28
CA TYR J 307 -13.26 20.34 35.71
C TYR J 307 -11.98 21.15 35.88
N THR J 308 -11.67 21.49 37.13
CA THR J 308 -10.48 22.26 37.46
C THR J 308 -9.42 21.38 38.11
N LEU J 309 -8.16 21.80 37.98
CA LEU J 309 -7.01 20.98 38.32
C LEU J 309 -6.08 21.78 39.23
N MET J 310 -5.57 21.13 40.29
CA MET J 310 -4.90 21.87 41.35
C MET J 310 -3.42 22.14 41.06
N ARG J 311 -2.59 21.09 41.05
CA ARG J 311 -1.18 21.13 40.62
C ARG J 311 -0.34 22.14 41.42
N GLN J 312 -0.01 21.77 42.66
CA GLN J 312 1.00 22.53 43.37
C GLN J 312 2.35 22.43 42.64
N LEU J 313 2.95 23.58 42.37
CA LEU J 313 4.12 23.65 41.51
C LEU J 313 5.37 23.10 42.21
N ALA J 314 6.46 23.07 41.47
CA ALA J 314 7.75 22.69 42.03
C ALA J 314 8.33 23.85 42.82
N GLN J 315 8.79 23.57 44.03
CA GLN J 315 9.27 24.58 44.94
C GLN J 315 10.79 24.69 44.86
N THR J 316 11.30 25.92 44.79
CA THR J 316 12.72 26.18 44.63
C THR J 316 13.39 26.56 45.93
N SER J 317 12.91 27.63 46.58
CA SER J 317 13.43 28.02 47.88
C SER J 317 12.72 27.22 48.97
N LEU J 318 12.91 27.62 50.23
CA LEU J 318 12.34 26.85 51.31
C LEU J 318 10.94 27.33 51.66
N TYR J 319 10.78 28.64 51.83
CA TYR J 319 9.52 29.25 52.28
C TYR J 319 8.75 29.83 51.09
N VAL J 320 8.20 28.96 50.26
CA VAL J 320 7.34 29.37 49.15
C VAL J 320 6.46 28.20 48.77
N ASP J 321 5.27 28.49 48.27
CA ASP J 321 4.33 27.45 47.86
C ASP J 321 3.97 27.51 46.38
N ASN J 322 3.50 28.67 45.89
CA ASN J 322 3.38 29.00 44.47
C ASN J 322 2.42 28.06 43.72
N PHE J 323 1.13 28.17 44.07
CA PHE J 323 0.07 27.32 43.53
C PHE J 323 -0.44 27.83 42.18
N VAL J 324 -1.37 27.06 41.59
CA VAL J 324 -2.03 27.36 40.31
C VAL J 324 -3.41 26.71 40.36
N VAL J 325 -4.28 27.07 39.42
CA VAL J 325 -5.59 26.43 39.23
C VAL J 325 -6.03 26.76 37.80
N GLY J 326 -6.73 25.84 37.15
CA GLY J 326 -7.17 26.09 35.79
C GLY J 326 -8.12 25.04 35.25
N CYS J 327 -8.84 25.42 34.20
CA CYS J 327 -9.79 24.52 33.53
C CYS J 327 -9.84 24.85 32.03
N ILE J 328 -10.55 24.01 31.29
CA ILE J 328 -10.56 24.07 29.83
C ILE J 328 -11.98 23.93 29.27
N PRO J 329 -12.64 25.06 28.95
CA PRO J 329 -14.06 25.03 28.60
C PRO J 329 -14.38 25.07 27.11
N GLN J 330 -15.65 24.85 26.77
CA GLN J 330 -16.22 25.13 25.45
C GLN J 330 -17.76 25.11 25.47
N LEU J 331 -18.39 26.15 24.94
CA LEU J 331 -19.85 26.21 24.81
C LEU J 331 -20.25 25.70 23.43
N GLN J 332 -21.44 25.10 23.35
CA GLN J 332 -21.81 24.34 22.17
C GLN J 332 -23.31 24.46 21.95
N LEU J 333 -23.71 24.93 20.77
CA LEU J 333 -25.10 25.15 20.40
C LEU J 333 -25.42 24.39 19.12
N THR J 334 -26.25 23.37 19.22
CA THR J 334 -26.80 22.74 18.04
C THR J 334 -27.96 23.56 17.51
N THR J 335 -28.27 23.35 16.23
CA THR J 335 -29.53 23.69 15.54
C THR J 335 -30.14 25.05 15.86
N ARG J 336 -29.56 26.14 15.35
CA ARG J 336 -30.13 27.46 15.59
C ARG J 336 -31.48 27.66 14.89
N LYS J 337 -32.48 26.91 15.35
CA LYS J 337 -33.86 26.96 14.93
C LYS J 337 -34.78 27.36 16.06
N ASN J 338 -34.42 26.99 17.28
CA ASN J 338 -35.14 27.37 18.49
C ASN J 338 -34.65 28.69 19.07
N VAL J 339 -33.88 29.46 18.30
CA VAL J 339 -33.12 30.59 18.81
C VAL J 339 -33.67 31.87 18.19
N GLY J 340 -33.97 32.85 19.03
CA GLY J 340 -34.41 34.14 18.54
C GLY J 340 -33.76 35.29 19.29
N VAL J 341 -33.34 36.33 18.57
CA VAL J 341 -32.64 37.44 19.21
C VAL J 341 -33.40 38.73 18.90
N ILE J 342 -33.20 39.72 19.75
CA ILE J 342 -33.59 41.10 19.47
C ILE J 342 -32.35 41.95 19.58
N LYS J 343 -31.98 42.62 18.49
CA LYS J 343 -30.84 43.52 18.47
C LYS J 343 -31.19 44.87 19.09
N ASN J 344 -30.37 45.89 18.79
CA ASN J 344 -30.23 47.20 19.46
C ASN J 344 -31.55 47.82 19.93
N ILE J 345 -31.67 48.00 21.23
CA ILE J 345 -32.84 48.61 21.88
C ILE J 345 -32.34 49.91 22.51
N LYS J 346 -33.28 50.81 22.82
CA LYS J 346 -32.97 52.16 23.30
C LYS J 346 -32.09 52.16 24.54
N VAL J 347 -32.44 51.31 25.52
CA VAL J 347 -31.66 50.96 26.71
C VAL J 347 -31.14 52.17 27.51
N ALA K 2 7.37 16.00 16.56
CA ALA K 2 7.18 14.67 16.02
C ALA K 2 6.30 13.84 16.94
N LYS K 3 4.98 13.92 16.72
CA LYS K 3 4.04 13.18 17.54
C LYS K 3 3.84 11.78 16.97
N LEU K 4 3.77 10.79 17.86
CA LEU K 4 3.70 9.41 17.43
C LEU K 4 2.30 8.95 17.04
N ASN K 5 1.27 9.76 17.28
CA ASN K 5 -0.07 9.44 16.79
C ASN K 5 -0.77 10.68 16.26
N LEU K 6 -0.03 11.51 15.54
CA LEU K 6 -0.60 12.69 14.89
C LEU K 6 -1.23 12.35 13.54
N ALA K 7 -1.01 11.15 13.04
CA ALA K 7 -1.56 10.77 11.75
C ALA K 7 -2.34 9.46 11.83
N VAL K 8 -2.52 8.90 13.02
CA VAL K 8 -3.32 7.69 13.20
C VAL K 8 -4.63 7.99 13.93
N LEU K 9 -4.73 9.13 14.62
CA LEU K 9 -5.97 9.55 15.23
C LEU K 9 -7.03 9.82 14.17
N ASN K 10 -8.27 9.45 14.47
CA ASN K 10 -9.31 9.38 13.46
C ASN K 10 -10.49 10.26 13.83
N ASN K 11 -11.26 10.67 12.82
CA ASN K 11 -12.32 11.66 12.96
C ASN K 11 -13.66 10.95 12.89
N VAL K 12 -14.35 10.86 14.02
CA VAL K 12 -15.60 10.12 14.15
C VAL K 12 -16.71 11.09 14.55
N PHE K 13 -17.84 11.02 13.85
CA PHE K 13 -19.01 11.85 14.16
C PHE K 13 -19.80 11.23 15.30
N SER K 14 -21.00 11.76 15.54
CA SER K 14 -21.85 11.25 16.61
C SER K 14 -23.31 11.36 16.19
N GLU K 15 -24.17 10.57 16.83
CA GLU K 15 -25.58 10.46 16.46
C GLU K 15 -26.30 11.73 16.91
N LEU K 16 -26.16 12.77 16.11
CA LEU K 16 -26.79 14.05 16.41
C LEU K 16 -27.31 14.70 15.13
N LEU K 17 -28.06 13.96 14.33
CA LEU K 17 -28.63 14.55 13.13
C LEU K 17 -29.75 15.51 13.50
N THR K 18 -29.63 16.76 13.05
CA THR K 18 -30.60 17.80 13.37
C THR K 18 -31.49 18.03 12.16
N GLN K 19 -32.79 17.86 12.35
CA GLN K 19 -33.75 18.12 11.28
C GLN K 19 -33.89 19.62 11.09
N GLU K 20 -33.42 20.13 9.96
CA GLU K 20 -33.40 21.56 9.69
C GLU K 20 -34.47 22.01 8.70
N ILE K 21 -34.77 21.19 7.70
CA ILE K 21 -35.71 21.57 6.66
C ILE K 21 -37.13 21.48 7.20
N ASN K 22 -38.00 22.34 6.68
CA ASN K 22 -39.42 22.35 7.04
C ASN K 22 -40.20 21.72 5.90
N ARG K 23 -40.65 20.49 6.11
CA ARG K 23 -41.55 19.80 5.20
C ARG K 23 -42.81 19.40 5.98
N SER K 24 -43.75 20.33 6.06
CA SER K 24 -44.98 20.13 6.79
C SER K 24 -46.13 19.93 5.84
N ALA K 25 -47.20 19.33 6.36
CA ALA K 25 -48.43 19.13 5.59
C ALA K 25 -49.60 19.25 6.55
N THR K 26 -50.17 20.45 6.64
CA THR K 26 -51.29 20.67 7.53
C THR K 26 -52.61 20.56 6.79
N PHE K 27 -52.79 21.36 5.74
CA PHE K 27 -54.05 21.41 5.02
C PHE K 27 -54.34 20.12 4.28
N LEU K 28 -53.30 19.39 3.89
CA LEU K 28 -53.50 18.05 3.35
C LEU K 28 -53.98 17.10 4.43
N GLY K 29 -53.63 17.37 5.69
CA GLY K 29 -53.95 16.47 6.77
C GLY K 29 -55.36 16.49 7.29
N LEU K 30 -56.27 17.29 6.70
CA LEU K 30 -57.64 17.28 7.22
C LEU K 30 -58.70 17.35 6.13
N LEU K 31 -58.40 16.95 4.90
CA LEU K 31 -59.36 17.09 3.82
C LEU K 31 -60.31 15.92 3.65
N SER K 32 -60.22 14.89 4.51
CA SER K 32 -61.10 13.70 4.46
C SER K 32 -61.00 12.99 3.11
N LYS K 33 -59.85 12.35 2.92
CA LYS K 33 -59.46 11.72 1.66
C LYS K 33 -60.45 10.64 1.21
N TYR K 34 -60.55 10.44 -0.11
CA TYR K 34 -61.41 9.42 -0.71
C TYR K 34 -60.76 8.76 -1.93
N PRO K 35 -60.96 7.45 -2.11
CA PRO K 35 -60.40 6.75 -3.28
C PRO K 35 -61.24 6.77 -4.54
N GLU K 36 -61.13 7.77 -5.40
CA GLU K 36 -61.91 7.82 -6.64
C GLU K 36 -61.15 7.16 -7.78
N ARG K 37 -61.59 5.98 -8.19
CA ARG K 37 -61.00 5.26 -9.32
C ARG K 37 -61.77 5.48 -10.63
N LYS K 38 -62.08 6.71 -10.98
CA LYS K 38 -62.74 6.96 -12.26
C LYS K 38 -61.98 7.97 -13.09
N SER K 39 -62.56 8.40 -14.20
CA SER K 39 -61.89 9.34 -15.08
C SER K 39 -62.15 10.79 -14.65
N ASN K 40 -63.37 11.11 -14.25
CA ASN K 40 -63.69 12.47 -13.86
C ASN K 40 -64.90 12.49 -12.94
N ILE K 41 -64.89 13.41 -11.97
CA ILE K 41 -65.95 13.47 -10.98
C ILE K 41 -67.06 14.37 -11.49
N GLN K 42 -68.29 13.90 -11.40
CA GLN K 42 -69.45 14.63 -11.93
C GLN K 42 -70.50 14.69 -10.85
N TRP K 43 -71.02 15.89 -10.60
CA TRP K 43 -72.15 16.05 -9.69
C TRP K 43 -73.09 17.12 -10.25
N GLY K 44 -74.20 17.38 -9.56
CA GLY K 44 -75.18 18.30 -10.09
C GLY K 44 -75.35 19.58 -9.31
N VAL K 45 -75.36 20.71 -10.01
CA VAL K 45 -75.55 22.03 -9.42
C VAL K 45 -76.88 22.58 -9.89
N GLY K 46 -77.74 22.95 -8.95
CA GLY K 46 -79.07 23.41 -9.28
C GLY K 46 -79.29 24.91 -9.14
N MET K 47 -79.54 25.58 -10.25
CA MET K 47 -79.86 27.00 -10.26
C MET K 47 -81.37 27.18 -10.14
N GLY K 48 -81.83 28.40 -10.36
CA GLY K 48 -83.24 28.72 -10.29
C GLY K 48 -83.90 28.68 -11.65
N GLY K 49 -84.98 29.45 -11.78
CA GLY K 49 -85.65 29.53 -13.07
C GLY K 49 -87.16 29.64 -13.04
N THR K 50 -87.79 29.15 -11.98
CA THR K 50 -89.25 29.21 -11.90
C THR K 50 -89.73 30.63 -11.61
N THR K 51 -90.72 31.07 -12.37
CA THR K 51 -91.29 32.40 -12.20
C THR K 51 -92.70 32.28 -11.63
N ALA K 52 -93.10 33.31 -10.88
CA ALA K 52 -94.43 33.37 -10.28
C ALA K 52 -94.94 34.80 -10.42
N THR K 53 -95.63 35.06 -11.51
CA THR K 53 -96.13 36.38 -11.83
C THR K 53 -97.59 36.53 -11.41
N GLY K 54 -98.04 37.78 -11.36
CA GLY K 54 -99.38 38.09 -10.92
C GLY K 54 -100.29 38.41 -12.08
N VAL K 55 -101.37 37.65 -12.21
CA VAL K 55 -102.37 37.89 -13.24
C VAL K 55 -103.70 38.14 -12.57
N ALA K 56 -104.73 38.45 -13.36
CA ALA K 56 -106.03 38.80 -12.81
C ALA K 56 -106.77 37.57 -12.31
N ILE K 57 -107.91 37.80 -11.66
CA ILE K 57 -108.71 36.71 -11.12
C ILE K 57 -109.34 35.90 -12.25
N THR K 58 -109.84 36.59 -13.27
CA THR K 58 -110.36 35.95 -14.48
C THR K 58 -109.30 35.83 -15.56
N GLY K 59 -108.04 35.66 -15.17
CA GLY K 59 -106.90 35.66 -16.08
C GLY K 59 -106.77 34.46 -17.00
N SER K 60 -105.57 34.23 -17.51
CA SER K 60 -105.42 33.32 -18.62
C SER K 60 -104.19 32.41 -18.52
N ALA K 61 -103.82 32.00 -17.30
CA ALA K 61 -102.82 30.95 -17.02
C ALA K 61 -101.46 31.19 -17.66
N PRO K 62 -100.59 32.04 -17.07
CA PRO K 62 -99.36 32.49 -17.75
C PRO K 62 -98.35 31.41 -18.10
N ALA K 63 -97.29 31.79 -18.82
CA ALA K 63 -96.40 30.85 -19.48
C ALA K 63 -95.57 30.06 -18.48
N ALA K 64 -95.02 28.94 -18.95
CA ALA K 64 -94.42 27.94 -18.09
C ALA K 64 -93.00 28.31 -17.70
N SER K 65 -92.48 27.58 -16.71
CA SER K 65 -91.11 27.73 -16.24
C SER K 65 -90.73 26.50 -15.45
N MET K 66 -89.43 26.22 -15.40
CA MET K 66 -88.86 25.17 -14.56
C MET K 66 -87.54 25.65 -13.98
N ASP K 67 -86.95 24.83 -13.13
CA ASP K 67 -85.58 25.08 -12.72
C ASP K 67 -84.60 24.56 -13.76
N ALA K 68 -83.33 24.60 -13.41
CA ALA K 68 -82.26 24.06 -14.23
C ALA K 68 -81.22 23.42 -13.33
N THR K 69 -80.72 22.26 -13.74
CA THR K 69 -79.63 21.58 -13.07
C THR K 69 -78.43 21.54 -14.01
N LEU K 70 -77.24 21.73 -13.48
CA LEU K 70 -76.06 21.93 -14.29
C LEU K 70 -74.96 20.96 -13.86
N PRO K 71 -74.02 20.63 -14.76
CA PRO K 71 -72.96 19.68 -14.40
C PRO K 71 -71.73 20.35 -13.81
N ALA K 72 -70.68 19.59 -13.45
CA ALA K 72 -69.42 20.24 -13.09
C ALA K 72 -68.18 19.63 -13.76
N GLN K 73 -68.10 18.31 -13.83
CA GLN K 73 -67.25 17.47 -14.69
C GLN K 73 -65.76 17.36 -14.35
N LEU K 74 -65.18 18.25 -13.52
CA LEU K 74 -64.04 18.14 -12.60
C LEU K 74 -63.02 17.03 -12.89
N PRO K 75 -62.20 17.16 -13.93
CA PRO K 75 -61.50 15.98 -14.47
C PRO K 75 -60.19 15.62 -13.75
N ILE K 76 -59.96 14.31 -13.61
CA ILE K 76 -58.60 13.78 -13.41
C ILE K 76 -58.27 12.45 -14.06
N SER K 77 -57.62 12.49 -15.21
CA SER K 77 -56.55 11.52 -15.51
C SER K 77 -55.60 12.23 -16.48
N ALA K 78 -54.67 13.01 -15.95
CA ALA K 78 -53.71 13.65 -16.83
C ALA K 78 -52.29 13.60 -16.31
N ALA K 79 -52.12 13.79 -15.00
CA ALA K 79 -50.80 14.09 -14.46
C ALA K 79 -50.63 13.41 -13.11
N SER K 80 -49.41 13.50 -12.60
CA SER K 80 -48.98 12.77 -11.42
C SER K 80 -47.66 13.35 -10.93
N VAL K 81 -47.53 13.51 -9.60
CA VAL K 81 -46.29 13.98 -8.99
C VAL K 81 -45.40 12.77 -8.68
N GLN K 82 -44.09 12.89 -8.93
CA GLN K 82 -43.19 11.76 -8.85
C GLN K 82 -41.82 12.19 -8.33
N SER K 83 -40.96 11.21 -8.04
CA SER K 83 -39.61 11.41 -7.53
C SER K 83 -38.77 10.16 -7.79
N THR K 84 -37.45 10.34 -7.94
CA THR K 84 -36.51 9.25 -8.23
C THR K 84 -35.30 9.29 -7.31
N PHE K 85 -34.53 8.19 -7.27
CA PHE K 85 -33.39 8.05 -6.37
C PHE K 85 -32.06 7.98 -7.11
N THR K 86 -31.87 6.96 -7.95
CA THR K 86 -30.60 6.56 -8.58
C THR K 86 -29.48 6.37 -7.54
N LEU K 87 -29.64 5.36 -6.70
CA LEU K 87 -28.58 4.97 -5.78
C LEU K 87 -27.85 3.74 -6.31
N ASN K 88 -26.55 3.66 -6.01
CA ASN K 88 -25.73 2.57 -6.50
C ASN K 88 -25.93 1.31 -5.65
N LEU K 89 -25.15 0.30 -5.99
CA LEU K 89 -25.14 -0.96 -5.26
C LEU K 89 -23.90 -1.11 -4.41
N LYS K 90 -22.90 -0.25 -4.61
CA LYS K 90 -21.72 -0.22 -3.77
C LYS K 90 -21.76 0.92 -2.76
N GLU K 91 -22.51 1.99 -3.05
CA GLU K 91 -22.72 3.05 -2.07
C GLU K 91 -23.50 2.56 -0.87
N ILE K 92 -24.43 1.61 -1.08
CA ILE K 92 -25.21 1.08 0.03
C ILE K 92 -24.38 0.15 0.90
N GLU K 93 -23.22 -0.29 0.40
CA GLU K 93 -22.41 -1.27 1.11
C GLU K 93 -21.40 -0.63 2.04
N GLU K 94 -20.70 0.39 1.56
CA GLU K 94 -19.66 1.06 2.36
C GLU K 94 -20.25 2.10 3.31
N SER K 95 -21.55 2.34 3.24
CA SER K 95 -22.23 3.20 4.21
C SER K 95 -22.88 2.41 5.32
N LYS K 96 -22.80 1.07 5.29
CA LYS K 96 -23.22 0.26 6.40
C LYS K 96 -22.12 0.05 7.43
N GLU K 97 -20.92 0.57 7.17
CA GLU K 97 -19.83 0.52 8.13
C GLU K 97 -19.13 1.85 8.32
N GLN K 98 -19.51 2.88 7.59
CA GLN K 98 -18.87 4.18 7.75
C GLN K 98 -19.84 5.30 8.12
N VAL K 99 -20.80 5.01 8.98
CA VAL K 99 -21.64 6.08 9.53
C VAL K 99 -22.08 5.67 10.93
N THR K 100 -22.17 6.64 11.84
CA THR K 100 -22.52 6.38 13.22
C THR K 100 -24.02 6.54 13.47
N ASN K 101 -24.68 7.35 12.64
CA ASN K 101 -26.09 7.59 12.82
C ASN K 101 -26.89 6.36 12.40
N GLU K 102 -27.90 6.01 13.19
CA GLU K 102 -28.77 4.90 12.87
C GLU K 102 -29.67 5.19 11.67
N GLU K 103 -30.11 6.44 11.52
CA GLU K 103 -31.01 6.82 10.45
C GLU K 103 -30.32 6.92 9.10
N LEU K 104 -29.05 7.31 9.06
CA LEU K 104 -28.29 7.40 7.81
C LEU K 104 -27.62 6.09 7.43
N ARG K 105 -27.96 5.00 8.11
CA ARG K 105 -27.30 3.73 7.86
C ARG K 105 -27.89 3.04 6.64
N ASN K 106 -29.20 2.83 6.63
CA ASN K 106 -29.91 2.31 5.46
C ASN K 106 -30.08 3.43 4.45
N LEU K 107 -29.31 3.39 3.37
CA LEU K 107 -29.42 4.45 2.37
C LEU K 107 -30.61 4.24 1.45
N LEU K 108 -31.18 3.03 1.40
CA LEU K 108 -32.43 2.81 0.70
C LEU K 108 -33.64 3.25 1.53
N GLU K 109 -33.70 2.81 2.79
CA GLU K 109 -34.89 3.03 3.60
C GLU K 109 -35.03 4.48 4.04
N ALA K 110 -33.92 5.19 4.25
CA ALA K 110 -34.03 6.58 4.68
C ALA K 110 -34.46 7.48 3.55
N GLN K 111 -33.94 7.27 2.35
CA GLN K 111 -34.35 8.07 1.19
C GLN K 111 -35.74 7.68 0.72
N MET K 112 -36.23 6.50 1.10
CA MET K 112 -37.61 6.10 0.85
C MET K 112 -38.61 7.08 1.46
N ARG K 113 -38.44 7.40 2.74
CA ARG K 113 -39.38 8.34 3.34
C ARG K 113 -38.89 9.79 3.29
N ASN K 114 -37.72 10.05 2.71
CA ASN K 114 -37.46 11.42 2.29
C ASN K 114 -38.22 11.78 1.02
N ALA K 115 -38.62 10.79 0.23
CA ALA K 115 -39.35 11.08 -0.99
C ALA K 115 -40.85 11.04 -0.80
N VAL K 116 -41.36 10.18 0.08
CA VAL K 116 -42.79 10.16 0.37
C VAL K 116 -43.21 11.45 1.06
N GLU K 117 -42.40 11.93 2.00
CA GLU K 117 -42.69 13.16 2.71
C GLU K 117 -42.46 14.40 1.85
N GLU K 118 -41.80 14.26 0.70
CA GLU K 118 -41.66 15.37 -0.23
C GLU K 118 -42.77 15.41 -1.26
N ILE K 119 -43.36 14.24 -1.57
CA ILE K 119 -44.60 14.21 -2.35
C ILE K 119 -45.69 14.98 -1.62
N ALA K 120 -45.91 14.66 -0.34
CA ALA K 120 -46.97 15.30 0.43
C ALA K 120 -46.64 16.73 0.81
N THR K 121 -45.37 17.14 0.73
CA THR K 121 -45.04 18.54 0.99
C THR K 121 -45.32 19.41 -0.22
N THR K 122 -44.93 18.97 -1.41
CA THR K 122 -45.28 19.69 -2.61
C THR K 122 -46.72 19.46 -3.03
N LEU K 123 -47.43 18.54 -2.40
CA LEU K 123 -48.85 18.41 -2.64
C LEU K 123 -49.65 19.34 -1.77
N ASN K 124 -49.13 19.68 -0.59
CA ASN K 124 -49.74 20.72 0.23
C ASN K 124 -49.60 22.09 -0.41
N LYS K 125 -48.56 22.28 -1.21
CA LYS K 125 -48.41 23.54 -1.91
C LYS K 125 -49.40 23.67 -3.06
N LYS K 126 -49.67 22.57 -3.77
CA LYS K 126 -50.53 22.65 -4.95
C LYS K 126 -52.00 22.78 -4.61
N LEU K 127 -52.39 22.47 -3.37
CA LEU K 127 -53.76 22.69 -2.92
C LEU K 127 -54.14 24.17 -2.86
N TYR K 128 -53.16 25.06 -2.94
CA TYR K 128 -53.35 26.50 -2.91
C TYR K 128 -53.24 27.14 -4.29
N ASP K 129 -52.28 26.74 -5.12
CA ASP K 129 -52.04 27.41 -6.40
C ASP K 129 -51.75 26.41 -7.51
N GLY K 130 -52.57 25.36 -7.62
CA GLY K 130 -52.33 24.32 -8.60
C GLY K 130 -52.55 24.73 -10.05
N SER K 131 -53.81 25.01 -10.39
CA SER K 131 -54.25 25.57 -11.68
C SER K 131 -53.89 24.67 -12.87
N GLY K 132 -54.42 23.45 -12.86
CA GLY K 132 -54.34 22.56 -14.00
C GLY K 132 -52.94 22.09 -14.31
N ALA K 133 -52.39 22.54 -15.46
CA ALA K 133 -50.95 22.64 -15.68
C ALA K 133 -50.18 21.33 -15.57
N ILE K 134 -50.22 20.52 -16.63
CA ILE K 134 -49.58 19.20 -16.76
C ILE K 134 -48.20 19.09 -16.10
N ALA K 135 -47.35 20.10 -16.24
CA ALA K 135 -46.10 20.13 -15.48
C ALA K 135 -46.24 20.91 -14.18
N ASP K 136 -47.30 20.65 -13.41
CA ASP K 136 -47.39 21.17 -12.05
C ASP K 136 -47.93 20.16 -11.07
N GLY K 137 -48.67 19.14 -11.52
CA GLY K 137 -49.19 18.14 -10.63
C GLY K 137 -50.59 17.72 -11.03
N GLY K 138 -51.17 18.44 -11.98
CA GLY K 138 -52.52 18.17 -12.41
C GLY K 138 -53.60 18.58 -11.45
N LEU K 139 -53.24 19.22 -10.34
CA LEU K 139 -54.18 19.56 -9.29
C LEU K 139 -54.64 21.00 -9.47
N ILE K 140 -55.85 21.29 -9.01
CA ILE K 140 -56.49 22.57 -9.30
C ILE K 140 -56.20 23.58 -8.20
N GLY K 141 -56.64 23.29 -6.99
CA GLY K 141 -56.30 24.13 -5.87
C GLY K 141 -57.29 25.24 -5.64
N LEU K 142 -56.99 26.06 -4.64
CA LEU K 142 -57.90 27.09 -4.16
C LEU K 142 -57.59 28.47 -4.72
N SER K 143 -56.64 28.61 -5.62
CA SER K 143 -56.45 29.91 -6.23
C SER K 143 -57.53 30.22 -7.24
N ILE K 144 -58.19 29.22 -7.80
CA ILE K 144 -59.33 29.45 -8.67
C ILE K 144 -60.62 28.87 -8.12
N ALA K 145 -60.58 27.95 -7.16
CA ALA K 145 -61.81 27.38 -6.62
C ALA K 145 -62.48 28.26 -5.60
N ALA K 146 -61.85 29.36 -5.20
CA ALA K 146 -62.41 30.28 -4.23
C ALA K 146 -62.36 31.70 -4.79
N SER K 147 -62.73 31.86 -6.05
CA SER K 147 -62.65 33.16 -6.70
C SER K 147 -63.71 33.23 -7.79
N GLY K 148 -63.57 34.20 -8.68
CA GLY K 148 -64.52 34.38 -9.75
C GLY K 148 -64.08 33.72 -11.05
N GLN K 149 -63.31 32.66 -10.94
CA GLN K 149 -62.89 31.89 -12.11
C GLN K 149 -64.00 30.91 -12.48
N ASP K 150 -63.72 29.99 -13.39
CA ASP K 150 -64.75 29.08 -13.88
C ASP K 150 -64.77 27.78 -13.09
N TYR K 151 -63.64 27.07 -13.10
CA TYR K 151 -63.23 25.97 -12.24
C TYR K 151 -63.96 24.64 -12.42
N ALA K 152 -65.21 24.63 -12.87
CA ALA K 152 -65.88 23.38 -13.21
C ALA K 152 -67.08 23.71 -14.10
N GLY K 153 -66.87 23.74 -15.41
CA GLY K 153 -68.00 23.95 -16.29
C GLY K 153 -68.61 25.33 -16.27
N ILE K 154 -69.23 25.69 -15.15
CA ILE K 154 -70.02 26.92 -15.04
C ILE K 154 -69.09 28.12 -15.03
N SER K 155 -69.36 29.08 -15.92
CA SER K 155 -68.69 30.36 -15.86
C SER K 155 -69.36 31.26 -14.85
N SER K 156 -68.57 32.18 -14.28
CA SER K 156 -69.12 33.13 -13.33
C SER K 156 -69.86 34.28 -14.01
N ALA K 157 -69.75 34.40 -15.33
CA ALA K 157 -70.45 35.48 -16.03
C ALA K 157 -71.92 35.14 -16.25
N THR K 158 -72.19 33.96 -16.80
CA THR K 158 -73.56 33.60 -17.15
C THR K 158 -74.37 33.17 -15.95
N TYR K 159 -73.75 32.82 -14.84
CA TYR K 159 -74.45 32.44 -13.61
C TYR K 159 -73.80 33.12 -12.43
N PRO K 160 -74.32 34.26 -11.98
CA PRO K 160 -73.70 34.99 -10.87
C PRO K 160 -73.89 34.33 -9.51
N LEU K 161 -74.68 33.26 -9.42
CA LEU K 161 -74.78 32.48 -8.20
C LEU K 161 -73.53 31.63 -7.95
N TRP K 162 -72.63 31.55 -8.92
CA TRP K 162 -71.45 30.69 -8.84
C TRP K 162 -70.21 31.57 -8.81
N ASN K 163 -69.90 32.09 -7.62
CA ASN K 163 -68.65 32.77 -7.27
C ASN K 163 -68.64 32.89 -5.74
N VAL K 164 -67.68 33.63 -5.21
CA VAL K 164 -67.49 33.69 -3.76
C VAL K 164 -67.72 35.11 -3.28
N SER K 165 -67.56 35.33 -1.97
CA SER K 165 -67.87 36.62 -1.36
C SER K 165 -66.89 37.70 -1.79
N GLU K 166 -65.59 37.44 -1.64
CA GLU K 166 -64.50 38.13 -2.35
C GLU K 166 -64.43 39.62 -1.99
N VAL K 167 -64.08 39.88 -0.73
CA VAL K 167 -63.82 41.24 -0.26
C VAL K 167 -62.31 41.49 -0.32
N ASP K 168 -61.92 42.66 -0.84
CA ASP K 168 -60.53 43.01 -1.01
C ASP K 168 -60.16 44.19 -0.12
N ALA K 169 -58.87 44.48 -0.07
CA ALA K 169 -58.35 45.56 0.76
C ALA K 169 -57.29 46.35 0.00
N TRP K 170 -57.58 46.71 -1.24
CA TRP K 170 -56.67 47.50 -2.06
C TRP K 170 -57.10 48.95 -2.18
N ASP K 171 -58.41 49.21 -2.29
CA ASP K 171 -59.09 50.51 -2.20
C ASP K 171 -58.83 51.43 -3.40
N ALA K 172 -57.82 51.13 -4.21
CA ALA K 172 -57.55 51.67 -5.54
C ALA K 172 -57.41 53.19 -5.61
N ASN K 173 -57.41 53.91 -4.48
CA ASN K 173 -57.35 55.36 -4.55
C ASN K 173 -56.47 56.05 -3.53
N ALA K 174 -55.82 55.32 -2.62
CA ALA K 174 -54.91 55.98 -1.70
C ALA K 174 -53.62 56.36 -2.40
N THR K 175 -52.84 57.20 -1.75
CA THR K 175 -51.59 57.64 -2.35
C THR K 175 -50.49 56.61 -2.09
N GLY K 176 -49.37 56.79 -2.77
CA GLY K 176 -48.25 55.89 -2.65
C GLY K 176 -48.26 54.83 -3.73
N THR K 177 -47.38 53.85 -3.56
CA THR K 177 -47.26 52.75 -4.49
C THR K 177 -47.70 51.41 -3.91
N ASP K 178 -48.01 51.35 -2.61
CA ASP K 178 -48.42 50.12 -1.94
C ASP K 178 -49.72 50.45 -1.19
N LYS K 179 -50.84 50.34 -1.88
CA LYS K 179 -52.13 50.71 -1.32
C LYS K 179 -52.81 49.48 -0.73
N ARG K 180 -52.27 48.95 0.36
CA ARG K 180 -52.70 47.62 0.77
C ARG K 180 -53.57 47.63 2.03
N GLN K 181 -53.81 48.79 2.65
CA GLN K 181 -54.93 49.06 3.57
C GLN K 181 -54.93 48.09 4.76
N ALA K 182 -53.98 48.34 5.67
CA ALA K 182 -53.27 47.37 6.49
C ALA K 182 -54.08 46.21 7.06
N LEU K 183 -54.99 46.48 7.99
CA LEU K 183 -55.93 45.52 8.53
C LEU K 183 -56.91 46.29 9.38
N LYS K 184 -58.19 45.92 9.27
CA LYS K 184 -59.24 46.52 10.06
C LYS K 184 -60.14 45.42 10.57
N THR K 185 -61.06 45.75 11.46
CA THR K 185 -61.97 44.76 11.99
C THR K 185 -63.18 44.56 11.11
N ASP K 186 -63.67 45.64 10.50
CA ASP K 186 -64.89 45.58 9.68
C ASP K 186 -64.70 44.86 8.34
N PHE K 187 -63.48 44.44 7.99
CA PHE K 187 -63.31 43.49 6.89
C PHE K 187 -63.98 42.17 7.21
N MET K 188 -63.90 41.75 8.48
CA MET K 188 -64.55 40.53 8.91
C MET K 188 -66.02 40.73 9.27
N LEU K 189 -66.48 41.98 9.32
CA LEU K 189 -67.91 42.27 9.42
C LEU K 189 -68.56 42.41 8.06
N GLU K 190 -67.83 42.95 7.07
CA GLU K 190 -68.35 42.97 5.70
C GLU K 190 -68.31 41.58 5.08
N LEU K 191 -67.39 40.73 5.54
CA LEU K 191 -67.33 39.38 5.03
C LEU K 191 -68.51 38.54 5.50
N ASP K 192 -68.99 38.77 6.72
CA ASP K 192 -70.14 38.02 7.21
C ASP K 192 -71.44 38.59 6.68
N ARG K 193 -71.41 39.82 6.16
CA ARG K 193 -72.61 40.37 5.52
C ARG K 193 -72.87 39.69 4.19
N LYS K 194 -71.83 39.45 3.40
CA LYS K 194 -71.98 38.87 2.08
C LYS K 194 -72.04 37.36 2.08
N ILE K 195 -72.04 36.74 3.26
CA ILE K 195 -72.39 35.32 3.37
C ILE K 195 -73.82 35.13 3.83
N ARG K 196 -74.40 36.10 4.55
CA ARG K 196 -75.78 35.98 5.00
C ARG K 196 -76.76 36.05 3.83
N TYR K 197 -76.38 36.69 2.73
CA TYR K 197 -77.26 36.75 1.56
C TYR K 197 -77.31 35.40 0.84
N ARG K 198 -76.18 34.75 0.66
CA ARG K 198 -76.14 33.40 0.09
C ARG K 198 -75.83 32.45 1.23
N PRO K 199 -76.85 31.94 1.95
CA PRO K 199 -76.68 31.47 3.34
C PRO K 199 -75.70 30.34 3.54
N GLY K 200 -74.60 30.63 4.21
CA GLY K 200 -73.54 29.65 4.40
C GLY K 200 -72.94 29.77 5.78
N ALA K 201 -72.33 28.68 6.23
CA ALA K 201 -71.69 28.61 7.53
C ALA K 201 -70.29 28.05 7.36
N TYR K 202 -69.28 28.84 7.74
CA TYR K 202 -67.90 28.43 7.60
C TYR K 202 -67.37 27.83 8.89
N ASP K 203 -66.29 27.05 8.76
CA ASP K 203 -65.68 26.41 9.92
C ASP K 203 -64.16 26.63 9.98
N LEU K 204 -63.50 26.74 8.84
CA LEU K 204 -62.05 26.86 8.79
C LEU K 204 -61.64 28.25 8.33
N ILE K 205 -60.56 28.76 8.90
CA ILE K 205 -59.93 30.01 8.50
C ILE K 205 -58.44 29.71 8.35
N LEU K 206 -57.89 29.92 7.15
CA LEU K 206 -56.61 29.25 6.85
C LEU K 206 -55.34 30.09 7.07
N THR K 207 -55.32 31.38 6.72
CA THR K 207 -54.48 32.39 7.38
C THR K 207 -53.00 32.12 7.59
N THR K 208 -52.13 32.35 6.59
CA THR K 208 -50.67 32.44 6.77
C THR K 208 -50.30 33.15 8.06
N PRO K 209 -49.34 32.65 8.85
CA PRO K 209 -49.13 33.20 10.21
C PRO K 209 -48.58 34.62 10.25
N LYS K 210 -48.36 35.26 9.11
CA LYS K 210 -48.21 36.71 9.11
C LYS K 210 -49.54 37.40 9.38
N VAL K 211 -50.64 36.85 8.88
CA VAL K 211 -51.91 37.53 9.03
C VAL K 211 -52.61 37.12 10.32
N VAL K 212 -52.17 36.02 10.96
CA VAL K 212 -52.55 35.79 12.34
C VAL K 212 -51.85 36.81 13.24
N GLU K 213 -50.62 37.16 12.87
CA GLU K 213 -49.87 38.20 13.57
C GLU K 213 -50.49 39.57 13.36
N GLN K 214 -51.17 39.79 12.24
CA GLN K 214 -51.90 41.05 12.05
C GLN K 214 -53.19 41.05 12.84
N TYR K 215 -53.85 39.89 12.93
CA TYR K 215 -55.04 39.76 13.77
C TYR K 215 -54.69 39.86 15.25
N LYS K 216 -53.48 39.49 15.60
CA LYS K 216 -53.00 39.70 16.97
C LYS K 216 -52.66 41.16 17.21
N LYS K 217 -52.20 41.87 16.19
CA LYS K 217 -51.79 43.27 16.34
C LYS K 217 -52.97 44.22 16.43
N VAL K 218 -54.11 43.85 15.83
CA VAL K 218 -55.29 44.71 15.90
C VAL K 218 -55.95 44.65 17.28
N PHE K 219 -55.58 43.67 18.10
CA PHE K 219 -55.99 43.69 19.50
C PHE K 219 -55.17 44.66 20.32
N GLU K 220 -53.89 44.82 20.01
CA GLU K 220 -53.04 45.66 20.84
C GLU K 220 -53.28 47.14 20.64
N ALA K 221 -53.93 47.52 19.55
CA ALA K 221 -54.36 48.90 19.41
C ALA K 221 -55.67 49.18 20.14
N ASN K 222 -56.26 48.17 20.77
CA ASN K 222 -57.54 48.30 21.44
C ASN K 222 -57.51 47.63 22.80
N ARG K 223 -56.39 47.75 23.52
CA ARG K 223 -56.31 47.16 24.84
C ARG K 223 -55.52 48.04 25.79
N SER K 224 -55.79 47.92 27.09
CA SER K 224 -55.07 48.63 28.13
C SER K 224 -55.32 47.94 29.46
N TYR K 225 -54.27 47.82 30.27
CA TYR K 225 -54.39 47.18 31.56
C TYR K 225 -54.94 48.18 32.57
N GLN K 226 -55.71 47.69 33.54
CA GLN K 226 -56.29 48.56 34.56
C GLN K 226 -56.15 47.90 35.93
N ILE K 227 -55.76 48.68 36.91
CA ILE K 227 -55.60 48.22 38.28
C ILE K 227 -56.71 48.82 39.11
N MET K 228 -57.51 47.96 39.76
CA MET K 228 -58.63 48.47 40.54
C MET K 228 -58.82 47.72 41.86
N THR K 229 -57.73 47.38 42.54
CA THR K 229 -57.77 46.80 43.89
C THR K 229 -56.85 47.65 44.78
N PHE K 230 -57.44 48.64 45.43
CA PHE K 230 -56.67 49.64 46.18
C PHE K 230 -56.75 49.37 47.68
N ASP K 231 -56.05 48.33 48.13
CA ASP K 231 -55.87 48.14 49.57
C ASP K 231 -54.52 47.54 49.95
N GLY K 232 -53.49 47.64 49.11
CA GLY K 232 -52.23 46.98 49.38
C GLY K 232 -52.24 45.53 48.97
N GLN K 233 -51.74 44.64 49.83
CA GLN K 233 -51.87 43.17 49.75
C GLN K 233 -51.45 42.55 48.41
N ARG K 234 -50.14 42.30 48.26
CA ARG K 234 -49.56 41.54 47.16
C ARG K 234 -49.67 42.24 45.81
N VAL K 235 -48.78 43.22 45.64
CA VAL K 235 -48.41 43.94 44.42
C VAL K 235 -48.48 43.08 43.17
N PRO K 236 -49.11 43.54 42.08
CA PRO K 236 -49.43 42.67 40.96
C PRO K 236 -48.22 42.25 40.14
N LEU K 237 -48.47 41.29 39.25
CA LEU K 237 -47.46 40.69 38.39
C LEU K 237 -47.89 40.86 36.94
N ILE K 238 -46.92 41.05 36.04
CA ILE K 238 -47.15 41.54 34.69
C ILE K 238 -46.74 40.47 33.68
N ASP K 239 -47.52 40.31 32.62
CA ASP K 239 -47.20 39.32 31.60
C ASP K 239 -47.01 39.89 30.21
N LEU K 240 -47.95 40.71 29.72
CA LEU K 240 -47.97 41.25 28.33
C LEU K 240 -47.92 40.16 27.25
N GLY K 241 -48.49 39.00 27.51
CA GLY K 241 -48.60 38.01 26.46
C GLY K 241 -50.03 37.54 26.34
N PHE K 242 -50.47 37.18 25.13
CA PHE K 242 -51.83 36.71 24.95
C PHE K 242 -51.92 35.84 23.70
N ASN K 243 -52.74 34.79 23.78
CA ASN K 243 -52.91 33.84 22.71
C ASN K 243 -54.16 34.21 21.90
N VAL K 244 -54.49 33.36 20.92
CA VAL K 244 -55.61 33.60 20.01
C VAL K 244 -56.55 32.41 20.08
N ALA K 245 -57.83 32.68 20.33
CA ALA K 245 -58.86 31.65 20.40
C ALA K 245 -59.75 31.61 19.17
N GLY K 246 -59.45 32.40 18.15
CA GLY K 246 -60.21 32.33 16.92
C GLY K 246 -61.03 33.55 16.60
N TYR K 247 -62.20 33.34 16.02
CA TYR K 247 -63.08 34.44 15.63
C TYR K 247 -64.51 33.90 15.65
N MET K 248 -65.32 34.40 16.59
CA MET K 248 -66.69 33.96 16.84
C MET K 248 -66.76 32.46 17.09
N GLY K 249 -65.80 31.94 17.83
CA GLY K 249 -65.82 30.53 18.21
C GLY K 249 -65.00 29.63 17.33
N ARG K 250 -65.01 29.88 16.02
CA ARG K 250 -64.24 29.04 15.11
C ARG K 250 -62.75 29.38 15.23
N PRO K 251 -61.89 28.40 15.45
CA PRO K 251 -60.47 28.68 15.67
C PRO K 251 -59.75 29.00 14.36
N ILE K 252 -58.66 29.75 14.51
CA ILE K 252 -57.87 30.21 13.37
C ILE K 252 -56.66 29.28 13.26
N ILE K 253 -56.71 28.40 12.28
CA ILE K 253 -55.58 27.53 11.96
C ILE K 253 -54.66 28.26 11.00
N ASP K 254 -53.36 28.07 11.15
CA ASP K 254 -52.39 28.69 10.25
C ASP K 254 -51.62 27.62 9.49
N ASP K 255 -51.60 27.74 8.17
CA ASP K 255 -50.72 26.93 7.34
C ASP K 255 -49.54 27.80 6.91
N VAL K 256 -48.36 27.19 6.90
CA VAL K 256 -47.16 27.93 6.54
C VAL K 256 -47.13 28.23 5.04
N PHE K 257 -47.53 27.27 4.22
CA PHE K 257 -47.37 27.36 2.78
C PHE K 257 -48.57 28.00 2.07
N CYS K 258 -49.43 28.70 2.79
CA CYS K 258 -50.61 29.27 2.17
C CYS K 258 -50.27 30.52 1.36
N SER K 259 -50.98 30.71 0.26
CA SER K 259 -50.77 31.81 -0.67
C SER K 259 -51.97 31.87 -1.61
N ARG K 260 -51.87 32.77 -2.60
CA ARG K 260 -52.91 32.92 -3.61
C ARG K 260 -52.31 33.62 -4.81
N THR K 261 -52.16 32.93 -5.93
CA THR K 261 -51.67 33.58 -7.14
C THR K 261 -52.75 34.50 -7.68
N ARG K 262 -52.42 35.77 -7.84
CA ARG K 262 -53.38 36.77 -8.27
C ARG K 262 -53.81 36.53 -9.72
N THR K 263 -54.95 37.10 -10.07
CA THR K 263 -55.57 36.83 -11.36
C THR K 263 -54.88 37.63 -12.46
N ALA K 264 -55.46 37.58 -13.66
CA ALA K 264 -54.98 38.40 -14.75
C ALA K 264 -55.68 39.74 -14.83
N ALA K 265 -56.91 39.83 -14.33
CA ALA K 265 -57.59 41.12 -14.26
C ALA K 265 -56.98 41.99 -13.17
N GLU K 266 -56.41 41.37 -12.14
CA GLU K 266 -55.62 42.08 -11.13
C GLU K 266 -54.16 42.08 -11.56
N SER K 267 -53.88 42.92 -12.56
CA SER K 267 -52.58 42.93 -13.22
C SER K 267 -51.70 44.11 -12.79
N ALA K 268 -52.26 45.32 -12.73
CA ALA K 268 -51.50 46.47 -12.25
C ALA K 268 -51.30 46.46 -10.74
N ILE K 269 -51.97 45.56 -10.04
CA ILE K 269 -51.75 45.35 -8.61
C ILE K 269 -50.51 44.51 -8.35
N THR K 270 -49.95 43.89 -9.39
CA THR K 270 -48.81 43.01 -9.28
C THR K 270 -47.51 43.67 -9.72
N THR K 271 -47.56 44.44 -10.80
CA THR K 271 -46.38 45.17 -11.26
C THR K 271 -45.97 46.27 -10.29
N ALA K 272 -46.89 46.76 -9.46
CA ALA K 272 -46.53 47.70 -8.42
C ALA K 272 -46.06 47.00 -7.15
N LEU K 273 -46.21 45.68 -7.06
CA LEU K 273 -45.75 44.93 -5.90
C LEU K 273 -44.75 43.84 -6.24
N GLY K 274 -44.47 43.60 -7.52
CA GLY K 274 -43.51 42.59 -7.88
C GLY K 274 -44.13 41.24 -8.17
N THR K 275 -44.07 40.34 -7.20
CA THR K 275 -44.49 38.97 -7.42
C THR K 275 -45.99 38.82 -7.24
N ALA K 276 -46.52 37.69 -7.69
CA ALA K 276 -47.92 37.32 -7.49
C ALA K 276 -47.93 36.06 -6.64
N VAL K 277 -47.84 36.25 -5.33
CA VAL K 277 -47.89 35.16 -4.35
C VAL K 277 -48.99 35.52 -3.36
N ASP K 278 -48.96 36.78 -2.93
CA ASP K 278 -49.91 37.55 -2.12
C ASP K 278 -49.93 37.17 -0.64
N GLU K 279 -49.62 35.92 -0.30
CA GLU K 279 -49.18 35.44 1.03
C GLU K 279 -50.08 35.91 2.21
N GLY K 280 -51.29 36.38 1.89
CA GLY K 280 -52.03 37.25 2.78
C GLY K 280 -53.53 37.06 2.79
N VAL K 281 -54.00 35.83 2.62
CA VAL K 281 -55.43 35.59 2.46
C VAL K 281 -56.00 34.95 3.72
N MET K 282 -57.32 34.79 3.76
CA MET K 282 -57.97 34.31 4.97
C MET K 282 -58.62 32.94 4.81
N TYR K 283 -59.35 32.74 3.71
CA TYR K 283 -59.98 31.46 3.34
C TYR K 283 -60.94 30.95 4.42
N PHE K 284 -62.05 31.67 4.55
CA PHE K 284 -63.17 31.21 5.36
C PHE K 284 -63.87 30.06 4.63
N LEU K 285 -63.77 28.84 5.14
CA LEU K 285 -64.20 27.66 4.41
C LEU K 285 -65.08 26.78 5.29
N LYS K 286 -65.73 25.81 4.66
CA LYS K 286 -66.44 24.75 5.35
C LYS K 286 -65.68 23.45 5.20
N LYS K 287 -65.46 22.74 6.31
CA LYS K 287 -64.61 21.56 6.30
C LYS K 287 -65.28 20.37 5.64
N ASP K 288 -66.60 20.27 5.72
CA ASP K 288 -67.34 19.15 5.16
C ASP K 288 -67.61 19.30 3.68
N ASP K 289 -67.03 20.31 3.04
CA ASP K 289 -67.33 20.64 1.67
C ASP K 289 -66.13 20.43 0.74
N LEU K 290 -64.95 20.21 1.30
CA LEU K 290 -63.74 19.93 0.55
C LEU K 290 -63.50 18.44 0.55
N ARG K 291 -63.10 17.89 -0.60
CA ARG K 291 -62.77 16.48 -0.72
C ARG K 291 -61.48 16.32 -1.51
N PHE K 292 -60.79 15.22 -1.26
CA PHE K 292 -59.49 14.95 -1.88
C PHE K 292 -59.52 13.54 -2.45
N TYR K 293 -59.30 13.41 -3.77
CA TYR K 293 -59.43 12.14 -4.46
C TYR K 293 -58.10 11.70 -5.05
N SER K 294 -57.86 10.40 -5.04
CA SER K 294 -56.66 9.80 -5.63
C SER K 294 -56.94 8.35 -6.00
N THR K 295 -56.45 7.92 -7.16
CA THR K 295 -56.84 6.60 -7.66
C THR K 295 -56.00 5.52 -6.98
N PRO K 296 -56.61 4.50 -6.43
CA PRO K 296 -55.84 3.36 -5.88
C PRO K 296 -55.46 2.33 -6.94
N VAL K 297 -54.35 2.58 -7.63
CA VAL K 297 -53.82 1.58 -8.56
C VAL K 297 -53.28 0.40 -7.77
N VAL K 298 -53.16 -0.74 -8.46
CA VAL K 298 -52.84 -1.99 -7.78
C VAL K 298 -51.39 -1.97 -7.30
N GLY K 299 -51.20 -2.04 -5.99
CA GLY K 299 -49.91 -1.87 -5.37
C GLY K 299 -49.76 -0.59 -4.57
N ALA K 300 -50.57 0.42 -4.85
CA ALA K 300 -50.48 1.70 -4.14
C ALA K 300 -51.00 1.53 -2.72
N PHE K 301 -50.15 1.77 -1.73
CA PHE K 301 -50.45 1.26 -0.41
C PHE K 301 -51.31 2.13 0.50
N SER K 302 -50.74 3.13 1.18
CA SER K 302 -51.49 3.67 2.31
C SER K 302 -51.11 5.08 2.76
N ALA K 303 -50.25 5.81 2.06
CA ALA K 303 -49.43 6.85 2.71
C ALA K 303 -50.22 8.07 3.16
N ASN K 304 -50.66 8.05 4.43
CA ASN K 304 -51.52 9.08 5.04
C ASN K 304 -52.78 9.32 4.23
N GLY K 305 -53.38 8.25 3.74
CA GLY K 305 -54.55 8.37 2.90
C GLY K 305 -54.29 8.78 1.47
N VAL K 306 -53.02 8.85 1.06
CA VAL K 306 -52.66 9.15 -0.31
C VAL K 306 -51.97 7.91 -0.89
N TYR K 307 -52.48 7.44 -2.01
CA TYR K 307 -52.08 6.14 -2.57
C TYR K 307 -50.88 6.33 -3.49
N THR K 308 -49.72 5.86 -3.05
CA THR K 308 -48.46 6.02 -3.78
C THR K 308 -47.92 4.66 -4.20
N LEU K 309 -47.28 4.61 -5.37
CA LEU K 309 -46.86 3.37 -6.01
C LEU K 309 -45.36 3.40 -6.24
N MET K 310 -44.66 2.32 -5.85
CA MET K 310 -43.19 2.33 -5.93
C MET K 310 -42.65 1.95 -7.30
N ARG K 311 -42.72 0.66 -7.67
CA ARG K 311 -42.19 0.13 -8.93
C ARG K 311 -40.72 0.48 -9.17
N GLN K 312 -39.80 -0.20 -8.49
CA GLN K 312 -38.39 -0.23 -8.90
C GLN K 312 -38.23 -0.48 -10.39
N LEU K 313 -37.47 0.37 -11.06
CA LEU K 313 -37.41 0.38 -12.53
C LEU K 313 -36.51 -0.74 -13.04
N ALA K 314 -36.18 -0.66 -14.33
CA ALA K 314 -35.33 -1.65 -14.97
C ALA K 314 -33.87 -1.38 -14.65
N GLN K 315 -32.98 -2.20 -15.21
CA GLN K 315 -31.57 -2.10 -14.93
C GLN K 315 -30.78 -2.45 -16.19
N THR K 316 -29.75 -1.67 -16.45
CA THR K 316 -28.97 -1.76 -17.68
C THR K 316 -27.49 -1.98 -17.43
N SER K 317 -26.92 -1.34 -16.41
CA SER K 317 -25.56 -1.64 -16.00
C SER K 317 -25.59 -2.65 -14.86
N LEU K 318 -24.40 -3.01 -14.36
CA LEU K 318 -24.32 -4.01 -13.32
C LEU K 318 -24.58 -3.42 -11.95
N TYR K 319 -24.32 -2.11 -11.78
CA TYR K 319 -24.34 -1.43 -10.49
C TYR K 319 -25.18 -0.15 -10.61
N VAL K 320 -26.50 -0.30 -10.49
CA VAL K 320 -27.45 0.82 -10.43
C VAL K 320 -28.78 0.22 -9.98
N ASP K 321 -29.62 1.02 -9.31
CA ASP K 321 -30.95 0.53 -8.93
C ASP K 321 -32.08 1.40 -9.46
N ASN K 322 -32.01 2.72 -9.25
CA ASN K 322 -32.80 3.74 -9.97
C ASN K 322 -34.31 3.56 -9.75
N PHE K 323 -34.73 3.83 -8.52
CA PHE K 323 -36.12 3.71 -8.08
C PHE K 323 -36.97 4.91 -8.53
N VAL K 324 -38.26 4.82 -8.25
CA VAL K 324 -39.23 5.89 -8.51
C VAL K 324 -40.37 5.71 -7.50
N VAL K 325 -41.16 6.77 -7.29
CA VAL K 325 -42.34 6.75 -6.41
C VAL K 325 -43.24 7.92 -6.80
N GLY K 326 -44.55 7.71 -6.78
CA GLY K 326 -45.47 8.78 -7.14
C GLY K 326 -46.92 8.44 -6.89
N CYS K 327 -47.76 9.50 -6.91
CA CYS K 327 -49.19 9.40 -6.71
C CYS K 327 -49.92 10.28 -7.72
N ILE K 328 -51.25 10.28 -7.64
CA ILE K 328 -52.10 10.89 -8.67
C ILE K 328 -53.30 11.58 -7.99
N PRO K 329 -53.21 12.88 -7.74
CA PRO K 329 -54.17 13.55 -6.84
C PRO K 329 -55.28 14.29 -7.54
N GLN K 330 -56.26 14.77 -6.74
CA GLN K 330 -57.20 15.83 -7.11
C GLN K 330 -57.94 16.41 -5.91
N LEU K 331 -58.00 17.73 -5.82
CA LEU K 331 -58.86 18.44 -4.89
C LEU K 331 -60.20 18.73 -5.56
N GLN K 332 -61.27 18.76 -4.76
CA GLN K 332 -62.62 18.82 -5.31
C GLN K 332 -63.50 19.60 -4.35
N LEU K 333 -63.94 20.79 -4.76
CA LEU K 333 -64.80 21.65 -3.95
C LEU K 333 -66.17 21.74 -4.60
N THR K 334 -67.19 21.33 -3.85
CA THR K 334 -68.57 21.54 -4.26
C THR K 334 -69.05 22.85 -3.68
N THR K 335 -69.97 23.51 -4.39
CA THR K 335 -70.85 24.55 -3.85
C THR K 335 -70.06 25.73 -3.27
N ARG K 336 -69.46 26.53 -4.16
CA ARG K 336 -68.84 27.76 -3.70
C ARG K 336 -69.87 28.78 -3.24
N LYS K 337 -70.51 28.49 -2.11
CA LYS K 337 -71.50 29.27 -1.38
C LYS K 337 -71.10 29.49 0.07
N ASN K 338 -70.54 28.46 0.70
CA ASN K 338 -69.99 28.53 2.05
C ASN K 338 -68.64 29.23 2.10
N VAL K 339 -68.10 29.64 0.96
CA VAL K 339 -66.70 30.01 0.85
C VAL K 339 -66.57 31.53 0.95
N GLY K 340 -65.68 31.98 1.82
CA GLY K 340 -65.40 33.39 1.93
C GLY K 340 -63.91 33.66 1.90
N VAL K 341 -63.48 34.62 1.10
CA VAL K 341 -62.06 34.95 1.03
C VAL K 341 -61.89 36.43 1.32
N ILE K 342 -60.71 36.79 1.83
CA ILE K 342 -60.27 38.16 1.93
C ILE K 342 -58.97 38.28 1.17
N LYS K 343 -58.89 39.28 0.28
CA LYS K 343 -57.73 39.55 -0.55
C LYS K 343 -56.63 40.25 0.24
N ASN K 344 -55.79 40.97 -0.51
CA ASN K 344 -54.52 41.57 -0.12
C ASN K 344 -54.53 42.28 1.24
N ILE K 345 -53.79 41.74 2.20
CA ILE K 345 -53.61 42.32 3.52
C ILE K 345 -52.12 42.64 3.64
N LYS K 346 -51.78 43.66 4.44
CA LYS K 346 -50.46 44.29 4.47
C LYS K 346 -49.30 43.30 4.66
N VAL K 347 -49.53 42.26 5.46
CA VAL K 347 -48.71 41.04 5.60
C VAL K 347 -47.25 41.33 5.96
N ALA L 2 -56.33 1.61 -31.68
CA ALA L 2 -57.60 0.92 -31.56
C ALA L 2 -57.79 0.41 -30.14
N LYS L 3 -58.25 1.30 -29.27
CA LYS L 3 -58.42 0.94 -27.86
C LYS L 3 -59.64 0.07 -27.66
N LEU L 4 -59.50 -0.91 -26.76
CA LEU L 4 -60.53 -1.91 -26.54
C LEU L 4 -61.79 -1.29 -25.95
N ASN L 5 -61.64 -0.29 -25.10
CA ASN L 5 -62.80 0.33 -24.45
C ASN L 5 -62.58 1.84 -24.31
N LEU L 6 -62.89 2.58 -25.37
CA LEU L 6 -63.08 4.03 -25.23
C LEU L 6 -64.33 4.54 -25.94
N ALA L 7 -64.88 3.79 -26.89
CA ALA L 7 -66.05 4.28 -27.60
C ALA L 7 -67.30 4.19 -26.74
N VAL L 8 -67.34 3.28 -25.78
CA VAL L 8 -68.51 3.06 -24.95
C VAL L 8 -68.08 3.15 -23.48
N LEU L 9 -68.12 4.37 -22.93
CA LEU L 9 -67.91 4.62 -21.52
C LEU L 9 -69.13 5.34 -21.00
N ASN L 10 -69.91 4.66 -20.16
CA ASN L 10 -71.15 5.24 -19.66
C ASN L 10 -70.87 6.35 -18.65
N ASN L 11 -71.40 7.54 -18.94
CA ASN L 11 -71.25 8.72 -18.09
C ASN L 11 -72.33 8.67 -17.02
N VAL L 12 -71.92 8.46 -15.78
CA VAL L 12 -72.84 8.37 -14.65
C VAL L 12 -72.50 9.47 -13.65
N PHE L 13 -73.50 10.26 -13.29
CA PHE L 13 -73.34 11.30 -12.28
C PHE L 13 -73.37 10.68 -10.89
N SER L 14 -73.31 11.51 -9.86
CA SER L 14 -73.46 11.06 -8.49
C SER L 14 -74.67 11.72 -7.86
N GLU L 15 -75.11 11.18 -6.72
CA GLU L 15 -76.30 11.69 -6.04
C GLU L 15 -75.90 12.90 -5.19
N LEU L 16 -75.56 13.98 -5.86
CA LEU L 16 -74.98 15.14 -5.19
C LEU L 16 -75.57 16.43 -5.78
N LEU L 17 -76.89 16.53 -5.81
CA LEU L 17 -77.49 17.81 -6.16
C LEU L 17 -77.26 18.81 -5.04
N THR L 18 -76.83 20.01 -5.41
CA THR L 18 -76.56 21.08 -4.47
C THR L 18 -77.49 22.24 -4.77
N GLN L 19 -78.14 22.76 -3.74
CA GLN L 19 -79.11 23.84 -3.92
C GLN L 19 -78.39 25.17 -3.76
N GLU L 20 -78.49 26.02 -4.78
CA GLU L 20 -77.81 27.32 -4.78
C GLU L 20 -78.78 28.43 -5.16
N ILE L 21 -79.94 28.46 -4.51
CA ILE L 21 -80.90 29.54 -4.73
C ILE L 21 -81.54 29.87 -3.38
N ASN L 22 -81.91 31.14 -3.21
CA ASN L 22 -82.42 31.66 -1.94
C ASN L 22 -83.92 31.87 -2.09
N ARG L 23 -84.70 31.03 -1.40
CA ARG L 23 -86.16 31.13 -1.38
C ARG L 23 -86.58 31.07 0.08
N SER L 24 -86.62 32.23 0.72
CA SER L 24 -86.85 32.33 2.16
C SER L 24 -88.12 33.13 2.40
N ALA L 25 -89.10 32.50 3.06
CA ALA L 25 -90.32 33.19 3.46
C ALA L 25 -90.17 33.61 4.92
N THR L 26 -89.30 34.59 5.14
CA THR L 26 -89.00 35.01 6.50
C THR L 26 -90.08 35.94 7.03
N PHE L 27 -90.36 37.02 6.32
CA PHE L 27 -91.37 37.97 6.79
C PHE L 27 -92.78 37.44 6.59
N LEU L 28 -92.98 36.56 5.61
CA LEU L 28 -94.30 35.97 5.42
C LEU L 28 -94.62 34.99 6.54
N GLY L 29 -93.61 34.41 7.17
CA GLY L 29 -93.83 33.34 8.12
C GLY L 29 -94.02 33.76 9.56
N LEU L 30 -94.35 35.02 9.82
CA LEU L 30 -94.67 35.42 11.19
C LEU L 30 -95.83 36.41 11.29
N LEU L 31 -96.57 36.65 10.22
CA LEU L 31 -97.57 37.71 10.21
C LEU L 31 -98.94 37.28 10.71
N SER L 32 -99.08 36.06 11.22
CA SER L 32 -100.36 35.52 11.74
C SER L 32 -101.44 35.55 10.66
N LYS L 33 -101.26 34.66 9.68
CA LYS L 33 -102.10 34.61 8.49
C LYS L 33 -103.56 34.30 8.84
N TYR L 34 -104.48 34.92 8.10
CA TYR L 34 -105.92 34.79 8.29
C TYR L 34 -106.63 34.56 6.96
N PRO L 35 -107.79 33.92 6.98
CA PRO L 35 -108.62 33.83 5.77
C PRO L 35 -109.54 35.03 5.63
N GLU L 36 -110.18 35.12 4.46
CA GLU L 36 -111.06 36.26 4.16
C GLU L 36 -112.06 35.84 3.09
N ARG L 37 -113.28 35.52 3.52
CA ARG L 37 -114.37 35.18 2.60
C ARG L 37 -115.24 36.38 2.29
N LYS L 38 -114.64 37.51 1.91
CA LYS L 38 -115.40 38.71 1.59
C LYS L 38 -114.75 39.38 0.40
N SER L 39 -115.10 40.64 0.17
CA SER L 39 -114.55 41.36 -0.98
C SER L 39 -113.50 42.38 -0.59
N ASN L 40 -113.63 43.05 0.54
CA ASN L 40 -112.64 44.05 0.96
C ASN L 40 -112.72 44.28 2.46
N ILE L 41 -111.55 44.32 3.10
CA ILE L 41 -111.47 44.51 4.54
C ILE L 41 -111.79 45.96 4.86
N GLN L 42 -112.52 46.18 5.95
CA GLN L 42 -113.21 47.46 6.12
C GLN L 42 -113.37 47.72 7.61
N TRP L 43 -112.67 48.74 8.13
CA TRP L 43 -112.69 49.04 9.55
C TRP L 43 -112.78 50.56 9.71
N GLY L 44 -112.76 51.02 10.96
CA GLY L 44 -113.01 52.43 11.26
C GLY L 44 -111.87 53.07 12.04
N VAL L 45 -111.58 54.32 11.70
CA VAL L 45 -110.46 55.07 12.27
C VAL L 45 -111.02 56.24 13.05
N GLY L 46 -110.67 56.30 14.34
CA GLY L 46 -111.19 57.36 15.19
C GLY L 46 -110.30 58.57 15.29
N MET L 47 -110.70 59.67 14.64
CA MET L 47 -109.99 60.94 14.71
C MET L 47 -110.50 61.73 15.92
N GLY L 48 -110.18 63.01 15.97
CA GLY L 48 -110.63 63.89 17.02
C GLY L 48 -111.77 64.79 16.56
N GLY L 49 -111.93 65.91 17.26
CA GLY L 49 -112.92 66.88 16.84
C GLY L 49 -113.68 67.59 17.94
N THR L 50 -113.81 66.97 19.11
CA THR L 50 -114.52 67.61 20.21
C THR L 50 -113.68 68.74 20.78
N THR L 51 -114.26 69.91 20.93
CA THR L 51 -113.53 71.07 21.41
C THR L 51 -113.93 71.39 22.83
N ALA L 52 -113.11 72.21 23.48
CA ALA L 52 -113.38 72.70 24.83
C ALA L 52 -112.84 74.11 24.90
N THR L 53 -113.71 75.10 24.84
CA THR L 53 -113.30 76.49 24.78
C THR L 53 -113.56 77.16 26.12
N GLY L 54 -112.94 78.34 26.29
CA GLY L 54 -113.06 79.10 27.51
C GLY L 54 -114.10 80.19 27.40
N VAL L 55 -115.12 80.10 28.23
CA VAL L 55 -116.19 81.10 28.27
C VAL L 55 -116.32 81.60 29.69
N ALA L 56 -117.02 82.73 29.83
CA ALA L 56 -117.22 83.33 31.14
C ALA L 56 -118.25 82.55 31.93
N ILE L 57 -118.41 82.93 33.20
CA ILE L 57 -119.40 82.27 34.04
C ILE L 57 -120.80 82.64 33.59
N THR L 58 -121.04 83.92 33.33
CA THR L 58 -122.29 84.36 32.72
C THR L 58 -122.19 84.38 31.20
N GLY L 59 -121.71 83.27 30.63
CA GLY L 59 -121.57 83.13 29.20
C GLY L 59 -122.86 82.69 28.54
N SER L 60 -122.73 82.27 27.29
CA SER L 60 -123.90 81.99 26.46
C SER L 60 -123.74 80.71 25.65
N ALA L 61 -123.33 79.61 26.33
CA ALA L 61 -123.43 78.24 25.82
C ALA L 61 -122.77 77.98 24.48
N PRO L 62 -121.46 77.72 24.44
CA PRO L 62 -120.69 77.74 23.18
C PRO L 62 -121.12 76.68 22.17
N ALA L 63 -120.49 76.75 21.00
CA ALA L 63 -120.94 76.03 19.82
C ALA L 63 -120.73 74.53 19.96
N ALA L 64 -121.50 73.78 19.17
CA ALA L 64 -121.52 72.33 19.25
C ALA L 64 -120.24 71.74 18.66
N SER L 65 -119.91 70.54 19.12
CA SER L 65 -118.70 69.85 18.69
C SER L 65 -118.82 68.37 19.02
N MET L 66 -118.67 67.51 18.01
CA MET L 66 -118.63 66.07 18.25
C MET L 66 -117.36 65.46 17.66
N ASP L 67 -117.26 64.15 17.71
CA ASP L 67 -116.09 63.42 17.27
C ASP L 67 -116.30 62.98 15.82
N ALA L 68 -115.36 62.21 15.27
CA ALA L 68 -115.50 61.76 13.89
C ALA L 68 -114.82 60.40 13.72
N THR L 69 -115.38 59.58 12.82
CA THR L 69 -114.80 58.29 12.44
C THR L 69 -114.74 58.19 10.92
N LEU L 70 -113.75 57.46 10.42
CA LEU L 70 -113.47 57.41 9.00
C LEU L 70 -113.30 55.96 8.53
N PRO L 71 -113.58 55.68 7.26
CA PRO L 71 -113.44 54.31 6.75
C PRO L 71 -112.07 54.05 6.13
N ALA L 72 -111.85 52.77 5.75
CA ALA L 72 -110.56 52.34 5.21
C ALA L 72 -110.61 51.73 3.81
N GLN L 73 -111.47 50.74 3.59
CA GLN L 73 -111.93 50.12 2.34
C GLN L 73 -111.02 49.14 1.59
N LEU L 74 -109.69 49.14 1.84
CA LEU L 74 -108.65 48.08 1.71
C LEU L 74 -108.98 46.92 0.76
N PRO L 75 -108.96 47.11 -0.55
CA PRO L 75 -109.65 46.18 -1.46
C PRO L 75 -108.93 44.87 -1.73
N ILE L 76 -109.71 43.77 -1.83
CA ILE L 76 -109.29 42.59 -2.59
C ILE L 76 -110.34 41.94 -3.48
N SER L 77 -110.41 42.39 -4.73
CA SER L 77 -110.76 41.48 -5.82
C SER L 77 -110.06 42.06 -7.04
N ALA L 78 -108.77 41.77 -7.17
CA ALA L 78 -108.06 42.30 -8.31
C ALA L 78 -107.30 41.21 -9.06
N ALA L 79 -106.47 40.46 -8.33
CA ALA L 79 -105.39 39.74 -8.98
C ALA L 79 -104.93 38.61 -8.08
N SER L 80 -103.92 37.88 -8.55
CA SER L 80 -103.48 36.63 -7.96
C SER L 80 -102.13 36.27 -8.55
N VAL L 81 -101.23 35.79 -7.70
CA VAL L 81 -99.95 35.27 -8.18
C VAL L 81 -100.14 33.81 -8.59
N GLN L 82 -99.53 33.42 -9.71
CA GLN L 82 -99.76 32.10 -10.29
C GLN L 82 -98.47 31.55 -10.90
N SER L 83 -98.46 30.24 -11.16
CA SER L 83 -97.33 29.54 -11.74
C SER L 83 -97.80 28.34 -12.54
N THR L 84 -97.09 28.05 -13.64
CA THR L 84 -97.38 26.91 -14.52
C THR L 84 -96.08 26.20 -14.87
N PHE L 85 -96.17 24.90 -15.18
CA PHE L 85 -94.93 24.21 -15.56
C PHE L 85 -95.01 23.26 -16.77
N THR L 86 -96.16 22.66 -17.09
CA THR L 86 -96.48 22.04 -18.40
C THR L 86 -95.50 20.94 -18.81
N LEU L 87 -95.48 19.86 -18.04
CA LEU L 87 -94.60 18.75 -18.36
C LEU L 87 -95.27 17.71 -19.25
N ASN L 88 -94.46 17.03 -20.06
CA ASN L 88 -94.94 16.03 -21.00
C ASN L 88 -95.26 14.72 -20.30
N LEU L 89 -95.63 13.72 -21.10
CA LEU L 89 -96.03 12.43 -20.57
C LEU L 89 -95.04 11.34 -20.89
N LYS L 90 -94.16 11.54 -21.86
CA LYS L 90 -93.06 10.63 -22.13
C LYS L 90 -91.82 10.99 -21.33
N GLU L 91 -91.68 12.26 -20.92
CA GLU L 91 -90.57 12.67 -20.08
C GLU L 91 -90.63 12.03 -18.71
N ILE L 92 -91.85 11.88 -18.16
CA ILE L 92 -91.97 11.37 -16.81
C ILE L 92 -91.66 9.88 -16.73
N GLU L 93 -91.76 9.16 -17.85
CA GLU L 93 -91.33 7.76 -17.88
C GLU L 93 -89.84 7.67 -18.13
N GLU L 94 -89.30 8.58 -18.93
CA GLU L 94 -87.89 8.52 -19.30
C GLU L 94 -86.99 9.00 -18.18
N SER L 95 -87.45 9.98 -17.39
CA SER L 95 -86.61 10.58 -16.36
C SER L 95 -86.65 9.85 -15.03
N LYS L 96 -87.53 8.88 -14.85
CA LYS L 96 -87.48 8.04 -13.66
C LYS L 96 -86.54 6.87 -13.84
N GLU L 97 -85.83 6.80 -14.95
CA GLU L 97 -84.94 5.70 -15.26
C GLU L 97 -83.48 6.12 -15.31
N GLN L 98 -83.15 7.17 -16.06
CA GLN L 98 -81.78 7.48 -16.40
C GLN L 98 -81.23 8.69 -15.65
N VAL L 99 -81.78 9.01 -14.49
CA VAL L 99 -81.25 10.04 -13.61
C VAL L 99 -80.87 9.38 -12.29
N THR L 100 -79.59 9.45 -11.94
CA THR L 100 -79.09 8.73 -10.78
C THR L 100 -79.47 9.38 -9.46
N ASN L 101 -79.89 10.64 -9.48
CA ASN L 101 -80.32 11.31 -8.27
C ASN L 101 -81.70 10.80 -7.87
N GLU L 102 -81.97 10.79 -6.56
CA GLU L 102 -83.25 10.29 -6.07
C GLU L 102 -84.30 11.39 -6.08
N GLU L 103 -83.90 12.63 -5.87
CA GLU L 103 -84.80 13.76 -5.63
C GLU L 103 -85.17 14.44 -6.93
N LEU L 104 -84.93 13.76 -8.05
CA LEU L 104 -85.20 14.35 -9.36
C LEU L 104 -85.89 13.31 -10.23
N ARG L 105 -86.14 12.13 -9.68
CA ARG L 105 -86.91 11.09 -10.35
C ARG L 105 -88.36 11.53 -10.58
N ASN L 106 -89.08 11.82 -9.51
CA ASN L 106 -90.46 12.26 -9.62
C ASN L 106 -90.53 13.67 -10.16
N LEU L 107 -90.67 13.81 -11.47
CA LEU L 107 -90.57 15.11 -12.10
C LEU L 107 -91.84 15.95 -11.94
N LEU L 108 -92.93 15.34 -11.48
CA LEU L 108 -94.10 16.13 -11.10
C LEU L 108 -93.98 16.64 -9.66
N GLU L 109 -93.64 15.76 -8.73
CA GLU L 109 -93.58 16.14 -7.32
C GLU L 109 -92.39 17.02 -7.00
N ALA L 110 -91.35 17.00 -7.81
CA ALA L 110 -90.22 17.90 -7.59
C ALA L 110 -90.43 19.25 -8.24
N GLN L 111 -91.52 19.45 -8.96
CA GLN L 111 -91.86 20.73 -9.53
C GLN L 111 -93.14 21.32 -8.95
N MET L 112 -94.09 20.48 -8.55
CA MET L 112 -95.24 20.95 -7.79
C MET L 112 -94.81 21.50 -6.43
N ARG L 113 -93.89 20.80 -5.76
CA ARG L 113 -93.30 21.34 -4.54
C ARG L 113 -92.45 22.56 -4.83
N ASN L 114 -91.82 22.60 -6.00
CA ASN L 114 -90.99 23.72 -6.37
C ASN L 114 -91.81 24.93 -6.77
N ALA L 115 -93.06 24.73 -7.19
CA ALA L 115 -93.91 25.85 -7.58
C ALA L 115 -94.63 26.45 -6.39
N VAL L 116 -94.87 25.68 -5.33
CA VAL L 116 -95.49 26.25 -4.13
C VAL L 116 -94.52 27.16 -3.41
N GLU L 117 -93.25 26.73 -3.29
CA GLU L 117 -92.25 27.56 -2.62
C GLU L 117 -91.82 28.76 -3.44
N GLU L 118 -92.07 28.76 -4.74
CA GLU L 118 -91.80 29.96 -5.52
C GLU L 118 -92.86 31.03 -5.30
N ILE L 119 -94.11 30.62 -5.04
CA ILE L 119 -95.15 31.57 -4.66
C ILE L 119 -94.79 32.24 -3.33
N ALA L 120 -94.29 31.47 -2.37
CA ALA L 120 -94.01 31.99 -1.03
C ALA L 120 -92.78 32.87 -0.98
N THR L 121 -91.91 32.82 -1.98
CA THR L 121 -90.72 33.67 -1.97
C THR L 121 -90.83 34.88 -2.88
N THR L 122 -91.85 34.93 -3.74
CA THR L 122 -92.16 36.15 -4.47
C THR L 122 -93.25 36.95 -3.78
N LEU L 123 -93.74 36.46 -2.66
CA LEU L 123 -94.85 37.10 -1.96
C LEU L 123 -94.34 37.98 -0.83
N ASN L 124 -93.40 37.50 -0.01
CA ASN L 124 -92.75 38.40 0.92
C ASN L 124 -91.75 39.30 0.24
N LYS L 125 -91.34 38.97 -0.98
CA LYS L 125 -90.57 39.91 -1.77
C LYS L 125 -91.45 41.08 -2.21
N LYS L 126 -92.75 40.86 -2.33
CA LYS L 126 -93.70 41.91 -2.65
C LYS L 126 -94.52 42.37 -1.45
N LEU L 127 -94.24 41.86 -0.25
CA LEU L 127 -94.77 42.51 0.94
C LEU L 127 -94.06 43.81 1.25
N TYR L 128 -92.93 44.08 0.59
CA TYR L 128 -92.27 45.37 0.70
C TYR L 128 -92.48 46.26 -0.52
N ASP L 129 -93.04 45.72 -1.60
CA ASP L 129 -93.11 46.43 -2.88
C ASP L 129 -94.47 46.26 -3.54
N GLY L 130 -95.55 46.45 -2.79
CA GLY L 130 -96.87 46.15 -3.33
C GLY L 130 -97.37 47.10 -4.40
N SER L 131 -97.72 48.33 -4.00
CA SER L 131 -98.11 49.44 -4.89
C SER L 131 -99.30 49.10 -5.79
N GLY L 132 -100.28 48.38 -5.25
CA GLY L 132 -101.48 48.11 -6.01
C GLY L 132 -101.22 47.14 -7.13
N ALA L 133 -101.14 47.67 -8.37
CA ALA L 133 -100.38 47.06 -9.45
C ALA L 133 -100.88 45.68 -9.87
N ILE L 134 -101.96 45.64 -10.67
CA ILE L 134 -102.64 44.45 -11.19
C ILE L 134 -101.70 43.35 -11.69
N ALA L 135 -100.50 43.71 -12.16
CA ALA L 135 -99.46 42.75 -12.49
C ALA L 135 -98.48 42.52 -11.35
N ASP L 136 -98.94 42.61 -10.10
CA ASP L 136 -98.06 42.35 -8.97
C ASP L 136 -98.82 41.66 -7.83
N GLY L 137 -99.83 40.87 -8.17
CA GLY L 137 -100.57 40.15 -7.17
C GLY L 137 -101.59 40.95 -6.39
N GLY L 138 -101.69 42.26 -6.63
CA GLY L 138 -102.64 43.07 -5.92
C GLY L 138 -102.28 43.39 -4.48
N LEU L 139 -101.07 43.09 -4.05
CA LEU L 139 -100.70 43.48 -2.70
C LEU L 139 -100.37 44.95 -2.66
N ILE L 140 -100.34 45.51 -1.45
CA ILE L 140 -100.14 46.94 -1.26
C ILE L 140 -98.79 47.22 -0.60
N GLY L 141 -98.35 46.36 0.31
CA GLY L 141 -96.98 46.32 0.73
C GLY L 141 -96.60 47.41 1.70
N LEU L 142 -95.44 47.22 2.34
CA LEU L 142 -94.98 48.10 3.40
C LEU L 142 -94.23 49.32 2.89
N SER L 143 -94.09 49.50 1.58
CA SER L 143 -93.46 50.72 1.09
C SER L 143 -94.37 51.92 1.29
N ILE L 144 -95.66 51.76 1.04
CA ILE L 144 -96.60 52.86 1.13
C ILE L 144 -97.59 52.69 2.26
N ALA L 145 -97.49 51.61 3.03
CA ALA L 145 -98.23 51.49 4.27
C ALA L 145 -97.47 52.06 5.45
N ALA L 146 -96.26 52.55 5.23
CA ALA L 146 -95.41 53.16 6.25
C ALA L 146 -94.79 54.43 5.72
N SER L 147 -95.62 55.29 5.11
CA SER L 147 -95.15 56.57 4.60
C SER L 147 -96.27 57.58 4.79
N GLY L 148 -96.12 58.72 4.13
CA GLY L 148 -97.15 59.75 4.16
C GLY L 148 -98.24 59.56 3.13
N GLN L 149 -98.20 58.48 2.36
CA GLN L 149 -99.18 58.27 1.31
C GLN L 149 -100.44 57.65 1.92
N ASP L 150 -101.40 57.27 1.09
CA ASP L 150 -102.77 57.07 1.55
C ASP L 150 -103.02 55.67 2.09
N TYR L 151 -102.82 54.66 1.25
CA TYR L 151 -102.81 53.22 1.50
C TYR L 151 -104.17 52.61 1.83
N ALA L 152 -105.10 53.36 2.41
CA ALA L 152 -106.48 52.91 2.57
C ALA L 152 -107.32 54.14 2.91
N GLY L 153 -107.92 54.76 1.91
CA GLY L 153 -108.88 55.77 2.28
C GLY L 153 -108.25 57.09 2.65
N ILE L 154 -107.98 57.22 3.95
CA ILE L 154 -107.61 58.49 4.58
C ILE L 154 -106.29 59.00 4.01
N SER L 155 -106.25 60.29 3.67
CA SER L 155 -105.04 60.94 3.22
C SER L 155 -104.24 61.44 4.43
N SER L 156 -103.16 62.18 4.18
CA SER L 156 -102.37 62.75 5.25
C SER L 156 -102.22 64.26 5.16
N ALA L 157 -102.59 64.87 4.04
CA ALA L 157 -102.64 66.32 3.99
C ALA L 157 -103.85 66.86 4.72
N THR L 158 -104.92 66.08 4.79
CA THR L 158 -106.12 66.50 5.50
C THR L 158 -106.13 66.07 6.95
N TYR L 159 -105.60 64.89 7.24
CA TYR L 159 -105.56 64.37 8.61
C TYR L 159 -104.13 64.02 8.98
N PRO L 160 -103.39 64.91 9.65
CA PRO L 160 -101.97 64.65 9.92
C PRO L 160 -101.71 63.58 10.96
N LEU L 161 -102.75 63.02 11.57
CA LEU L 161 -102.55 61.90 12.48
C LEU L 161 -102.24 60.62 11.73
N TRP L 162 -102.57 60.56 10.45
CA TRP L 162 -102.44 59.35 9.66
C TRP L 162 -101.16 59.41 8.82
N ASN L 163 -100.02 59.49 9.52
CA ASN L 163 -98.72 59.24 8.91
C ASN L 163 -97.80 58.64 9.96
N VAL L 164 -96.59 58.30 9.56
CA VAL L 164 -95.69 57.54 10.42
C VAL L 164 -94.53 58.43 10.86
N SER L 165 -93.69 57.90 11.73
CA SER L 165 -92.54 58.62 12.26
C SER L 165 -91.34 58.28 11.40
N GLU L 166 -90.90 59.21 10.57
CA GLU L 166 -89.70 59.02 9.78
C GLU L 166 -88.56 59.85 10.35
N VAL L 167 -87.36 59.29 10.31
CA VAL L 167 -86.13 60.02 10.59
C VAL L 167 -85.22 59.83 9.38
N ASP L 168 -85.32 60.76 8.44
CA ASP L 168 -84.53 60.68 7.23
C ASP L 168 -83.08 61.01 7.54
N ALA L 169 -82.17 60.23 6.96
CA ALA L 169 -80.76 60.42 7.22
C ALA L 169 -80.03 60.90 5.98
N TRP L 170 -80.65 61.81 5.24
CA TRP L 170 -80.05 62.43 4.08
C TRP L 170 -79.40 63.77 4.42
N ASP L 171 -80.15 64.65 5.08
CA ASP L 171 -79.76 65.92 5.71
C ASP L 171 -79.39 67.04 4.73
N ALA L 172 -79.28 66.73 3.44
CA ALA L 172 -79.46 67.64 2.32
C ALA L 172 -78.45 68.80 2.23
N ASN L 173 -77.52 68.93 3.18
CA ASN L 173 -76.59 70.05 3.11
C ASN L 173 -75.16 69.65 3.46
N ALA L 174 -74.79 68.38 3.30
CA ALA L 174 -73.40 67.97 3.41
C ALA L 174 -72.73 68.17 2.06
N THR L 175 -71.52 67.66 1.91
CA THR L 175 -70.79 67.77 0.66
C THR L 175 -70.76 66.42 -0.06
N GLY L 176 -70.37 66.47 -1.33
CA GLY L 176 -70.34 65.28 -2.15
C GLY L 176 -71.66 65.06 -2.87
N THR L 177 -71.92 63.79 -3.17
CA THR L 177 -73.16 63.41 -3.85
C THR L 177 -73.77 62.14 -3.30
N ASP L 178 -73.25 61.61 -2.19
CA ASP L 178 -73.80 60.41 -1.57
C ASP L 178 -74.12 60.75 -0.12
N LYS L 179 -74.87 61.83 0.08
CA LYS L 179 -75.10 62.42 1.40
C LYS L 179 -76.08 61.54 2.19
N ARG L 180 -75.55 60.43 2.72
CA ARG L 180 -76.35 59.44 3.44
C ARG L 180 -75.66 59.08 4.76
N GLN L 181 -75.39 60.11 5.56
CA GLN L 181 -74.22 60.25 6.44
C GLN L 181 -73.68 58.98 7.10
N ALA L 182 -74.47 58.34 7.96
CA ALA L 182 -74.02 57.16 8.71
C ALA L 182 -75.23 56.53 9.38
N LEU L 183 -74.96 55.54 10.22
CA LEU L 183 -75.94 55.02 11.18
C LEU L 183 -75.36 55.32 12.55
N LYS L 184 -75.79 56.44 13.13
CA LYS L 184 -75.36 56.82 14.46
C LYS L 184 -76.25 56.12 15.49
N THR L 185 -76.11 56.50 16.75
CA THR L 185 -77.04 56.08 17.77
C THR L 185 -78.15 57.10 17.95
N ASP L 186 -77.88 58.35 17.57
CA ASP L 186 -78.83 59.45 17.72
C ASP L 186 -80.07 59.27 16.86
N PHE L 187 -79.98 58.46 15.80
CA PHE L 187 -81.15 58.19 14.98
C PHE L 187 -82.15 57.31 15.71
N MET L 188 -81.65 56.31 16.44
CA MET L 188 -82.52 55.42 17.20
C MET L 188 -83.01 56.04 18.50
N LEU L 189 -82.50 57.21 18.86
CA LEU L 189 -83.03 58.00 19.96
C LEU L 189 -84.04 59.04 19.51
N GLU L 190 -83.83 59.60 18.31
CA GLU L 190 -84.79 60.55 17.75
C GLU L 190 -86.05 59.84 17.30
N LEU L 191 -85.91 58.64 16.75
CA LEU L 191 -87.09 57.88 16.34
C LEU L 191 -87.85 57.37 17.55
N ASP L 192 -87.15 57.10 18.64
CA ASP L 192 -87.81 56.78 19.90
C ASP L 192 -88.43 58.04 20.53
N ARG L 193 -88.00 59.22 20.11
CA ARG L 193 -88.64 60.44 20.62
C ARG L 193 -89.97 60.67 19.94
N LYS L 194 -90.04 60.51 18.62
CA LYS L 194 -91.30 60.73 17.90
C LYS L 194 -92.14 59.47 17.83
N ILE L 195 -92.24 58.73 18.92
CA ILE L 195 -93.08 57.55 18.98
C ILE L 195 -93.74 57.61 20.34
N ARG L 196 -93.33 58.62 21.12
CA ARG L 196 -93.83 58.85 22.46
C ARG L 196 -94.93 59.91 22.49
N TYR L 197 -94.92 60.83 21.52
CA TYR L 197 -96.02 61.79 21.34
C TYR L 197 -97.33 61.08 21.04
N ARG L 198 -97.41 60.38 19.92
CA ARG L 198 -98.48 59.43 19.70
C ARG L 198 -98.00 58.11 20.27
N PRO L 199 -98.50 57.67 21.44
CA PRO L 199 -97.77 56.66 22.23
C PRO L 199 -97.71 55.28 21.61
N GLY L 200 -96.81 55.13 20.63
CA GLY L 200 -96.63 53.86 19.97
C GLY L 200 -95.79 52.90 20.78
N ALA L 201 -95.78 51.65 20.33
CA ALA L 201 -95.05 50.59 21.01
C ALA L 201 -94.67 49.54 19.99
N TYR L 202 -93.43 49.56 19.53
CA TYR L 202 -92.98 48.62 18.53
C TYR L 202 -92.57 47.31 19.17
N ASP L 203 -92.52 46.26 18.35
CA ASP L 203 -92.06 44.94 18.78
C ASP L 203 -91.06 44.28 17.85
N LEU L 204 -91.01 44.66 16.57
CA LEU L 204 -90.12 44.04 15.60
C LEU L 204 -89.29 45.12 14.93
N ILE L 205 -88.11 44.73 14.45
CA ILE L 205 -87.28 45.58 13.60
C ILE L 205 -86.88 44.72 12.41
N LEU L 206 -86.83 45.31 11.21
CA LEU L 206 -86.81 44.48 10.01
C LEU L 206 -85.45 44.38 9.32
N THR L 207 -84.70 45.49 9.17
CA THR L 207 -83.24 45.49 9.06
C THR L 207 -82.58 44.55 8.05
N THR L 208 -82.58 44.90 6.77
CA THR L 208 -81.71 44.26 5.77
C THR L 208 -80.30 44.10 6.35
N PRO L 209 -79.69 42.91 6.30
CA PRO L 209 -78.43 42.68 7.04
C PRO L 209 -77.23 43.45 6.52
N LYS L 210 -77.41 44.26 5.47
CA LYS L 210 -76.49 45.37 5.21
C LYS L 210 -76.54 46.42 6.30
N VAL L 211 -77.62 46.52 7.07
CA VAL L 211 -77.73 47.53 8.11
C VAL L 211 -77.64 46.93 9.51
N VAL L 212 -77.76 45.61 9.66
CA VAL L 212 -77.38 44.98 10.92
C VAL L 212 -75.89 45.13 11.13
N GLU L 213 -75.12 45.04 10.05
CA GLU L 213 -73.68 45.24 10.08
C GLU L 213 -73.29 46.69 10.35
N GLN L 214 -74.17 47.65 10.06
CA GLN L 214 -73.91 49.02 10.46
C GLN L 214 -74.14 49.22 11.96
N TYR L 215 -75.23 48.64 12.47
CA TYR L 215 -75.50 48.64 13.91
C TYR L 215 -74.44 47.86 14.67
N LYS L 216 -73.89 46.82 14.06
CA LYS L 216 -72.79 46.07 14.64
C LYS L 216 -71.49 46.87 14.61
N LYS L 217 -71.39 47.86 13.73
CA LYS L 217 -70.19 48.68 13.60
C LYS L 217 -70.15 49.83 14.59
N VAL L 218 -71.29 50.20 15.18
CA VAL L 218 -71.31 51.23 16.20
C VAL L 218 -70.67 50.74 17.49
N PHE L 219 -70.95 49.50 17.89
CA PHE L 219 -70.28 48.85 19.00
C PHE L 219 -68.78 48.68 18.76
N GLU L 220 -68.37 48.49 17.51
CA GLU L 220 -66.97 48.36 17.14
C GLU L 220 -66.16 49.59 17.50
N ALA L 221 -66.72 50.78 17.37
CA ALA L 221 -66.01 52.01 17.68
C ALA L 221 -65.96 52.32 19.17
N ASN L 222 -66.53 51.46 20.02
CA ASN L 222 -66.66 51.74 21.45
C ASN L 222 -66.35 50.50 22.27
N ARG L 223 -65.44 49.66 21.81
CA ARG L 223 -65.25 48.39 22.52
C ARG L 223 -64.13 48.47 23.57
N SER L 224 -62.88 48.77 23.19
CA SER L 224 -61.74 49.01 24.07
C SER L 224 -61.55 47.94 25.16
N TYR L 225 -61.13 46.74 24.76
CA TYR L 225 -60.82 45.64 25.68
C TYR L 225 -59.90 46.09 26.82
N GLN L 226 -60.15 45.58 28.03
CA GLN L 226 -59.33 46.00 29.20
C GLN L 226 -59.11 44.80 30.13
N ILE L 227 -57.87 44.64 30.60
CA ILE L 227 -57.53 43.56 31.52
C ILE L 227 -57.44 44.13 32.92
N MET L 228 -58.15 43.51 33.87
CA MET L 228 -58.09 43.99 35.23
C MET L 228 -57.60 42.94 36.21
N THR L 229 -57.72 41.67 35.86
CA THR L 229 -57.36 40.59 36.76
C THR L 229 -56.09 39.92 36.26
N PHE L 230 -55.01 40.15 36.98
CA PHE L 230 -53.71 39.62 36.60
C PHE L 230 -52.83 39.40 37.83
N ASP L 231 -52.42 38.16 38.04
CA ASP L 231 -51.38 37.82 38.99
C ASP L 231 -50.46 36.74 38.42
N GLY L 232 -50.10 36.88 37.14
CA GLY L 232 -49.12 36.02 36.53
C GLY L 232 -49.70 34.83 35.77
N GLN L 233 -50.42 33.97 36.48
CA GLN L 233 -50.96 32.74 35.90
C GLN L 233 -52.07 33.02 34.90
N ARG L 234 -52.31 32.05 34.02
CA ARG L 234 -53.37 32.05 33.01
C ARG L 234 -53.27 33.25 32.07
N VAL L 235 -52.29 33.21 31.18
CA VAL L 235 -52.17 34.12 30.03
C VAL L 235 -53.51 34.17 29.29
N PRO L 236 -54.06 35.35 29.01
CA PRO L 236 -55.37 35.43 28.38
C PRO L 236 -55.32 35.08 26.90
N LEU L 237 -56.50 34.97 26.31
CA LEU L 237 -56.63 34.58 24.91
C LEU L 237 -57.89 35.18 24.34
N ILE L 238 -57.78 35.73 23.13
CA ILE L 238 -58.72 36.71 22.61
C ILE L 238 -59.57 36.12 21.51
N ASP L 239 -60.70 36.78 21.22
CA ASP L 239 -61.65 36.25 20.25
C ASP L 239 -62.08 37.27 19.19
N LEU L 240 -62.28 38.54 19.58
CA LEU L 240 -62.58 39.66 18.65
C LEU L 240 -63.87 39.47 17.85
N GLY L 241 -64.81 38.66 18.34
CA GLY L 241 -66.09 38.51 17.68
C GLY L 241 -67.21 38.67 18.69
N PHE L 242 -68.38 39.05 18.17
CA PHE L 242 -69.54 39.32 19.03
C PHE L 242 -70.83 39.24 18.23
N ASN L 243 -71.93 39.01 18.94
CA ASN L 243 -73.26 38.82 18.37
C ASN L 243 -74.18 39.94 18.81
N VAL L 244 -75.41 39.90 18.29
CA VAL L 244 -76.40 40.95 18.49
C VAL L 244 -77.60 40.37 19.22
N ALA L 245 -77.99 41.00 20.32
CA ALA L 245 -79.14 40.58 21.09
C ALA L 245 -80.34 41.50 20.94
N GLY L 246 -80.23 42.54 20.12
CA GLY L 246 -81.37 43.40 19.86
C GLY L 246 -81.14 44.85 20.19
N TYR L 247 -82.24 45.61 20.36
CA TYR L 247 -82.20 47.00 20.78
C TYR L 247 -83.26 47.18 21.84
N MET L 248 -82.83 47.45 23.08
CA MET L 248 -83.69 47.63 24.24
C MET L 248 -84.58 46.41 24.50
N GLY L 249 -84.02 45.22 24.30
CA GLY L 249 -84.73 44.00 24.54
C GLY L 249 -85.52 43.47 23.36
N ARG L 250 -86.05 44.35 22.51
CA ARG L 250 -86.77 43.89 21.33
C ARG L 250 -85.80 43.32 20.31
N PRO L 251 -86.04 42.10 19.82
CA PRO L 251 -85.05 41.43 18.98
C PRO L 251 -85.06 41.93 17.55
N ILE L 252 -83.90 41.79 16.90
CA ILE L 252 -83.71 42.25 15.53
C ILE L 252 -83.84 41.07 14.59
N ILE L 253 -84.83 41.13 13.72
CA ILE L 253 -85.02 40.16 12.64
C ILE L 253 -84.36 40.76 11.40
N ASP L 254 -83.85 39.93 10.51
CA ASP L 254 -83.12 40.42 9.33
C ASP L 254 -83.55 39.67 8.08
N ASP L 255 -84.21 40.37 7.17
CA ASP L 255 -84.68 39.78 5.93
C ASP L 255 -83.72 40.10 4.79
N VAL L 256 -83.53 39.13 3.91
CA VAL L 256 -82.72 39.36 2.73
C VAL L 256 -83.43 40.29 1.76
N PHE L 257 -84.71 40.04 1.51
CA PHE L 257 -85.44 40.72 0.45
C PHE L 257 -86.12 42.00 0.91
N CYS L 258 -85.71 42.56 2.03
CA CYS L 258 -86.33 43.77 2.54
C CYS L 258 -85.79 45.00 1.79
N SER L 259 -86.70 45.93 1.47
CA SER L 259 -86.36 47.13 0.72
C SER L 259 -87.45 48.17 0.93
N ARG L 260 -87.31 49.30 0.26
CA ARG L 260 -88.29 50.38 0.35
C ARG L 260 -88.17 51.25 -0.89
N THR L 261 -89.21 51.26 -1.72
CA THR L 261 -89.17 52.08 -2.93
C THR L 261 -89.28 53.55 -2.57
N ARG L 262 -88.46 54.38 -3.23
CA ARG L 262 -88.50 55.81 -3.02
C ARG L 262 -89.79 56.40 -3.55
N THR L 263 -90.24 57.47 -2.91
CA THR L 263 -91.47 58.15 -3.30
C THR L 263 -91.18 59.13 -4.44
N ALA L 264 -92.14 59.99 -4.74
CA ALA L 264 -91.94 61.01 -5.75
C ALA L 264 -91.27 62.26 -5.18
N ALA L 265 -91.40 62.49 -3.88
CA ALA L 265 -90.75 63.65 -3.25
C ALA L 265 -89.27 63.43 -3.04
N GLU L 266 -88.80 62.18 -3.13
CA GLU L 266 -87.39 61.85 -2.99
C GLU L 266 -86.75 61.66 -4.36
N SER L 267 -87.14 62.50 -5.31
CA SER L 267 -86.60 62.40 -6.67
C SER L 267 -85.15 62.81 -6.72
N ALA L 268 -84.74 63.76 -5.89
CA ALA L 268 -83.34 64.18 -5.88
C ALA L 268 -82.43 63.15 -5.26
N ILE L 269 -82.97 62.20 -4.50
CA ILE L 269 -82.18 61.12 -3.95
C ILE L 269 -82.01 60.00 -4.97
N THR L 270 -83.07 59.72 -5.73
CA THR L 270 -83.03 58.62 -6.71
C THR L 270 -82.11 58.96 -7.88
N THR L 271 -82.16 60.20 -8.36
CA THR L 271 -81.31 60.60 -9.47
C THR L 271 -79.85 60.75 -9.08
N ALA L 272 -79.57 60.94 -7.79
CA ALA L 272 -78.19 61.04 -7.34
C ALA L 272 -77.57 59.68 -7.04
N LEU L 273 -78.39 58.65 -6.83
CA LEU L 273 -77.89 57.33 -6.49
C LEU L 273 -78.14 56.29 -7.57
N GLY L 274 -79.12 56.50 -8.44
CA GLY L 274 -79.36 55.62 -9.55
C GLY L 274 -80.39 54.55 -9.31
N THR L 275 -80.68 54.21 -8.06
CA THR L 275 -81.68 53.21 -7.73
C THR L 275 -82.79 53.82 -6.89
N ALA L 276 -83.84 53.05 -6.69
CA ALA L 276 -84.98 53.42 -5.87
C ALA L 276 -85.37 52.26 -4.96
N VAL L 277 -84.37 51.71 -4.27
CA VAL L 277 -84.52 50.47 -3.51
C VAL L 277 -84.31 50.70 -2.02
N ASP L 278 -83.28 51.46 -1.66
CA ASP L 278 -83.00 52.10 -0.37
C ASP L 278 -82.55 51.11 0.72
N GLU L 279 -82.67 49.79 0.46
CA GLU L 279 -81.71 48.73 0.80
C GLU L 279 -80.99 48.92 2.14
N GLY L 280 -81.71 48.85 3.26
CA GLY L 280 -81.18 49.50 4.45
C GLY L 280 -82.16 50.38 5.22
N VAL L 281 -83.43 49.99 5.24
CA VAL L 281 -84.41 50.61 6.10
C VAL L 281 -84.57 49.76 7.35
N MET L 282 -85.30 50.28 8.35
CA MET L 282 -85.37 49.67 9.67
C MET L 282 -86.71 49.03 10.00
N TYR L 283 -87.82 49.77 9.83
CA TYR L 283 -89.20 49.29 10.03
C TYR L 283 -89.44 48.81 11.46
N PHE L 284 -89.40 49.76 12.40
CA PHE L 284 -89.93 49.52 13.74
C PHE L 284 -91.44 49.30 13.65
N LEU L 285 -91.89 48.09 13.99
CA LEU L 285 -93.28 47.71 13.79
C LEU L 285 -93.83 47.01 15.02
N LYS L 286 -95.15 46.93 15.09
CA LYS L 286 -95.85 46.14 16.09
C LYS L 286 -96.41 44.90 15.39
N LYS L 287 -96.18 43.73 15.98
CA LYS L 287 -96.51 42.48 15.30
C LYS L 287 -98.01 42.21 15.30
N ASP L 288 -98.73 42.65 16.32
CA ASP L 288 -100.18 42.42 16.40
C ASP L 288 -100.98 43.45 15.62
N ASP L 289 -100.31 44.23 14.77
CA ASP L 289 -100.95 45.24 13.96
C ASP L 289 -100.98 44.87 12.49
N LEU L 290 -100.14 43.93 12.08
CA LEU L 290 -100.07 43.45 10.71
C LEU L 290 -100.93 42.20 10.58
N ARG L 291 -101.60 42.06 9.44
CA ARG L 291 -102.40 40.88 9.14
C ARG L 291 -102.21 40.50 7.70
N PHE L 292 -102.43 39.21 7.41
CA PHE L 292 -102.31 38.69 6.05
C PHE L 292 -103.58 37.94 5.70
N TYR L 293 -104.26 38.36 4.64
CA TYR L 293 -105.53 37.79 4.25
C TYR L 293 -105.41 37.04 2.92
N SER L 294 -106.22 35.99 2.78
CA SER L 294 -106.14 35.10 1.63
C SER L 294 -107.45 34.33 1.51
N THR L 295 -108.01 34.30 0.30
CA THR L 295 -109.33 33.70 0.11
C THR L 295 -109.24 32.18 0.12
N PRO L 296 -110.08 31.49 0.87
CA PRO L 296 -109.97 30.03 0.99
C PRO L 296 -110.74 29.24 -0.05
N VAL L 297 -110.96 29.81 -1.26
CA VAL L 297 -111.84 29.31 -2.32
C VAL L 297 -111.71 27.81 -2.56
N VAL L 298 -112.84 27.17 -2.90
CA VAL L 298 -113.09 25.77 -2.54
C VAL L 298 -112.13 24.83 -3.26
N GLY L 299 -111.66 23.83 -2.53
CA GLY L 299 -110.60 22.98 -3.02
C GLY L 299 -109.21 23.44 -2.61
N ALA L 300 -109.11 24.31 -1.62
CA ALA L 300 -107.83 24.88 -1.26
C ALA L 300 -107.14 24.06 -0.18
N PHE L 301 -105.83 24.17 -0.15
CA PHE L 301 -105.01 23.63 0.94
C PHE L 301 -104.09 24.73 1.44
N SER L 302 -103.80 24.70 2.73
CA SER L 302 -103.00 25.74 3.35
C SER L 302 -101.53 25.38 3.23
N ALA L 303 -100.78 26.21 2.51
CA ALA L 303 -99.33 26.06 2.40
C ALA L 303 -98.71 27.10 3.32
N ASN L 304 -98.55 26.73 4.59
CA ASN L 304 -98.17 27.63 5.69
C ASN L 304 -99.11 28.83 5.77
N GLY L 305 -100.40 28.54 5.94
CA GLY L 305 -101.38 29.58 6.13
C GLY L 305 -101.88 30.25 4.88
N VAL L 306 -101.33 29.92 3.72
CA VAL L 306 -101.71 30.54 2.46
C VAL L 306 -102.55 29.53 1.67
N TYR L 307 -103.74 29.94 1.25
CA TYR L 307 -104.66 29.03 0.59
C TYR L 307 -104.43 29.05 -0.92
N THR L 308 -104.17 27.87 -1.49
CA THR L 308 -103.78 27.77 -2.90
C THR L 308 -104.70 26.84 -3.69
N LEU L 309 -104.34 26.49 -4.93
CA LEU L 309 -105.16 25.62 -5.78
C LEU L 309 -104.29 24.79 -6.72
N MET L 310 -104.74 23.56 -7.02
CA MET L 310 -104.12 22.77 -8.09
C MET L 310 -104.74 23.08 -9.46
N ARG L 311 -105.96 22.61 -9.70
CA ARG L 311 -106.71 22.76 -10.96
C ARG L 311 -105.86 22.42 -12.20
N GLN L 312 -105.58 21.13 -12.38
CA GLN L 312 -105.03 20.66 -13.65
C GLN L 312 -105.92 21.06 -14.83
N LEU L 313 -105.31 21.74 -15.81
CA LEU L 313 -106.06 22.30 -16.93
C LEU L 313 -106.59 21.20 -17.85
N ALA L 314 -107.49 21.61 -18.74
CA ALA L 314 -108.00 20.70 -19.76
C ALA L 314 -106.93 20.40 -20.78
N GLN L 315 -107.00 19.20 -21.35
CA GLN L 315 -105.98 18.70 -22.24
C GLN L 315 -106.51 18.53 -23.65
N THR L 316 -105.66 18.82 -24.63
CA THR L 316 -106.03 18.75 -26.04
C THR L 316 -105.39 17.55 -26.73
N SER L 317 -104.07 17.42 -26.66
CA SER L 317 -103.39 16.31 -27.30
C SER L 317 -103.39 15.09 -26.38
N LEU L 318 -102.58 14.10 -26.71
CA LEU L 318 -102.54 12.90 -25.89
C LEU L 318 -101.45 13.02 -24.83
N TYR L 319 -100.27 13.49 -25.24
CA TYR L 319 -99.07 13.50 -24.40
C TYR L 319 -98.76 14.91 -23.88
N VAL L 320 -99.62 15.42 -22.99
CA VAL L 320 -99.37 16.72 -22.35
C VAL L 320 -100.20 16.77 -21.08
N ASP L 321 -99.76 17.58 -20.12
CA ASP L 321 -100.46 17.71 -18.84
C ASP L 321 -100.89 19.14 -18.50
N ASN L 322 -99.94 20.09 -18.48
CA ASN L 322 -100.19 21.54 -18.45
C ASN L 322 -100.95 21.99 -17.18
N PHE L 323 -100.26 21.92 -16.05
CA PHE L 323 -100.81 22.29 -14.75
C PHE L 323 -100.75 23.80 -14.49
N VAL L 324 -101.28 24.21 -13.32
CA VAL L 324 -101.24 25.59 -12.81
C VAL L 324 -101.24 25.49 -11.28
N VAL L 325 -100.92 26.60 -10.60
CA VAL L 325 -101.05 26.74 -9.14
C VAL L 325 -101.07 28.24 -8.84
N GLY L 326 -101.86 28.64 -7.85
CA GLY L 326 -101.93 30.05 -7.51
C GLY L 326 -102.71 30.34 -6.25
N CYS L 327 -102.64 31.59 -5.80
CA CYS L 327 -103.32 32.03 -4.58
C CYS L 327 -103.67 33.51 -4.70
N ILE L 328 -104.53 33.99 -3.80
CA ILE L 328 -105.03 35.35 -3.80
C ILE L 328 -104.65 36.01 -2.49
N PRO L 329 -103.61 36.87 -2.47
CA PRO L 329 -103.11 37.42 -1.21
C PRO L 329 -103.60 38.81 -0.85
N GLN L 330 -103.30 39.27 0.37
CA GLN L 330 -103.43 40.65 0.81
C GLN L 330 -102.72 40.88 2.14
N LEU L 331 -101.96 41.97 2.22
CA LEU L 331 -101.42 42.51 3.45
C LEU L 331 -102.34 43.63 3.94
N GLN L 332 -102.41 43.78 5.27
CA GLN L 332 -103.40 44.69 5.85
C GLN L 332 -102.87 45.26 7.16
N LEU L 333 -102.59 46.57 7.18
CA LEU L 333 -101.99 47.25 8.33
C LEU L 333 -102.94 48.32 8.84
N THR L 334 -103.47 48.12 10.04
CA THR L 334 -104.19 49.19 10.71
C THR L 334 -103.20 50.10 11.41
N THR L 335 -103.66 51.30 11.76
CA THR L 335 -103.13 52.09 12.87
C THR L 335 -101.64 52.41 12.71
N ARG L 336 -101.32 53.29 11.77
CA ARG L 336 -99.93 53.70 11.58
C ARG L 336 -99.49 54.70 12.66
N LYS L 337 -99.56 54.24 13.90
CA LYS L 337 -99.12 54.94 15.09
C LYS L 337 -97.92 54.28 15.73
N ASN L 338 -97.87 52.95 15.68
CA ASN L 338 -96.79 52.15 16.22
C ASN L 338 -95.59 52.04 15.29
N VAL L 339 -95.62 52.70 14.14
CA VAL L 339 -94.71 52.45 13.04
C VAL L 339 -93.64 53.54 13.00
N GLY L 340 -92.39 53.15 12.82
CA GLY L 340 -91.31 54.11 12.64
C GLY L 340 -90.26 53.65 11.65
N VAL L 341 -89.81 54.53 10.76
CA VAL L 341 -88.85 54.17 9.73
C VAL L 341 -87.62 55.06 9.85
N ILE L 342 -86.46 54.53 9.46
CA ILE L 342 -85.18 55.23 9.49
C ILE L 342 -84.59 55.22 8.07
N LYS L 343 -85.39 55.70 7.11
CA LYS L 343 -85.02 55.89 5.71
C LYS L 343 -83.58 56.35 5.49
N ASN L 344 -82.96 55.84 4.41
CA ASN L 344 -81.73 56.35 3.80
C ASN L 344 -80.52 56.25 4.73
N ILE L 345 -80.17 55.02 5.11
CA ILE L 345 -78.96 54.75 5.87
C ILE L 345 -77.82 54.53 4.87
N LYS L 346 -76.57 54.60 5.36
CA LYS L 346 -75.38 54.74 4.52
C LYS L 346 -75.17 53.55 3.59
N VAL L 347 -75.07 52.35 4.17
CA VAL L 347 -74.55 51.11 3.56
C VAL L 347 -73.55 51.25 2.41
N ALA M 2 68.54 -143.14 -79.45
CA ALA M 2 67.22 -142.72 -79.02
C ALA M 2 67.11 -142.77 -77.51
N LYS M 3 68.05 -142.14 -76.82
CA LYS M 3 68.07 -142.16 -75.36
C LYS M 3 66.97 -141.26 -74.81
N LEU M 4 66.39 -141.67 -73.69
CA LEU M 4 65.26 -140.97 -73.11
C LEU M 4 65.66 -139.95 -72.04
N ASN M 5 66.95 -139.63 -71.94
CA ASN M 5 67.40 -138.65 -70.97
C ASN M 5 68.30 -137.56 -71.53
N LEU M 6 68.95 -137.76 -72.68
CA LEU M 6 69.90 -136.77 -73.16
C LEU M 6 69.24 -135.49 -73.66
N ALA M 7 67.96 -135.55 -74.03
CA ALA M 7 67.29 -134.36 -74.54
C ALA M 7 66.75 -133.47 -73.44
N VAL M 8 66.41 -134.03 -72.28
CA VAL M 8 65.84 -133.26 -71.19
C VAL M 8 66.69 -133.38 -69.92
N LEU M 9 68.00 -133.52 -70.09
CA LEU M 9 68.87 -133.59 -68.93
C LEU M 9 69.00 -132.22 -68.28
N ASN M 10 69.03 -132.20 -66.96
CA ASN M 10 69.18 -130.97 -66.21
C ASN M 10 70.66 -130.58 -66.16
N ASN M 11 70.92 -129.28 -65.98
CA ASN M 11 72.26 -128.72 -66.06
C ASN M 11 72.54 -127.96 -64.75
N VAL M 12 73.30 -128.58 -63.86
CA VAL M 12 73.58 -128.01 -62.55
C VAL M 12 75.06 -127.62 -62.46
N PHE M 13 75.31 -126.42 -61.97
CA PHE M 13 76.65 -125.94 -61.68
C PHE M 13 77.07 -126.33 -60.26
N SER M 14 78.37 -126.42 -60.06
CA SER M 14 78.89 -126.75 -58.75
C SER M 14 78.85 -125.52 -57.84
N GLU M 15 78.80 -125.78 -56.54
CA GLU M 15 78.77 -124.70 -55.55
C GLU M 15 80.20 -124.23 -55.32
N LEU M 16 80.65 -123.35 -56.21
CA LEU M 16 82.02 -122.86 -56.18
C LEU M 16 82.08 -121.56 -56.97
N LEU M 17 82.92 -120.64 -56.50
CA LEU M 17 83.11 -119.36 -57.15
C LEU M 17 84.48 -118.81 -56.77
N THR M 18 85.24 -118.37 -57.78
CA THR M 18 86.57 -117.82 -57.55
C THR M 18 86.66 -116.41 -58.11
N GLN M 19 87.49 -115.60 -57.45
CA GLN M 19 87.79 -114.25 -57.89
C GLN M 19 89.10 -114.29 -58.68
N GLU M 20 89.04 -113.93 -59.96
CA GLU M 20 90.22 -113.90 -60.80
C GLU M 20 90.73 -112.49 -61.01
N ILE M 21 90.35 -111.57 -60.13
CA ILE M 21 90.90 -110.22 -60.13
C ILE M 21 91.75 -110.09 -58.87
N ASN M 22 92.82 -109.30 -58.96
CA ASN M 22 93.75 -109.18 -57.84
C ASN M 22 93.28 -108.04 -56.94
N ARG M 23 92.17 -108.31 -56.26
CA ARG M 23 91.47 -107.34 -55.43
C ARG M 23 91.75 -107.67 -53.96
N SER M 24 92.87 -107.15 -53.48
CA SER M 24 93.35 -107.44 -52.14
C SER M 24 93.43 -106.13 -51.35
N ALA M 25 92.56 -105.98 -50.37
CA ALA M 25 92.60 -104.87 -49.43
C ALA M 25 93.60 -105.23 -48.35
N THR M 26 94.89 -104.99 -48.63
CA THR M 26 95.97 -105.57 -47.84
C THR M 26 96.80 -104.52 -47.10
N PHE M 27 96.31 -103.30 -46.99
CA PHE M 27 96.94 -102.34 -46.09
C PHE M 27 95.97 -101.74 -45.09
N LEU M 28 94.72 -101.49 -45.48
CA LEU M 28 93.73 -101.07 -44.51
C LEU M 28 93.13 -102.23 -43.74
N GLY M 29 93.52 -103.46 -44.06
CA GLY M 29 93.15 -104.62 -43.29
C GLY M 29 93.96 -104.83 -42.02
N LEU M 30 94.88 -103.91 -41.72
CA LEU M 30 95.67 -104.02 -40.50
C LEU M 30 95.87 -102.66 -39.84
N LEU M 31 94.89 -101.76 -39.94
CA LEU M 31 95.06 -100.40 -39.45
C LEU M 31 94.26 -100.05 -38.21
N SER M 32 93.49 -100.98 -37.64
CA SER M 32 92.68 -100.78 -36.42
C SER M 32 91.69 -99.63 -36.60
N LYS M 33 90.69 -99.89 -37.45
CA LYS M 33 89.71 -98.89 -37.86
C LYS M 33 88.90 -98.35 -36.69
N TYR M 34 88.50 -97.08 -36.81
CA TYR M 34 87.77 -96.33 -35.80
C TYR M 34 86.59 -95.61 -36.43
N PRO M 35 85.59 -95.23 -35.64
CA PRO M 35 84.56 -94.32 -36.12
C PRO M 35 84.93 -92.87 -35.87
N GLU M 36 84.21 -91.97 -36.54
CA GLU M 36 84.43 -90.53 -36.32
C GLU M 36 83.11 -89.79 -36.58
N ARG M 37 82.41 -89.47 -35.50
CA ARG M 37 81.16 -88.73 -35.59
C ARG M 37 81.41 -87.25 -35.26
N LYS M 38 82.19 -86.62 -36.13
CA LYS M 38 82.62 -85.24 -35.87
C LYS M 38 82.94 -84.63 -37.23
N SER M 39 83.60 -83.47 -37.23
CA SER M 39 83.90 -82.74 -38.45
C SER M 39 85.32 -82.94 -38.94
N ASN M 40 86.29 -83.05 -38.04
CA ASN M 40 87.68 -83.24 -38.41
C ASN M 40 88.48 -83.78 -37.23
N ILE M 41 89.44 -84.65 -37.52
CA ILE M 41 90.27 -85.25 -36.48
C ILE M 41 91.24 -84.19 -35.97
N GLN M 42 91.24 -83.98 -34.65
CA GLN M 42 91.97 -82.86 -34.07
C GLN M 42 92.55 -83.32 -32.75
N TRP M 43 93.88 -83.29 -32.64
CA TRP M 43 94.56 -83.76 -31.44
C TRP M 43 95.68 -82.79 -31.11
N GLY M 44 96.57 -83.17 -30.20
CA GLY M 44 97.65 -82.30 -29.80
C GLY M 44 99.05 -82.90 -29.92
N VAL M 45 99.90 -82.26 -30.72
CA VAL M 45 101.28 -82.68 -30.90
C VAL M 45 102.16 -81.88 -29.97
N GLY M 46 102.96 -82.58 -29.17
CA GLY M 46 103.77 -81.91 -28.17
C GLY M 46 105.22 -81.73 -28.53
N MET M 47 105.65 -80.48 -28.71
CA MET M 47 107.04 -80.14 -28.94
C MET M 47 107.82 -80.07 -27.62
N GLY M 48 108.97 -79.41 -27.65
CA GLY M 48 109.86 -79.35 -26.50
C GLY M 48 109.39 -78.52 -25.33
N GLY M 49 110.31 -78.00 -24.53
CA GLY M 49 109.89 -77.39 -23.30
C GLY M 49 110.90 -77.27 -22.17
N THR M 50 110.53 -77.85 -21.02
CA THR M 50 111.15 -77.56 -19.74
C THR M 50 112.63 -77.94 -19.69
N THR M 51 113.46 -76.98 -19.29
CA THR M 51 114.87 -77.23 -19.01
C THR M 51 115.07 -77.38 -17.50
N ALA M 52 116.14 -78.08 -17.13
CA ALA M 52 116.42 -78.37 -15.72
C ALA M 52 117.92 -78.38 -15.51
N THR M 53 118.44 -77.36 -14.82
CA THR M 53 119.85 -77.28 -14.50
C THR M 53 120.09 -77.63 -13.04
N GLY M 54 121.32 -78.03 -12.74
CA GLY M 54 121.67 -78.47 -11.41
C GLY M 54 122.13 -77.31 -10.54
N VAL M 55 121.50 -77.16 -9.38
CA VAL M 55 121.82 -76.11 -8.44
C VAL M 55 122.41 -76.75 -7.19
N ALA M 56 122.98 -75.91 -6.32
CA ALA M 56 123.49 -76.38 -5.05
C ALA M 56 122.34 -76.72 -4.11
N ILE M 57 122.66 -77.41 -3.02
CA ILE M 57 121.64 -77.80 -2.05
C ILE M 57 121.11 -76.57 -1.32
N THR M 58 122.01 -75.80 -0.72
CA THR M 58 121.65 -74.50 -0.15
C THR M 58 121.86 -73.41 -1.20
N GLY M 59 121.07 -73.51 -2.28
CA GLY M 59 121.23 -72.61 -3.39
C GLY M 59 120.05 -71.69 -3.60
N SER M 60 119.46 -71.75 -4.79
CA SER M 60 118.37 -70.86 -5.14
C SER M 60 117.46 -71.62 -6.12
N ALA M 61 116.60 -70.89 -6.81
CA ALA M 61 115.73 -71.51 -7.79
C ALA M 61 116.09 -71.02 -9.19
N PRO M 62 116.02 -71.88 -10.19
CA PRO M 62 116.30 -71.46 -11.57
C PRO M 62 115.11 -70.72 -12.17
N ALA M 63 115.25 -70.37 -13.44
CA ALA M 63 114.21 -69.66 -14.16
C ALA M 63 113.10 -70.60 -14.59
N ALA M 64 111.91 -70.05 -14.75
CA ALA M 64 110.74 -70.86 -15.07
C ALA M 64 110.74 -71.28 -16.53
N SER M 65 110.12 -72.43 -16.80
CA SER M 65 110.03 -72.95 -18.15
C SER M 65 108.84 -73.89 -18.24
N MET M 66 108.15 -73.86 -19.38
CA MET M 66 106.95 -74.63 -19.63
C MET M 66 107.12 -75.42 -20.92
N ASP M 67 106.22 -76.36 -21.15
CA ASP M 67 106.22 -77.17 -22.36
C ASP M 67 105.44 -76.44 -23.46
N ALA M 68 105.14 -77.14 -24.56
CA ALA M 68 104.37 -76.54 -25.65
C ALA M 68 103.69 -77.66 -26.42
N THR M 69 102.37 -77.54 -26.60
CA THR M 69 101.62 -78.48 -27.41
C THR M 69 100.98 -77.76 -28.58
N LEU M 70 100.88 -78.46 -29.71
CA LEU M 70 100.44 -77.89 -30.98
C LEU M 70 99.32 -78.75 -31.56
N PRO M 71 98.39 -78.15 -32.30
CA PRO M 71 97.28 -78.93 -32.85
C PRO M 71 97.58 -79.54 -34.22
N ALA M 72 96.65 -80.31 -34.82
CA ALA M 72 96.94 -80.90 -36.13
C ALA M 72 95.84 -80.77 -37.18
N GLN M 73 94.58 -80.91 -36.80
CA GLN M 73 93.33 -80.54 -37.48
C GLN M 73 92.80 -81.36 -38.67
N LEU M 74 93.61 -82.19 -39.40
CA LEU M 74 93.23 -83.34 -40.28
C LEU M 74 91.80 -83.46 -40.82
N PRO M 75 91.40 -82.66 -41.80
CA PRO M 75 89.96 -82.53 -42.11
C PRO M 75 89.34 -83.74 -42.82
N ILE M 76 88.12 -84.10 -42.38
CA ILE M 76 87.27 -85.05 -43.09
C ILE M 76 85.87 -84.40 -43.21
N SER M 77 85.67 -83.62 -44.26
CA SER M 77 84.37 -82.98 -44.42
C SER M 77 83.90 -82.80 -45.85
N ALA M 78 84.66 -83.25 -46.85
CA ALA M 78 84.39 -82.87 -48.22
C ALA M 78 83.93 -84.03 -49.08
N ALA M 79 84.73 -85.09 -49.19
CA ALA M 79 84.55 -86.07 -50.26
C ALA M 79 84.16 -87.43 -49.70
N SER M 80 83.79 -88.32 -50.63
CA SER M 80 83.46 -89.69 -50.30
C SER M 80 83.74 -90.55 -51.53
N VAL M 81 83.77 -91.87 -51.32
CA VAL M 81 84.02 -92.84 -52.37
C VAL M 81 82.74 -93.64 -52.57
N GLN M 82 82.23 -93.68 -53.79
CA GLN M 82 80.93 -94.27 -54.05
C GLN M 82 80.98 -95.25 -55.22
N SER M 83 79.92 -96.06 -55.31
CA SER M 83 79.72 -97.00 -56.42
C SER M 83 78.23 -97.30 -56.49
N THR M 84 77.78 -97.68 -57.69
CA THR M 84 76.36 -97.92 -57.92
C THR M 84 76.16 -99.13 -58.83
N PHE M 85 74.93 -99.62 -58.88
CA PHE M 85 74.54 -100.79 -59.66
C PHE M 85 73.03 -100.83 -59.81
N THR M 86 72.56 -101.40 -60.92
CA THR M 86 71.15 -101.45 -61.26
C THR M 86 70.68 -102.89 -61.36
N LEU M 87 69.45 -103.15 -60.94
CA LEU M 87 68.83 -104.46 -61.04
C LEU M 87 67.41 -104.34 -61.58
N ASN M 88 66.86 -105.48 -61.97
CA ASN M 88 65.44 -105.60 -62.27
C ASN M 88 64.70 -106.16 -61.06
N LEU M 89 63.40 -106.33 -61.22
CA LEU M 89 62.65 -107.11 -60.25
C LEU M 89 62.49 -108.56 -60.70
N LYS M 90 62.56 -108.80 -62.00
CA LYS M 90 62.58 -110.17 -62.51
C LYS M 90 63.98 -110.77 -62.39
N GLU M 91 65.02 -109.95 -62.42
CA GLU M 91 66.38 -110.46 -62.30
C GLU M 91 66.78 -110.70 -60.85
N ILE M 92 66.15 -110.00 -59.89
CA ILE M 92 66.40 -110.30 -58.48
C ILE M 92 65.58 -111.50 -58.02
N GLU M 93 64.48 -111.80 -58.69
CA GLU M 93 63.84 -113.10 -58.68
C GLU M 93 64.54 -113.92 -59.77
N GLU M 94 64.17 -115.19 -59.96
CA GLU M 94 64.51 -116.00 -61.14
C GLU M 94 66.01 -116.38 -61.20
N SER M 95 66.83 -115.78 -60.33
CA SER M 95 68.15 -116.29 -60.01
C SER M 95 68.16 -116.82 -58.59
N LYS M 96 67.00 -116.89 -57.96
CA LYS M 96 66.84 -117.49 -56.65
C LYS M 96 66.57 -118.99 -56.76
N GLU M 97 66.11 -119.45 -57.94
CA GLU M 97 65.91 -120.86 -58.18
C GLU M 97 66.76 -121.42 -59.30
N GLN M 98 67.52 -120.59 -60.01
CA GLN M 98 68.36 -121.07 -61.09
C GLN M 98 69.85 -121.07 -60.76
N VAL M 99 70.25 -120.61 -59.58
CA VAL M 99 71.65 -120.53 -59.20
C VAL M 99 71.84 -121.32 -57.91
N THR M 100 72.84 -122.20 -57.89
CA THR M 100 73.21 -122.95 -56.68
C THR M 100 74.61 -122.48 -56.28
N ASN M 101 74.67 -121.41 -55.50
CA ASN M 101 75.96 -120.94 -55.03
C ASN M 101 75.92 -120.67 -53.53
N GLU M 102 74.74 -120.28 -53.02
CA GLU M 102 74.42 -119.83 -51.66
C GLU M 102 75.01 -118.46 -51.32
N GLU M 103 75.82 -117.87 -52.19
CA GLU M 103 76.23 -116.47 -52.04
C GLU M 103 75.97 -115.67 -53.30
N LEU M 104 75.23 -116.22 -54.25
CA LEU M 104 74.92 -115.51 -55.48
C LEU M 104 73.43 -115.62 -55.81
N ARG M 105 72.65 -116.34 -55.01
CA ARG M 105 71.20 -116.33 -55.15
C ARG M 105 70.64 -114.95 -54.83
N ASN M 106 71.01 -114.40 -53.67
CA ASN M 106 70.56 -113.07 -53.30
C ASN M 106 71.31 -112.05 -54.14
N LEU M 107 70.77 -111.74 -55.32
CA LEU M 107 71.51 -110.98 -56.33
C LEU M 107 71.68 -109.53 -55.92
N LEU M 108 70.83 -109.02 -55.02
CA LEU M 108 71.09 -107.72 -54.41
C LEU M 108 72.31 -107.80 -53.51
N GLU M 109 72.31 -108.73 -52.56
CA GLU M 109 73.37 -108.81 -51.57
C GLU M 109 74.67 -109.36 -52.17
N ALA M 110 74.59 -110.13 -53.25
CA ALA M 110 75.80 -110.64 -53.89
C ALA M 110 76.56 -109.54 -54.60
N GLN M 111 75.87 -108.49 -55.03
CA GLN M 111 76.51 -107.32 -55.63
C GLN M 111 76.82 -106.25 -54.60
N MET M 112 75.96 -106.10 -53.59
CA MET M 112 76.21 -105.16 -52.50
C MET M 112 77.48 -105.51 -51.74
N ARG M 113 77.75 -106.80 -51.56
CA ARG M 113 79.02 -107.25 -51.01
C ARG M 113 80.14 -107.11 -52.02
N ASN M 114 79.82 -107.13 -53.32
CA ASN M 114 80.83 -107.06 -54.37
C ASN M 114 81.22 -105.62 -54.67
N ALA M 115 80.45 -104.64 -54.19
CA ALA M 115 80.83 -103.25 -54.33
C ALA M 115 81.51 -102.70 -53.08
N VAL M 116 81.28 -103.33 -51.92
CA VAL M 116 82.02 -102.98 -50.71
C VAL M 116 83.49 -103.34 -50.86
N GLU M 117 83.78 -104.52 -51.42
CA GLU M 117 85.17 -104.90 -51.66
C GLU M 117 85.80 -104.04 -52.75
N GLU M 118 85.01 -103.52 -53.68
CA GLU M 118 85.56 -102.65 -54.69
C GLU M 118 85.85 -101.25 -54.14
N ILE M 119 85.03 -100.78 -53.21
CA ILE M 119 85.35 -99.54 -52.49
C ILE M 119 86.61 -99.73 -51.65
N ALA M 120 86.76 -100.90 -51.03
CA ALA M 120 87.91 -101.12 -50.17
C ALA M 120 89.21 -101.27 -50.95
N THR M 121 89.15 -101.71 -52.21
CA THR M 121 90.38 -101.88 -52.97
C THR M 121 90.78 -100.63 -53.74
N THR M 122 89.88 -99.67 -53.90
CA THR M 122 90.25 -98.36 -54.39
C THR M 122 90.51 -97.39 -53.26
N LEU M 123 90.48 -97.89 -52.02
CA LEU M 123 90.69 -97.08 -50.84
C LEU M 123 92.13 -97.17 -50.35
N ASN M 124 92.70 -98.37 -50.29
CA ASN M 124 94.11 -98.48 -49.99
C ASN M 124 95.00 -98.13 -51.17
N LYS M 125 94.44 -98.08 -52.38
CA LYS M 125 95.17 -97.46 -53.47
C LYS M 125 95.36 -95.97 -53.19
N LYS M 126 94.39 -95.35 -52.54
CA LYS M 126 94.48 -93.95 -52.14
C LYS M 126 94.99 -93.78 -50.72
N LEU M 127 95.53 -94.82 -50.11
CA LEU M 127 96.28 -94.64 -48.87
C LEU M 127 97.77 -94.47 -49.13
N TYR M 128 98.22 -94.71 -50.36
CA TYR M 128 99.60 -94.44 -50.73
C TYR M 128 99.75 -93.20 -51.59
N ASP M 129 98.73 -92.84 -52.37
CA ASP M 129 98.70 -91.60 -53.13
C ASP M 129 97.43 -90.84 -52.80
N GLY M 130 97.22 -89.73 -53.50
CA GLY M 130 95.99 -88.97 -53.32
C GLY M 130 96.17 -87.80 -52.40
N SER M 131 96.30 -86.60 -52.96
CA SER M 131 96.59 -85.40 -52.19
C SER M 131 95.31 -84.58 -52.05
N GLY M 132 94.46 -85.00 -51.11
CA GLY M 132 93.17 -84.37 -50.95
C GLY M 132 92.29 -84.72 -52.12
N ALA M 133 92.01 -83.73 -52.99
CA ALA M 133 91.70 -83.95 -54.39
C ALA M 133 90.47 -84.83 -54.65
N ILE M 134 89.26 -84.27 -54.49
CA ILE M 134 87.95 -84.92 -54.36
C ILE M 134 87.76 -86.17 -55.22
N ALA M 135 88.28 -86.12 -56.46
CA ALA M 135 88.29 -87.30 -57.32
C ALA M 135 89.15 -88.45 -56.78
N ASP M 136 90.06 -88.20 -55.85
CA ASP M 136 90.77 -89.30 -55.20
C ASP M 136 89.98 -89.89 -54.05
N GLY M 137 89.18 -89.08 -53.37
CA GLY M 137 88.29 -89.61 -52.36
C GLY M 137 88.45 -89.00 -50.99
N GLY M 138 89.07 -87.84 -50.91
CA GLY M 138 89.23 -87.16 -49.64
C GLY M 138 90.36 -87.65 -48.77
N LEU M 139 91.06 -88.71 -49.17
CA LEU M 139 92.17 -89.21 -48.37
C LEU M 139 93.41 -88.35 -48.55
N ILE M 140 94.41 -88.62 -47.72
CA ILE M 140 95.64 -87.84 -47.68
C ILE M 140 96.86 -88.67 -48.02
N GLY M 141 96.97 -89.87 -47.46
CA GLY M 141 97.88 -90.87 -47.98
C GLY M 141 99.33 -90.66 -47.58
N LEU M 142 100.11 -91.73 -47.69
CA LEU M 142 101.50 -91.74 -47.26
C LEU M 142 102.46 -91.13 -48.25
N SER M 143 101.97 -90.57 -49.36
CA SER M 143 102.87 -89.87 -50.28
C SER M 143 103.36 -88.57 -49.66
N ILE M 144 102.51 -87.90 -48.89
CA ILE M 144 102.89 -86.65 -48.24
C ILE M 144 102.74 -86.72 -46.72
N ALA M 145 102.30 -87.86 -46.18
CA ALA M 145 102.32 -88.07 -44.75
C ALA M 145 103.63 -88.68 -44.28
N ALA M 146 104.52 -89.03 -45.19
CA ALA M 146 105.81 -89.61 -44.89
C ALA M 146 106.92 -88.87 -45.63
N SER M 147 106.87 -87.53 -45.59
CA SER M 147 107.89 -86.72 -46.23
C SER M 147 108.00 -85.42 -45.45
N GLY M 148 108.67 -84.44 -46.05
CA GLY M 148 108.85 -83.14 -45.41
C GLY M 148 107.71 -82.18 -45.65
N GLN M 149 106.62 -82.68 -46.21
CA GLN M 149 105.43 -81.89 -46.44
C GLN M 149 104.75 -81.57 -45.10
N ASP M 150 103.82 -80.62 -45.14
CA ASP M 150 103.30 -80.05 -43.90
C ASP M 150 102.30 -80.99 -43.22
N TYR M 151 101.25 -81.36 -43.94
CA TYR M 151 100.35 -82.48 -43.70
C TYR M 151 99.39 -82.33 -42.51
N ALA M 152 99.70 -81.52 -41.51
CA ALA M 152 98.62 -81.29 -40.55
C ALA M 152 98.34 -79.81 -40.37
N GLY M 153 99.25 -79.11 -39.72
CA GLY M 153 99.32 -77.67 -39.79
C GLY M 153 100.75 -77.24 -39.67
N ILE M 154 101.62 -78.20 -39.37
CA ILE M 154 102.97 -77.91 -38.92
C ILE M 154 103.91 -77.95 -40.11
N SER M 155 104.52 -76.82 -40.43
CA SER M 155 105.55 -76.80 -41.44
C SER M 155 106.80 -77.47 -40.91
N SER M 156 107.54 -78.12 -41.81
CA SER M 156 108.80 -78.71 -41.43
C SER M 156 109.87 -77.65 -41.17
N ALA M 157 109.72 -76.46 -41.74
CA ALA M 157 110.73 -75.42 -41.58
C ALA M 157 110.64 -74.76 -40.22
N THR M 158 109.43 -74.46 -39.75
CA THR M 158 109.27 -73.83 -38.45
C THR M 158 109.43 -74.82 -37.30
N TYR M 159 109.33 -76.11 -37.57
CA TYR M 159 109.55 -77.15 -36.57
C TYR M 159 110.25 -78.33 -37.25
N PRO M 160 111.59 -78.40 -37.19
CA PRO M 160 112.31 -79.45 -37.89
C PRO M 160 112.27 -80.81 -37.21
N LEU M 161 111.56 -80.94 -36.10
CA LEU M 161 111.34 -82.21 -35.43
C LEU M 161 110.16 -82.97 -36.03
N TRP M 162 109.60 -82.46 -37.12
CA TRP M 162 108.38 -82.96 -37.75
C TRP M 162 108.70 -83.49 -39.14
N ASN M 163 109.78 -84.27 -39.25
CA ASN M 163 110.25 -84.83 -40.51
C ASN M 163 110.25 -86.35 -40.47
N VAL M 164 110.65 -86.93 -41.59
CA VAL M 164 110.81 -88.37 -41.77
C VAL M 164 112.26 -88.62 -42.17
N SER M 165 112.87 -89.66 -41.59
CA SER M 165 114.23 -90.04 -41.95
C SER M 165 114.27 -90.53 -43.40
N GLU M 166 115.20 -90.00 -44.19
CA GLU M 166 115.22 -90.20 -45.62
C GLU M 166 116.58 -90.69 -46.08
N VAL M 167 116.60 -91.76 -46.88
CA VAL M 167 117.79 -92.39 -47.42
C VAL M 167 117.63 -92.39 -48.94
N ASP M 168 117.25 -91.22 -49.48
CA ASP M 168 117.13 -90.96 -50.92
C ASP M 168 118.30 -91.52 -51.71
N ALA M 169 118.00 -92.46 -52.60
CA ALA M 169 119.03 -93.19 -53.34
C ALA M 169 119.38 -92.55 -54.67
N TRP M 170 118.95 -91.33 -54.91
CA TRP M 170 119.36 -90.59 -56.11
C TRP M 170 120.80 -90.12 -55.92
N ASP M 171 121.70 -90.58 -56.79
CA ASP M 171 123.13 -90.36 -56.57
C ASP M 171 123.52 -88.91 -56.82
N ALA M 172 123.14 -88.37 -57.98
CA ALA M 172 123.41 -87.00 -58.43
C ALA M 172 124.91 -86.71 -58.52
N ASN M 173 125.71 -87.76 -58.70
CA ASN M 173 127.14 -87.62 -58.93
C ASN M 173 127.61 -88.63 -59.97
N ALA M 174 126.69 -89.42 -60.53
CA ALA M 174 127.03 -90.45 -61.49
C ALA M 174 126.78 -89.94 -62.91
N THR M 175 127.34 -90.65 -63.88
CA THR M 175 127.35 -90.21 -65.27
C THR M 175 126.24 -90.82 -66.11
N GLY M 176 125.28 -91.50 -65.49
CA GLY M 176 124.16 -92.06 -66.21
C GLY M 176 123.04 -91.04 -66.38
N THR M 177 121.95 -91.51 -66.99
CA THR M 177 120.74 -90.69 -67.10
C THR M 177 119.77 -90.93 -65.97
N ASP M 178 119.93 -92.00 -65.20
CA ASP M 178 119.19 -92.21 -63.97
C ASP M 178 120.20 -92.56 -62.87
N LYS M 179 120.44 -91.61 -61.97
CA LYS M 179 121.47 -91.73 -60.94
C LYS M 179 120.92 -92.51 -59.75
N ARG M 180 120.58 -93.78 -60.01
CA ARG M 180 119.82 -94.59 -59.06
C ARG M 180 120.64 -95.79 -58.65
N GLN M 181 121.25 -95.73 -57.47
CA GLN M 181 121.92 -96.86 -56.88
C GLN M 181 120.89 -97.94 -56.54
N ALA M 182 121.30 -99.20 -56.60
CA ALA M 182 120.26 -100.22 -56.66
C ALA M 182 119.69 -100.60 -55.29
N LEU M 183 120.38 -101.44 -54.53
CA LEU M 183 119.97 -101.74 -53.16
C LEU M 183 121.20 -102.11 -52.33
N LYS M 184 122.18 -101.20 -52.27
CA LYS M 184 123.34 -101.40 -51.41
C LYS M 184 122.94 -101.71 -49.98
N THR M 185 123.73 -102.58 -49.33
CA THR M 185 123.42 -103.07 -47.99
C THR M 185 123.35 -101.97 -46.96
N ASP M 186 124.08 -100.87 -47.19
CA ASP M 186 124.12 -99.76 -46.23
C ASP M 186 122.78 -99.05 -46.13
N PHE M 187 121.98 -99.05 -47.20
CA PHE M 187 120.70 -98.35 -47.23
C PHE M 187 119.73 -98.87 -46.18
N MET M 188 119.80 -100.15 -45.84
CA MET M 188 118.86 -100.71 -44.89
C MET M 188 119.16 -100.28 -43.47
N LEU M 189 120.44 -100.13 -43.12
CA LEU M 189 120.81 -99.78 -41.75
C LEU M 189 121.35 -98.37 -41.62
N GLU M 190 121.47 -97.61 -42.71
CA GLU M 190 121.68 -96.18 -42.57
C GLU M 190 120.37 -95.50 -42.21
N LEU M 191 119.24 -96.13 -42.55
CA LEU M 191 117.96 -95.66 -42.07
C LEU M 191 117.79 -95.95 -40.58
N ASP M 192 118.30 -97.10 -40.12
CA ASP M 192 118.15 -97.46 -38.72
C ASP M 192 119.05 -96.60 -37.83
N ARG M 193 120.14 -96.07 -38.37
CA ARG M 193 120.95 -95.11 -37.63
C ARG M 193 120.21 -93.79 -37.47
N LYS M 194 119.32 -93.47 -38.40
CA LYS M 194 118.62 -92.20 -38.39
C LYS M 194 117.26 -92.25 -37.70
N ILE M 195 116.70 -93.44 -37.48
CA ILE M 195 115.51 -93.54 -36.64
C ILE M 195 115.88 -93.36 -35.17
N ARG M 196 116.99 -93.98 -34.74
CA ARG M 196 117.29 -94.06 -33.31
C ARG M 196 117.73 -92.73 -32.72
N TYR M 197 118.22 -91.79 -33.54
CA TYR M 197 118.58 -90.49 -33.00
C TYR M 197 117.36 -89.66 -32.61
N ARG M 198 116.23 -89.88 -33.26
CA ARG M 198 114.98 -89.36 -32.76
C ARG M 198 114.25 -90.55 -32.16
N PRO M 199 114.48 -90.85 -30.88
CA PRO M 199 114.47 -92.24 -30.40
C PRO M 199 113.15 -92.99 -30.48
N GLY M 200 112.80 -93.45 -31.68
CA GLY M 200 111.61 -94.23 -31.90
C GLY M 200 111.93 -95.64 -32.39
N ALA M 201 110.86 -96.38 -32.66
CA ALA M 201 110.97 -97.76 -33.12
C ALA M 201 109.99 -97.99 -34.25
N TYR M 202 110.23 -99.04 -35.03
CA TYR M 202 109.41 -99.37 -36.18
C TYR M 202 109.04 -100.84 -36.16
N ASP M 203 107.94 -101.16 -36.84
CA ASP M 203 107.40 -102.52 -36.85
C ASP M 203 107.01 -103.04 -38.22
N LEU M 204 106.92 -102.18 -39.25
CA LEU M 204 106.44 -102.60 -40.56
C LEU M 204 107.33 -102.01 -41.64
N ILE M 205 107.53 -102.79 -42.70
CA ILE M 205 108.34 -102.42 -43.85
C ILE M 205 107.47 -102.61 -45.10
N LEU M 206 106.26 -102.05 -45.09
CA LEU M 206 105.37 -102.06 -46.25
C LEU M 206 106.06 -101.60 -47.53
N THR M 207 106.22 -102.51 -48.48
CA THR M 207 106.99 -102.25 -49.70
C THR M 207 106.22 -102.68 -50.93
N THR M 208 106.92 -102.68 -52.05
CA THR M 208 106.39 -103.28 -53.28
C THR M 208 107.01 -104.67 -53.46
N PRO M 209 106.36 -105.57 -54.21
CA PRO M 209 106.98 -106.88 -54.44
C PRO M 209 108.11 -106.85 -55.46
N LYS M 210 108.30 -105.76 -56.19
CA LYS M 210 109.46 -105.64 -57.07
C LYS M 210 110.73 -105.29 -56.33
N VAL M 211 110.65 -104.93 -55.05
CA VAL M 211 111.84 -104.61 -54.28
C VAL M 211 112.15 -105.69 -53.24
N VAL M 212 111.18 -106.52 -52.87
CA VAL M 212 111.45 -107.66 -51.99
C VAL M 212 112.25 -108.71 -52.75
N GLU M 213 112.01 -108.84 -54.06
CA GLU M 213 112.83 -109.70 -54.91
C GLU M 213 114.26 -109.20 -54.99
N GLN M 214 114.46 -107.89 -54.90
CA GLN M 214 115.80 -107.34 -54.84
C GLN M 214 116.39 -107.45 -53.44
N TYR M 215 115.54 -107.58 -52.42
CA TYR M 215 116.00 -107.74 -51.04
C TYR M 215 116.64 -109.09 -50.79
N LYS M 216 116.23 -110.12 -51.54
CA LYS M 216 116.70 -111.48 -51.27
C LYS M 216 118.14 -111.67 -51.72
N LYS M 217 118.48 -111.17 -52.91
CA LYS M 217 119.82 -111.35 -53.45
C LYS M 217 120.85 -110.57 -52.66
N VAL M 218 120.46 -109.41 -52.14
CA VAL M 218 121.36 -108.59 -51.34
C VAL M 218 121.58 -109.22 -49.97
N PHE M 219 120.48 -109.47 -49.25
CA PHE M 219 120.52 -110.06 -47.91
C PHE M 219 120.41 -111.58 -47.98
N GLU M 220 121.31 -112.17 -48.76
CA GLU M 220 121.31 -113.61 -48.95
C GLU M 220 121.90 -114.32 -47.74
N ALA M 221 123.05 -113.86 -47.27
CA ALA M 221 123.70 -114.38 -46.06
C ALA M 221 124.17 -113.19 -45.24
N ASN M 222 123.31 -112.68 -44.37
CA ASN M 222 123.68 -111.54 -43.54
C ASN M 222 123.27 -111.70 -42.09
N ARG M 223 122.50 -112.72 -41.74
CA ARG M 223 122.04 -113.06 -40.39
C ARG M 223 121.15 -111.99 -39.76
N SER M 224 120.64 -111.05 -40.55
CA SER M 224 119.52 -110.23 -40.15
C SER M 224 118.25 -110.65 -40.88
N TYR M 225 118.28 -111.80 -41.53
CA TYR M 225 117.22 -112.28 -42.41
C TYR M 225 116.70 -113.60 -41.89
N GLN M 226 115.44 -113.61 -41.44
CA GLN M 226 114.79 -114.80 -40.91
C GLN M 226 113.44 -114.95 -41.58
N ILE M 227 113.01 -116.19 -41.79
CA ILE M 227 111.77 -116.43 -42.54
C ILE M 227 110.52 -116.00 -41.77
N MET M 228 110.54 -116.15 -40.44
CA MET M 228 109.52 -115.67 -39.48
C MET M 228 108.08 -116.02 -39.90
N THR M 229 107.78 -117.31 -39.73
CA THR M 229 106.43 -117.83 -39.92
C THR M 229 105.39 -117.03 -39.13
N PHE M 230 105.67 -116.76 -37.86
CA PHE M 230 104.77 -115.93 -37.07
C PHE M 230 105.30 -114.50 -36.93
N PHE M 242 100.99 -117.62 -44.30
CA PHE M 242 102.21 -118.00 -45.00
C PHE M 242 103.37 -117.11 -44.56
N ASN M 243 104.52 -117.25 -45.22
CA ASN M 243 105.76 -116.71 -44.72
C ASN M 243 106.06 -115.34 -45.30
N VAL M 244 106.86 -114.56 -44.56
CA VAL M 244 107.18 -113.18 -44.89
C VAL M 244 108.70 -113.11 -45.09
N ALA M 245 109.19 -111.95 -45.52
CA ALA M 245 110.62 -111.79 -45.78
C ALA M 245 111.43 -111.76 -44.49
N GLY M 246 111.17 -110.77 -43.62
CA GLY M 246 111.71 -110.83 -42.27
C GLY M 246 113.02 -110.15 -41.92
N TYR M 247 113.13 -108.84 -42.11
CA TYR M 247 114.32 -108.11 -41.68
C TYR M 247 114.28 -107.87 -40.16
N MET M 248 115.17 -108.56 -39.44
CA MET M 248 115.39 -108.39 -37.99
C MET M 248 114.12 -108.57 -37.16
N GLY M 249 113.30 -109.54 -37.53
CA GLY M 249 112.08 -109.81 -36.80
C GLY M 249 110.90 -108.93 -37.15
N ARG M 250 111.17 -107.78 -37.74
CA ARG M 250 110.10 -106.94 -38.25
C ARG M 250 109.76 -107.37 -39.67
N PRO M 251 108.53 -107.80 -39.94
CA PRO M 251 108.22 -108.40 -41.24
C PRO M 251 108.18 -107.37 -42.37
N ILE M 252 108.35 -107.86 -43.58
CA ILE M 252 108.36 -107.02 -44.78
C ILE M 252 107.11 -107.38 -45.57
N ILE M 253 106.03 -106.66 -45.35
CA ILE M 253 104.80 -106.84 -46.10
C ILE M 253 104.94 -106.14 -47.44
N ASP M 254 104.42 -106.73 -48.50
CA ASP M 254 104.48 -106.10 -49.82
C ASP M 254 103.09 -105.90 -50.38
N ASP M 255 102.80 -104.69 -50.84
CA ASP M 255 101.54 -104.40 -51.50
C ASP M 255 101.80 -104.12 -52.96
N VAL M 256 100.88 -104.58 -53.81
CA VAL M 256 100.98 -104.31 -55.24
C VAL M 256 100.69 -102.85 -55.51
N PHE M 257 99.82 -102.24 -54.72
CA PHE M 257 99.35 -100.88 -54.93
C PHE M 257 100.21 -99.82 -54.25
N CYS M 258 101.44 -100.14 -53.91
CA CYS M 258 102.29 -99.23 -53.16
C CYS M 258 103.12 -98.37 -54.10
N SER M 259 103.18 -97.09 -53.81
CA SER M 259 103.90 -96.10 -54.62
C SER M 259 104.06 -94.84 -53.77
N ARG M 260 104.60 -93.79 -54.38
CA ARG M 260 104.55 -92.44 -53.81
C ARG M 260 104.69 -91.43 -54.93
N THR M 261 103.96 -90.33 -54.80
CA THR M 261 104.06 -89.27 -55.78
C THR M 261 105.24 -88.38 -55.44
N ARG M 262 106.12 -88.18 -56.42
CA ARG M 262 107.26 -87.30 -56.22
C ARG M 262 106.80 -85.86 -56.12
N THR M 263 107.42 -85.11 -55.21
CA THR M 263 107.00 -83.74 -54.96
C THR M 263 107.46 -82.81 -56.09
N ALA M 264 106.97 -81.58 -56.04
CA ALA M 264 107.33 -80.59 -57.04
C ALA M 264 108.77 -80.12 -56.90
N ALA M 265 109.36 -80.25 -55.70
CA ALA M 265 110.78 -79.97 -55.55
C ALA M 265 111.63 -81.03 -56.21
N GLU M 266 111.10 -82.25 -56.34
CA GLU M 266 111.76 -83.32 -57.06
C GLU M 266 111.22 -83.37 -58.49
N SER M 267 111.52 -82.32 -59.24
CA SER M 267 111.03 -82.21 -60.61
C SER M 267 112.07 -82.55 -61.65
N ALA M 268 113.36 -82.31 -61.37
CA ALA M 268 114.41 -82.74 -62.29
C ALA M 268 114.60 -84.25 -62.26
N ILE M 269 114.11 -84.92 -61.22
CA ILE M 269 114.14 -86.38 -61.15
C ILE M 269 112.96 -86.99 -61.86
N THR M 270 111.96 -86.19 -62.24
CA THR M 270 110.77 -86.67 -62.92
C THR M 270 110.94 -86.64 -64.43
N THR M 271 111.58 -85.59 -64.96
CA THR M 271 111.81 -85.51 -66.40
C THR M 271 112.84 -86.55 -66.86
N ALA M 272 113.79 -86.90 -65.99
CA ALA M 272 114.78 -87.91 -66.35
C ALA M 272 114.22 -89.32 -66.34
N LEU M 273 113.14 -89.55 -65.61
CA LEU M 273 112.50 -90.86 -65.58
C LEU M 273 111.18 -90.89 -66.33
N GLY M 274 110.66 -89.76 -66.75
CA GLY M 274 109.40 -89.71 -67.46
C GLY M 274 108.17 -89.64 -66.60
N THR M 275 108.11 -90.47 -65.57
CA THR M 275 106.92 -90.60 -64.73
C THR M 275 107.22 -90.11 -63.32
N ALA M 276 106.20 -90.21 -62.47
CA ALA M 276 106.29 -89.80 -61.07
C ALA M 276 105.67 -90.83 -60.14
N VAL M 277 105.74 -92.12 -60.50
CA VAL M 277 105.01 -93.14 -59.74
C VAL M 277 105.89 -93.69 -58.62
N ASP M 278 107.19 -93.87 -58.89
CA ASP M 278 108.23 -94.19 -57.91
C ASP M 278 107.97 -95.47 -57.12
N GLU M 279 108.07 -96.63 -57.79
CA GLU M 279 107.76 -97.90 -57.17
C GLU M 279 108.87 -98.43 -56.25
N GLY M 280 109.96 -97.69 -56.12
CA GLY M 280 111.05 -98.10 -55.24
C GLY M 280 111.02 -97.51 -53.84
N VAL M 281 110.12 -97.98 -52.98
CA VAL M 281 109.92 -97.40 -51.65
C VAL M 281 110.13 -98.47 -50.59
N MET M 282 110.27 -98.04 -49.33
CA MET M 282 110.43 -99.01 -48.25
C MET M 282 109.45 -98.84 -47.10
N TYR M 283 109.19 -97.60 -46.67
CA TYR M 283 108.15 -97.25 -45.69
C TYR M 283 108.32 -97.99 -44.35
N PHE M 284 109.38 -97.63 -43.63
CA PHE M 284 109.57 -98.16 -42.29
C PHE M 284 108.58 -97.56 -41.30
N LEU M 285 107.41 -98.18 -41.15
CA LEU M 285 106.33 -97.63 -40.35
C LEU M 285 106.32 -98.24 -38.96
N LYS M 286 105.51 -97.65 -38.09
CA LYS M 286 105.22 -98.21 -36.77
C LYS M 286 103.76 -98.64 -36.76
N LYS M 287 103.49 -99.76 -36.09
CA LYS M 287 102.20 -100.43 -36.23
C LYS M 287 101.07 -99.64 -35.58
N ASP M 288 101.14 -99.42 -34.27
CA ASP M 288 100.01 -98.86 -33.53
C ASP M 288 100.05 -97.34 -33.50
N ASP M 289 100.24 -96.74 -34.67
CA ASP M 289 100.34 -95.29 -34.77
C ASP M 289 99.54 -94.71 -35.92
N LEU M 290 99.12 -95.53 -36.88
CA LEU M 290 98.27 -95.11 -37.98
C LEU M 290 96.85 -95.54 -37.68
N ARG M 291 95.90 -94.65 -37.92
CA ARG M 291 94.50 -94.94 -37.62
C ARG M 291 93.64 -94.65 -38.84
N PHE M 292 92.44 -95.22 -38.85
CA PHE M 292 91.50 -95.04 -39.95
C PHE M 292 90.16 -94.59 -39.37
N TYR M 293 89.44 -93.76 -40.13
CA TYR M 293 88.19 -93.20 -39.67
C TYR M 293 87.14 -93.24 -40.76
N SER M 294 85.87 -93.29 -40.34
CA SER M 294 84.71 -93.23 -41.22
C SER M 294 83.49 -92.89 -40.37
N THR M 295 82.58 -92.08 -40.93
CA THR M 295 81.51 -91.53 -40.10
C THR M 295 80.42 -92.59 -39.88
N PRO M 296 79.83 -92.63 -38.69
CA PRO M 296 78.85 -93.67 -38.37
C PRO M 296 77.42 -93.34 -38.75
N VAL M 297 77.20 -92.52 -39.78
CA VAL M 297 75.91 -91.95 -40.21
C VAL M 297 74.77 -92.95 -40.21
N VAL M 298 73.56 -92.46 -39.89
CA VAL M 298 72.48 -93.33 -39.42
C VAL M 298 71.96 -94.21 -40.55
N GLY M 299 71.86 -95.51 -40.26
CA GLY M 299 71.46 -96.50 -41.23
C GLY M 299 72.59 -97.29 -41.85
N ALA M 300 73.84 -97.03 -41.45
CA ALA M 300 75.00 -97.64 -42.07
C ALA M 300 75.48 -98.83 -41.26
N PHE M 301 75.91 -99.88 -41.96
CA PHE M 301 76.53 -101.02 -41.33
C PHE M 301 78.05 -100.83 -41.35
N SER M 302 78.78 -101.83 -40.89
CA SER M 302 80.18 -101.67 -40.52
C SER M 302 81.02 -102.77 -41.12
N ALA M 303 80.96 -102.93 -42.45
CA ALA M 303 81.68 -103.97 -43.16
C ALA M 303 83.20 -103.84 -43.00
N ASN M 304 83.77 -104.72 -42.17
CA ASN M 304 85.18 -104.71 -41.77
C ASN M 304 85.61 -103.36 -41.22
N GLY M 305 84.80 -102.79 -40.33
CA GLY M 305 85.13 -101.55 -39.67
C GLY M 305 84.95 -100.30 -40.51
N VAL M 306 84.58 -100.41 -41.77
CA VAL M 306 84.41 -99.28 -42.66
C VAL M 306 82.91 -99.03 -42.82
N TYR M 307 82.44 -97.92 -42.28
CA TYR M 307 81.00 -97.64 -42.20
C TYR M 307 80.48 -97.23 -43.58
N THR M 308 79.66 -98.08 -44.18
CA THR M 308 79.11 -97.87 -45.51
C THR M 308 77.59 -97.84 -45.46
N LEU M 309 76.99 -97.00 -46.31
CA LEU M 309 75.56 -96.71 -46.27
C LEU M 309 74.93 -97.11 -47.60
N MET M 310 73.70 -97.63 -47.55
CA MET M 310 73.11 -98.28 -48.74
C MET M 310 72.26 -97.34 -49.59
N ARG M 311 71.11 -96.88 -49.06
CA ARG M 311 70.27 -95.84 -49.68
C ARG M 311 69.81 -96.22 -51.08
N GLN M 312 68.86 -97.15 -51.14
CA GLN M 312 68.15 -97.40 -52.40
C GLN M 312 67.50 -96.11 -52.90
N LEU M 313 67.75 -95.77 -54.16
CA LEU M 313 67.28 -94.52 -54.72
C LEU M 313 65.79 -94.62 -55.07
N ALA M 314 65.27 -93.55 -55.66
CA ALA M 314 63.85 -93.50 -56.03
C ALA M 314 63.59 -94.38 -57.25
N GLN M 315 62.39 -94.95 -57.30
CA GLN M 315 61.99 -95.84 -58.38
C GLN M 315 61.15 -95.09 -59.41
N THR M 316 61.20 -95.57 -60.63
CA THR M 316 60.56 -94.89 -61.75
C THR M 316 59.67 -95.80 -62.59
N SER M 317 60.06 -97.06 -62.80
CA SER M 317 59.48 -97.86 -63.87
C SER M 317 58.84 -99.17 -63.41
N LEU M 318 58.64 -99.35 -62.09
CA LEU M 318 57.88 -100.42 -61.45
C LEU M 318 58.56 -101.79 -61.52
N TYR M 319 59.62 -101.93 -62.31
CA TYR M 319 60.38 -103.17 -62.39
C TYR M 319 61.88 -102.94 -62.33
N VAL M 320 62.35 -101.70 -62.25
CA VAL M 320 63.77 -101.37 -62.23
C VAL M 320 64.08 -100.68 -60.91
N ASP M 321 65.17 -101.07 -60.26
CA ASP M 321 65.65 -100.43 -59.05
C ASP M 321 67.08 -99.94 -59.26
N ASN M 322 67.42 -98.82 -58.64
CA ASN M 322 68.75 -98.24 -58.76
C ASN M 322 69.34 -98.09 -57.37
N PHE M 323 70.45 -98.77 -57.11
CA PHE M 323 71.10 -98.76 -55.80
C PHE M 323 72.41 -97.99 -55.88
N VAL M 324 72.99 -97.77 -54.70
CA VAL M 324 74.25 -97.06 -54.56
C VAL M 324 74.90 -97.58 -53.27
N VAL M 325 76.17 -97.24 -53.04
CA VAL M 325 76.88 -97.61 -51.83
C VAL M 325 78.05 -96.63 -51.69
N GLY M 326 78.41 -96.30 -50.45
CA GLY M 326 79.50 -95.36 -50.26
C GLY M 326 79.94 -95.24 -48.82
N CYS M 327 81.18 -94.78 -48.66
CA CYS M 327 81.74 -94.47 -47.35
C CYS M 327 82.59 -93.21 -47.46
N ILE M 328 82.99 -92.68 -46.31
CA ILE M 328 83.68 -91.40 -46.23
C ILE M 328 84.91 -91.53 -45.34
N PRO M 329 86.11 -91.66 -45.94
CA PRO M 329 87.29 -92.09 -45.17
C PRO M 329 88.18 -90.96 -44.69
N GLN M 330 89.13 -91.29 -43.81
CA GLN M 330 90.27 -90.43 -43.51
C GLN M 330 91.36 -91.26 -42.84
N LEU M 331 92.61 -90.98 -43.20
CA LEU M 331 93.79 -91.63 -42.62
C LEU M 331 94.50 -90.66 -41.66
N GLN M 332 95.12 -91.22 -40.62
CA GLN M 332 95.77 -90.42 -39.58
C GLN M 332 97.17 -90.97 -39.31
N LEU M 333 98.13 -90.06 -39.10
CA LEU M 333 99.53 -90.40 -38.86
C LEU M 333 100.05 -89.52 -37.72
N THR M 334 99.47 -89.66 -36.54
CA THR M 334 100.03 -89.06 -35.33
C THR M 334 101.50 -89.42 -35.16
N THR M 335 102.26 -88.48 -34.59
CA THR M 335 103.64 -88.66 -34.12
C THR M 335 104.56 -89.13 -35.24
N ARG M 336 104.86 -88.18 -36.14
CA ARG M 336 105.86 -88.39 -37.18
C ARG M 336 107.24 -88.43 -36.52
N LYS M 337 107.53 -89.56 -35.90
CA LYS M 337 108.77 -89.80 -35.17
C LYS M 337 109.31 -91.20 -35.43
N ASN M 338 108.53 -92.07 -36.06
CA ASN M 338 108.87 -93.47 -36.18
C ASN M 338 108.96 -93.91 -37.64
N VAL M 339 108.87 -92.98 -38.58
CA VAL M 339 108.70 -93.30 -39.99
C VAL M 339 110.01 -93.04 -40.71
N GLY M 340 110.36 -93.93 -41.64
CA GLY M 340 111.53 -93.71 -42.47
C GLY M 340 111.36 -94.27 -43.86
N VAL M 341 111.63 -93.48 -44.89
CA VAL M 341 111.43 -93.90 -46.27
C VAL M 341 112.78 -94.00 -46.97
N ILE M 342 112.90 -94.99 -47.83
CA ILE M 342 114.06 -95.13 -48.72
C ILE M 342 113.48 -95.01 -50.13
N LYS M 343 113.53 -93.80 -50.68
CA LYS M 343 112.93 -93.54 -51.98
C LYS M 343 113.97 -93.62 -53.09
N ASN M 344 113.45 -93.72 -54.32
CA ASN M 344 114.22 -93.72 -55.57
C ASN M 344 115.16 -94.93 -55.66
N ILE M 345 114.62 -96.09 -55.34
CA ILE M 345 115.31 -97.36 -55.54
C ILE M 345 115.23 -97.69 -57.03
N LYS M 346 116.20 -98.49 -57.53
CA LYS M 346 116.43 -98.65 -58.96
C LYS M 346 115.24 -99.28 -59.69
N VAL M 347 114.68 -100.36 -59.12
CA VAL M 347 113.54 -101.16 -59.61
C VAL M 347 113.40 -101.34 -61.12
N PRO N 2 -81.51 29.77 -48.77
CA PRO N 2 -81.55 29.68 -47.31
C PRO N 2 -81.53 28.23 -46.83
N LEU N 3 -80.67 27.93 -45.85
CA LEU N 3 -80.55 26.57 -45.32
C LEU N 3 -81.80 26.19 -44.57
N VAL N 4 -82.46 25.13 -45.03
CA VAL N 4 -83.58 24.52 -44.32
C VAL N 4 -83.35 23.02 -44.31
N TYR N 5 -83.19 22.43 -43.12
CA TYR N 5 -83.03 20.99 -43.02
C TYR N 5 -83.52 20.49 -41.68
N THR N 6 -83.67 19.18 -41.60
CA THR N 6 -84.02 18.36 -40.46
C THR N 6 -82.78 17.66 -39.97
N PRO N 7 -82.51 17.61 -38.66
CA PRO N 7 -81.24 17.04 -38.16
C PRO N 7 -81.05 15.57 -38.54
N ALA N 8 -79.80 15.23 -38.83
CA ALA N 8 -79.44 14.06 -39.63
C ALA N 8 -79.59 12.74 -38.92
N VAL N 9 -79.99 12.70 -37.65
CA VAL N 9 -80.25 11.40 -37.03
C VAL N 9 -81.54 10.84 -37.60
N ARG N 10 -81.67 9.51 -37.57
CA ARG N 10 -82.69 8.86 -38.38
C ARG N 10 -84.08 8.99 -37.77
N GLY N 11 -84.21 8.87 -36.46
CA GLY N 11 -85.54 8.91 -35.88
C GLY N 11 -85.68 9.75 -34.62
N GLY N 12 -84.82 10.75 -34.47
CA GLY N 12 -84.78 11.52 -33.25
C GLY N 12 -84.64 13.00 -33.45
N ALA N 13 -85.33 13.55 -34.45
CA ALA N 13 -85.11 14.94 -34.89
C ALA N 13 -85.46 15.94 -33.79
N ASN N 14 -86.70 15.93 -33.32
CA ASN N 14 -87.10 16.78 -32.20
C ASN N 14 -87.56 15.89 -31.06
N PRO N 15 -86.73 15.64 -30.06
CA PRO N 15 -87.10 14.73 -29.00
C PRO N 15 -88.11 15.35 -28.04
N ALA N 16 -88.81 14.47 -27.32
CA ALA N 16 -89.76 14.94 -26.32
C ALA N 16 -89.04 15.50 -25.11
N SER N 17 -87.90 14.91 -24.75
CA SER N 17 -87.16 15.34 -23.58
C SER N 17 -86.39 16.63 -23.81
N GLY N 18 -85.99 16.91 -25.03
CA GLY N 18 -85.12 18.02 -25.31
C GLY N 18 -83.65 17.69 -25.27
N SER N 19 -83.28 16.47 -24.90
CA SER N 19 -81.89 16.05 -24.86
C SER N 19 -81.60 15.34 -26.18
N TYR N 20 -81.27 16.12 -27.19
CA TYR N 20 -81.00 15.57 -28.51
C TYR N 20 -79.60 14.97 -28.54
N LEU N 21 -79.52 13.67 -28.79
CA LEU N 21 -78.26 12.93 -28.75
C LEU N 21 -77.73 12.81 -30.17
N LEU N 22 -76.62 13.47 -30.44
CA LEU N 22 -75.92 13.36 -31.72
C LEU N 22 -75.47 11.92 -31.97
N ASP N 23 -75.51 11.50 -33.23
CA ASP N 23 -74.95 10.21 -33.58
C ASP N 23 -73.43 10.25 -33.48
N PRO N 24 -72.80 9.12 -33.13
CA PRO N 24 -71.33 9.10 -33.08
C PRO N 24 -70.73 9.19 -34.47
N GLN N 25 -69.78 10.09 -34.64
CA GLN N 25 -69.20 10.35 -35.94
C GLN N 25 -67.68 10.36 -35.85
N TYR N 26 -67.05 10.03 -36.96
CA TYR N 26 -65.61 9.77 -37.03
C TYR N 26 -64.98 10.93 -37.81
N VAL N 27 -64.31 11.82 -37.10
CA VAL N 27 -64.07 13.17 -37.60
C VAL N 27 -62.67 13.35 -38.16
N ASN N 28 -61.64 12.84 -37.50
CA ASN N 28 -60.26 13.21 -37.85
C ASN N 28 -59.73 12.30 -38.96
N SER N 29 -60.33 12.47 -40.15
CA SER N 29 -60.11 11.62 -41.32
C SER N 29 -60.28 10.14 -40.99
N GLY N 30 -61.31 9.84 -40.23
CA GLY N 30 -61.60 8.47 -39.86
C GLY N 30 -60.71 7.90 -38.77
N VAL N 31 -60.36 8.70 -37.76
CA VAL N 31 -59.51 8.25 -36.67
C VAL N 31 -60.18 8.47 -35.31
N ASP N 32 -60.75 9.64 -35.09
CA ASP N 32 -61.26 10.00 -33.78
C ASP N 32 -62.79 10.04 -33.77
N ILE N 33 -63.35 9.53 -32.69
CA ILE N 33 -64.80 9.50 -32.48
C ILE N 33 -65.17 10.70 -31.62
N LEU N 34 -66.39 11.21 -31.80
CA LEU N 34 -66.78 12.49 -31.20
C LEU N 34 -67.81 12.32 -30.08
N GLN N 35 -69.00 11.77 -30.39
CA GLN N 35 -70.04 11.41 -29.40
C GLN N 35 -70.51 12.60 -28.56
N ALA N 36 -71.18 13.53 -29.21
CA ALA N 36 -71.77 14.67 -28.52
C ALA N 36 -73.24 14.43 -28.21
N THR N 37 -73.81 15.32 -27.40
CA THR N 37 -75.25 15.51 -27.26
C THR N 37 -75.56 16.97 -27.56
N TYR N 38 -76.83 17.34 -27.46
CA TYR N 38 -77.20 18.74 -27.66
C TYR N 38 -78.49 18.99 -26.88
N GLY N 39 -78.36 19.48 -25.65
CA GLY N 39 -79.53 19.78 -24.85
C GLY N 39 -80.19 21.06 -25.34
N TYR N 40 -81.51 21.02 -25.51
CA TYR N 40 -82.26 22.17 -26.00
C TYR N 40 -82.50 23.19 -24.92
N ASN N 41 -83.47 24.10 -25.17
CA ASN N 41 -83.69 25.38 -24.50
C ASN N 41 -83.61 25.33 -22.98
N ILE N 42 -82.57 25.95 -22.42
CA ILE N 42 -82.31 25.87 -20.99
C ILE N 42 -82.27 27.25 -20.33
N ASN N 43 -82.24 28.33 -21.12
CA ASN N 43 -82.46 29.67 -20.59
C ASN N 43 -83.61 30.35 -21.33
N GLY N 44 -84.75 29.66 -21.42
CA GLY N 44 -85.88 30.19 -22.14
C GLY N 44 -85.90 29.75 -23.57
N THR N 45 -86.93 30.19 -24.29
CA THR N 45 -87.11 29.81 -25.69
C THR N 45 -86.15 30.60 -26.58
N ALA N 46 -86.23 30.34 -27.88
CA ALA N 46 -85.21 30.80 -28.81
C ALA N 46 -85.63 31.98 -29.67
N ASN N 47 -86.85 32.51 -29.46
CA ASN N 47 -87.46 33.72 -30.03
C ASN N 47 -87.21 33.99 -31.51
N ALA N 48 -87.14 32.94 -32.32
CA ALA N 48 -87.02 32.99 -33.78
C ALA N 48 -85.76 33.72 -34.28
N ASP N 49 -84.75 33.87 -33.45
CA ASP N 49 -83.43 34.21 -33.95
C ASP N 49 -82.37 33.22 -33.49
N GLN N 50 -82.44 32.76 -32.25
CA GLN N 50 -81.65 31.59 -31.85
C GLN N 50 -82.21 30.32 -32.47
N LEU N 51 -83.45 30.35 -32.94
CA LEU N 51 -84.02 29.24 -33.71
C LEU N 51 -83.38 29.11 -35.07
N LEU N 52 -82.76 30.18 -35.57
CA LEU N 52 -81.98 30.13 -36.82
C LEU N 52 -80.52 29.80 -36.58
N GLN N 53 -79.94 30.27 -35.49
CA GLN N 53 -78.54 29.95 -35.18
C GLN N 53 -78.39 28.48 -34.80
N ARG N 54 -79.39 27.91 -34.15
CA ARG N 54 -79.36 26.51 -33.79
C ARG N 54 -79.45 25.62 -35.03
N ASP N 55 -80.09 26.13 -36.08
CA ASP N 55 -80.11 25.46 -37.37
C ASP N 55 -78.73 25.45 -38.03
N ALA N 56 -77.85 26.37 -37.64
CA ALA N 56 -76.51 26.47 -38.20
C ALA N 56 -75.44 25.82 -37.34
N ILE N 57 -75.61 25.80 -36.02
CA ILE N 57 -74.64 25.15 -35.14
C ILE N 57 -74.68 23.64 -35.33
N LEU N 58 -75.87 23.10 -35.56
CA LEU N 58 -75.97 21.68 -35.86
C LEU N 58 -75.38 21.35 -37.22
N ALA N 59 -75.44 22.27 -38.18
CA ALA N 59 -74.89 22.00 -39.50
C ALA N 59 -73.38 21.96 -39.51
N ILE N 60 -72.74 22.70 -38.59
CA ILE N 60 -71.28 22.63 -38.48
C ILE N 60 -70.85 21.44 -37.66
N LEU N 61 -71.80 20.70 -37.10
CA LEU N 61 -71.56 19.64 -36.15
C LEU N 61 -72.08 18.28 -36.61
N GLU N 62 -73.27 18.24 -37.22
CA GLU N 62 -73.74 17.01 -37.86
C GLU N 62 -72.86 16.62 -39.04
N TYR N 63 -72.50 17.60 -39.87
CA TYR N 63 -71.96 17.36 -41.19
C TYR N 63 -70.53 17.84 -41.40
N ALA N 64 -70.16 18.99 -40.86
CA ALA N 64 -68.96 19.66 -41.35
C ALA N 64 -67.67 19.07 -40.78
N LEU N 65 -67.66 18.73 -39.50
CA LEU N 65 -66.46 18.17 -38.89
C LEU N 65 -66.18 16.76 -39.38
N LYS N 66 -67.19 16.06 -39.85
CA LYS N 66 -67.01 14.75 -40.44
C LYS N 66 -66.41 14.82 -41.85
N ASP N 67 -66.60 15.94 -42.55
CA ASP N 67 -66.16 16.07 -43.92
C ASP N 67 -64.68 16.35 -44.01
N THR N 68 -64.02 15.76 -45.01
CA THR N 68 -62.58 15.84 -45.15
C THR N 68 -62.11 17.01 -46.00
N ALA N 69 -63.03 17.83 -46.50
CA ALA N 69 -62.64 19.05 -47.21
C ALA N 69 -62.82 20.30 -46.37
N PHE N 70 -63.74 20.27 -45.40
CA PHE N 70 -63.88 21.40 -44.49
C PHE N 70 -62.75 21.42 -43.48
N VAL N 71 -62.32 20.24 -43.02
CA VAL N 71 -61.29 20.18 -41.99
C VAL N 71 -59.92 20.55 -42.56
N ASN N 72 -59.72 20.41 -43.87
CA ASN N 72 -58.49 20.90 -44.48
C ASN N 72 -58.49 22.41 -44.60
N ALA N 73 -59.66 23.03 -44.75
CA ALA N 73 -59.71 24.48 -44.81
C ALA N 73 -59.47 25.09 -43.44
N ILE N 74 -60.05 24.51 -42.39
CA ILE N 74 -59.80 25.02 -41.05
C ILE N 74 -58.43 24.61 -40.54
N GLN N 75 -57.76 23.66 -41.21
CA GLN N 75 -56.36 23.40 -40.91
C GLN N 75 -55.47 24.51 -41.43
N ALA N 76 -55.71 24.97 -42.66
CA ALA N 76 -54.83 25.95 -43.29
C ALA N 76 -55.00 27.35 -42.72
N VAL N 77 -56.10 27.62 -42.01
CA VAL N 77 -56.23 28.89 -41.31
C VAL N 77 -55.29 28.93 -40.12
N ALA N 78 -55.15 27.81 -39.42
CA ALA N 78 -54.28 27.75 -38.26
C ALA N 78 -52.80 27.80 -38.62
N ALA N 79 -52.45 27.53 -39.87
CA ALA N 79 -51.07 27.63 -40.33
C ALA N 79 -50.76 29.01 -40.90
N GLY N 80 -51.58 30.01 -40.62
CA GLY N 80 -51.28 31.36 -41.03
C GLY N 80 -50.17 31.96 -40.19
N SER N 81 -49.59 33.04 -40.71
CA SER N 81 -48.46 33.69 -40.06
C SER N 81 -48.88 34.71 -39.02
N GLY N 82 -50.16 34.76 -38.66
CA GLY N 82 -50.61 35.67 -37.64
C GLY N 82 -51.65 35.07 -36.72
N VAL N 83 -51.61 33.75 -36.56
CA VAL N 83 -52.62 33.02 -35.80
C VAL N 83 -51.91 32.27 -34.68
N THR N 84 -51.95 32.84 -33.48
CA THR N 84 -51.61 32.13 -32.25
C THR N 84 -52.73 32.37 -31.26
N THR N 85 -52.56 31.92 -30.00
CA THR N 85 -53.40 32.23 -28.83
C THR N 85 -54.87 31.95 -29.09
N PRO N 86 -55.35 30.70 -29.00
CA PRO N 86 -56.60 30.30 -29.69
C PRO N 86 -57.89 30.95 -29.20
N ALA N 87 -57.89 32.27 -29.11
CA ALA N 87 -59.06 33.11 -29.21
C ALA N 87 -58.91 34.11 -30.34
N SER N 88 -57.73 34.18 -30.94
CA SER N 88 -57.51 34.88 -32.19
C SER N 88 -57.51 33.91 -33.37
N PHE N 89 -57.65 32.62 -33.11
CA PHE N 89 -57.92 31.69 -34.18
C PHE N 89 -59.33 31.86 -34.70
N VAL N 90 -60.29 32.11 -33.82
CA VAL N 90 -61.66 32.32 -34.26
C VAL N 90 -61.86 33.69 -34.87
N SER N 91 -61.05 34.69 -34.50
CA SER N 91 -61.16 35.98 -35.14
C SER N 91 -60.44 36.02 -36.48
N ALA N 92 -59.70 34.97 -36.82
CA ALA N 92 -59.09 34.83 -38.12
C ALA N 92 -59.95 34.07 -39.11
N CYS N 93 -60.98 33.37 -38.63
CA CYS N 93 -61.93 32.71 -39.52
C CYS N 93 -63.26 33.43 -39.61
N VAL N 94 -63.54 34.38 -38.72
CA VAL N 94 -64.69 35.26 -38.90
C VAL N 94 -64.49 36.16 -40.11
N THR N 95 -63.28 36.74 -40.25
CA THR N 95 -62.98 37.61 -41.37
C THR N 95 -62.96 36.87 -42.70
N LYS N 96 -62.71 35.57 -42.69
CA LYS N 96 -62.87 34.79 -43.92
C LYS N 96 -64.33 34.56 -44.26
N LEU N 97 -65.19 34.46 -43.25
CA LEU N 97 -66.60 34.19 -43.48
C LEU N 97 -67.43 35.45 -43.66
N THR N 98 -66.80 36.62 -43.71
CA THR N 98 -67.52 37.86 -43.96
C THR N 98 -66.97 38.57 -45.19
N PRO O 2 -48.66 30.29 -36.64
CA PRO O 2 -48.70 28.88 -36.24
C PRO O 2 -49.48 28.69 -34.96
N LEU O 3 -50.55 27.90 -35.00
CA LEU O 3 -51.43 27.73 -33.86
C LEU O 3 -50.76 26.83 -32.83
N VAL O 4 -50.32 27.41 -31.73
CA VAL O 4 -49.97 26.63 -30.54
C VAL O 4 -51.23 26.49 -29.72
N TYR O 5 -51.40 25.31 -29.11
CA TYR O 5 -52.69 24.96 -28.52
C TYR O 5 -52.54 23.84 -27.51
N THR O 6 -53.35 23.90 -26.47
CA THR O 6 -53.54 22.88 -25.48
C THR O 6 -55.03 22.61 -25.33
N PRO O 7 -55.43 21.42 -24.92
CA PRO O 7 -56.85 21.19 -24.61
C PRO O 7 -57.32 22.06 -23.45
N ALA O 8 -58.45 22.72 -23.65
CA ALA O 8 -58.84 23.85 -22.82
C ALA O 8 -59.41 23.47 -21.47
N VAL O 9 -59.73 22.20 -21.23
CA VAL O 9 -60.14 21.82 -19.89
C VAL O 9 -58.91 21.88 -18.99
N ARG O 10 -59.13 22.20 -17.71
CA ARG O 10 -58.04 22.71 -16.88
C ARG O 10 -57.07 21.60 -16.50
N GLY O 11 -57.56 20.58 -15.79
CA GLY O 11 -56.70 19.51 -15.34
C GLY O 11 -56.80 18.21 -16.09
N GLY O 12 -57.48 18.18 -17.23
CA GLY O 12 -57.68 16.94 -17.97
C GLY O 12 -57.21 17.03 -19.40
N ALA O 13 -56.04 17.63 -19.62
CA ALA O 13 -55.62 18.03 -20.96
C ALA O 13 -55.39 16.83 -21.88
N ASN O 14 -54.47 15.95 -21.53
CA ASN O 14 -54.23 14.75 -22.32
C ASN O 14 -54.58 13.53 -21.49
N PRO O 15 -55.69 12.86 -21.78
CA PRO O 15 -56.17 11.81 -20.89
C PRO O 15 -55.42 10.51 -21.05
N ALA O 16 -55.17 9.85 -19.93
CA ALA O 16 -54.55 8.53 -19.95
C ALA O 16 -55.52 7.46 -20.41
N SER O 17 -56.83 7.68 -20.22
CA SER O 17 -57.81 6.72 -20.71
C SER O 17 -57.99 6.79 -22.22
N GLY O 18 -57.69 7.94 -22.82
CA GLY O 18 -57.90 8.18 -24.22
C GLY O 18 -59.18 8.93 -24.53
N SER O 19 -60.18 8.81 -23.67
CA SER O 19 -61.47 9.47 -23.89
C SER O 19 -61.41 10.86 -23.26
N TYR O 20 -61.00 11.83 -24.06
CA TYR O 20 -60.99 13.22 -23.64
C TYR O 20 -62.42 13.73 -23.55
N LEU O 21 -62.85 14.09 -22.35
CA LEU O 21 -64.22 14.52 -22.13
C LEU O 21 -64.24 16.04 -22.06
N LEU O 22 -64.97 16.65 -22.98
CA LEU O 22 -65.09 18.09 -23.04
C LEU O 22 -65.92 18.62 -21.87
N ASP O 23 -65.59 19.82 -21.41
CA ASP O 23 -66.46 20.46 -20.46
C ASP O 23 -67.69 21.04 -21.16
N PRO O 24 -68.83 21.14 -20.50
CA PRO O 24 -70.04 21.63 -21.18
C PRO O 24 -69.96 23.13 -21.42
N GLN O 25 -69.99 23.53 -22.68
CA GLN O 25 -70.10 24.94 -23.00
C GLN O 25 -71.49 25.26 -23.51
N TYR O 26 -71.92 26.49 -23.27
CA TYR O 26 -73.28 26.93 -23.50
C TYR O 26 -73.30 27.69 -24.81
N VAL O 27 -73.87 27.07 -25.85
CA VAL O 27 -73.82 27.60 -27.18
C VAL O 27 -75.16 28.22 -27.50
N ASN O 28 -75.23 28.88 -28.67
CA ASN O 28 -76.41 29.58 -29.17
C ASN O 28 -76.84 30.70 -28.21
N SER O 29 -75.87 31.53 -27.85
CA SER O 29 -76.03 32.68 -26.95
C SER O 29 -76.64 32.29 -25.61
N GLY O 30 -76.13 31.22 -25.02
CA GLY O 30 -76.51 30.85 -23.67
C GLY O 30 -77.85 30.16 -23.52
N VAL O 31 -78.37 29.58 -24.61
CA VAL O 31 -79.66 28.91 -24.56
C VAL O 31 -79.54 27.39 -24.56
N ASP O 32 -78.55 26.83 -25.24
CA ASP O 32 -78.39 25.40 -25.37
C ASP O 32 -77.10 24.95 -24.68
N ILE O 33 -76.77 23.67 -24.84
CA ILE O 33 -75.64 23.06 -24.14
C ILE O 33 -75.20 21.84 -24.94
N LEU O 34 -73.88 21.66 -25.05
CA LEU O 34 -73.36 20.53 -25.84
C LEU O 34 -73.13 19.27 -25.01
N GLN O 35 -72.24 19.35 -24.03
CA GLN O 35 -71.75 18.20 -23.24
C GLN O 35 -71.20 17.11 -24.15
N ALA O 36 -70.11 17.42 -24.84
CA ALA O 36 -69.48 16.48 -25.74
C ALA O 36 -68.36 15.73 -25.06
N THR O 37 -67.85 14.70 -25.74
CA THR O 37 -66.58 14.06 -25.42
C THR O 37 -65.72 14.12 -26.67
N TYR O 38 -64.55 13.48 -26.61
CA TYR O 38 -63.70 13.36 -27.79
C TYR O 38 -62.81 12.13 -27.57
N GLY O 39 -63.19 11.02 -28.19
CA GLY O 39 -62.37 9.84 -28.11
C GLY O 39 -61.17 9.97 -29.03
N TYR O 40 -60.00 9.58 -28.52
CA TYR O 40 -58.77 9.56 -29.29
C TYR O 40 -58.71 8.34 -30.19
N ASN O 41 -57.50 8.01 -30.65
CA ASN O 41 -57.22 7.08 -31.74
C ASN O 41 -57.92 5.73 -31.62
N ILE O 42 -58.89 5.49 -32.50
CA ILE O 42 -59.64 4.24 -32.48
C ILE O 42 -59.56 3.48 -33.79
N ASN O 43 -59.22 4.15 -34.90
CA ASN O 43 -59.05 3.45 -36.16
C ASN O 43 -57.66 3.75 -36.70
N GLY O 44 -56.65 3.59 -35.84
CA GLY O 44 -55.28 3.76 -36.28
C GLY O 44 -54.44 4.65 -35.40
N THR O 45 -53.58 5.45 -36.03
CA THR O 45 -52.67 6.36 -35.34
C THR O 45 -52.88 7.78 -35.86
N ALA O 46 -51.93 8.68 -35.61
CA ALA O 46 -52.13 10.08 -35.93
C ALA O 46 -51.11 10.66 -36.92
N ASN O 47 -50.09 9.90 -37.30
CA ASN O 47 -49.15 10.08 -38.43
C ASN O 47 -48.67 11.49 -38.77
N ALA O 48 -48.47 12.34 -37.77
CA ALA O 48 -47.77 13.62 -37.81
C ALA O 48 -48.43 14.71 -38.64
N ASP O 49 -49.55 14.43 -39.31
CA ASP O 49 -50.37 15.45 -39.95
C ASP O 49 -51.73 15.57 -39.32
N GLN O 50 -52.30 14.46 -38.86
CA GLN O 50 -53.58 14.46 -38.18
C GLN O 50 -53.49 15.00 -36.77
N LEU O 51 -52.28 15.24 -36.25
CA LEU O 51 -52.15 16.05 -35.04
C LEU O 51 -52.48 17.51 -35.33
N LEU O 52 -52.24 17.96 -36.56
CA LEU O 52 -52.61 19.33 -36.93
C LEU O 52 -54.07 19.43 -37.30
N GLN O 53 -54.68 18.34 -37.77
CA GLN O 53 -56.11 18.38 -38.03
C GLN O 53 -56.91 18.21 -36.74
N ARG O 54 -56.38 17.47 -35.77
CA ARG O 54 -57.00 17.41 -34.46
C ARG O 54 -56.79 18.69 -33.69
N ASP O 55 -55.79 19.48 -34.10
CA ASP O 55 -55.52 20.77 -33.50
C ASP O 55 -56.64 21.76 -33.81
N ALA O 56 -57.27 21.65 -34.97
CA ALA O 56 -58.30 22.59 -35.37
C ALA O 56 -59.71 22.08 -35.15
N ILE O 57 -59.91 20.77 -34.98
CA ILE O 57 -61.22 20.26 -34.61
C ILE O 57 -61.53 20.63 -33.17
N LEU O 58 -60.54 20.50 -32.28
CA LEU O 58 -60.78 20.82 -30.88
C LEU O 58 -60.90 22.32 -30.64
N ALA O 59 -60.22 23.13 -31.44
CA ALA O 59 -60.32 24.58 -31.28
C ALA O 59 -61.63 25.11 -31.80
N ILE O 60 -62.17 24.53 -32.88
CA ILE O 60 -63.45 24.97 -33.44
C ILE O 60 -64.62 24.45 -32.62
N LEU O 61 -64.37 23.55 -31.68
CA LEU O 61 -65.40 22.92 -30.87
C LEU O 61 -65.44 23.45 -29.45
N GLU O 62 -64.41 24.19 -29.04
CA GLU O 62 -64.34 24.83 -27.73
C GLU O 62 -64.44 26.34 -27.80
N TYR O 63 -63.66 26.96 -28.69
CA TYR O 63 -63.52 28.40 -28.71
C TYR O 63 -64.36 29.09 -29.78
N ALA O 64 -65.04 28.33 -30.63
CA ALA O 64 -65.79 28.91 -31.73
C ALA O 64 -67.29 28.87 -31.51
N LEU O 65 -67.83 27.70 -31.17
CA LEU O 65 -69.27 27.60 -30.98
C LEU O 65 -69.74 28.29 -29.72
N LYS O 66 -68.86 28.49 -28.75
CA LYS O 66 -69.19 29.29 -27.57
C LYS O 66 -69.16 30.78 -27.88
N ASP O 67 -68.41 31.18 -28.91
CA ASP O 67 -68.27 32.58 -29.27
C ASP O 67 -69.51 33.08 -29.99
N THR O 68 -69.84 34.36 -29.78
CA THR O 68 -71.04 34.96 -30.33
C THR O 68 -70.82 35.72 -31.63
N ALA O 69 -69.58 35.96 -32.02
CA ALA O 69 -69.32 36.62 -33.30
C ALA O 69 -69.05 35.63 -34.42
N PHE O 70 -68.63 34.41 -34.08
CA PHE O 70 -68.47 33.36 -35.06
C PHE O 70 -69.81 32.75 -35.45
N VAL O 71 -70.76 32.69 -34.52
CA VAL O 71 -72.04 32.08 -34.83
C VAL O 71 -72.92 33.04 -35.63
N ASN O 72 -72.72 34.34 -35.50
CA ASN O 72 -73.41 35.28 -36.37
C ASN O 72 -72.77 35.38 -37.74
N ALA O 73 -71.55 34.87 -37.91
CA ALA O 73 -70.91 34.83 -39.20
C ALA O 73 -71.20 33.54 -39.95
N ILE O 74 -71.38 32.44 -39.22
CA ILE O 74 -71.79 31.18 -39.85
C ILE O 74 -73.30 31.15 -40.08
N GLN O 75 -74.05 32.06 -39.46
CA GLN O 75 -75.47 32.19 -39.74
C GLN O 75 -75.71 32.83 -41.09
N ALA O 76 -74.97 33.90 -41.41
CA ALA O 76 -75.21 34.63 -42.64
C ALA O 76 -74.79 33.86 -43.88
N VAL O 77 -73.95 32.84 -43.73
CA VAL O 77 -73.68 31.95 -44.86
C VAL O 77 -74.89 31.05 -45.12
N ALA O 78 -75.53 30.58 -44.05
CA ALA O 78 -76.68 29.71 -44.17
C ALA O 78 -77.94 30.41 -44.65
N ALA O 79 -77.97 31.74 -44.66
CA ALA O 79 -79.08 32.50 -45.21
C ALA O 79 -78.73 33.14 -46.53
N GLY O 80 -77.78 32.59 -47.26
CA GLY O 80 -77.40 33.14 -48.55
C GLY O 80 -78.32 32.70 -49.67
N SER O 81 -77.75 32.36 -50.82
CA SER O 81 -78.52 31.89 -51.97
C SER O 81 -77.87 30.64 -52.52
N GLY O 82 -78.68 29.64 -52.83
CA GLY O 82 -78.18 28.36 -53.29
C GLY O 82 -77.76 27.41 -52.19
N VAL O 83 -77.74 27.87 -50.93
CA VAL O 83 -77.31 27.04 -49.82
C VAL O 83 -78.55 26.34 -49.26
N THR O 84 -78.91 25.23 -49.89
CA THR O 84 -79.86 24.26 -49.36
C THR O 84 -79.21 22.90 -49.42
N THR O 85 -79.87 21.89 -48.81
CA THR O 85 -79.45 20.48 -48.76
C THR O 85 -78.03 20.37 -48.23
N PRO O 86 -77.82 20.46 -46.91
CA PRO O 86 -76.55 21.00 -46.37
C PRO O 86 -75.29 20.18 -46.60
N ALA O 87 -75.02 19.81 -47.84
CA ALA O 87 -73.67 19.61 -48.33
C ALA O 87 -73.21 20.80 -49.15
N SER O 88 -74.12 21.71 -49.46
CA SER O 88 -73.78 22.98 -50.11
C SER O 88 -73.41 24.05 -49.10
N PHE O 89 -73.96 23.97 -47.89
CA PHE O 89 -73.57 24.89 -46.83
C PHE O 89 -72.12 24.71 -46.42
N VAL O 90 -71.68 23.45 -46.32
CA VAL O 90 -70.29 23.19 -45.98
C VAL O 90 -69.37 23.46 -47.17
N SER O 91 -69.90 23.43 -48.40
CA SER O 91 -69.09 23.73 -49.56
C SER O 91 -69.10 25.19 -49.95
N ALA O 92 -70.10 25.95 -49.48
CA ALA O 92 -70.01 27.40 -49.59
C ALA O 92 -69.15 27.99 -48.50
N CYS O 93 -68.96 27.25 -47.42
CA CYS O 93 -68.10 27.69 -46.33
C CYS O 93 -66.63 27.41 -46.62
N VAL O 94 -66.35 26.39 -47.42
CA VAL O 94 -64.96 26.05 -47.74
C VAL O 94 -64.40 27.00 -48.79
N THR O 95 -65.25 27.67 -49.57
CA THR O 95 -64.74 28.64 -50.53
C THR O 95 -64.43 29.97 -49.86
N LYS O 96 -65.11 30.29 -48.76
CA LYS O 96 -64.81 31.51 -48.03
C LYS O 96 -63.48 31.39 -47.29
N LEU O 97 -63.23 30.24 -46.67
CA LEU O 97 -62.04 30.05 -45.85
C LEU O 97 -60.78 29.89 -46.67
N THR O 98 -60.88 29.54 -47.94
CA THR O 98 -59.70 29.34 -48.77
C THR O 98 -59.61 30.37 -49.89
N PRO P 2 103.77 -43.39 -35.69
CA PRO P 2 103.27 -44.18 -34.56
C PRO P 2 101.98 -44.90 -34.89
N LEU P 3 101.46 -45.68 -33.94
CA LEU P 3 100.19 -46.39 -34.07
C LEU P 3 99.78 -46.82 -32.68
N VAL P 4 98.53 -46.53 -32.31
CA VAL P 4 98.11 -46.57 -30.92
C VAL P 4 97.01 -47.59 -30.66
N TYR P 5 97.08 -48.72 -31.37
CA TYR P 5 96.07 -49.76 -31.26
C TYR P 5 96.02 -50.40 -29.88
N THR P 6 94.81 -50.56 -29.37
CA THR P 6 94.40 -51.38 -28.25
C THR P 6 93.54 -52.53 -28.78
N PRO P 7 93.57 -53.71 -28.13
CA PRO P 7 92.77 -54.83 -28.62
C PRO P 7 91.28 -54.54 -28.56
N ALA P 8 90.58 -54.88 -29.65
CA ALA P 8 89.25 -54.34 -29.90
C ALA P 8 88.13 -55.11 -29.21
N VAL P 9 88.40 -56.26 -28.60
CA VAL P 9 87.38 -56.86 -27.76
C VAL P 9 87.31 -56.05 -26.47
N ARG P 10 86.13 -56.01 -25.85
CA ARG P 10 85.88 -54.95 -24.89
C ARG P 10 86.50 -55.24 -23.54
N GLY P 11 86.36 -56.46 -23.02
CA GLY P 11 86.88 -56.79 -21.71
C GLY P 11 87.97 -57.84 -21.69
N GLY P 12 88.55 -58.18 -22.84
CA GLY P 12 89.51 -59.26 -22.93
C GLY P 12 90.82 -58.85 -23.56
N ALA P 13 91.37 -57.70 -23.13
CA ALA P 13 92.52 -57.10 -23.78
C ALA P 13 93.77 -57.98 -23.66
N ASN P 14 94.21 -58.23 -22.43
CA ASN P 14 95.40 -59.06 -22.19
C ASN P 14 95.00 -60.23 -21.32
N PRO P 15 94.59 -61.35 -21.90
CA PRO P 15 94.11 -62.47 -21.10
C PRO P 15 95.24 -63.22 -20.43
N ALA P 16 94.98 -63.67 -19.20
CA ALA P 16 95.96 -64.48 -18.50
C ALA P 16 95.97 -65.91 -19.02
N SER P 17 94.88 -66.35 -19.64
CA SER P 17 94.80 -67.71 -20.16
C SER P 17 95.65 -67.90 -21.41
N GLY P 18 96.08 -66.81 -22.06
CA GLY P 18 96.88 -66.88 -23.25
C GLY P 18 96.11 -66.79 -24.55
N SER P 19 94.86 -67.24 -24.58
CA SER P 19 94.09 -67.31 -25.81
C SER P 19 93.24 -66.06 -25.93
N TYR P 20 93.76 -65.07 -26.64
CA TYR P 20 92.98 -63.89 -27.02
C TYR P 20 91.96 -64.32 -28.07
N LEU P 21 90.69 -64.38 -27.69
CA LEU P 21 89.66 -64.88 -28.60
C LEU P 21 89.07 -63.71 -29.38
N LEU P 22 89.10 -63.83 -30.70
CA LEU P 22 88.63 -62.76 -31.58
C LEU P 22 87.10 -62.73 -31.60
N ASP P 23 86.55 -61.52 -31.65
CA ASP P 23 85.14 -61.37 -31.93
C ASP P 23 84.84 -61.78 -33.37
N PRO P 24 83.65 -62.29 -33.65
CA PRO P 24 83.34 -62.72 -35.02
C PRO P 24 83.11 -61.54 -35.95
N GLN P 25 83.84 -61.53 -37.06
CA GLN P 25 83.65 -60.54 -38.10
C GLN P 25 82.63 -61.03 -39.12
N TYR P 26 82.29 -60.15 -40.05
CA TYR P 26 81.41 -60.48 -41.18
C TYR P 26 82.13 -59.95 -42.41
N VAL P 27 83.00 -60.78 -42.98
CA VAL P 27 84.09 -60.27 -43.79
C VAL P 27 83.66 -60.03 -45.23
N ASN P 28 82.79 -60.86 -45.77
CA ASN P 28 82.53 -60.86 -47.22
C ASN P 28 81.29 -60.03 -47.54
N SER P 29 81.38 -58.74 -47.23
CA SER P 29 80.27 -57.78 -47.33
C SER P 29 79.02 -58.28 -46.61
N GLY P 30 79.22 -58.89 -45.45
CA GLY P 30 78.14 -59.38 -44.62
C GLY P 30 77.43 -60.59 -45.18
N VAL P 31 78.16 -61.63 -45.58
CA VAL P 31 77.51 -62.88 -45.99
C VAL P 31 78.23 -64.05 -45.34
N ASP P 32 79.41 -63.80 -44.78
CA ASP P 32 80.21 -64.84 -44.15
C ASP P 32 80.46 -64.49 -42.69
N ILE P 33 81.36 -65.25 -42.07
CA ILE P 33 81.78 -65.00 -40.70
C ILE P 33 83.20 -65.53 -40.57
N LEU P 34 83.98 -64.93 -39.66
CA LEU P 34 85.41 -65.25 -39.59
C LEU P 34 85.73 -66.06 -38.34
N GLN P 35 85.46 -65.54 -37.14
CA GLN P 35 85.39 -66.29 -35.88
C GLN P 35 86.71 -67.00 -35.56
N ALA P 36 87.72 -66.19 -35.28
CA ALA P 36 89.07 -66.68 -35.01
C ALA P 36 89.39 -66.65 -33.52
N THR P 37 90.60 -67.11 -33.20
CA THR P 37 91.25 -66.91 -31.92
C THR P 37 92.63 -66.31 -32.18
N TYR P 38 93.41 -66.13 -31.11
CA TYR P 38 94.77 -65.62 -31.24
C TYR P 38 95.54 -66.05 -30.01
N GLY P 39 96.34 -67.10 -30.14
CA GLY P 39 97.27 -67.43 -29.08
C GLY P 39 98.39 -66.42 -29.00
N TYR P 40 98.92 -66.24 -27.80
CA TYR P 40 100.11 -65.42 -27.59
C TYR P 40 101.34 -66.31 -27.62
N ASN P 41 102.47 -65.80 -27.11
CA ASN P 41 103.84 -66.31 -27.20
C ASN P 41 103.94 -67.82 -27.03
N ILE P 42 104.45 -68.48 -28.07
CA ILE P 42 104.49 -69.94 -28.11
C ILE P 42 105.87 -70.38 -28.58
N ASN P 43 106.68 -69.42 -29.02
CA ASN P 43 108.08 -69.69 -29.37
C ASN P 43 108.98 -68.63 -28.76
N GLY P 44 108.80 -68.39 -27.47
CA GLY P 44 109.67 -67.49 -26.73
C GLY P 44 108.92 -66.28 -26.21
N THR P 45 109.49 -65.09 -26.42
CA THR P 45 108.80 -63.85 -26.11
C THR P 45 108.89 -62.91 -27.30
N ALA P 46 108.36 -61.69 -27.16
CA ALA P 46 108.37 -60.74 -28.25
C ALA P 46 109.43 -59.66 -27.99
N ASN P 47 110.40 -59.54 -28.89
CA ASN P 47 111.57 -58.71 -28.62
C ASN P 47 111.48 -57.29 -29.18
N ALA P 48 110.38 -56.58 -28.87
CA ALA P 48 110.15 -55.15 -29.11
C ALA P 48 110.04 -54.76 -30.58
N ASP P 49 110.27 -55.69 -31.50
CA ASP P 49 109.82 -55.56 -32.87
C ASP P 49 108.52 -56.34 -33.00
N GLN P 50 108.47 -57.49 -32.34
CA GLN P 50 107.38 -58.42 -32.46
C GLN P 50 106.17 -57.97 -31.64
N LEU P 51 106.35 -56.99 -30.76
CA LEU P 51 105.19 -56.33 -30.20
C LEU P 51 104.55 -55.47 -31.27
N LEU P 52 105.38 -54.77 -32.06
CA LEU P 52 104.88 -53.86 -33.08
C LEU P 52 104.28 -54.61 -34.26
N GLN P 53 104.73 -55.83 -34.51
CA GLN P 53 104.13 -56.63 -35.57
C GLN P 53 102.88 -57.35 -35.11
N ARG P 54 102.82 -57.75 -33.84
CA ARG P 54 101.57 -58.23 -33.28
C ARG P 54 100.56 -57.11 -33.14
N ASP P 55 101.05 -55.87 -32.99
CA ASP P 55 100.18 -54.72 -32.95
C ASP P 55 99.52 -54.45 -34.29
N ALA P 56 100.15 -54.88 -35.39
CA ALA P 56 99.67 -54.60 -36.73
C ALA P 56 98.97 -55.79 -37.40
N ILE P 57 99.24 -57.02 -36.96
CA ILE P 57 98.47 -58.16 -37.45
C ILE P 57 97.05 -58.09 -36.93
N LEU P 58 96.88 -57.68 -35.66
CA LEU P 58 95.55 -57.55 -35.10
C LEU P 58 94.77 -56.41 -35.72
N ALA P 59 95.45 -55.38 -36.22
CA ALA P 59 94.75 -54.27 -36.85
C ALA P 59 94.23 -54.64 -38.24
N ILE P 60 94.97 -55.47 -38.98
CA ILE P 60 94.54 -55.87 -40.32
C ILE P 60 93.53 -57.00 -40.25
N LEU P 61 93.28 -57.54 -39.06
CA LEU P 61 92.39 -58.67 -38.86
C LEU P 61 91.12 -58.31 -38.11
N GLU P 62 91.19 -57.36 -37.18
CA GLU P 62 89.99 -56.83 -36.54
C GLU P 62 89.22 -55.93 -37.50
N TYR P 63 89.90 -54.97 -38.11
CA TYR P 63 89.22 -53.86 -38.77
C TYR P 63 89.21 -53.94 -40.29
N ALA P 64 90.24 -54.49 -40.91
CA ALA P 64 90.37 -54.36 -42.36
C ALA P 64 89.49 -55.35 -43.12
N LEU P 65 89.44 -56.60 -42.67
CA LEU P 65 88.60 -57.58 -43.36
C LEU P 65 87.13 -57.33 -43.13
N LYS P 66 86.78 -56.75 -41.99
CA LYS P 66 85.40 -56.35 -41.72
C LYS P 66 84.96 -55.20 -42.63
N ASP P 67 85.92 -54.38 -43.08
CA ASP P 67 85.64 -53.22 -43.89
C ASP P 67 85.24 -53.62 -45.30
N THR P 68 84.39 -52.79 -45.94
CA THR P 68 83.92 -53.05 -47.29
C THR P 68 84.71 -52.33 -48.37
N ALA P 69 85.48 -51.31 -48.01
CA ALA P 69 86.30 -50.61 -48.99
C ALA P 69 87.71 -51.18 -49.10
N PHE P 70 88.19 -51.84 -48.04
CA PHE P 70 89.48 -52.50 -48.11
C PHE P 70 89.42 -53.73 -48.99
N VAL P 71 88.31 -54.47 -48.92
CA VAL P 71 88.21 -55.72 -49.67
C VAL P 71 88.04 -55.46 -51.16
N ASN P 72 87.50 -54.30 -51.54
CA ASN P 72 87.41 -53.97 -52.96
C ASN P 72 88.77 -53.60 -53.55
N ALA P 73 89.72 -53.16 -52.73
CA ALA P 73 91.06 -52.94 -53.24
C ALA P 73 91.80 -54.25 -53.40
N ILE P 74 91.66 -55.16 -52.43
CA ILE P 74 92.31 -56.46 -52.53
C ILE P 74 91.59 -57.35 -53.54
N GLN P 75 90.35 -57.00 -53.92
CA GLN P 75 89.67 -57.68 -55.02
C GLN P 75 90.32 -57.32 -56.36
N ALA P 76 90.67 -56.04 -56.54
CA ALA P 76 91.20 -55.58 -57.81
C ALA P 76 92.64 -56.05 -58.03
N VAL P 77 93.38 -56.31 -56.94
CA VAL P 77 94.73 -56.83 -57.08
C VAL P 77 94.69 -58.26 -57.59
N ALA P 78 93.66 -59.02 -57.23
CA ALA P 78 93.49 -60.38 -57.73
C ALA P 78 92.94 -60.43 -59.15
N ALA P 79 92.74 -59.29 -59.80
CA ALA P 79 92.35 -59.24 -61.21
C ALA P 79 93.46 -58.69 -62.10
N GLY P 80 94.69 -58.64 -61.57
CA GLY P 80 95.78 -58.06 -62.32
C GLY P 80 96.26 -58.95 -63.45
N SER P 81 97.14 -58.38 -64.28
CA SER P 81 97.68 -59.10 -65.42
C SER P 81 98.80 -60.04 -65.05
N GLY P 82 99.30 -59.99 -63.82
CA GLY P 82 100.43 -60.81 -63.42
C GLY P 82 100.25 -61.45 -62.05
N VAL P 83 99.01 -61.82 -61.72
CA VAL P 83 98.69 -62.39 -60.42
C VAL P 83 98.05 -63.75 -60.68
N THR P 84 98.84 -64.81 -60.61
CA THR P 84 98.39 -66.18 -60.50
C THR P 84 99.19 -66.85 -59.39
N THR P 85 98.88 -68.13 -59.11
CA THR P 85 99.58 -69.02 -58.18
C THR P 85 99.72 -68.39 -56.81
N PRO P 86 98.67 -68.43 -55.95
CA PRO P 86 98.49 -67.39 -54.90
C PRO P 86 99.53 -67.35 -53.79
N ALA P 87 100.80 -67.27 -54.18
CA ALA P 87 101.88 -66.73 -53.37
C ALA P 87 102.54 -65.55 -54.06
N SER P 88 102.31 -65.36 -55.36
CA SER P 88 102.64 -64.13 -56.04
C SER P 88 101.54 -63.09 -55.90
N PHE P 89 100.37 -63.48 -55.40
CA PHE P 89 99.37 -62.50 -55.01
C PHE P 89 99.86 -61.66 -53.84
N VAL P 90 100.47 -62.29 -52.84
CA VAL P 90 100.92 -61.56 -51.67
C VAL P 90 102.23 -60.83 -51.89
N SER P 91 102.97 -61.16 -52.95
CA SER P 91 104.14 -60.40 -53.31
C SER P 91 103.82 -59.29 -54.31
N ALA P 92 102.64 -59.33 -54.91
CA ALA P 92 102.19 -58.22 -55.75
C ALA P 92 101.70 -57.05 -54.92
N CYS P 93 101.09 -57.32 -53.77
CA CYS P 93 100.58 -56.24 -52.94
C CYS P 93 101.68 -55.58 -52.12
N VAL P 94 102.79 -56.27 -51.85
CA VAL P 94 103.92 -55.66 -51.15
C VAL P 94 104.56 -54.58 -52.02
N THR P 95 104.63 -54.82 -53.33
CA THR P 95 105.11 -53.79 -54.24
C THR P 95 104.11 -52.64 -54.34
N LYS P 96 102.83 -52.89 -54.06
CA LYS P 96 101.87 -51.80 -53.98
C LYS P 96 101.98 -51.07 -52.64
N LEU P 97 102.42 -51.77 -51.58
CA LEU P 97 102.55 -51.16 -50.27
C LEU P 97 103.90 -50.50 -50.04
N THR P 98 104.76 -50.46 -51.06
CA THR P 98 106.02 -49.74 -50.96
C THR P 98 106.18 -48.80 -52.15
N PRO Q 2 94.51 -62.85 -63.30
CA PRO Q 2 93.39 -63.53 -62.64
C PRO Q 2 93.86 -64.57 -61.64
N LEU Q 3 93.39 -64.47 -60.40
CA LEU Q 3 93.88 -65.34 -59.34
C LEU Q 3 93.19 -66.69 -59.44
N VAL Q 4 94.00 -67.75 -59.55
CA VAL Q 4 93.49 -69.12 -59.56
C VAL Q 4 93.81 -69.72 -58.19
N TYR Q 5 92.81 -69.70 -57.31
CA TYR Q 5 93.01 -70.03 -55.90
C TYR Q 5 92.09 -71.17 -55.49
N THR Q 6 92.61 -72.02 -54.61
CA THR Q 6 91.90 -73.12 -53.98
C THR Q 6 92.03 -72.97 -52.47
N PRO Q 7 91.12 -73.54 -51.69
CA PRO Q 7 91.33 -73.61 -50.24
C PRO Q 7 92.58 -74.41 -49.90
N ALA Q 8 93.43 -73.83 -49.05
CA ALA Q 8 94.78 -74.35 -48.87
C ALA Q 8 94.86 -75.56 -47.97
N VAL Q 9 93.83 -75.84 -47.17
CA VAL Q 9 93.85 -77.07 -46.40
C VAL Q 9 93.63 -78.24 -47.36
N ARG Q 10 94.24 -79.37 -47.04
CA ARG Q 10 94.49 -80.37 -48.07
C ARG Q 10 93.23 -81.14 -48.46
N GLY Q 11 92.50 -81.66 -47.49
CA GLY Q 11 91.31 -82.43 -47.79
C GLY Q 11 90.00 -81.78 -47.45
N GLY Q 12 90.01 -80.52 -47.02
CA GLY Q 12 88.81 -79.90 -46.50
C GLY Q 12 88.35 -78.71 -47.31
N ALA Q 13 88.32 -78.86 -48.64
CA ALA Q 13 88.10 -77.74 -49.55
C ALA Q 13 86.69 -77.16 -49.42
N ASN Q 14 85.67 -77.94 -49.77
CA ASN Q 14 84.29 -77.49 -49.65
C ASN Q 14 83.57 -78.40 -48.66
N PRO Q 15 83.45 -77.99 -47.40
CA PRO Q 15 82.89 -78.87 -46.38
C PRO Q 15 81.38 -78.99 -46.52
N ALA Q 16 80.83 -79.95 -45.79
CA ALA Q 16 79.40 -80.20 -45.86
C ALA Q 16 78.61 -79.13 -45.13
N SER Q 17 79.01 -78.80 -43.90
CA SER Q 17 78.29 -77.81 -43.12
C SER Q 17 78.54 -76.38 -43.60
N GLY Q 18 79.65 -76.15 -44.29
CA GLY Q 18 80.05 -74.82 -44.65
C GLY Q 18 81.01 -74.17 -43.69
N SER Q 19 81.29 -74.81 -42.55
CA SER Q 19 82.26 -74.29 -41.59
C SER Q 19 83.65 -74.73 -42.03
N TYR Q 20 84.20 -73.98 -42.99
CA TYR Q 20 85.56 -74.21 -43.47
C TYR Q 20 86.55 -73.85 -42.38
N LEU Q 21 87.20 -74.84 -41.80
CA LEU Q 21 88.12 -74.62 -40.69
C LEU Q 21 89.53 -74.44 -41.23
N LEU Q 22 90.14 -73.31 -40.89
CA LEU Q 22 91.48 -73.00 -41.36
C LEU Q 22 92.50 -73.86 -40.63
N ASP Q 23 93.57 -74.21 -41.31
CA ASP Q 23 94.69 -74.79 -40.60
C ASP Q 23 95.49 -73.67 -39.93
N PRO Q 24 96.08 -73.93 -38.76
CA PRO Q 24 96.73 -72.85 -38.02
C PRO Q 24 98.06 -72.45 -38.65
N GLN Q 25 98.21 -71.18 -38.97
CA GLN Q 25 99.49 -70.66 -39.42
C GLN Q 25 100.08 -69.79 -38.33
N TYR Q 26 101.41 -69.74 -38.31
CA TYR Q 26 102.17 -69.11 -37.25
C TYR Q 26 102.64 -67.75 -37.73
N VAL Q 27 102.18 -66.69 -37.06
CA VAL Q 27 102.40 -65.33 -37.52
C VAL Q 27 103.46 -64.68 -36.63
N ASN Q 28 103.83 -63.44 -36.97
CA ASN Q 28 104.73 -62.59 -36.18
C ASN Q 28 106.11 -63.22 -36.05
N SER Q 29 106.71 -63.55 -37.21
CA SER Q 29 107.98 -64.28 -37.34
C SER Q 29 107.96 -65.59 -36.55
N GLY Q 30 106.82 -66.27 -36.57
CA GLY Q 30 106.64 -67.54 -35.92
C GLY Q 30 106.74 -67.52 -34.40
N VAL Q 31 105.89 -66.74 -33.74
CA VAL Q 31 105.96 -66.65 -32.28
C VAL Q 31 104.58 -66.88 -31.67
N ASP Q 32 103.53 -66.82 -32.49
CA ASP Q 32 102.19 -67.00 -31.97
C ASP Q 32 101.27 -67.51 -33.07
N ILE Q 33 100.12 -68.03 -32.66
CA ILE Q 33 99.27 -68.88 -33.48
C ILE Q 33 97.96 -68.14 -33.74
N LEU Q 34 97.22 -68.58 -34.77
CA LEU Q 34 95.92 -68.01 -35.08
C LEU Q 34 94.76 -68.97 -34.78
N GLN Q 35 94.72 -70.13 -35.43
CA GLN Q 35 93.64 -71.13 -35.33
C GLN Q 35 92.27 -70.51 -35.64
N ALA Q 36 92.09 -70.12 -36.89
CA ALA Q 36 90.84 -69.51 -37.30
C ALA Q 36 89.89 -70.54 -37.89
N THR Q 37 88.66 -70.11 -38.16
CA THR Q 37 87.74 -70.84 -39.02
C THR Q 37 87.23 -69.91 -40.10
N TYR Q 38 86.24 -70.35 -40.88
CA TYR Q 38 85.62 -69.49 -41.89
C TYR Q 38 84.24 -70.09 -42.18
N GLY Q 39 83.21 -69.50 -41.61
CA GLY Q 39 81.87 -69.93 -41.94
C GLY Q 39 81.44 -69.40 -43.30
N TYR Q 40 80.85 -70.29 -44.10
CA TYR Q 40 80.30 -69.89 -45.39
C TYR Q 40 78.94 -69.22 -45.23
N ASN Q 41 78.18 -69.14 -46.34
CA ASN Q 41 77.00 -68.32 -46.54
C ASN Q 41 76.01 -68.30 -45.38
N ILE Q 42 75.90 -67.15 -44.72
CA ILE Q 42 75.07 -67.02 -43.53
C ILE Q 42 74.05 -65.90 -43.66
N ASN Q 43 74.19 -65.00 -44.62
CA ASN Q 43 73.24 -63.93 -44.86
C ASN Q 43 72.93 -63.84 -46.35
N GLY Q 44 72.60 -64.99 -46.96
CA GLY Q 44 72.26 -65.05 -48.37
C GLY Q 44 73.15 -66.02 -49.12
N THR Q 45 73.43 -65.70 -50.37
CA THR Q 45 74.40 -66.40 -51.18
C THR Q 45 75.48 -65.41 -51.62
N ALA Q 46 76.40 -65.87 -52.46
CA ALA Q 46 77.56 -65.07 -52.81
C ALA Q 46 77.50 -64.48 -54.21
N ASN Q 47 76.32 -64.51 -54.85
CA ASN Q 47 75.85 -63.73 -56.01
C ASN Q 47 76.86 -63.41 -57.12
N ALA Q 48 77.77 -64.35 -57.41
CA ALA Q 48 78.67 -64.36 -58.57
C ALA Q 48 79.70 -63.23 -58.61
N ASP Q 49 79.66 -62.32 -57.64
CA ASP Q 49 80.68 -61.29 -57.46
C ASP Q 49 81.43 -61.44 -56.16
N GLN Q 50 80.75 -61.89 -55.11
CA GLN Q 50 81.35 -62.17 -53.82
C GLN Q 50 82.07 -63.51 -53.79
N LEU Q 51 82.00 -64.29 -54.88
CA LEU Q 51 82.94 -65.40 -55.03
C LEU Q 51 84.34 -64.90 -55.31
N LEU Q 52 84.50 -63.68 -55.81
CA LEU Q 52 85.81 -63.10 -56.04
C LEU Q 52 86.35 -62.38 -54.81
N GLN Q 53 85.47 -61.96 -53.90
CA GLN Q 53 85.94 -61.34 -52.66
C GLN Q 53 86.26 -62.40 -51.62
N ARG Q 54 85.46 -63.48 -51.58
CA ARG Q 54 85.80 -64.64 -50.78
C ARG Q 54 87.06 -65.33 -51.29
N ASP Q 55 87.35 -65.15 -52.58
CA ASP Q 55 88.58 -65.67 -53.17
C ASP Q 55 89.81 -64.97 -52.62
N ALA Q 56 89.67 -63.70 -52.25
CA ALA Q 56 90.81 -62.87 -51.86
C ALA Q 56 90.94 -62.67 -50.36
N ILE Q 57 89.85 -62.80 -49.61
CA ILE Q 57 89.95 -62.76 -48.15
C ILE Q 57 90.69 -64.00 -47.65
N LEU Q 58 90.38 -65.16 -48.22
CA LEU Q 58 91.10 -66.38 -47.86
C LEU Q 58 92.55 -66.35 -48.31
N ALA Q 59 92.85 -65.64 -49.40
CA ALA Q 59 94.23 -65.55 -49.84
C ALA Q 59 95.05 -64.63 -48.94
N ILE Q 60 94.42 -63.59 -48.39
CA ILE Q 60 95.13 -62.67 -47.51
C ILE Q 60 95.18 -63.21 -46.09
N LEU Q 61 94.41 -64.26 -45.80
CA LEU Q 61 94.37 -64.86 -44.48
C LEU Q 61 95.28 -66.06 -44.35
N GLU Q 62 95.62 -66.69 -45.47
CA GLU Q 62 96.47 -67.88 -45.48
C GLU Q 62 97.89 -67.59 -45.95
N TYR Q 63 98.05 -67.03 -47.14
CA TYR Q 63 99.38 -66.89 -47.72
C TYR Q 63 100.02 -65.54 -47.45
N ALA Q 64 99.40 -64.68 -46.65
CA ALA Q 64 99.91 -63.33 -46.42
C ALA Q 64 100.41 -63.11 -45.01
N LEU Q 65 99.62 -63.50 -44.00
CA LEU Q 65 100.04 -63.25 -42.62
C LEU Q 65 101.15 -64.19 -42.20
N LYS Q 66 101.26 -65.36 -42.82
CA LYS Q 66 102.37 -66.26 -42.55
C LYS Q 66 103.66 -65.74 -43.17
N ASP Q 67 103.56 -65.03 -44.29
CA ASP Q 67 104.74 -64.54 -45.01
C ASP Q 67 105.41 -63.42 -44.24
N THR Q 68 106.75 -63.42 -44.25
CA THR Q 68 107.52 -62.53 -43.41
C THR Q 68 107.87 -61.20 -44.07
N ALA Q 69 107.60 -61.03 -45.36
CA ALA Q 69 107.80 -59.74 -46.00
C ALA Q 69 106.53 -58.90 -46.03
N PHE Q 70 105.36 -59.56 -46.04
CA PHE Q 70 104.11 -58.83 -45.99
C PHE Q 70 103.85 -58.23 -44.62
N VAL Q 71 104.28 -58.92 -43.56
CA VAL Q 71 104.04 -58.39 -42.21
C VAL Q 71 105.00 -57.23 -41.91
N ASN Q 72 106.15 -57.20 -42.57
CA ASN Q 72 107.00 -56.01 -42.48
C ASN Q 72 106.52 -54.91 -43.41
N ALA Q 73 105.77 -55.24 -44.46
CA ALA Q 73 105.19 -54.22 -45.32
C ALA Q 73 104.04 -53.52 -44.62
N ILE Q 74 103.27 -54.25 -43.82
CA ILE Q 74 102.18 -53.64 -43.05
C ILE Q 74 102.67 -53.02 -41.77
N GLN Q 75 103.91 -53.31 -41.37
CA GLN Q 75 104.51 -52.63 -40.23
C GLN Q 75 104.94 -51.22 -40.60
N ALA Q 76 105.49 -51.04 -41.81
CA ALA Q 76 105.97 -49.73 -42.23
C ALA Q 76 104.84 -48.75 -42.50
N VAL Q 77 103.63 -49.24 -42.76
CA VAL Q 77 102.49 -48.34 -42.88
C VAL Q 77 102.09 -47.82 -41.50
N ALA Q 78 102.27 -48.64 -40.46
CA ALA Q 78 101.94 -48.27 -39.10
C ALA Q 78 103.06 -47.50 -38.41
N ALA Q 79 103.96 -46.88 -39.17
CA ALA Q 79 105.01 -46.05 -38.61
C ALA Q 79 105.03 -44.66 -39.22
N GLY Q 80 104.05 -44.33 -40.07
CA GLY Q 80 104.03 -43.05 -40.74
C GLY Q 80 103.49 -41.94 -39.86
N SER Q 81 103.00 -40.89 -40.52
CA SER Q 81 102.41 -39.74 -39.85
C SER Q 81 100.93 -39.69 -40.21
N GLY Q 82 100.09 -39.60 -39.18
CA GLY Q 82 98.66 -39.61 -39.37
C GLY Q 82 98.01 -40.97 -39.26
N VAL Q 83 98.80 -42.03 -39.11
CA VAL Q 83 98.25 -43.38 -38.96
C VAL Q 83 98.08 -43.63 -37.47
N THR Q 84 97.01 -43.07 -36.92
CA THR Q 84 96.56 -43.35 -35.57
C THR Q 84 95.07 -43.68 -35.65
N THR Q 85 94.52 -44.19 -34.53
CA THR Q 85 93.12 -44.60 -34.39
C THR Q 85 92.73 -45.58 -35.49
N PRO Q 86 93.08 -46.88 -35.34
CA PRO Q 86 93.30 -47.78 -36.49
C PRO Q 86 92.18 -47.97 -37.51
N ALA Q 87 91.03 -47.32 -37.32
CA ALA Q 87 90.07 -47.18 -38.41
C ALA Q 87 90.61 -46.30 -39.53
N SER Q 88 91.63 -45.49 -39.27
CA SER Q 88 92.32 -44.74 -40.31
C SER Q 88 93.60 -45.40 -40.78
N PHE Q 89 94.08 -46.42 -40.06
CA PHE Q 89 95.17 -47.25 -40.56
C PHE Q 89 94.75 -48.02 -41.80
N VAL Q 90 93.50 -48.48 -41.85
CA VAL Q 90 93.03 -49.18 -43.03
C VAL Q 90 92.79 -48.19 -44.17
N SER Q 91 92.50 -46.92 -43.86
CA SER Q 91 92.28 -45.94 -44.92
C SER Q 91 93.59 -45.53 -45.58
N ALA Q 92 94.67 -45.44 -44.82
CA ALA Q 92 95.97 -45.14 -45.41
C ALA Q 92 96.60 -46.36 -46.07
N CYS Q 93 96.07 -47.55 -45.82
CA CYS Q 93 96.52 -48.75 -46.51
C CYS Q 93 95.71 -49.03 -47.77
N VAL Q 94 94.46 -48.59 -47.81
CA VAL Q 94 93.63 -48.85 -48.98
C VAL Q 94 93.93 -47.84 -50.09
N THR Q 95 94.43 -46.65 -49.75
CA THR Q 95 94.80 -45.68 -50.76
C THR Q 95 96.21 -45.92 -51.29
N LYS Q 96 97.00 -46.72 -50.59
CA LYS Q 96 98.30 -47.12 -51.10
C LYS Q 96 98.18 -48.31 -52.04
N LEU Q 97 97.11 -49.09 -51.94
CA LEU Q 97 96.85 -50.24 -52.79
C LEU Q 97 96.09 -49.87 -54.06
N THR Q 98 96.11 -48.62 -54.48
CA THR Q 98 95.46 -48.22 -55.73
C THR Q 98 96.49 -47.86 -56.79
N PRO R 2 1.01 82.18 60.21
CA PRO R 2 -0.16 82.28 59.33
C PRO R 2 -0.56 80.93 58.78
N LEU R 3 -1.12 80.06 59.61
CA LEU R 3 -1.54 78.74 59.17
C LEU R 3 -2.65 78.25 60.09
N VAL R 4 -3.69 77.66 59.50
CA VAL R 4 -4.95 77.41 60.18
C VAL R 4 -5.32 75.92 60.17
N TYR R 5 -4.31 75.06 60.32
CA TYR R 5 -4.53 73.61 60.29
C TYR R 5 -5.47 73.14 61.38
N THR R 6 -6.28 72.15 61.03
CA THR R 6 -7.22 71.35 61.78
C THR R 6 -6.86 69.89 61.52
N PRO R 7 -6.96 68.99 62.51
CA PRO R 7 -6.71 67.57 62.25
C PRO R 7 -7.68 67.00 61.22
N ALA R 8 -7.11 66.33 60.21
CA ALA R 8 -7.79 66.12 58.96
C ALA R 8 -8.71 64.91 58.95
N VAL R 9 -8.75 64.10 60.01
CA VAL R 9 -9.81 63.10 60.08
C VAL R 9 -11.11 63.83 60.40
N ARG R 10 -12.23 63.23 60.03
CA ARG R 10 -13.47 64.00 60.00
C ARG R 10 -14.02 64.23 61.41
N GLY R 11 -14.38 63.18 62.12
CA GLY R 11 -15.00 63.37 63.42
C GLY R 11 -14.14 63.08 64.63
N GLY R 12 -12.82 63.10 64.46
CA GLY R 12 -11.91 62.69 65.51
C GLY R 12 -10.77 63.64 65.76
N ALA R 13 -11.05 64.95 65.78
CA ALA R 13 -10.00 65.96 65.67
C ALA R 13 -9.10 66.01 66.91
N ASN R 14 -9.67 66.24 68.09
CA ASN R 14 -8.89 66.29 69.32
C ASN R 14 -9.43 65.26 70.31
N PRO R 15 -8.82 64.09 70.38
CA PRO R 15 -9.43 62.99 71.14
C PRO R 15 -9.20 63.14 72.64
N ALA R 16 -10.22 62.72 73.39
CA ALA R 16 -10.11 62.74 74.84
C ALA R 16 -9.27 61.57 75.36
N SER R 17 -9.18 60.49 74.59
CA SER R 17 -8.34 59.37 74.99
C SER R 17 -6.87 59.72 74.92
N GLY R 18 -6.50 60.65 74.06
CA GLY R 18 -5.12 61.03 73.86
C GLY R 18 -4.43 60.35 72.70
N SER R 19 -5.11 59.42 72.02
CA SER R 19 -4.52 58.66 70.93
C SER R 19 -5.23 59.05 69.64
N TYR R 20 -4.72 60.10 69.00
CA TYR R 20 -5.25 60.51 67.70
C TYR R 20 -4.88 59.49 66.64
N LEU R 21 -5.89 58.84 66.08
CA LEU R 21 -5.66 57.76 65.13
C LEU R 21 -5.73 58.32 63.72
N LEU R 22 -4.58 58.31 63.04
CA LEU R 22 -4.48 58.68 61.63
C LEU R 22 -5.31 57.72 60.79
N ASP R 23 -6.09 58.27 59.87
CA ASP R 23 -6.81 57.42 58.93
C ASP R 23 -5.83 56.84 57.91
N PRO R 24 -6.08 55.62 57.43
CA PRO R 24 -5.14 54.99 56.48
C PRO R 24 -5.19 55.69 55.13
N GLN R 25 -4.03 55.92 54.57
CA GLN R 25 -3.93 56.59 53.29
C GLN R 25 -2.88 55.91 52.42
N TYR R 26 -2.92 56.23 51.13
CA TYR R 26 -2.28 55.42 50.10
C TYR R 26 -1.21 56.27 49.43
N VAL R 27 0.04 55.85 49.58
CA VAL R 27 1.15 56.78 49.76
C VAL R 27 1.99 56.95 48.49
N ASN R 28 2.29 55.88 47.76
CA ASN R 28 3.07 56.00 46.52
C ASN R 28 2.27 56.55 45.34
N SER R 29 1.02 56.99 45.58
CA SER R 29 -0.11 57.25 44.68
C SER R 29 -0.71 55.95 44.15
N GLY R 30 -0.03 54.85 44.44
CA GLY R 30 -0.37 53.50 44.08
C GLY R 30 -0.61 52.63 45.28
N VAL R 31 0.49 52.00 45.69
CA VAL R 31 0.50 50.61 46.10
C VAL R 31 0.63 50.38 47.61
N ASP R 32 0.89 51.41 48.40
CA ASP R 32 1.20 51.20 49.82
C ASP R 32 0.26 51.95 50.74
N ILE R 33 -0.24 51.25 51.75
CA ILE R 33 -1.06 51.81 52.82
C ILE R 33 -0.12 52.21 53.95
N LEU R 34 -0.58 53.12 54.83
CA LEU R 34 0.28 53.66 55.87
C LEU R 34 -0.16 53.27 57.27
N GLN R 35 -1.37 53.64 57.71
CA GLN R 35 -1.98 53.26 59.00
C GLN R 35 -1.14 53.69 60.20
N ALA R 36 -1.08 55.00 60.42
CA ALA R 36 -0.40 55.51 61.60
C ALA R 36 -1.38 55.74 62.75
N THR R 37 -0.81 55.97 63.94
CA THR R 37 -1.53 56.63 65.02
C THR R 37 -0.69 57.81 65.48
N TYR R 38 -1.06 58.46 66.57
CA TYR R 38 -0.33 59.61 67.07
C TYR R 38 -0.72 59.81 68.52
N GLY R 39 0.21 59.55 69.44
CA GLY R 39 -0.06 59.77 70.85
C GLY R 39 0.27 61.20 71.24
N TYR R 40 -0.63 61.82 71.99
CA TYR R 40 -0.40 63.16 72.52
C TYR R 40 0.43 63.10 73.79
N ASN R 41 0.43 64.22 74.53
CA ASN R 41 1.42 64.63 75.53
C ASN R 41 1.89 63.54 76.49
N ILE R 42 3.16 63.16 76.38
CA ILE R 42 3.67 62.02 77.14
C ILE R 42 4.93 62.35 77.94
N ASN R 43 5.60 63.48 77.70
CA ASN R 43 6.73 63.92 78.50
C ASN R 43 6.60 65.39 78.83
N GLY R 44 5.44 65.77 79.36
CA GLY R 44 5.11 67.15 79.65
C GLY R 44 3.83 67.50 78.95
N THR R 45 3.65 68.80 78.66
CA THR R 45 2.59 69.18 77.73
C THR R 45 3.14 69.87 76.49
N ALA R 46 3.69 71.08 76.61
CA ALA R 46 4.07 71.96 75.50
C ALA R 46 4.64 73.27 76.04
N ASN R 47 5.40 73.99 75.23
CA ASN R 47 5.85 75.33 75.61
C ASN R 47 5.57 76.36 74.52
N ALA R 48 4.43 76.20 73.85
CA ALA R 48 3.86 77.09 72.83
C ALA R 48 4.65 77.17 71.53
N ASP R 49 5.83 76.55 71.46
CA ASP R 49 6.44 76.15 70.21
C ASP R 49 6.02 74.74 69.84
N GLN R 50 5.78 73.90 70.85
CA GLN R 50 5.40 72.52 70.62
C GLN R 50 3.92 72.37 70.28
N LEU R 51 3.14 73.45 70.32
CA LEU R 51 1.86 73.46 69.64
C LEU R 51 2.00 73.78 68.17
N LEU R 52 3.11 74.39 67.77
CA LEU R 52 3.32 74.83 66.39
C LEU R 52 4.15 73.86 65.57
N GLN R 53 5.09 73.16 66.20
CA GLN R 53 5.81 72.12 65.47
C GLN R 53 4.92 70.91 65.27
N ARG R 54 4.06 70.60 66.26
CA ARG R 54 3.05 69.56 66.11
C ARG R 54 2.03 69.95 65.05
N ASP R 55 1.82 71.25 64.86
CA ASP R 55 0.91 71.74 63.85
C ASP R 55 1.41 71.49 62.43
N ALA R 56 2.72 71.24 62.28
CA ALA R 56 3.30 70.93 60.98
C ALA R 56 3.74 69.49 60.82
N ILE R 57 3.93 68.76 61.92
CA ILE R 57 4.20 67.33 61.83
C ILE R 57 2.96 66.60 61.31
N LEU R 58 1.79 66.97 61.83
CA LEU R 58 0.55 66.43 61.27
C LEU R 58 0.25 66.96 59.88
N ALA R 59 0.80 68.13 59.52
CA ALA R 59 0.57 68.63 58.17
C ALA R 59 1.39 67.86 57.14
N ILE R 60 2.61 67.47 57.50
CA ILE R 60 3.46 66.71 56.59
C ILE R 60 3.06 65.24 56.53
N LEU R 61 2.17 64.81 57.42
CA LEU R 61 1.77 63.42 57.53
C LEU R 61 0.36 63.14 57.04
N GLU R 62 -0.55 64.10 57.18
CA GLU R 62 -1.91 63.96 56.66
C GLU R 62 -1.97 64.29 55.17
N TYR R 63 -1.35 65.39 54.75
CA TYR R 63 -1.55 65.94 53.42
C TYR R 63 -0.38 65.75 52.47
N ALA R 64 0.83 65.54 52.97
CA ALA R 64 1.99 65.58 52.09
C ALA R 64 2.38 64.22 51.55
N LEU R 65 2.37 63.17 52.37
CA LEU R 65 2.75 61.86 51.89
C LEU R 65 1.67 61.25 51.00
N LYS R 66 0.41 61.67 51.17
CA LYS R 66 -0.64 61.27 50.24
C LYS R 66 -0.46 61.95 48.88
N ASP R 67 0.13 63.14 48.88
CA ASP R 67 0.27 63.94 47.67
C ASP R 67 1.25 63.30 46.70
N THR R 68 0.99 63.49 45.41
CA THR R 68 1.78 62.88 44.34
C THR R 68 2.81 63.82 43.75
N ALA R 69 2.94 65.04 44.27
CA ALA R 69 3.97 65.96 43.82
C ALA R 69 4.99 66.28 44.89
N PHE R 70 4.64 66.10 46.17
CA PHE R 70 5.62 66.21 47.23
C PHE R 70 6.56 65.01 47.24
N VAL R 71 6.03 63.82 46.95
CA VAL R 71 6.87 62.62 46.97
C VAL R 71 7.82 62.57 45.78
N ASN R 72 7.48 63.22 44.66
CA ASN R 72 8.46 63.33 43.59
C ASN R 72 9.54 64.34 43.91
N ALA R 73 9.22 65.38 44.66
CA ALA R 73 10.24 66.37 45.02
C ALA R 73 11.15 65.86 46.12
N ILE R 74 10.66 64.95 46.96
CA ILE R 74 11.55 64.29 47.92
C ILE R 74 12.27 63.13 47.26
N GLN R 75 11.84 62.71 46.07
CA GLN R 75 12.60 61.72 45.30
C GLN R 75 13.80 62.37 44.63
N ALA R 76 13.64 63.60 44.11
CA ALA R 76 14.72 64.28 43.43
C ALA R 76 15.81 64.73 44.38
N VAL R 77 15.53 64.82 45.67
CA VAL R 77 16.59 65.08 46.64
C VAL R 77 17.44 63.82 46.82
N ALA R 78 16.81 62.65 46.80
CA ALA R 78 17.52 61.39 46.97
C ALA R 78 18.36 61.00 45.77
N ALA R 79 18.22 61.69 44.64
CA ALA R 79 19.07 61.46 43.48
C ALA R 79 20.18 62.48 43.36
N GLY R 80 20.38 63.31 44.37
CA GLY R 80 21.50 64.23 44.36
C GLY R 80 22.82 63.50 44.55
N SER R 81 23.88 64.05 43.97
CA SER R 81 25.15 63.37 43.88
C SER R 81 25.97 63.39 45.18
N GLY R 82 25.40 63.88 46.28
CA GLY R 82 26.08 63.85 47.54
C GLY R 82 25.19 63.41 48.68
N VAL R 83 24.26 62.51 48.39
CA VAL R 83 23.23 62.09 49.35
C VAL R 83 23.38 60.58 49.54
N THR R 84 24.08 60.17 50.59
CA THR R 84 24.15 58.78 51.04
C THR R 84 23.98 58.77 52.55
N THR R 85 23.78 57.55 53.11
CA THR R 85 23.71 57.25 54.54
C THR R 85 22.68 58.12 55.24
N PRO R 86 21.38 57.79 55.17
CA PRO R 86 20.31 58.80 55.26
C PRO R 86 20.15 59.55 56.57
N ALA R 87 21.24 60.13 57.05
CA ALA R 87 21.22 61.29 57.93
C ALA R 87 21.77 62.50 57.22
N SER R 88 22.38 62.32 56.05
CA SER R 88 22.71 63.41 55.16
C SER R 88 21.58 63.71 54.18
N PHE R 89 20.66 62.76 53.99
CA PHE R 89 19.45 63.03 53.23
C PHE R 89 18.56 64.03 53.96
N VAL R 90 18.39 63.85 55.26
CA VAL R 90 17.51 64.75 56.00
C VAL R 90 18.15 66.11 56.23
N SER R 91 19.48 66.20 56.12
CA SER R 91 20.15 67.47 56.26
C SER R 91 20.39 68.17 54.92
N ALA R 92 20.17 67.47 53.81
CA ALA R 92 20.27 68.14 52.51
C ALA R 92 18.96 68.80 52.13
N CYS R 93 17.84 68.29 52.61
CA CYS R 93 16.56 68.93 52.34
C CYS R 93 16.31 70.10 53.28
N VAL R 94 17.03 70.18 54.39
CA VAL R 94 16.94 71.35 55.26
C VAL R 94 17.54 72.57 54.59
N THR R 95 18.67 72.39 53.89
CA THR R 95 19.26 73.50 53.13
C THR R 95 18.38 73.91 51.96
N LYS R 96 17.56 72.99 51.45
CA LYS R 96 16.53 73.37 50.49
C LYS R 96 15.44 74.20 51.16
N LEU R 97 15.05 73.83 52.39
CA LEU R 97 13.93 74.44 53.08
C LEU R 97 14.30 75.69 53.85
N THR R 98 15.44 76.32 53.56
CA THR R 98 15.78 77.60 54.16
C THR R 98 16.11 78.62 53.08
N PRO S 2 15.94 -62.59 -88.20
CA PRO S 2 14.77 -62.77 -87.33
C PRO S 2 14.59 -64.21 -86.88
N LEU S 3 15.48 -64.68 -86.02
CA LEU S 3 15.41 -66.06 -85.55
C LEU S 3 14.22 -66.29 -84.62
N VAL S 4 13.73 -67.52 -84.64
CA VAL S 4 12.56 -67.94 -83.87
C VAL S 4 13.03 -68.95 -82.83
N TYR S 5 14.23 -68.70 -82.30
CA TYR S 5 14.95 -69.62 -81.42
C TYR S 5 14.14 -70.09 -80.23
N THR S 6 14.21 -71.39 -79.98
CA THR S 6 13.68 -72.13 -78.86
C THR S 6 14.83 -72.74 -78.06
N PRO S 7 14.67 -72.92 -76.75
CA PRO S 7 15.71 -73.58 -75.96
C PRO S 7 15.86 -75.05 -76.34
N ALA S 8 17.11 -75.48 -76.46
CA ALA S 8 17.44 -76.73 -77.13
C ALA S 8 17.34 -77.96 -76.24
N VAL S 9 16.86 -77.82 -75.01
CA VAL S 9 16.54 -79.00 -74.22
C VAL S 9 15.31 -79.66 -74.82
N ARG S 10 15.32 -81.00 -74.89
CA ARG S 10 14.24 -81.74 -75.53
C ARG S 10 12.90 -81.53 -74.81
N GLY S 11 12.91 -81.56 -73.49
CA GLY S 11 11.73 -81.21 -72.73
C GLY S 11 12.10 -80.30 -71.57
N GLY S 12 11.50 -79.12 -71.50
CA GLY S 12 11.98 -78.14 -70.54
C GLY S 12 12.46 -76.84 -71.14
N ALA S 13 11.77 -76.37 -72.18
CA ALA S 13 12.15 -75.11 -72.82
C ALA S 13 11.98 -73.93 -71.87
N ASN S 14 10.75 -73.64 -71.46
CA ASN S 14 10.49 -72.56 -70.51
C ASN S 14 10.09 -73.15 -69.18
N PRO S 15 11.00 -73.27 -68.22
CA PRO S 15 10.69 -73.98 -66.98
C PRO S 15 9.81 -73.15 -66.06
N ALA S 16 9.18 -73.86 -65.12
CA ALA S 16 8.21 -73.21 -64.25
C ALA S 16 8.88 -72.35 -63.20
N SER S 17 9.91 -72.87 -62.54
CA SER S 17 10.60 -72.11 -61.51
C SER S 17 11.63 -71.14 -62.06
N GLY S 18 11.85 -71.12 -63.37
CA GLY S 18 12.80 -70.19 -63.93
C GLY S 18 14.24 -70.58 -63.77
N SER S 19 14.52 -71.84 -63.49
CA SER S 19 15.89 -72.36 -63.43
C SER S 19 16.08 -73.29 -64.63
N TYR S 20 16.45 -72.71 -65.76
CA TYR S 20 16.63 -73.46 -66.99
C TYR S 20 17.98 -74.15 -66.96
N LEU S 21 17.97 -75.43 -66.62
CA LEU S 21 19.20 -76.21 -66.47
C LEU S 21 19.73 -76.57 -67.85
N LEU S 22 20.86 -75.96 -68.21
CA LEU S 22 21.56 -76.30 -69.45
C LEU S 22 22.05 -77.74 -69.40
N ASP S 23 21.69 -78.49 -70.44
CA ASP S 23 22.23 -79.84 -70.60
C ASP S 23 23.72 -79.78 -70.87
N PRO S 24 24.49 -80.80 -70.43
CA PRO S 24 25.95 -80.72 -70.56
C PRO S 24 26.39 -80.79 -72.01
N GLN S 25 27.31 -79.93 -72.37
CA GLN S 25 27.80 -79.83 -73.74
C GLN S 25 29.32 -79.87 -73.75
N TYR S 26 29.85 -80.47 -74.81
CA TYR S 26 31.27 -80.78 -74.90
C TYR S 26 31.90 -79.77 -75.85
N VAL S 27 32.79 -78.94 -75.32
CA VAL S 27 32.98 -77.59 -75.86
C VAL S 27 34.09 -77.52 -76.89
N ASN S 28 35.28 -78.04 -76.60
CA ASN S 28 36.40 -77.95 -77.55
C ASN S 28 36.29 -78.89 -78.74
N SER S 29 35.15 -79.62 -78.87
CA SER S 29 34.83 -80.78 -79.72
C SER S 29 35.54 -82.03 -79.21
N GLY S 30 36.43 -81.84 -78.25
CA GLY S 30 37.18 -82.85 -77.57
C GLY S 30 36.89 -82.88 -76.08
N VAL S 31 37.69 -82.11 -75.36
CA VAL S 31 38.19 -82.51 -74.05
C VAL S 31 37.45 -81.89 -72.87
N ASP S 32 36.59 -80.89 -73.09
CA ASP S 32 36.01 -80.20 -71.94
C ASP S 32 34.49 -80.28 -71.93
N ILE S 33 33.94 -80.07 -70.74
CA ILE S 33 32.51 -80.13 -70.48
C ILE S 33 32.13 -78.83 -69.78
N LEU S 34 30.89 -78.37 -69.96
CA LEU S 34 30.52 -77.02 -69.55
C LEU S 34 29.57 -77.01 -68.35
N GLN S 35 28.38 -77.61 -68.46
CA GLN S 35 27.41 -77.78 -67.37
C GLN S 35 27.00 -76.45 -66.72
N ALA S 36 26.29 -75.63 -67.48
CA ALA S 36 25.80 -74.38 -66.93
C ALA S 36 24.38 -74.54 -66.42
N THR S 37 23.85 -73.47 -65.84
CA THR S 37 22.42 -73.25 -65.65
C THR S 37 22.10 -71.88 -66.22
N TYR S 38 20.84 -71.46 -66.09
CA TYR S 38 20.45 -70.13 -66.55
C TYR S 38 19.20 -69.71 -65.78
N GLY S 39 19.36 -68.84 -64.79
CA GLY S 39 18.22 -68.36 -64.04
C GLY S 39 17.51 -67.24 -64.79
N TYR S 40 16.19 -67.31 -64.84
CA TYR S 40 15.37 -66.24 -65.40
C TYR S 40 15.17 -65.14 -64.37
N ASN S 41 14.15 -64.30 -64.61
CA ASN S 41 13.97 -62.94 -64.09
C ASN S 41 14.27 -62.78 -62.61
N ILE S 42 15.31 -61.99 -62.32
CA ILE S 42 15.78 -61.81 -60.95
C ILE S 42 15.95 -60.35 -60.56
N ASN S 43 15.91 -59.40 -61.50
CA ASN S 43 15.90 -57.97 -61.18
C ASN S 43 14.80 -57.28 -61.96
N GLY S 44 13.61 -57.85 -61.95
CA GLY S 44 12.47 -57.27 -62.63
C GLY S 44 11.90 -58.21 -63.67
N THR S 45 11.37 -57.61 -64.73
CA THR S 45 10.91 -58.36 -65.89
C THR S 45 11.75 -57.95 -67.09
N ALA S 46 11.65 -58.70 -68.19
CA ALA S 46 12.61 -58.53 -69.28
C ALA S 46 12.08 -57.60 -70.36
N ASN S 47 11.02 -56.84 -70.06
CA ASN S 47 10.53 -55.60 -70.69
C ASN S 47 10.60 -55.54 -72.21
N ALA S 48 10.40 -56.67 -72.90
CA ALA S 48 10.15 -56.79 -74.34
C ALA S 48 11.32 -56.40 -75.25
N ASP S 49 12.42 -55.93 -74.68
CA ASP S 49 13.65 -55.73 -75.45
C ASP S 49 14.68 -56.74 -75.00
N GLN S 50 14.68 -57.05 -73.70
CA GLN S 50 15.67 -57.96 -73.14
C GLN S 50 15.28 -59.41 -73.38
N LEU S 51 14.09 -59.63 -73.95
CA LEU S 51 13.74 -60.95 -74.46
C LEU S 51 14.59 -61.24 -75.69
N LEU S 52 14.86 -60.22 -76.50
CA LEU S 52 15.67 -60.39 -77.69
C LEU S 52 17.15 -60.54 -77.38
N GLN S 53 17.62 -59.91 -76.31
CA GLN S 53 19.01 -60.10 -75.93
C GLN S 53 19.22 -61.45 -75.27
N ARG S 54 18.24 -61.91 -74.49
CA ARG S 54 18.27 -63.27 -73.95
C ARG S 54 18.14 -64.30 -75.04
N ASP S 55 17.51 -63.93 -76.15
CA ASP S 55 17.34 -64.81 -77.29
C ASP S 55 18.68 -65.09 -77.97
N ALA S 56 19.64 -64.18 -77.84
CA ALA S 56 20.95 -64.31 -78.48
C ALA S 56 22.03 -64.81 -77.55
N ILE S 57 21.78 -64.83 -76.23
CA ILE S 57 22.77 -65.36 -75.30
C ILE S 57 22.63 -66.86 -75.13
N LEU S 58 21.39 -67.35 -75.08
CA LEU S 58 21.17 -68.80 -75.08
C LEU S 58 21.58 -69.42 -76.41
N ALA S 59 21.51 -68.67 -77.50
CA ALA S 59 21.97 -69.20 -78.77
C ALA S 59 23.49 -69.27 -78.83
N ILE S 60 24.19 -68.35 -78.17
CA ILE S 60 25.66 -68.39 -78.18
C ILE S 60 26.18 -69.43 -77.20
N LEU S 61 25.31 -69.94 -76.34
CA LEU S 61 25.67 -70.86 -75.28
C LEU S 61 25.25 -72.29 -75.58
N GLU S 62 24.07 -72.49 -76.19
CA GLU S 62 23.64 -73.81 -76.65
C GLU S 62 24.35 -74.21 -77.93
N TYR S 63 24.29 -73.37 -78.96
CA TYR S 63 24.63 -73.75 -80.32
C TYR S 63 25.96 -73.23 -80.85
N ALA S 64 26.71 -72.47 -80.07
CA ALA S 64 27.90 -71.84 -80.63
C ALA S 64 29.21 -72.28 -80.01
N LEU S 65 29.27 -72.44 -78.68
CA LEU S 65 30.52 -72.91 -78.07
C LEU S 65 30.74 -74.39 -78.32
N LYS S 66 29.68 -75.13 -78.60
CA LYS S 66 29.81 -76.52 -79.00
C LYS S 66 30.38 -76.63 -80.42
N ASP S 67 30.16 -75.61 -81.23
CA ASP S 67 30.57 -75.62 -82.63
C ASP S 67 32.08 -75.51 -82.77
N THR S 68 32.62 -76.16 -83.79
CA THR S 68 34.07 -76.21 -84.01
C THR S 68 34.57 -75.15 -84.97
N ALA S 69 33.69 -74.41 -85.62
CA ALA S 69 34.11 -73.34 -86.52
C ALA S 69 34.05 -71.97 -85.86
N PHE S 70 33.05 -71.75 -85.00
CA PHE S 70 32.97 -70.52 -84.22
C PHE S 70 34.13 -70.40 -83.25
N VAL S 71 34.62 -71.52 -82.73
CA VAL S 71 35.71 -71.47 -81.77
C VAL S 71 37.05 -71.22 -82.47
N ASN S 72 37.17 -71.56 -83.75
CA ASN S 72 38.40 -71.23 -84.46
C ASN S 72 38.44 -69.77 -84.90
N ALA S 73 37.28 -69.16 -85.14
CA ALA S 73 37.25 -67.75 -85.47
C ALA S 73 37.51 -66.91 -84.24
N ILE S 74 36.98 -67.33 -83.09
CA ILE S 74 37.27 -66.62 -81.85
C ILE S 74 38.69 -66.93 -81.37
N GLN S 75 39.32 -67.98 -81.89
CA GLN S 75 40.74 -68.21 -81.63
C GLN S 75 41.61 -67.24 -82.41
N ALA S 76 41.18 -66.85 -83.60
CA ALA S 76 41.99 -65.97 -84.43
C ALA S 76 41.98 -64.54 -83.92
N VAL S 77 40.88 -64.12 -83.28
CA VAL S 77 40.81 -62.79 -82.68
C VAL S 77 41.73 -62.72 -81.47
N ALA S 78 41.93 -63.85 -80.79
CA ALA S 78 42.83 -63.94 -79.64
C ALA S 78 44.30 -64.11 -80.04
N ALA S 79 44.67 -63.76 -81.26
CA ALA S 79 46.07 -63.70 -81.66
C ALA S 79 46.34 -62.49 -82.54
N GLY S 80 45.61 -61.40 -82.32
CA GLY S 80 45.74 -60.22 -83.14
C GLY S 80 46.96 -59.39 -82.79
N SER S 81 46.96 -58.16 -83.29
CA SER S 81 48.11 -57.28 -83.11
C SER S 81 48.16 -56.68 -81.71
N GLY S 82 47.02 -56.21 -81.21
CA GLY S 82 46.99 -55.51 -79.94
C GLY S 82 45.97 -56.08 -78.99
N VAL S 83 45.83 -57.40 -78.98
CA VAL S 83 44.83 -58.05 -78.15
C VAL S 83 45.50 -58.70 -76.94
N THR S 84 45.56 -57.97 -75.83
CA THR S 84 45.93 -58.49 -74.52
C THR S 84 44.87 -58.01 -73.53
N THR S 85 45.03 -58.41 -72.25
CA THR S 85 44.24 -57.95 -71.09
C THR S 85 42.75 -58.12 -71.32
N PRO S 86 42.17 -59.33 -71.13
CA PRO S 86 40.93 -59.72 -71.81
C PRO S 86 39.67 -58.94 -71.47
N ALA S 87 39.75 -57.62 -71.59
CA ALA S 87 38.62 -56.76 -71.85
C ALA S 87 38.82 -55.96 -73.13
N SER S 88 40.04 -55.90 -73.66
CA SER S 88 40.26 -55.44 -75.03
C SER S 88 40.09 -56.57 -76.03
N PHE S 89 40.10 -57.82 -75.57
CA PHE S 89 39.68 -58.93 -76.42
C PHE S 89 38.21 -58.81 -76.78
N VAL S 90 37.35 -58.63 -75.78
CA VAL S 90 35.91 -58.59 -76.01
C VAL S 90 35.45 -57.29 -76.64
N SER S 91 36.29 -56.27 -76.66
CA SER S 91 35.99 -55.04 -77.39
C SER S 91 36.60 -55.03 -78.78
N ALA S 92 37.52 -55.95 -79.07
CA ALA S 92 37.99 -56.11 -80.43
C ALA S 92 37.02 -56.93 -81.27
N CYS S 93 36.24 -57.80 -80.63
CA CYS S 93 35.25 -58.56 -81.36
C CYS S 93 33.90 -57.85 -81.47
N VAL S 94 33.72 -56.72 -80.79
CA VAL S 94 32.59 -55.86 -81.11
C VAL S 94 32.83 -55.15 -82.44
N THR S 95 34.06 -54.69 -82.65
CA THR S 95 34.41 -54.04 -83.91
C THR S 95 34.49 -55.00 -85.08
N LYS S 96 34.52 -56.31 -84.83
CA LYS S 96 34.34 -57.27 -85.90
C LYS S 96 32.87 -57.43 -86.26
N LEU S 97 31.99 -57.47 -85.27
CA LEU S 97 30.58 -57.79 -85.47
C LEU S 97 29.75 -56.58 -85.87
N THR S 98 30.38 -55.42 -86.10
CA THR S 98 29.65 -54.23 -86.53
C THR S 98 30.19 -53.68 -87.84
N PRO T 2 48.61 -61.17 -79.19
CA PRO T 2 48.66 -62.43 -78.44
C PRO T 2 48.05 -62.29 -77.05
N LEU T 3 46.95 -63.00 -76.82
CA LEU T 3 46.17 -62.83 -75.60
C LEU T 3 46.84 -63.52 -74.43
N VAL T 4 47.15 -62.77 -73.37
CA VAL T 4 47.51 -63.34 -72.09
C VAL T 4 46.22 -63.51 -71.30
N TYR T 5 46.23 -64.41 -70.34
CA TYR T 5 44.99 -64.72 -69.65
C TYR T 5 45.26 -65.26 -68.25
N THR T 6 44.41 -64.89 -67.31
CA THR T 6 44.27 -65.54 -66.03
C THR T 6 42.78 -65.49 -65.68
N PRO T 7 42.25 -66.56 -65.10
CA PRO T 7 40.80 -66.64 -64.88
C PRO T 7 40.30 -65.64 -63.86
N ALA T 8 39.05 -65.21 -64.04
CA ALA T 8 38.51 -64.06 -63.34
C ALA T 8 38.18 -64.34 -61.88
N VAL T 9 38.05 -65.61 -61.49
CA VAL T 9 37.83 -65.94 -60.09
C VAL T 9 39.09 -65.59 -59.30
N ARG T 10 38.89 -64.98 -58.12
CA ARG T 10 39.96 -64.23 -57.45
C ARG T 10 41.11 -65.14 -57.02
N GLY T 11 40.83 -66.15 -56.21
CA GLY T 11 41.84 -67.13 -55.91
C GLY T 11 41.30 -68.53 -56.11
N GLY T 12 41.85 -69.32 -57.02
CA GLY T 12 41.10 -70.44 -57.53
C GLY T 12 41.10 -70.57 -59.03
N ALA T 13 42.17 -70.11 -59.67
CA ALA T 13 42.30 -70.17 -61.13
C ALA T 13 42.32 -71.60 -61.65
N ASN T 14 43.36 -72.37 -61.31
CA ASN T 14 43.50 -73.72 -61.81
C ASN T 14 43.27 -74.71 -60.68
N PRO T 15 42.08 -75.30 -60.56
CA PRO T 15 41.79 -76.15 -59.41
C PRO T 15 42.42 -77.53 -59.55
N ALA T 16 42.71 -78.12 -58.41
CA ALA T 16 43.21 -79.49 -58.37
C ALA T 16 42.12 -80.51 -58.62
N SER T 17 40.87 -80.14 -58.37
CA SER T 17 39.76 -81.08 -58.60
C SER T 17 39.55 -81.29 -60.09
N GLY T 18 39.69 -80.24 -60.89
CA GLY T 18 39.41 -80.27 -62.30
C GLY T 18 38.18 -79.49 -62.69
N SER T 19 37.28 -79.21 -61.75
CA SER T 19 36.02 -78.54 -62.05
C SER T 19 36.15 -77.08 -61.63
N TYR T 20 36.58 -76.25 -62.57
CA TYR T 20 36.69 -74.81 -62.36
C TYR T 20 35.31 -74.20 -62.33
N LEU T 21 34.83 -73.89 -61.12
CA LEU T 21 33.46 -73.41 -60.95
C LEU T 21 33.42 -71.90 -61.16
N LEU T 22 32.64 -71.47 -62.15
CA LEU T 22 32.53 -70.05 -62.46
C LEU T 22 31.66 -69.34 -61.43
N ASP T 23 32.07 -68.14 -61.07
CA ASP T 23 31.22 -67.29 -60.24
C ASP T 23 30.03 -66.80 -61.06
N PRO T 24 28.88 -66.57 -60.44
CA PRO T 24 27.71 -66.14 -61.20
C PRO T 24 27.83 -64.68 -61.61
N GLN T 25 27.79 -64.43 -62.91
CA GLN T 25 27.68 -63.07 -63.40
C GLN T 25 26.27 -62.82 -63.91
N TYR T 26 25.93 -61.55 -64.04
CA TYR T 26 24.59 -61.10 -64.34
C TYR T 26 24.59 -60.60 -65.78
N VAL T 27 23.83 -61.27 -66.64
CA VAL T 27 24.21 -61.42 -68.04
C VAL T 27 23.43 -60.52 -68.97
N ASN T 28 22.11 -60.42 -68.79
CA ASN T 28 21.25 -59.66 -69.70
C ASN T 28 21.26 -58.16 -69.39
N SER T 29 22.26 -57.69 -68.62
CA SER T 29 22.52 -56.36 -68.07
C SER T 29 21.55 -56.01 -66.95
N GLY T 30 20.49 -56.80 -66.82
CA GLY T 30 19.48 -56.74 -65.82
C GLY T 30 19.39 -58.02 -65.03
N VAL T 31 18.57 -58.90 -65.61
CA VAL T 31 17.57 -59.65 -64.90
C VAL T 31 17.89 -61.15 -64.81
N ASP T 32 19.04 -61.61 -65.30
CA ASP T 32 19.30 -63.04 -65.32
C ASP T 32 20.57 -63.37 -64.53
N ILE T 33 20.94 -64.65 -64.55
CA ILE T 33 22.10 -65.17 -63.82
C ILE T 33 22.47 -66.51 -64.43
N LEU T 34 23.77 -66.79 -64.53
CA LEU T 34 24.24 -68.06 -65.10
C LEU T 34 24.45 -69.15 -64.06
N GLN T 35 25.35 -68.93 -63.10
CA GLN T 35 25.88 -69.96 -62.19
C GLN T 35 26.44 -71.15 -62.98
N ALA T 36 27.37 -70.87 -63.88
CA ALA T 36 27.97 -71.92 -64.68
C ALA T 36 29.14 -72.56 -63.95
N THR T 37 29.54 -73.73 -64.45
CA THR T 37 30.78 -74.39 -64.07
C THR T 37 31.62 -74.59 -65.33
N TYR T 38 32.72 -75.33 -65.18
CA TYR T 38 33.57 -75.69 -66.30
C TYR T 38 34.39 -76.88 -65.85
N GLY T 39 34.38 -77.96 -66.63
CA GLY T 39 35.18 -79.12 -66.35
C GLY T 39 36.41 -79.16 -67.22
N TYR T 40 37.55 -79.47 -66.61
CA TYR T 40 38.77 -79.68 -67.37
C TYR T 40 38.80 -81.06 -67.99
N ASN T 41 40.00 -81.48 -68.43
CA ASN T 41 40.23 -82.56 -69.40
C ASN T 41 39.51 -83.87 -69.10
N ILE T 42 38.53 -84.21 -69.93
CA ILE T 42 37.65 -85.34 -69.64
C ILE T 42 37.60 -86.25 -70.86
N ASN T 43 38.19 -85.82 -71.97
CA ASN T 43 38.33 -86.68 -73.14
C ASN T 43 39.73 -86.56 -73.72
N GLY T 44 40.74 -86.67 -72.85
CA GLY T 44 42.13 -86.70 -73.27
C GLY T 44 42.91 -85.54 -72.66
N THR T 45 43.73 -84.91 -73.49
CA THR T 45 44.49 -83.72 -73.13
C THR T 45 44.15 -82.61 -74.12
N ALA T 46 44.90 -81.51 -74.07
CA ALA T 46 44.56 -80.34 -74.85
C ALA T 46 45.64 -79.90 -75.84
N ASN T 47 46.64 -80.75 -76.09
CA ASN T 47 47.58 -80.79 -77.23
C ASN T 47 48.04 -79.46 -77.82
N ALA T 48 48.29 -78.47 -76.97
CA ALA T 48 48.98 -77.20 -77.29
C ALA T 48 48.25 -76.29 -78.28
N ASP T 49 47.11 -76.70 -78.79
CA ASP T 49 46.23 -75.85 -79.58
C ASP T 49 44.91 -75.60 -78.89
N GLN T 50 44.39 -76.62 -78.20
CA GLN T 50 43.16 -76.45 -77.45
C GLN T 50 43.37 -75.62 -76.20
N LEU T 51 44.62 -75.48 -75.71
CA LEU T 51 44.91 -74.50 -74.68
C LEU T 51 44.70 -73.09 -75.18
N LEU T 52 44.96 -72.84 -76.46
CA LEU T 52 44.63 -71.55 -77.05
C LEU T 52 43.14 -71.39 -77.29
N GLN T 53 42.43 -72.49 -77.48
CA GLN T 53 40.99 -72.38 -77.66
C GLN T 53 40.28 -72.27 -76.32
N ARG T 54 40.81 -72.93 -75.28
CA ARG T 54 40.25 -72.81 -73.94
C ARG T 54 40.51 -71.43 -73.35
N ASP T 55 41.48 -70.70 -73.88
CA ASP T 55 41.62 -69.28 -73.61
C ASP T 55 40.37 -68.52 -74.05
N ALA T 56 39.95 -68.69 -75.30
CA ALA T 56 38.90 -67.86 -75.85
C ALA T 56 37.50 -68.32 -75.47
N ILE T 57 37.37 -69.50 -74.88
CA ILE T 57 36.05 -69.96 -74.43
C ILE T 57 35.74 -69.42 -73.05
N LEU T 58 36.74 -69.38 -72.16
CA LEU T 58 36.52 -68.78 -70.85
C LEU T 58 36.37 -67.27 -70.96
N ALA T 59 37.12 -66.63 -71.88
CA ALA T 59 37.05 -65.19 -71.99
C ALA T 59 35.75 -64.73 -72.62
N ILE T 60 35.12 -65.57 -73.44
CA ILE T 60 33.80 -65.23 -73.98
C ILE T 60 32.71 -65.51 -72.97
N LEU T 61 33.04 -66.22 -71.89
CA LEU T 61 32.10 -66.63 -70.87
C LEU T 61 32.26 -65.90 -69.56
N GLU T 62 33.40 -65.23 -69.35
CA GLU T 62 33.66 -64.44 -68.16
C GLU T 62 33.60 -62.94 -68.41
N TYR T 63 34.04 -62.46 -69.57
CA TYR T 63 34.15 -61.04 -69.83
C TYR T 63 33.32 -60.55 -70.99
N ALA T 64 32.53 -61.40 -71.62
CA ALA T 64 31.77 -60.99 -72.80
C ALA T 64 30.27 -61.07 -72.61
N LEU T 65 29.77 -62.16 -72.02
CA LEU T 65 28.34 -62.26 -71.75
C LEU T 65 27.92 -61.29 -70.66
N LYS T 66 28.84 -60.96 -69.75
CA LYS T 66 28.57 -59.93 -68.75
C LYS T 66 28.55 -58.55 -69.38
N ASP T 67 29.29 -58.36 -70.47
CA ASP T 67 29.45 -57.06 -71.09
C ASP T 67 28.16 -56.58 -71.74
N THR T 68 27.98 -55.26 -71.78
CA THR T 68 26.75 -54.68 -72.31
C THR T 68 26.92 -54.11 -73.70
N ALA T 69 28.15 -54.07 -74.24
CA ALA T 69 28.38 -53.65 -75.61
C ALA T 69 28.63 -54.82 -76.55
N PHE T 70 28.71 -56.03 -76.01
CA PHE T 70 28.82 -57.25 -76.80
C PHE T 70 27.49 -57.95 -76.99
N VAL T 71 26.59 -57.83 -76.02
CA VAL T 71 25.27 -58.43 -76.16
C VAL T 71 24.41 -57.65 -77.15
N ASN T 72 24.58 -56.33 -77.22
CA ASN T 72 23.90 -55.56 -78.25
C ASN T 72 24.51 -55.74 -79.63
N ALA T 73 25.77 -56.14 -79.71
CA ALA T 73 26.35 -56.45 -81.00
C ALA T 73 25.84 -57.79 -81.52
N ILE T 74 25.62 -58.74 -80.63
CA ILE T 74 25.11 -60.05 -81.02
C ILE T 74 23.59 -60.05 -81.10
N GLN T 75 22.93 -59.03 -80.56
CA GLN T 75 21.50 -58.84 -80.79
C GLN T 75 21.23 -58.40 -82.22
N ALA T 76 22.07 -57.50 -82.74
CA ALA T 76 21.86 -56.97 -84.08
C ALA T 76 22.17 -57.98 -85.18
N VAL T 77 22.91 -59.04 -84.86
CA VAL T 77 23.12 -60.10 -85.84
C VAL T 77 21.84 -60.92 -85.99
N ALA T 78 21.10 -61.12 -84.91
CA ALA T 78 19.87 -61.90 -84.94
C ALA T 78 18.72 -61.18 -85.63
N ALA T 79 18.86 -59.90 -85.95
CA ALA T 79 17.83 -59.16 -86.68
C ALA T 79 18.26 -58.86 -88.10
N GLY T 80 19.10 -59.73 -88.68
CA GLY T 80 19.52 -59.56 -90.05
C GLY T 80 18.51 -60.09 -91.05
N SER T 81 18.98 -60.82 -92.05
CA SER T 81 18.09 -61.45 -93.03
C SER T 81 18.62 -62.83 -93.36
N GLY T 82 17.73 -63.82 -93.32
CA GLY T 82 18.13 -65.20 -93.48
C GLY T 82 18.60 -65.87 -92.21
N VAL T 83 18.64 -65.16 -91.09
CA VAL T 83 19.13 -65.72 -89.83
C VAL T 83 17.93 -66.29 -89.09
N THR T 84 17.57 -67.51 -89.46
CA THR T 84 16.62 -68.33 -88.72
C THR T 84 17.27 -69.68 -88.48
N THR T 85 16.66 -70.46 -87.56
CA THR T 85 17.08 -71.80 -87.13
C THR T 85 18.55 -71.78 -86.72
N PRO T 86 18.87 -71.31 -85.51
CA PRO T 86 20.20 -70.72 -85.27
C PRO T 86 21.40 -71.66 -85.28
N ALA T 87 21.50 -72.48 -86.31
CA ALA T 87 22.78 -72.93 -86.83
C ALA T 87 23.23 -72.08 -88.00
N SER T 88 22.33 -71.22 -88.49
CA SER T 88 22.66 -70.17 -89.43
C SER T 88 23.06 -68.88 -88.74
N PHE T 89 22.57 -68.67 -87.52
CA PHE T 89 23.00 -67.53 -86.71
C PHE T 89 24.48 -67.64 -86.35
N VAL T 90 24.96 -68.85 -86.08
CA VAL T 90 26.37 -69.04 -85.81
C VAL T 90 27.18 -69.04 -87.10
N SER T 91 26.55 -69.30 -88.25
CA SER T 91 27.28 -69.21 -89.50
C SER T 91 27.29 -67.79 -90.05
N ALA T 92 26.37 -66.95 -89.62
CA ALA T 92 26.44 -65.53 -89.98
C ALA T 92 27.37 -64.78 -89.05
N CYS T 93 27.49 -65.25 -87.80
CA CYS T 93 28.41 -64.63 -86.85
C CYS T 93 29.85 -64.97 -87.19
N VAL T 94 30.10 -66.16 -87.75
CA VAL T 94 31.48 -66.55 -88.05
C VAL T 94 32.01 -65.83 -89.28
N THR T 95 31.14 -65.30 -90.14
CA THR T 95 31.62 -64.52 -91.28
C THR T 95 31.96 -63.09 -90.89
N LYS T 96 31.31 -62.55 -89.85
CA LYS T 96 31.68 -61.23 -89.34
C LYS T 96 33.03 -61.25 -88.63
N LEU T 97 33.46 -62.41 -88.14
CA LEU T 97 34.71 -62.54 -87.42
C LEU T 97 35.89 -62.84 -88.33
N THR T 98 35.78 -62.52 -89.61
CA THR T 98 36.87 -62.77 -90.56
C THR T 98 37.34 -61.46 -91.19
N PRO U 2 -26.66 -2.45 -58.12
CA PRO U 2 -26.61 -2.93 -56.73
C PRO U 2 -27.40 -4.22 -56.56
N LEU U 3 -26.88 -5.15 -55.77
CA LEU U 3 -27.51 -6.45 -55.61
C LEU U 3 -28.57 -6.40 -54.53
N VAL U 4 -29.69 -7.06 -54.79
CA VAL U 4 -30.84 -7.07 -53.89
C VAL U 4 -31.05 -8.49 -53.38
N TYR U 5 -29.94 -9.19 -53.13
CA TYR U 5 -29.97 -10.59 -52.77
C TYR U 5 -30.64 -10.82 -51.42
N THR U 6 -31.36 -11.93 -51.33
CA THR U 6 -31.89 -12.57 -50.14
C THR U 6 -31.38 -14.02 -50.11
N PRO U 7 -31.19 -14.59 -48.92
CA PRO U 7 -30.76 -16.00 -48.85
C PRO U 7 -31.81 -16.94 -49.43
N ALA U 8 -31.37 -17.79 -50.35
CA ALA U 8 -32.27 -18.47 -51.27
C ALA U 8 -32.90 -19.72 -50.69
N VAL U 9 -32.88 -19.93 -49.38
CA VAL U 9 -33.72 -20.98 -48.82
C VAL U 9 -35.11 -20.41 -48.59
N ARG U 10 -36.11 -21.29 -48.54
CA ARG U 10 -37.50 -20.85 -48.49
C ARG U 10 -37.84 -20.24 -47.13
N GLY U 11 -37.58 -20.98 -46.06
CA GLY U 11 -37.78 -20.44 -44.73
C GLY U 11 -36.60 -20.73 -43.82
N GLY U 12 -36.01 -19.70 -43.24
CA GLY U 12 -34.79 -19.89 -42.49
C GLY U 12 -33.63 -19.13 -43.07
N ALA U 13 -33.90 -17.94 -43.60
CA ALA U 13 -32.88 -17.14 -44.27
C ALA U 13 -31.82 -16.65 -43.30
N ASN U 14 -32.22 -15.91 -42.26
CA ASN U 14 -31.28 -15.45 -41.26
C ASN U 14 -31.54 -16.18 -39.94
N PRO U 15 -30.78 -17.22 -39.63
CA PRO U 15 -31.12 -18.06 -38.48
C PRO U 15 -30.72 -17.42 -37.16
N ALA U 16 -31.21 -18.01 -36.08
CA ALA U 16 -30.85 -17.56 -34.75
C ALA U 16 -29.48 -18.04 -34.34
N SER U 17 -29.15 -19.30 -34.68
CA SER U 17 -27.88 -19.88 -34.28
C SER U 17 -26.72 -19.43 -35.17
N GLY U 18 -26.98 -18.71 -36.25
CA GLY U 18 -25.91 -18.31 -37.14
C GLY U 18 -25.37 -19.42 -38.01
N SER U 19 -26.08 -20.53 -38.14
CA SER U 19 -25.65 -21.67 -38.95
C SER U 19 -26.65 -21.85 -40.08
N TYR U 20 -26.41 -21.16 -41.18
CA TYR U 20 -27.31 -21.21 -42.34
C TYR U 20 -27.04 -22.48 -43.12
N LEU U 21 -28.00 -23.40 -43.12
CA LEU U 21 -27.86 -24.68 -43.80
C LEU U 21 -28.27 -24.50 -45.26
N LEU U 22 -27.30 -24.62 -46.15
CA LEU U 22 -27.54 -24.53 -47.59
C LEU U 22 -28.44 -25.66 -48.05
N ASP U 23 -29.27 -25.38 -49.05
CA ASP U 23 -30.10 -26.43 -49.62
C ASP U 23 -29.23 -27.38 -50.47
N PRO U 24 -29.62 -28.66 -50.57
CA PRO U 24 -28.91 -29.56 -51.48
C PRO U 24 -29.18 -29.17 -52.93
N GLN U 25 -28.10 -29.03 -53.69
CA GLN U 25 -28.22 -28.63 -55.08
C GLN U 25 -27.42 -29.56 -55.96
N TYR U 26 -27.91 -29.79 -57.17
CA TYR U 26 -27.39 -30.79 -58.08
C TYR U 26 -26.59 -30.07 -59.15
N VAL U 27 -25.29 -30.31 -59.18
CA VAL U 27 -24.35 -29.25 -59.58
C VAL U 27 -23.95 -29.35 -61.03
N ASN U 28 -23.64 -30.54 -61.55
CA ASN U 28 -23.26 -30.68 -62.96
C ASN U 28 -24.46 -30.71 -63.90
N SER U 29 -25.65 -30.33 -63.41
CA SER U 29 -27.02 -30.43 -63.95
C SER U 29 -27.52 -31.87 -63.92
N GLY U 30 -26.61 -32.79 -63.63
CA GLY U 30 -26.84 -34.20 -63.46
C GLY U 30 -26.45 -34.67 -62.09
N VAL U 31 -25.19 -35.08 -62.02
CA VAL U 31 -24.75 -36.27 -61.33
C VAL U 31 -24.19 -36.03 -59.92
N ASP U 32 -23.96 -34.78 -59.52
CA ASP U 32 -23.28 -34.52 -58.26
C ASP U 32 -24.06 -33.57 -57.38
N ILE U 33 -24.12 -33.91 -56.09
CA ILE U 33 -24.81 -33.11 -55.08
C ILE U 33 -23.74 -32.36 -54.29
N LEU U 34 -24.14 -31.27 -53.63
CA LEU U 34 -23.19 -30.41 -52.92
C LEU U 34 -23.36 -30.45 -51.41
N GLN U 35 -24.52 -30.06 -50.88
CA GLN U 35 -24.88 -30.13 -49.45
C GLN U 35 -23.88 -29.41 -48.54
N ALA U 36 -23.84 -28.10 -48.66
CA ALA U 36 -23.01 -27.33 -47.76
C ALA U 36 -23.80 -26.86 -46.55
N THR U 37 -23.08 -26.25 -45.62
CA THR U 37 -23.65 -25.37 -44.60
C THR U 37 -22.96 -24.02 -44.75
N TYR U 38 -23.24 -23.10 -43.84
CA TYR U 38 -22.61 -21.80 -43.85
C TYR U 38 -22.72 -21.22 -42.45
N GLY U 39 -21.63 -21.18 -41.71
CA GLY U 39 -21.61 -20.58 -40.40
C GLY U 39 -21.40 -19.09 -40.50
N TYR U 40 -22.20 -18.34 -39.72
CA TYR U 40 -22.01 -16.89 -39.64
C TYR U 40 -20.91 -16.56 -38.65
N ASN U 41 -20.89 -15.31 -38.20
CA ASN U 41 -19.75 -14.61 -37.57
C ASN U 41 -19.03 -15.43 -36.51
N ILE U 42 -17.76 -15.74 -36.77
CA ILE U 42 -16.99 -16.60 -35.87
C ILE U 42 -15.64 -15.93 -35.56
N ASN U 43 -15.34 -14.83 -36.24
CA ASN U 43 -14.14 -14.04 -35.92
C ASN U 43 -14.51 -12.57 -35.79
N GLY U 44 -15.51 -12.28 -34.98
CA GLY U 44 -15.90 -10.92 -34.78
C GLY U 44 -17.24 -10.66 -35.43
N THR U 45 -17.35 -9.54 -36.12
CA THR U 45 -18.54 -9.24 -36.89
C THR U 45 -18.16 -8.93 -38.33
N ALA U 46 -19.11 -8.45 -39.11
CA ALA U 46 -18.86 -8.03 -40.48
C ALA U 46 -18.68 -6.52 -40.52
N ASN U 47 -17.79 -6.05 -41.39
CA ASN U 47 -17.25 -4.69 -41.35
C ASN U 47 -17.86 -3.83 -42.44
N ALA U 48 -19.09 -4.16 -42.87
CA ALA U 48 -19.91 -3.44 -43.85
C ALA U 48 -19.34 -3.38 -45.27
N ASP U 49 -18.13 -3.89 -45.47
CA ASP U 49 -17.68 -4.43 -46.74
C ASP U 49 -17.96 -5.92 -46.75
N GLN U 50 -17.97 -6.51 -45.56
CA GLN U 50 -18.16 -7.93 -45.42
C GLN U 50 -19.63 -8.32 -45.48
N LEU U 51 -20.55 -7.37 -45.26
CA LEU U 51 -21.94 -7.63 -45.58
C LEU U 51 -22.19 -7.65 -47.08
N LEU U 52 -21.33 -7.04 -47.87
CA LEU U 52 -21.43 -7.10 -49.33
C LEU U 52 -20.67 -8.29 -49.91
N GLN U 53 -19.59 -8.71 -49.26
CA GLN U 53 -18.88 -9.90 -49.73
C GLN U 53 -19.65 -11.16 -49.38
N ARG U 54 -20.26 -11.20 -48.20
CA ARG U 54 -21.16 -12.31 -47.85
C ARG U 54 -22.41 -12.30 -48.71
N ASP U 55 -22.76 -11.13 -49.23
CA ASP U 55 -23.89 -11.01 -50.13
C ASP U 55 -23.61 -11.65 -51.47
N ALA U 56 -22.34 -11.79 -51.87
CA ALA U 56 -21.97 -12.36 -53.15
C ALA U 56 -21.32 -13.75 -53.04
N ILE U 57 -20.82 -14.12 -51.88
CA ILE U 57 -20.40 -15.51 -51.69
C ILE U 57 -21.60 -16.43 -51.69
N LEU U 58 -22.67 -16.02 -51.02
CA LEU U 58 -23.91 -16.77 -51.10
C LEU U 58 -24.57 -16.67 -52.47
N ALA U 59 -24.31 -15.61 -53.21
CA ALA U 59 -24.88 -15.52 -54.56
C ALA U 59 -24.17 -16.43 -55.55
N ILE U 60 -22.86 -16.63 -55.37
CA ILE U 60 -22.10 -17.49 -56.28
C ILE U 60 -22.26 -18.96 -55.90
N LEU U 61 -22.90 -19.24 -54.78
CA LEU U 61 -22.99 -20.59 -54.24
C LEU U 61 -24.39 -21.16 -54.28
N GLU U 62 -25.41 -20.30 -54.24
CA GLU U 62 -26.79 -20.73 -54.41
C GLU U 62 -27.14 -20.92 -55.89
N TYR U 63 -26.82 -19.92 -56.72
CA TYR U 63 -27.35 -19.85 -58.06
C TYR U 63 -26.33 -20.19 -59.15
N ALA U 64 -25.05 -19.99 -58.91
CA ALA U 64 -24.08 -20.05 -59.99
C ALA U 64 -23.57 -21.46 -60.27
N LEU U 65 -23.31 -22.25 -59.23
CA LEU U 65 -22.80 -23.60 -59.46
C LEU U 65 -23.88 -24.52 -60.03
N LYS U 66 -25.13 -24.25 -59.69
CA LYS U 66 -26.23 -25.04 -60.25
C LYS U 66 -26.49 -24.67 -61.70
N ASP U 67 -26.19 -23.43 -62.07
CA ASP U 67 -26.47 -22.94 -63.42
C ASP U 67 -25.50 -23.55 -64.42
N THR U 68 -26.03 -24.00 -65.55
CA THR U 68 -25.24 -24.70 -66.55
C THR U 68 -24.53 -23.78 -67.53
N ALA U 69 -24.82 -22.49 -67.50
CA ALA U 69 -24.09 -21.55 -68.33
C ALA U 69 -22.87 -20.99 -67.63
N PHE U 70 -22.91 -20.94 -66.30
CA PHE U 70 -21.76 -20.47 -65.53
C PHE U 70 -20.65 -21.50 -65.54
N VAL U 71 -21.00 -22.79 -65.48
CA VAL U 71 -19.98 -23.83 -65.37
C VAL U 71 -19.35 -24.14 -66.73
N ASN U 72 -20.05 -23.86 -67.82
CA ASN U 72 -19.45 -24.06 -69.14
C ASN U 72 -18.47 -22.97 -69.51
N ALA U 73 -18.54 -21.81 -68.85
CA ALA U 73 -17.55 -20.77 -69.06
C ALA U 73 -16.36 -20.92 -68.12
N ILE U 74 -16.60 -21.35 -66.88
CA ILE U 74 -15.50 -21.60 -65.96
C ILE U 74 -14.76 -22.89 -66.32
N GLN U 75 -15.37 -23.74 -67.16
CA GLN U 75 -14.62 -24.84 -67.76
C GLN U 75 -13.64 -24.34 -68.79
N ALA U 76 -14.07 -23.42 -69.65
CA ALA U 76 -13.21 -22.92 -70.71
C ALA U 76 -12.11 -21.99 -70.19
N VAL U 77 -12.29 -21.41 -69.00
CA VAL U 77 -11.20 -20.72 -68.35
C VAL U 77 -10.11 -21.71 -67.94
N ALA U 78 -10.53 -22.90 -67.49
CA ALA U 78 -9.60 -23.95 -67.15
C ALA U 78 -9.04 -24.68 -68.36
N ALA U 79 -9.46 -24.33 -69.57
CA ALA U 79 -8.91 -24.89 -70.79
C ALA U 79 -7.99 -23.92 -71.52
N GLY U 80 -7.64 -22.80 -70.88
CA GLY U 80 -6.71 -21.87 -71.48
C GLY U 80 -5.30 -22.43 -71.52
N SER U 81 -4.46 -21.80 -72.33
CA SER U 81 -3.11 -22.30 -72.58
C SER U 81 -2.08 -21.80 -71.57
N GLY U 82 -2.52 -21.28 -70.43
CA GLY U 82 -1.60 -20.85 -69.39
C GLY U 82 -2.12 -21.14 -68.00
N VAL U 83 -2.98 -22.15 -67.88
CA VAL U 83 -3.66 -22.45 -66.63
C VAL U 83 -3.26 -23.86 -66.21
N THR U 84 -2.27 -23.96 -65.32
CA THR U 84 -1.99 -25.15 -64.53
C THR U 84 -1.86 -24.70 -63.07
N THR U 85 -1.58 -25.68 -62.17
CA THR U 85 -1.24 -25.49 -60.76
C THR U 85 -2.27 -24.62 -60.05
N PRO U 86 -3.43 -25.18 -59.63
CA PRO U 86 -4.66 -24.37 -59.48
C PRO U 86 -4.66 -23.30 -58.38
N ALA U 87 -3.67 -22.43 -58.42
CA ALA U 87 -3.73 -21.10 -57.86
C ALA U 87 -3.62 -20.05 -58.94
N SER U 88 -3.20 -20.44 -60.14
CA SER U 88 -3.23 -19.58 -61.31
C SER U 88 -4.55 -19.68 -62.07
N PHE U 89 -5.34 -20.72 -61.81
CA PHE U 89 -6.72 -20.74 -62.27
C PHE U 89 -7.52 -19.63 -61.61
N VAL U 90 -7.44 -19.53 -60.28
CA VAL U 90 -8.21 -18.54 -59.55
C VAL U 90 -7.59 -17.16 -59.59
N SER U 91 -6.50 -16.96 -60.31
CA SER U 91 -5.99 -15.63 -60.59
C SER U 91 -6.14 -15.26 -62.06
N ALA U 92 -6.45 -16.22 -62.92
CA ALA U 92 -6.75 -15.89 -64.30
C ALA U 92 -8.20 -15.45 -64.45
N CYS U 93 -9.11 -16.06 -63.71
CA CYS U 93 -10.50 -15.65 -63.77
C CYS U 93 -10.75 -14.35 -63.02
N VAL U 94 -9.80 -13.88 -62.21
CA VAL U 94 -9.91 -12.54 -61.63
C VAL U 94 -9.72 -11.48 -62.71
N THR U 95 -8.70 -11.66 -63.55
CA THR U 95 -8.44 -10.72 -64.63
C THR U 95 -9.52 -10.76 -65.71
N LYS U 96 -10.28 -11.85 -65.80
CA LYS U 96 -11.46 -11.84 -66.65
C LYS U 96 -12.53 -10.91 -66.10
N LEU U 97 -12.81 -11.00 -64.80
CA LEU U 97 -13.88 -10.26 -64.18
C LEU U 97 -13.57 -8.78 -64.00
N THR U 98 -12.31 -8.38 -64.08
CA THR U 98 -11.94 -6.98 -63.90
C THR U 98 -11.37 -6.37 -65.19
N PRO V 2 -4.45 -26.15 -69.92
CA PRO V 2 -4.96 -27.45 -69.43
C PRO V 2 -4.81 -27.57 -67.93
N LEU V 3 -5.93 -27.48 -67.20
CA LEU V 3 -5.90 -27.51 -65.75
C LEU V 3 -5.70 -28.94 -65.27
N VAL V 4 -4.58 -29.20 -64.60
CA VAL V 4 -4.40 -30.44 -63.86
C VAL V 4 -4.69 -30.17 -62.40
N TYR V 5 -5.27 -31.15 -61.72
CA TYR V 5 -5.87 -30.89 -60.42
C TYR V 5 -6.05 -32.16 -59.63
N THR V 6 -5.64 -32.10 -58.38
CA THR V 6 -5.91 -33.05 -57.32
C THR V 6 -6.64 -32.33 -56.20
N PRO V 7 -7.54 -33.02 -55.50
CA PRO V 7 -8.34 -32.32 -54.47
C PRO V 7 -7.51 -31.87 -53.28
N ALA V 8 -7.88 -30.72 -52.74
CA ALA V 8 -7.07 -30.03 -51.75
C ALA V 8 -7.11 -30.67 -50.37
N VAL V 9 -8.07 -31.56 -50.10
CA VAL V 9 -8.03 -32.29 -48.85
C VAL V 9 -6.88 -33.29 -48.94
N ARG V 10 -6.32 -33.66 -47.79
CA ARG V 10 -5.00 -34.25 -47.82
C ARG V 10 -5.07 -35.74 -48.16
N GLY V 11 -5.77 -36.52 -47.36
CA GLY V 11 -5.80 -37.96 -47.60
C GLY V 11 -7.13 -38.48 -48.11
N GLY V 12 -7.90 -37.62 -48.77
CA GLY V 12 -9.25 -37.95 -49.16
C GLY V 12 -9.59 -37.64 -50.60
N ALA V 13 -8.69 -37.97 -51.53
CA ALA V 13 -8.77 -37.47 -52.91
C ALA V 13 -9.98 -38.01 -53.65
N ASN V 14 -10.15 -39.32 -53.68
CA ASN V 14 -11.33 -39.95 -54.29
C ASN V 14 -11.82 -41.03 -53.34
N PRO V 15 -12.85 -40.78 -52.57
CA PRO V 15 -13.22 -41.68 -51.48
C PRO V 15 -13.91 -42.95 -51.98
N ALA V 16 -13.94 -43.95 -51.10
CA ALA V 16 -14.61 -45.20 -51.41
C ALA V 16 -16.11 -45.07 -51.24
N SER V 17 -16.55 -44.36 -50.21
CA SER V 17 -17.97 -44.20 -49.94
C SER V 17 -18.67 -43.29 -50.94
N GLY V 18 -17.91 -42.51 -51.71
CA GLY V 18 -18.49 -41.59 -52.66
C GLY V 18 -18.72 -40.20 -52.13
N SER V 19 -18.75 -40.02 -50.81
CA SER V 19 -19.04 -38.72 -50.22
C SER V 19 -17.71 -38.02 -49.92
N TYR V 20 -17.26 -37.21 -50.86
CA TYR V 20 -16.09 -36.37 -50.68
C TYR V 20 -16.42 -35.24 -49.71
N LEU V 21 -15.89 -35.31 -48.49
CA LEU V 21 -16.16 -34.29 -47.49
C LEU V 21 -15.10 -33.19 -47.58
N LEU V 22 -15.54 -31.97 -47.85
CA LEU V 22 -14.64 -30.83 -47.96
C LEU V 22 -14.08 -30.46 -46.60
N ASP V 23 -12.82 -30.02 -46.60
CA ASP V 23 -12.28 -29.40 -45.41
C ASP V 23 -12.92 -28.03 -45.21
N PRO V 24 -13.08 -27.58 -43.96
CA PRO V 24 -13.67 -26.27 -43.71
C PRO V 24 -12.67 -25.17 -44.03
N GLN V 25 -13.07 -24.26 -44.91
CA GLN V 25 -12.24 -23.08 -45.18
C GLN V 25 -12.97 -21.83 -44.72
N TYR V 26 -12.18 -20.81 -44.42
CA TYR V 26 -12.67 -19.56 -43.85
C TYR V 26 -12.71 -18.53 -44.96
N VAL V 27 -13.91 -18.04 -45.26
CA VAL V 27 -14.26 -17.65 -46.62
C VAL V 27 -14.24 -16.14 -46.81
N ASN V 28 -14.81 -15.38 -45.88
CA ASN V 28 -15.00 -13.93 -46.05
C ASN V 28 -13.74 -13.14 -45.73
N SER V 29 -12.57 -13.80 -45.66
CA SER V 29 -11.22 -13.38 -45.24
C SER V 29 -11.16 -13.16 -43.73
N GLY V 30 -12.32 -13.13 -43.10
CA GLY V 30 -12.54 -12.98 -41.69
C GLY V 30 -13.32 -14.13 -41.12
N VAL V 31 -14.63 -13.94 -41.20
CA VAL V 31 -15.54 -14.16 -40.09
C VAL V 31 -16.45 -15.39 -40.25
N ASP V 32 -16.40 -16.08 -41.39
CA ASP V 32 -17.37 -17.15 -41.62
C ASP V 32 -16.68 -18.49 -41.86
N ILE V 33 -17.47 -19.50 -42.20
CA ILE V 33 -16.99 -20.87 -42.38
C ILE V 33 -18.02 -21.63 -43.22
N LEU V 34 -17.54 -22.49 -44.13
CA LEU V 34 -18.45 -23.27 -44.97
C LEU V 34 -18.81 -24.64 -44.41
N GLN V 35 -17.81 -25.50 -44.22
CA GLN V 35 -17.99 -26.92 -43.87
C GLN V 35 -18.85 -27.64 -44.92
N ALA V 36 -18.43 -27.59 -46.17
CA ALA V 36 -19.20 -28.21 -47.23
C ALA V 36 -18.91 -29.70 -47.33
N THR V 37 -19.70 -30.39 -48.15
CA THR V 37 -19.37 -31.74 -48.61
C THR V 37 -19.44 -31.75 -50.13
N TYR V 38 -19.33 -32.93 -50.74
CA TYR V 38 -19.51 -33.08 -52.17
C TYR V 38 -19.81 -34.54 -52.44
N GLY V 39 -21.00 -34.84 -52.93
CA GLY V 39 -21.36 -36.19 -53.30
C GLY V 39 -20.96 -36.48 -54.74
N TYR V 40 -20.43 -37.66 -54.95
CA TYR V 40 -20.12 -38.14 -56.30
C TYR V 40 -21.36 -38.79 -56.89
N ASN V 41 -21.19 -39.57 -57.97
CA ASN V 41 -22.19 -39.93 -58.96
C ASN V 41 -23.51 -40.45 -58.40
N ILE V 42 -24.58 -39.66 -58.54
CA ILE V 42 -25.84 -39.96 -57.88
C ILE V 42 -26.96 -39.87 -58.92
N ASN V 43 -26.64 -39.39 -60.12
CA ASN V 43 -27.63 -39.33 -61.20
C ASN V 43 -26.99 -39.82 -62.49
N GLY V 44 -26.33 -40.98 -62.44
CA GLY V 44 -25.66 -41.56 -63.59
C GLY V 44 -24.16 -41.65 -63.35
N THR V 45 -23.40 -41.49 -64.42
CA THR V 45 -21.94 -41.41 -64.35
C THR V 45 -21.47 -40.26 -65.22
N ALA V 46 -20.28 -39.74 -64.91
CA ALA V 46 -19.77 -38.57 -65.60
C ALA V 46 -19.11 -38.96 -66.93
N ASN V 47 -19.63 -38.39 -68.02
CA ASN V 47 -19.31 -38.88 -69.37
C ASN V 47 -18.15 -38.10 -70.01
N ALA V 48 -17.04 -38.02 -69.28
CA ALA V 48 -15.72 -37.56 -69.77
C ALA V 48 -15.65 -36.11 -70.22
N ASP V 49 -16.78 -35.40 -70.22
CA ASP V 49 -16.83 -33.95 -70.28
C ASP V 49 -17.22 -33.36 -68.95
N GLN V 50 -17.96 -34.14 -68.17
CA GLN V 50 -18.31 -33.81 -66.81
C GLN V 50 -17.17 -34.10 -65.83
N LEU V 51 -16.11 -34.76 -66.29
CA LEU V 51 -14.89 -34.81 -65.50
C LEU V 51 -14.10 -33.53 -65.58
N LEU V 52 -14.44 -32.64 -66.51
CA LEU V 52 -13.82 -31.33 -66.56
C LEU V 52 -14.67 -30.27 -65.88
N GLN V 53 -15.99 -30.46 -65.85
CA GLN V 53 -16.84 -29.53 -65.14
C GLN V 53 -16.74 -29.72 -63.64
N ARG V 54 -16.71 -30.98 -63.18
CA ARG V 54 -16.40 -31.27 -61.78
C ARG V 54 -14.99 -30.84 -61.41
N ASP V 55 -14.09 -30.84 -62.38
CA ASP V 55 -12.74 -30.34 -62.17
C ASP V 55 -12.75 -28.85 -61.86
N ALA V 56 -13.61 -28.09 -62.54
CA ALA V 56 -13.68 -26.65 -62.33
C ALA V 56 -14.59 -26.23 -61.19
N ILE V 57 -15.53 -27.09 -60.80
CA ILE V 57 -16.40 -26.77 -59.67
C ILE V 57 -15.62 -26.89 -58.36
N LEU V 58 -14.84 -27.96 -58.21
CA LEU V 58 -14.04 -28.10 -56.99
C LEU V 58 -12.85 -27.15 -56.96
N ALA V 59 -12.48 -26.55 -58.09
CA ALA V 59 -11.44 -25.54 -58.06
C ALA V 59 -12.00 -24.19 -57.63
N ILE V 60 -13.23 -23.88 -58.05
CA ILE V 60 -13.85 -22.60 -57.69
C ILE V 60 -14.44 -22.65 -56.29
N LEU V 61 -14.48 -23.84 -55.68
CA LEU V 61 -15.02 -24.01 -54.35
C LEU V 61 -13.95 -24.11 -53.28
N GLU V 62 -12.79 -24.65 -53.63
CA GLU V 62 -11.70 -24.82 -52.67
C GLU V 62 -10.70 -23.66 -52.71
N TYR V 63 -10.26 -23.28 -53.89
CA TYR V 63 -9.17 -22.32 -54.01
C TYR V 63 -9.63 -20.92 -54.40
N ALA V 64 -10.93 -20.66 -54.49
CA ALA V 64 -11.40 -19.37 -54.97
C ALA V 64 -12.14 -18.57 -53.92
N LEU V 65 -13.12 -19.18 -53.24
CA LEU V 65 -13.86 -18.49 -52.20
C LEU V 65 -13.01 -18.20 -50.98
N LYS V 66 -11.94 -18.97 -50.77
CA LYS V 66 -11.03 -18.68 -49.67
C LYS V 66 -10.13 -17.49 -50.01
N ASP V 67 -9.85 -17.27 -51.29
CA ASP V 67 -8.94 -16.22 -51.70
C ASP V 67 -9.59 -14.84 -51.62
N THR V 68 -8.83 -13.87 -51.13
CA THR V 68 -9.34 -12.53 -50.87
C THR V 68 -9.18 -11.57 -52.04
N ALA V 69 -8.52 -11.99 -53.12
CA ALA V 69 -8.48 -11.17 -54.32
C ALA V 69 -9.60 -11.52 -55.28
N PHE V 70 -10.03 -12.78 -55.28
CA PHE V 70 -11.15 -13.20 -56.10
C PHE V 70 -12.48 -12.69 -55.56
N VAL V 71 -12.65 -12.72 -54.24
CA VAL V 71 -13.92 -12.33 -53.65
C VAL V 71 -14.14 -10.82 -53.72
N ASN V 72 -13.07 -10.02 -53.78
CA ASN V 72 -13.23 -8.60 -54.10
C ASN V 72 -13.44 -8.37 -55.58
N ALA V 73 -13.08 -9.34 -56.43
CA ALA V 73 -13.35 -9.22 -57.85
C ALA V 73 -14.75 -9.68 -58.20
N ILE V 74 -15.33 -10.57 -57.40
CA ILE V 74 -16.73 -10.93 -57.59
C ILE V 74 -17.65 -9.98 -56.83
N GLN V 75 -17.11 -9.20 -55.90
CA GLN V 75 -17.92 -8.20 -55.21
C GLN V 75 -18.27 -7.04 -56.14
N ALA V 76 -17.29 -6.58 -56.93
CA ALA V 76 -17.50 -5.42 -57.79
C ALA V 76 -18.46 -5.70 -58.93
N VAL V 77 -18.60 -6.96 -59.34
CA VAL V 77 -19.55 -7.29 -60.39
C VAL V 77 -20.98 -7.16 -59.86
N ALA V 78 -21.19 -7.52 -58.60
CA ALA V 78 -22.50 -7.38 -57.97
C ALA V 78 -22.82 -5.94 -57.58
N ALA V 79 -21.88 -5.01 -57.72
CA ALA V 79 -22.11 -3.61 -57.38
C ALA V 79 -22.21 -2.73 -58.62
N GLY V 80 -22.47 -3.33 -59.78
CA GLY V 80 -22.58 -2.58 -61.02
C GLY V 80 -23.92 -1.88 -61.17
N SER V 81 -24.39 -1.77 -62.41
CA SER V 81 -25.66 -1.13 -62.72
C SER V 81 -26.49 -2.10 -63.53
N GLY V 82 -27.42 -2.79 -62.85
CA GLY V 82 -28.26 -3.79 -63.49
C GLY V 82 -28.13 -5.18 -62.89
N VAL V 83 -27.31 -5.38 -61.86
CA VAL V 83 -27.15 -6.69 -61.24
C VAL V 83 -28.15 -6.77 -60.09
N THR V 84 -29.39 -7.11 -60.43
CA THR V 84 -30.44 -7.35 -59.46
C THR V 84 -31.03 -8.73 -59.72
N THR V 85 -31.62 -9.33 -58.66
CA THR V 85 -32.31 -10.62 -58.65
C THR V 85 -31.42 -11.72 -59.23
N PRO V 86 -30.51 -12.30 -58.45
CA PRO V 86 -29.24 -12.82 -58.99
C PRO V 86 -29.32 -14.01 -59.94
N ALA V 87 -30.14 -13.89 -60.97
CA ALA V 87 -29.95 -14.60 -62.23
C ALA V 87 -29.38 -13.68 -63.29
N SER V 88 -29.50 -12.37 -63.09
CA SER V 88 -28.78 -11.39 -63.87
C SER V 88 -27.39 -11.11 -63.32
N PHE V 89 -27.15 -11.44 -62.04
CA PHE V 89 -25.80 -11.37 -61.52
C PHE V 89 -24.91 -12.44 -62.13
N VAL V 90 -25.42 -13.66 -62.27
CA VAL V 90 -24.63 -14.72 -62.88
C VAL V 90 -24.54 -14.55 -64.39
N SER V 91 -25.47 -13.83 -65.01
CA SER V 91 -25.34 -13.56 -66.43
C SER V 91 -24.36 -12.42 -66.68
N ALA V 92 -24.27 -11.46 -65.76
CA ALA V 92 -23.23 -10.45 -65.87
C ALA V 92 -21.87 -10.99 -65.48
N CYS V 93 -21.83 -12.08 -64.72
CA CYS V 93 -20.58 -12.74 -64.40
C CYS V 93 -20.10 -13.62 -65.56
N VAL V 94 -21.02 -14.19 -66.34
CA VAL V 94 -20.60 -15.12 -67.38
C VAL V 94 -20.14 -14.37 -68.63
N THR V 95 -20.60 -13.14 -68.86
CA THR V 95 -20.09 -12.38 -70.00
C THR V 95 -18.69 -11.84 -69.74
N LYS V 96 -18.33 -11.65 -68.47
CA LYS V 96 -16.97 -11.26 -68.13
C LYS V 96 -15.99 -12.42 -68.24
N LEU V 97 -16.46 -13.66 -68.16
CA LEU V 97 -15.61 -14.84 -68.25
C LEU V 97 -15.44 -15.32 -69.68
N THR V 98 -15.86 -14.53 -70.67
CA THR V 98 -15.69 -14.88 -72.07
C THR V 98 -14.83 -13.84 -72.77
N PRO W 2 4.49 42.95 5.04
CA PRO W 2 4.28 42.12 6.24
C PRO W 2 2.85 41.61 6.32
N LEU W 3 2.66 40.44 6.91
CA LEU W 3 1.36 39.80 6.99
C LEU W 3 1.16 39.20 8.38
N VAL W 4 -0.05 39.35 8.92
CA VAL W 4 -0.32 39.11 10.33
C VAL W 4 -1.38 38.03 10.50
N TYR W 5 -1.36 37.02 9.63
CA TYR W 5 -2.34 35.94 9.63
C TYR W 5 -2.38 35.17 10.95
N THR W 6 -3.57 35.00 11.47
CA THR W 6 -3.97 34.10 12.54
C THR W 6 -4.77 32.94 11.94
N PRO W 7 -4.74 31.75 12.55
CA PRO W 7 -5.54 30.63 12.03
C PRO W 7 -7.04 30.92 12.11
N ALA W 8 -7.70 30.83 10.95
CA ALA W 8 -9.07 31.31 10.82
C ALA W 8 -10.07 30.40 11.50
N VAL W 9 -9.70 29.16 11.82
CA VAL W 9 -10.56 28.31 12.62
C VAL W 9 -10.67 28.90 14.01
N ARG W 10 -11.90 29.18 14.45
CA ARG W 10 -12.12 30.15 15.50
C ARG W 10 -11.70 29.67 16.88
N GLY W 11 -12.37 28.66 17.40
CA GLY W 11 -12.07 28.17 18.74
C GLY W 11 -11.00 27.11 18.80
N GLY W 12 -9.72 27.45 18.74
CA GLY W 12 -8.77 26.39 18.48
C GLY W 12 -7.73 26.61 17.40
N ALA W 13 -7.21 27.84 17.35
CA ALA W 13 -6.17 28.22 16.40
C ALA W 13 -4.93 27.32 16.49
N ASN W 14 -4.30 27.27 17.66
CA ASN W 14 -3.10 26.45 17.81
C ASN W 14 -3.34 25.32 18.79
N PRO W 15 -3.42 24.07 18.33
CA PRO W 15 -3.80 22.98 19.24
C PRO W 15 -2.63 22.38 20.00
N ALA W 16 -2.94 21.53 20.97
CA ALA W 16 -1.89 20.84 21.73
C ALA W 16 -1.31 19.68 20.94
N SER W 17 -2.19 18.89 20.31
CA SER W 17 -1.73 17.74 19.53
C SER W 17 -0.96 18.19 18.29
N GLY W 18 -1.50 19.15 17.56
CA GLY W 18 -0.97 19.51 16.28
C GLY W 18 -1.89 19.17 15.12
N SER W 19 -2.96 18.42 15.36
CA SER W 19 -3.93 18.13 14.32
C SER W 19 -4.90 19.32 14.24
N TYR W 20 -4.43 20.40 13.62
CA TYR W 20 -5.23 21.58 13.38
C TYR W 20 -6.27 21.25 12.34
N LEU W 21 -7.49 20.95 12.79
CA LEU W 21 -8.53 20.49 11.89
C LEU W 21 -9.14 21.68 11.16
N LEU W 22 -8.97 21.69 9.85
CA LEU W 22 -9.54 22.74 8.99
C LEU W 22 -11.06 22.69 9.04
N ASP W 23 -11.67 23.85 8.89
CA ASP W 23 -13.11 23.89 8.79
C ASP W 23 -13.56 23.58 7.37
N PRO W 24 -14.69 22.89 7.20
CA PRO W 24 -15.13 22.52 5.85
C PRO W 24 -15.57 23.73 5.06
N GLN W 25 -15.18 23.75 3.79
CA GLN W 25 -15.39 24.92 2.96
C GLN W 25 -15.84 24.51 1.57
N TYR W 26 -16.58 25.40 0.92
CA TYR W 26 -17.34 25.11 -0.28
C TYR W 26 -16.66 25.80 -1.45
N VAL W 27 -16.05 25.02 -2.34
CA VAL W 27 -14.84 25.44 -3.01
C VAL W 27 -15.11 26.00 -4.41
N ASN W 28 -16.07 25.44 -5.15
CA ASN W 28 -16.41 25.94 -6.48
C ASN W 28 -17.31 27.17 -6.46
N SER W 29 -17.52 27.76 -5.27
CA SER W 29 -18.52 28.77 -4.86
C SER W 29 -19.93 28.19 -4.85
N GLY W 30 -20.06 26.98 -5.35
CA GLY W 30 -21.26 26.18 -5.37
C GLY W 30 -21.08 24.88 -4.61
N VAL W 31 -20.64 23.88 -5.37
CA VAL W 31 -21.16 22.53 -5.25
C VAL W 31 -20.29 21.56 -4.44
N ASP W 32 -19.00 21.83 -4.26
CA ASP W 32 -18.13 20.85 -3.61
C ASP W 32 -17.83 21.24 -2.17
N ILE W 33 -17.08 20.37 -1.47
CA ILE W 33 -16.71 20.55 -0.08
C ILE W 33 -15.29 20.00 0.07
N LEU W 34 -14.55 20.50 1.07
CA LEU W 34 -13.12 20.22 1.12
C LEU W 34 -12.70 19.36 2.31
N GLN W 35 -12.95 19.79 3.56
CA GLN W 35 -12.72 19.00 4.78
C GLN W 35 -11.28 18.53 4.95
N ALA W 36 -10.37 19.47 5.20
CA ALA W 36 -8.99 19.08 5.40
C ALA W 36 -8.66 18.96 6.88
N THR W 37 -7.45 18.49 7.17
CA THR W 37 -6.77 18.67 8.44
C THR W 37 -5.41 19.29 8.15
N TYR W 38 -4.61 19.50 9.20
CA TYR W 38 -3.26 20.01 9.02
C TYR W 38 -2.44 19.58 10.23
N GLY W 39 -1.73 18.47 10.11
CA GLY W 39 -0.86 18.04 11.19
C GLY W 39 0.38 18.90 11.27
N TYR W 40 0.73 19.34 12.49
CA TYR W 40 1.94 20.10 12.72
C TYR W 40 3.17 19.21 12.79
N ASN W 41 4.24 19.74 13.37
CA ASN W 41 5.64 19.35 13.15
C ASN W 41 5.90 17.85 13.22
N ILE W 42 6.36 17.29 12.11
CA ILE W 42 6.55 15.84 12.01
C ILE W 42 7.94 15.45 11.51
N ASN W 43 8.72 16.34 10.90
CA ASN W 43 10.10 16.06 10.49
C ASN W 43 11.00 17.23 10.83
N GLY W 44 10.94 17.69 12.07
CA GLY W 44 11.70 18.83 12.52
C GLY W 44 10.83 19.65 13.43
N THR W 45 11.26 20.87 13.77
CA THR W 45 10.37 21.79 14.46
C THR W 45 10.11 23.08 13.68
N ALA W 46 11.10 23.95 13.52
CA ALA W 46 10.73 25.32 13.19
C ALA W 46 11.38 25.90 11.94
N ASN W 47 12.71 25.94 11.94
CA ASN W 47 13.61 26.49 10.92
C ASN W 47 13.52 28.01 10.76
N ALA W 48 12.59 28.68 11.45
CA ALA W 48 12.45 30.15 11.49
C ALA W 48 12.17 30.79 10.12
N ASP W 49 11.86 29.94 9.13
CA ASP W 49 11.50 30.35 7.78
C ASP W 49 10.21 29.63 7.46
N GLN W 50 10.11 28.42 7.98
CA GLN W 50 8.97 27.54 7.71
C GLN W 50 7.76 28.02 8.50
N LEU W 51 7.98 28.83 9.54
CA LEU W 51 6.88 29.51 10.20
C LEU W 51 6.28 30.62 9.34
N LEU W 52 7.02 31.13 8.36
CA LEU W 52 6.47 32.07 7.40
C LEU W 52 5.88 31.38 6.18
N GLN W 53 6.39 30.20 5.84
CA GLN W 53 5.80 29.45 4.75
C GLN W 53 4.53 28.73 5.19
N ARG W 54 4.48 28.28 6.44
CA ARG W 54 3.22 27.77 6.99
C ARG W 54 2.24 28.90 7.25
N ASP W 55 2.73 30.14 7.35
CA ASP W 55 1.86 31.29 7.46
C ASP W 55 1.18 31.64 6.14
N ALA W 56 1.62 31.04 5.03
CA ALA W 56 1.03 31.27 3.72
C ALA W 56 0.33 30.04 3.15
N ILE W 57 0.69 28.83 3.60
CA ILE W 57 -0.03 27.63 3.19
C ILE W 57 -1.45 27.65 3.74
N LEU W 58 -1.60 28.05 5.00
CA LEU W 58 -2.94 28.14 5.57
C LEU W 58 -3.73 29.31 4.99
N ALA W 59 -3.05 30.35 4.53
CA ALA W 59 -3.77 31.47 3.92
C ALA W 59 -4.29 31.11 2.54
N ILE W 60 -3.56 30.30 1.77
CA ILE W 60 -4.00 29.90 0.44
C ILE W 60 -5.01 28.77 0.51
N LEU W 61 -5.30 28.26 1.69
CA LEU W 61 -6.17 27.11 1.87
C LEU W 61 -7.40 27.40 2.72
N GLU W 62 -7.30 28.29 3.71
CA GLU W 62 -8.48 28.74 4.44
C GLU W 62 -9.32 29.71 3.60
N TYR W 63 -8.67 30.61 2.86
CA TYR W 63 -9.36 31.72 2.23
C TYR W 63 -9.38 31.67 0.71
N ALA W 64 -8.32 31.19 0.07
CA ALA W 64 -8.20 31.40 -1.37
C ALA W 64 -9.08 30.46 -2.18
N LEU W 65 -9.17 29.19 -1.77
CA LEU W 65 -9.96 28.24 -2.53
C LEU W 65 -11.45 28.49 -2.33
N LYS W 66 -11.83 29.09 -1.21
CA LYS W 66 -13.21 29.49 -1.00
C LYS W 66 -13.59 30.68 -1.89
N ASP W 67 -12.61 31.50 -2.24
CA ASP W 67 -12.84 32.72 -3.00
C ASP W 67 -13.26 32.41 -4.43
N THR W 68 -14.14 33.23 -4.98
CA THR W 68 -14.65 33.03 -6.33
C THR W 68 -13.90 33.82 -7.39
N ALA W 69 -13.09 34.81 -7.00
CA ALA W 69 -12.31 35.55 -7.97
C ALA W 69 -10.91 34.97 -8.13
N PHE W 70 -10.41 34.29 -7.10
CA PHE W 70 -9.13 33.61 -7.22
C PHE W 70 -9.24 32.37 -8.09
N VAL W 71 -10.35 31.63 -7.96
CA VAL W 71 -10.49 30.38 -8.69
C VAL W 71 -10.76 30.65 -10.17
N ASN W 72 -11.38 31.78 -10.51
CA ASN W 72 -11.50 32.15 -11.92
C ASN W 72 -10.19 32.66 -12.50
N ALA W 73 -9.21 32.99 -11.65
CA ALA W 73 -7.90 33.34 -12.16
C ALA W 73 -7.06 32.10 -12.38
N ILE W 74 -7.13 31.13 -11.46
CA ILE W 74 -6.38 29.89 -11.64
C ILE W 74 -7.07 29.00 -12.66
N GLN W 75 -8.33 29.26 -13.00
CA GLN W 75 -8.95 28.63 -14.16
C GLN W 75 -8.36 29.16 -15.46
N ALA W 76 -8.04 30.45 -15.50
CA ALA W 76 -7.56 31.05 -16.73
C ALA W 76 -6.12 30.67 -17.05
N VAL W 77 -5.33 30.35 -16.04
CA VAL W 77 -3.94 29.95 -16.28
C VAL W 77 -3.90 28.55 -16.87
N ALA W 78 -4.82 27.67 -16.43
CA ALA W 78 -4.86 26.30 -16.91
C ALA W 78 -5.30 26.18 -18.36
N ALA W 79 -5.87 27.22 -18.94
CA ALA W 79 -6.29 27.20 -20.34
C ALA W 79 -5.23 27.78 -21.27
N GLY W 80 -3.98 27.86 -20.82
CA GLY W 80 -2.91 28.40 -21.63
C GLY W 80 -2.52 27.50 -22.77
N SER W 81 -1.62 28.01 -23.62
CA SER W 81 -1.19 27.28 -24.80
C SER W 81 -0.05 26.32 -24.51
N GLY W 82 0.42 26.23 -23.27
CA GLY W 82 1.51 25.34 -22.94
C GLY W 82 1.32 24.63 -21.61
N VAL W 83 0.07 24.45 -21.21
CA VAL W 83 -0.24 23.92 -19.90
C VAL W 83 -0.85 22.52 -20.03
N THR W 84 0.00 21.49 -19.95
CA THR W 84 -0.43 20.10 -19.88
C THR W 84 0.46 19.41 -18.86
N THR W 85 -0.02 18.24 -18.38
CA THR W 85 0.64 17.34 -17.44
C THR W 85 1.11 18.09 -16.20
N PRO W 86 0.21 18.40 -15.26
CA PRO W 86 0.37 19.61 -14.42
C PRO W 86 1.54 19.64 -13.44
N ALA W 87 2.74 19.38 -13.94
CA ALA W 87 3.95 19.98 -13.40
C ALA W 87 4.32 21.22 -14.18
N SER W 88 3.77 21.38 -15.38
CA SER W 88 3.90 22.61 -16.13
C SER W 88 2.80 23.61 -15.79
N PHE W 89 1.69 23.14 -15.23
CA PHE W 89 0.67 24.05 -14.71
C PHE W 89 1.18 24.79 -13.48
N VAL W 90 1.85 24.08 -12.58
CA VAL W 90 2.35 24.72 -11.37
C VAL W 90 3.63 25.51 -11.62
N SER W 91 4.26 25.33 -12.76
CA SER W 91 5.43 26.13 -13.10
C SER W 91 5.07 27.34 -13.96
N ALA W 92 3.93 27.31 -14.65
CA ALA W 92 3.45 28.47 -15.39
C ALA W 92 2.61 29.39 -14.52
N CYS W 93 2.41 29.05 -13.25
CA CYS W 93 1.81 30.00 -12.32
C CYS W 93 2.83 30.62 -11.37
N VAL W 94 3.97 29.96 -11.17
CA VAL W 94 5.06 30.57 -10.40
C VAL W 94 5.61 31.79 -11.12
N THR W 95 5.82 31.68 -12.43
CA THR W 95 6.33 32.81 -13.21
C THR W 95 5.28 33.91 -13.35
N LYS W 96 4.01 33.60 -13.15
CA LYS W 96 3.02 34.66 -12.98
C LYS W 96 3.19 35.39 -11.66
N LEU W 97 3.65 34.68 -10.62
CA LEU W 97 3.76 35.24 -9.28
C LEU W 97 5.12 35.89 -9.02
N THR W 98 5.95 36.06 -10.04
CA THR W 98 7.24 36.71 -9.87
C THR W 98 7.37 37.94 -10.76
N PRO X 2 -4.47 23.83 -23.39
CA PRO X 2 -5.57 23.26 -22.60
C PRO X 2 -5.06 22.24 -21.61
N LEU X 3 -5.57 22.24 -20.39
CA LEU X 3 -5.08 21.34 -19.36
C LEU X 3 -5.67 19.95 -19.53
N VAL X 4 -4.81 18.94 -19.47
CA VAL X 4 -5.23 17.54 -19.38
C VAL X 4 -4.83 17.05 -17.99
N TYR X 5 -5.76 16.38 -17.32
CA TYR X 5 -5.60 16.12 -15.89
C TYR X 5 -6.34 14.86 -15.48
N THR X 6 -5.76 14.16 -14.52
CA THR X 6 -6.35 13.03 -13.83
C THR X 6 -6.17 13.22 -12.33
N PRO X 7 -7.08 12.67 -11.53
CA PRO X 7 -6.87 12.67 -10.07
C PRO X 7 -5.63 11.87 -9.69
N ALA X 8 -4.83 12.43 -8.78
CA ALA X 8 -3.46 11.97 -8.61
C ALA X 8 -3.35 10.68 -7.81
N VAL X 9 -4.31 10.38 -6.94
CA VAL X 9 -4.25 9.12 -6.22
C VAL X 9 -4.55 8.01 -7.21
N ARG X 10 -3.88 6.87 -7.05
CA ARG X 10 -3.67 5.99 -8.19
C ARG X 10 -4.93 5.17 -8.50
N GLY X 11 -5.40 4.38 -7.55
CA GLY X 11 -6.54 3.54 -7.83
C GLY X 11 -7.89 4.11 -7.45
N GLY X 12 -7.98 5.40 -7.20
CA GLY X 12 -9.19 6.00 -6.65
C GLY X 12 -9.65 7.26 -7.35
N ALA X 13 -9.58 7.28 -8.69
CA ALA X 13 -9.67 8.52 -9.46
C ALA X 13 -11.06 9.16 -9.34
N ASN X 14 -12.10 8.46 -9.80
CA ASN X 14 -13.47 8.96 -9.67
C ASN X 14 -14.26 8.00 -8.79
N PRO X 15 -14.47 8.33 -7.53
CA PRO X 15 -15.07 7.37 -6.60
C PRO X 15 -16.57 7.24 -6.80
N ALA X 16 -17.10 6.14 -6.28
CA ALA X 16 -18.53 5.87 -6.42
C ALA X 16 -19.35 6.82 -5.55
N SER X 17 -18.97 6.96 -4.28
CA SER X 17 -19.74 7.79 -3.36
C SER X 17 -19.52 9.28 -3.56
N GLY X 18 -18.48 9.67 -4.28
CA GLY X 18 -18.17 11.08 -4.44
C GLY X 18 -17.26 11.64 -3.38
N SER X 19 -16.84 10.83 -2.41
CA SER X 19 -15.91 11.27 -1.38
C SER X 19 -14.50 10.92 -1.86
N TYR X 20 -13.91 11.81 -2.65
CA TYR X 20 -12.57 11.62 -3.18
C TYR X 20 -11.56 11.92 -2.08
N LEU X 21 -11.07 10.87 -1.43
CA LEU X 21 -10.08 11.04 -0.38
C LEU X 21 -8.72 11.34 -1.00
N LEU X 22 -8.18 12.51 -0.69
CA LEU X 22 -6.85 12.87 -1.15
C LEU X 22 -5.80 12.03 -0.44
N ASP X 23 -4.75 11.70 -1.14
CA ASP X 23 -3.61 11.10 -0.45
C ASP X 23 -2.79 12.19 0.22
N PRO X 24 -2.20 11.91 1.38
CA PRO X 24 -1.53 12.98 2.14
C PRO X 24 -0.23 13.38 1.49
N GLN X 25 0.00 14.69 1.43
CA GLN X 25 1.26 15.23 0.96
C GLN X 25 1.93 16.00 2.08
N TYR X 26 3.25 16.14 1.96
CA TYR X 26 4.09 16.77 2.97
C TYR X 26 4.47 18.14 2.43
N VAL X 27 3.91 19.19 3.03
CA VAL X 27 3.58 20.40 2.31
C VAL X 27 4.65 21.48 2.44
N ASN X 28 5.17 21.67 3.65
CA ASN X 28 6.08 22.78 3.93
C ASN X 28 7.53 22.50 3.50
N SER X 29 7.72 21.46 2.66
CA SER X 29 8.96 20.84 2.17
C SER X 29 9.66 20.03 3.25
N GLY X 30 9.21 20.22 4.48
CA GLY X 30 9.67 19.60 5.69
C GLY X 30 8.59 18.81 6.38
N VAL X 31 7.88 19.55 7.22
CA VAL X 31 7.56 19.16 8.58
C VAL X 31 6.06 18.93 8.80
N ASP X 32 5.22 19.13 7.79
CA ASP X 32 3.78 19.10 8.00
C ASP X 32 3.11 18.00 7.16
N ILE X 33 1.77 17.99 7.18
CA ILE X 33 0.96 17.01 6.47
C ILE X 33 -0.45 17.56 6.39
N LEU X 34 -1.18 17.23 5.31
CA LEU X 34 -2.55 17.72 5.14
C LEU X 34 -3.62 16.67 5.41
N GLN X 35 -3.63 15.56 4.67
CA GLN X 35 -4.67 14.51 4.73
C GLN X 35 -6.06 15.08 4.46
N ALA X 36 -6.23 15.71 3.31
CA ALA X 36 -7.52 16.27 3.00
C ALA X 36 -8.42 15.22 2.36
N THR X 37 -9.69 15.57 2.18
CA THR X 37 -10.62 14.84 1.33
C THR X 37 -11.14 15.81 0.27
N TYR X 38 -12.12 15.36 -0.51
CA TYR X 38 -12.79 16.25 -1.47
C TYR X 38 -14.14 15.63 -1.79
N GLY X 39 -15.19 16.18 -1.19
CA GLY X 39 -16.52 15.73 -1.54
C GLY X 39 -16.93 16.27 -2.90
N TYR X 40 -17.52 15.38 -3.71
CA TYR X 40 -18.11 15.78 -4.98
C TYR X 40 -19.49 16.36 -4.75
N ASN X 41 -20.28 16.44 -5.83
CA ASN X 41 -21.43 17.34 -5.96
C ASN X 41 -22.45 17.20 -4.84
N ILE X 42 -22.51 18.21 -3.97
CA ILE X 42 -23.37 18.18 -2.79
C ILE X 42 -24.36 19.34 -2.78
N ASN X 43 -24.17 20.36 -3.61
CA ASN X 43 -25.09 21.48 -3.71
C ASN X 43 -25.49 21.68 -5.17
N GLY X 44 -25.87 20.59 -5.84
CA GLY X 44 -26.27 20.61 -7.23
C GLY X 44 -25.41 19.69 -8.07
N THR X 45 -25.13 20.12 -9.30
CA THR X 45 -24.18 19.43 -10.19
C THR X 45 -23.13 20.43 -10.62
N ALA X 46 -22.33 20.10 -11.63
CA ALA X 46 -21.17 20.91 -11.96
C ALA X 46 -21.21 21.55 -13.35
N ASN X 47 -22.35 21.45 -14.05
CA ASN X 47 -22.81 22.26 -15.20
C ASN X 47 -21.76 22.76 -16.21
N ALA X 48 -20.78 21.93 -16.54
CA ALA X 48 -19.88 22.05 -17.69
C ALA X 48 -18.90 23.23 -17.65
N ASP X 49 -19.01 24.11 -16.66
CA ASP X 49 -17.97 25.10 -16.40
C ASP X 49 -17.28 24.91 -15.08
N GLN X 50 -18.04 24.43 -14.08
CA GLN X 50 -17.50 24.10 -12.78
C GLN X 50 -16.75 22.77 -12.79
N LEU X 51 -16.75 22.04 -13.90
CA LEU X 51 -15.76 20.98 -14.09
C LEU X 51 -14.38 21.57 -14.33
N LEU X 52 -14.30 22.71 -15.01
CA LEU X 52 -13.00 23.33 -15.26
C LEU X 52 -12.43 23.95 -14.01
N GLN X 53 -13.28 24.47 -13.13
CA GLN X 53 -12.80 24.99 -11.85
C GLN X 53 -12.38 23.83 -10.94
N ARG X 54 -13.14 22.73 -10.96
CA ARG X 54 -12.73 21.53 -10.25
C ARG X 54 -11.49 20.91 -10.86
N ASP X 55 -11.25 21.16 -12.15
CA ASP X 55 -10.05 20.68 -12.80
C ASP X 55 -8.81 21.40 -12.30
N ALA X 56 -8.95 22.63 -11.80
CA ALA X 56 -7.83 23.43 -11.35
C ALA X 56 -7.68 23.50 -9.85
N ILE X 57 -8.75 23.27 -9.09
CA ILE X 57 -8.63 23.22 -7.64
C ILE X 57 -7.88 21.96 -7.21
N LEU X 58 -8.18 20.83 -7.85
CA LEU X 58 -7.48 19.60 -7.53
C LEU X 58 -6.04 19.61 -8.03
N ALA X 59 -5.70 20.46 -8.99
CA ALA X 59 -4.31 20.58 -9.40
C ALA X 59 -3.53 21.48 -8.46
N ILE X 60 -4.18 22.50 -7.89
CA ILE X 60 -3.48 23.41 -6.98
C ILE X 60 -3.39 22.82 -5.59
N LEU X 61 -4.11 21.74 -5.33
CA LEU X 61 -4.14 21.09 -4.03
C LEU X 61 -3.26 19.86 -3.97
N GLU X 62 -2.95 19.25 -5.11
CA GLU X 62 -2.14 18.05 -5.19
C GLU X 62 -0.71 18.34 -5.64
N TYR X 63 -0.55 18.98 -6.79
CA TYR X 63 0.76 19.17 -7.38
C TYR X 63 1.38 20.52 -7.09
N ALA X 64 0.71 21.38 -6.32
CA ALA X 64 1.22 22.72 -6.08
C ALA X 64 1.65 22.98 -4.65
N LEU X 65 0.86 22.56 -3.67
CA LEU X 65 1.26 22.74 -2.28
C LEU X 65 2.43 21.84 -1.90
N LYS X 66 2.62 20.75 -2.63
CA LYS X 66 3.74 19.84 -2.38
C LYS X 66 5.06 20.43 -2.89
N ASP X 67 4.99 21.31 -3.89
CA ASP X 67 6.18 21.84 -4.55
C ASP X 67 6.90 22.82 -3.63
N THR X 68 8.21 22.98 -3.86
CA THR X 68 9.03 23.87 -3.06
C THR X 68 9.31 25.20 -3.72
N ALA X 69 8.96 25.39 -4.99
CA ALA X 69 9.12 26.67 -5.65
C ALA X 69 7.82 27.44 -5.78
N PHE X 70 6.69 26.79 -5.54
CA PHE X 70 5.40 27.47 -5.46
C PHE X 70 5.11 27.97 -4.06
N VAL X 71 5.53 27.22 -3.05
CA VAL X 71 5.35 27.69 -1.67
C VAL X 71 6.34 28.82 -1.37
N ASN X 72 7.46 28.87 -2.08
CA ASN X 72 8.36 30.02 -1.98
C ASN X 72 7.90 31.18 -2.85
N ALA X 73 7.09 30.92 -3.87
CA ALA X 73 6.52 32.00 -4.66
C ALA X 73 5.32 32.63 -3.97
N ILE X 74 4.59 31.85 -3.17
CA ILE X 74 3.49 32.39 -2.40
C ILE X 74 3.97 32.99 -1.08
N GLN X 75 5.19 32.64 -0.64
CA GLN X 75 5.78 33.28 0.52
C GLN X 75 6.13 34.74 0.24
N ALA X 76 6.70 35.02 -0.94
CA ALA X 76 7.18 36.35 -1.24
C ALA X 76 6.07 37.35 -1.51
N VAL X 77 4.87 36.88 -1.86
CA VAL X 77 3.74 37.78 -1.99
C VAL X 77 3.27 38.24 -0.62
N ALA X 78 3.29 37.34 0.36
CA ALA X 78 2.84 37.66 1.71
C ALA X 78 3.79 38.60 2.43
N ALA X 79 5.04 38.71 1.99
CA ALA X 79 5.99 39.65 2.55
C ALA X 79 6.07 40.94 1.75
N GLY X 80 4.99 41.26 1.03
CA GLY X 80 4.96 42.44 0.17
C GLY X 80 4.60 43.70 0.91
N SER X 81 3.95 44.62 0.20
CA SER X 81 3.57 45.92 0.73
C SER X 81 2.05 45.97 0.86
N GLY X 82 1.57 46.18 2.08
CA GLY X 82 0.15 46.29 2.32
C GLY X 82 -0.62 45.00 2.31
N VAL X 83 0.06 43.86 2.35
CA VAL X 83 -0.63 42.56 2.31
C VAL X 83 -0.88 42.15 3.76
N THR X 84 -1.92 42.75 4.34
CA THR X 84 -2.36 42.44 5.69
C THR X 84 -3.82 42.02 5.65
N THR X 85 -4.28 41.38 6.75
CA THR X 85 -5.64 40.87 6.95
C THR X 85 -6.04 39.97 5.80
N PRO X 86 -5.60 38.70 5.77
CA PRO X 86 -5.57 37.93 4.50
C PRO X 86 -6.90 37.59 3.86
N ALA X 87 -7.75 38.60 3.67
CA ALA X 87 -8.67 38.68 2.56
C ALA X 87 -8.16 39.62 1.50
N SER X 88 -7.06 40.31 1.78
CA SER X 88 -6.34 41.12 0.80
C SER X 88 -5.08 40.46 0.29
N PHE X 89 -4.57 39.46 1.01
CA PHE X 89 -3.50 38.62 0.49
C PHE X 89 -3.95 37.87 -0.77
N VAL X 90 -5.17 37.36 -0.75
CA VAL X 90 -5.68 36.67 -1.92
C VAL X 90 -6.06 37.66 -3.02
N SER X 91 -6.40 38.90 -2.67
CA SER X 91 -6.70 39.89 -3.70
C SER X 91 -5.43 40.53 -4.26
N ALA X 92 -4.32 40.44 -3.55
CA ALA X 92 -3.04 40.84 -4.10
C ALA X 92 -2.36 39.71 -4.86
N CYS X 93 -2.89 38.51 -4.76
CA CYS X 93 -2.40 37.39 -5.55
C CYS X 93 -3.18 37.22 -6.84
N VAL X 94 -4.44 37.65 -6.86
CA VAL X 94 -5.24 37.54 -8.08
C VAL X 94 -4.82 38.59 -9.11
N THR X 95 -4.17 39.67 -8.69
CA THR X 95 -3.65 40.65 -9.63
C THR X 95 -2.39 40.19 -10.31
N LYS X 96 -1.64 39.28 -9.68
CA LYS X 96 -0.45 38.73 -10.32
C LYS X 96 -0.81 37.66 -11.34
N LEU X 97 -1.86 36.89 -11.08
CA LEU X 97 -2.25 35.80 -11.97
C LEU X 97 -2.97 36.27 -13.22
N THR X 98 -3.28 37.55 -13.34
CA THR X 98 -3.99 38.06 -14.51
C THR X 98 -3.18 39.16 -15.22
N PRO Y 2 75.24 20.19 42.79
CA PRO Y 2 74.98 21.13 43.88
C PRO Y 2 73.70 20.86 44.64
N LEU Y 3 72.76 20.11 44.07
CA LEU Y 3 71.52 19.83 44.79
C LEU Y 3 71.78 18.71 45.78
N VAL Y 4 71.34 18.91 47.03
CA VAL Y 4 71.66 18.02 48.13
C VAL Y 4 70.33 17.43 48.58
N TYR Y 5 69.47 17.14 47.60
CA TYR Y 5 68.09 16.76 47.87
C TYR Y 5 67.99 15.43 48.64
N THR Y 6 67.11 15.44 49.64
CA THR Y 6 66.64 14.34 50.45
C THR Y 6 65.12 14.24 50.35
N PRO Y 7 64.54 13.05 50.48
CA PRO Y 7 63.08 12.94 50.44
C PRO Y 7 62.43 13.60 51.65
N ALA Y 8 61.32 14.30 51.39
CA ALA Y 8 60.79 15.30 52.31
C ALA Y 8 59.91 14.73 53.41
N VAL Y 9 59.51 13.46 53.35
CA VAL Y 9 58.75 12.90 54.45
C VAL Y 9 59.73 12.59 55.60
N ARG Y 10 59.18 12.45 56.81
CA ARG Y 10 60.05 12.31 57.97
C ARG Y 10 60.66 10.93 58.05
N GLY Y 11 59.84 9.90 58.23
CA GLY Y 11 60.37 8.56 58.30
C GLY Y 11 59.93 7.72 57.14
N GLY Y 12 60.87 7.21 56.36
CA GLY Y 12 60.52 6.51 55.15
C GLY Y 12 61.08 7.16 53.91
N ALA Y 13 62.28 7.73 54.02
CA ALA Y 13 62.92 8.38 52.88
C ALA Y 13 63.34 7.38 51.82
N ASN Y 14 63.67 6.16 52.21
CA ASN Y 14 63.94 5.07 51.26
C ASN Y 14 63.31 3.80 51.81
N PRO Y 15 62.06 3.53 51.45
CA PRO Y 15 61.35 2.42 52.06
C PRO Y 15 61.81 1.08 51.53
N ALA Y 16 61.48 0.04 52.29
CA ALA Y 16 61.93 -1.31 51.95
C ALA Y 16 61.18 -1.88 50.75
N SER Y 17 59.92 -1.50 50.57
CA SER Y 17 59.15 -2.00 49.44
C SER Y 17 59.40 -1.24 48.15
N GLY Y 18 60.09 -0.11 48.22
CA GLY Y 18 60.31 0.67 47.02
C GLY Y 18 59.13 1.48 46.56
N SER Y 19 58.08 1.57 47.36
CA SER Y 19 56.92 2.41 47.03
C SER Y 19 56.95 3.58 47.99
N TYR Y 20 57.66 4.63 47.61
CA TYR Y 20 57.77 5.84 48.43
C TYR Y 20 56.44 6.58 48.37
N LEU Y 21 55.73 6.61 49.48
CA LEU Y 21 54.41 7.23 49.53
C LEU Y 21 54.57 8.72 49.77
N LEU Y 22 54.17 9.51 48.78
CA LEU Y 22 54.20 10.97 48.89
C LEU Y 22 53.24 11.44 49.97
N ASP Y 23 53.67 12.43 50.75
CA ASP Y 23 52.76 13.04 51.69
C ASP Y 23 51.73 13.89 50.94
N PRO Y 24 50.49 13.95 51.41
CA PRO Y 24 49.46 14.71 50.70
C PRO Y 24 49.72 16.20 50.84
N GLN Y 25 49.71 16.90 49.71
CA GLN Y 25 50.05 18.31 49.69
C GLN Y 25 48.98 19.08 48.94
N TYR Y 26 48.83 20.35 49.33
CA TYR Y 26 47.70 21.17 48.92
C TYR Y 26 48.19 22.16 47.87
N VAL Y 27 47.58 22.12 46.69
CA VAL Y 27 48.29 22.37 45.45
C VAL Y 27 48.09 23.79 44.93
N ASN Y 28 46.84 24.28 44.92
CA ASN Y 28 46.58 25.66 44.50
C ASN Y 28 46.86 26.69 45.58
N SER Y 29 47.51 26.27 46.69
CA SER Y 29 47.72 26.91 48.00
C SER Y 29 46.42 27.01 48.79
N GLY Y 30 45.31 26.68 48.13
CA GLY Y 30 43.98 26.58 48.66
C GLY Y 30 43.44 25.18 48.52
N VAL Y 31 42.79 24.97 47.39
CA VAL Y 31 41.54 24.23 47.30
C VAL Y 31 41.71 22.77 46.87
N ASP Y 32 42.88 22.35 46.41
CA ASP Y 32 43.01 21.01 45.87
C ASP Y 32 44.00 20.19 46.68
N ILE Y 33 43.99 18.88 46.44
CA ILE Y 33 44.84 17.93 47.14
C ILE Y 33 45.38 16.94 46.10
N LEU Y 34 46.65 16.54 46.25
CA LEU Y 34 47.30 15.76 45.19
C LEU Y 34 47.30 14.27 45.50
N GLN Y 35 47.93 13.85 46.61
CA GLN Y 35 47.98 12.45 47.07
C GLN Y 35 48.60 11.52 46.04
N ALA Y 36 49.90 11.69 45.80
CA ALA Y 36 50.59 10.74 44.94
C ALA Y 36 51.24 9.63 45.76
N THR Y 37 51.80 8.66 45.03
CA THR Y 37 52.83 7.78 45.55
C THR Y 37 53.99 7.82 44.57
N TYR Y 38 54.96 6.93 44.71
CA TYR Y 38 56.10 6.92 43.80
C TYR Y 38 56.75 5.56 43.90
N GLY Y 39 56.73 4.79 42.81
CA GLY Y 39 57.35 3.49 42.78
C GLY Y 39 58.79 3.59 42.32
N TYR Y 40 59.68 2.92 43.03
CA TYR Y 40 61.08 2.87 42.63
C TYR Y 40 61.33 1.81 41.58
N ASN Y 41 62.60 1.43 41.42
CA ASN Y 41 63.19 0.81 40.25
C ASN Y 41 62.37 -0.32 39.63
N ILE Y 42 61.92 -0.09 38.40
CA ILE Y 42 61.03 -1.04 37.73
C ILE Y 42 61.50 -1.41 36.32
N ASN Y 43 62.40 -0.65 35.68
CA ASN Y 43 62.91 -0.99 34.36
C ASN Y 43 64.42 -0.74 34.29
N GLY Y 44 65.16 -1.25 35.27
CA GLY Y 44 66.57 -1.00 35.42
C GLY Y 44 66.84 -0.65 36.85
N THR Y 45 68.01 -0.07 37.14
CA THR Y 45 68.18 0.53 38.46
C THR Y 45 68.51 2.01 38.35
N ALA Y 46 69.73 2.39 37.95
CA ALA Y 46 70.10 3.79 38.14
C ALA Y 46 70.90 4.43 37.03
N ASN Y 47 71.89 3.74 36.46
CA ASN Y 47 72.87 4.15 35.43
C ASN Y 47 73.34 5.61 35.54
N ALA Y 48 73.52 6.06 36.78
CA ALA Y 48 74.23 7.29 37.19
C ALA Y 48 73.64 8.61 36.71
N ASP Y 49 72.58 8.57 35.90
CA ASP Y 49 71.94 9.78 35.42
C ASP Y 49 70.50 9.80 35.92
N GLN Y 50 69.85 8.63 35.86
CA GLN Y 50 68.52 8.46 36.42
C GLN Y 50 68.52 8.52 37.94
N LEU Y 51 69.69 8.35 38.56
CA LEU Y 51 69.81 8.52 40.00
C LEU Y 51 69.80 9.99 40.39
N LEU Y 52 70.14 10.88 39.46
CA LEU Y 52 70.05 12.32 39.66
C LEU Y 52 68.77 12.92 39.14
N GLN Y 53 68.17 12.32 38.11
CA GLN Y 53 66.89 12.80 37.62
C GLN Y 53 65.77 12.45 38.58
N ARG Y 54 65.94 11.40 39.39
CA ARG Y 54 64.91 11.04 40.35
C ARG Y 54 64.89 12.03 41.52
N ASP Y 55 65.99 12.72 41.79
CA ASP Y 55 65.96 13.80 42.76
C ASP Y 55 65.20 15.00 42.20
N ALA Y 56 65.41 15.33 40.92
CA ALA Y 56 64.81 16.53 40.37
C ALA Y 56 63.31 16.35 40.12
N ILE Y 57 62.87 15.12 39.86
CA ILE Y 57 61.44 14.86 39.73
C ILE Y 57 60.75 14.97 41.08
N LEU Y 58 61.39 14.44 42.14
CA LEU Y 58 60.85 14.64 43.47
C LEU Y 58 61.01 16.06 43.96
N ALA Y 59 61.97 16.83 43.42
CA ALA Y 59 62.10 18.21 43.84
C ALA Y 59 60.96 19.06 43.29
N ILE Y 60 60.53 18.77 42.05
CA ILE Y 60 59.44 19.53 41.44
C ILE Y 60 58.08 19.08 41.97
N LEU Y 61 58.03 17.99 42.72
CA LEU Y 61 56.78 17.38 43.14
C LEU Y 61 56.54 17.46 44.64
N GLU Y 62 57.60 17.57 45.44
CA GLU Y 62 57.47 17.78 46.88
C GLU Y 62 57.39 19.25 47.26
N TYR Y 63 58.23 20.09 46.65
CA TYR Y 63 58.42 21.46 47.10
C TYR Y 63 57.96 22.52 46.12
N ALA Y 64 57.64 22.17 44.87
CA ALA Y 64 57.37 23.18 43.85
C ALA Y 64 55.91 23.39 43.55
N LEU Y 65 55.12 22.31 43.42
CA LEU Y 65 53.71 22.46 43.13
C LEU Y 65 52.93 22.98 44.33
N LYS Y 66 53.45 22.78 45.53
CA LYS Y 66 52.87 23.38 46.72
C LYS Y 66 53.12 24.89 46.75
N ASP Y 67 54.23 25.34 46.18
CA ASP Y 67 54.63 26.74 46.23
C ASP Y 67 53.70 27.61 45.39
N THR Y 68 53.38 28.79 45.91
CA THR Y 68 52.44 29.70 45.26
C THR Y 68 53.11 30.74 44.37
N ALA Y 69 54.45 30.76 44.33
CA ALA Y 69 55.14 31.63 43.39
C ALA Y 69 55.59 30.90 42.13
N PHE Y 70 55.83 29.60 42.24
CA PHE Y 70 56.15 28.80 41.07
C PHE Y 70 54.92 28.61 40.18
N VAL Y 71 53.77 28.36 40.80
CA VAL Y 71 52.57 28.09 40.02
C VAL Y 71 51.98 29.35 39.40
N ASN Y 72 52.23 30.53 39.96
CA ASN Y 72 51.86 31.77 39.28
C ASN Y 72 52.82 32.13 38.16
N ALA Y 73 53.97 31.47 38.08
CA ALA Y 73 54.85 31.65 36.93
C ALA Y 73 54.59 30.62 35.84
N ILE Y 74 54.22 29.40 36.23
CA ILE Y 74 53.83 28.41 35.23
C ILE Y 74 52.45 28.73 34.68
N GLN Y 75 51.68 29.58 35.36
CA GLN Y 75 50.41 30.06 34.82
C GLN Y 75 50.65 31.04 33.68
N ALA Y 76 51.63 31.93 33.83
CA ALA Y 76 51.89 32.94 32.81
C ALA Y 76 52.53 32.36 31.56
N VAL Y 77 53.13 31.18 31.64
CA VAL Y 77 53.58 30.50 30.43
C VAL Y 77 52.37 30.02 29.63
N ALA Y 78 51.32 29.59 30.32
CA ALA Y 78 50.10 29.09 29.68
C ALA Y 78 49.27 30.19 29.06
N ALA Y 79 49.63 31.46 29.20
CA ALA Y 79 48.97 32.56 28.51
C ALA Y 79 49.82 33.10 27.38
N GLY Y 80 50.68 32.28 26.79
CA GLY Y 80 51.49 32.71 25.67
C GLY Y 80 50.67 32.83 24.40
N SER Y 81 51.29 33.47 23.40
CA SER Y 81 50.59 33.66 22.14
C SER Y 81 50.51 32.37 21.33
N GLY Y 82 51.62 31.63 21.27
CA GLY Y 82 51.64 30.40 20.50
C GLY Y 82 51.73 29.17 21.38
N VAL Y 83 51.01 29.16 22.49
CA VAL Y 83 50.98 28.03 23.40
C VAL Y 83 49.54 27.53 23.43
N THR Y 84 49.23 26.58 22.56
CA THR Y 84 48.03 25.76 22.60
C THR Y 84 48.48 24.31 22.50
N THR Y 85 47.49 23.39 22.39
CA THR Y 85 47.68 21.95 22.14
C THR Y 85 48.66 21.32 23.12
N PRO Y 86 48.22 20.98 24.34
CA PRO Y 86 49.13 20.92 25.50
C PRO Y 86 50.23 19.87 25.49
N ALA Y 87 51.01 19.87 24.42
CA ALA Y 87 52.35 19.32 24.39
C ALA Y 87 53.35 20.36 23.94
N SER Y 88 52.89 21.53 23.51
CA SER Y 88 53.74 22.69 23.29
C SER Y 88 53.87 23.55 24.52
N PHE Y 89 53.00 23.36 25.52
CA PHE Y 89 53.21 23.96 26.83
C PHE Y 89 54.49 23.43 27.45
N VAL Y 90 54.70 22.12 27.39
CA VAL Y 90 55.89 21.50 27.98
C VAL Y 90 57.10 21.59 27.09
N SER Y 91 57.01 22.27 25.94
CA SER Y 91 58.17 22.59 25.14
C SER Y 91 58.46 24.08 25.06
N ALA Y 92 57.46 24.92 25.30
CA ALA Y 92 57.73 26.35 25.41
C ALA Y 92 58.38 26.69 26.73
N CYS Y 93 58.14 25.90 27.77
CA CYS Y 93 58.79 26.14 29.05
C CYS Y 93 60.21 25.61 29.07
N VAL Y 94 60.52 24.61 28.25
CA VAL Y 94 61.90 24.11 28.15
C VAL Y 94 62.79 25.15 27.50
N THR Y 95 62.27 25.88 26.52
CA THR Y 95 63.00 27.00 25.93
C THR Y 95 63.20 28.14 26.92
N LYS Y 96 62.36 28.25 27.94
CA LYS Y 96 62.64 29.18 29.04
C LYS Y 96 63.75 28.68 29.93
N LEU Y 97 63.81 27.36 30.15
CA LEU Y 97 64.72 26.76 31.14
C LEU Y 97 66.09 26.44 30.57
N THR Y 98 66.52 27.13 29.53
CA THR Y 98 67.87 26.98 29.01
C THR Y 98 68.59 28.32 29.01
N PRO Z 2 47.02 30.67 24.67
CA PRO Z 2 46.21 30.20 25.79
C PRO Z 2 46.11 28.69 25.82
N LEU Z 3 46.33 28.09 26.98
CA LEU Z 3 46.38 26.64 27.09
C LEU Z 3 44.96 26.10 27.04
N VAL Z 4 44.53 25.63 25.87
CA VAL Z 4 43.24 24.98 25.73
C VAL Z 4 43.45 23.51 26.13
N TYR Z 5 43.15 23.21 27.40
CA TYR Z 5 43.55 21.97 28.04
C TYR Z 5 42.33 21.18 28.49
N THR Z 6 42.39 19.88 28.29
CA THR Z 6 41.42 18.90 28.74
C THR Z 6 42.16 17.76 29.43
N PRO Z 7 41.55 17.14 30.45
CA PRO Z 7 42.25 16.08 31.19
C PRO Z 7 42.51 14.85 30.33
N ALA Z 8 43.72 14.30 30.47
CA ALA Z 8 44.24 13.35 29.50
C ALA Z 8 43.74 11.93 29.67
N VAL Z 9 43.03 11.60 30.76
CA VAL Z 9 42.42 10.28 30.84
C VAL Z 9 41.24 10.27 29.88
N ARG Z 10 40.92 9.08 29.35
CA ARG Z 10 40.08 9.03 28.16
C ARG Z 10 38.62 9.26 28.48
N GLY Z 11 38.11 8.65 29.55
CA GLY Z 11 36.69 8.77 29.80
C GLY Z 11 36.32 9.30 31.18
N GLY Z 12 37.31 9.85 31.87
CA GLY Z 12 37.11 10.31 33.24
C GLY Z 12 37.48 11.77 33.44
N ALA Z 13 37.07 12.64 32.53
CA ALA Z 13 37.54 14.02 32.49
C ALA Z 13 37.13 14.81 33.73
N ASN Z 14 35.83 15.03 33.91
CA ASN Z 14 35.32 15.73 35.09
C ASN Z 14 34.51 14.75 35.92
N PRO Z 15 35.10 14.12 36.92
CA PRO Z 15 34.40 13.06 37.65
C PRO Z 15 33.38 13.62 38.62
N ALA Z 16 32.29 12.86 38.78
CA ALA Z 16 31.23 13.28 39.68
C ALA Z 16 31.62 13.06 41.14
N SER Z 17 32.52 12.12 41.40
CA SER Z 17 32.94 11.87 42.78
C SER Z 17 33.87 12.95 43.30
N GLY Z 18 34.43 13.78 42.42
CA GLY Z 18 35.38 14.79 42.82
C GLY Z 18 36.82 14.35 42.78
N SER Z 19 37.09 13.05 42.85
CA SER Z 19 38.44 12.51 42.89
C SER Z 19 38.85 12.07 41.49
N TYR Z 20 39.49 12.97 40.76
CA TYR Z 20 40.10 12.64 39.48
C TYR Z 20 41.32 11.77 39.73
N LEU Z 21 41.25 10.50 39.34
CA LEU Z 21 42.35 9.58 39.57
C LEU Z 21 43.20 9.54 38.32
N LEU Z 22 44.47 9.90 38.45
CA LEU Z 22 45.36 10.02 37.31
C LEU Z 22 45.73 8.65 36.77
N ASP Z 23 45.92 8.57 35.46
CA ASP Z 23 46.48 7.36 34.89
C ASP Z 23 47.96 7.30 35.20
N PRO Z 24 48.51 6.11 35.45
CA PRO Z 24 49.93 6.03 35.84
C PRO Z 24 50.85 6.27 34.66
N GLN Z 25 51.75 7.24 34.80
CA GLN Z 25 52.75 7.46 33.79
C GLN Z 25 54.12 7.09 34.33
N TYR Z 26 55.00 6.69 33.40
CA TYR Z 26 56.31 6.16 33.72
C TYR Z 26 57.31 7.28 33.52
N VAL Z 27 57.88 7.76 34.62
CA VAL Z 27 58.28 9.15 34.74
C VAL Z 27 59.71 9.38 34.31
N ASN Z 28 60.64 8.56 34.80
CA ASN Z 28 62.07 8.79 34.58
C ASN Z 28 62.54 8.30 33.22
N SER Z 29 61.59 8.06 32.29
CA SER Z 29 61.65 7.49 30.94
C SER Z 29 61.90 5.98 30.99
N GLY Z 30 62.29 5.51 32.16
CA GLY Z 30 62.53 4.13 32.50
C GLY Z 30 61.70 3.71 33.67
N VAL Z 31 62.30 3.98 34.83
CA VAL Z 31 62.39 3.05 35.93
C VAL Z 31 61.41 3.31 37.06
N ASP Z 32 60.49 4.26 36.91
CA ASP Z 32 59.63 4.63 38.03
C ASP Z 32 58.18 4.74 37.59
N ILE Z 33 57.31 5.18 38.51
CA ILE Z 33 55.88 5.25 38.30
C ILE Z 33 55.31 6.16 39.38
N LEU Z 34 54.26 6.92 39.05
CA LEU Z 34 53.63 7.81 40.02
C LEU Z 34 52.40 7.21 40.69
N GLN Z 35 51.37 6.88 39.91
CA GLN Z 35 50.04 6.49 40.38
C GLN Z 35 49.46 7.54 41.34
N ALA Z 36 49.18 8.71 40.79
CA ALA Z 36 48.67 9.82 41.58
C ALA Z 36 47.16 9.93 41.45
N THR Z 37 46.58 10.78 42.29
CA THR Z 37 45.20 11.24 42.15
C THR Z 37 45.24 12.75 42.02
N TYR Z 38 44.05 13.36 41.99
CA TYR Z 38 43.95 14.81 42.10
C TYR Z 38 42.57 15.08 42.67
N GLY Z 39 42.49 15.27 43.98
CA GLY Z 39 41.22 15.61 44.58
C GLY Z 39 40.84 17.04 44.25
N TYR Z 40 39.59 17.24 43.83
CA TYR Z 40 39.09 18.56 43.49
C TYR Z 40 38.72 19.35 44.74
N ASN Z 41 37.90 20.39 44.56
CA ASN Z 41 37.72 21.52 45.47
C ASN Z 41 37.39 21.11 46.91
N ILE Z 42 38.36 21.27 47.80
CA ILE Z 42 38.22 20.81 49.17
C ILE Z 42 38.35 21.95 50.18
N ASN Z 43 38.85 23.12 49.78
CA ASN Z 43 38.95 24.24 50.68
C ASN Z 43 38.20 25.42 50.06
N GLY Z 44 36.98 25.17 49.59
CA GLY Z 44 36.16 26.17 48.95
C GLY Z 44 35.87 25.81 47.50
N THR Z 45 35.95 26.81 46.63
CA THR Z 45 35.81 26.64 45.19
C THR Z 45 37.06 27.22 44.52
N ALA Z 46 37.03 27.35 43.20
CA ALA Z 46 38.23 27.71 42.47
C ALA Z 46 38.12 29.08 41.78
N ASN Z 47 37.16 29.91 42.19
CA ASN Z 47 37.06 31.36 42.06
C ASN Z 47 37.57 32.02 40.76
N ALA Z 48 37.38 31.36 39.62
CA ALA Z 48 37.55 31.90 38.27
C ALA Z 48 38.98 32.31 37.90
N ASP Z 49 39.94 32.15 38.80
CA ASP Z 49 41.35 32.26 38.48
C ASP Z 49 42.12 30.99 38.80
N GLN Z 50 41.71 30.28 39.85
CA GLN Z 50 42.26 28.97 40.16
C GLN Z 50 41.75 27.88 39.23
N LEU Z 51 40.76 28.19 38.38
CA LEU Z 51 40.49 27.33 37.23
C LEU Z 51 41.61 27.39 36.21
N LEU Z 52 42.37 28.48 36.16
CA LEU Z 52 43.49 28.57 35.24
C LEU Z 52 44.77 27.98 35.81
N GLN Z 53 44.93 28.04 37.14
CA GLN Z 53 46.11 27.43 37.74
C GLN Z 53 46.00 25.92 37.75
N ARG Z 54 44.80 25.39 38.02
CA ARG Z 54 44.56 23.96 37.91
C ARG Z 54 44.65 23.49 36.47
N ASP Z 55 44.40 24.39 35.52
CA ASP Z 55 44.48 24.05 34.11
C ASP Z 55 45.92 23.85 33.65
N ALA Z 56 46.90 24.26 34.46
CA ALA Z 56 48.32 24.13 34.15
C ALA Z 56 49.07 23.19 35.07
N ILE Z 57 48.57 22.95 36.29
CA ILE Z 57 49.18 21.97 37.17
C ILE Z 57 48.97 20.57 36.61
N LEU Z 58 47.79 20.30 36.06
CA LEU Z 58 47.56 19.05 35.37
C LEU Z 58 48.32 18.96 34.06
N ALA Z 59 48.75 20.08 33.49
CA ALA Z 59 49.60 20.04 32.31
C ALA Z 59 51.02 19.66 32.66
N ILE Z 60 51.51 20.14 33.81
CA ILE Z 60 52.89 19.85 34.21
C ILE Z 60 53.01 18.49 34.87
N LEU Z 61 51.88 17.82 35.11
CA LEU Z 61 51.86 16.54 35.78
C LEU Z 61 51.49 15.38 34.87
N GLU Z 62 50.81 15.65 33.76
CA GLU Z 62 50.42 14.62 32.82
C GLU Z 62 51.29 14.60 31.57
N TYR Z 63 51.93 15.70 31.22
CA TYR Z 63 52.67 15.80 29.98
C TYR Z 63 54.13 16.19 30.17
N ALA Z 64 54.50 16.76 31.31
CA ALA Z 64 55.87 17.22 31.50
C ALA Z 64 56.76 16.17 32.13
N LEU Z 65 56.32 15.56 33.23
CA LEU Z 65 57.12 14.55 33.90
C LEU Z 65 57.20 13.27 33.11
N LYS Z 66 56.21 13.00 32.25
CA LYS Z 66 56.31 11.87 31.34
C LYS Z 66 57.30 12.13 30.22
N ASP Z 67 57.45 13.41 29.82
CA ASP Z 67 58.38 13.78 28.77
C ASP Z 67 59.83 13.62 29.24
N THR Z 68 60.70 13.27 28.29
CA THR Z 68 62.10 13.04 28.59
C THR Z 68 62.99 14.24 28.31
N ALA Z 69 62.50 15.24 27.59
CA ALA Z 69 63.30 16.43 27.32
C ALA Z 69 63.05 17.54 28.34
N PHE Z 70 61.88 17.56 28.97
CA PHE Z 70 61.64 18.48 30.07
C PHE Z 70 62.47 18.10 31.29
N VAL Z 71 62.69 16.80 31.50
CA VAL Z 71 63.35 16.36 32.71
C VAL Z 71 64.87 16.51 32.59
N ASN Z 72 65.40 16.54 31.36
CA ASN Z 72 66.81 16.87 31.21
C ASN Z 72 67.06 18.37 31.34
N ALA Z 73 66.06 19.19 31.10
CA ALA Z 73 66.21 20.62 31.34
C ALA Z 73 65.99 20.99 32.80
N ILE Z 74 65.30 20.15 33.56
CA ILE Z 74 65.14 20.39 34.99
C ILE Z 74 66.30 19.80 35.78
N GLN Z 75 67.10 18.93 35.15
CA GLN Z 75 68.29 18.41 35.79
C GLN Z 75 69.42 19.43 35.75
N ALA Z 76 69.51 20.21 34.67
CA ALA Z 76 70.54 21.22 34.56
C ALA Z 76 70.29 22.41 35.47
N VAL Z 77 69.06 22.59 35.93
CA VAL Z 77 68.80 23.62 36.94
C VAL Z 77 69.35 23.16 38.29
N ALA Z 78 69.13 21.89 38.63
CA ALA Z 78 69.65 21.32 39.87
C ALA Z 78 71.16 21.14 39.87
N ALA Z 79 71.81 21.26 38.72
CA ALA Z 79 73.26 21.23 38.61
C ALA Z 79 73.81 22.63 38.34
N GLY Z 80 73.22 23.64 38.98
CA GLY Z 80 73.64 25.00 38.79
C GLY Z 80 74.83 25.38 39.64
N SER Z 81 74.74 26.51 40.34
CA SER Z 81 75.82 26.94 41.22
C SER Z 81 75.16 27.72 42.37
N GLY Z 82 74.98 27.04 43.49
CA GLY Z 82 74.32 27.62 44.64
C GLY Z 82 72.96 27.04 44.92
N VAL Z 83 72.49 26.08 44.14
CA VAL Z 83 71.17 25.48 44.36
C VAL Z 83 71.37 24.32 45.32
N THR Z 84 71.46 24.67 46.60
CA THR Z 84 71.40 23.71 47.69
C THR Z 84 70.09 23.94 48.44
N THR Z 85 69.74 22.98 49.32
CA THR Z 85 68.59 23.02 50.22
C THR Z 85 67.29 23.28 49.47
N PRO Z 86 66.69 22.26 48.84
CA PRO Z 86 65.80 22.48 47.68
C PRO Z 86 64.48 23.19 47.93
N ALA Z 87 64.55 24.33 48.60
CA ALA Z 87 63.61 25.41 48.42
C ALA Z 87 64.25 26.55 47.66
N SER Z 88 65.56 26.48 47.42
CA SER Z 88 66.25 27.37 46.50
C SER Z 88 66.31 26.82 45.09
N PHE Z 89 66.07 25.51 44.93
CA PHE Z 89 65.89 24.94 43.60
C PHE Z 89 64.69 25.55 42.90
N VAL Z 90 63.56 25.62 43.60
CA VAL Z 90 62.35 26.15 43.00
C VAL Z 90 62.44 27.67 42.85
N SER Z 91 63.19 28.35 43.73
CA SER Z 91 63.32 29.79 43.61
C SER Z 91 64.32 30.19 42.53
N ALA Z 92 65.17 29.26 42.09
CA ALA Z 92 66.02 29.48 40.93
C ALA Z 92 65.43 28.93 39.65
N CYS Z 93 64.42 28.07 39.76
CA CYS Z 93 63.69 27.64 38.58
C CYS Z 93 62.60 28.63 38.18
N VAL Z 94 62.06 29.35 39.16
CA VAL Z 94 61.01 30.32 38.88
C VAL Z 94 61.57 31.58 38.21
N THR Z 95 62.86 31.86 38.38
CA THR Z 95 63.46 33.03 37.75
C THR Z 95 63.93 32.75 36.33
N LYS Z 96 63.98 31.49 35.92
CA LYS Z 96 64.23 31.16 34.53
C LYS Z 96 62.97 31.25 33.68
N LEU Z 97 61.80 31.33 34.30
CA LEU Z 97 60.54 31.36 33.59
C LEU Z 97 60.02 32.76 33.31
N THR Z 98 60.53 33.77 34.01
CA THR Z 98 60.10 35.14 33.79
C THR Z 98 61.23 35.98 33.20
#